data_7A4P
#
_entry.id   7A4P
#
_cell.length_a   1.00
_cell.length_b   1.00
_cell.length_c   1.00
_cell.angle_alpha   90.00
_cell.angle_beta   90.00
_cell.angle_gamma   90.00
#
_symmetry.space_group_name_H-M   'P 1'
#
loop_
_entity.id
_entity.type
_entity.pdbx_description
1 polymer 'Photosystem I P700 chlorophyll a apoprotein A1'
2 polymer 'Photosystem I P700 chlorophyll a apoprotein A2'
3 polymer 'Photosystem I iron-sulfur center'
4 polymer 'Photosystem I reaction center subunit chloroplastic'
5 polymer 'Photosystem I reaction center subunit IV'
6 polymer PSI-F
7 polymer 'Photosystem I reaction center subunit chloroplastic'
8 polymer 'Photosystem I reaction center subunit IX'
9 polymer PSI-K
10 polymer 'Photosystem I reaction center subunit XII'
11 polymer 'Photosystem I reaction center subunit VIII'
12 polymer 'PSI subunit V'
13 polymer 'Chlorophyll a-b binding protein, chloroplastic'
14 polymer 'Glutathione reductase'
15 polymer 'Chlorophyll a-b binding protein, chloroplastic'
16 polymer 'Chlorophyll a-b binding protein, chloroplastic'
17 polymer 'Chlorophyll a-b binding protein, chloroplastic'
18 polymer 'Chlorophyll a-b binding protein, chloroplastic'
19 polymer 'Chlorophyll a-b binding protein, chloroplastic'
20 non-polymer 'CHLOROPHYLL A ISOMER'
21 non-polymer 'CHLOROPHYLL A'
22 non-polymer PHYLLOQUINONE
23 non-polymer BETA-CAROTENE
24 non-polymer 1,2-DIPALMITOYL-PHOSPHATIDYL-GLYCEROLE
25 non-polymer 'DIGALACTOSYL DIACYL GLYCEROL (DGDG)'
26 non-polymer 1,2-DIACYL-GLYCEROL-3-SN-PHOSPHATE
27 non-polymer 'IRON/SULFUR CLUSTER'
28 non-polymer DODECYL-BETA-D-MALTOSIDE
29 non-polymer 1,2-DIOLEOYL-SN-GLYCERO-3-PHOSPHOCHOLINE
30 non-polymer PHOSPHATIDYLETHANOLAMINE
31 non-polymer [2-((1-OXODODECANOXY-(2-HYDROXY-3-PROPANYL))-PHOSPHONATE-OXY)-ETHYL]-TRIMETHYLAMMONIUM
32 non-polymer 1,2-DI-O-ACYL-3-O-[6-DEOXY-6-SULFO-ALPHA-D-GLUCOPYRANOSYL]-SN-GLYCEROL
33 non-polymer ERGOSTEROL
34 non-polymer (3R)-beta,beta-caroten-3-ol
35 non-polymer '(2S)-3-{[(R)-(2-aminoethoxy)(hydroxy)phosphoryl]oxy}-2-hydroxypropyl hexadecanoate'
36 non-polymer beta,beta-caroten-4-one
37 non-polymer "(3R,3'R,6S)-4,5-DIDEHYDRO-5,6-DIHYDRO-BETA,BETA-CAROTENE-3,3'-DIOL"
38 non-polymer 'CHLOROPHYLL B'
39 non-polymer 'OLEIC ACID'
40 non-polymer (3~{E},5~{E},7~{E})-6-methyl-8-[(6~{R})-2,2,6-trimethylcyclohexyl]octa-3,5,7-trien-2-one
41 non-polymer '2-(2-azanylethanoylamino)ethanoic acid'
42 non-polymer 'PALMITIC ACID'
43 non-polymer 'DIACYL GLYCEROL'
44 non-polymer SPHINGOSINE
45 non-polymer "(3S,5R,6S,3'S,5'R,6'S)-5,6,5',6'-DIEPOXY-5,6,5',6'- TETRAHYDRO-BETA,BETA-CAROTENE-3,3'-DIOL"
46 non-polymer Tripalmitoylglycerol
47 non-polymer (1~{S})-3,5,5-trimethyl-4-[(1~{E},3~{E},5~{E},7~{E},9~{E},11~{E},13~{E},15~{E},17~{E})-3,7,12,16-tetramethyl-18-[(4~{S})-2,6,6-trimethyl-4-oxidanyl-cyclohexen-1-yl]octadeca-1,3,5,7,9,11,13,15,17-nonaenyl]cyclohex-3-en-1-ol
48 non-polymer O-[(R)-{[(2R)-2,3-bis(octadecanoyloxy)propyl]oxy}(hydroxy)phosphoryl]-L-serine
#
loop_
_entity_poly.entity_id
_entity_poly.type
_entity_poly.pdbx_seq_one_letter_code
_entity_poly.pdbx_strand_id
1 'polypeptide(L)'
;KKVKIVVDRNPVATNFEKWAKPGHFSRTLSKGPTTTTWIWNLHADAHDFDTQTSDLEEISRKVFSAHFGQLGIIFIWLSG
MYFHGARFSNYEAWLTDPTHIKPSAQVVWPIVGQEILNADVGGGFQGLQITSGFFQLWRAAGITSELQLYTTAIGALVMA
AAMFFAGWFHYHKAAPKLEWFQNVESMLNHHLGGLLGLGSLAWAGHQIHVSLPINKLLDAGVDPKEIPLPHEFTLNPELM
AQLYPSFSKGLAPFFTLDWAQYSDFLTFQGGLNPVTGGLWLTDTVHHHLAIAVLFLIAGHQYRTNWGIGSSLKEILEAHK
GPFTGEGHKGLYEILTTSWHAQLAINLALFGSLSIIVAHHMYAMPPYPYLATDYGTQLSLFTHHMWIGGFCIVGAGAHAA
IFMVRDYDPTNNYNNLLDRVLRHRDAIISHLNWVCIFLGFHSFGLYIHNDTMSALGRPQDMFSDTAIQLQPVFAQWVQNT
HFLAPGFTAPNALASTSPSWGGDVVAVGGKVAMMPISLGTADFLVHHIHAFTIHVTVLILLKGVLYARSSRLIPDKANLG
FRFPCDGPGRGGTCQVSAWDHVFLGLFWMYNSISIVIFHFSWKMQSDVWGTVSANGVSHITGGNFAQSANTINGWLRDFL
WAQSSQVIQSYGSALSAYGLIFLGAHFVWAFSLMFLFSGRGYWQELIESIVWAHNKLKVAPAIQPRALSITQGRAVGVAH
YLLGGIATTWSFFLARILAVG
;
A
2 'polypeptide(L)'
;KLFPKFSQALAQDPTTRRIWFGIATAHDFESHDGMTEERLYQKIFASHFGQLAIIFLWTSGNLFHVAWQGNFEQWVQDPL
HIRPIAHAIWDPHFGQPAVEAFTRGGASGPVNISTSGVYQWWYTIGLRTNQELYTGSIFLLVLAALFLFAGWLHLQPAFQ
PALSWFKNAESRLNHHLAGLFGVSSLAWTGHLVHVAIPESRGQHVGWDNFLTVLPHPAGLTPFFTGNWAAYAENPDSASH
VFNTAQGSGTAILTFLGGFHPQTQSLWLTDMAHHHLAIAVIFILAGHMYRTIFGIGHSMREILEAQTPPSGSLGAGHKGL
YDTVNNSLHFQLGLALASVGTISSLVAQHMYSLPPYAFLAQDFTTQAALYTHHQYIAGFIMCGAFAHGAIFFVRDYDPAQ
NRGNVLARILDHKEALISHLSWASLFLGFHTLGLYVHNDVVQAFGTPEKQILIEPVFAQWIQAAHGKTAYGFDFLLSSAT
SAPSLAGQALWLPGWLQGINSDANSLFLTIGPGDFLVHHAIALGLHTTTLILVKGALDARGSKLMPDKKDFGYSFPCDGP
GRGGTCDISAWDAFYLAVFWMLNTIGWVTFYWHWKHLGIWQGNVNQFNESSTYLMGWLRDYLWLNSSQLINGYNPFGMNS
LSVWAWMFLFGHLIYATGFMFLISWRGYWQELIETLAWAHERTPLANLVRWRDKPVALSIVQARLVGLTHFSVGYVLTYA
AFLIASTSGKF
;
B
3 'polypeptide(L)' SHTVKIYDTCIGCTQCVRACPTDVLEMVPWDGCKANQIASAPRTEDCVGCKRCESACPTDFLSVRVYLGSETTRSMGLAY C
4 'polypeptide(L)'
;AFTPPTLQSDTPSPIFGGSTGGLLSQAQVEEFHVITWESKKEQIFEMPTGGAAIMRQGPNLLKLARKEQCLALLTQLRTK
FKIDGYIYRVFPNGEVQYLHPKDGVYPEKVNAGRSGDNTNMRRIGQNKEPVQIKFSGKIPAEF
;
D
5 'polypeptide(L)' PDVGPKRGTQVRILRPESYWFRETGKVVSVDQSGIRYPVVVRFEKVNYAGVSTNNYALDEVVAA E
6 'polypeptide(L)'
;DVAGLTPCSESKAFAKRKKNEVKALNKRLKNYEADSAPALALKATIARTEARFDKYAKQGLLCGTDGLPHLIADPGLALR
YGHAGDVFIPTIGFIYFAGWLGYAGSKYLQAVAATAKPIEKEIIIDVPLAWKLLWEGFGWPLRAFAEYKNGSLMEDDAKI
TVSPR
;
F
7 'polypeptide(L)'
;LADVNLVVGGCTVGALALGRFVFLPFHRASLAKAGMPKQNGMTHLQAGDARAEEASFILKTNDPAGFTVVDVMAWGALGH
AAAFYILATSSLGLDRNPF
;
G
8 'polypeptide(L)' MKDFTTYLSTAPVLTLLSVTVVAGLLIEINRFFPDALIAAF J
9 'polypeptide(L)'
;YLGSTTNQIMVLSTFLPLVAGRFGLAPTSTRHTNQSGIKLLPAEKSAGLVSNDPAGFNAVDVLALGALGHILGCGIVLGL
KSTGNL
;
K
10 'polypeptide(L)' MPIADYQVFTALFLALATGIFAVRLGVALYK M
11 'polypeptide(L)' MSAQFLPSILVPLVGLVFPAVAMASMFLYIEKEEI I
12 'polypeptide(L)'
;KVQVVQPVNGDPFIGMLETPVTSSPAIAWYLSNLPAYRTGVSPLLRGVEIGLAHGYLLVGPFIKLGPLRDVENVAEIVGC
INGAATVLILTLCLAYGAVTFQGEGPQVGVKTLSGRSIPRDPLQSADGWNKFTAGFAVGGLSGAAWGYLCTQILPYY
;
L
13 'polypeptide(L)'
;KAGNWLPGSETPAYLENLPASYGFDPLGLAAEPASLARFRESEVFHGRWAMLGAAGVLGVEVLGYGNWYDAPLPLVQGGQ
ATYFGASVPFDLGTLAAIEFAAMAGAESFRGAAEPEKRVYPGGAFDPMGMSKGNSKELKTKEIKNGRLAMLACLGFAAQH
AATGASPLEALASHLANPMAVNFATNGVSLPL
;
1,a
14 'polypeptide(L)'
;EGADLAKVERVAKVGGLYKNFTSGQALSYLDGTLPGDFGFDPLGLCDPEGAGGFITPEWLSYSEVIHCRWAMLGAAGFLA
PEILATAGLIPATPEEAVWFRSGVIPPAGQYGKYWMDPYSLFWIEAILMNFAELKRWQDFKEPGSQSKQYFLGLEAVFGG
SGNPAYPGGQWFNMLNLGKTPEEMKKLQTNEIRNGRLAMIACLGCAAQGVMTQKGPFANLLEHLADPVSNNLLGNLATIL
K
;
3
15 'polypeptide(L)'
;AGWDLSAEVPAHLAGRKDLAGNYGFDPLNLGKNPEALKWYQQAELQNGRWAMLGVAGILVQELLHSTGLGGKAADVYWFD
AGNNTFWAPKETLIAISFLMFNWAELNRMQDYIKPGSNVTDPFGNKIKYVELGYPGFDPLSFSKNNFDEWKLKEIKNARL
AMLAFLGIVAQHNAQPGSPLEQLGAHLANPWKNHFINNGVSPFLTDN
;
4
16 'polypeptide(L)'
;QRKLWFPGVAAPGYLDGSMAGDRGFDPMGLGANPKMMTWYRQAELQNGRWAMLGVAGILGQEIINPAQWWYTAGMPENLP
RFDSQPVNMGGILAWEFILMHFVEVRRWQDIRKKDSVNADPFNPNLKVPNPELGYPGGPFDPLGFSKGNFKEAQTKEIKN
GRLAMVAFAAFTIQAQATGKGPLQNLTDHLSAPFSNNWTTNIGHCMVPTSVDVQGLTIPLSCLWPGQ
;
5
17 'polypeptide(L)'
;ARANWLPGSDFPAHLENCKLPGCYGFDPLGLGANEERLAWFAESERVHCRWAMLGVAGILVQEIVKPDVFWYTSGATVEL
PFDITGLLAFELFVMHWVESRRGYDIKKPGSMDQDPIFSNFKLPAHEPGYPGGIFAPFVPGSLEELKVKEIKNGRLAMLA
FIGFTMAAQVTGKNPLAALREHLDNPLGTTIFSKAVVVPGQAVVPPCAIPDTIEFQGITIPAGCFLHSLWP
;
6
18 'polypeptide(L)'
;VRELWFPGNKEVVPDYLDGSLVGDHGFDPLGLGSSPEQLSWNVHAEIFHGRLAMTGVAGILLTSLLHKGGADVPEWFEAG
RVYLDRNPNVDFGALLFSTIVMSGFVEFKRLNDIRNPGSQGSGILPEDFKGVGGPQGRTVGGPYVGGRYFDPMGLCRGSP
EQTLKYKWNEIRNGRLAMMAFLGFAAQYAATGKGPIDNLVDHVADPFHTTFVHNGVSVPFI
;
7
19 'polypeptide(L)'
;ATRPLWQPGVEAPKHLDGTMPGDFGFDPLNLGVNKEALNWYRNAELQNGRWAMLGVAGIVIPAELTRVGVLNVPEWAEAG
KVYAESENAIPFASLLMVQLFLFNFVEIKRWEDIKKPGSQAEPGSFLGFESGFKGTGISGYPGGAFNPFGLGNSSKEAMD
DLKWREIRNGRLAMVAFLGFLSQHAATGKGPLDNLADHLADPWGANFCSNGVSIPSALG
;
8
#
loop_
_chem_comp.id
_chem_comp.type
_chem_comp.name
_chem_comp.formula
3PH non-polymer 1,2-DIACYL-GLYCEROL-3-SN-PHOSPHATE 'C39 H77 O8 P'
4RF non-polymer Tripalmitoylglycerol 'C51 H98 O6'
BCR non-polymer BETA-CAROTENE 'C40 H56'
C7Z non-polymer (1~{S})-3,5,5-trimethyl-4-[(1~{E},3~{E},5~{E},7~{E},9~{E},11~{E},13~{E},15~{E},17~{E})-3,7,12,16-tetramethyl-18-[(4~{S})-2,6,6-trimethyl-4-oxidanyl-cyclohexen-1-yl]octadeca-1,3,5,7,9,11,13,15,17-nonaenyl]cyclohex-3-en-1-ol 'C40 H56 O2'
CHL non-polymer 'CHLOROPHYLL B' 'C55 H70 Mg N4 O6 2'
CL0 non-polymer 'CHLOROPHYLL A ISOMER' 'C55 H72 Mg N4 O5 2'
CLA non-polymer 'CHLOROPHYLL A' 'C55 H72 Mg N4 O5'
DGA non-polymer 'DIACYL GLYCEROL' 'C39 H76 O5'
DGD saccharide 'DIGALACTOSYL DIACYL GLYCEROL (DGDG)' 'C51 H96 O15'
ECH non-polymer beta,beta-caroten-4-one 'C40 H54 O'
ERG non-polymer ERGOSTEROL 'C28 H44 O'
GG0 non-polymer '2-(2-azanylethanoylamino)ethanoic acid' 'C4 H8 N2 O3'
LAP non-polymer [2-((1-OXODODECANOXY-(2-HYDROXY-3-PROPANYL))-PHOSPHONATE-OXY)-ETHYL]-TRIMETHYLAMMONIUM 'C20 H43 N O7 P 1'
LHG non-polymer 1,2-DIPALMITOYL-PHOSPHATIDYL-GLYCEROLE 'C38 H75 O10 P'
LMT D-saccharide DODECYL-BETA-D-MALTOSIDE 'C24 H46 O11'
LPX non-polymer '(2S)-3-{[(R)-(2-aminoethoxy)(hydroxy)phosphoryl]oxy}-2-hydroxypropyl hexadecanoate' 'C21 H44 N O7 P'
LUT non-polymer (3R,3'R,6S)-4,5-DIDEHYDRO-5,6-DIHYDRO-BETA,BETA-CAROTENE-3,3'-DIOL 'C40 H56 O2'
OLA non-polymer 'OLEIC ACID' 'C18 H34 O2'
P5S non-polymer O-[(R)-{[(2R)-2,3-bis(octadecanoyloxy)propyl]oxy}(hydroxy)phosphoryl]-L-serine 'C42 H82 N O10 P'
PCW non-polymer 1,2-DIOLEOYL-SN-GLYCERO-3-PHOSPHOCHOLINE 'C44 H85 N O8 P 1'
PLM non-polymer 'PALMITIC ACID' 'C16 H32 O2'
PQN non-polymer PHYLLOQUINONE 'C31 H46 O2'
PTY non-polymer PHOSPHATIDYLETHANOLAMINE 'C40 H80 N O8 P'
QTB non-polymer (3~{E},5~{E},7~{E})-6-methyl-8-[(6~{R})-2,2,6-trimethylcyclohexyl]octa-3,5,7-trien-2-one 'C18 H28 O'
RRX non-polymer (3R)-beta,beta-caroten-3-ol 'C40 H56 O'
SF4 non-polymer 'IRON/SULFUR CLUSTER' 'Fe4 S4'
SPH non-polymer SPHINGOSINE 'C18 H37 N O2'
SQD non-polymer 1,2-DI-O-ACYL-3-O-[6-DEOXY-6-SULFO-ALPHA-D-GLUCOPYRANOSYL]-SN-GLYCEROL 'C41 H78 O12 S'
XAT non-polymer '(3S,5R,6S,3'S,5'R,6'S)-5,6,5',6'-DIEPOXY-5,6,5',6'- TETRAHYDRO-BETA,BETA-CAROTENE-3,3'-DIOL' 'C40 H56 O4'
#
# COMPACT_ATOMS: atom_id res chain seq x y z
N LYS A 1 34.49 -37.26 -24.95
CA LYS A 1 35.64 -37.99 -24.43
C LYS A 1 36.63 -37.00 -23.82
N LYS A 2 37.17 -37.38 -22.65
CA LYS A 2 38.06 -36.55 -21.84
C LYS A 2 37.33 -35.37 -21.22
N VAL A 3 37.11 -35.46 -19.90
CA VAL A 3 36.51 -34.35 -19.16
C VAL A 3 37.41 -33.14 -19.23
N LYS A 4 36.84 -31.98 -19.56
CA LYS A 4 37.62 -30.76 -19.70
C LYS A 4 36.71 -29.55 -19.53
N ILE A 5 37.32 -28.38 -19.51
CA ILE A 5 36.64 -27.11 -19.33
C ILE A 5 36.37 -26.49 -20.69
N VAL A 6 35.11 -26.13 -20.93
CA VAL A 6 34.70 -25.49 -22.16
C VAL A 6 33.79 -24.33 -21.81
N VAL A 7 34.06 -23.16 -22.39
CA VAL A 7 33.28 -21.98 -22.12
C VAL A 7 33.10 -21.18 -23.41
N ASP A 8 32.00 -20.45 -23.47
CA ASP A 8 31.78 -19.42 -24.47
C ASP A 8 32.08 -18.06 -23.86
N ARG A 9 32.79 -17.24 -24.63
CA ARG A 9 33.18 -15.91 -24.18
C ARG A 9 32.09 -14.90 -24.49
N ASN A 10 31.69 -14.15 -23.48
CA ASN A 10 30.72 -13.08 -23.61
C ASN A 10 29.43 -13.48 -24.32
N PRO A 11 28.77 -14.55 -23.89
CA PRO A 11 27.52 -14.94 -24.58
C PRO A 11 26.43 -13.90 -24.47
N VAL A 12 26.37 -13.16 -23.36
CA VAL A 12 25.29 -12.23 -23.10
C VAL A 12 25.88 -10.87 -22.78
N ALA A 13 25.22 -9.81 -23.25
CA ALA A 13 25.68 -8.45 -23.03
C ALA A 13 25.00 -7.86 -21.81
N THR A 14 25.79 -7.27 -20.93
CA THR A 14 25.31 -6.73 -19.65
C THR A 14 24.72 -5.35 -19.89
N ASN A 15 23.42 -5.32 -20.16
CA ASN A 15 22.70 -4.07 -20.39
C ASN A 15 21.58 -3.96 -19.38
N PHE A 16 20.79 -2.89 -19.53
CA PHE A 16 19.59 -2.71 -18.74
C PHE A 16 18.36 -2.58 -19.62
N GLU A 17 18.49 -2.85 -20.92
CA GLU A 17 17.37 -2.68 -21.83
C GLU A 17 16.24 -3.65 -21.52
N LYS A 18 16.58 -4.89 -21.14
CA LYS A 18 15.54 -5.87 -20.89
C LYS A 18 14.89 -5.69 -19.53
N TRP A 19 15.49 -4.93 -18.61
CA TRP A 19 14.78 -4.66 -17.37
C TRP A 19 13.67 -3.66 -17.60
N ALA A 20 13.84 -2.79 -18.60
CA ALA A 20 12.81 -1.82 -18.97
C ALA A 20 11.58 -2.49 -19.57
N LYS A 21 11.71 -3.69 -20.11
CA LYS A 21 10.61 -4.37 -20.78
C LYS A 21 10.32 -5.72 -20.11
N PRO A 22 9.34 -5.78 -19.22
CA PRO A 22 9.01 -7.04 -18.56
C PRO A 22 8.47 -8.08 -19.53
N GLY A 23 8.71 -9.34 -19.20
CA GLY A 23 8.20 -10.44 -19.99
C GLY A 23 9.02 -10.79 -21.20
N HIS A 24 10.28 -10.35 -21.25
CA HIS A 24 11.11 -10.56 -22.42
C HIS A 24 11.43 -12.03 -22.67
N PHE A 25 11.48 -12.85 -21.62
CA PHE A 25 11.95 -14.21 -21.77
C PHE A 25 10.96 -15.10 -22.54
N SER A 26 9.67 -14.83 -22.43
CA SER A 26 8.65 -15.73 -22.98
C SER A 26 7.96 -15.08 -24.16
N ARG A 27 7.82 -15.85 -25.25
CA ARG A 27 7.19 -15.33 -26.46
C ARG A 27 5.73 -15.00 -26.25
N THR A 28 5.01 -15.85 -25.52
CA THR A 28 3.60 -15.59 -25.27
C THR A 28 3.39 -14.36 -24.39
N LEU A 29 4.25 -14.17 -23.39
CA LEU A 29 4.16 -13.01 -22.53
C LEU A 29 4.41 -11.71 -23.26
N SER A 30 5.13 -11.75 -24.37
CA SER A 30 5.42 -10.53 -25.11
C SER A 30 4.15 -9.99 -25.78
N LYS A 31 4.25 -8.73 -26.21
CA LYS A 31 3.16 -7.93 -26.77
C LYS A 31 2.16 -7.46 -25.71
N GLY A 32 2.68 -6.84 -24.66
CA GLY A 32 1.85 -6.05 -23.78
C GLY A 32 0.91 -6.83 -22.89
N PRO A 33 0.55 -6.24 -21.75
CA PRO A 33 -0.46 -6.84 -20.89
C PRO A 33 -1.87 -6.45 -21.28
N THR A 34 -2.53 -7.27 -22.10
CA THR A 34 -3.92 -6.97 -22.43
C THR A 34 -4.83 -7.17 -21.24
N THR A 35 -4.48 -8.08 -20.32
CA THR A 35 -5.25 -8.36 -19.12
C THR A 35 -4.30 -8.62 -17.97
N THR A 36 -4.83 -8.56 -16.75
CA THR A 36 -4.01 -8.80 -15.56
C THR A 36 -3.45 -10.21 -15.51
N THR A 37 -4.06 -11.14 -16.22
CA THR A 37 -3.50 -12.48 -16.31
C THR A 37 -2.08 -12.44 -16.84
N TRP A 38 -1.76 -11.46 -17.69
CA TRP A 38 -0.38 -11.24 -18.09
C TRP A 38 0.50 -10.91 -16.90
N ILE A 39 0.00 -10.06 -16.00
CA ILE A 39 0.77 -9.70 -14.80
C ILE A 39 1.06 -10.92 -13.97
N TRP A 40 0.09 -11.82 -13.84
CA TRP A 40 0.31 -13.00 -13.02
C TRP A 40 1.24 -14.01 -13.71
N ASN A 41 1.06 -14.22 -15.01
CA ASN A 41 1.89 -15.17 -15.73
C ASN A 41 3.32 -14.66 -15.90
N LEU A 42 3.54 -13.36 -15.75
CA LEU A 42 4.89 -12.83 -15.78
C LEU A 42 5.72 -13.44 -14.66
N HIS A 43 5.15 -13.52 -13.46
CA HIS A 43 5.86 -14.11 -12.33
C HIS A 43 5.78 -15.62 -12.31
N ALA A 44 4.63 -16.19 -12.71
CA ALA A 44 4.48 -17.63 -12.64
C ALA A 44 5.44 -18.37 -13.57
N ASP A 45 5.97 -17.70 -14.60
CA ASP A 45 6.84 -18.33 -15.58
C ASP A 45 8.22 -17.70 -15.62
N ALA A 46 8.64 -17.06 -14.53
CA ALA A 46 9.91 -16.35 -14.53
C ALA A 46 11.09 -17.32 -14.52
N HIS A 47 11.02 -18.35 -13.67
CA HIS A 47 12.11 -19.30 -13.54
C HIS A 47 11.89 -20.58 -14.33
N ASP A 48 10.72 -20.72 -14.95
CA ASP A 48 10.44 -21.87 -15.81
C ASP A 48 11.33 -21.80 -17.04
N PHE A 49 12.62 -22.12 -16.85
CA PHE A 49 13.57 -21.96 -17.94
C PHE A 49 13.29 -22.89 -19.10
N ASP A 50 12.50 -23.95 -18.90
CA ASP A 50 12.17 -24.86 -19.98
C ASP A 50 11.35 -24.16 -21.06
N THR A 51 10.39 -23.34 -20.66
CA THR A 51 9.50 -22.68 -21.60
C THR A 51 10.09 -21.39 -22.18
N GLN A 52 11.25 -20.98 -21.72
CA GLN A 52 11.92 -19.81 -22.29
C GLN A 52 12.90 -20.20 -23.39
N THR A 53 13.33 -21.45 -23.43
CA THR A 53 14.28 -21.92 -24.43
C THR A 53 14.25 -23.45 -24.44
N SER A 54 14.40 -24.01 -25.64
CA SER A 54 14.49 -25.46 -25.77
C SER A 54 15.92 -25.98 -25.73
N ASP A 55 16.91 -25.09 -25.82
CA ASP A 55 18.31 -25.50 -25.82
C ASP A 55 18.72 -25.90 -24.41
N LEU A 56 19.12 -27.16 -24.24
CA LEU A 56 19.54 -27.62 -22.92
C LEU A 56 20.77 -26.88 -22.43
N GLU A 57 21.61 -26.42 -23.37
CA GLU A 57 22.77 -25.62 -22.99
C GLU A 57 22.36 -24.35 -22.28
N GLU A 58 21.42 -23.60 -22.87
CA GLU A 58 20.98 -22.35 -22.27
C GLU A 58 20.25 -22.60 -20.96
N ILE A 59 19.44 -23.66 -20.90
CA ILE A 59 18.76 -24.01 -19.66
C ILE A 59 19.79 -24.25 -18.56
N SER A 60 20.82 -25.02 -18.88
CA SER A 60 21.84 -25.35 -17.89
C SER A 60 22.60 -24.12 -17.44
N ARG A 61 22.94 -23.22 -18.36
CA ARG A 61 23.64 -21.99 -17.98
C ARG A 61 22.80 -21.14 -17.04
N LYS A 62 21.51 -21.01 -17.36
CA LYS A 62 20.62 -20.24 -16.50
C LYS A 62 20.53 -20.87 -15.11
N VAL A 63 20.48 -22.20 -15.04
CA VAL A 63 20.45 -22.88 -13.75
C VAL A 63 21.72 -22.60 -12.95
N PHE A 64 22.88 -22.67 -13.62
CA PHE A 64 24.14 -22.41 -12.95
C PHE A 64 24.17 -21.02 -12.32
N SER A 65 23.80 -20.01 -13.10
CA SER A 65 23.84 -18.65 -12.58
C SER A 65 22.80 -18.42 -11.51
N ALA A 66 21.64 -19.05 -11.62
CA ALA A 66 20.63 -18.92 -10.56
C ALA A 66 21.11 -19.53 -9.27
N HIS A 67 21.84 -20.64 -9.34
CA HIS A 67 22.44 -21.22 -8.13
C HIS A 67 23.43 -20.24 -7.51
N PHE A 68 24.22 -19.55 -8.32
CA PHE A 68 25.11 -18.55 -7.76
C PHE A 68 24.34 -17.44 -7.06
N GLY A 69 23.23 -16.99 -7.65
CA GLY A 69 22.41 -16.00 -6.99
C GLY A 69 21.85 -16.48 -5.67
N GLN A 70 21.40 -17.73 -5.61
CA GLN A 70 20.91 -18.29 -4.36
C GLN A 70 22.00 -18.34 -3.30
N LEU A 71 23.21 -18.75 -3.69
CA LEU A 71 24.32 -18.75 -2.75
C LEU A 71 24.60 -17.35 -2.23
N GLY A 72 24.54 -16.35 -3.10
CA GLY A 72 24.73 -14.98 -2.65
C GLY A 72 23.68 -14.56 -1.65
N ILE A 73 22.43 -14.94 -1.88
CA ILE A 73 21.37 -14.62 -0.93
C ILE A 73 21.63 -15.28 0.42
N ILE A 74 22.04 -16.55 0.40
CA ILE A 74 22.32 -17.25 1.65
C ILE A 74 23.48 -16.59 2.38
N PHE A 75 24.47 -16.11 1.65
CA PHE A 75 25.58 -15.43 2.31
C PHE A 75 25.15 -14.09 2.89
N ILE A 76 24.26 -13.36 2.22
CA ILE A 76 23.70 -12.15 2.80
C ILE A 76 22.96 -12.49 4.10
N TRP A 77 22.22 -13.59 4.09
CA TRP A 77 21.47 -14.01 5.28
C TRP A 77 22.42 -14.36 6.43
N LEU A 78 23.47 -15.11 6.14
CA LEU A 78 24.44 -15.45 7.19
C LEU A 78 25.15 -14.21 7.70
N SER A 79 25.51 -13.28 6.82
CA SER A 79 26.14 -12.04 7.25
C SER A 79 25.21 -11.27 8.17
N GLY A 80 23.92 -11.23 7.84
CA GLY A 80 22.98 -10.57 8.71
C GLY A 80 22.90 -11.22 10.08
N MET A 81 22.88 -12.55 10.10
CA MET A 81 22.82 -13.24 11.38
C MET A 81 24.03 -12.95 12.24
N TYR A 82 25.22 -13.03 11.65
CA TYR A 82 26.43 -12.80 12.43
C TYR A 82 26.54 -11.33 12.84
N PHE A 83 26.14 -10.41 11.97
CA PHE A 83 26.19 -9.00 12.33
C PHE A 83 25.22 -8.68 13.47
N HIS A 84 24.02 -9.25 13.45
CA HIS A 84 23.09 -9.03 14.55
C HIS A 84 23.60 -9.65 15.83
N GLY A 85 24.26 -10.80 15.73
CA GLY A 85 24.89 -11.36 16.91
C GLY A 85 25.98 -10.45 17.45
N ALA A 86 26.74 -9.81 16.55
CA ALA A 86 27.83 -8.95 16.96
C ALA A 86 27.34 -7.64 17.58
N ARG A 87 26.26 -7.08 17.06
CA ARG A 87 25.85 -5.76 17.50
C ARG A 87 24.66 -5.75 18.44
N PHE A 88 23.56 -6.40 18.09
CA PHE A 88 22.31 -6.26 18.82
C PHE A 88 21.98 -7.52 19.62
N SER A 89 22.98 -8.17 20.19
CA SER A 89 22.80 -9.41 20.91
C SER A 89 23.56 -9.37 22.22
N ASN A 90 23.10 -10.17 23.18
CA ASN A 90 23.78 -10.32 24.47
C ASN A 90 24.67 -11.55 24.49
N TYR A 91 25.45 -11.77 23.42
CA TYR A 91 26.23 -12.99 23.34
C TYR A 91 27.34 -13.02 24.39
N GLU A 92 28.06 -11.91 24.54
CA GLU A 92 29.16 -11.89 25.50
C GLU A 92 28.65 -12.02 26.93
N ALA A 93 27.48 -11.46 27.22
CA ALA A 93 26.87 -11.65 28.53
C ALA A 93 26.34 -13.07 28.71
N TRP A 94 25.87 -13.69 27.64
CA TRP A 94 25.32 -15.03 27.74
C TRP A 94 26.40 -16.08 27.91
N LEU A 95 27.61 -15.81 27.42
CA LEU A 95 28.71 -16.76 27.58
C LEU A 95 29.03 -17.01 29.04
N THR A 96 29.06 -15.97 29.87
CA THR A 96 29.43 -16.13 31.26
C THR A 96 28.40 -16.95 32.05
N ASP A 97 27.12 -16.71 31.82
CA ASP A 97 26.05 -17.39 32.55
C ASP A 97 25.04 -17.96 31.55
N PRO A 98 25.41 -19.04 30.86
CA PRO A 98 24.53 -19.56 29.81
C PRO A 98 23.27 -20.22 30.32
N THR A 99 23.15 -20.41 31.64
CA THR A 99 22.02 -21.15 32.18
C THR A 99 20.84 -20.25 32.56
N HIS A 100 21.08 -18.98 32.85
CA HIS A 100 20.03 -18.07 33.30
C HIS A 100 19.79 -16.89 32.38
N ILE A 101 20.71 -16.58 31.47
CA ILE A 101 20.51 -15.50 30.51
C ILE A 101 19.78 -16.07 29.30
N LYS A 102 18.70 -15.43 28.92
CA LYS A 102 17.92 -15.89 27.78
C LYS A 102 18.52 -15.33 26.49
N PRO A 103 18.85 -16.18 25.52
CA PRO A 103 19.50 -15.68 24.30
C PRO A 103 18.65 -14.67 23.57
N SER A 104 19.29 -13.61 23.10
CA SER A 104 18.60 -12.58 22.33
C SER A 104 19.55 -12.00 21.31
N ALA A 105 19.00 -11.51 20.20
CA ALA A 105 19.85 -10.96 19.15
C ALA A 105 19.10 -10.00 18.24
N GLN A 106 17.91 -9.58 18.64
CA GLN A 106 17.15 -8.62 17.86
C GLN A 106 16.44 -7.67 18.80
N VAL A 107 16.77 -6.39 18.68
CA VAL A 107 16.09 -5.33 19.41
C VAL A 107 15.19 -4.60 18.44
N VAL A 108 14.12 -4.03 18.97
CA VAL A 108 13.17 -3.25 18.18
C VAL A 108 13.31 -1.78 18.54
N TRP A 109 12.74 -0.93 17.71
CA TRP A 109 12.78 0.52 17.94
C TRP A 109 11.61 0.97 18.80
N PRO A 110 11.67 2.19 19.35
CA PRO A 110 10.44 2.86 19.80
C PRO A 110 9.77 3.59 18.65
N ILE A 111 8.53 3.22 18.34
CA ILE A 111 7.93 3.95 17.23
C ILE A 111 6.42 4.05 17.49
N VAL A 112 5.80 3.00 18.03
CA VAL A 112 4.36 2.97 18.30
C VAL A 112 4.03 2.06 19.48
N GLY A 113 4.79 2.18 20.55
CA GLY A 113 4.56 1.37 21.72
C GLY A 113 5.09 -0.04 21.59
N GLN A 114 5.75 -0.35 20.48
CA GLN A 114 6.28 -1.68 20.26
C GLN A 114 7.51 -1.96 21.10
N GLU A 115 7.92 -0.97 21.90
CA GLU A 115 9.08 -1.14 22.76
C GLU A 115 8.85 -2.25 23.77
N ILE A 116 7.57 -2.52 24.07
CA ILE A 116 7.21 -3.56 25.02
C ILE A 116 7.74 -4.90 24.55
N LEU A 117 7.96 -5.05 23.24
CA LEU A 117 8.45 -6.31 22.73
C LEU A 117 9.87 -6.60 23.17
N ASN A 118 10.58 -5.62 23.71
CA ASN A 118 11.94 -5.82 24.19
C ASN A 118 11.89 -6.57 25.51
N ALA A 119 12.17 -7.87 25.46
CA ALA A 119 12.05 -8.71 26.62
C ALA A 119 13.18 -8.43 27.61
N ASP A 120 12.91 -8.70 28.89
CA ASP A 120 13.94 -8.61 29.92
C ASP A 120 14.70 -9.94 29.96
N VAL A 121 15.39 -10.22 28.85
CA VAL A 121 16.03 -11.51 28.67
C VAL A 121 17.11 -11.76 29.71
N GLY A 122 17.95 -10.76 29.97
CA GLY A 122 19.02 -10.96 30.91
C GLY A 122 20.32 -10.36 30.42
N GLY A 123 21.33 -10.33 31.28
CA GLY A 123 22.58 -9.71 30.92
C GLY A 123 22.53 -8.20 30.88
N GLY A 124 21.54 -7.59 31.52
CA GLY A 124 21.34 -6.16 31.38
C GLY A 124 20.96 -5.76 29.98
N PHE A 125 20.12 -6.55 29.32
CA PHE A 125 19.81 -6.37 27.91
C PHE A 125 18.30 -6.43 27.72
N GLN A 126 17.83 -5.85 26.62
CA GLN A 126 16.42 -5.88 26.27
C GLN A 126 16.31 -6.16 24.78
N GLY A 127 15.58 -7.20 24.42
CA GLY A 127 15.38 -7.51 23.02
C GLY A 127 14.50 -8.74 22.87
N LEU A 128 14.21 -9.06 21.62
CA LEU A 128 13.44 -10.27 21.34
C LEU A 128 14.28 -11.50 21.65
N GLN A 129 13.62 -12.54 22.13
CA GLN A 129 14.29 -13.78 22.51
C GLN A 129 14.39 -14.67 21.28
N ILE A 130 15.61 -14.81 20.75
CA ILE A 130 15.81 -15.65 19.57
C ILE A 130 15.70 -17.11 19.95
N THR A 131 15.37 -17.94 18.97
CA THR A 131 15.30 -19.39 19.16
C THR A 131 16.01 -20.15 18.06
N SER A 132 16.91 -19.50 17.33
CA SER A 132 17.57 -20.12 16.19
C SER A 132 18.78 -20.94 16.57
N GLY A 133 19.14 -21.00 17.85
CA GLY A 133 20.27 -21.79 18.26
C GLY A 133 21.59 -21.31 17.76
N PHE A 134 21.70 -20.02 17.45
CA PHE A 134 22.98 -19.48 16.98
C PHE A 134 23.98 -19.29 18.10
N PHE A 135 23.51 -18.98 19.31
CA PHE A 135 24.44 -18.81 20.42
C PHE A 135 25.15 -20.12 20.75
N GLN A 136 24.40 -21.21 20.81
CA GLN A 136 24.99 -22.52 21.07
C GLN A 136 25.94 -22.91 19.94
N LEU A 137 25.58 -22.60 18.71
CA LEU A 137 26.45 -22.88 17.57
C LEU A 137 27.76 -22.12 17.69
N TRP A 138 27.68 -20.82 17.99
CA TRP A 138 28.88 -20.01 18.09
C TRP A 138 29.77 -20.47 19.25
N ARG A 139 29.15 -20.84 20.37
CA ARG A 139 29.93 -21.36 21.48
C ARG A 139 30.60 -22.67 21.13
N ALA A 140 29.90 -23.55 20.40
CA ALA A 140 30.51 -24.79 19.97
C ALA A 140 31.67 -24.55 19.02
N ALA A 141 31.54 -23.55 18.14
CA ALA A 141 32.66 -23.16 17.28
C ALA A 141 33.82 -22.66 18.12
N GLY A 142 33.52 -21.95 19.21
CA GLY A 142 34.54 -21.47 20.11
C GLY A 142 34.81 -19.99 19.95
N ILE A 143 33.75 -19.18 19.87
CA ILE A 143 33.94 -17.78 19.52
C ILE A 143 34.42 -16.99 20.73
N THR A 144 33.53 -16.67 21.66
CA THR A 144 33.88 -15.96 22.90
C THR A 144 34.43 -14.55 22.67
N SER A 145 33.76 -13.79 21.82
CA SER A 145 34.07 -12.37 21.59
C SER A 145 33.09 -11.81 20.58
N GLU A 146 32.80 -10.51 20.66
CA GLU A 146 31.92 -9.91 19.67
C GLU A 146 32.68 -9.27 18.52
N LEU A 147 34.01 -9.27 18.56
CA LEU A 147 34.79 -8.87 17.41
C LEU A 147 34.85 -9.98 16.36
N GLN A 148 34.87 -11.23 16.82
CA GLN A 148 34.93 -12.35 15.89
C GLN A 148 33.64 -12.47 15.10
N LEU A 149 32.50 -12.18 15.72
CA LEU A 149 31.26 -12.14 14.95
C LEU A 149 31.27 -11.04 13.91
N TYR A 150 31.84 -9.88 14.25
CA TYR A 150 31.93 -8.81 13.25
C TYR A 150 32.81 -9.21 12.09
N THR A 151 33.95 -9.85 12.38
CA THR A 151 34.82 -10.32 11.32
C THR A 151 34.11 -11.34 10.45
N THR A 152 33.37 -12.27 11.06
CA THR A 152 32.65 -13.27 10.28
C THR A 152 31.55 -12.64 9.43
N ALA A 153 30.83 -11.66 9.97
CA ALA A 153 29.78 -11.01 9.20
C ALA A 153 30.34 -10.26 8.00
N ILE A 154 31.45 -9.55 8.20
CA ILE A 154 32.05 -8.82 7.09
C ILE A 154 32.61 -9.79 6.05
N GLY A 155 33.22 -10.88 6.50
CA GLY A 155 33.70 -11.88 5.56
C GLY A 155 32.57 -12.52 4.77
N ALA A 156 31.43 -12.76 5.43
CA ALA A 156 30.27 -13.29 4.73
C ALA A 156 29.72 -12.29 3.72
N LEU A 157 29.76 -10.99 4.04
CA LEU A 157 29.35 -9.99 3.05
C LEU A 157 30.28 -9.98 1.84
N VAL A 158 31.58 -10.07 2.09
CA VAL A 158 32.53 -10.13 0.98
C VAL A 158 32.28 -11.37 0.14
N MET A 159 31.99 -12.50 0.80
CA MET A 159 31.72 -13.72 0.05
C MET A 159 30.41 -13.64 -0.72
N ALA A 160 29.41 -12.92 -0.20
CA ALA A 160 28.19 -12.70 -0.95
C ALA A 160 28.47 -11.89 -2.21
N ALA A 161 29.30 -10.85 -2.09
CA ALA A 161 29.72 -10.12 -3.28
C ALA A 161 30.43 -11.03 -4.26
N ALA A 162 31.26 -11.94 -3.75
CA ALA A 162 31.94 -12.90 -4.61
C ALA A 162 30.94 -13.82 -5.32
N MET A 163 29.92 -14.28 -4.61
CA MET A 163 28.91 -15.13 -5.24
C MET A 163 28.19 -14.41 -6.36
N PHE A 164 27.77 -13.17 -6.10
CA PHE A 164 27.06 -12.43 -7.14
C PHE A 164 27.96 -12.15 -8.32
N PHE A 165 29.23 -11.80 -8.06
CA PHE A 165 30.17 -11.61 -9.15
C PHE A 165 30.36 -12.89 -9.95
N ALA A 166 30.42 -14.04 -9.27
CA ALA A 166 30.60 -15.30 -9.97
C ALA A 166 29.41 -15.60 -10.86
N GLY A 167 28.20 -15.35 -10.37
CA GLY A 167 27.04 -15.58 -11.19
C GLY A 167 27.02 -14.70 -12.42
N TRP A 168 27.32 -13.41 -12.23
CA TRP A 168 27.39 -12.52 -13.37
C TRP A 168 28.47 -12.96 -14.34
N PHE A 169 29.62 -13.38 -13.83
CA PHE A 169 30.72 -13.77 -14.68
C PHE A 169 30.38 -15.00 -15.50
N HIS A 170 29.77 -16.00 -14.88
CA HIS A 170 29.51 -17.25 -15.56
C HIS A 170 28.22 -17.23 -16.36
N TYR A 171 27.46 -16.15 -16.30
CA TYR A 171 26.43 -16.01 -17.31
C TYR A 171 26.83 -15.09 -18.46
N HIS A 172 27.57 -14.02 -18.17
CA HIS A 172 27.81 -12.97 -19.14
C HIS A 172 29.20 -12.95 -19.74
N LYS A 173 30.19 -13.57 -19.10
CA LYS A 173 31.56 -13.46 -19.58
C LYS A 173 32.15 -14.79 -20.00
N ALA A 174 32.04 -15.83 -19.17
CA ALA A 174 32.58 -17.15 -19.52
C ALA A 174 31.54 -18.18 -19.11
N ALA A 175 30.66 -18.50 -20.04
CA ALA A 175 29.54 -19.37 -19.71
C ALA A 175 29.85 -20.79 -20.13
N PRO A 176 29.61 -21.79 -19.29
CA PRO A 176 29.99 -23.16 -19.66
C PRO A 176 29.17 -23.67 -20.84
N LYS A 177 29.79 -24.55 -21.61
CA LYS A 177 29.07 -25.26 -22.65
C LYS A 177 28.28 -26.42 -22.04
N LEU A 178 27.41 -27.01 -22.85
CA LEU A 178 26.56 -28.07 -22.32
C LEU A 178 27.37 -29.32 -21.98
N GLU A 179 28.42 -29.60 -22.74
CA GLU A 179 29.15 -30.83 -22.47
C GLU A 179 29.97 -30.73 -21.20
N TRP A 180 30.16 -29.52 -20.68
CA TRP A 180 30.75 -29.35 -19.36
C TRP A 180 29.78 -29.83 -18.27
N PHE A 181 28.51 -29.42 -18.36
CA PHE A 181 27.53 -29.79 -17.35
C PHE A 181 27.28 -31.28 -17.30
N GLN A 182 27.40 -31.97 -18.43
CA GLN A 182 27.05 -33.38 -18.50
C GLN A 182 28.15 -34.30 -18.00
N ASN A 183 29.24 -33.75 -17.48
CA ASN A 183 30.31 -34.54 -16.88
C ASN A 183 29.93 -34.88 -15.44
N VAL A 184 28.97 -35.80 -15.32
CA VAL A 184 28.44 -36.15 -14.01
C VAL A 184 29.46 -36.91 -13.19
N GLU A 185 30.31 -37.70 -13.83
CA GLU A 185 31.31 -38.44 -13.09
C GLU A 185 32.30 -37.50 -12.39
N SER A 186 32.75 -36.47 -13.09
CA SER A 186 33.68 -35.52 -12.49
C SER A 186 33.01 -34.70 -11.41
N MET A 187 31.76 -34.26 -11.63
CA MET A 187 31.04 -33.52 -10.61
C MET A 187 30.84 -34.37 -9.36
N LEU A 188 30.53 -35.66 -9.53
CA LEU A 188 30.40 -36.55 -8.38
C LEU A 188 31.73 -36.76 -7.68
N ASN A 189 32.81 -36.92 -8.45
CA ASN A 189 34.13 -37.07 -7.84
C ASN A 189 34.48 -35.87 -7.01
N HIS A 190 34.07 -34.68 -7.44
CA HIS A 190 34.43 -33.47 -6.73
C HIS A 190 33.48 -33.12 -5.61
N HIS A 191 32.25 -33.62 -5.66
CA HIS A 191 31.31 -33.38 -4.56
C HIS A 191 31.44 -34.43 -3.47
N LEU A 192 31.97 -35.61 -3.77
CA LEU A 192 32.27 -36.57 -2.73
C LEU A 192 33.59 -36.25 -2.05
N GLY A 193 34.65 -36.06 -2.84
CA GLY A 193 35.94 -35.76 -2.27
C GLY A 193 36.12 -34.31 -1.90
N GLY A 194 36.04 -33.43 -2.89
CA GLY A 194 36.40 -32.04 -2.65
C GLY A 194 35.41 -31.33 -1.74
N LEU A 195 34.12 -31.48 -1.98
CA LEU A 195 33.15 -30.72 -1.23
C LEU A 195 32.97 -31.33 0.15
N LEU A 196 32.20 -32.40 0.24
CA LEU A 196 31.88 -32.98 1.54
C LEU A 196 33.12 -33.50 2.25
N GLY A 197 33.99 -34.20 1.52
CA GLY A 197 35.17 -34.77 2.14
C GLY A 197 36.14 -33.75 2.72
N LEU A 198 36.66 -32.87 1.88
CA LEU A 198 37.58 -31.84 2.37
C LEU A 198 36.89 -30.87 3.32
N GLY A 199 35.59 -30.66 3.15
CA GLY A 199 34.88 -29.81 4.10
C GLY A 199 34.82 -30.41 5.49
N SER A 200 34.51 -31.70 5.58
CA SER A 200 34.53 -32.37 6.87
C SER A 200 35.93 -32.39 7.46
N LEU A 201 36.94 -32.60 6.61
CA LEU A 201 38.31 -32.63 7.11
C LEU A 201 38.72 -31.26 7.65
N ALA A 202 38.37 -30.19 6.94
CA ALA A 202 38.71 -28.85 7.39
C ALA A 202 37.97 -28.52 8.69
N TRP A 203 36.71 -28.94 8.82
CA TRP A 203 36.01 -28.69 10.07
C TRP A 203 36.64 -29.47 11.21
N ALA A 204 37.09 -30.69 10.95
CA ALA A 204 37.80 -31.44 11.99
C ALA A 204 39.06 -30.71 12.40
N GLY A 205 39.78 -30.14 11.44
CA GLY A 205 40.96 -29.37 11.78
C GLY A 205 40.62 -28.16 12.65
N HIS A 206 39.54 -27.46 12.30
CA HIS A 206 39.13 -26.32 13.12
C HIS A 206 38.79 -26.75 14.53
N GLN A 207 37.97 -27.79 14.67
CA GLN A 207 37.62 -28.25 16.01
C GLN A 207 38.85 -28.65 16.79
N ILE A 208 39.79 -29.35 16.16
CA ILE A 208 40.99 -29.78 16.87
C ILE A 208 41.80 -28.58 17.34
N HIS A 209 41.89 -27.54 16.52
CA HIS A 209 42.79 -26.43 16.85
C HIS A 209 42.10 -25.21 17.44
N VAL A 210 40.78 -25.14 17.43
CA VAL A 210 40.13 -23.94 17.91
C VAL A 210 39.00 -24.32 18.85
N SER A 211 38.05 -25.11 18.37
CA SER A 211 36.85 -25.39 19.13
C SER A 211 37.10 -26.31 20.31
N LEU A 212 38.26 -26.93 20.39
CA LEU A 212 38.43 -27.95 21.41
C LEU A 212 39.14 -27.39 22.64
N PRO A 213 40.28 -26.70 22.51
CA PRO A 213 40.85 -26.04 23.70
C PRO A 213 39.96 -24.95 24.28
N ILE A 214 39.37 -24.12 23.43
CA ILE A 214 38.53 -23.03 23.91
C ILE A 214 37.36 -23.57 24.71
N ASN A 215 36.65 -24.54 24.14
CA ASN A 215 35.50 -25.11 24.82
C ASN A 215 35.91 -25.94 26.01
N LYS A 216 37.11 -26.53 25.99
CA LYS A 216 37.61 -27.21 27.18
C LYS A 216 37.75 -26.23 28.34
N LEU A 217 38.34 -25.07 28.10
CA LEU A 217 38.51 -24.08 29.16
C LEU A 217 37.16 -23.53 29.61
N LEU A 218 36.26 -23.24 28.67
CA LEU A 218 34.93 -22.76 29.07
C LEU A 218 34.20 -23.79 29.90
N ASP A 219 34.32 -25.08 29.55
CA ASP A 219 33.62 -26.11 30.31
C ASP A 219 34.25 -26.31 31.68
N ALA A 220 35.58 -26.14 31.79
CA ALA A 220 36.19 -26.09 33.11
C ALA A 220 35.65 -24.92 33.92
N GLY A 221 35.28 -23.84 33.24
CA GLY A 221 34.62 -22.73 33.90
C GLY A 221 35.58 -21.57 34.10
N VAL A 222 35.53 -20.63 33.16
CA VAL A 222 36.44 -19.50 33.12
C VAL A 222 35.69 -18.35 32.45
N ASP A 223 35.88 -17.14 32.96
CA ASP A 223 35.34 -15.99 32.26
C ASP A 223 36.00 -15.92 30.89
N PRO A 224 35.23 -15.82 29.81
CA PRO A 224 35.82 -15.99 28.47
C PRO A 224 36.86 -14.94 28.14
N LYS A 225 36.84 -13.79 28.81
CA LYS A 225 37.75 -12.70 28.52
C LYS A 225 39.18 -13.01 28.95
N GLU A 226 39.42 -14.09 29.68
CA GLU A 226 40.76 -14.49 30.07
C GLU A 226 41.32 -15.62 29.22
N ILE A 227 40.47 -16.33 28.48
CA ILE A 227 40.91 -17.49 27.70
C ILE A 227 41.77 -17.02 26.54
N PRO A 228 42.88 -17.70 26.24
CA PRO A 228 43.72 -17.29 25.10
C PRO A 228 42.96 -17.33 23.78
N LEU A 229 43.28 -16.39 22.91
CA LEU A 229 42.60 -16.30 21.63
C LEU A 229 42.96 -17.50 20.76
N PRO A 230 42.10 -17.88 19.83
CA PRO A 230 42.27 -19.18 19.14
C PRO A 230 43.60 -19.33 18.43
N HIS A 231 44.14 -18.26 17.85
CA HIS A 231 45.40 -18.39 17.14
C HIS A 231 46.53 -18.73 18.10
N GLU A 232 46.42 -18.30 19.35
CA GLU A 232 47.44 -18.64 20.34
C GLU A 232 47.45 -20.14 20.61
N PHE A 233 46.27 -20.73 20.76
CA PHE A 233 46.20 -22.18 20.90
C PHE A 233 46.72 -22.88 19.64
N THR A 234 46.32 -22.39 18.48
CA THR A 234 46.68 -23.03 17.21
C THR A 234 48.18 -23.03 16.97
N LEU A 235 48.84 -21.90 17.23
CA LEU A 235 50.21 -21.70 16.78
C LEU A 235 51.25 -22.31 17.69
N ASN A 236 50.98 -22.45 18.98
CA ASN A 236 51.96 -23.14 19.79
C ASN A 236 51.36 -24.40 20.39
N PRO A 237 51.98 -25.56 20.19
CA PRO A 237 51.49 -26.78 20.83
C PRO A 237 51.74 -26.82 22.32
N GLU A 238 52.35 -25.79 22.91
CA GLU A 238 52.56 -25.80 24.35
C GLU A 238 51.24 -25.71 25.09
N LEU A 239 50.41 -24.73 24.75
CA LEU A 239 49.14 -24.56 25.45
C LEU A 239 48.26 -25.80 25.29
N MET A 240 48.12 -26.27 24.05
CA MET A 240 47.37 -27.49 23.80
C MET A 240 47.95 -28.67 24.57
N ALA A 241 49.29 -28.73 24.68
CA ALA A 241 49.92 -29.81 25.41
C ALA A 241 49.54 -29.78 26.87
N GLN A 242 49.51 -28.59 27.47
CA GLN A 242 48.98 -28.47 28.83
C GLN A 242 47.50 -28.88 28.90
N LEU A 243 46.72 -28.63 27.85
CA LEU A 243 45.34 -29.09 27.87
C LEU A 243 45.17 -30.53 27.39
N TYR A 244 45.78 -30.88 26.25
CA TYR A 244 45.70 -32.22 25.69
C TYR A 244 47.12 -32.74 25.49
N PRO A 245 47.59 -33.64 26.36
CA PRO A 245 49.03 -33.97 26.37
C PRO A 245 49.54 -34.58 25.07
N SER A 246 48.69 -35.22 24.27
CA SER A 246 49.18 -35.87 23.06
C SER A 246 49.72 -34.89 22.04
N PHE A 247 49.42 -33.60 22.19
CA PHE A 247 49.94 -32.59 21.28
C PHE A 247 51.42 -32.34 21.51
N SER A 248 51.97 -32.86 22.61
CA SER A 248 53.40 -32.77 22.87
C SER A 248 54.21 -33.67 21.95
N LYS A 249 53.58 -34.70 21.39
CA LYS A 249 54.26 -35.57 20.45
C LYS A 249 54.07 -35.16 19.00
N GLY A 250 53.21 -34.18 18.74
CA GLY A 250 53.07 -33.66 17.40
C GLY A 250 52.47 -34.68 16.45
N LEU A 251 52.86 -34.58 15.19
CA LEU A 251 52.32 -35.42 14.13
C LEU A 251 53.08 -36.73 13.98
N ALA A 252 54.13 -36.94 14.77
CA ALA A 252 54.89 -38.20 14.65
C ALA A 252 54.03 -39.43 14.87
N PRO A 253 53.16 -39.50 15.88
CA PRO A 253 52.28 -40.67 15.98
C PRO A 253 51.40 -40.86 14.76
N PHE A 254 50.97 -39.76 14.14
CA PHE A 254 50.07 -39.88 12.99
C PHE A 254 50.73 -40.59 11.83
N PHE A 255 51.93 -40.16 11.45
CA PHE A 255 52.62 -40.77 10.32
C PHE A 255 53.32 -42.07 10.67
N THR A 256 53.38 -42.43 11.94
CA THR A 256 53.92 -43.71 12.38
C THR A 256 52.82 -44.76 12.57
N LEU A 257 51.57 -44.38 12.33
CA LEU A 257 50.39 -45.21 12.53
C LEU A 257 50.20 -45.61 13.99
N ASP A 258 50.77 -44.84 14.91
CA ASP A 258 50.54 -45.06 16.34
C ASP A 258 49.42 -44.13 16.79
N TRP A 259 48.27 -44.27 16.12
CA TRP A 259 47.19 -43.32 16.29
C TRP A 259 46.53 -43.40 17.65
N ALA A 260 46.71 -44.52 18.36
CA ALA A 260 46.09 -44.64 19.68
C ALA A 260 46.54 -43.54 20.62
N GLN A 261 47.75 -43.01 20.41
CA GLN A 261 48.26 -41.94 21.25
C GLN A 261 47.43 -40.67 21.17
N TYR A 262 46.59 -40.53 20.13
CA TYR A 262 45.69 -39.41 20.01
C TYR A 262 44.36 -39.64 20.71
N SER A 263 44.29 -40.66 21.58
CA SER A 263 43.03 -41.03 22.22
C SER A 263 42.50 -39.98 23.17
N ASP A 264 43.31 -39.00 23.57
CA ASP A 264 42.83 -37.99 24.51
C ASP A 264 41.96 -36.93 23.85
N PHE A 265 42.09 -36.73 22.53
CA PHE A 265 41.15 -35.87 21.83
C PHE A 265 40.40 -36.57 20.70
N LEU A 266 40.75 -37.81 20.38
CA LEU A 266 39.99 -38.61 19.41
C LEU A 266 39.30 -39.74 20.16
N THR A 267 38.27 -39.39 20.91
CA THR A 267 37.60 -40.33 21.79
C THR A 267 36.40 -40.97 21.10
N PHE A 268 35.95 -42.08 21.68
CA PHE A 268 34.71 -42.76 21.27
C PHE A 268 33.92 -43.00 22.54
N GLN A 269 33.10 -42.02 22.92
CA GLN A 269 32.43 -42.04 24.22
C GLN A 269 30.92 -42.09 24.10
N GLY A 270 30.32 -41.21 23.32
CA GLY A 270 28.88 -41.17 23.22
C GLY A 270 28.27 -40.56 24.47
N GLY A 271 26.95 -40.48 24.46
CA GLY A 271 26.31 -39.85 25.58
C GLY A 271 26.49 -38.34 25.49
N LEU A 272 26.18 -37.68 26.60
CA LEU A 272 26.24 -36.23 26.67
C LEU A 272 27.27 -35.81 27.69
N ASN A 273 27.87 -34.65 27.44
CA ASN A 273 28.76 -34.05 28.43
C ASN A 273 27.94 -33.64 29.64
N PRO A 274 28.31 -34.08 30.85
CA PRO A 274 27.46 -33.80 32.01
C PRO A 274 27.33 -32.33 32.34
N VAL A 275 28.30 -31.52 31.95
CA VAL A 275 28.28 -30.10 32.33
C VAL A 275 27.50 -29.26 31.32
N THR A 276 27.52 -29.62 30.04
CA THR A 276 26.90 -28.82 29.00
C THR A 276 25.62 -29.42 28.47
N GLY A 277 25.45 -30.73 28.55
CA GLY A 277 24.31 -31.37 27.92
C GLY A 277 24.45 -31.55 26.44
N GLY A 278 25.67 -31.58 25.92
CA GLY A 278 25.89 -31.80 24.51
C GLY A 278 26.93 -32.89 24.30
N LEU A 279 27.03 -33.30 23.04
CA LEU A 279 27.98 -34.36 22.71
C LEU A 279 29.40 -33.88 22.97
N TRP A 280 30.28 -34.83 23.27
CA TRP A 280 31.67 -34.50 23.51
C TRP A 280 32.29 -33.97 22.22
N LEU A 281 32.92 -32.80 22.29
CA LEU A 281 33.53 -32.25 21.10
C LEU A 281 34.69 -33.10 20.62
N THR A 282 35.28 -33.91 21.50
CA THR A 282 36.25 -34.90 21.05
C THR A 282 35.58 -35.97 20.19
N ASP A 283 34.38 -36.40 20.59
CA ASP A 283 33.64 -37.36 19.79
C ASP A 283 33.31 -36.80 18.41
N THR A 284 32.89 -35.53 18.35
CA THR A 284 32.58 -34.94 17.05
C THR A 284 33.84 -34.70 16.24
N VAL A 285 34.96 -34.40 16.88
CA VAL A 285 36.23 -34.31 16.16
C VAL A 285 36.53 -35.64 15.48
N HIS A 286 36.44 -36.72 16.23
CA HIS A 286 36.72 -38.03 15.67
C HIS A 286 35.75 -38.37 14.56
N HIS A 287 34.48 -38.03 14.76
CA HIS A 287 33.45 -38.27 13.75
C HIS A 287 33.79 -37.57 12.44
N HIS A 288 34.16 -36.30 12.51
CA HIS A 288 34.42 -35.54 11.30
C HIS A 288 35.69 -36.03 10.61
N LEU A 289 36.73 -36.36 11.37
CA LEU A 289 37.91 -36.94 10.76
C LEU A 289 37.57 -38.24 10.03
N ALA A 290 36.80 -39.11 10.69
CA ALA A 290 36.47 -40.40 10.10
C ALA A 290 35.67 -40.23 8.82
N ILE A 291 34.60 -39.43 8.86
CA ILE A 291 33.78 -39.33 7.67
C ILE A 291 34.47 -38.53 6.58
N ALA A 292 35.40 -37.63 6.94
CA ALA A 292 36.19 -36.99 5.91
C ALA A 292 37.04 -37.99 5.16
N VAL A 293 37.70 -38.90 5.90
CA VAL A 293 38.46 -39.95 5.23
C VAL A 293 37.55 -40.81 4.37
N LEU A 294 36.38 -41.14 4.90
CA LEU A 294 35.46 -42.01 4.17
C LEU A 294 34.97 -41.36 2.88
N PHE A 295 34.73 -40.05 2.91
CA PHE A 295 34.28 -39.37 1.71
C PHE A 295 35.40 -39.19 0.70
N LEU A 296 36.63 -38.94 1.16
CA LEU A 296 37.75 -38.93 0.24
C LEU A 296 37.90 -40.28 -0.44
N ILE A 297 37.66 -41.36 0.28
CA ILE A 297 37.66 -42.68 -0.37
C ILE A 297 36.52 -42.78 -1.36
N ALA A 298 35.33 -42.30 -0.99
CA ALA A 298 34.16 -42.40 -1.86
C ALA A 298 34.34 -41.61 -3.16
N GLY A 299 35.15 -40.56 -3.13
CA GLY A 299 35.25 -39.69 -4.27
C GLY A 299 36.18 -40.13 -5.36
N HIS A 300 36.67 -41.37 -5.29
CA HIS A 300 37.59 -41.91 -6.28
C HIS A 300 36.99 -43.04 -7.08
N GLN A 301 35.69 -43.28 -6.93
CA GLN A 301 35.05 -44.41 -7.58
C GLN A 301 34.93 -44.21 -9.08
N TYR A 302 34.50 -43.04 -9.50
CA TYR A 302 34.09 -42.83 -10.88
C TYR A 302 35.26 -42.45 -11.78
N ARG A 303 35.14 -42.79 -13.06
CA ARG A 303 36.22 -42.65 -14.03
C ARG A 303 36.16 -41.28 -14.69
N THR A 304 37.33 -40.67 -14.87
CA THR A 304 37.42 -39.39 -15.56
C THR A 304 38.44 -39.44 -16.69
N ASN A 305 39.52 -38.71 -16.54
CA ASN A 305 40.53 -38.56 -17.59
C ASN A 305 41.60 -39.63 -17.53
N TRP A 306 41.46 -40.62 -16.65
CA TRP A 306 42.44 -41.68 -16.50
C TRP A 306 41.71 -43.02 -16.46
N GLY A 307 42.45 -44.08 -16.77
CA GLY A 307 41.82 -45.37 -16.97
C GLY A 307 41.09 -45.87 -15.74
N ILE A 308 41.67 -45.66 -14.56
CA ILE A 308 41.07 -46.17 -13.34
C ILE A 308 39.72 -45.51 -13.09
N GLY A 309 38.81 -46.26 -12.50
CA GLY A 309 37.50 -45.74 -12.17
C GLY A 309 36.35 -46.50 -12.79
N SER A 310 35.18 -46.37 -12.21
CA SER A 310 33.96 -46.97 -12.74
C SER A 310 33.12 -45.93 -13.45
N SER A 311 32.30 -46.38 -14.40
CA SER A 311 31.42 -45.50 -15.14
C SER A 311 30.01 -45.66 -14.61
N LEU A 312 29.35 -44.52 -14.33
CA LEU A 312 27.98 -44.57 -13.85
C LEU A 312 27.08 -45.33 -14.82
N LYS A 313 27.24 -45.08 -16.12
CA LYS A 313 26.43 -45.77 -17.12
C LYS A 313 26.68 -47.27 -17.09
N GLU A 314 27.95 -47.68 -17.04
CA GLU A 314 28.27 -49.09 -17.04
C GLU A 314 27.73 -49.79 -15.79
N ILE A 315 27.84 -49.13 -14.63
CA ILE A 315 27.31 -49.71 -13.41
C ILE A 315 25.80 -49.83 -13.49
N LEU A 316 25.12 -48.80 -14.01
CA LEU A 316 23.67 -48.83 -14.08
C LEU A 316 23.18 -49.92 -15.03
N GLU A 317 23.79 -50.02 -16.21
CA GLU A 317 23.38 -51.00 -17.22
C GLU A 317 23.57 -52.44 -16.78
N ALA A 318 24.41 -52.69 -15.78
CA ALA A 318 24.74 -54.06 -15.43
C ALA A 318 23.85 -54.64 -14.34
N HIS A 319 22.89 -53.87 -13.84
CA HIS A 319 22.00 -54.33 -12.78
C HIS A 319 20.64 -54.62 -13.39
N LYS A 320 20.54 -55.78 -14.02
CA LYS A 320 19.30 -56.22 -14.64
C LYS A 320 19.07 -57.68 -14.28
N GLY A 321 17.85 -58.00 -13.89
CA GLY A 321 17.51 -59.34 -13.47
C GLY A 321 16.22 -59.82 -14.10
N PRO A 322 15.80 -61.03 -13.72
CA PRO A 322 14.62 -61.63 -14.35
C PRO A 322 13.34 -60.83 -14.19
N PHE A 323 13.18 -60.12 -13.09
CA PHE A 323 11.92 -59.46 -12.79
C PHE A 323 11.80 -58.08 -13.39
N THR A 324 12.80 -57.60 -14.12
CA THR A 324 12.87 -56.20 -14.50
C THR A 324 13.15 -55.96 -15.97
N GLY A 325 13.34 -57.01 -16.77
CA GLY A 325 13.61 -56.82 -18.18
C GLY A 325 14.95 -56.16 -18.44
N GLU A 326 14.91 -54.91 -18.90
CA GLU A 326 16.14 -54.16 -19.17
C GLU A 326 16.69 -53.46 -17.95
N GLY A 327 15.94 -53.41 -16.86
CA GLY A 327 16.46 -52.82 -15.64
C GLY A 327 16.74 -51.35 -15.81
N HIS A 328 17.97 -50.95 -15.50
CA HIS A 328 18.38 -49.55 -15.54
C HIS A 328 18.89 -49.12 -16.91
N LYS A 329 18.33 -49.66 -17.99
CA LYS A 329 18.75 -49.26 -19.31
C LYS A 329 18.02 -47.99 -19.71
N GLY A 330 18.76 -46.91 -19.89
CA GLY A 330 18.18 -45.61 -20.20
C GLY A 330 18.05 -44.67 -19.03
N LEU A 331 18.30 -45.15 -17.81
CA LEU A 331 18.25 -44.27 -16.65
C LEU A 331 19.35 -43.21 -16.72
N TYR A 332 20.52 -43.57 -17.20
CA TYR A 332 21.61 -42.62 -17.31
C TYR A 332 21.24 -41.47 -18.25
N GLU A 333 20.61 -41.79 -19.38
CA GLU A 333 20.29 -40.75 -20.34
C GLU A 333 19.18 -39.85 -19.85
N ILE A 334 18.25 -40.38 -19.05
CA ILE A 334 17.16 -39.55 -18.54
C ILE A 334 17.55 -38.81 -17.28
N LEU A 335 18.76 -39.03 -16.77
CA LEU A 335 19.28 -38.27 -15.64
C LEU A 335 20.28 -37.20 -16.02
N THR A 336 20.99 -37.36 -17.14
CA THR A 336 21.96 -36.36 -17.57
C THR A 336 21.44 -35.50 -18.71
N THR A 337 20.13 -35.47 -18.90
CA THR A 337 19.51 -34.64 -19.92
C THR A 337 18.31 -33.88 -19.41
N SER A 338 17.70 -34.33 -18.32
CA SER A 338 16.53 -33.69 -17.72
C SER A 338 16.94 -33.15 -16.37
N TRP A 339 16.72 -31.85 -16.16
CA TRP A 339 17.03 -31.26 -14.86
C TRP A 339 15.97 -31.62 -13.84
N HIS A 340 14.73 -31.85 -14.28
CA HIS A 340 13.65 -32.12 -13.33
C HIS A 340 13.79 -33.50 -12.69
N ALA A 341 14.38 -34.46 -13.39
CA ALA A 341 14.66 -35.74 -12.79
C ALA A 341 15.64 -35.60 -11.63
N GLN A 342 16.75 -34.90 -11.88
CA GLN A 342 17.70 -34.65 -10.81
C GLN A 342 17.06 -33.83 -9.70
N LEU A 343 16.20 -32.89 -10.05
CA LEU A 343 15.54 -32.09 -9.02
C LEU A 343 14.64 -32.94 -8.16
N ALA A 344 13.91 -33.88 -8.76
CA ALA A 344 13.07 -34.78 -7.97
C ALA A 344 13.91 -35.60 -7.01
N ILE A 345 14.97 -36.23 -7.53
CA ILE A 345 15.80 -37.06 -6.67
C ILE A 345 16.41 -36.23 -5.55
N ASN A 346 17.02 -35.11 -5.89
CA ASN A 346 17.72 -34.30 -4.91
C ASN A 346 16.78 -33.70 -3.89
N LEU A 347 15.60 -33.24 -4.30
CA LEU A 347 14.63 -32.71 -3.35
C LEU A 347 14.13 -33.78 -2.40
N ALA A 348 13.82 -34.97 -2.92
CA ALA A 348 13.38 -36.05 -2.05
C ALA A 348 14.42 -36.38 -1.00
N LEU A 349 15.66 -36.59 -1.46
CA LEU A 349 16.70 -36.98 -0.55
C LEU A 349 17.02 -35.86 0.43
N PHE A 350 16.88 -34.61 0.00
CA PHE A 350 17.19 -33.45 0.84
C PHE A 350 16.14 -33.26 1.93
N GLY A 351 14.86 -33.43 1.58
CA GLY A 351 13.82 -33.36 2.60
C GLY A 351 13.92 -34.49 3.60
N SER A 352 14.19 -35.70 3.13
CA SER A 352 14.39 -36.80 4.06
C SER A 352 15.59 -36.53 4.97
N LEU A 353 16.65 -35.95 4.40
CA LEU A 353 17.83 -35.60 5.19
C LEU A 353 17.49 -34.56 6.25
N SER A 354 16.68 -33.57 5.91
CA SER A 354 16.29 -32.56 6.88
C SER A 354 15.50 -33.19 8.02
N ILE A 355 14.57 -34.10 7.69
CA ILE A 355 13.79 -34.74 8.74
C ILE A 355 14.70 -35.58 9.65
N ILE A 356 15.64 -36.31 9.05
CA ILE A 356 16.60 -37.08 9.83
C ILE A 356 17.40 -36.16 10.75
N VAL A 357 17.76 -34.99 10.25
CA VAL A 357 18.50 -34.02 11.05
C VAL A 357 17.68 -33.60 12.26
N ALA A 358 16.40 -33.34 12.04
CA ALA A 358 15.53 -32.94 13.15
C ALA A 358 15.49 -34.02 14.22
N HIS A 359 15.31 -35.27 13.78
CA HIS A 359 15.26 -36.37 14.73
C HIS A 359 16.55 -36.47 15.53
N HIS A 360 17.68 -36.54 14.82
CA HIS A 360 18.95 -36.75 15.46
C HIS A 360 19.39 -35.55 16.27
N MET A 361 18.76 -34.40 16.09
CA MET A 361 19.15 -33.28 16.93
C MET A 361 18.29 -33.13 18.15
N TYR A 362 17.02 -33.56 18.15
CA TYR A 362 16.37 -33.51 19.45
C TYR A 362 16.89 -34.63 20.32
N ALA A 363 17.12 -35.81 19.74
CA ALA A 363 17.44 -36.94 20.60
C ALA A 363 18.83 -36.84 21.20
N MET A 364 19.76 -36.29 20.46
CA MET A 364 21.18 -36.32 20.84
C MET A 364 21.76 -34.91 20.62
N PRO A 365 21.40 -33.96 21.47
CA PRO A 365 21.77 -32.54 21.25
C PRO A 365 23.25 -32.34 21.06
N PRO A 366 23.66 -31.78 19.93
CA PRO A 366 25.08 -31.72 19.57
C PRO A 366 25.81 -30.48 20.04
N TYR A 367 25.13 -29.48 20.57
CA TYR A 367 25.78 -28.24 20.93
C TYR A 367 25.70 -28.01 22.43
N PRO A 368 26.70 -27.35 23.01
CA PRO A 368 26.67 -27.08 24.44
C PRO A 368 25.53 -26.17 24.84
N TYR A 369 24.85 -26.51 25.93
CA TYR A 369 23.77 -25.73 26.49
C TYR A 369 22.63 -25.53 25.50
N LEU A 370 22.41 -26.53 24.65
CA LEU A 370 21.31 -26.49 23.70
C LEU A 370 20.16 -27.40 24.08
N ALA A 371 20.45 -28.51 24.78
CA ALA A 371 19.38 -29.34 25.30
C ALA A 371 18.58 -28.60 26.35
N THR A 372 19.27 -27.89 27.25
CA THR A 372 18.59 -27.17 28.33
C THR A 372 17.79 -25.99 27.79
N ASP A 373 18.14 -25.49 26.62
CA ASP A 373 17.38 -24.44 25.96
C ASP A 373 16.20 -25.12 25.28
N TYR A 374 15.08 -25.20 25.99
CA TYR A 374 13.94 -25.93 25.48
C TYR A 374 13.36 -25.24 24.25
N GLY A 375 13.37 -23.91 24.23
CA GLY A 375 12.89 -23.20 23.06
C GLY A 375 13.68 -23.53 21.82
N THR A 376 15.00 -23.57 21.94
CA THR A 376 15.84 -23.93 20.79
C THR A 376 15.55 -25.35 20.34
N GLN A 377 15.44 -26.29 21.27
CA GLN A 377 15.04 -27.65 20.95
C GLN A 377 13.78 -27.69 20.10
N LEU A 378 12.69 -27.16 20.66
CA LEU A 378 11.40 -27.27 19.98
C LEU A 378 11.42 -26.56 18.65
N SER A 379 12.00 -25.35 18.60
CA SER A 379 12.01 -24.59 17.37
C SER A 379 12.82 -25.27 16.28
N LEU A 380 14.01 -25.76 16.63
CA LEU A 380 14.85 -26.41 15.63
C LEU A 380 14.18 -27.68 15.10
N PHE A 381 13.62 -28.50 15.99
CA PHE A 381 12.95 -29.70 15.53
C PHE A 381 11.81 -29.38 14.59
N THR A 382 10.92 -28.47 15.00
CA THR A 382 9.75 -28.17 14.19
C THR A 382 10.14 -27.54 12.86
N HIS A 383 11.15 -26.66 12.88
CA HIS A 383 11.59 -26.01 11.66
C HIS A 383 12.12 -27.02 10.66
N HIS A 384 12.98 -27.93 11.11
CA HIS A 384 13.54 -28.89 10.16
C HIS A 384 12.49 -29.89 9.70
N MET A 385 11.52 -30.22 10.55
CA MET A 385 10.43 -31.08 10.11
C MET A 385 9.65 -30.42 8.97
N TRP A 386 9.29 -29.15 9.12
CA TRP A 386 8.53 -28.47 8.07
C TRP A 386 9.34 -28.32 6.79
N ILE A 387 10.62 -27.99 6.91
CA ILE A 387 11.46 -27.87 5.72
C ILE A 387 11.53 -29.21 5.00
N GLY A 388 11.71 -30.30 5.74
CA GLY A 388 11.75 -31.61 5.10
C GLY A 388 10.45 -31.96 4.39
N GLY A 389 9.32 -31.69 5.03
CA GLY A 389 8.05 -31.98 4.38
C GLY A 389 7.86 -31.20 3.09
N PHE A 390 8.20 -29.92 3.11
CA PHE A 390 8.09 -29.12 1.89
C PHE A 390 8.98 -29.66 0.78
N CYS A 391 10.22 -30.01 1.12
CA CYS A 391 11.12 -30.54 0.10
C CYS A 391 10.61 -31.85 -0.49
N ILE A 392 10.00 -32.70 0.34
CA ILE A 392 9.46 -33.95 -0.16
C ILE A 392 8.32 -33.72 -1.14
N VAL A 393 7.40 -32.82 -0.81
CA VAL A 393 6.32 -32.52 -1.73
C VAL A 393 6.86 -31.94 -3.03
N GLY A 394 7.92 -31.15 -2.95
CA GLY A 394 8.54 -30.66 -4.17
C GLY A 394 9.14 -31.75 -5.02
N ALA A 395 9.72 -32.76 -4.38
CA ALA A 395 10.21 -33.92 -5.12
C ALA A 395 9.08 -34.57 -5.89
N GLY A 396 7.93 -34.75 -5.25
CA GLY A 396 6.78 -35.29 -5.97
C GLY A 396 6.39 -34.43 -7.16
N ALA A 397 6.35 -33.11 -6.96
CA ALA A 397 5.95 -32.21 -8.03
C ALA A 397 6.88 -32.31 -9.22
N HIS A 398 8.19 -32.36 -8.97
CA HIS A 398 9.12 -32.36 -10.08
C HIS A 398 9.25 -33.73 -10.74
N ALA A 399 8.97 -34.81 -10.00
CA ALA A 399 8.81 -36.09 -10.67
C ALA A 399 7.65 -36.04 -11.65
N ALA A 400 6.53 -35.44 -11.25
CA ALA A 400 5.42 -35.27 -12.18
C ALA A 400 5.82 -34.43 -13.39
N ILE A 401 6.54 -33.34 -13.15
CA ILE A 401 6.93 -32.45 -14.25
C ILE A 401 7.82 -33.18 -15.24
N PHE A 402 8.77 -33.96 -14.74
CA PHE A 402 9.60 -34.76 -15.65
C PHE A 402 8.74 -35.76 -16.42
N MET A 403 7.80 -36.40 -15.73
CA MET A 403 6.94 -37.37 -16.41
C MET A 403 6.08 -36.71 -17.48
N VAL A 404 5.84 -35.41 -17.39
CA VAL A 404 5.02 -34.73 -18.39
C VAL A 404 5.86 -34.19 -19.54
N ARG A 405 7.03 -33.61 -19.25
CA ARG A 405 7.77 -32.87 -20.28
C ARG A 405 8.98 -33.62 -20.83
N ASP A 406 9.85 -34.14 -19.97
CA ASP A 406 11.17 -34.64 -20.38
C ASP A 406 11.18 -36.15 -20.60
N TYR A 407 10.02 -36.79 -20.64
CA TYR A 407 9.96 -38.24 -20.80
C TYR A 407 9.55 -38.56 -22.23
N ASP A 408 10.41 -39.31 -22.92
CA ASP A 408 10.08 -39.83 -24.24
C ASP A 408 10.04 -41.34 -24.20
N PRO A 409 9.05 -41.97 -24.83
CA PRO A 409 8.94 -43.43 -24.79
C PRO A 409 9.95 -44.15 -25.67
N THR A 410 10.78 -43.43 -26.43
CA THR A 410 11.69 -44.09 -27.36
C THR A 410 12.85 -44.75 -26.64
N ASN A 411 13.43 -44.06 -25.66
CA ASN A 411 14.58 -44.61 -24.94
C ASN A 411 14.14 -45.38 -23.70
N ASN A 412 12.89 -45.20 -23.27
CA ASN A 412 12.35 -45.89 -22.11
C ASN A 412 11.42 -47.01 -22.57
N TYR A 413 12.00 -48.01 -23.21
CA TYR A 413 11.25 -49.18 -23.66
C TYR A 413 11.62 -50.38 -22.80
N ASN A 414 10.64 -50.90 -22.07
CA ASN A 414 10.80 -52.09 -21.23
C ASN A 414 11.95 -51.96 -20.25
N ASN A 415 12.18 -50.75 -19.76
CA ASN A 415 13.08 -50.55 -18.64
C ASN A 415 12.25 -50.22 -17.42
N LEU A 416 12.92 -49.87 -16.33
CA LEU A 416 12.26 -49.77 -15.03
C LEU A 416 11.15 -48.74 -15.04
N LEU A 417 11.39 -47.58 -15.65
CA LEU A 417 10.34 -46.58 -15.74
C LEU A 417 9.17 -47.09 -16.55
N ASP A 418 9.45 -47.79 -17.66
CA ASP A 418 8.38 -48.35 -18.47
C ASP A 418 7.61 -49.42 -17.70
N ARG A 419 8.32 -50.29 -16.98
CA ARG A 419 7.65 -51.32 -16.19
C ARG A 419 6.75 -50.71 -15.13
N VAL A 420 7.22 -49.66 -14.46
CA VAL A 420 6.40 -49.01 -13.43
C VAL A 420 5.18 -48.36 -14.06
N LEU A 421 5.38 -47.62 -15.16
CA LEU A 421 4.26 -46.97 -15.82
C LEU A 421 3.28 -47.97 -16.42
N ARG A 422 3.70 -49.21 -16.60
CA ARG A 422 2.91 -50.22 -17.28
C ARG A 422 2.10 -51.08 -16.32
N HIS A 423 2.07 -50.72 -15.04
CA HIS A 423 1.25 -51.45 -14.07
C HIS A 423 0.83 -50.54 -12.93
N ARG A 424 0.64 -49.26 -13.24
CA ARG A 424 0.38 -48.26 -12.21
C ARG A 424 -0.92 -48.55 -11.46
N ASP A 425 -1.88 -49.20 -12.11
CA ASP A 425 -3.15 -49.46 -11.45
C ASP A 425 -2.97 -50.42 -10.27
N ALA A 426 -2.10 -51.41 -10.40
CA ALA A 426 -1.84 -52.31 -9.27
C ALA A 426 -1.23 -51.56 -8.09
N ILE A 427 -0.22 -50.74 -8.37
CA ILE A 427 0.43 -49.96 -7.31
C ILE A 427 -0.59 -49.08 -6.61
N ILE A 428 -1.39 -48.36 -7.38
CA ILE A 428 -2.32 -47.41 -6.79
C ILE A 428 -3.43 -48.13 -6.03
N SER A 429 -3.92 -49.25 -6.58
CA SER A 429 -4.94 -50.02 -5.89
C SER A 429 -4.45 -50.49 -4.52
N HIS A 430 -3.25 -51.05 -4.48
CA HIS A 430 -2.77 -51.59 -3.22
C HIS A 430 -2.42 -50.48 -2.24
N LEU A 431 -1.89 -49.36 -2.74
CA LEU A 431 -1.59 -48.26 -1.84
C LEU A 431 -2.87 -47.65 -1.28
N ASN A 432 -3.94 -47.61 -2.07
CA ASN A 432 -5.20 -47.12 -1.55
C ASN A 432 -5.77 -48.07 -0.52
N TRP A 433 -5.60 -49.38 -0.71
CA TRP A 433 -6.03 -50.30 0.33
C TRP A 433 -5.25 -50.08 1.62
N VAL A 434 -3.94 -49.88 1.52
CA VAL A 434 -3.14 -49.64 2.72
C VAL A 434 -3.61 -48.37 3.42
N CYS A 435 -3.89 -47.33 2.65
CA CYS A 435 -4.39 -46.09 3.26
C CYS A 435 -5.71 -46.32 3.97
N ILE A 436 -6.62 -47.08 3.35
CA ILE A 436 -7.90 -47.38 4.01
C ILE A 436 -7.67 -48.15 5.31
N PHE A 437 -6.85 -49.20 5.25
CA PHE A 437 -6.66 -50.06 6.40
C PHE A 437 -6.00 -49.31 7.55
N LEU A 438 -4.96 -48.52 7.24
CA LEU A 438 -4.29 -47.75 8.27
C LEU A 438 -5.19 -46.67 8.83
N GLY A 439 -5.95 -45.99 7.96
CA GLY A 439 -6.87 -44.98 8.46
C GLY A 439 -7.88 -45.57 9.43
N PHE A 440 -8.44 -46.72 9.09
CA PHE A 440 -9.38 -47.36 10.01
C PHE A 440 -8.69 -47.75 11.30
N HIS A 441 -7.67 -48.59 11.22
CA HIS A 441 -7.06 -49.10 12.45
C HIS A 441 -6.18 -48.10 13.15
N SER A 442 -6.13 -46.85 12.71
CA SER A 442 -5.46 -45.80 13.45
C SER A 442 -6.43 -44.78 14.02
N PHE A 443 -7.38 -44.31 13.21
CA PHE A 443 -8.30 -43.30 13.69
C PHE A 443 -9.53 -43.91 14.35
N GLY A 444 -10.01 -45.04 13.84
CA GLY A 444 -11.12 -45.71 14.50
C GLY A 444 -10.75 -46.20 15.88
N LEU A 445 -9.47 -46.48 16.12
CA LEU A 445 -9.04 -46.81 17.48
C LEU A 445 -9.23 -45.62 18.40
N TYR A 446 -8.83 -44.43 17.96
CA TYR A 446 -9.05 -43.22 18.73
C TYR A 446 -10.52 -42.97 18.95
N ILE A 447 -11.35 -43.22 17.93
CA ILE A 447 -12.78 -42.98 18.07
C ILE A 447 -13.42 -44.00 18.99
N HIS A 448 -12.94 -45.24 18.98
CA HIS A 448 -13.42 -46.23 19.93
C HIS A 448 -13.07 -45.82 21.35
N ASN A 449 -11.85 -45.32 21.55
CA ASN A 449 -11.48 -44.80 22.86
C ASN A 449 -12.40 -43.66 23.29
N ASP A 450 -12.69 -42.75 22.36
CA ASP A 450 -13.56 -41.62 22.67
C ASP A 450 -14.96 -42.09 23.04
N THR A 451 -15.51 -43.02 22.26
CA THR A 451 -16.86 -43.49 22.53
C THR A 451 -16.94 -44.22 23.86
N MET A 452 -15.96 -45.07 24.15
CA MET A 452 -15.95 -45.79 25.42
C MET A 452 -15.76 -44.85 26.60
N SER A 453 -14.93 -43.82 26.45
CA SER A 453 -14.78 -42.84 27.52
C SER A 453 -16.06 -42.06 27.75
N ALA A 454 -16.75 -41.67 26.68
CA ALA A 454 -17.99 -40.91 26.82
C ALA A 454 -19.12 -41.77 27.36
N LEU A 455 -19.07 -43.08 27.12
CA LEU A 455 -20.09 -44.00 27.61
C LEU A 455 -19.84 -44.46 29.03
N GLY A 456 -18.70 -44.11 29.62
CA GLY A 456 -18.36 -44.63 30.93
C GLY A 456 -18.01 -46.10 30.91
N ARG A 457 -17.20 -46.54 29.95
CA ARG A 457 -16.68 -47.90 29.91
C ARG A 457 -15.18 -47.85 29.64
N PRO A 458 -14.39 -47.33 30.57
CA PRO A 458 -12.94 -47.24 30.34
C PRO A 458 -12.25 -48.59 30.35
N GLN A 459 -12.93 -49.65 30.78
CA GLN A 459 -12.34 -50.98 30.72
C GLN A 459 -12.33 -51.54 29.30
N ASP A 460 -13.05 -50.90 28.39
CA ASP A 460 -13.16 -51.36 27.01
C ASP A 460 -12.19 -50.65 26.08
N MET A 461 -11.89 -49.38 26.33
CA MET A 461 -11.06 -48.60 25.43
C MET A 461 -9.61 -49.06 25.48
N PHE A 462 -8.89 -48.77 24.40
CA PHE A 462 -7.49 -49.19 24.28
C PHE A 462 -6.60 -48.23 25.05
N SER A 463 -5.99 -48.71 26.11
CA SER A 463 -5.17 -47.88 26.98
C SER A 463 -4.31 -48.81 27.84
N ASP A 464 -3.40 -48.21 28.60
CA ASP A 464 -2.64 -49.00 29.57
C ASP A 464 -3.54 -49.49 30.70
N THR A 465 -4.61 -48.76 31.01
CA THR A 465 -5.54 -49.19 32.04
C THR A 465 -6.48 -50.29 31.57
N ALA A 466 -6.51 -50.58 30.27
CA ALA A 466 -7.39 -51.62 29.77
C ALA A 466 -6.71 -52.42 28.66
N ILE A 467 -7.33 -52.49 27.48
CA ILE A 467 -6.79 -53.27 26.38
C ILE A 467 -5.48 -52.63 25.93
N GLN A 468 -4.37 -53.32 26.12
CA GLN A 468 -3.06 -52.76 25.82
C GLN A 468 -2.69 -53.01 24.37
N LEU A 469 -1.92 -52.08 23.81
CA LEU A 469 -1.33 -52.21 22.48
C LEU A 469 0.13 -51.80 22.65
N GLN A 470 0.99 -52.75 22.93
CA GLN A 470 2.28 -52.24 23.33
C GLN A 470 3.27 -52.37 22.18
N PRO A 471 3.99 -51.30 21.87
CA PRO A 471 5.01 -51.37 20.82
C PRO A 471 6.14 -52.31 21.19
N VAL A 472 5.93 -53.61 21.01
CA VAL A 472 6.94 -54.57 21.43
C VAL A 472 8.21 -54.41 20.61
N PHE A 473 8.09 -54.15 19.31
CA PHE A 473 9.27 -54.04 18.47
C PHE A 473 10.07 -52.79 18.81
N ALA A 474 9.40 -51.65 18.98
CA ALA A 474 10.12 -50.43 19.33
C ALA A 474 10.80 -50.55 20.68
N GLN A 475 10.11 -51.15 21.65
CA GLN A 475 10.70 -51.34 22.97
C GLN A 475 11.89 -52.30 22.92
N TRP A 476 11.78 -53.35 22.11
CA TRP A 476 12.90 -54.27 21.96
C TRP A 476 14.10 -53.57 21.34
N VAL A 477 13.86 -52.72 20.34
CA VAL A 477 14.95 -51.98 19.72
C VAL A 477 15.59 -51.01 20.71
N GLN A 478 14.77 -50.35 21.54
CA GLN A 478 15.30 -49.46 22.56
C GLN A 478 16.21 -50.23 23.51
N ASN A 479 15.76 -51.40 23.97
CA ASN A 479 16.58 -52.21 24.87
C ASN A 479 17.87 -52.65 24.20
N THR A 480 17.79 -53.06 22.94
CA THR A 480 19.00 -53.48 22.24
C THR A 480 20.00 -52.36 22.12
N HIS A 481 19.53 -51.14 21.83
CA HIS A 481 20.44 -50.00 21.77
C HIS A 481 21.03 -49.70 23.13
N PHE A 482 20.24 -49.84 24.19
CA PHE A 482 20.75 -49.60 25.53
C PHE A 482 21.89 -50.57 25.87
N LEU A 483 21.72 -51.84 25.54
CA LEU A 483 22.69 -52.85 25.91
C LEU A 483 23.94 -52.85 25.01
N ALA A 484 24.08 -51.86 24.14
CA ALA A 484 25.17 -51.92 23.16
C ALA A 484 26.55 -51.66 23.77
N PRO A 485 26.79 -50.57 24.50
CA PRO A 485 28.16 -50.25 24.92
C PRO A 485 28.76 -51.32 25.82
N GLY A 486 29.83 -51.94 25.35
CA GLY A 486 30.49 -53.04 26.01
C GLY A 486 30.09 -54.40 25.49
N PHE A 487 28.95 -54.50 24.80
CA PHE A 487 28.51 -55.74 24.20
C PHE A 487 28.75 -55.70 22.69
N THR A 488 27.79 -55.16 21.94
CA THR A 488 27.92 -55.03 20.50
C THR A 488 28.62 -53.74 20.10
N ALA A 489 28.94 -52.87 21.04
CA ALA A 489 29.77 -51.69 20.81
C ALA A 489 30.87 -51.67 21.86
N PRO A 490 31.82 -52.59 21.76
CA PRO A 490 32.76 -52.80 22.87
C PRO A 490 33.58 -51.58 23.24
N ASN A 491 33.95 -50.75 22.27
CA ASN A 491 34.80 -49.59 22.52
C ASN A 491 34.01 -48.31 22.78
N ALA A 492 32.69 -48.39 22.87
CA ALA A 492 31.87 -47.25 23.23
C ALA A 492 31.59 -47.28 24.72
N LEU A 493 31.85 -46.16 25.40
CA LEU A 493 31.76 -46.12 26.86
C LEU A 493 30.34 -45.91 27.35
N ALA A 494 29.47 -45.30 26.54
CA ALA A 494 28.11 -45.03 26.98
C ALA A 494 27.19 -45.00 25.77
N SER A 495 25.90 -45.12 26.05
CA SER A 495 24.91 -45.14 24.98
C SER A 495 24.91 -43.82 24.23
N THR A 496 24.53 -43.89 22.95
CA THR A 496 24.57 -42.73 22.09
C THR A 496 23.56 -41.67 22.50
N SER A 497 22.52 -42.05 23.23
CA SER A 497 21.51 -41.12 23.63
C SER A 497 20.91 -41.56 24.96
N PRO A 498 20.57 -40.63 25.84
CA PRO A 498 19.91 -41.01 27.08
C PRO A 498 18.42 -41.27 26.88
N SER A 499 18.01 -41.49 25.63
CA SER A 499 16.62 -41.82 25.33
C SER A 499 16.39 -43.32 25.21
N TRP A 500 17.42 -44.10 24.92
CA TRP A 500 17.30 -45.55 24.95
C TRP A 500 17.01 -46.04 26.37
N GLY A 501 17.62 -45.41 27.34
CA GLY A 501 17.52 -45.86 28.71
C GLY A 501 18.74 -45.42 29.49
N GLY A 502 18.74 -45.75 30.78
CA GLY A 502 19.85 -45.37 31.62
C GLY A 502 19.48 -44.35 32.67
N ASP A 503 20.20 -43.24 32.71
CA ASP A 503 20.01 -42.22 33.74
C ASP A 503 19.42 -40.96 33.11
N VAL A 504 19.12 -40.00 33.98
CA VAL A 504 18.58 -38.72 33.57
C VAL A 504 19.71 -37.71 33.53
N VAL A 505 20.00 -37.19 32.35
CA VAL A 505 21.01 -36.15 32.17
C VAL A 505 20.33 -34.81 32.38
N ALA A 506 20.67 -34.15 33.48
CA ALA A 506 20.12 -32.86 33.84
C ALA A 506 21.25 -31.85 33.98
N VAL A 507 21.04 -30.66 33.43
CA VAL A 507 22.05 -29.62 33.41
C VAL A 507 21.46 -28.35 33.98
N GLY A 508 22.14 -27.79 34.99
CA GLY A 508 21.68 -26.55 35.59
C GLY A 508 20.31 -26.64 36.22
N GLY A 509 19.99 -27.76 36.84
CA GLY A 509 18.67 -27.95 37.41
C GLY A 509 17.59 -28.23 36.40
N LYS A 510 17.93 -28.35 35.13
CA LYS A 510 16.99 -28.64 34.06
C LYS A 510 17.38 -29.94 33.40
N VAL A 511 16.39 -30.76 33.07
CA VAL A 511 16.68 -32.03 32.42
C VAL A 511 17.13 -31.78 30.99
N ALA A 512 18.25 -32.39 30.61
CA ALA A 512 18.74 -32.33 29.24
C ALA A 512 18.20 -33.47 28.41
N MET A 513 18.17 -34.67 28.97
CA MET A 513 17.70 -35.86 28.25
C MET A 513 17.53 -37.02 29.21
N MET A 514 16.35 -37.63 29.22
CA MET A 514 16.05 -38.78 30.05
C MET A 514 15.34 -39.81 29.20
N PRO A 515 15.34 -41.08 29.62
CA PRO A 515 14.77 -42.14 28.78
C PRO A 515 13.32 -41.88 28.43
N ILE A 516 12.95 -42.21 27.19
CA ILE A 516 11.61 -42.00 26.68
C ILE A 516 10.92 -43.36 26.61
N SER A 517 9.78 -43.47 27.28
CA SER A 517 9.03 -44.70 27.31
C SER A 517 7.99 -44.71 26.20
N LEU A 518 7.79 -45.87 25.60
CA LEU A 518 6.81 -46.06 24.55
C LEU A 518 5.72 -47.01 25.03
N GLY A 519 4.47 -46.57 24.93
CA GLY A 519 3.34 -47.36 25.37
C GLY A 519 2.23 -47.33 24.34
N THR A 520 1.00 -47.52 24.82
CA THR A 520 -0.14 -47.60 23.92
C THR A 520 -0.36 -46.29 23.18
N ALA A 521 -0.22 -45.15 23.87
CA ALA A 521 -0.37 -43.88 23.20
C ALA A 521 0.70 -43.69 22.12
N ASP A 522 1.92 -44.12 22.40
CA ASP A 522 2.98 -44.06 21.40
C ASP A 522 2.69 -44.96 20.22
N PHE A 523 2.16 -46.16 20.48
CA PHE A 523 1.71 -47.04 19.42
C PHE A 523 0.68 -46.33 18.53
N LEU A 524 -0.32 -45.73 19.15
CA LEU A 524 -1.39 -45.08 18.40
C LEU A 524 -0.86 -43.93 17.57
N VAL A 525 0.00 -43.08 18.13
CA VAL A 525 0.49 -41.94 17.36
C VAL A 525 1.43 -42.40 16.25
N HIS A 526 2.22 -43.45 16.48
CA HIS A 526 3.08 -43.93 15.40
C HIS A 526 2.25 -44.47 14.24
N HIS A 527 1.14 -45.13 14.55
CA HIS A 527 0.30 -45.60 13.45
C HIS A 527 -0.45 -44.44 12.78
N ILE A 528 -0.75 -43.38 13.53
CA ILE A 528 -1.26 -42.17 12.89
C ILE A 528 -0.23 -41.60 11.93
N HIS A 529 1.04 -41.57 12.34
CA HIS A 529 2.09 -41.11 11.46
C HIS A 529 2.18 -41.96 10.21
N ALA A 530 2.12 -43.28 10.37
CA ALA A 530 2.16 -44.16 9.21
C ALA A 530 0.99 -43.90 8.28
N PHE A 531 -0.20 -43.70 8.83
CA PHE A 531 -1.38 -43.45 8.02
C PHE A 531 -1.24 -42.16 7.21
N THR A 532 -0.83 -41.08 7.87
CA THR A 532 -0.71 -39.79 7.16
C THR A 532 0.39 -39.85 6.10
N ILE A 533 1.53 -40.47 6.43
CA ILE A 533 2.61 -40.60 5.47
C ILE A 533 2.14 -41.40 4.26
N HIS A 534 1.39 -42.47 4.50
CA HIS A 534 0.96 -43.31 3.40
C HIS A 534 -0.04 -42.60 2.50
N VAL A 535 -0.96 -41.82 3.07
CA VAL A 535 -1.88 -41.09 2.21
C VAL A 535 -1.15 -40.03 1.40
N THR A 536 -0.17 -39.37 2.00
CA THR A 536 0.60 -38.38 1.25
C THR A 536 1.36 -39.03 0.10
N VAL A 537 2.02 -40.14 0.37
CA VAL A 537 2.77 -40.80 -0.70
C VAL A 537 1.81 -41.34 -1.74
N LEU A 538 0.59 -41.73 -1.35
CA LEU A 538 -0.39 -42.15 -2.33
C LEU A 538 -0.76 -41.02 -3.27
N ILE A 539 -1.05 -39.84 -2.71
CA ILE A 539 -1.42 -38.71 -3.57
C ILE A 539 -0.29 -38.37 -4.53
N LEU A 540 0.93 -38.25 -4.01
CA LEU A 540 2.02 -37.83 -4.86
C LEU A 540 2.37 -38.90 -5.90
N LEU A 541 2.34 -40.18 -5.50
CA LEU A 541 2.65 -41.27 -6.41
C LEU A 541 1.58 -41.38 -7.49
N LYS A 542 0.31 -41.23 -7.14
CA LYS A 542 -0.74 -41.27 -8.15
C LYS A 542 -0.59 -40.13 -9.14
N GLY A 543 -0.24 -38.94 -8.64
CA GLY A 543 0.01 -37.83 -9.55
C GLY A 543 1.14 -38.13 -10.52
N VAL A 544 2.26 -38.64 -10.01
CA VAL A 544 3.39 -38.97 -10.89
C VAL A 544 3.00 -40.03 -11.91
N LEU A 545 2.29 -41.07 -11.46
CA LEU A 545 2.00 -42.19 -12.36
C LEU A 545 1.00 -41.79 -13.43
N TYR A 546 -0.11 -41.15 -13.05
CA TYR A 546 -1.12 -40.75 -14.01
C TYR A 546 -0.90 -39.36 -14.56
N ALA A 547 0.33 -38.84 -14.47
CA ALA A 547 0.65 -37.57 -15.11
C ALA A 547 0.45 -37.62 -16.62
N ARG A 548 0.93 -38.69 -17.26
CA ARG A 548 0.89 -38.76 -18.72
C ARG A 548 -0.52 -39.04 -19.23
N SER A 549 -1.07 -40.17 -18.83
CA SER A 549 -2.34 -40.62 -19.37
C SER A 549 -3.22 -41.14 -18.25
N SER A 550 -4.46 -41.42 -18.59
CA SER A 550 -5.42 -42.03 -17.69
C SER A 550 -6.51 -42.64 -18.54
N ARG A 551 -7.13 -43.70 -18.04
CA ARG A 551 -8.27 -44.27 -18.76
C ARG A 551 -9.38 -43.25 -18.94
N LEU A 552 -9.44 -42.23 -18.08
CA LEU A 552 -10.42 -41.16 -18.22
C LEU A 552 -9.98 -40.14 -19.27
N ILE A 553 -8.75 -39.68 -19.20
CA ILE A 553 -8.21 -38.70 -20.15
C ILE A 553 -6.90 -39.21 -20.72
N PRO A 554 -6.92 -39.99 -21.80
CA PRO A 554 -5.67 -40.60 -22.31
C PRO A 554 -4.66 -39.59 -22.84
N ASP A 555 -5.10 -38.46 -23.39
CA ASP A 555 -4.18 -37.47 -23.93
C ASP A 555 -3.88 -36.39 -22.92
N LYS A 556 -3.73 -36.77 -21.65
CA LYS A 556 -3.52 -35.79 -20.60
C LYS A 556 -2.22 -35.03 -20.79
N ALA A 557 -1.16 -35.73 -21.17
CA ALA A 557 0.13 -35.06 -21.35
C ALA A 557 0.10 -34.06 -22.49
N ASN A 558 -0.89 -34.14 -23.38
CA ASN A 558 -1.03 -33.12 -24.41
C ASN A 558 -1.55 -31.82 -23.84
N LEU A 559 -2.24 -31.87 -22.70
CA LEU A 559 -2.75 -30.67 -22.06
C LEU A 559 -1.72 -30.00 -21.16
N GLY A 560 -0.59 -30.66 -20.91
CA GLY A 560 0.48 -30.08 -20.13
C GLY A 560 0.45 -30.53 -18.68
N PHE A 561 1.52 -30.17 -17.97
CA PHE A 561 1.62 -30.51 -16.56
C PHE A 561 0.64 -29.70 -15.71
N ARG A 562 0.38 -28.46 -16.09
CA ARG A 562 -0.39 -27.53 -15.26
C ARG A 562 -1.57 -27.01 -16.08
N PHE A 563 -2.70 -27.68 -15.98
CA PHE A 563 -3.95 -27.23 -16.60
C PHE A 563 -5.07 -27.46 -15.61
N PRO A 564 -6.12 -26.66 -15.67
CA PRO A 564 -7.18 -26.75 -14.66
C PRO A 564 -7.95 -28.05 -14.70
N CYS A 565 -8.57 -28.34 -15.84
CA CYS A 565 -9.52 -29.42 -15.95
C CYS A 565 -9.57 -29.85 -17.41
N ASP A 566 -10.59 -30.62 -17.76
CA ASP A 566 -10.90 -30.90 -19.14
C ASP A 566 -12.42 -30.89 -19.33
N GLY A 567 -13.04 -29.77 -19.00
CA GLY A 567 -14.45 -29.60 -19.23
C GLY A 567 -15.29 -30.40 -18.27
N PRO A 568 -16.59 -30.13 -18.24
CA PRO A 568 -17.49 -30.88 -17.38
C PRO A 568 -17.93 -32.21 -17.96
N GLY A 569 -17.27 -32.68 -18.99
CA GLY A 569 -17.63 -33.92 -19.62
C GLY A 569 -17.05 -35.10 -18.89
N ARG A 570 -17.51 -36.28 -19.29
CA ARG A 570 -17.17 -37.52 -18.62
C ARG A 570 -17.57 -37.47 -17.14
N GLY A 571 -18.61 -36.70 -16.83
CA GLY A 571 -19.05 -36.51 -15.46
C GLY A 571 -18.40 -35.38 -14.73
N GLY A 572 -17.33 -34.79 -15.27
CA GLY A 572 -16.58 -33.75 -14.59
C GLY A 572 -15.13 -34.16 -14.43
N THR A 573 -14.21 -33.35 -14.92
CA THR A 573 -12.79 -33.66 -14.87
C THR A 573 -12.01 -32.58 -14.17
N CYS A 574 -12.55 -32.09 -13.05
CA CYS A 574 -11.89 -31.07 -12.28
C CYS A 574 -10.62 -31.63 -11.65
N GLN A 575 -9.53 -30.88 -11.71
CA GLN A 575 -8.30 -31.23 -11.01
C GLN A 575 -7.76 -32.59 -11.43
N VAL A 576 -7.69 -32.82 -12.74
CA VAL A 576 -7.17 -34.09 -13.25
C VAL A 576 -5.68 -34.07 -13.54
N SER A 577 -5.03 -32.91 -13.41
CA SER A 577 -3.63 -32.80 -13.80
C SER A 577 -2.72 -33.34 -12.71
N ALA A 578 -1.41 -33.30 -12.98
CA ALA A 578 -0.43 -33.60 -11.95
C ALA A 578 -0.23 -32.43 -10.99
N TRP A 579 -0.38 -31.22 -11.49
CA TRP A 579 -0.24 -30.04 -10.64
C TRP A 579 -1.28 -30.05 -9.53
N ASP A 580 -2.52 -30.43 -9.84
CA ASP A 580 -3.54 -30.51 -8.81
C ASP A 580 -3.26 -31.64 -7.83
N HIS A 581 -2.58 -32.69 -8.29
CA HIS A 581 -2.14 -33.72 -7.36
C HIS A 581 -1.14 -33.18 -6.36
N VAL A 582 -0.20 -32.35 -6.83
CA VAL A 582 0.70 -31.67 -5.91
C VAL A 582 -0.08 -30.74 -4.99
N PHE A 583 -1.12 -30.10 -5.52
CA PHE A 583 -1.93 -29.18 -4.75
C PHE A 583 -2.60 -29.88 -3.58
N LEU A 584 -3.11 -31.09 -3.78
CA LEU A 584 -3.70 -31.86 -2.69
C LEU A 584 -2.64 -32.48 -1.78
N GLY A 585 -1.51 -32.87 -2.35
CA GLY A 585 -0.44 -33.42 -1.55
C GLY A 585 0.11 -32.41 -0.56
N LEU A 586 0.04 -31.12 -0.90
CA LEU A 586 0.45 -30.10 0.05
C LEU A 586 -0.41 -30.14 1.30
N PHE A 587 -1.72 -30.25 1.13
CA PHE A 587 -2.62 -30.34 2.28
C PHE A 587 -2.31 -31.57 3.12
N TRP A 588 -2.09 -32.71 2.47
CA TRP A 588 -1.85 -33.91 3.27
C TRP A 588 -0.50 -33.87 3.96
N MET A 589 0.52 -33.32 3.32
CA MET A 589 1.80 -33.14 3.99
C MET A 589 1.68 -32.20 5.17
N TYR A 590 0.89 -31.14 5.03
CA TYR A 590 0.65 -30.26 6.16
C TYR A 590 0.05 -31.02 7.32
N ASN A 591 -0.98 -31.82 7.05
CA ASN A 591 -1.61 -32.61 8.10
C ASN A 591 -0.60 -33.55 8.77
N SER A 592 0.19 -34.24 7.95
CA SER A 592 1.18 -35.17 8.47
C SER A 592 2.19 -34.49 9.37
N ILE A 593 2.84 -33.45 8.88
CA ILE A 593 3.89 -32.80 9.65
C ILE A 593 3.32 -32.14 10.89
N SER A 594 2.11 -31.58 10.79
CA SER A 594 1.48 -30.98 11.95
C SER A 594 1.23 -32.00 13.05
N ILE A 595 0.75 -33.19 12.69
CA ILE A 595 0.58 -34.21 13.71
C ILE A 595 1.91 -34.65 14.28
N VAL A 596 2.96 -34.69 13.45
CA VAL A 596 4.27 -35.09 13.94
C VAL A 596 4.78 -34.10 14.99
N ILE A 597 4.65 -32.81 14.70
CA ILE A 597 5.17 -31.82 15.64
C ILE A 597 4.31 -31.74 16.87
N PHE A 598 3.00 -31.96 16.75
CA PHE A 598 2.18 -32.05 17.95
C PHE A 598 2.62 -33.21 18.83
N HIS A 599 2.89 -34.36 18.23
CA HIS A 599 3.34 -35.52 18.99
C HIS A 599 4.66 -35.22 19.69
N PHE A 600 5.60 -34.61 18.98
CA PHE A 600 6.88 -34.27 19.59
C PHE A 600 6.71 -33.31 20.75
N SER A 601 5.91 -32.25 20.55
CA SER A 601 5.73 -31.26 21.59
C SER A 601 5.13 -31.88 22.84
N TRP A 602 4.03 -32.63 22.69
CA TRP A 602 3.40 -33.20 23.87
C TRP A 602 4.28 -34.22 24.54
N LYS A 603 4.93 -35.10 23.77
CA LYS A 603 5.74 -36.15 24.39
C LYS A 603 6.93 -35.56 25.13
N MET A 604 7.55 -34.51 24.58
CA MET A 604 8.70 -33.93 25.25
C MET A 604 8.28 -33.10 26.46
N GLN A 605 7.16 -32.38 26.37
CA GLN A 605 6.71 -31.64 27.53
C GLN A 605 6.12 -32.52 28.61
N SER A 606 5.78 -33.77 28.28
CA SER A 606 5.15 -34.65 29.24
C SER A 606 6.06 -35.76 29.77
N ASP A 607 7.15 -36.09 29.08
CA ASP A 607 7.95 -37.24 29.49
C ASP A 607 9.45 -37.00 29.44
N VAL A 608 9.91 -35.81 29.05
CA VAL A 608 11.34 -35.54 29.00
C VAL A 608 11.66 -34.21 29.66
N TRP A 609 11.17 -33.12 29.07
CA TRP A 609 11.51 -31.80 29.56
C TRP A 609 10.93 -31.56 30.95
N GLY A 610 11.67 -30.84 31.76
CA GLY A 610 11.25 -30.54 33.11
C GLY A 610 12.43 -30.08 33.94
N THR A 611 12.19 -30.03 35.24
CA THR A 611 13.20 -29.62 36.20
C THR A 611 13.45 -30.75 37.20
N VAL A 612 14.70 -30.93 37.58
CA VAL A 612 15.05 -31.90 38.61
C VAL A 612 15.02 -31.23 39.97
N SER A 613 14.24 -31.80 40.89
CA SER A 613 14.04 -31.25 42.23
C SER A 613 14.74 -32.07 43.30
N ALA A 614 15.92 -32.61 42.99
CA ALA A 614 16.74 -33.37 43.93
C ALA A 614 16.05 -34.62 44.45
N ASN A 615 14.91 -34.98 43.88
CA ASN A 615 14.18 -36.17 44.28
C ASN A 615 13.41 -36.80 43.12
N GLY A 616 13.44 -36.21 41.95
CA GLY A 616 12.71 -36.69 40.80
C GLY A 616 12.45 -35.55 39.83
N VAL A 617 12.14 -35.92 38.61
CA VAL A 617 11.92 -34.94 37.55
C VAL A 617 10.46 -34.52 37.56
N SER A 618 10.22 -33.21 37.61
CA SER A 618 8.89 -32.64 37.59
C SER A 618 8.66 -32.04 36.20
N HIS A 619 8.02 -32.81 35.32
CA HIS A 619 7.87 -32.41 33.93
C HIS A 619 6.93 -31.22 33.80
N ILE A 620 6.95 -30.60 32.62
CA ILE A 620 6.20 -29.38 32.40
C ILE A 620 4.71 -29.63 32.56
N THR A 621 4.20 -30.70 31.94
CA THR A 621 2.78 -31.01 32.01
C THR A 621 2.45 -32.10 33.01
N GLY A 622 3.45 -32.86 33.48
CA GLY A 622 3.22 -33.81 34.55
C GLY A 622 2.96 -35.25 34.12
N GLY A 623 3.20 -35.60 32.87
CA GLY A 623 3.05 -36.97 32.45
C GLY A 623 1.71 -37.35 31.88
N ASN A 624 0.88 -36.37 31.52
CA ASN A 624 -0.48 -36.66 31.07
C ASN A 624 -0.54 -37.24 29.66
N PHE A 625 0.57 -37.27 28.92
CA PHE A 625 0.57 -37.89 27.60
C PHE A 625 0.24 -39.37 27.69
N ALA A 626 0.79 -40.06 28.68
CA ALA A 626 0.64 -41.50 28.74
C ALA A 626 -0.81 -41.92 28.93
N GLN A 627 -1.62 -41.10 29.60
CA GLN A 627 -3.00 -41.48 29.89
C GLN A 627 -4.04 -40.69 29.12
N SER A 628 -3.71 -39.49 28.64
CA SER A 628 -4.70 -38.64 27.98
C SER A 628 -4.59 -38.63 26.47
N ALA A 629 -3.44 -39.01 25.91
CA ALA A 629 -3.28 -39.00 24.46
C ALA A 629 -4.06 -40.10 23.76
N ASN A 630 -4.74 -40.96 24.50
CA ASN A 630 -5.45 -42.08 23.89
C ASN A 630 -6.74 -41.66 23.23
N THR A 631 -7.19 -40.43 23.44
CA THR A 631 -8.49 -39.97 22.96
C THR A 631 -8.34 -38.63 22.26
N ILE A 632 -9.28 -38.34 21.36
CA ILE A 632 -9.26 -37.06 20.67
C ILE A 632 -9.56 -35.93 21.64
N ASN A 633 -10.50 -36.15 22.55
CA ASN A 633 -10.78 -35.14 23.57
C ASN A 633 -9.55 -34.88 24.42
N GLY A 634 -8.71 -35.89 24.61
CA GLY A 634 -7.45 -35.68 25.32
C GLY A 634 -6.54 -34.70 24.62
N TRP A 635 -6.47 -34.77 23.30
CA TRP A 635 -5.67 -33.81 22.55
C TRP A 635 -6.32 -32.43 22.54
N LEU A 636 -7.64 -32.38 22.44
CA LEU A 636 -8.30 -31.07 22.39
C LEU A 636 -8.27 -30.36 23.73
N ARG A 637 -8.23 -31.12 24.82
CA ARG A 637 -8.34 -30.56 26.17
C ARG A 637 -7.00 -30.49 26.89
N ASP A 638 -6.23 -31.57 26.87
CA ASP A 638 -5.01 -31.66 27.67
C ASP A 638 -3.77 -31.22 26.92
N PHE A 639 -3.91 -30.79 25.68
CA PHE A 639 -2.77 -30.31 24.90
C PHE A 639 -3.07 -29.03 24.14
N LEU A 640 -4.29 -28.79 23.72
CA LEU A 640 -4.57 -27.73 22.78
C LEU A 640 -5.36 -26.62 23.44
N TRP A 641 -6.32 -26.98 24.30
CA TRP A 641 -6.95 -26.01 25.18
C TRP A 641 -6.03 -25.64 26.34
N ALA A 642 -5.36 -26.63 26.92
CA ALA A 642 -4.55 -26.39 28.11
C ALA A 642 -3.29 -25.60 27.77
N GLN A 643 -2.56 -26.02 26.74
CA GLN A 643 -1.28 -25.39 26.44
C GLN A 643 -1.40 -24.09 25.68
N SER A 644 -2.61 -23.72 25.27
CA SER A 644 -2.85 -22.44 24.62
C SER A 644 -3.02 -21.32 25.64
N SER A 645 -2.98 -21.64 26.93
CA SER A 645 -3.16 -20.63 27.97
C SER A 645 -2.05 -19.59 27.93
N GLN A 646 -0.86 -19.96 27.47
CA GLN A 646 0.26 -19.04 27.45
C GLN A 646 0.25 -18.11 26.25
N VAL A 647 -0.57 -18.38 25.23
CA VAL A 647 -0.59 -17.56 24.03
C VAL A 647 -1.75 -16.59 24.03
N ILE A 648 -2.90 -17.01 24.55
CA ILE A 648 -4.06 -16.12 24.61
C ILE A 648 -3.97 -15.16 25.78
N GLN A 649 -3.10 -15.42 26.74
CA GLN A 649 -2.91 -14.54 27.88
C GLN A 649 -1.58 -13.80 27.80
N SER A 650 -1.13 -13.49 26.59
CA SER A 650 0.17 -12.89 26.36
C SER A 650 0.12 -11.39 26.14
N TYR A 651 -1.05 -10.77 26.24
CA TYR A 651 -1.16 -9.35 25.96
C TYR A 651 -0.52 -8.51 27.07
N GLY A 652 0.28 -7.52 26.67
CA GLY A 652 0.99 -6.70 27.61
C GLY A 652 2.33 -7.22 28.06
N SER A 653 2.81 -8.31 27.47
CA SER A 653 4.08 -8.89 27.82
C SER A 653 5.02 -8.82 26.62
N ALA A 654 6.20 -9.41 26.77
CA ALA A 654 7.12 -9.48 25.64
C ALA A 654 6.69 -10.52 24.62
N LEU A 655 5.92 -11.51 25.05
CA LEU A 655 5.35 -12.50 24.14
C LEU A 655 4.09 -12.01 23.48
N SER A 656 3.75 -10.73 23.67
CA SER A 656 2.52 -10.19 23.10
C SER A 656 2.50 -10.36 21.59
N ALA A 657 3.65 -10.27 20.94
CA ALA A 657 3.70 -10.48 19.49
C ALA A 657 3.22 -11.87 19.13
N TYR A 658 3.63 -12.88 19.90
CA TYR A 658 3.15 -14.23 19.65
C TYR A 658 1.65 -14.32 19.87
N GLY A 659 1.09 -13.44 20.70
CA GLY A 659 -0.35 -13.42 20.85
C GLY A 659 -1.05 -12.82 19.65
N LEU A 660 -0.37 -11.96 18.91
CA LEU A 660 -0.99 -11.35 17.74
C LEU A 660 -0.94 -12.28 16.55
N ILE A 661 0.23 -12.81 16.25
CA ILE A 661 0.38 -13.71 15.10
C ILE A 661 -0.53 -14.92 15.26
N PHE A 662 -0.60 -15.47 16.47
CA PHE A 662 -1.52 -16.57 16.74
C PHE A 662 -2.93 -16.22 16.29
N LEU A 663 -3.39 -15.02 16.59
CA LEU A 663 -4.68 -14.57 16.07
C LEU A 663 -4.58 -14.27 14.59
N GLY A 664 -3.54 -13.55 14.19
CA GLY A 664 -3.46 -13.12 12.80
C GLY A 664 -3.41 -14.29 11.84
N ALA A 665 -2.66 -15.33 12.19
CA ALA A 665 -2.62 -16.53 11.36
C ALA A 665 -3.99 -17.16 11.24
N HIS A 666 -4.78 -17.16 12.32
CA HIS A 666 -6.15 -17.64 12.25
C HIS A 666 -6.92 -16.92 11.17
N PHE A 667 -6.64 -15.64 10.96
CA PHE A 667 -7.24 -14.92 9.86
C PHE A 667 -6.81 -15.52 8.53
N VAL A 668 -5.50 -15.63 8.32
CA VAL A 668 -4.99 -16.00 7.00
C VAL A 668 -5.54 -17.35 6.58
N TRP A 669 -5.46 -18.33 7.48
CA TRP A 669 -6.01 -19.64 7.20
C TRP A 669 -7.47 -19.54 6.78
N ALA A 670 -8.28 -18.85 7.57
CA ALA A 670 -9.69 -18.72 7.22
C ALA A 670 -9.84 -17.98 5.90
N PHE A 671 -9.00 -16.96 5.68
CA PHE A 671 -9.03 -16.25 4.42
C PHE A 671 -8.79 -17.18 3.26
N SER A 672 -7.90 -18.16 3.44
CA SER A 672 -7.60 -19.11 2.38
C SER A 672 -8.85 -19.79 1.88
N LEU A 673 -9.82 -20.01 2.75
CA LEU A 673 -11.02 -20.74 2.37
C LEU A 673 -11.77 -20.03 1.26
N MET A 674 -11.77 -18.68 1.28
CA MET A 674 -12.27 -17.90 0.16
C MET A 674 -11.85 -18.50 -1.17
N PHE A 675 -10.56 -18.80 -1.31
CA PHE A 675 -10.02 -19.21 -2.59
C PHE A 675 -10.23 -20.69 -2.87
N LEU A 676 -10.53 -21.48 -1.85
CA LEU A 676 -10.57 -22.92 -2.01
C LEU A 676 -11.97 -23.46 -2.19
N PHE A 677 -12.99 -22.71 -1.78
CA PHE A 677 -14.36 -23.13 -1.94
C PHE A 677 -15.06 -22.45 -3.11
N SER A 678 -14.50 -21.34 -3.60
CA SER A 678 -15.12 -20.55 -4.64
C SER A 678 -14.59 -20.95 -6.00
N GLY A 679 -15.25 -20.44 -7.04
CA GLY A 679 -14.86 -20.71 -8.40
C GLY A 679 -14.75 -19.42 -9.18
N ARG A 680 -14.09 -19.52 -10.32
CA ARG A 680 -13.67 -18.33 -11.05
C ARG A 680 -14.87 -17.58 -11.65
N GLY A 681 -15.95 -18.28 -11.98
CA GLY A 681 -17.05 -17.63 -12.67
C GLY A 681 -17.75 -16.58 -11.84
N TYR A 682 -18.03 -16.91 -10.58
CA TYR A 682 -18.63 -15.94 -9.68
C TYR A 682 -17.81 -14.67 -9.65
N TRP A 683 -16.49 -14.83 -9.52
CA TRP A 683 -15.62 -13.68 -9.39
C TRP A 683 -15.56 -12.88 -10.67
N GLN A 684 -15.59 -13.56 -11.82
CA GLN A 684 -15.58 -12.82 -13.07
C GLN A 684 -16.82 -11.97 -13.23
N GLU A 685 -18.00 -12.49 -12.88
CA GLU A 685 -19.19 -11.67 -13.05
C GLU A 685 -19.27 -10.57 -11.98
N LEU A 686 -18.78 -10.83 -10.78
CA LEU A 686 -18.68 -9.78 -9.78
C LEU A 686 -17.76 -8.65 -10.25
N ILE A 687 -16.60 -9.02 -10.79
CA ILE A 687 -15.69 -8.03 -11.34
C ILE A 687 -16.31 -7.30 -12.52
N GLU A 688 -17.20 -7.96 -13.25
CA GLU A 688 -17.90 -7.28 -14.33
C GLU A 688 -18.77 -6.16 -13.80
N SER A 689 -19.50 -6.41 -12.72
CA SER A 689 -20.28 -5.34 -12.10
C SER A 689 -19.38 -4.22 -11.58
N ILE A 690 -18.25 -4.58 -10.97
CA ILE A 690 -17.30 -3.58 -10.48
C ILE A 690 -16.79 -2.72 -11.63
N VAL A 691 -16.48 -3.36 -12.77
CA VAL A 691 -15.97 -2.63 -13.91
C VAL A 691 -17.04 -1.72 -14.48
N TRP A 692 -18.31 -2.12 -14.44
CA TRP A 692 -19.35 -1.19 -14.83
C TRP A 692 -19.35 0.05 -13.95
N ALA A 693 -19.20 -0.15 -12.63
CA ALA A 693 -19.15 0.99 -11.73
C ALA A 693 -18.01 1.93 -12.10
N HIS A 694 -16.86 1.36 -12.43
CA HIS A 694 -15.72 2.20 -12.84
C HIS A 694 -15.97 2.89 -14.17
N ASN A 695 -16.58 2.19 -15.12
CA ASN A 695 -16.87 2.76 -16.42
C ASN A 695 -17.77 3.97 -16.30
N LYS A 696 -18.74 3.92 -15.39
CA LYS A 696 -19.67 5.03 -15.22
C LYS A 696 -18.95 6.33 -14.86
N LEU A 697 -17.75 6.25 -14.28
CA LEU A 697 -16.99 7.42 -13.88
C LEU A 697 -15.70 7.59 -14.66
N LYS A 698 -15.58 6.97 -15.82
CA LYS A 698 -14.42 7.12 -16.70
C LYS A 698 -13.11 6.68 -16.03
N VAL A 699 -13.18 5.84 -15.02
CA VAL A 699 -11.96 5.36 -14.37
C VAL A 699 -11.85 3.87 -14.64
N ALA A 700 -12.10 3.48 -15.89
CA ALA A 700 -11.76 2.08 -16.01
C ALA A 700 -10.32 1.92 -16.47
N PRO A 701 -9.62 0.89 -16.01
CA PRO A 701 -8.24 0.69 -16.46
C PRO A 701 -8.23 0.21 -17.90
N ALA A 702 -7.11 0.49 -18.59
CA ALA A 702 -6.94 -0.06 -19.93
C ALA A 702 -6.46 -1.51 -19.88
N ILE A 703 -5.86 -1.93 -18.77
CA ILE A 703 -5.53 -3.32 -18.45
C ILE A 703 -6.70 -4.02 -17.78
N GLN A 704 -7.23 -5.08 -18.42
CA GLN A 704 -8.47 -5.66 -17.92
C GLN A 704 -8.38 -6.34 -16.58
N PRO A 705 -9.18 -5.94 -15.61
CA PRO A 705 -9.14 -6.74 -14.40
C PRO A 705 -9.79 -8.07 -14.78
N ARG A 706 -9.05 -9.15 -14.59
CA ARG A 706 -9.54 -10.51 -14.83
C ARG A 706 -9.42 -11.27 -13.54
N ALA A 707 -10.44 -12.06 -13.22
CA ALA A 707 -10.35 -12.90 -12.06
C ALA A 707 -9.21 -13.90 -12.23
N LEU A 708 -8.70 -14.36 -11.11
CA LEU A 708 -7.55 -15.26 -11.13
C LEU A 708 -7.91 -16.54 -11.88
N SER A 709 -6.94 -17.09 -12.59
CA SER A 709 -7.17 -18.35 -13.27
C SER A 709 -7.51 -19.45 -12.26
N ILE A 710 -8.06 -20.56 -12.76
CA ILE A 710 -8.43 -21.65 -11.88
C ILE A 710 -7.20 -22.19 -11.15
N THR A 711 -6.12 -22.40 -11.90
CA THR A 711 -4.88 -22.87 -11.30
C THR A 711 -4.36 -21.86 -10.29
N GLN A 712 -4.43 -20.57 -10.60
CA GLN A 712 -3.94 -19.58 -9.65
C GLN A 712 -4.86 -19.45 -8.45
N GLY A 713 -6.16 -19.60 -8.64
CA GLY A 713 -7.05 -19.63 -7.49
C GLY A 713 -6.69 -20.74 -6.52
N ARG A 714 -6.45 -21.94 -7.06
CA ARG A 714 -6.04 -23.05 -6.21
C ARG A 714 -4.68 -22.80 -5.56
N ALA A 715 -3.73 -22.23 -6.31
CA ALA A 715 -2.41 -21.97 -5.76
C ALA A 715 -2.46 -20.94 -4.63
N VAL A 716 -3.23 -19.87 -4.82
CA VAL A 716 -3.38 -18.87 -3.78
C VAL A 716 -4.04 -19.48 -2.55
N GLY A 717 -5.09 -20.29 -2.77
CA GLY A 717 -5.75 -20.92 -1.64
C GLY A 717 -4.81 -21.79 -0.83
N VAL A 718 -4.02 -22.64 -1.50
CA VAL A 718 -3.14 -23.54 -0.76
C VAL A 718 -2.03 -22.75 -0.08
N ALA A 719 -1.51 -21.72 -0.74
CA ALA A 719 -0.46 -20.91 -0.11
C ALA A 719 -0.97 -20.27 1.17
N HIS A 720 -2.19 -19.70 1.14
CA HIS A 720 -2.73 -19.08 2.33
C HIS A 720 -3.05 -20.09 3.41
N TYR A 721 -3.58 -21.25 3.03
CA TYR A 721 -3.87 -22.28 4.01
C TYR A 721 -2.62 -22.69 4.76
N LEU A 722 -1.55 -23.00 4.02
CA LEU A 722 -0.32 -23.42 4.65
C LEU A 722 0.29 -22.30 5.48
N LEU A 723 0.27 -21.07 4.97
CA LEU A 723 0.80 -19.94 5.73
C LEU A 723 0.07 -19.78 7.05
N GLY A 724 -1.26 -19.76 7.01
CA GLY A 724 -2.03 -19.58 8.23
C GLY A 724 -1.80 -20.69 9.23
N GLY A 725 -1.86 -21.94 8.77
CA GLY A 725 -1.68 -23.05 9.70
C GLY A 725 -0.29 -23.05 10.33
N ILE A 726 0.74 -22.88 9.51
CA ILE A 726 2.09 -22.95 10.02
C ILE A 726 2.38 -21.78 10.95
N ALA A 727 1.86 -20.59 10.63
CA ALA A 727 2.09 -19.46 11.52
C ALA A 727 1.36 -19.64 12.84
N THR A 728 0.15 -20.19 12.83
CA THR A 728 -0.54 -20.46 14.08
C THR A 728 0.26 -21.42 14.95
N THR A 729 0.73 -22.53 14.37
CA THR A 729 1.48 -23.50 15.15
C THR A 729 2.80 -22.91 15.64
N TRP A 730 3.46 -22.11 14.79
CA TRP A 730 4.72 -21.49 15.17
C TRP A 730 4.56 -20.55 16.35
N SER A 731 3.56 -19.66 16.28
CA SER A 731 3.34 -18.74 17.39
C SER A 731 2.93 -19.46 18.66
N PHE A 732 2.04 -20.45 18.54
CA PHE A 732 1.63 -21.22 19.71
C PHE A 732 2.81 -21.91 20.36
N PHE A 733 3.62 -22.61 19.57
CA PHE A 733 4.80 -23.28 20.10
C PHE A 733 5.72 -22.30 20.78
N LEU A 734 6.03 -21.19 20.12
CA LEU A 734 7.01 -20.25 20.66
C LEU A 734 6.53 -19.61 21.94
N ALA A 735 5.28 -19.14 21.97
CA ALA A 735 4.78 -18.53 23.19
C ALA A 735 4.72 -19.53 24.33
N ARG A 736 4.25 -20.75 24.06
CA ARG A 736 4.21 -21.77 25.10
C ARG A 736 5.61 -22.02 25.67
N ILE A 737 6.60 -22.22 24.79
CA ILE A 737 7.94 -22.59 25.23
C ILE A 737 8.75 -21.41 25.75
N LEU A 738 8.35 -20.19 25.47
CA LEU A 738 9.05 -19.06 26.02
C LEU A 738 8.39 -18.51 27.29
N ALA A 739 7.16 -18.95 27.59
CA ALA A 739 6.55 -18.62 28.87
C ALA A 739 6.75 -19.70 29.93
N VAL A 740 6.86 -20.97 29.54
CA VAL A 740 7.26 -22.02 30.48
C VAL A 740 8.58 -22.59 30.00
N GLY A 741 8.94 -23.79 30.44
CA GLY A 741 10.16 -24.42 30.00
C GLY A 741 11.32 -24.26 30.96
N LYS B 1 -33.43 -50.70 -12.73
CA LYS B 1 -33.06 -49.43 -13.32
C LYS B 1 -34.28 -48.58 -13.64
N LEU B 2 -35.35 -48.74 -12.86
CA LEU B 2 -36.57 -47.96 -13.04
C LEU B 2 -36.99 -47.25 -11.76
N PHE B 3 -36.07 -47.02 -10.83
CA PHE B 3 -36.45 -46.34 -9.59
C PHE B 3 -36.96 -44.92 -9.80
N PRO B 4 -36.26 -44.03 -10.51
CA PRO B 4 -36.81 -42.68 -10.69
C PRO B 4 -38.03 -42.71 -11.59
N LYS B 5 -39.16 -43.08 -11.00
CA LYS B 5 -40.41 -43.20 -11.75
C LYS B 5 -40.80 -41.89 -12.42
N PHE B 6 -40.36 -40.76 -11.88
CA PHE B 6 -40.74 -39.44 -12.38
C PHE B 6 -39.81 -38.90 -13.44
N SER B 7 -38.66 -39.54 -13.68
CA SER B 7 -37.67 -39.00 -14.60
C SER B 7 -37.13 -40.13 -15.48
N GLN B 8 -37.59 -40.17 -16.73
CA GLN B 8 -37.09 -41.16 -17.66
C GLN B 8 -35.61 -40.95 -17.99
N ALA B 9 -35.15 -39.70 -17.97
CA ALA B 9 -33.75 -39.43 -18.27
C ALA B 9 -32.83 -40.08 -17.26
N LEU B 10 -33.19 -40.02 -15.97
CA LEU B 10 -32.36 -40.61 -14.93
C LEU B 10 -32.58 -42.11 -14.80
N ALA B 11 -33.74 -42.62 -15.21
CA ALA B 11 -33.99 -44.05 -15.14
C ALA B 11 -32.99 -44.83 -15.99
N GLN B 12 -32.69 -44.33 -17.18
CA GLN B 12 -31.78 -45.00 -18.10
C GLN B 12 -30.31 -44.84 -17.72
N ASP B 13 -30.02 -44.09 -16.66
CA ASP B 13 -28.64 -43.94 -16.23
C ASP B 13 -28.09 -45.27 -15.76
N PRO B 14 -26.96 -45.73 -16.29
CA PRO B 14 -26.40 -47.02 -15.87
C PRO B 14 -25.57 -46.97 -14.60
N THR B 15 -25.46 -45.82 -13.94
CA THR B 15 -24.52 -45.63 -12.84
C THR B 15 -25.27 -45.50 -11.52
N THR B 16 -24.51 -45.21 -10.45
CA THR B 16 -25.11 -44.95 -9.16
C THR B 16 -25.75 -43.58 -9.11
N ARG B 17 -25.41 -42.71 -10.05
CA ARG B 17 -26.00 -41.37 -10.09
C ARG B 17 -27.51 -41.44 -10.07
N ARG B 18 -28.06 -42.44 -10.77
CA ARG B 18 -29.51 -42.60 -10.86
C ARG B 18 -30.16 -42.65 -9.49
N ILE B 19 -29.48 -43.24 -8.50
CA ILE B 19 -30.02 -43.24 -7.15
C ILE B 19 -29.92 -41.85 -6.55
N TRP B 20 -28.72 -41.28 -6.54
CA TRP B 20 -28.49 -39.99 -5.89
C TRP B 20 -29.46 -38.95 -6.42
N PHE B 21 -29.35 -38.65 -7.71
CA PHE B 21 -30.24 -37.67 -8.32
C PHE B 21 -31.69 -38.12 -8.26
N GLY B 22 -31.95 -39.42 -8.17
CA GLY B 22 -33.30 -39.90 -8.05
C GLY B 22 -33.95 -39.55 -6.73
N ILE B 23 -33.15 -39.28 -5.71
CA ILE B 23 -33.66 -38.84 -4.42
C ILE B 23 -33.84 -37.33 -4.39
N ALA B 24 -32.82 -36.61 -4.86
CA ALA B 24 -32.78 -35.16 -4.74
C ALA B 24 -33.72 -34.45 -5.69
N THR B 25 -34.35 -35.14 -6.62
CA THR B 25 -35.31 -34.52 -7.53
C THR B 25 -36.72 -35.04 -7.31
N ALA B 26 -36.97 -35.69 -6.18
CA ALA B 26 -38.26 -36.33 -5.94
C ALA B 26 -39.37 -35.33 -5.66
N HIS B 27 -39.05 -34.12 -5.19
CA HIS B 27 -40.07 -33.13 -4.85
C HIS B 27 -40.16 -32.00 -5.86
N ASP B 28 -39.23 -31.90 -6.81
CA ASP B 28 -39.34 -30.91 -7.86
C ASP B 28 -40.35 -31.43 -8.88
N PHE B 29 -41.62 -31.18 -8.59
CA PHE B 29 -42.68 -31.71 -9.44
C PHE B 29 -42.70 -31.06 -10.81
N GLU B 30 -42.34 -29.78 -10.90
CA GLU B 30 -42.37 -29.09 -12.18
C GLU B 30 -41.43 -29.70 -13.20
N SER B 31 -40.38 -30.38 -12.74
CA SER B 31 -39.41 -31.00 -13.63
C SER B 31 -39.75 -32.44 -13.96
N HIS B 32 -40.80 -32.98 -13.37
CA HIS B 32 -41.17 -34.37 -13.60
C HIS B 32 -41.77 -34.54 -15.01
N ASP B 33 -41.67 -35.75 -15.51
CA ASP B 33 -42.14 -36.05 -16.86
C ASP B 33 -43.66 -36.10 -16.92
N GLY B 34 -44.22 -35.50 -17.96
CA GLY B 34 -45.66 -35.52 -18.18
C GLY B 34 -46.44 -34.81 -17.11
N MET B 35 -46.05 -33.57 -16.82
CA MET B 35 -46.57 -32.84 -15.68
C MET B 35 -47.37 -31.64 -16.16
N THR B 36 -48.62 -31.54 -15.74
CA THR B 36 -49.48 -30.41 -16.09
C THR B 36 -49.65 -29.52 -14.88
N GLU B 37 -50.13 -28.30 -15.13
CA GLU B 37 -50.34 -27.34 -14.04
C GLU B 37 -51.38 -27.85 -13.06
N GLU B 38 -52.47 -28.44 -13.57
CA GLU B 38 -53.48 -29.02 -12.72
C GLU B 38 -52.88 -30.07 -11.80
N ARG B 39 -52.15 -31.02 -12.37
CA ARG B 39 -51.57 -32.10 -11.58
C ARG B 39 -50.55 -31.57 -10.59
N LEU B 40 -49.74 -30.59 -11.01
CA LEU B 40 -48.76 -29.99 -10.11
C LEU B 40 -49.45 -29.39 -8.90
N TYR B 41 -50.51 -28.61 -9.11
CA TYR B 41 -51.18 -27.97 -7.99
C TYR B 41 -51.83 -29.01 -7.09
N GLN B 42 -52.42 -30.06 -7.66
CA GLN B 42 -53.05 -31.08 -6.83
C GLN B 42 -52.03 -31.86 -6.00
N LYS B 43 -50.90 -32.22 -6.61
CA LYS B 43 -49.85 -32.92 -5.87
C LYS B 43 -49.31 -32.06 -4.75
N ILE B 44 -49.11 -30.77 -5.03
CA ILE B 44 -48.64 -29.84 -4.00
C ILE B 44 -49.62 -29.75 -2.85
N PHE B 45 -50.91 -29.68 -3.16
CA PHE B 45 -51.94 -29.57 -2.12
C PHE B 45 -51.91 -30.79 -1.20
N ALA B 46 -51.80 -31.98 -1.80
CA ALA B 46 -51.73 -33.19 -0.97
C ALA B 46 -50.45 -33.24 -0.15
N SER B 47 -49.34 -32.77 -0.71
CA SER B 47 -48.09 -32.73 0.05
C SER B 47 -48.21 -31.80 1.25
N HIS B 48 -48.91 -30.67 1.08
CA HIS B 48 -49.15 -29.79 2.22
C HIS B 48 -49.95 -30.49 3.30
N PHE B 49 -50.95 -31.27 2.91
CA PHE B 49 -51.70 -32.03 3.91
C PHE B 49 -50.78 -32.98 4.66
N GLY B 50 -49.88 -33.65 3.94
CA GLY B 50 -48.91 -34.50 4.61
C GLY B 50 -48.02 -33.74 5.58
N GLN B 51 -47.63 -32.52 5.21
CA GLN B 51 -46.80 -31.72 6.10
C GLN B 51 -47.53 -31.36 7.38
N LEU B 52 -48.79 -30.93 7.30
CA LEU B 52 -49.53 -30.64 8.53
C LEU B 52 -49.71 -31.88 9.38
N ALA B 53 -49.95 -33.02 8.75
CA ALA B 53 -50.01 -34.24 9.54
C ALA B 53 -48.69 -34.47 10.29
N ILE B 54 -47.56 -34.24 9.62
CA ILE B 54 -46.27 -34.40 10.28
C ILE B 54 -46.15 -33.46 11.47
N ILE B 55 -46.54 -32.21 11.29
CA ILE B 55 -46.42 -31.23 12.37
C ILE B 55 -47.28 -31.63 13.57
N PHE B 56 -48.51 -32.04 13.30
CA PHE B 56 -49.39 -32.43 14.40
C PHE B 56 -48.87 -33.69 15.11
N LEU B 57 -48.32 -34.63 14.37
CA LEU B 57 -47.75 -35.82 15.00
C LEU B 57 -46.54 -35.46 15.85
N TRP B 58 -45.71 -34.53 15.39
CA TRP B 58 -44.54 -34.14 16.16
C TRP B 58 -44.93 -33.47 17.46
N THR B 59 -45.90 -32.55 17.41
CA THR B 59 -46.32 -31.91 18.65
C THR B 59 -47.04 -32.89 19.57
N SER B 60 -47.81 -33.84 19.01
CA SER B 60 -48.43 -34.86 19.83
C SER B 60 -47.38 -35.75 20.49
N GLY B 61 -46.30 -36.05 19.78
CA GLY B 61 -45.23 -36.84 20.37
C GLY B 61 -44.54 -36.11 21.52
N ASN B 62 -44.28 -34.81 21.34
CA ASN B 62 -43.74 -34.02 22.43
C ASN B 62 -44.65 -34.10 23.66
N LEU B 63 -45.93 -33.86 23.46
CA LEU B 63 -46.88 -33.88 24.57
C LEU B 63 -46.92 -35.25 25.23
N PHE B 64 -46.95 -36.32 24.43
CA PHE B 64 -47.04 -37.66 24.99
C PHE B 64 -45.80 -38.00 25.80
N HIS B 65 -44.62 -37.62 25.31
CA HIS B 65 -43.41 -37.96 26.04
C HIS B 65 -43.30 -37.17 27.32
N VAL B 66 -43.69 -35.91 27.31
CA VAL B 66 -43.67 -35.17 28.57
C VAL B 66 -44.70 -35.71 29.55
N ALA B 67 -45.88 -36.09 29.05
CA ALA B 67 -46.89 -36.65 29.94
C ALA B 67 -46.47 -38.01 30.47
N TRP B 68 -45.76 -38.79 29.67
CA TRP B 68 -45.45 -40.16 30.02
C TRP B 68 -44.16 -40.24 30.80
N GLN B 69 -43.08 -39.66 30.26
CA GLN B 69 -41.77 -39.75 30.89
C GLN B 69 -41.28 -38.44 31.51
N GLY B 70 -42.05 -37.36 31.43
CA GLY B 70 -41.62 -36.09 31.99
C GLY B 70 -42.17 -35.87 33.39
N ASN B 71 -41.57 -34.93 34.11
CA ASN B 71 -41.98 -34.62 35.48
C ASN B 71 -42.77 -33.33 35.54
N PHE B 72 -43.82 -33.22 34.71
CA PHE B 72 -44.58 -31.98 34.64
C PHE B 72 -45.28 -31.66 35.97
N GLU B 73 -45.90 -32.67 36.59
CA GLU B 73 -46.60 -32.44 37.84
C GLU B 73 -45.66 -31.92 38.91
N GLN B 74 -44.47 -32.50 39.02
CA GLN B 74 -43.47 -32.02 39.97
C GLN B 74 -43.00 -30.61 39.61
N TRP B 75 -42.81 -30.34 38.32
CA TRP B 75 -42.30 -29.05 37.89
C TRP B 75 -43.30 -27.93 38.18
N VAL B 76 -44.59 -28.25 38.19
CA VAL B 76 -45.58 -27.22 38.48
C VAL B 76 -45.43 -26.67 39.90
N GLN B 77 -45.12 -27.55 40.86
CA GLN B 77 -44.99 -27.11 42.25
C GLN B 77 -43.77 -26.24 42.48
N ASP B 78 -42.63 -26.59 41.89
CA ASP B 78 -41.38 -25.89 42.14
C ASP B 78 -40.75 -25.52 40.79
N PRO B 79 -41.31 -24.51 40.12
CA PRO B 79 -40.84 -24.19 38.76
C PRO B 79 -39.41 -23.70 38.69
N LEU B 80 -38.78 -23.33 39.80
CA LEU B 80 -37.44 -22.77 39.75
C LEU B 80 -36.36 -23.70 40.27
N HIS B 81 -36.72 -24.80 40.94
CA HIS B 81 -35.74 -25.71 41.53
C HIS B 81 -35.86 -27.12 40.98
N ILE B 82 -36.47 -27.28 39.81
CA ILE B 82 -36.68 -28.57 39.17
C ILE B 82 -36.21 -28.45 37.73
N ARG B 83 -35.45 -29.45 37.26
CA ARG B 83 -34.99 -29.46 35.88
C ARG B 83 -35.99 -30.21 35.02
N PRO B 84 -36.62 -29.57 34.03
CA PRO B 84 -37.64 -30.25 33.24
C PRO B 84 -37.08 -31.41 32.45
N ILE B 85 -37.78 -32.54 32.51
CA ILE B 85 -37.36 -33.76 31.83
C ILE B 85 -37.99 -33.83 30.46
N ALA B 86 -37.18 -34.14 29.45
CA ALA B 86 -37.69 -34.35 28.09
C ALA B 86 -38.26 -35.75 27.94
N HIS B 87 -37.40 -36.73 27.70
CA HIS B 87 -37.82 -38.11 27.53
C HIS B 87 -36.81 -39.02 28.21
N ALA B 88 -37.19 -40.28 28.37
CA ALA B 88 -36.30 -41.25 28.98
C ALA B 88 -35.26 -41.72 27.98
N ILE B 89 -34.16 -42.23 28.51
CA ILE B 89 -33.07 -42.76 27.69
C ILE B 89 -33.07 -44.27 27.84
N TRP B 90 -33.14 -44.98 26.73
CA TRP B 90 -32.94 -46.42 26.73
C TRP B 90 -31.88 -46.74 25.68
N ASP B 91 -30.65 -46.92 26.14
CA ASP B 91 -29.53 -47.20 25.25
C ASP B 91 -28.75 -48.38 25.82
N PRO B 92 -28.63 -49.49 25.08
CA PRO B 92 -27.93 -50.66 25.62
C PRO B 92 -26.41 -50.58 25.56
N HIS B 93 -25.83 -49.46 25.16
CA HIS B 93 -24.38 -49.28 25.14
C HIS B 93 -23.87 -48.57 26.37
N PHE B 94 -24.77 -47.96 27.13
CA PHE B 94 -24.39 -47.23 28.33
C PHE B 94 -23.67 -48.16 29.30
N GLY B 95 -22.61 -47.64 29.91
CA GLY B 95 -22.08 -48.28 31.09
C GLY B 95 -22.89 -47.94 32.33
N GLN B 96 -22.55 -48.61 33.42
CA GLN B 96 -23.19 -48.27 34.69
C GLN B 96 -22.97 -46.82 35.07
N PRO B 97 -21.74 -46.28 35.03
CA PRO B 97 -21.55 -44.87 35.42
C PRO B 97 -22.41 -43.90 34.62
N ALA B 98 -22.63 -44.15 33.33
CA ALA B 98 -23.48 -43.26 32.55
C ALA B 98 -24.93 -43.33 33.01
N VAL B 99 -25.41 -44.53 33.35
CA VAL B 99 -26.76 -44.64 33.91
C VAL B 99 -26.86 -43.89 35.22
N GLU B 100 -25.78 -43.93 36.01
CA GLU B 100 -25.74 -43.14 37.23
C GLU B 100 -25.76 -41.65 36.92
N ALA B 101 -25.04 -41.22 35.90
CA ALA B 101 -24.85 -39.81 35.62
C ALA B 101 -26.03 -39.18 34.90
N PHE B 102 -26.91 -39.97 34.30
CA PHE B 102 -28.04 -39.44 33.57
C PHE B 102 -29.36 -39.54 34.32
N THR B 103 -29.35 -40.04 35.55
CA THR B 103 -30.52 -40.02 36.42
C THR B 103 -30.52 -38.67 37.14
N ARG B 104 -31.36 -37.75 36.69
CA ARG B 104 -31.27 -36.38 37.16
C ARG B 104 -32.54 -35.89 37.82
N GLY B 105 -33.48 -35.37 37.03
CA GLY B 105 -34.62 -34.65 37.56
C GLY B 105 -35.60 -35.44 38.39
N GLY B 106 -35.12 -36.43 39.14
CA GLY B 106 -35.97 -37.23 40.00
C GLY B 106 -36.54 -38.47 39.37
N ALA B 107 -36.35 -38.67 38.08
CA ALA B 107 -36.92 -39.84 37.41
C ALA B 107 -36.18 -41.10 37.82
N SER B 108 -36.84 -42.25 37.62
CA SER B 108 -36.31 -43.52 38.07
C SER B 108 -35.13 -43.99 37.23
N GLY B 109 -35.05 -43.57 35.97
CA GLY B 109 -33.98 -43.99 35.11
C GLY B 109 -33.30 -42.83 34.43
N PRO B 110 -32.34 -43.11 33.55
CA PRO B 110 -31.69 -42.03 32.82
C PRO B 110 -32.69 -41.27 31.97
N VAL B 111 -32.52 -39.95 31.91
CA VAL B 111 -33.46 -39.07 31.23
C VAL B 111 -32.70 -37.92 30.59
N ASN B 112 -33.38 -37.25 29.66
CA ASN B 112 -32.90 -36.03 29.04
C ASN B 112 -33.59 -34.84 29.67
N ILE B 113 -32.84 -33.78 29.92
CA ILE B 113 -33.37 -32.56 30.51
C ILE B 113 -33.77 -31.62 29.37
N SER B 114 -35.05 -31.23 29.36
CA SER B 114 -35.59 -30.48 28.23
C SER B 114 -35.05 -29.06 28.20
N THR B 115 -34.62 -28.63 27.01
CA THR B 115 -34.18 -27.25 26.78
C THR B 115 -35.04 -26.57 25.73
N SER B 116 -36.24 -27.06 25.50
CA SER B 116 -37.13 -26.50 24.50
C SER B 116 -38.12 -25.50 25.08
N GLY B 117 -38.26 -25.44 26.40
CA GLY B 117 -39.19 -24.51 26.99
C GLY B 117 -40.64 -24.85 26.76
N VAL B 118 -40.96 -26.12 26.52
CA VAL B 118 -42.36 -26.48 26.37
C VAL B 118 -43.03 -26.58 27.72
N TYR B 119 -42.27 -26.88 28.78
CA TYR B 119 -42.84 -26.92 30.12
C TYR B 119 -43.41 -25.56 30.49
N GLN B 120 -42.64 -24.50 30.26
CA GLN B 120 -43.10 -23.16 30.58
C GLN B 120 -44.32 -22.78 29.77
N TRP B 121 -44.33 -23.15 28.49
CA TRP B 121 -45.46 -22.82 27.63
C TRP B 121 -46.73 -23.52 28.09
N TRP B 122 -46.65 -24.83 28.31
CA TRP B 122 -47.84 -25.57 28.73
C TRP B 122 -48.30 -25.15 30.12
N TYR B 123 -47.36 -24.81 31.00
CA TYR B 123 -47.71 -24.30 32.32
C TYR B 123 -48.41 -22.97 32.21
N THR B 124 -47.96 -22.10 31.31
CA THR B 124 -48.55 -20.78 31.19
C THR B 124 -49.95 -20.83 30.57
N ILE B 125 -50.17 -21.73 29.61
CA ILE B 125 -51.45 -21.73 28.91
C ILE B 125 -52.54 -22.50 29.65
N GLY B 126 -52.27 -23.03 30.83
CA GLY B 126 -53.29 -23.63 31.66
C GLY B 126 -53.13 -25.10 31.95
N LEU B 127 -52.21 -25.80 31.31
CA LEU B 127 -52.04 -27.24 31.56
C LEU B 127 -51.30 -27.44 32.87
N ARG B 128 -51.90 -28.20 33.78
CA ARG B 128 -51.30 -28.40 35.10
C ARG B 128 -50.94 -29.84 35.39
N THR B 129 -51.75 -30.80 34.97
CA THR B 129 -51.52 -32.21 35.25
C THR B 129 -51.13 -32.96 33.99
N ASN B 130 -50.71 -34.21 34.17
CA ASN B 130 -50.32 -35.06 33.05
C ASN B 130 -51.51 -35.61 32.29
N GLN B 131 -52.66 -35.77 32.94
CA GLN B 131 -53.83 -36.23 32.22
C GLN B 131 -54.23 -35.24 31.13
N GLU B 132 -54.06 -33.95 31.38
CA GLU B 132 -54.35 -32.95 30.36
C GLU B 132 -53.37 -33.06 29.20
N LEU B 133 -52.10 -33.31 29.49
CA LEU B 133 -51.12 -33.52 28.42
C LEU B 133 -51.47 -34.74 27.59
N TYR B 134 -51.88 -35.83 28.24
CA TYR B 134 -52.27 -37.02 27.51
C TYR B 134 -53.51 -36.78 26.66
N THR B 135 -54.48 -36.03 27.20
CA THR B 135 -55.67 -35.71 26.42
C THR B 135 -55.31 -34.89 25.19
N GLY B 136 -54.41 -33.92 25.35
CA GLY B 136 -53.94 -33.17 24.20
C GLY B 136 -53.23 -34.03 23.18
N SER B 137 -52.40 -34.95 23.64
CA SER B 137 -51.70 -35.84 22.73
C SER B 137 -52.68 -36.71 21.94
N ILE B 138 -53.68 -37.26 22.61
CA ILE B 138 -54.67 -38.10 21.93
C ILE B 138 -55.47 -37.28 20.91
N PHE B 139 -55.91 -36.09 21.32
CA PHE B 139 -56.67 -35.23 20.41
C PHE B 139 -55.83 -34.87 19.19
N LEU B 140 -54.55 -34.55 19.38
CA LEU B 140 -53.70 -34.18 18.26
C LEU B 140 -53.38 -35.37 17.37
N LEU B 141 -53.26 -36.57 17.95
CA LEU B 141 -53.08 -37.77 17.14
C LEU B 141 -54.28 -37.99 16.23
N VAL B 142 -55.48 -37.86 16.79
CA VAL B 142 -56.69 -38.00 15.97
C VAL B 142 -56.75 -36.90 14.91
N LEU B 143 -56.34 -35.68 15.27
CA LEU B 143 -56.37 -34.59 14.31
C LEU B 143 -55.41 -34.82 13.15
N ALA B 144 -54.23 -35.35 13.44
CA ALA B 144 -53.29 -35.69 12.38
C ALA B 144 -53.86 -36.77 11.47
N ALA B 145 -54.55 -37.75 12.06
CA ALA B 145 -55.21 -38.76 11.23
C ALA B 145 -56.26 -38.13 10.33
N LEU B 146 -57.03 -37.17 10.86
CA LEU B 146 -58.05 -36.50 10.06
C LEU B 146 -57.44 -35.72 8.91
N PHE B 147 -56.34 -35.01 9.16
CA PHE B 147 -55.69 -34.27 8.08
C PHE B 147 -55.12 -35.22 7.03
N LEU B 148 -54.59 -36.37 7.46
CA LEU B 148 -54.15 -37.38 6.50
C LEU B 148 -55.31 -37.86 5.64
N PHE B 149 -56.46 -38.12 6.26
CA PHE B 149 -57.60 -38.58 5.48
C PHE B 149 -58.07 -37.53 4.50
N ALA B 150 -58.05 -36.25 4.90
CA ALA B 150 -58.42 -35.20 3.97
C ALA B 150 -57.44 -35.10 2.81
N GLY B 151 -56.15 -35.25 3.10
CA GLY B 151 -55.16 -35.23 2.03
C GLY B 151 -55.38 -36.34 1.02
N TRP B 152 -55.75 -37.52 1.50
CA TRP B 152 -56.10 -38.59 0.57
C TRP B 152 -57.42 -38.29 -0.15
N LEU B 153 -58.37 -37.67 0.55
CA LEU B 153 -59.69 -37.40 -0.02
C LEU B 153 -59.60 -36.45 -1.20
N HIS B 154 -58.78 -35.42 -1.11
CA HIS B 154 -58.70 -34.42 -2.17
C HIS B 154 -57.76 -34.80 -3.30
N LEU B 155 -57.11 -35.94 -3.20
CA LEU B 155 -56.37 -36.50 -4.33
C LEU B 155 -57.29 -37.27 -5.24
N GLN B 156 -58.58 -37.28 -4.95
CA GLN B 156 -59.42 -38.18 -5.69
C GLN B 156 -60.19 -37.43 -6.75
N PRO B 157 -60.34 -37.97 -7.96
CA PRO B 157 -61.00 -37.19 -9.03
C PRO B 157 -62.41 -36.75 -8.69
N ALA B 158 -63.10 -37.45 -7.79
CA ALA B 158 -64.40 -36.97 -7.32
C ALA B 158 -64.26 -35.70 -6.50
N PHE B 159 -63.12 -35.50 -5.84
CA PHE B 159 -62.91 -34.36 -4.97
C PHE B 159 -61.74 -33.48 -5.39
N GLN B 160 -61.01 -33.86 -6.43
CA GLN B 160 -59.87 -33.08 -6.87
C GLN B 160 -60.31 -31.69 -7.30
N PRO B 161 -59.80 -30.62 -6.69
CA PRO B 161 -60.20 -29.28 -7.09
C PRO B 161 -59.51 -28.85 -8.38
N ALA B 162 -60.23 -28.06 -9.17
CA ALA B 162 -59.71 -27.61 -10.45
C ALA B 162 -58.58 -26.60 -10.25
N LEU B 163 -57.78 -26.42 -11.31
CA LEU B 163 -56.66 -25.50 -11.22
C LEU B 163 -57.13 -24.07 -10.98
N SER B 164 -58.24 -23.68 -11.61
CA SER B 164 -58.75 -22.32 -11.40
C SER B 164 -59.19 -22.09 -9.98
N TRP B 165 -59.49 -23.14 -9.22
CA TRP B 165 -59.77 -22.98 -7.80
C TRP B 165 -58.54 -22.54 -7.04
N PHE B 166 -57.38 -23.13 -7.36
CA PHE B 166 -56.14 -22.78 -6.65
C PHE B 166 -55.75 -21.33 -6.89
N LYS B 167 -55.83 -20.88 -8.14
CA LYS B 167 -55.38 -19.52 -8.47
C LYS B 167 -56.33 -18.44 -7.99
N ASN B 168 -57.50 -18.81 -7.47
CA ASN B 168 -58.40 -17.82 -6.89
C ASN B 168 -57.75 -17.16 -5.69
N ALA B 169 -57.14 -16.00 -5.88
CA ALA B 169 -56.36 -15.38 -4.83
C ALA B 169 -57.18 -14.53 -3.88
N GLU B 170 -58.24 -13.88 -4.38
CA GLU B 170 -59.04 -13.01 -3.53
C GLU B 170 -59.76 -13.80 -2.44
N SER B 171 -60.39 -14.92 -2.82
CA SER B 171 -61.08 -15.75 -1.84
C SER B 171 -60.10 -16.36 -0.85
N ARG B 172 -58.93 -16.79 -1.31
CA ARG B 172 -57.94 -17.36 -0.41
C ARG B 172 -57.44 -16.33 0.58
N LEU B 173 -57.16 -15.10 0.13
CA LEU B 173 -56.75 -14.06 1.06
C LEU B 173 -57.85 -13.72 2.04
N ASN B 174 -59.09 -13.63 1.56
CA ASN B 174 -60.21 -13.37 2.46
C ASN B 174 -60.27 -14.41 3.57
N HIS B 175 -60.16 -15.68 3.20
CA HIS B 175 -60.32 -16.74 4.18
C HIS B 175 -59.10 -16.91 5.08
N HIS B 176 -57.91 -16.66 4.58
CA HIS B 176 -56.74 -16.77 5.45
C HIS B 176 -56.64 -15.58 6.40
N LEU B 177 -56.94 -14.38 5.93
CA LEU B 177 -56.89 -13.22 6.81
C LEU B 177 -58.01 -13.27 7.84
N ALA B 178 -59.24 -13.53 7.40
CA ALA B 178 -60.37 -13.46 8.31
C ALA B 178 -60.56 -14.76 9.09
N GLY B 179 -60.27 -15.91 8.50
CA GLY B 179 -60.57 -17.17 9.14
C GLY B 179 -59.40 -17.84 9.79
N LEU B 180 -58.30 -17.99 9.05
CA LEU B 180 -57.14 -18.66 9.61
C LEU B 180 -56.41 -17.80 10.63
N PHE B 181 -56.48 -16.48 10.48
CA PHE B 181 -55.82 -15.55 11.39
C PHE B 181 -56.80 -14.92 12.38
N GLY B 182 -57.90 -14.38 11.91
CA GLY B 182 -58.83 -13.67 12.77
C GLY B 182 -59.56 -14.55 13.75
N VAL B 183 -60.30 -15.54 13.24
CA VAL B 183 -61.09 -16.39 14.12
C VAL B 183 -60.18 -17.28 14.97
N SER B 184 -59.02 -17.66 14.45
CA SER B 184 -58.13 -18.48 15.26
C SER B 184 -57.61 -17.72 16.47
N SER B 185 -57.22 -16.45 16.31
CA SER B 185 -56.79 -15.67 17.46
C SER B 185 -57.97 -15.27 18.33
N LEU B 186 -59.16 -15.10 17.76
CA LEU B 186 -60.34 -14.87 18.57
C LEU B 186 -60.60 -16.05 19.49
N ALA B 187 -60.50 -17.26 18.96
CA ALA B 187 -60.68 -18.45 19.78
C ALA B 187 -59.56 -18.61 20.78
N TRP B 188 -58.34 -18.20 20.42
CA TRP B 188 -57.26 -18.21 21.41
C TRP B 188 -57.57 -17.26 22.56
N THR B 189 -58.14 -16.09 22.26
CA THR B 189 -58.59 -15.20 23.32
C THR B 189 -59.65 -15.88 24.16
N GLY B 190 -60.55 -16.61 23.52
CA GLY B 190 -61.57 -17.33 24.27
C GLY B 190 -60.97 -18.35 25.22
N HIS B 191 -59.94 -19.07 24.77
CA HIS B 191 -59.26 -20.00 25.65
C HIS B 191 -58.58 -19.28 26.79
N LEU B 192 -57.81 -18.24 26.48
CA LEU B 192 -57.11 -17.48 27.50
C LEU B 192 -58.07 -17.00 28.57
N VAL B 193 -59.15 -16.36 28.15
CA VAL B 193 -60.12 -15.82 29.11
C VAL B 193 -60.79 -16.93 29.88
N HIS B 194 -61.18 -18.01 29.20
CA HIS B 194 -61.96 -19.04 29.88
C HIS B 194 -61.11 -20.04 30.65
N VAL B 195 -59.84 -20.21 30.30
CA VAL B 195 -59.06 -21.28 30.90
C VAL B 195 -57.74 -20.75 31.48
N ALA B 196 -56.91 -20.15 30.64
CA ALA B 196 -55.58 -19.78 31.08
C ALA B 196 -55.62 -18.74 32.19
N ILE B 197 -56.48 -17.72 32.06
CA ILE B 197 -56.61 -16.72 33.11
C ILE B 197 -57.11 -17.33 34.41
N PRO B 198 -58.23 -18.06 34.45
CA PRO B 198 -58.63 -18.68 35.72
C PRO B 198 -57.66 -19.71 36.26
N GLU B 199 -56.99 -20.46 35.39
CA GLU B 199 -55.99 -21.42 35.86
C GLU B 199 -54.76 -20.71 36.37
N SER B 200 -54.56 -19.44 36.01
CA SER B 200 -53.48 -18.65 36.58
C SER B 200 -53.82 -18.10 37.95
N ARG B 201 -55.09 -18.13 38.35
CA ARG B 201 -55.52 -17.64 39.65
C ARG B 201 -56.04 -18.76 40.54
N GLY B 202 -55.45 -19.94 40.44
CA GLY B 202 -55.78 -21.04 41.33
C GLY B 202 -57.05 -21.80 41.00
N GLN B 203 -58.03 -21.13 40.40
CA GLN B 203 -59.27 -21.81 40.04
C GLN B 203 -58.98 -22.82 38.94
N HIS B 204 -59.66 -23.96 39.00
CA HIS B 204 -59.52 -25.00 37.99
C HIS B 204 -60.71 -24.90 37.04
N VAL B 205 -60.43 -24.72 35.76
CA VAL B 205 -61.47 -24.70 34.74
C VAL B 205 -61.09 -25.76 33.73
N GLY B 206 -61.97 -26.73 33.53
CA GLY B 206 -61.70 -27.77 32.57
C GLY B 206 -62.90 -28.08 31.70
N TRP B 207 -62.81 -29.12 30.87
CA TRP B 207 -63.95 -29.51 30.06
C TRP B 207 -65.14 -29.86 30.93
N ASP B 208 -64.90 -30.31 32.16
CA ASP B 208 -65.96 -30.73 33.03
C ASP B 208 -66.80 -29.55 33.54
N ASN B 209 -66.15 -28.43 33.87
CA ASN B 209 -66.84 -27.34 34.55
C ASN B 209 -66.63 -25.98 33.91
N PHE B 210 -66.39 -25.91 32.61
CA PHE B 210 -66.18 -24.57 32.05
C PHE B 210 -67.48 -23.87 31.74
N LEU B 211 -68.58 -24.62 31.62
CA LEU B 211 -69.90 -24.05 31.42
C LEU B 211 -70.56 -23.62 32.73
N THR B 212 -69.92 -23.89 33.86
CA THR B 212 -70.42 -23.49 35.16
C THR B 212 -69.50 -22.49 35.86
N VAL B 213 -68.58 -21.87 35.13
CA VAL B 213 -67.67 -20.87 35.69
C VAL B 213 -67.78 -19.59 34.88
N LEU B 214 -68.06 -18.48 35.57
CA LEU B 214 -68.08 -17.18 34.93
C LEU B 214 -66.66 -16.62 34.81
N PRO B 215 -66.16 -16.37 33.60
CA PRO B 215 -64.84 -15.73 33.49
C PRO B 215 -64.82 -14.33 34.08
N HIS B 216 -65.96 -13.65 34.11
CA HIS B 216 -66.08 -12.36 34.76
C HIS B 216 -67.32 -12.38 35.64
N PRO B 217 -67.25 -11.81 36.85
CA PRO B 217 -68.40 -11.88 37.76
C PRO B 217 -69.68 -11.29 37.18
N ALA B 218 -69.59 -10.37 36.23
CA ALA B 218 -70.78 -9.83 35.60
C ALA B 218 -70.80 -10.20 34.12
N GLY B 219 -70.64 -11.48 33.83
CA GLY B 219 -70.37 -11.94 32.48
C GLY B 219 -71.31 -11.47 31.39
N LEU B 220 -70.73 -10.96 30.31
CA LEU B 220 -71.40 -10.72 29.03
C LEU B 220 -72.34 -9.52 29.04
N THR B 221 -72.62 -8.95 30.20
CA THR B 221 -73.47 -7.77 30.17
C THR B 221 -72.66 -6.52 29.84
N PRO B 222 -71.45 -6.32 30.39
CA PRO B 222 -70.65 -5.19 29.92
C PRO B 222 -70.29 -5.29 28.46
N PHE B 223 -70.09 -6.50 27.94
CA PHE B 223 -69.71 -6.64 26.54
C PHE B 223 -70.82 -6.18 25.61
N PHE B 224 -72.07 -6.55 25.91
CA PHE B 224 -73.19 -6.19 25.05
C PHE B 224 -73.81 -4.86 25.41
N THR B 225 -73.46 -4.27 26.55
CA THR B 225 -73.93 -2.93 26.90
C THR B 225 -72.90 -1.86 26.58
N GLY B 226 -71.77 -2.22 25.98
CA GLY B 226 -70.73 -1.26 25.71
C GLY B 226 -69.91 -0.86 26.91
N ASN B 227 -70.24 -1.36 28.10
CA ASN B 227 -69.51 -1.01 29.30
C ASN B 227 -68.24 -1.84 29.38
N TRP B 228 -67.47 -1.83 28.29
CA TRP B 228 -66.35 -2.74 28.14
C TRP B 228 -65.28 -2.52 29.20
N ALA B 229 -65.15 -1.30 29.71
CA ALA B 229 -64.13 -1.01 30.71
C ALA B 229 -64.34 -1.80 31.99
N ALA B 230 -65.52 -2.38 32.20
CA ALA B 230 -65.74 -3.23 33.35
C ALA B 230 -64.95 -4.53 33.29
N TYR B 231 -64.35 -4.84 32.16
CA TYR B 231 -63.53 -6.04 32.04
C TYR B 231 -62.07 -5.78 32.39
N ALA B 232 -61.74 -4.58 32.85
CA ALA B 232 -60.40 -4.25 33.32
C ALA B 232 -60.46 -3.55 34.67
N GLU B 233 -61.37 -3.99 35.54
CA GLU B 233 -61.61 -3.29 36.79
C GLU B 233 -60.42 -3.41 37.74
N ASN B 234 -60.26 -4.53 38.41
CA ASN B 234 -59.12 -4.72 39.30
C ASN B 234 -58.12 -5.68 38.68
N PRO B 235 -56.96 -5.21 38.25
CA PRO B 235 -56.01 -6.11 37.59
C PRO B 235 -55.29 -7.01 38.58
N ASP B 236 -54.17 -7.57 38.14
CA ASP B 236 -53.37 -8.42 39.00
C ASP B 236 -52.48 -7.56 39.88
N SER B 237 -52.48 -7.83 41.18
CA SER B 237 -51.67 -7.04 42.10
C SER B 237 -50.19 -7.32 41.86
N ALA B 238 -49.37 -6.35 42.27
CA ALA B 238 -47.92 -6.50 42.15
C ALA B 238 -47.36 -7.54 43.09
N SER B 239 -48.18 -8.09 43.99
CA SER B 239 -47.77 -9.19 44.85
C SER B 239 -48.49 -10.49 44.50
N HIS B 240 -49.01 -10.60 43.28
CA HIS B 240 -49.70 -11.81 42.88
C HIS B 240 -48.72 -12.96 42.77
N VAL B 241 -49.15 -14.12 43.27
CA VAL B 241 -48.38 -15.35 43.14
C VAL B 241 -49.04 -16.19 42.07
N PHE B 242 -48.26 -16.57 41.05
CA PHE B 242 -48.82 -17.33 39.94
C PHE B 242 -49.32 -18.67 40.42
N ASN B 243 -50.35 -19.17 39.74
CA ASN B 243 -50.97 -20.47 40.00
C ASN B 243 -51.81 -20.46 41.28
N THR B 244 -51.64 -19.47 42.13
CA THR B 244 -52.36 -19.38 43.38
C THR B 244 -53.39 -18.25 43.32
N ALA B 245 -54.09 -18.04 44.42
CA ALA B 245 -55.11 -17.00 44.54
C ALA B 245 -54.73 -15.95 45.57
N GLN B 246 -53.44 -15.62 45.66
CA GLN B 246 -52.97 -14.59 46.57
C GLN B 246 -52.98 -13.25 45.84
N GLY B 247 -54.03 -12.47 46.05
CA GLY B 247 -54.19 -11.23 45.32
C GLY B 247 -54.35 -11.47 43.83
N SER B 248 -55.48 -12.07 43.46
CA SER B 248 -55.71 -12.50 42.08
C SER B 248 -56.34 -11.41 41.22
N GLY B 249 -57.55 -10.99 41.55
CA GLY B 249 -58.26 -10.00 40.78
C GLY B 249 -59.27 -10.62 39.84
N THR B 250 -60.13 -9.77 39.28
CA THR B 250 -61.20 -10.21 38.40
C THR B 250 -61.09 -9.69 36.99
N ALA B 251 -60.16 -8.78 36.71
CA ALA B 251 -60.04 -8.22 35.38
C ALA B 251 -59.53 -9.26 34.40
N ILE B 252 -60.13 -9.28 33.21
CA ILE B 252 -59.76 -10.25 32.20
C ILE B 252 -59.09 -9.61 30.99
N LEU B 253 -59.37 -8.35 30.70
CA LEU B 253 -58.73 -7.64 29.58
C LEU B 253 -58.08 -6.39 30.11
N THR B 254 -56.91 -6.57 30.73
CA THR B 254 -56.15 -5.45 31.26
C THR B 254 -55.14 -5.01 30.22
N PHE B 255 -54.55 -3.85 30.45
CA PHE B 255 -53.52 -3.36 29.57
C PHE B 255 -52.43 -2.70 30.43
N LEU B 256 -51.76 -3.52 31.23
CA LEU B 256 -50.82 -3.01 32.21
C LEU B 256 -49.45 -2.75 31.60
N GLY B 257 -49.04 -3.56 30.64
CA GLY B 257 -47.68 -3.49 30.12
C GLY B 257 -46.68 -4.07 31.09
N GLY B 258 -45.42 -4.03 30.68
CA GLY B 258 -44.36 -4.47 31.57
C GLY B 258 -44.41 -5.97 31.84
N PHE B 259 -44.00 -6.33 33.06
CA PHE B 259 -43.80 -7.73 33.41
C PHE B 259 -44.55 -8.07 34.69
N HIS B 260 -44.88 -9.35 34.82
CA HIS B 260 -45.33 -9.89 36.09
C HIS B 260 -44.14 -9.95 37.05
N PRO B 261 -44.27 -9.42 38.26
CA PRO B 261 -43.09 -9.34 39.15
C PRO B 261 -42.48 -10.69 39.49
N GLN B 262 -43.31 -11.72 39.66
CA GLN B 262 -42.79 -13.01 40.10
C GLN B 262 -42.29 -13.85 38.94
N THR B 263 -43.11 -14.02 37.90
CA THR B 263 -42.71 -14.83 36.76
C THR B 263 -41.72 -14.13 35.85
N GLN B 264 -41.58 -12.81 35.97
CA GLN B 264 -40.75 -12.01 35.07
C GLN B 264 -41.17 -12.22 33.62
N SER B 265 -42.48 -12.24 33.38
CA SER B 265 -43.03 -12.44 32.05
C SER B 265 -44.18 -11.47 31.85
N LEU B 266 -44.73 -11.47 30.65
CA LEU B 266 -45.85 -10.60 30.34
C LEU B 266 -47.08 -11.03 31.14
N TRP B 267 -47.91 -10.05 31.48
CA TRP B 267 -49.18 -10.37 32.13
C TRP B 267 -50.04 -11.17 31.17
N LEU B 268 -50.78 -12.13 31.72
CA LEU B 268 -51.63 -12.96 30.86
C LEU B 268 -52.85 -12.20 30.35
N THR B 269 -53.41 -11.31 31.16
CA THR B 269 -54.51 -10.48 30.68
C THR B 269 -54.06 -9.55 29.57
N ASP B 270 -52.80 -9.11 29.61
CA ASP B 270 -52.24 -8.35 28.50
C ASP B 270 -52.29 -9.15 27.21
N MET B 271 -51.93 -10.44 27.27
CA MET B 271 -51.95 -11.25 26.06
C MET B 271 -53.36 -11.56 25.61
N ALA B 272 -54.29 -11.74 26.55
CA ALA B 272 -55.68 -11.94 26.17
C ALA B 272 -56.22 -10.73 25.42
N HIS B 273 -55.98 -9.54 25.95
CA HIS B 273 -56.42 -8.32 25.28
C HIS B 273 -55.70 -8.15 23.94
N HIS B 274 -54.42 -8.49 23.90
CA HIS B 274 -53.67 -8.50 22.65
C HIS B 274 -54.38 -9.30 21.59
N HIS B 275 -54.74 -10.54 21.91
CA HIS B 275 -55.32 -11.41 20.90
C HIS B 275 -56.73 -10.98 20.54
N LEU B 276 -57.46 -10.37 21.47
CA LEU B 276 -58.76 -9.81 21.10
C LEU B 276 -58.60 -8.69 20.07
N ALA B 277 -57.66 -7.77 20.29
CA ALA B 277 -57.44 -6.70 19.33
C ALA B 277 -56.97 -7.25 17.99
N ILE B 278 -56.04 -8.21 18.02
CA ILE B 278 -55.55 -8.84 16.79
C ILE B 278 -56.68 -9.51 16.04
N ALA B 279 -57.58 -10.19 16.75
CA ALA B 279 -58.70 -10.85 16.09
C ALA B 279 -59.58 -9.85 15.37
N VAL B 280 -59.94 -8.76 16.05
CA VAL B 280 -60.81 -7.77 15.41
C VAL B 280 -60.12 -7.20 14.17
N ILE B 281 -58.85 -6.83 14.31
CA ILE B 281 -58.13 -6.21 13.19
C ILE B 281 -58.04 -7.16 12.02
N PHE B 282 -57.71 -8.44 12.28
CA PHE B 282 -57.51 -9.38 11.19
C PHE B 282 -58.81 -9.77 10.51
N ILE B 283 -59.92 -9.83 11.24
CA ILE B 283 -61.20 -10.06 10.59
C ILE B 283 -61.55 -8.90 9.67
N LEU B 284 -61.39 -7.68 10.19
CA LEU B 284 -61.63 -6.50 9.34
C LEU B 284 -60.77 -6.56 8.08
N ALA B 285 -59.50 -6.90 8.23
CA ALA B 285 -58.61 -7.02 7.08
C ALA B 285 -59.05 -8.14 6.16
N GLY B 286 -59.66 -9.19 6.70
CA GLY B 286 -60.14 -10.27 5.89
C GLY B 286 -61.38 -9.95 5.09
N HIS B 287 -62.05 -8.85 5.40
CA HIS B 287 -63.15 -8.40 4.57
C HIS B 287 -62.75 -7.39 3.50
N MET B 288 -61.53 -7.48 2.98
CA MET B 288 -61.05 -6.46 2.04
C MET B 288 -61.24 -6.84 0.58
N TYR B 289 -61.08 -8.10 0.21
CA TYR B 289 -61.05 -8.48 -1.19
C TYR B 289 -62.41 -9.00 -1.64
N ARG B 290 -62.61 -8.97 -2.95
CA ARG B 290 -63.89 -9.28 -3.56
C ARG B 290 -63.98 -10.76 -3.91
N THR B 291 -65.10 -11.39 -3.55
CA THR B 291 -65.33 -12.78 -3.86
C THR B 291 -66.53 -12.86 -4.79
N ILE B 292 -67.71 -13.23 -4.29
CA ILE B 292 -68.84 -13.45 -5.16
C ILE B 292 -70.03 -12.60 -4.72
N PHE B 293 -69.78 -11.64 -3.83
CA PHE B 293 -70.86 -10.87 -3.23
C PHE B 293 -70.90 -9.42 -3.71
N GLY B 294 -70.14 -9.09 -4.76
CA GLY B 294 -70.29 -7.80 -5.40
C GLY B 294 -69.69 -6.63 -4.67
N ILE B 295 -68.91 -6.87 -3.62
CA ILE B 295 -68.18 -5.81 -2.93
C ILE B 295 -66.76 -6.30 -2.69
N GLY B 296 -65.87 -5.35 -2.44
CA GLY B 296 -64.49 -5.66 -2.16
C GLY B 296 -63.56 -5.14 -3.22
N HIS B 297 -62.37 -5.73 -3.26
CA HIS B 297 -61.31 -5.26 -4.14
C HIS B 297 -60.93 -6.34 -5.14
N SER B 298 -60.59 -5.89 -6.33
CA SER B 298 -59.88 -6.70 -7.30
C SER B 298 -58.42 -6.33 -7.19
N MET B 299 -57.59 -7.25 -6.72
CA MET B 299 -56.17 -6.93 -6.52
C MET B 299 -55.51 -6.54 -7.81
N ARG B 300 -55.96 -7.10 -8.93
CA ARG B 300 -55.37 -6.72 -10.22
C ARG B 300 -55.55 -5.25 -10.49
N GLU B 301 -56.73 -4.71 -10.21
CA GLU B 301 -56.96 -3.29 -10.45
C GLU B 301 -56.15 -2.41 -9.52
N ILE B 302 -55.95 -2.86 -8.28
CA ILE B 302 -55.08 -2.12 -7.37
C ILE B 302 -53.67 -2.08 -7.91
N LEU B 303 -53.15 -3.22 -8.33
CA LEU B 303 -51.80 -3.25 -8.88
C LEU B 303 -51.70 -2.41 -10.15
N GLU B 304 -52.77 -2.38 -10.94
CA GLU B 304 -52.73 -1.62 -12.19
C GLU B 304 -52.84 -0.13 -11.96
N ALA B 305 -53.23 0.31 -10.77
CA ALA B 305 -53.33 1.74 -10.52
C ALA B 305 -52.17 2.28 -9.69
N GLN B 306 -51.27 1.43 -9.23
CA GLN B 306 -50.09 1.87 -8.48
C GLN B 306 -48.95 2.28 -9.41
N THR B 307 -49.27 2.91 -10.53
CA THR B 307 -48.27 3.39 -11.46
C THR B 307 -48.10 4.90 -11.25
N PRO B 308 -46.97 5.36 -10.72
CA PRO B 308 -46.82 6.79 -10.51
C PRO B 308 -46.72 7.52 -11.83
N PRO B 309 -47.25 8.75 -11.91
CA PRO B 309 -47.01 9.58 -13.10
C PRO B 309 -45.55 9.93 -13.25
N SER B 310 -45.19 10.67 -14.29
CA SER B 310 -43.81 11.00 -14.60
C SER B 310 -42.99 9.75 -14.94
N GLY B 311 -43.56 8.57 -14.70
CA GLY B 311 -42.91 7.32 -15.05
C GLY B 311 -41.62 7.04 -14.32
N SER B 312 -41.57 7.33 -13.02
CA SER B 312 -40.38 7.00 -12.26
C SER B 312 -40.22 5.49 -12.11
N LEU B 313 -41.33 4.77 -11.96
CA LEU B 313 -41.32 3.32 -11.86
C LEU B 313 -41.52 2.64 -13.20
N GLY B 314 -41.73 3.41 -14.27
CA GLY B 314 -42.03 2.83 -15.57
C GLY B 314 -43.50 2.53 -15.70
N ALA B 315 -43.82 1.31 -16.11
CA ALA B 315 -45.20 0.87 -16.20
C ALA B 315 -45.80 0.57 -14.84
N GLY B 316 -45.10 0.93 -13.77
CA GLY B 316 -45.60 0.70 -12.43
C GLY B 316 -45.61 -0.77 -12.11
N HIS B 317 -46.73 -1.23 -11.53
CA HIS B 317 -46.92 -2.63 -11.23
C HIS B 317 -47.83 -3.31 -12.25
N LYS B 318 -47.77 -2.89 -13.50
CA LYS B 318 -48.56 -3.53 -14.55
C LYS B 318 -48.03 -4.92 -14.83
N GLY B 319 -48.88 -5.92 -14.68
CA GLY B 319 -48.48 -7.29 -14.91
C GLY B 319 -47.88 -8.00 -13.72
N LEU B 320 -47.87 -7.37 -12.55
CA LEU B 320 -47.39 -8.07 -11.36
C LEU B 320 -48.39 -9.06 -10.83
N TYR B 321 -49.69 -8.79 -10.97
CA TYR B 321 -50.69 -9.74 -10.50
C TYR B 321 -50.51 -11.08 -11.19
N ASP B 322 -50.48 -11.08 -12.51
CA ASP B 322 -50.33 -12.32 -13.25
C ASP B 322 -48.96 -12.95 -12.99
N THR B 323 -47.93 -12.13 -12.82
CA THR B 323 -46.60 -12.65 -12.56
C THR B 323 -46.56 -13.43 -11.25
N VAL B 324 -47.07 -12.84 -10.17
CA VAL B 324 -47.10 -13.53 -8.89
C VAL B 324 -48.04 -14.72 -8.95
N ASN B 325 -49.22 -14.55 -9.54
CA ASN B 325 -50.23 -15.59 -9.52
C ASN B 325 -49.79 -16.83 -10.29
N ASN B 326 -49.18 -16.64 -11.46
CA ASN B 326 -48.80 -17.76 -12.30
C ASN B 326 -47.58 -18.51 -11.80
N SER B 327 -46.63 -17.81 -11.19
CA SER B 327 -45.39 -18.43 -10.74
C SER B 327 -45.54 -18.91 -9.31
N LEU B 328 -45.25 -20.19 -9.10
CA LEU B 328 -45.27 -20.72 -7.74
C LEU B 328 -43.96 -20.45 -7.00
N HIS B 329 -42.87 -20.24 -7.71
CA HIS B 329 -41.62 -19.90 -7.04
C HIS B 329 -41.62 -18.47 -6.56
N PHE B 330 -42.29 -17.56 -7.25
CA PHE B 330 -42.46 -16.20 -6.73
C PHE B 330 -43.24 -16.22 -5.42
N GLN B 331 -44.35 -16.96 -5.39
CA GLN B 331 -45.13 -17.08 -4.17
C GLN B 331 -44.33 -17.75 -3.07
N LEU B 332 -43.58 -18.79 -3.41
CA LEU B 332 -42.78 -19.47 -2.41
C LEU B 332 -41.68 -18.58 -1.85
N GLY B 333 -41.05 -17.77 -2.71
CA GLY B 333 -40.05 -16.85 -2.22
C GLY B 333 -40.64 -15.78 -1.32
N LEU B 334 -41.82 -15.25 -1.67
CA LEU B 334 -42.46 -14.25 -0.83
C LEU B 334 -42.82 -14.84 0.53
N ALA B 335 -43.41 -16.03 0.51
CA ALA B 335 -43.79 -16.67 1.77
C ALA B 335 -42.57 -16.99 2.62
N LEU B 336 -41.49 -17.46 1.99
CA LEU B 336 -40.27 -17.75 2.73
C LEU B 336 -39.67 -16.49 3.33
N ALA B 337 -39.64 -15.39 2.57
CA ALA B 337 -39.11 -14.14 3.11
C ALA B 337 -39.90 -13.70 4.33
N SER B 338 -41.24 -13.73 4.22
CA SER B 338 -42.07 -13.31 5.33
C SER B 338 -41.87 -14.22 6.54
N VAL B 339 -41.85 -15.53 6.32
CA VAL B 339 -41.74 -16.47 7.44
C VAL B 339 -40.38 -16.36 8.10
N GLY B 340 -39.32 -16.20 7.32
CA GLY B 340 -37.99 -16.04 7.90
C GLY B 340 -37.86 -14.76 8.71
N THR B 341 -38.36 -13.65 8.18
CA THR B 341 -38.29 -12.41 8.94
C THR B 341 -39.12 -12.51 10.21
N ILE B 342 -40.26 -13.21 10.16
CA ILE B 342 -41.06 -13.37 11.35
C ILE B 342 -40.37 -14.30 12.35
N SER B 343 -39.62 -15.28 11.87
CA SER B 343 -38.84 -16.12 12.79
C SER B 343 -37.79 -15.29 13.51
N SER B 344 -37.12 -14.40 12.78
CA SER B 344 -36.19 -13.49 13.43
C SER B 344 -36.90 -12.58 14.43
N LEU B 345 -38.09 -12.10 14.07
CA LEU B 345 -38.88 -11.29 15.01
C LEU B 345 -39.20 -12.06 16.27
N VAL B 346 -39.61 -13.32 16.12
CA VAL B 346 -39.93 -14.16 17.27
C VAL B 346 -38.71 -14.31 18.15
N ALA B 347 -37.55 -14.56 17.56
CA ALA B 347 -36.34 -14.70 18.35
C ALA B 347 -35.98 -13.40 19.06
N GLN B 348 -36.10 -12.27 18.37
CA GLN B 348 -35.66 -11.00 18.96
C GLN B 348 -36.61 -10.49 20.02
N HIS B 349 -37.89 -10.83 19.95
CA HIS B 349 -38.82 -10.35 20.97
C HIS B 349 -38.91 -11.27 22.17
N MET B 350 -38.89 -12.58 21.94
CA MET B 350 -39.18 -13.53 23.01
C MET B 350 -38.12 -13.55 24.09
N TYR B 351 -36.95 -12.96 23.86
CA TYR B 351 -35.96 -12.85 24.92
C TYR B 351 -36.09 -11.54 25.69
N SER B 352 -36.36 -10.44 24.99
CA SER B 352 -36.52 -9.16 25.66
C SER B 352 -37.89 -9.06 26.34
N LEU B 353 -38.91 -9.70 25.78
CA LEU B 353 -40.27 -9.65 26.30
C LEU B 353 -40.77 -11.07 26.48
N PRO B 354 -40.21 -11.81 27.44
CA PRO B 354 -40.57 -13.22 27.58
C PRO B 354 -42.04 -13.37 27.91
N PRO B 355 -42.73 -14.26 27.22
CA PRO B 355 -44.17 -14.34 27.37
C PRO B 355 -44.63 -15.48 28.28
N TYR B 356 -43.72 -16.39 28.63
CA TYR B 356 -44.09 -17.59 29.37
C TYR B 356 -43.58 -17.51 30.79
N ALA B 357 -44.36 -18.05 31.72
CA ALA B 357 -44.04 -18.01 33.14
C ALA B 357 -42.75 -18.77 33.41
N PHE B 358 -41.87 -18.18 34.20
CA PHE B 358 -40.60 -18.77 34.63
C PHE B 358 -39.70 -19.06 33.45
N LEU B 359 -40.03 -18.56 32.28
CA LEU B 359 -39.05 -18.35 31.23
C LEU B 359 -38.22 -17.13 31.58
N ALA B 360 -37.02 -17.06 31.01
CA ALA B 360 -36.01 -16.06 31.34
C ALA B 360 -35.37 -16.34 32.70
N GLN B 361 -36.17 -16.87 33.63
CA GLN B 361 -35.59 -17.45 34.85
C GLN B 361 -34.68 -18.61 34.51
N ASP B 362 -35.10 -19.47 33.58
CA ASP B 362 -34.29 -20.57 33.11
C ASP B 362 -33.45 -20.07 31.94
N PHE B 363 -32.14 -20.24 32.04
CA PHE B 363 -31.23 -19.58 31.13
C PHE B 363 -30.90 -20.39 29.89
N THR B 364 -30.75 -21.71 30.04
CA THR B 364 -30.45 -22.53 28.88
C THR B 364 -31.60 -22.52 27.89
N THR B 365 -32.84 -22.48 28.39
CA THR B 365 -33.99 -22.42 27.49
C THR B 365 -34.00 -21.14 26.68
N GLN B 366 -33.70 -20.00 27.31
CA GLN B 366 -33.64 -18.74 26.57
C GLN B 366 -32.64 -18.82 25.44
N ALA B 367 -31.42 -19.25 25.74
CA ALA B 367 -30.37 -19.32 24.72
C ALA B 367 -30.75 -20.29 23.63
N ALA B 368 -31.29 -21.44 24.01
CA ALA B 368 -31.68 -22.45 23.04
C ALA B 368 -32.75 -21.93 22.11
N LEU B 369 -33.80 -21.31 22.66
CA LEU B 369 -34.88 -20.82 21.83
C LEU B 369 -34.41 -19.71 20.90
N TYR B 370 -33.61 -18.77 21.41
CA TYR B 370 -33.13 -17.69 20.57
C TYR B 370 -32.27 -18.22 19.43
N THR B 371 -31.29 -19.06 19.75
CA THR B 371 -30.41 -19.58 18.72
C THR B 371 -31.16 -20.43 17.72
N HIS B 372 -32.12 -21.23 18.19
CA HIS B 372 -32.92 -22.04 17.30
C HIS B 372 -33.66 -21.18 16.30
N HIS B 373 -34.41 -20.18 16.78
CA HIS B 373 -35.21 -19.40 15.86
C HIS B 373 -34.35 -18.52 14.97
N GLN B 374 -33.19 -18.08 15.46
CA GLN B 374 -32.29 -17.29 14.61
C GLN B 374 -31.72 -18.12 13.48
N TYR B 375 -31.28 -19.35 13.76
CA TYR B 375 -30.78 -20.20 12.69
C TYR B 375 -31.87 -20.57 11.71
N ILE B 376 -33.08 -20.86 12.22
CA ILE B 376 -34.20 -21.14 11.34
C ILE B 376 -34.46 -19.96 10.41
N ALA B 377 -34.45 -18.74 10.96
CA ALA B 377 -34.68 -17.56 10.14
C ALA B 377 -33.58 -17.36 9.09
N GLY B 378 -32.33 -17.61 9.46
CA GLY B 378 -31.26 -17.46 8.49
C GLY B 378 -31.41 -18.43 7.32
N PHE B 379 -31.70 -19.68 7.63
CA PHE B 379 -31.91 -20.66 6.56
C PHE B 379 -33.10 -20.29 5.70
N ILE B 380 -34.19 -19.84 6.31
CA ILE B 380 -35.38 -19.48 5.54
C ILE B 380 -35.11 -18.29 4.63
N MET B 381 -34.28 -17.34 5.09
CA MET B 381 -33.95 -16.21 4.22
C MET B 381 -33.12 -16.66 3.02
N CYS B 382 -32.15 -17.56 3.24
CA CYS B 382 -31.41 -18.11 2.11
C CYS B 382 -32.35 -18.81 1.14
N GLY B 383 -33.34 -19.52 1.65
CA GLY B 383 -34.30 -20.19 0.78
C GLY B 383 -35.17 -19.23 0.01
N ALA B 384 -35.59 -18.14 0.64
CA ALA B 384 -36.36 -17.13 -0.06
C ALA B 384 -35.58 -16.58 -1.24
N PHE B 385 -34.30 -16.29 -1.04
CA PHE B 385 -33.52 -15.76 -2.15
C PHE B 385 -33.24 -16.82 -3.21
N ALA B 386 -33.06 -18.08 -2.80
CA ALA B 386 -32.88 -19.15 -3.77
C ALA B 386 -34.10 -19.30 -4.66
N HIS B 387 -35.29 -19.20 -4.07
CA HIS B 387 -36.49 -19.32 -4.89
C HIS B 387 -36.77 -18.08 -5.71
N GLY B 388 -36.30 -16.91 -5.29
CA GLY B 388 -36.30 -15.78 -6.20
C GLY B 388 -35.43 -16.01 -7.42
N ALA B 389 -34.24 -16.56 -7.21
CA ALA B 389 -33.39 -16.91 -8.35
C ALA B 389 -34.07 -17.93 -9.25
N ILE B 390 -34.73 -18.92 -8.65
CA ILE B 390 -35.43 -19.92 -9.46
C ILE B 390 -36.58 -19.29 -10.24
N PHE B 391 -37.29 -18.34 -9.62
CA PHE B 391 -38.31 -17.62 -10.36
C PHE B 391 -37.72 -16.95 -11.59
N PHE B 392 -36.59 -16.25 -11.43
CA PHE B 392 -36.02 -15.56 -12.58
C PHE B 392 -35.58 -16.54 -13.66
N VAL B 393 -34.99 -17.66 -13.26
CA VAL B 393 -34.53 -18.62 -14.27
C VAL B 393 -35.70 -19.31 -14.96
N ARG B 394 -36.78 -19.57 -14.24
CA ARG B 394 -37.85 -20.43 -14.75
C ARG B 394 -39.09 -19.67 -15.20
N ASP B 395 -39.69 -18.86 -14.34
CA ASP B 395 -41.05 -18.40 -14.54
C ASP B 395 -41.13 -16.94 -14.95
N TYR B 396 -40.02 -16.30 -15.28
CA TYR B 396 -40.02 -14.88 -15.61
C TYR B 396 -40.26 -14.71 -17.10
N ASP B 397 -41.29 -13.95 -17.45
CA ASP B 397 -41.61 -13.67 -18.84
C ASP B 397 -41.29 -12.21 -19.14
N PRO B 398 -40.25 -11.90 -19.91
CA PRO B 398 -39.96 -10.50 -20.22
C PRO B 398 -41.08 -9.78 -20.95
N ALA B 399 -41.82 -10.47 -21.82
CA ALA B 399 -42.87 -9.82 -22.60
C ALA B 399 -44.02 -9.34 -21.72
N GLN B 400 -44.47 -10.17 -20.78
CA GLN B 400 -45.54 -9.74 -19.89
C GLN B 400 -45.05 -8.71 -18.89
N ASN B 401 -43.89 -8.95 -18.29
CA ASN B 401 -43.28 -8.04 -17.32
C ASN B 401 -42.46 -6.97 -17.99
N ARG B 402 -42.94 -6.38 -19.08
CA ARG B 402 -42.18 -5.38 -19.81
C ARG B 402 -42.52 -4.00 -19.27
N GLY B 403 -41.51 -3.30 -18.75
CA GLY B 403 -41.67 -1.95 -18.25
C GLY B 403 -42.15 -1.85 -16.82
N ASN B 404 -42.48 -2.96 -16.18
CA ASN B 404 -42.89 -2.91 -14.79
C ASN B 404 -41.66 -2.94 -13.89
N VAL B 405 -41.90 -2.78 -12.58
CA VAL B 405 -40.80 -2.65 -11.62
C VAL B 405 -39.85 -3.83 -11.69
N LEU B 406 -40.34 -5.01 -12.06
CA LEU B 406 -39.46 -6.16 -12.17
C LEU B 406 -38.48 -5.99 -13.32
N ALA B 407 -38.97 -5.59 -14.49
CA ALA B 407 -38.08 -5.32 -15.61
C ALA B 407 -37.15 -4.16 -15.30
N ARG B 408 -37.66 -3.12 -14.65
CA ARG B 408 -36.83 -1.97 -14.34
C ARG B 408 -35.73 -2.33 -13.35
N ILE B 409 -35.99 -3.25 -12.42
CA ILE B 409 -34.94 -3.60 -11.48
C ILE B 409 -33.96 -4.57 -12.10
N LEU B 410 -34.39 -5.38 -13.08
CA LEU B 410 -33.43 -6.14 -13.86
C LEU B 410 -32.60 -5.24 -14.76
N ASP B 411 -33.12 -4.08 -15.13
CA ASP B 411 -32.44 -3.22 -16.09
C ASP B 411 -31.15 -2.64 -15.52
N HIS B 412 -31.16 -2.24 -14.25
CA HIS B 412 -30.02 -1.58 -13.62
C HIS B 412 -29.39 -2.45 -12.54
N LYS B 413 -29.29 -3.75 -12.79
CA LYS B 413 -28.78 -4.66 -11.77
C LYS B 413 -27.35 -4.34 -11.38
N GLU B 414 -26.57 -3.75 -12.29
CA GLU B 414 -25.18 -3.46 -11.97
C GLU B 414 -25.06 -2.40 -10.89
N ALA B 415 -25.97 -1.42 -10.87
CA ALA B 415 -25.98 -0.46 -9.79
C ALA B 415 -26.23 -1.14 -8.45
N LEU B 416 -27.21 -2.04 -8.39
CA LEU B 416 -27.51 -2.75 -7.16
C LEU B 416 -26.31 -3.57 -6.69
N ILE B 417 -25.72 -4.35 -7.60
CA ILE B 417 -24.64 -5.22 -7.21
C ILE B 417 -23.42 -4.42 -6.82
N SER B 418 -23.11 -3.35 -7.55
CA SER B 418 -21.95 -2.54 -7.20
C SER B 418 -22.13 -1.82 -5.88
N HIS B 419 -23.35 -1.37 -5.57
CA HIS B 419 -23.53 -0.67 -4.31
C HIS B 419 -23.58 -1.62 -3.13
N LEU B 420 -24.13 -2.82 -3.30
CA LEU B 420 -23.95 -3.82 -2.27
C LEU B 420 -22.48 -4.13 -2.06
N SER B 421 -21.72 -4.21 -3.15
CA SER B 421 -20.30 -4.47 -3.04
C SER B 421 -19.61 -3.36 -2.27
N TRP B 422 -19.95 -2.11 -2.55
CA TRP B 422 -19.33 -1.00 -1.82
C TRP B 422 -19.68 -1.05 -0.34
N ALA B 423 -20.97 -1.25 -0.02
CA ALA B 423 -21.37 -1.27 1.38
C ALA B 423 -20.67 -2.39 2.13
N SER B 424 -20.61 -3.58 1.54
CA SER B 424 -19.97 -4.71 2.20
C SER B 424 -18.47 -4.48 2.33
N LEU B 425 -17.83 -3.93 1.29
CA LEU B 425 -16.40 -3.66 1.38
C LEU B 425 -16.10 -2.64 2.46
N PHE B 426 -16.89 -1.56 2.54
CA PHE B 426 -16.71 -0.56 3.57
C PHE B 426 -16.85 -1.16 4.95
N LEU B 427 -17.95 -1.88 5.19
CA LEU B 427 -18.18 -2.45 6.50
C LEU B 427 -17.09 -3.41 6.90
N GLY B 428 -16.69 -4.30 5.98
CA GLY B 428 -15.65 -5.25 6.30
C GLY B 428 -14.32 -4.57 6.59
N PHE B 429 -13.87 -3.69 5.69
CA PHE B 429 -12.62 -2.99 5.89
C PHE B 429 -12.60 -2.32 7.24
N HIS B 430 -13.68 -1.62 7.58
CA HIS B 430 -13.62 -0.75 8.75
C HIS B 430 -13.85 -1.50 10.04
N THR B 431 -14.78 -2.45 10.07
CA THR B 431 -14.98 -3.22 11.28
C THR B 431 -13.76 -4.07 11.58
N LEU B 432 -13.19 -4.72 10.56
CA LEU B 432 -11.96 -5.45 10.76
C LEU B 432 -10.84 -4.52 11.18
N GLY B 433 -10.75 -3.34 10.57
CA GLY B 433 -9.67 -2.43 10.92
C GLY B 433 -9.75 -1.96 12.35
N LEU B 434 -10.94 -1.60 12.81
CA LEU B 434 -11.09 -1.18 14.19
C LEU B 434 -10.79 -2.32 15.15
N TYR B 435 -11.27 -3.54 14.84
CA TYR B 435 -10.96 -4.67 15.70
C TYR B 435 -9.47 -4.92 15.77
N VAL B 436 -8.78 -4.89 14.62
CA VAL B 436 -7.34 -5.13 14.59
C VAL B 436 -6.58 -4.03 15.31
N HIS B 437 -7.03 -2.78 15.15
CA HIS B 437 -6.35 -1.68 15.83
C HIS B 437 -6.48 -1.79 17.33
N ASN B 438 -7.70 -2.03 17.81
CA ASN B 438 -7.89 -2.25 19.24
C ASN B 438 -7.05 -3.42 19.71
N ASP B 439 -6.98 -4.47 18.90
CA ASP B 439 -6.28 -5.68 19.31
C ASP B 439 -4.78 -5.44 19.39
N VAL B 440 -4.23 -4.68 18.45
CA VAL B 440 -2.79 -4.39 18.47
C VAL B 440 -2.44 -3.47 19.61
N VAL B 441 -3.21 -2.39 19.80
CA VAL B 441 -2.87 -1.46 20.89
C VAL B 441 -3.07 -2.11 22.25
N GLN B 442 -4.00 -3.06 22.36
CA GLN B 442 -4.10 -3.85 23.58
C GLN B 442 -2.90 -4.77 23.72
N ALA B 443 -2.43 -5.33 22.62
CA ALA B 443 -1.28 -6.23 22.66
C ALA B 443 -0.03 -5.54 23.16
N PHE B 444 0.13 -4.25 22.84
CA PHE B 444 1.28 -3.48 23.28
C PHE B 444 1.09 -2.87 24.67
N GLY B 445 0.09 -3.32 25.42
CA GLY B 445 -0.07 -2.89 26.78
C GLY B 445 -0.57 -1.48 26.97
N THR B 446 -1.22 -0.91 25.97
CA THR B 446 -1.76 0.44 26.05
C THR B 446 -3.23 0.41 25.63
N PRO B 447 -4.10 -0.14 26.47
CA PRO B 447 -5.52 -0.22 26.10
C PRO B 447 -6.20 1.12 25.98
N GLU B 448 -5.55 2.21 26.39
CA GLU B 448 -6.19 3.52 26.31
C GLU B 448 -6.12 4.14 24.92
N LYS B 449 -5.35 3.54 24.01
CA LYS B 449 -5.31 4.00 22.62
C LYS B 449 -6.37 3.35 21.76
N GLN B 450 -7.41 2.79 22.37
CA GLN B 450 -8.43 2.08 21.65
C GLN B 450 -9.41 3.05 21.01
N ILE B 451 -9.84 2.73 19.80
CA ILE B 451 -10.87 3.49 19.12
C ILE B 451 -12.19 2.89 19.58
N LEU B 452 -12.87 3.59 20.47
CA LEU B 452 -14.11 3.09 21.08
C LEU B 452 -15.20 4.08 20.74
N ILE B 453 -15.82 3.89 19.57
CA ILE B 453 -16.92 4.75 19.16
C ILE B 453 -18.14 4.44 20.02
N GLU B 454 -18.87 5.47 20.39
CA GLU B 454 -20.07 5.22 21.18
C GLU B 454 -21.29 5.10 20.26
N PRO B 455 -22.15 4.12 20.49
CA PRO B 455 -23.35 3.98 19.65
C PRO B 455 -24.42 5.00 20.00
N VAL B 456 -24.13 6.27 19.73
CA VAL B 456 -25.01 7.33 20.19
C VAL B 456 -26.36 7.29 19.49
N PHE B 457 -26.44 6.74 18.28
CA PHE B 457 -27.74 6.65 17.63
C PHE B 457 -28.61 5.60 18.31
N ALA B 458 -28.06 4.43 18.58
CA ALA B 458 -28.82 3.39 19.27
C ALA B 458 -29.09 3.78 20.72
N GLN B 459 -28.14 4.44 21.38
CA GLN B 459 -28.37 4.94 22.72
C GLN B 459 -29.47 6.01 22.71
N TRP B 460 -29.50 6.84 21.68
CA TRP B 460 -30.54 7.85 21.55
C TRP B 460 -31.91 7.22 21.37
N ILE B 461 -31.99 6.18 20.55
CA ILE B 461 -33.27 5.47 20.38
C ILE B 461 -33.69 4.80 21.68
N GLN B 462 -32.74 4.20 22.39
CA GLN B 462 -33.06 3.63 23.70
C GLN B 462 -33.61 4.69 24.63
N ALA B 463 -33.01 5.89 24.62
CA ALA B 463 -33.50 6.99 25.43
C ALA B 463 -34.88 7.44 24.99
N ALA B 464 -35.20 7.32 23.70
CA ALA B 464 -36.53 7.68 23.24
C ALA B 464 -37.61 6.76 23.78
N HIS B 465 -37.25 5.59 24.30
CA HIS B 465 -38.20 4.64 24.85
C HIS B 465 -38.39 4.76 26.34
N GLY B 466 -37.76 5.72 26.99
CA GLY B 466 -37.93 5.90 28.41
C GLY B 466 -36.78 5.39 29.24
N LYS B 467 -35.65 5.07 28.63
CA LYS B 467 -34.46 4.63 29.34
C LYS B 467 -33.70 5.86 29.78
N THR B 468 -33.78 6.18 31.06
CA THR B 468 -33.14 7.38 31.59
C THR B 468 -31.75 7.05 32.13
N ALA B 469 -30.89 6.59 31.21
CA ALA B 469 -29.52 6.22 31.56
C ALA B 469 -28.48 7.01 30.78
N TYR B 470 -28.81 7.52 29.60
CA TYR B 470 -27.87 8.30 28.81
C TYR B 470 -28.16 9.78 28.86
N GLY B 471 -29.16 10.20 29.64
CA GLY B 471 -29.42 11.61 29.83
C GLY B 471 -29.89 12.34 28.61
N PHE B 472 -30.36 11.62 27.58
CA PHE B 472 -30.92 12.30 26.43
C PHE B 472 -32.23 12.99 26.78
N ASP B 473 -33.06 12.37 27.61
CA ASP B 473 -34.32 12.95 28.07
C ASP B 473 -35.15 13.44 26.89
N PHE B 474 -35.53 12.48 26.04
CA PHE B 474 -35.96 12.81 24.69
C PHE B 474 -37.48 12.71 24.53
N LEU B 475 -38.00 11.49 24.42
CA LEU B 475 -39.43 11.33 24.18
C LEU B 475 -40.11 10.71 25.39
N LEU B 476 -40.03 9.40 25.55
CA LEU B 476 -40.65 8.76 26.70
C LEU B 476 -39.81 8.87 27.96
N SER B 477 -38.54 9.23 27.84
CA SER B 477 -37.72 9.48 29.01
C SER B 477 -37.98 10.84 29.65
N SER B 478 -38.73 11.69 28.97
CA SER B 478 -39.15 12.98 29.50
C SER B 478 -40.58 12.84 29.99
N ALA B 479 -40.75 12.79 31.31
CA ALA B 479 -42.07 12.61 31.90
C ALA B 479 -43.05 13.75 31.56
N THR B 480 -42.58 14.75 30.84
CA THR B 480 -43.39 15.91 30.50
C THR B 480 -43.81 15.91 29.03
N SER B 481 -43.18 15.09 28.19
CA SER B 481 -43.46 15.11 26.77
C SER B 481 -44.87 14.60 26.47
N ALA B 482 -45.32 14.86 25.25
CA ALA B 482 -46.68 14.44 24.87
C ALA B 482 -46.86 12.94 24.87
N PRO B 483 -45.98 12.12 24.26
CA PRO B 483 -46.16 10.67 24.39
C PRO B 483 -46.10 10.19 25.82
N SER B 484 -45.32 10.84 26.68
CA SER B 484 -45.26 10.45 28.07
C SER B 484 -46.54 10.80 28.80
N LEU B 485 -47.07 12.00 28.58
CA LEU B 485 -48.33 12.38 29.20
C LEU B 485 -49.48 11.53 28.69
N ALA B 486 -49.39 11.03 27.46
CA ALA B 486 -50.48 10.25 26.89
C ALA B 486 -50.56 8.86 27.51
N GLY B 487 -49.42 8.20 27.67
CA GLY B 487 -49.41 6.84 28.14
C GLY B 487 -49.19 6.65 29.62
N GLN B 488 -49.06 7.74 30.38
CA GLN B 488 -48.74 7.64 31.81
C GLN B 488 -49.87 7.03 32.62
N ALA B 489 -51.07 6.93 32.07
CA ALA B 489 -52.18 6.28 32.75
C ALA B 489 -52.57 4.93 32.16
N LEU B 490 -52.05 4.55 31.00
CA LEU B 490 -52.41 3.30 30.36
C LEU B 490 -51.33 2.25 30.56
N TRP B 491 -50.25 2.40 29.80
CA TRP B 491 -49.19 1.42 29.68
C TRP B 491 -47.82 1.85 30.21
N LEU B 492 -47.58 3.13 30.39
CA LEU B 492 -46.23 3.61 30.64
C LEU B 492 -45.67 3.29 32.03
N PRO B 493 -46.49 3.24 33.10
CA PRO B 493 -45.93 2.85 34.40
C PRO B 493 -45.14 1.55 34.35
N GLY B 494 -45.82 0.47 33.99
CA GLY B 494 -45.16 -0.83 33.95
C GLY B 494 -44.05 -0.90 32.91
N TRP B 495 -44.28 -0.28 31.75
CA TRP B 495 -43.27 -0.31 30.69
C TRP B 495 -41.99 0.39 31.13
N LEU B 496 -42.11 1.59 31.70
CA LEU B 496 -40.94 2.30 32.18
C LEU B 496 -40.27 1.58 33.33
N GLN B 497 -41.07 0.97 34.21
CA GLN B 497 -40.50 0.20 35.31
C GLN B 497 -39.67 -0.97 34.77
N GLY B 498 -40.19 -1.66 33.75
CA GLY B 498 -39.44 -2.74 33.15
C GLY B 498 -38.19 -2.28 32.41
N ILE B 499 -38.31 -1.20 31.63
CA ILE B 499 -37.19 -0.76 30.80
C ILE B 499 -36.06 -0.21 31.66
N ASN B 500 -36.40 0.47 32.76
CA ASN B 500 -35.36 1.13 33.56
C ASN B 500 -34.70 0.19 34.55
N SER B 501 -35.11 -1.08 34.59
CA SER B 501 -34.55 -2.06 35.50
C SER B 501 -33.55 -2.93 34.74
N ASP B 502 -32.38 -3.16 35.34
CA ASP B 502 -31.34 -3.99 34.75
C ASP B 502 -31.51 -5.46 35.09
N ALA B 503 -32.65 -5.84 35.67
CA ALA B 503 -32.91 -7.23 36.02
C ALA B 503 -33.47 -8.06 34.87
N ASN B 504 -33.74 -7.44 33.73
CA ASN B 504 -34.29 -8.13 32.57
C ASN B 504 -33.46 -7.79 31.35
N SER B 505 -33.85 -8.36 30.21
CA SER B 505 -33.17 -8.12 28.95
C SER B 505 -33.82 -7.00 28.15
N LEU B 506 -34.87 -6.38 28.68
CA LEU B 506 -35.56 -5.30 27.98
C LEU B 506 -34.62 -4.13 27.78
N PHE B 507 -34.11 -3.98 26.55
CA PHE B 507 -33.24 -2.87 26.17
C PHE B 507 -31.97 -2.85 27.02
N LEU B 508 -31.04 -3.74 26.72
CA LEU B 508 -29.78 -3.80 27.44
C LEU B 508 -28.95 -2.55 27.16
N THR B 509 -28.11 -2.18 28.13
CA THR B 509 -27.19 -1.08 27.94
C THR B 509 -26.12 -1.44 26.92
N ILE B 510 -25.77 -0.49 26.07
CA ILE B 510 -24.87 -0.73 24.95
C ILE B 510 -23.71 0.24 25.01
N GLY B 511 -22.51 -0.25 24.74
CA GLY B 511 -21.32 0.56 24.69
C GLY B 511 -20.60 0.41 23.38
N PRO B 512 -19.30 0.68 23.36
CA PRO B 512 -18.53 0.51 22.11
C PRO B 512 -18.51 -0.91 21.59
N GLY B 513 -18.50 -1.90 22.47
CA GLY B 513 -18.50 -3.28 22.01
C GLY B 513 -19.74 -3.62 21.22
N ASP B 514 -20.89 -3.11 21.66
CA ASP B 514 -22.12 -3.30 20.92
C ASP B 514 -22.05 -2.63 19.56
N PHE B 515 -21.40 -1.46 19.48
CA PHE B 515 -21.20 -0.80 18.21
C PHE B 515 -20.41 -1.68 17.24
N LEU B 516 -19.28 -2.20 17.71
CA LEU B 516 -18.46 -3.04 16.84
C LEU B 516 -19.20 -4.29 16.40
N VAL B 517 -19.93 -4.93 17.32
CA VAL B 517 -20.61 -6.17 16.95
C VAL B 517 -21.76 -5.89 16.01
N HIS B 518 -22.49 -4.79 16.21
CA HIS B 518 -23.57 -4.48 15.28
C HIS B 518 -23.05 -4.19 13.89
N HIS B 519 -21.87 -3.58 13.79
CA HIS B 519 -21.31 -3.37 12.45
C HIS B 519 -20.79 -4.67 11.84
N ALA B 520 -20.32 -5.60 12.67
CA ALA B 520 -20.02 -6.93 12.14
C ALA B 520 -21.28 -7.59 11.60
N ILE B 521 -22.39 -7.43 12.31
CA ILE B 521 -23.66 -7.99 11.86
C ILE B 521 -24.08 -7.33 10.55
N ALA B 522 -23.87 -6.03 10.44
CA ALA B 522 -24.20 -5.32 9.20
C ALA B 522 -23.36 -5.80 8.04
N LEU B 523 -22.08 -6.02 8.27
CA LEU B 523 -21.22 -6.61 7.24
C LEU B 523 -21.76 -7.96 6.81
N GLY B 524 -22.15 -8.81 7.77
CA GLY B 524 -22.64 -10.13 7.42
C GLY B 524 -23.92 -10.08 6.60
N LEU B 525 -24.88 -9.27 7.03
CA LEU B 525 -26.14 -9.16 6.29
C LEU B 525 -25.90 -8.63 4.89
N HIS B 526 -25.07 -7.60 4.77
CA HIS B 526 -24.85 -7.01 3.46
C HIS B 526 -24.12 -7.95 2.52
N THR B 527 -23.14 -8.70 3.01
CA THR B 527 -22.43 -9.60 2.12
C THR B 527 -23.30 -10.79 1.74
N THR B 528 -24.06 -11.33 2.68
CA THR B 528 -24.96 -12.43 2.34
C THR B 528 -25.97 -11.98 1.31
N THR B 529 -26.55 -10.79 1.52
CA THR B 529 -27.49 -10.25 0.55
C THR B 529 -26.81 -9.98 -0.79
N LEU B 530 -25.54 -9.56 -0.77
CA LEU B 530 -24.84 -9.34 -2.03
C LEU B 530 -24.75 -10.64 -2.82
N ILE B 531 -24.34 -11.73 -2.16
CA ILE B 531 -24.22 -13.00 -2.85
C ILE B 531 -25.58 -13.44 -3.38
N LEU B 532 -26.61 -13.37 -2.53
CA LEU B 532 -27.92 -13.89 -2.92
C LEU B 532 -28.55 -13.04 -4.02
N VAL B 533 -28.52 -11.72 -3.86
CA VAL B 533 -29.10 -10.82 -4.87
C VAL B 533 -28.35 -10.95 -6.18
N LYS B 534 -27.02 -11.00 -6.13
CA LYS B 534 -26.25 -11.14 -7.35
C LYS B 534 -26.59 -12.43 -8.07
N GLY B 535 -26.66 -13.54 -7.33
CA GLY B 535 -27.02 -14.80 -7.96
C GLY B 535 -28.45 -14.86 -8.45
N ALA B 536 -29.35 -14.10 -7.84
CA ALA B 536 -30.73 -14.04 -8.32
C ALA B 536 -30.85 -13.20 -9.58
N LEU B 537 -30.20 -12.06 -9.63
CA LEU B 537 -30.28 -11.19 -10.79
C LEU B 537 -29.39 -11.66 -11.92
N ASP B 538 -28.15 -12.00 -11.60
CA ASP B 538 -27.23 -12.57 -12.58
C ASP B 538 -27.51 -14.05 -12.82
N ALA B 539 -28.78 -14.40 -13.02
CA ALA B 539 -29.20 -15.77 -13.21
C ALA B 539 -29.74 -16.05 -14.60
N ARG B 540 -30.32 -15.04 -15.25
CA ARG B 540 -30.76 -15.17 -16.63
C ARG B 540 -29.62 -15.04 -17.63
N GLY B 541 -28.45 -14.60 -17.19
CA GLY B 541 -27.31 -14.48 -18.07
C GLY B 541 -26.37 -13.40 -17.61
N SER B 542 -25.08 -13.64 -17.83
CA SER B 542 -24.00 -12.74 -17.49
C SER B 542 -23.33 -12.26 -18.76
N LYS B 543 -22.28 -11.45 -18.59
CA LYS B 543 -21.40 -11.18 -19.71
C LYS B 543 -20.56 -12.40 -20.05
N LEU B 544 -20.24 -13.23 -19.05
CA LEU B 544 -19.47 -14.44 -19.28
C LEU B 544 -20.31 -15.55 -19.90
N MET B 545 -21.58 -15.65 -19.52
CA MET B 545 -22.49 -16.68 -20.05
C MET B 545 -23.80 -16.02 -20.41
N PRO B 546 -23.90 -15.44 -21.60
CA PRO B 546 -25.09 -14.66 -21.95
C PRO B 546 -26.35 -15.49 -22.14
N ASP B 547 -26.25 -16.82 -22.18
CA ASP B 547 -27.44 -17.66 -22.35
C ASP B 547 -27.58 -18.63 -21.19
N LYS B 548 -27.47 -18.12 -19.97
CA LYS B 548 -27.47 -19.00 -18.80
C LYS B 548 -28.83 -19.62 -18.55
N LYS B 549 -29.91 -18.88 -18.85
CA LYS B 549 -31.26 -19.41 -18.65
C LYS B 549 -31.56 -20.61 -19.52
N ASP B 550 -30.78 -20.81 -20.59
CA ASP B 550 -30.93 -22.01 -21.41
C ASP B 550 -30.44 -23.27 -20.70
N PHE B 551 -29.69 -23.13 -19.60
CA PHE B 551 -29.12 -24.27 -18.91
C PHE B 551 -29.85 -24.62 -17.62
N GLY B 552 -30.69 -23.75 -17.12
CA GLY B 552 -31.45 -24.02 -15.91
C GLY B 552 -30.83 -23.38 -14.69
N TYR B 553 -31.46 -23.65 -13.55
CA TYR B 553 -31.00 -23.08 -12.30
C TYR B 553 -29.69 -23.70 -11.83
N SER B 554 -29.57 -25.03 -11.92
CA SER B 554 -28.41 -25.73 -11.41
C SER B 554 -27.67 -26.42 -12.55
N PHE B 555 -26.37 -26.19 -12.63
CA PHE B 555 -25.50 -26.91 -13.55
C PHE B 555 -24.07 -26.72 -13.07
N PRO B 556 -23.15 -27.61 -13.48
CA PRO B 556 -21.79 -27.52 -12.94
C PRO B 556 -21.06 -26.25 -13.33
N CYS B 557 -20.90 -26.08 -14.64
CA CYS B 557 -20.02 -25.04 -15.16
C CYS B 557 -20.29 -24.85 -16.64
N ASP B 558 -19.33 -24.27 -17.34
CA ASP B 558 -19.40 -24.12 -18.78
C ASP B 558 -18.05 -24.47 -19.36
N GLY B 559 -17.46 -25.55 -18.87
CA GLY B 559 -16.20 -26.02 -19.35
C GLY B 559 -15.09 -25.11 -18.90
N PRO B 560 -13.86 -25.44 -19.27
CA PRO B 560 -12.72 -24.61 -18.88
C PRO B 560 -12.43 -23.49 -19.86
N GLY B 561 -13.35 -23.22 -20.78
CA GLY B 561 -13.16 -22.19 -21.77
C GLY B 561 -13.45 -20.81 -21.22
N ARG B 562 -12.97 -19.81 -21.95
CA ARG B 562 -13.13 -18.40 -21.57
C ARG B 562 -12.57 -18.15 -20.17
N GLY B 563 -11.46 -18.80 -19.86
CA GLY B 563 -10.78 -18.61 -18.60
C GLY B 563 -11.22 -19.54 -17.49
N GLY B 564 -12.36 -20.18 -17.63
CA GLY B 564 -12.88 -21.06 -16.59
C GLY B 564 -14.18 -20.54 -16.02
N THR B 565 -15.15 -21.41 -15.83
CA THR B 565 -16.48 -21.00 -15.39
C THR B 565 -16.98 -21.89 -14.27
N CYS B 566 -16.14 -22.12 -13.27
CA CYS B 566 -16.57 -22.85 -12.08
C CYS B 566 -17.59 -22.04 -11.31
N ASP B 567 -18.52 -22.73 -10.66
CA ASP B 567 -19.48 -22.10 -9.75
C ASP B 567 -20.23 -20.95 -10.41
N ILE B 568 -20.59 -21.13 -11.67
CA ILE B 568 -21.19 -20.04 -12.44
C ILE B 568 -22.70 -19.98 -12.33
N SER B 569 -23.36 -21.09 -11.99
CA SER B 569 -24.81 -21.10 -11.94
C SER B 569 -25.33 -20.33 -10.73
N ALA B 570 -26.64 -20.06 -10.74
CA ALA B 570 -27.27 -19.41 -9.60
C ALA B 570 -27.32 -20.31 -8.38
N TRP B 571 -27.46 -21.61 -8.59
CA TRP B 571 -27.40 -22.54 -7.49
C TRP B 571 -26.08 -22.42 -6.75
N ASP B 572 -25.01 -22.11 -7.46
CA ASP B 572 -23.72 -21.93 -6.80
C ASP B 572 -23.66 -20.61 -6.04
N ALA B 573 -24.44 -19.62 -6.46
CA ALA B 573 -24.56 -18.42 -5.64
C ALA B 573 -25.28 -18.72 -4.33
N PHE B 574 -26.35 -19.51 -4.39
CA PHE B 574 -26.98 -19.95 -3.15
C PHE B 574 -26.00 -20.74 -2.28
N TYR B 575 -25.28 -21.67 -2.90
CA TYR B 575 -24.23 -22.43 -2.22
C TYR B 575 -23.24 -21.54 -1.50
N LEU B 576 -22.72 -20.52 -2.18
CA LEU B 576 -21.73 -19.65 -1.56
C LEU B 576 -22.34 -18.78 -0.47
N ALA B 577 -23.61 -18.41 -0.61
CA ALA B 577 -24.26 -17.58 0.38
C ALA B 577 -24.67 -18.33 1.63
N VAL B 578 -24.83 -19.65 1.55
CA VAL B 578 -25.18 -20.41 2.75
C VAL B 578 -24.06 -20.29 3.79
N PHE B 579 -22.81 -20.31 3.33
CA PHE B 579 -21.68 -20.14 4.24
C PHE B 579 -21.75 -18.80 4.96
N TRP B 580 -22.06 -17.74 4.23
CA TRP B 580 -22.14 -16.43 4.83
C TRP B 580 -23.33 -16.31 5.78
N MET B 581 -24.44 -16.98 5.46
CA MET B 581 -25.56 -16.98 6.40
C MET B 581 -25.17 -17.67 7.68
N LEU B 582 -24.47 -18.80 7.58
CA LEU B 582 -24.00 -19.50 8.77
C LEU B 582 -23.10 -18.61 9.59
N ASN B 583 -22.15 -17.95 8.93
CA ASN B 583 -21.21 -17.07 9.64
C ASN B 583 -21.93 -15.91 10.31
N THR B 584 -22.89 -15.29 9.63
CA THR B 584 -23.59 -14.14 10.19
C THR B 584 -24.46 -14.54 11.37
N ILE B 585 -25.19 -15.65 11.25
CA ILE B 585 -26.00 -16.09 12.37
C ILE B 585 -25.11 -16.56 13.51
N GLY B 586 -23.94 -17.09 13.20
CA GLY B 586 -22.98 -17.40 14.25
C GLY B 586 -22.52 -16.17 15.00
N TRP B 587 -22.24 -15.08 14.27
CA TRP B 587 -21.89 -13.82 14.94
C TRP B 587 -23.03 -13.34 15.81
N VAL B 588 -24.26 -13.40 15.30
CA VAL B 588 -25.41 -12.91 16.06
C VAL B 588 -25.58 -13.71 17.35
N THR B 589 -25.48 -15.02 17.25
CA THR B 589 -25.67 -15.86 18.43
C THR B 589 -24.50 -15.75 19.40
N PHE B 590 -23.28 -15.59 18.89
CA PHE B 590 -22.14 -15.34 19.76
C PHE B 590 -22.35 -14.06 20.56
N TYR B 591 -22.77 -13.01 19.89
CA TYR B 591 -23.00 -11.73 20.55
C TYR B 591 -24.08 -11.86 21.61
N TRP B 592 -25.23 -12.45 21.25
CA TRP B 592 -26.30 -12.59 22.21
C TRP B 592 -25.88 -13.43 23.40
N HIS B 593 -25.19 -14.55 23.14
CA HIS B 593 -24.81 -15.46 24.20
C HIS B 593 -23.82 -14.82 25.15
N TRP B 594 -22.81 -14.11 24.63
CA TRP B 594 -21.84 -13.49 25.54
C TRP B 594 -22.45 -12.33 26.30
N LYS B 595 -23.26 -11.51 25.63
CA LYS B 595 -23.90 -10.40 26.32
C LYS B 595 -24.74 -10.91 27.47
N HIS B 596 -25.56 -11.94 27.22
CA HIS B 596 -26.42 -12.46 28.27
C HIS B 596 -25.68 -13.31 29.29
N LEU B 597 -24.54 -13.90 28.92
CA LEU B 597 -23.76 -14.65 29.90
C LEU B 597 -23.09 -13.72 30.87
N GLY B 598 -22.67 -12.55 30.40
CA GLY B 598 -22.26 -11.50 31.31
C GLY B 598 -23.41 -10.98 32.15
N ILE B 599 -24.59 -10.87 31.53
CA ILE B 599 -25.75 -10.32 32.24
C ILE B 599 -26.10 -11.23 33.41
N TRP B 600 -26.24 -12.53 33.15
CA TRP B 600 -26.76 -13.50 34.13
C TRP B 600 -25.84 -13.71 35.31
N GLN B 601 -24.54 -13.49 35.16
CA GLN B 601 -23.61 -13.64 36.26
C GLN B 601 -23.39 -12.35 37.02
N GLY B 602 -24.04 -11.26 36.61
CA GLY B 602 -23.87 -9.99 37.25
C GLY B 602 -22.62 -9.27 36.82
N ASN B 603 -21.74 -9.96 36.10
CA ASN B 603 -20.46 -9.42 35.67
C ASN B 603 -20.63 -8.86 34.26
N VAL B 604 -21.21 -7.67 34.18
CA VAL B 604 -21.33 -7.00 32.90
C VAL B 604 -19.97 -6.49 32.43
N ASN B 605 -19.05 -6.27 33.37
CA ASN B 605 -17.77 -5.67 33.05
C ASN B 605 -16.95 -6.55 32.12
N GLN B 606 -17.02 -7.87 32.29
CA GLN B 606 -16.21 -8.76 31.46
C GLN B 606 -16.48 -8.51 29.99
N PHE B 607 -17.75 -8.53 29.59
CA PHE B 607 -18.09 -8.19 28.22
C PHE B 607 -17.72 -6.74 27.92
N ASN B 608 -18.15 -5.80 28.77
CA ASN B 608 -18.06 -4.39 28.41
C ASN B 608 -16.63 -3.94 28.18
N GLU B 609 -15.66 -4.61 28.78
CA GLU B 609 -14.26 -4.25 28.55
C GLU B 609 -13.53 -5.20 27.62
N SER B 610 -13.90 -6.48 27.61
CA SER B 610 -13.18 -7.48 26.84
C SER B 610 -13.71 -7.66 25.42
N SER B 611 -14.83 -7.03 25.07
CA SER B 611 -15.46 -7.24 23.78
C SER B 611 -15.01 -6.25 22.72
N THR B 612 -14.07 -5.37 23.02
CA THR B 612 -13.62 -4.39 22.04
C THR B 612 -12.41 -4.85 21.27
N TYR B 613 -11.91 -6.05 21.52
CA TYR B 613 -10.81 -6.62 20.77
C TYR B 613 -11.02 -8.12 20.64
N LEU B 614 -10.45 -8.70 19.58
CA LEU B 614 -10.82 -10.05 19.19
C LEU B 614 -10.23 -11.11 20.11
N MET B 615 -9.08 -10.84 20.71
CA MET B 615 -8.56 -11.78 21.69
C MET B 615 -9.46 -11.88 22.91
N GLY B 616 -10.21 -10.83 23.21
CA GLY B 616 -11.20 -10.94 24.26
C GLY B 616 -12.28 -11.95 23.91
N TRP B 617 -12.71 -11.95 22.65
CA TRP B 617 -13.67 -12.95 22.20
C TRP B 617 -13.07 -14.35 22.24
N LEU B 618 -11.82 -14.50 21.80
CA LEU B 618 -11.23 -15.83 21.73
C LEU B 618 -10.95 -16.39 23.12
N ARG B 619 -10.52 -15.54 24.05
CA ARG B 619 -10.10 -16.00 25.36
C ARG B 619 -11.21 -15.94 26.40
N ASP B 620 -11.88 -14.81 26.51
CA ASP B 620 -12.87 -14.63 27.56
C ASP B 620 -14.22 -15.23 27.21
N TYR B 621 -14.41 -15.71 25.99
CA TYR B 621 -15.66 -16.36 25.60
C TYR B 621 -15.44 -17.80 25.19
N LEU B 622 -14.77 -18.05 24.08
CA LEU B 622 -14.65 -19.42 23.57
C LEU B 622 -13.79 -20.27 24.48
N TRP B 623 -12.64 -19.76 24.89
CA TRP B 623 -11.73 -20.57 25.67
C TRP B 623 -12.20 -20.73 27.11
N LEU B 624 -12.68 -19.65 27.72
CA LEU B 624 -13.06 -19.72 29.13
C LEU B 624 -14.28 -20.60 29.34
N ASN B 625 -15.31 -20.44 28.52
CA ASN B 625 -16.56 -21.15 28.69
C ASN B 625 -16.50 -22.60 28.25
N SER B 626 -15.43 -23.00 27.57
CA SER B 626 -15.31 -24.36 27.07
C SER B 626 -14.68 -25.30 28.09
N SER B 627 -14.40 -24.83 29.30
CA SER B 627 -13.72 -25.65 30.30
C SER B 627 -14.62 -26.79 30.76
N GLN B 628 -15.85 -26.49 31.13
CA GLN B 628 -16.76 -27.53 31.60
C GLN B 628 -17.21 -28.44 30.47
N LEU B 629 -17.35 -27.89 29.27
CA LEU B 629 -17.83 -28.65 28.14
C LEU B 629 -16.85 -29.77 27.76
N ILE B 630 -15.57 -29.44 27.64
CA ILE B 630 -14.58 -30.44 27.24
C ILE B 630 -14.19 -31.37 28.37
N ASN B 631 -14.60 -31.06 29.60
CA ASN B 631 -14.36 -31.91 30.74
C ASN B 631 -15.51 -32.85 31.02
N GLY B 632 -16.45 -32.98 30.07
CA GLY B 632 -17.59 -33.85 30.28
C GLY B 632 -17.21 -35.29 30.49
N TYR B 633 -16.29 -35.80 29.68
CA TYR B 633 -15.70 -37.11 29.94
C TYR B 633 -14.19 -36.97 29.89
N ASN B 634 -13.53 -37.66 30.80
CA ASN B 634 -12.10 -37.55 31.01
C ASN B 634 -11.64 -38.77 31.77
N PRO B 635 -10.33 -39.04 31.83
CA PRO B 635 -9.87 -40.30 32.43
C PRO B 635 -10.32 -40.52 33.86
N PHE B 636 -10.94 -39.52 34.50
CA PHE B 636 -11.41 -39.63 35.86
C PHE B 636 -12.92 -39.81 35.96
N GLY B 637 -13.58 -40.10 34.84
CA GLY B 637 -15.00 -40.36 34.86
C GLY B 637 -15.74 -39.46 33.89
N MET B 638 -17.02 -39.26 34.17
CA MET B 638 -17.86 -38.41 33.33
C MET B 638 -19.04 -37.92 34.16
N ASN B 639 -19.73 -36.92 33.63
CA ASN B 639 -20.93 -36.40 34.27
C ASN B 639 -22.05 -36.32 33.24
N SER B 640 -23.09 -35.55 33.56
CA SER B 640 -24.21 -35.41 32.63
C SER B 640 -23.82 -34.66 31.37
N LEU B 641 -22.76 -33.87 31.43
CA LEU B 641 -22.28 -33.11 30.27
C LEU B 641 -21.38 -33.94 29.38
N SER B 642 -21.42 -35.27 29.49
CA SER B 642 -20.64 -36.10 28.59
C SER B 642 -21.27 -36.19 27.21
N VAL B 643 -22.61 -36.18 27.16
CA VAL B 643 -23.29 -36.24 25.87
C VAL B 643 -22.98 -35.00 25.05
N TRP B 644 -22.90 -33.85 25.71
CA TRP B 644 -22.59 -32.63 24.99
C TRP B 644 -21.13 -32.56 24.57
N ALA B 645 -20.22 -33.13 25.35
CA ALA B 645 -18.83 -33.20 24.91
C ALA B 645 -18.68 -34.10 23.69
N TRP B 646 -19.35 -35.26 23.71
CA TRP B 646 -19.30 -36.13 22.54
C TRP B 646 -19.92 -35.45 21.33
N MET B 647 -21.03 -34.75 21.51
CA MET B 647 -21.64 -34.03 20.40
C MET B 647 -20.75 -32.90 19.90
N PHE B 648 -20.01 -32.26 20.81
CA PHE B 648 -19.06 -31.23 20.41
C PHE B 648 -18.02 -31.80 19.46
N LEU B 649 -17.38 -32.89 19.85
CA LEU B 649 -16.40 -33.51 18.96
C LEU B 649 -17.06 -34.06 17.69
N PHE B 650 -18.30 -34.51 17.79
CA PHE B 650 -19.02 -35.05 16.64
C PHE B 650 -19.25 -33.96 15.60
N GLY B 651 -19.71 -32.79 16.03
CA GLY B 651 -19.87 -31.69 15.10
C GLY B 651 -18.56 -31.26 14.48
N HIS B 652 -17.49 -31.23 15.28
CA HIS B 652 -16.18 -30.95 14.71
C HIS B 652 -15.83 -31.93 13.61
N LEU B 653 -16.10 -33.22 13.84
CA LEU B 653 -15.80 -34.24 12.83
C LEU B 653 -16.62 -34.04 11.57
N ILE B 654 -17.91 -33.76 11.71
CA ILE B 654 -18.76 -33.59 10.53
C ILE B 654 -18.30 -32.41 9.69
N TYR B 655 -18.01 -31.29 10.34
CA TYR B 655 -17.55 -30.09 9.65
C TYR B 655 -16.22 -30.33 8.94
N ALA B 656 -15.28 -30.98 9.63
CA ALA B 656 -14.00 -31.30 9.00
C ALA B 656 -14.19 -32.23 7.83
N THR B 657 -15.17 -33.13 7.90
CA THR B 657 -15.47 -34.00 6.77
C THR B 657 -15.97 -33.19 5.59
N GLY B 658 -16.88 -32.24 5.87
CA GLY B 658 -17.40 -31.42 4.79
C GLY B 658 -16.33 -30.70 4.00
N PHE B 659 -15.25 -30.30 4.67
CA PHE B 659 -14.12 -29.77 3.88
C PHE B 659 -13.62 -30.71 2.81
N MET B 660 -13.69 -32.02 3.01
CA MET B 660 -13.16 -32.93 1.97
C MET B 660 -13.90 -32.73 0.67
N PHE B 661 -15.22 -32.69 0.73
CA PHE B 661 -16.03 -32.48 -0.47
C PHE B 661 -15.92 -31.05 -0.97
N LEU B 662 -15.62 -30.11 -0.07
CA LEU B 662 -15.55 -28.72 -0.48
C LEU B 662 -14.24 -28.38 -1.19
N ILE B 663 -13.16 -29.05 -0.85
CA ILE B 663 -11.83 -28.73 -1.37
C ILE B 663 -11.44 -29.65 -2.52
N SER B 664 -11.52 -30.95 -2.31
CA SER B 664 -11.24 -31.90 -3.37
C SER B 664 -12.44 -31.98 -4.30
N TRP B 665 -12.18 -32.15 -5.59
CA TRP B 665 -13.21 -32.09 -6.61
C TRP B 665 -13.18 -33.34 -7.47
N ARG B 666 -14.30 -33.59 -8.14
CA ARG B 666 -14.47 -34.81 -8.93
C ARG B 666 -13.44 -34.92 -10.03
N GLY B 667 -12.48 -35.82 -9.87
CA GLY B 667 -11.46 -35.99 -10.86
C GLY B 667 -10.30 -36.77 -10.29
N TYR B 668 -9.92 -36.44 -9.06
CA TYR B 668 -9.10 -37.35 -8.29
C TYR B 668 -9.91 -38.57 -7.88
N TRP B 669 -11.14 -38.33 -7.43
CA TRP B 669 -11.98 -39.40 -6.93
C TRP B 669 -12.40 -40.34 -8.03
N GLN B 670 -12.64 -39.84 -9.24
CA GLN B 670 -13.06 -40.73 -10.32
C GLN B 670 -11.97 -41.72 -10.67
N GLU B 671 -10.72 -41.25 -10.82
CA GLU B 671 -9.63 -42.16 -11.10
C GLU B 671 -9.41 -43.13 -9.94
N LEU B 672 -9.55 -42.64 -8.70
CA LEU B 672 -9.34 -43.52 -7.56
C LEU B 672 -10.40 -44.62 -7.51
N ILE B 673 -11.67 -44.25 -7.62
CA ILE B 673 -12.76 -45.21 -7.65
C ILE B 673 -12.59 -46.16 -8.81
N GLU B 674 -12.03 -45.70 -9.91
CA GLU B 674 -11.95 -46.55 -11.08
C GLU B 674 -10.84 -47.60 -10.93
N THR B 675 -9.73 -47.20 -10.30
CA THR B 675 -8.73 -48.18 -9.88
C THR B 675 -9.32 -49.19 -8.91
N LEU B 676 -10.19 -48.74 -7.99
CA LEU B 676 -10.86 -49.68 -7.09
C LEU B 676 -11.76 -50.64 -7.84
N ALA B 677 -12.45 -50.15 -8.88
CA ALA B 677 -13.27 -51.02 -9.70
C ALA B 677 -12.44 -52.07 -10.39
N TRP B 678 -11.27 -51.69 -10.91
CA TRP B 678 -10.35 -52.70 -11.43
C TRP B 678 -10.00 -53.70 -10.35
N ALA B 679 -9.73 -53.23 -9.14
CA ALA B 679 -9.35 -54.15 -8.07
C ALA B 679 -10.45 -55.16 -7.77
N HIS B 680 -11.71 -54.70 -7.73
CA HIS B 680 -12.79 -55.61 -7.38
C HIS B 680 -13.15 -56.57 -8.49
N GLU B 681 -13.25 -56.11 -9.74
CA GLU B 681 -13.62 -57.05 -10.80
C GLU B 681 -12.56 -58.10 -10.94
N ARG B 682 -11.42 -57.88 -10.35
CA ARG B 682 -10.24 -58.66 -10.64
C ARG B 682 -9.63 -59.40 -9.46
N THR B 683 -10.43 -59.80 -8.49
CA THR B 683 -9.84 -60.50 -7.37
C THR B 683 -10.64 -61.77 -7.06
N PRO B 684 -9.98 -62.88 -6.78
CA PRO B 684 -10.70 -64.14 -6.61
C PRO B 684 -11.66 -64.05 -5.44
N LEU B 685 -12.66 -64.93 -5.47
CA LEU B 685 -13.67 -65.06 -4.43
C LEU B 685 -14.57 -63.85 -4.34
N ALA B 686 -14.24 -62.77 -5.04
CA ALA B 686 -15.09 -61.60 -5.13
C ALA B 686 -15.61 -61.35 -6.53
N ASN B 687 -15.08 -62.04 -7.55
CA ASN B 687 -15.69 -61.95 -8.87
C ASN B 687 -17.10 -62.52 -8.87
N LEU B 688 -17.44 -63.32 -7.86
CA LEU B 688 -18.78 -63.88 -7.76
C LEU B 688 -19.82 -62.83 -7.41
N VAL B 689 -19.38 -61.64 -6.99
CA VAL B 689 -20.27 -60.53 -6.65
C VAL B 689 -19.94 -59.37 -7.58
N ARG B 690 -20.96 -58.85 -8.27
CA ARG B 690 -20.78 -57.74 -9.19
C ARG B 690 -21.81 -56.65 -8.86
N TRP B 691 -21.48 -55.43 -9.25
CA TRP B 691 -22.36 -54.30 -8.98
C TRP B 691 -23.45 -54.20 -10.04
N ARG B 692 -24.68 -53.96 -9.59
CA ARG B 692 -25.77 -53.71 -10.52
C ARG B 692 -25.69 -52.30 -11.10
N ASP B 693 -25.13 -51.36 -10.33
CA ASP B 693 -24.95 -49.98 -10.77
C ASP B 693 -23.46 -49.70 -10.88
N LYS B 694 -23.07 -49.07 -11.97
CA LYS B 694 -21.67 -48.79 -12.19
C LYS B 694 -21.26 -47.71 -11.20
N PRO B 695 -20.29 -47.97 -10.31
CA PRO B 695 -19.94 -46.99 -9.28
C PRO B 695 -19.18 -45.81 -9.88
N VAL B 696 -19.78 -44.63 -9.79
CA VAL B 696 -19.14 -43.41 -10.29
C VAL B 696 -19.08 -42.40 -9.17
N ALA B 697 -18.07 -41.54 -9.25
CA ALA B 697 -17.89 -40.50 -8.26
C ALA B 697 -19.07 -39.53 -8.29
N LEU B 698 -19.35 -38.94 -7.13
CA LEU B 698 -20.42 -37.96 -7.01
C LEU B 698 -20.27 -36.89 -8.07
N SER B 699 -21.40 -36.38 -8.57
CA SER B 699 -21.34 -35.33 -9.57
C SER B 699 -20.78 -34.05 -8.94
N ILE B 700 -20.60 -33.02 -9.75
CA ILE B 700 -20.02 -31.77 -9.25
C ILE B 700 -20.99 -31.07 -8.32
N VAL B 701 -22.19 -30.79 -8.81
CA VAL B 701 -23.17 -30.07 -8.02
C VAL B 701 -23.60 -30.90 -6.82
N GLN B 702 -23.71 -32.22 -6.99
CA GLN B 702 -24.02 -33.08 -5.85
C GLN B 702 -22.95 -33.02 -4.79
N ALA B 703 -21.68 -33.02 -5.19
CA ALA B 703 -20.61 -32.92 -4.21
C ALA B 703 -20.63 -31.59 -3.49
N ARG B 704 -20.91 -30.51 -4.21
CA ARG B 704 -21.06 -29.22 -3.55
C ARG B 704 -22.18 -29.26 -2.51
N LEU B 705 -23.31 -29.89 -2.87
CA LEU B 705 -24.40 -30.04 -1.92
C LEU B 705 -23.99 -30.87 -0.71
N VAL B 706 -23.25 -31.95 -0.93
CA VAL B 706 -22.86 -32.82 0.18
C VAL B 706 -21.93 -32.10 1.13
N GLY B 707 -20.91 -31.43 0.58
CA GLY B 707 -20.01 -30.67 1.42
C GLY B 707 -20.72 -29.57 2.19
N LEU B 708 -21.65 -28.88 1.54
CA LEU B 708 -22.39 -27.83 2.21
C LEU B 708 -23.27 -28.38 3.32
N THR B 709 -23.90 -29.54 3.09
CA THR B 709 -24.74 -30.15 4.11
C THR B 709 -23.91 -30.57 5.32
N HIS B 710 -22.74 -31.17 5.08
CA HIS B 710 -21.86 -31.51 6.20
C HIS B 710 -21.44 -30.27 6.95
N PHE B 711 -21.04 -29.23 6.22
CA PHE B 711 -20.63 -27.98 6.84
C PHE B 711 -21.71 -27.44 7.76
N SER B 712 -22.94 -27.36 7.25
CA SER B 712 -24.04 -26.79 8.03
C SER B 712 -24.37 -27.66 9.24
N VAL B 713 -24.43 -28.98 9.07
CA VAL B 713 -24.76 -29.86 10.19
C VAL B 713 -23.68 -29.78 11.26
N GLY B 714 -22.41 -29.78 10.86
CA GLY B 714 -21.34 -29.67 11.83
C GLY B 714 -21.35 -28.35 12.57
N TYR B 715 -21.55 -27.26 11.84
CA TYR B 715 -21.68 -25.93 12.44
C TYR B 715 -22.78 -25.92 13.50
N VAL B 716 -23.97 -26.40 13.12
CA VAL B 716 -25.11 -26.35 14.03
C VAL B 716 -24.88 -27.23 15.25
N LEU B 717 -24.41 -28.46 15.03
CA LEU B 717 -24.21 -29.37 16.16
C LEU B 717 -23.15 -28.85 17.11
N THR B 718 -22.03 -28.34 16.58
CA THR B 718 -20.98 -27.84 17.45
C THR B 718 -21.47 -26.66 18.28
N TYR B 719 -22.15 -25.70 17.65
CA TYR B 719 -22.59 -24.56 18.44
C TYR B 719 -23.68 -24.94 19.43
N ALA B 720 -24.57 -25.84 19.04
CA ALA B 720 -25.61 -26.27 19.98
C ALA B 720 -25.02 -26.96 21.19
N ALA B 721 -24.04 -27.84 20.97
CA ALA B 721 -23.37 -28.50 22.09
C ALA B 721 -22.69 -27.47 23.00
N PHE B 722 -21.93 -26.56 22.40
CA PHE B 722 -21.25 -25.55 23.21
C PHE B 722 -22.23 -24.71 23.99
N LEU B 723 -23.30 -24.26 23.34
CA LEU B 723 -24.27 -23.40 24.01
C LEU B 723 -24.95 -24.11 25.17
N ILE B 724 -25.47 -25.31 24.92
CA ILE B 724 -26.20 -26.02 25.97
C ILE B 724 -25.26 -26.37 27.12
N ALA B 725 -24.06 -26.86 26.81
CA ALA B 725 -23.14 -27.26 27.86
C ALA B 725 -22.50 -26.09 28.58
N SER B 726 -22.44 -24.92 27.96
CA SER B 726 -21.88 -23.75 28.61
C SER B 726 -22.91 -22.96 29.39
N THR B 727 -24.19 -23.11 29.06
CA THR B 727 -25.22 -22.43 29.84
C THR B 727 -25.76 -23.32 30.96
N SER B 728 -26.05 -24.58 30.65
CA SER B 728 -26.56 -25.50 31.65
C SER B 728 -25.50 -25.87 32.67
N GLY B 729 -24.23 -25.80 32.31
CA GLY B 729 -23.18 -26.09 33.27
C GLY B 729 -23.10 -25.05 34.37
N LYS B 730 -23.18 -23.78 34.00
CA LYS B 730 -23.05 -22.70 34.96
C LYS B 730 -24.35 -22.36 35.67
N PHE B 731 -25.48 -22.68 35.05
CA PHE B 731 -26.78 -22.34 35.63
C PHE B 731 -27.73 -23.52 35.62
N SER C 1 -24.92 -38.27 -24.72
CA SER C 1 -26.24 -37.74 -25.06
C SER C 1 -26.36 -36.28 -24.70
N HIS C 2 -25.30 -35.53 -24.93
CA HIS C 2 -25.35 -34.08 -24.76
C HIS C 2 -25.79 -33.43 -26.06
N THR C 3 -26.49 -32.32 -25.93
CA THR C 3 -27.09 -31.64 -27.07
C THR C 3 -26.11 -30.61 -27.62
N VAL C 4 -25.53 -30.89 -28.77
CA VAL C 4 -24.56 -30.00 -29.40
C VAL C 4 -25.23 -29.31 -30.57
N LYS C 5 -25.16 -27.98 -30.61
CA LYS C 5 -25.77 -27.20 -31.66
C LYS C 5 -24.71 -26.29 -32.27
N ILE C 6 -24.89 -25.98 -33.55
CA ILE C 6 -24.02 -25.05 -34.26
C ILE C 6 -24.89 -23.97 -34.86
N TYR C 7 -24.52 -22.72 -34.62
CA TYR C 7 -25.33 -21.58 -34.99
C TYR C 7 -24.68 -20.85 -36.16
N ASP C 8 -25.47 -20.01 -36.83
CA ASP C 8 -25.03 -19.44 -38.10
C ASP C 8 -23.93 -18.40 -37.95
N THR C 9 -23.57 -17.99 -36.74
CA THR C 9 -22.41 -17.14 -36.60
C THR C 9 -21.12 -17.86 -36.91
N CYS C 10 -21.18 -19.15 -37.19
CA CYS C 10 -20.00 -19.93 -37.54
C CYS C 10 -19.32 -19.33 -38.76
N ILE C 11 -17.98 -19.32 -38.72
CA ILE C 11 -17.18 -18.85 -39.84
C ILE C 11 -16.39 -19.98 -40.49
N GLY C 12 -16.59 -21.22 -40.04
CA GLY C 12 -15.91 -22.35 -40.63
C GLY C 12 -14.41 -22.26 -40.51
N CYS C 13 -13.89 -22.19 -39.29
CA CYS C 13 -12.46 -22.12 -39.08
C CYS C 13 -11.86 -23.48 -38.77
N THR C 14 -12.68 -24.52 -38.64
CA THR C 14 -12.28 -25.91 -38.41
C THR C 14 -11.65 -26.12 -37.05
N GLN C 15 -11.64 -25.11 -36.18
CA GLN C 15 -11.01 -25.29 -34.88
C GLN C 15 -11.81 -26.25 -34.02
N CYS C 16 -13.14 -26.13 -34.04
CA CYS C 16 -13.97 -26.93 -33.17
C CYS C 16 -13.89 -28.41 -33.52
N VAL C 17 -13.61 -28.73 -34.77
CA VAL C 17 -13.59 -30.13 -35.18
C VAL C 17 -12.22 -30.76 -34.99
N ARG C 18 -11.15 -29.97 -34.99
CA ARG C 18 -9.85 -30.49 -34.59
C ARG C 18 -9.75 -30.61 -33.08
N ALA C 19 -10.48 -29.77 -32.34
CA ALA C 19 -10.41 -29.80 -30.89
C ALA C 19 -11.06 -31.05 -30.31
N CYS C 20 -12.21 -31.45 -30.87
CA CYS C 20 -12.99 -32.53 -30.28
C CYS C 20 -12.19 -33.82 -30.22
N PRO C 21 -12.16 -34.50 -29.07
CA PRO C 21 -11.42 -35.75 -28.94
C PRO C 21 -12.22 -37.01 -29.26
N THR C 22 -13.50 -36.89 -29.59
CA THR C 22 -14.35 -38.06 -29.76
C THR C 22 -15.03 -38.05 -31.12
N ASP C 23 -14.71 -37.08 -31.98
CA ASP C 23 -15.21 -37.01 -33.35
C ASP C 23 -16.74 -36.92 -33.36
N VAL C 24 -17.21 -35.77 -32.91
CA VAL C 24 -18.64 -35.48 -32.87
C VAL C 24 -18.98 -34.39 -33.86
N LEU C 25 -18.04 -33.48 -34.11
CA LEU C 25 -18.20 -32.34 -34.98
C LEU C 25 -17.55 -32.63 -36.30
N GLU C 26 -18.13 -32.06 -37.31
CA GLU C 26 -17.67 -32.27 -38.65
C GLU C 26 -17.87 -31.09 -39.58
N MET C 27 -17.09 -31.06 -40.67
CA MET C 27 -17.20 -29.96 -41.62
C MET C 27 -18.13 -30.36 -42.75
N VAL C 28 -19.07 -29.49 -43.08
CA VAL C 28 -19.99 -29.72 -44.19
C VAL C 28 -19.99 -28.48 -45.06
N PRO C 29 -20.30 -28.60 -46.35
CA PRO C 29 -20.40 -27.40 -47.19
C PRO C 29 -21.53 -26.49 -46.74
N TRP C 30 -21.29 -25.19 -46.85
CA TRP C 30 -22.27 -24.18 -46.52
C TRP C 30 -22.01 -22.98 -47.42
N ASP C 31 -22.80 -21.93 -47.24
CA ASP C 31 -22.67 -20.75 -48.07
C ASP C 31 -22.88 -19.45 -47.31
N GLY C 32 -23.10 -19.50 -45.99
CA GLY C 32 -23.36 -18.31 -45.22
C GLY C 32 -22.12 -17.75 -44.56
N CYS C 33 -20.96 -18.09 -45.10
CA CYS C 33 -19.69 -17.58 -44.59
C CYS C 33 -18.66 -17.68 -45.70
N LYS C 34 -17.56 -16.96 -45.52
CA LYS C 34 -16.56 -16.84 -46.57
C LYS C 34 -15.89 -18.17 -46.88
N ALA C 35 -15.61 -18.98 -45.85
CA ALA C 35 -14.98 -20.27 -46.08
C ALA C 35 -15.89 -21.25 -46.79
N ASN C 36 -17.19 -20.96 -46.92
CA ASN C 36 -18.16 -21.83 -47.58
C ASN C 36 -18.29 -23.16 -46.86
N GLN C 37 -18.03 -23.19 -45.56
CA GLN C 37 -18.12 -24.41 -44.78
C GLN C 37 -18.66 -24.08 -43.40
N ILE C 38 -19.45 -25.00 -42.86
CA ILE C 38 -19.98 -24.85 -41.51
C ILE C 38 -19.74 -26.16 -40.78
N ALA C 39 -19.81 -26.10 -39.45
CA ALA C 39 -19.68 -27.30 -38.65
C ALA C 39 -21.05 -27.94 -38.46
N SER C 40 -21.04 -29.24 -38.17
CA SER C 40 -22.24 -29.99 -37.88
C SER C 40 -21.91 -31.03 -36.84
N ALA C 41 -22.93 -31.47 -36.11
CA ALA C 41 -22.75 -32.41 -35.00
C ALA C 41 -23.65 -33.61 -35.25
N PRO C 42 -23.26 -34.50 -36.16
CA PRO C 42 -24.09 -35.68 -36.42
C PRO C 42 -23.93 -36.76 -35.35
N ARG C 43 -22.68 -37.04 -34.99
CA ARG C 43 -22.36 -38.11 -34.06
C ARG C 43 -22.45 -37.63 -32.62
N THR C 44 -23.52 -36.92 -32.27
CA THR C 44 -23.65 -36.37 -30.93
C THR C 44 -23.86 -37.44 -29.86
N GLU C 45 -24.12 -38.68 -30.26
CA GLU C 45 -24.14 -39.78 -29.29
C GLU C 45 -22.79 -39.95 -28.61
N ASP C 46 -21.72 -39.48 -29.24
CA ASP C 46 -20.37 -39.61 -28.72
C ASP C 46 -19.91 -38.43 -27.88
N CYS C 47 -20.72 -37.39 -27.75
CA CYS C 47 -20.30 -36.20 -27.01
C CYS C 47 -20.10 -36.55 -25.55
N VAL C 48 -18.89 -36.27 -25.03
CA VAL C 48 -18.61 -36.50 -23.62
C VAL C 48 -18.96 -35.28 -22.78
N GLY C 49 -18.86 -34.08 -23.34
CA GLY C 49 -19.10 -32.86 -22.61
C GLY C 49 -17.85 -32.06 -22.28
N CYS C 50 -16.70 -32.43 -22.84
CA CYS C 50 -15.45 -31.78 -22.48
C CYS C 50 -15.42 -30.30 -22.82
N LYS C 51 -16.25 -29.86 -23.76
CA LYS C 51 -16.33 -28.45 -24.14
C LYS C 51 -15.00 -27.91 -24.63
N ARG C 52 -14.13 -28.79 -25.14
CA ARG C 52 -12.97 -28.34 -25.89
C ARG C 52 -13.39 -27.70 -27.19
N CYS C 53 -14.46 -28.19 -27.79
CA CYS C 53 -15.01 -27.56 -28.99
C CYS C 53 -15.45 -26.14 -28.69
N GLU C 54 -16.10 -25.96 -27.56
CA GLU C 54 -16.65 -24.67 -27.20
C GLU C 54 -15.58 -23.71 -26.72
N SER C 55 -14.43 -24.22 -26.31
CA SER C 55 -13.32 -23.40 -25.86
C SER C 55 -12.39 -22.99 -26.98
N ALA C 56 -12.59 -23.50 -28.19
CA ALA C 56 -11.78 -23.16 -29.34
C ALA C 56 -12.47 -22.22 -30.32
N CYS C 57 -13.78 -22.06 -30.22
CA CYS C 57 -14.49 -21.20 -31.15
C CYS C 57 -14.07 -19.75 -30.96
N PRO C 58 -13.58 -19.07 -32.00
CA PRO C 58 -13.22 -17.66 -31.85
C PRO C 58 -14.40 -16.70 -31.98
N THR C 59 -15.54 -17.14 -32.47
CA THR C 59 -16.67 -16.24 -32.66
C THR C 59 -17.24 -15.78 -31.33
N ASP C 60 -17.78 -14.57 -31.33
CA ASP C 60 -18.32 -13.94 -30.13
C ASP C 60 -19.74 -13.50 -30.44
N PHE C 61 -20.73 -14.17 -29.84
CA PHE C 61 -20.52 -15.24 -28.89
C PHE C 61 -20.26 -16.56 -29.61
N LEU C 62 -20.11 -17.65 -28.85
CA LEU C 62 -19.65 -18.92 -29.40
C LEU C 62 -20.68 -19.51 -30.35
N SER C 63 -20.19 -20.10 -31.45
CA SER C 63 -21.05 -20.72 -32.45
C SER C 63 -21.38 -22.17 -32.13
N VAL C 64 -20.40 -22.96 -31.70
CA VAL C 64 -20.65 -24.32 -31.25
C VAL C 64 -21.03 -24.26 -29.78
N ARG C 65 -22.18 -24.84 -29.44
CA ARG C 65 -22.69 -24.72 -28.08
C ARG C 65 -23.19 -26.07 -27.60
N VAL C 66 -22.70 -26.48 -26.44
CA VAL C 66 -22.97 -27.79 -25.87
C VAL C 66 -23.89 -27.62 -24.68
N TYR C 67 -24.88 -28.50 -24.56
CA TYR C 67 -25.81 -28.52 -23.45
C TYR C 67 -25.77 -29.92 -22.85
N LEU C 68 -25.07 -30.06 -21.74
CA LEU C 68 -24.98 -31.35 -21.08
C LEU C 68 -26.36 -31.81 -20.62
N GLY C 69 -26.66 -33.08 -20.85
CA GLY C 69 -27.96 -33.59 -20.49
C GLY C 69 -27.94 -34.98 -19.88
N SER C 70 -28.72 -35.89 -20.47
CA SER C 70 -28.80 -37.24 -19.96
C SER C 70 -27.45 -37.93 -20.03
N GLU C 71 -27.19 -38.81 -19.07
CA GLU C 71 -25.91 -39.48 -18.96
C GLU C 71 -26.05 -40.96 -19.31
N THR C 72 -25.19 -41.44 -20.19
CA THR C 72 -25.08 -42.85 -20.53
C THR C 72 -23.64 -43.30 -20.30
N THR C 73 -23.35 -44.54 -20.67
CA THR C 73 -22.00 -45.04 -20.49
C THR C 73 -21.02 -44.30 -21.39
N ARG C 74 -21.43 -43.98 -22.62
CA ARG C 74 -20.58 -43.21 -23.51
C ARG C 74 -20.40 -41.77 -23.02
N SER C 75 -21.47 -41.16 -22.52
CA SER C 75 -21.38 -39.77 -22.09
C SER C 75 -20.63 -39.63 -20.78
N MET C 76 -20.73 -40.60 -19.88
CA MET C 76 -20.08 -40.52 -18.58
C MET C 76 -18.62 -40.93 -18.64
N GLY C 77 -18.14 -41.41 -19.78
CA GLY C 77 -16.75 -41.71 -19.95
C GLY C 77 -16.25 -42.83 -19.05
N LEU C 78 -16.99 -43.93 -19.00
CA LEU C 78 -16.67 -45.04 -18.10
C LEU C 78 -15.90 -46.11 -18.86
N ALA C 79 -14.72 -46.44 -18.37
CA ALA C 79 -13.95 -47.55 -18.91
C ALA C 79 -14.13 -48.84 -18.11
N TYR C 80 -14.59 -48.74 -16.87
CA TYR C 80 -14.84 -49.91 -16.05
C TYR C 80 -16.31 -50.31 -16.13
N ALA D 1 -19.13 -43.13 -55.12
CA ALA D 1 -19.48 -43.32 -53.71
C ALA D 1 -18.32 -43.94 -52.93
N PHE D 2 -18.44 -43.95 -51.61
CA PHE D 2 -17.42 -44.47 -50.72
C PHE D 2 -17.88 -45.76 -50.06
N THR D 3 -16.96 -46.69 -49.87
CA THR D 3 -17.25 -47.97 -49.23
C THR D 3 -16.29 -48.20 -48.07
N PRO D 4 -16.76 -48.20 -46.83
CA PRO D 4 -15.87 -48.41 -45.69
C PRO D 4 -15.20 -49.78 -45.74
N PRO D 5 -13.93 -49.86 -45.34
CA PRO D 5 -13.20 -51.12 -45.45
C PRO D 5 -13.68 -52.16 -44.45
N THR D 6 -13.31 -53.40 -44.72
CA THR D 6 -13.73 -54.55 -43.91
C THR D 6 -12.67 -54.88 -42.87
N LEU D 7 -13.13 -55.20 -41.66
CA LEU D 7 -12.24 -55.47 -40.53
C LEU D 7 -11.64 -56.86 -40.69
N GLN D 8 -10.35 -56.92 -41.01
CA GLN D 8 -9.64 -58.18 -41.12
C GLN D 8 -9.15 -58.58 -39.73
N SER D 9 -9.71 -59.67 -39.20
CA SER D 9 -9.45 -60.05 -37.82
C SER D 9 -8.05 -60.59 -37.62
N ASP D 10 -7.48 -61.24 -38.65
CA ASP D 10 -6.14 -61.81 -38.55
C ASP D 10 -5.13 -60.77 -38.98
N THR D 11 -4.77 -59.90 -38.02
CA THR D 11 -3.82 -58.82 -38.23
C THR D 11 -2.82 -58.82 -37.07
N PRO D 12 -1.53 -58.66 -37.34
CA PRO D 12 -0.55 -58.64 -36.25
C PRO D 12 -0.78 -57.46 -35.32
N SER D 13 -0.57 -57.70 -34.04
CA SER D 13 -0.70 -56.71 -33.00
C SER D 13 0.66 -56.15 -32.62
N PRO D 14 0.72 -54.95 -32.07
CA PRO D 14 2.01 -54.39 -31.69
C PRO D 14 2.68 -55.23 -30.60
N ILE D 15 4.00 -55.22 -30.62
CA ILE D 15 4.79 -55.89 -29.58
C ILE D 15 4.56 -55.14 -28.27
N PHE D 16 3.86 -55.76 -27.34
CA PHE D 16 3.52 -55.13 -26.08
C PHE D 16 3.63 -56.15 -24.96
N GLY D 17 4.18 -55.73 -23.83
CA GLY D 17 4.51 -56.62 -22.75
C GLY D 17 3.39 -56.91 -21.77
N GLY D 18 2.18 -56.43 -22.04
CA GLY D 18 1.08 -56.63 -21.11
C GLY D 18 0.92 -55.45 -20.18
N SER D 19 -0.33 -55.04 -19.95
CA SER D 19 -0.61 -53.87 -19.13
C SER D 19 -1.77 -54.18 -18.20
N THR D 20 -1.88 -53.34 -17.18
CA THR D 20 -3.00 -53.39 -16.26
C THR D 20 -4.11 -52.41 -16.66
N GLY D 21 -3.93 -51.68 -17.74
CA GLY D 21 -4.91 -50.75 -18.25
C GLY D 21 -5.70 -51.24 -19.44
N GLY D 22 -5.61 -52.53 -19.78
CA GLY D 22 -6.28 -53.07 -20.94
C GLY D 22 -7.78 -53.20 -20.79
N LEU D 23 -8.37 -54.17 -21.48
CA LEU D 23 -9.82 -54.33 -21.45
C LEU D 23 -10.27 -54.79 -20.06
N LEU D 24 -11.56 -54.60 -19.80
CA LEU D 24 -12.18 -55.02 -18.54
C LEU D 24 -13.47 -55.76 -18.85
N SER D 25 -14.29 -55.93 -17.82
CA SER D 25 -15.55 -56.66 -17.98
C SER D 25 -16.51 -55.92 -18.90
N GLN D 26 -16.28 -54.63 -19.15
CA GLN D 26 -17.15 -53.84 -20.01
C GLN D 26 -16.98 -54.23 -21.48
N ALA D 27 -15.87 -54.84 -21.85
CA ALA D 27 -15.65 -55.26 -23.22
C ALA D 27 -16.29 -56.60 -23.54
N GLN D 28 -16.88 -57.28 -22.55
CA GLN D 28 -17.55 -58.55 -22.75
C GLN D 28 -19.06 -58.46 -22.63
N VAL D 29 -19.60 -57.28 -22.32
CA VAL D 29 -21.02 -57.14 -22.04
C VAL D 29 -21.58 -56.02 -22.92
N GLU D 30 -20.81 -54.94 -23.05
CA GLU D 30 -21.22 -53.82 -23.89
C GLU D 30 -20.54 -53.91 -25.25
N GLU D 31 -19.36 -53.32 -25.37
CA GLU D 31 -18.70 -53.28 -26.68
C GLU D 31 -17.28 -52.74 -26.50
N PHE D 32 -16.40 -52.98 -27.49
CA PHE D 32 -15.05 -52.42 -27.44
C PHE D 32 -14.63 -51.88 -28.81
N HIS D 33 -13.43 -51.35 -28.93
CA HIS D 33 -13.04 -50.73 -30.18
C HIS D 33 -11.74 -51.33 -30.68
N VAL D 34 -11.55 -51.24 -31.98
CA VAL D 34 -10.35 -51.75 -32.64
C VAL D 34 -9.81 -50.67 -33.54
N ILE D 35 -8.50 -50.48 -33.52
CA ILE D 35 -7.82 -49.53 -34.39
C ILE D 35 -6.80 -50.29 -35.23
N THR D 36 -6.77 -49.98 -36.51
CA THR D 36 -5.87 -50.63 -37.45
C THR D 36 -5.10 -49.56 -38.19
N TRP D 37 -3.79 -49.78 -38.35
CA TRP D 37 -2.97 -48.85 -39.12
C TRP D 37 -1.91 -49.62 -39.88
N GLU D 38 -1.09 -48.89 -40.64
CA GLU D 38 -0.04 -49.47 -41.46
C GLU D 38 1.25 -48.70 -41.22
N SER D 39 2.24 -49.39 -40.66
CA SER D 39 3.49 -48.77 -40.26
C SER D 39 4.56 -48.98 -41.33
N LYS D 40 5.25 -47.91 -41.68
CA LYS D 40 6.33 -47.96 -42.65
C LYS D 40 7.66 -48.37 -42.04
N LYS D 41 7.74 -48.44 -40.71
CA LYS D 41 8.89 -49.01 -40.02
C LYS D 41 8.44 -49.45 -38.63
N GLU D 42 9.15 -50.43 -38.09
CA GLU D 42 8.86 -50.94 -36.75
C GLU D 42 9.42 -49.95 -35.74
N GLN D 43 8.54 -49.32 -34.96
CA GLN D 43 8.95 -48.18 -34.14
C GLN D 43 8.18 -48.19 -32.83
N ILE D 44 8.75 -47.54 -31.83
CA ILE D 44 8.19 -47.51 -30.48
C ILE D 44 7.16 -46.38 -30.40
N PHE D 45 5.98 -46.69 -29.89
CA PHE D 45 4.92 -45.72 -29.65
C PHE D 45 4.36 -45.91 -28.25
N GLU D 46 3.56 -44.93 -27.83
CA GLU D 46 3.04 -44.86 -26.47
C GLU D 46 1.57 -45.29 -26.46
N MET D 47 1.30 -46.44 -25.88
CA MET D 47 -0.07 -46.93 -25.86
C MET D 47 -0.87 -46.18 -24.82
N PRO D 48 -2.09 -45.71 -25.13
CA PRO D 48 -2.76 -44.76 -24.24
C PRO D 48 -3.10 -45.29 -22.86
N THR D 49 -2.82 -46.57 -22.61
CA THR D 49 -3.13 -47.18 -21.32
C THR D 49 -1.89 -47.32 -20.45
N GLY D 50 -0.86 -46.53 -20.72
CA GLY D 50 0.37 -46.64 -19.97
C GLY D 50 1.33 -47.64 -20.59
N GLY D 51 2.61 -47.32 -20.54
CA GLY D 51 3.63 -48.15 -21.14
C GLY D 51 3.90 -47.80 -22.58
N ALA D 52 4.84 -48.52 -23.17
CA ALA D 52 5.22 -48.32 -24.55
C ALA D 52 5.16 -49.66 -25.29
N ALA D 53 4.65 -49.63 -26.50
CA ALA D 53 4.62 -50.80 -27.36
C ALA D 53 5.43 -50.52 -28.61
N ILE D 54 5.69 -51.55 -29.40
CA ILE D 54 6.40 -51.41 -30.66
C ILE D 54 5.48 -51.83 -31.79
N MET D 55 5.19 -50.89 -32.69
CA MET D 55 4.40 -51.21 -33.87
C MET D 55 5.29 -51.81 -34.95
N ARG D 56 4.78 -52.85 -35.60
CA ARG D 56 5.53 -53.66 -36.55
C ARG D 56 5.35 -53.16 -37.98
N GLN D 57 6.19 -53.67 -38.87
CA GLN D 57 6.07 -53.37 -40.29
C GLN D 57 4.71 -53.82 -40.83
N GLY D 58 4.05 -52.96 -41.60
CA GLY D 58 2.84 -53.33 -42.27
C GLY D 58 1.61 -53.12 -41.43
N PRO D 59 0.62 -54.01 -41.56
CA PRO D 59 -0.64 -53.81 -40.85
C PRO D 59 -0.54 -54.16 -39.37
N ASN D 60 -1.12 -53.29 -38.54
CA ASN D 60 -1.14 -53.45 -37.09
C ASN D 60 -2.56 -53.25 -36.59
N LEU D 61 -2.94 -54.08 -35.62
CA LEU D 61 -4.27 -54.03 -35.02
C LEU D 61 -4.13 -53.92 -33.51
N LEU D 62 -5.02 -53.15 -32.89
CA LEU D 62 -4.95 -52.93 -31.45
C LEU D 62 -6.33 -52.58 -30.92
N LYS D 63 -6.79 -53.33 -29.92
CA LYS D 63 -8.15 -53.20 -29.41
C LYS D 63 -8.15 -52.54 -28.04
N LEU D 64 -9.00 -51.53 -27.88
CA LEU D 64 -9.14 -50.74 -26.66
C LEU D 64 -10.60 -50.75 -26.22
N ALA D 65 -10.87 -50.08 -25.10
CA ALA D 65 -12.20 -50.10 -24.49
C ALA D 65 -13.08 -48.96 -24.97
N ARG D 66 -12.62 -47.72 -24.78
CA ARG D 66 -13.37 -46.54 -25.16
C ARG D 66 -12.94 -46.05 -26.54
N LYS D 67 -13.88 -45.41 -27.24
CA LYS D 67 -13.57 -44.82 -28.53
C LYS D 67 -12.52 -43.74 -28.39
N GLU D 68 -12.59 -42.97 -27.30
CA GLU D 68 -11.72 -41.81 -27.14
C GLU D 68 -10.27 -42.23 -26.98
N GLN D 69 -10.01 -43.40 -26.40
CA GLN D 69 -8.66 -43.92 -26.37
C GLN D 69 -8.15 -44.18 -27.77
N CYS D 70 -9.00 -44.77 -28.63
CA CYS D 70 -8.61 -45.02 -30.01
C CYS D 70 -8.31 -43.74 -30.75
N LEU D 71 -9.16 -42.72 -30.57
CA LEU D 71 -8.89 -41.45 -31.26
C LEU D 71 -7.65 -40.76 -30.70
N ALA D 72 -7.38 -40.88 -29.41
CA ALA D 72 -6.14 -40.33 -28.87
C ALA D 72 -4.92 -41.00 -29.49
N LEU D 73 -4.97 -42.33 -29.60
CA LEU D 73 -3.90 -43.05 -30.26
C LEU D 73 -3.74 -42.61 -31.71
N LEU D 74 -4.88 -42.41 -32.40
CA LEU D 74 -4.81 -42.01 -33.80
C LEU D 74 -4.24 -40.60 -33.96
N THR D 75 -4.58 -39.71 -33.03
CA THR D 75 -4.01 -38.36 -33.08
C THR D 75 -2.51 -38.40 -32.85
N GLN D 76 -2.05 -39.23 -31.91
CA GLN D 76 -0.62 -39.45 -31.74
C GLN D 76 0.02 -39.91 -33.06
N LEU D 77 -0.62 -40.88 -33.72
CA LEU D 77 -0.08 -41.40 -34.97
C LEU D 77 -0.02 -40.33 -36.05
N ARG D 78 -1.08 -39.53 -36.16
CA ARG D 78 -1.12 -38.51 -37.20
C ARG D 78 -0.09 -37.43 -36.96
N THR D 79 0.15 -37.04 -35.70
CA THR D 79 1.10 -35.97 -35.45
C THR D 79 2.54 -36.45 -35.52
N LYS D 80 2.90 -37.47 -34.74
CA LYS D 80 4.30 -37.84 -34.61
C LYS D 80 4.77 -38.90 -35.62
N PHE D 81 3.85 -39.49 -36.40
CA PHE D 81 4.24 -40.55 -37.33
C PHE D 81 3.67 -40.38 -38.72
N LYS D 82 2.68 -39.52 -38.93
CA LYS D 82 2.03 -39.33 -40.23
C LYS D 82 1.43 -40.63 -40.75
N ILE D 83 0.81 -41.39 -39.84
CA ILE D 83 0.17 -42.67 -40.17
C ILE D 83 -1.33 -42.53 -40.02
N ASP D 84 -2.07 -43.04 -40.99
CA ASP D 84 -3.52 -42.93 -41.04
C ASP D 84 -4.15 -44.27 -40.73
N GLY D 85 -5.12 -44.29 -39.80
CA GLY D 85 -5.69 -45.52 -39.32
C GLY D 85 -7.20 -45.49 -39.36
N TYR D 86 -7.78 -46.64 -39.05
CA TYR D 86 -9.22 -46.85 -39.10
C TYR D 86 -9.70 -47.42 -37.78
N ILE D 87 -10.85 -46.92 -37.33
CA ILE D 87 -11.41 -47.30 -36.03
C ILE D 87 -12.74 -47.99 -36.26
N TYR D 88 -12.83 -49.24 -35.84
CA TYR D 88 -14.04 -50.04 -35.91
C TYR D 88 -14.58 -50.24 -34.50
N ARG D 89 -15.89 -50.39 -34.42
CA ARG D 89 -16.56 -50.69 -33.17
C ARG D 89 -17.04 -52.14 -33.20
N VAL D 90 -16.54 -52.96 -32.27
CA VAL D 90 -16.91 -54.38 -32.20
C VAL D 90 -17.88 -54.59 -31.06
N PHE D 91 -19.01 -55.17 -31.38
CA PHE D 91 -19.98 -55.68 -30.42
C PHE D 91 -19.65 -57.12 -30.07
N PRO D 92 -20.11 -57.61 -28.92
CA PRO D 92 -19.74 -58.98 -28.52
C PRO D 92 -20.59 -60.06 -29.16
N ASN D 93 -21.62 -59.71 -29.92
CA ASN D 93 -22.37 -60.69 -30.68
C ASN D 93 -21.77 -60.96 -32.04
N GLY D 94 -20.84 -60.13 -32.50
CA GLY D 94 -20.19 -60.29 -33.78
C GLY D 94 -20.31 -59.07 -34.67
N GLU D 95 -21.31 -58.24 -34.47
CA GLU D 95 -21.53 -57.06 -35.30
C GLU D 95 -20.35 -56.11 -35.19
N VAL D 96 -20.00 -55.49 -36.32
CA VAL D 96 -18.89 -54.56 -36.40
C VAL D 96 -19.37 -53.31 -37.10
N GLN D 97 -19.14 -52.15 -36.48
CA GLN D 97 -19.33 -50.87 -37.14
C GLN D 97 -17.98 -50.34 -37.62
N TYR D 98 -18.06 -49.30 -38.43
CA TYR D 98 -16.89 -48.55 -38.86
C TYR D 98 -17.09 -47.11 -38.41
N LEU D 99 -16.10 -46.56 -37.69
CA LEU D 99 -16.32 -45.32 -36.96
C LEU D 99 -15.59 -44.14 -37.58
N HIS D 100 -14.33 -43.87 -37.20
CA HIS D 100 -13.81 -42.51 -37.29
C HIS D 100 -13.69 -41.96 -38.71
N PRO D 101 -12.85 -42.51 -39.62
CA PRO D 101 -12.83 -41.94 -40.97
C PRO D 101 -14.11 -42.29 -41.69
N LYS D 102 -15.24 -41.69 -41.27
CA LYS D 102 -16.55 -42.17 -41.69
C LYS D 102 -16.69 -42.12 -43.21
N ASP D 103 -16.30 -41.01 -43.82
CA ASP D 103 -16.42 -40.84 -45.26
C ASP D 103 -15.08 -40.96 -45.97
N GLY D 104 -14.09 -41.57 -45.32
CA GLY D 104 -12.78 -41.68 -45.90
C GLY D 104 -12.00 -40.40 -45.73
N VAL D 105 -12.70 -39.29 -45.63
CA VAL D 105 -12.10 -37.98 -45.43
C VAL D 105 -12.25 -37.59 -43.97
N TYR D 106 -11.17 -37.03 -43.43
CA TYR D 106 -11.10 -36.61 -42.05
C TYR D 106 -12.07 -35.51 -41.71
N PRO D 107 -12.48 -35.48 -40.44
CA PRO D 107 -13.54 -34.55 -40.03
C PRO D 107 -13.27 -33.10 -40.20
N GLU D 108 -12.05 -32.67 -40.34
CA GLU D 108 -11.76 -31.26 -40.51
C GLU D 108 -11.88 -30.78 -41.95
N LYS D 109 -11.96 -31.68 -42.93
CA LYS D 109 -12.06 -31.31 -44.34
C LYS D 109 -13.45 -31.55 -44.90
N VAL D 110 -13.96 -30.56 -45.61
CA VAL D 110 -15.31 -30.65 -46.19
C VAL D 110 -15.36 -31.77 -47.21
N ASN D 111 -16.36 -32.63 -47.10
CA ASN D 111 -16.51 -33.77 -48.00
C ASN D 111 -17.58 -33.59 -49.06
N ALA D 112 -18.51 -32.65 -48.87
CA ALA D 112 -19.60 -32.43 -49.81
C ALA D 112 -20.43 -33.68 -50.03
N GLY D 113 -21.40 -33.94 -49.15
CA GLY D 113 -22.15 -35.18 -49.20
C GLY D 113 -22.34 -35.69 -47.79
N ARG D 114 -22.04 -34.82 -46.84
CA ARG D 114 -22.26 -35.09 -45.43
C ARG D 114 -23.58 -34.51 -44.93
N SER D 115 -24.08 -35.07 -43.83
CA SER D 115 -25.35 -34.63 -43.28
C SER D 115 -25.15 -33.50 -42.26
N GLY D 116 -25.90 -32.42 -42.42
CA GLY D 116 -25.81 -31.30 -41.51
C GLY D 116 -26.71 -31.42 -40.30
N ASP D 117 -26.50 -32.47 -39.50
CA ASP D 117 -27.32 -32.69 -38.33
C ASP D 117 -27.05 -31.64 -37.27
N ASN D 118 -28.10 -31.28 -36.54
CA ASN D 118 -28.02 -30.40 -35.38
C ASN D 118 -27.34 -29.08 -35.73
N THR D 119 -27.95 -28.36 -36.66
CA THR D 119 -27.42 -27.08 -37.15
C THR D 119 -28.56 -26.09 -37.19
N ASN D 120 -28.72 -25.34 -36.10
CA ASN D 120 -29.77 -24.33 -36.03
C ASN D 120 -29.38 -23.13 -36.89
N MET D 121 -30.38 -22.50 -37.47
CA MET D 121 -30.18 -21.33 -38.31
C MET D 121 -30.59 -20.05 -37.60
N ARG D 122 -30.43 -20.04 -36.27
CA ARG D 122 -30.61 -18.87 -35.44
C ARG D 122 -29.34 -18.70 -34.61
N ARG D 123 -29.20 -17.55 -33.99
CA ARG D 123 -28.03 -17.24 -33.18
C ARG D 123 -28.14 -17.95 -31.83
N ILE D 124 -27.48 -17.43 -30.81
CA ILE D 124 -27.54 -18.14 -29.54
C ILE D 124 -28.67 -17.66 -28.63
N GLY D 125 -29.05 -16.38 -28.68
CA GLY D 125 -30.13 -15.80 -27.88
C GLY D 125 -31.47 -15.76 -28.61
N GLN D 126 -31.53 -16.41 -29.74
CA GLN D 126 -32.72 -16.41 -30.54
C GLN D 126 -33.50 -17.64 -30.22
N ASN D 127 -33.10 -18.34 -29.16
CA ASN D 127 -33.82 -19.52 -28.72
C ASN D 127 -35.09 -19.09 -27.98
N LYS D 128 -35.95 -20.06 -27.71
CA LYS D 128 -37.20 -19.80 -27.00
C LYS D 128 -36.96 -19.62 -25.52
N GLU D 129 -37.94 -19.04 -24.85
CA GLU D 129 -37.89 -18.78 -23.40
C GLU D 129 -38.39 -20.00 -22.65
N PRO D 130 -37.77 -20.35 -21.52
CA PRO D 130 -38.22 -21.52 -20.77
C PRO D 130 -39.66 -21.44 -20.29
N VAL D 131 -40.18 -20.23 -20.05
CA VAL D 131 -41.56 -20.10 -19.61
C VAL D 131 -42.53 -20.50 -20.73
N GLN D 132 -42.15 -20.25 -21.98
CA GLN D 132 -43.00 -20.64 -23.11
C GLN D 132 -43.01 -22.15 -23.32
N ILE D 133 -41.91 -22.83 -23.03
CA ILE D 133 -41.80 -24.25 -23.27
C ILE D 133 -41.98 -25.07 -21.98
N LYS D 134 -42.61 -24.48 -20.97
CA LYS D 134 -42.77 -25.16 -19.69
C LYS D 134 -43.58 -26.43 -19.85
N PHE D 135 -43.16 -27.47 -19.12
CA PHE D 135 -43.77 -28.80 -19.11
C PHE D 135 -43.54 -29.58 -20.40
N SER D 136 -42.75 -29.04 -21.32
CA SER D 136 -42.28 -29.80 -22.47
C SER D 136 -41.04 -30.59 -22.08
N GLY D 137 -41.00 -31.85 -22.52
CA GLY D 137 -39.88 -32.69 -22.15
C GLY D 137 -38.61 -32.46 -22.94
N LYS D 138 -38.27 -31.19 -23.16
CA LYS D 138 -37.12 -30.78 -23.95
C LYS D 138 -36.52 -29.52 -23.33
N ILE D 139 -35.48 -29.03 -23.99
CA ILE D 139 -34.75 -27.85 -23.54
C ILE D 139 -34.94 -26.77 -24.60
N PRO D 140 -34.73 -25.51 -24.24
CA PRO D 140 -35.02 -24.42 -25.20
C PRO D 140 -34.23 -24.52 -26.48
N ALA D 141 -33.08 -25.18 -26.47
CA ALA D 141 -32.17 -25.16 -27.61
C ALA D 141 -32.43 -26.31 -28.58
N GLU D 142 -33.58 -26.95 -28.50
CA GLU D 142 -33.95 -27.95 -29.50
C GLU D 142 -35.35 -27.70 -30.04
N PHE D 143 -35.76 -26.43 -30.10
CA PHE D 143 -37.02 -26.08 -30.74
C PHE D 143 -36.74 -25.29 -32.00
N PRO E 1 -22.06 -0.60 -56.31
CA PRO E 1 -21.54 0.34 -55.30
C PRO E 1 -21.19 -0.36 -53.98
N ASP E 2 -20.35 0.28 -53.18
CA ASP E 2 -19.96 -0.29 -51.90
C ASP E 2 -21.10 -0.20 -50.89
N VAL E 3 -21.21 -1.22 -50.04
CA VAL E 3 -22.32 -1.35 -49.10
C VAL E 3 -21.77 -1.27 -47.68
N GLY E 4 -22.56 -0.70 -46.78
CA GLY E 4 -22.23 -0.64 -45.38
C GLY E 4 -21.23 0.45 -45.06
N PRO E 5 -20.57 0.33 -43.91
CA PRO E 5 -19.65 1.39 -43.48
C PRO E 5 -18.35 1.37 -44.27
N LYS E 6 -17.71 2.53 -44.30
CA LYS E 6 -16.44 2.69 -44.98
C LYS E 6 -15.33 2.03 -44.19
N ARG E 7 -14.23 1.72 -44.87
CA ARG E 7 -13.11 1.03 -44.25
C ARG E 7 -12.24 2.02 -43.50
N GLY E 8 -12.17 1.86 -42.18
CA GLY E 8 -11.36 2.70 -41.32
C GLY E 8 -12.16 3.56 -40.38
N THR E 9 -13.48 3.61 -40.55
CA THR E 9 -14.34 4.43 -39.73
C THR E 9 -14.65 3.73 -38.41
N GLN E 10 -15.18 4.51 -37.46
CA GLN E 10 -15.51 4.03 -36.13
C GLN E 10 -17.01 3.78 -36.05
N VAL E 11 -17.38 2.63 -35.48
CA VAL E 11 -18.76 2.21 -35.35
C VAL E 11 -19.07 1.77 -33.93
N ARG E 12 -20.35 1.83 -33.59
CA ARG E 12 -20.89 1.42 -32.31
C ARG E 12 -21.63 0.10 -32.44
N ILE E 13 -21.19 -0.90 -31.69
CA ILE E 13 -21.76 -2.24 -31.78
C ILE E 13 -23.13 -2.21 -31.13
N LEU E 14 -24.08 -2.94 -31.72
CA LEU E 14 -25.43 -2.97 -31.19
C LEU E 14 -25.96 -4.39 -30.98
N ARG E 15 -25.12 -5.41 -31.11
CA ARG E 15 -25.55 -6.77 -30.81
C ARG E 15 -25.58 -6.98 -29.30
N PRO E 16 -26.74 -7.24 -28.70
CA PRO E 16 -26.80 -7.31 -27.23
C PRO E 16 -26.03 -8.46 -26.62
N GLU E 17 -25.66 -9.48 -27.38
CA GLU E 17 -24.96 -10.62 -26.86
C GLU E 17 -23.48 -10.58 -27.13
N SER E 18 -22.98 -9.44 -27.55
CA SER E 18 -21.57 -9.31 -27.85
C SER E 18 -20.86 -8.67 -26.68
N TYR E 19 -19.58 -8.99 -26.55
CA TYR E 19 -18.80 -8.45 -25.45
C TYR E 19 -18.64 -6.95 -25.56
N TRP E 20 -18.60 -6.42 -26.79
CA TRP E 20 -18.41 -4.99 -27.02
C TRP E 20 -19.71 -4.26 -27.30
N PHE E 21 -20.81 -4.71 -26.71
CA PHE E 21 -22.08 -4.02 -26.89
C PHE E 21 -21.96 -2.57 -26.46
N ARG E 22 -22.39 -1.65 -27.33
CA ARG E 22 -22.33 -0.21 -27.11
C ARG E 22 -20.91 0.34 -27.00
N GLU E 23 -19.91 -0.38 -27.51
CA GLU E 23 -18.55 0.12 -27.53
C GLU E 23 -18.06 0.25 -28.97
N THR E 24 -17.12 1.15 -29.19
CA THR E 24 -16.69 1.52 -30.52
C THR E 24 -15.59 0.61 -31.03
N GLY E 25 -15.55 0.43 -32.34
CA GLY E 25 -14.52 -0.35 -33.00
C GLY E 25 -14.37 0.13 -34.42
N LYS E 26 -13.20 -0.09 -34.99
CA LYS E 26 -12.89 0.39 -36.33
C LYS E 26 -13.13 -0.71 -37.35
N VAL E 27 -13.69 -0.33 -38.49
CA VAL E 27 -13.95 -1.30 -39.54
C VAL E 27 -12.65 -1.58 -40.27
N VAL E 28 -12.32 -2.86 -40.45
CA VAL E 28 -11.13 -3.26 -41.18
C VAL E 28 -11.45 -3.81 -42.56
N SER E 29 -12.70 -4.15 -42.84
CA SER E 29 -13.16 -4.59 -44.14
C SER E 29 -14.67 -4.77 -44.07
N VAL E 30 -15.31 -4.74 -45.23
CA VAL E 30 -16.71 -5.13 -45.36
C VAL E 30 -16.82 -6.00 -46.60
N ASP E 31 -17.14 -7.28 -46.42
CA ASP E 31 -17.25 -8.19 -47.55
C ASP E 31 -18.48 -7.84 -48.38
N GLN E 32 -18.33 -7.93 -49.70
CA GLN E 32 -19.38 -7.55 -50.62
C GLN E 32 -20.13 -8.73 -51.21
N SER E 33 -19.80 -9.96 -50.79
CA SER E 33 -20.36 -11.15 -51.44
C SER E 33 -21.84 -11.30 -51.13
N GLY E 34 -22.19 -11.35 -49.85
CA GLY E 34 -23.56 -11.60 -49.46
C GLY E 34 -23.65 -12.39 -48.17
N ILE E 35 -22.54 -12.40 -47.43
CA ILE E 35 -22.48 -13.06 -46.14
C ILE E 35 -23.49 -12.41 -45.19
N ARG E 36 -23.98 -13.19 -44.21
CA ARG E 36 -24.87 -12.62 -43.21
C ARG E 36 -24.18 -11.51 -42.43
N TYR E 37 -22.93 -11.74 -42.02
CA TYR E 37 -22.15 -10.80 -41.23
C TYR E 37 -20.86 -10.50 -41.97
N PRO E 38 -20.85 -9.48 -42.82
CA PRO E 38 -19.64 -9.19 -43.58
C PRO E 38 -18.77 -8.11 -42.93
N VAL E 39 -19.36 -7.29 -42.07
CA VAL E 39 -18.61 -6.21 -41.44
C VAL E 39 -17.59 -6.82 -40.48
N VAL E 40 -16.33 -6.42 -40.60
CA VAL E 40 -15.27 -6.91 -39.73
C VAL E 40 -14.77 -5.74 -38.91
N VAL E 41 -14.87 -5.86 -37.60
CA VAL E 41 -14.60 -4.77 -36.67
C VAL E 41 -13.45 -5.17 -35.76
N ARG E 42 -12.57 -4.22 -35.52
CA ARG E 42 -11.40 -4.38 -34.68
C ARG E 42 -11.51 -3.43 -33.50
N PHE E 43 -11.33 -3.95 -32.30
CA PHE E 43 -11.38 -3.16 -31.08
C PHE E 43 -9.99 -3.13 -30.46
N GLU E 44 -9.78 -2.21 -29.53
CA GLU E 44 -8.48 -2.14 -28.84
C GLU E 44 -8.43 -3.11 -27.69
N LYS E 45 -9.51 -3.13 -26.97
CA LYS E 45 -9.72 -3.99 -25.86
C LYS E 45 -10.16 -5.38 -26.27
N VAL E 46 -9.56 -6.39 -25.65
CA VAL E 46 -9.93 -7.78 -25.90
C VAL E 46 -11.14 -8.22 -25.07
N ASN E 47 -11.67 -9.40 -25.36
CA ASN E 47 -12.75 -10.00 -24.61
C ASN E 47 -12.19 -11.07 -23.67
N TYR E 48 -13.04 -11.98 -23.20
CA TYR E 48 -12.58 -13.00 -22.29
C TYR E 48 -11.74 -14.05 -22.98
N ALA E 49 -12.03 -14.34 -24.24
CA ALA E 49 -11.28 -15.32 -25.00
C ALA E 49 -9.93 -14.78 -25.49
N GLY E 50 -9.70 -13.48 -25.37
CA GLY E 50 -8.46 -12.88 -25.80
C GLY E 50 -8.44 -12.39 -27.23
N VAL E 51 -9.60 -12.35 -27.89
CA VAL E 51 -9.69 -11.90 -29.27
C VAL E 51 -10.18 -10.47 -29.29
N SER E 52 -9.94 -9.81 -30.42
CA SER E 52 -10.30 -8.41 -30.58
C SER E 52 -10.93 -8.08 -31.92
N THR E 53 -11.20 -9.08 -32.75
CA THR E 53 -11.80 -8.89 -34.06
C THR E 53 -13.09 -9.70 -34.12
N ASN E 54 -14.15 -9.07 -34.64
CA ASN E 54 -15.44 -9.75 -34.69
C ASN E 54 -16.19 -9.31 -35.94
N ASN E 55 -17.06 -10.20 -36.41
CA ASN E 55 -17.87 -9.93 -37.60
C ASN E 55 -19.30 -9.61 -37.19
N TYR E 56 -19.81 -8.50 -37.70
CA TYR E 56 -21.17 -8.05 -37.44
C TYR E 56 -21.89 -7.81 -38.76
N ALA E 57 -23.22 -7.77 -38.66
CA ALA E 57 -24.07 -7.47 -39.79
C ALA E 57 -24.04 -5.99 -40.10
N LEU E 58 -25.07 -5.48 -40.76
CA LEU E 58 -25.12 -4.07 -41.11
C LEU E 58 -26.20 -3.30 -40.37
N ASP E 59 -27.26 -3.95 -39.91
CA ASP E 59 -28.27 -3.28 -39.11
C ASP E 59 -27.83 -3.07 -37.67
N GLU E 60 -26.77 -3.76 -37.23
CA GLU E 60 -26.30 -3.71 -35.86
C GLU E 60 -24.87 -3.20 -35.78
N VAL E 61 -24.56 -2.17 -36.57
CA VAL E 61 -23.21 -1.61 -36.61
C VAL E 61 -23.29 -0.11 -36.89
N VAL E 62 -24.09 0.61 -36.10
CA VAL E 62 -24.29 2.04 -36.35
C VAL E 62 -22.97 2.77 -36.32
N ALA E 63 -22.72 3.57 -37.36
CA ALA E 63 -21.45 4.25 -37.52
C ALA E 63 -21.30 5.40 -36.52
N ALA E 64 -20.07 5.90 -36.43
CA ALA E 64 -19.70 7.00 -35.54
C ALA E 64 -20.00 6.67 -34.08
N ASP F 1 -19.98 15.89 29.38
CA ASP F 1 -20.98 14.83 29.40
C ASP F 1 -21.91 14.99 28.20
N VAL F 2 -22.10 13.90 27.45
CA VAL F 2 -22.96 13.91 26.28
C VAL F 2 -23.97 12.78 26.37
N ALA F 3 -23.60 11.72 27.09
CA ALA F 3 -24.47 10.56 27.25
C ALA F 3 -23.99 9.73 28.43
N GLY F 4 -24.00 10.32 29.61
CA GLY F 4 -23.56 9.62 30.80
C GLY F 4 -22.08 9.32 30.79
N LEU F 5 -21.29 10.19 30.15
CA LEU F 5 -19.84 10.02 30.06
C LEU F 5 -19.16 11.25 30.65
N THR F 6 -18.56 11.10 31.84
CA THR F 6 -17.88 12.22 32.49
C THR F 6 -16.51 12.43 31.84
N PRO F 7 -16.08 13.68 31.66
CA PRO F 7 -14.77 13.95 31.05
C PRO F 7 -13.65 13.16 31.74
N CYS F 8 -12.80 12.53 30.94
CA CYS F 8 -11.70 11.72 31.45
C CYS F 8 -10.84 12.48 32.47
N SER F 9 -10.76 13.81 32.37
CA SER F 9 -10.03 14.58 33.36
C SER F 9 -10.72 14.56 34.72
N GLU F 10 -11.98 14.13 34.78
CA GLU F 10 -12.69 13.97 36.03
C GLU F 10 -12.83 12.53 36.47
N SER F 11 -12.95 11.59 35.53
CA SER F 11 -13.19 10.20 35.87
C SER F 11 -12.07 9.65 36.74
N LYS F 12 -12.45 9.00 37.84
CA LYS F 12 -11.45 8.43 38.73
C LYS F 12 -10.83 7.17 38.14
N ALA F 13 -11.61 6.41 37.37
CA ALA F 13 -11.09 5.19 36.76
C ALA F 13 -10.00 5.50 35.73
N PHE F 14 -10.10 6.63 35.06
CA PHE F 14 -9.08 7.01 34.08
C PHE F 14 -7.75 7.26 34.78
N ALA F 15 -7.78 8.03 35.86
CA ALA F 15 -6.57 8.28 36.63
C ALA F 15 -6.06 7.00 37.27
N LYS F 16 -6.96 6.13 37.70
CA LYS F 16 -6.55 4.84 38.26
C LYS F 16 -5.83 3.99 37.22
N ARG F 17 -6.32 4.00 35.98
CA ARG F 17 -5.65 3.28 34.91
C ARG F 17 -4.27 3.86 34.64
N LYS F 18 -4.17 5.19 34.60
CA LYS F 18 -2.88 5.85 34.50
C LYS F 18 -1.93 5.36 35.58
N LYS F 19 -2.41 5.38 36.82
CA LYS F 19 -1.61 4.96 37.95
C LYS F 19 -1.12 3.54 37.76
N ASN F 20 -2.03 2.61 37.47
CA ASN F 20 -1.66 1.20 37.39
C ASN F 20 -0.65 0.94 36.27
N GLU F 21 -0.84 1.54 35.10
CA GLU F 21 0.08 1.30 33.99
C GLU F 21 1.47 1.87 34.29
N VAL F 22 1.51 3.01 34.96
CA VAL F 22 2.80 3.57 35.34
C VAL F 22 3.46 2.70 36.41
N LYS F 23 2.65 2.16 37.32
CA LYS F 23 3.23 1.36 38.38
C LYS F 23 3.83 0.08 37.83
N ALA F 24 3.19 -0.48 36.81
CA ALA F 24 3.76 -1.65 36.12
C ALA F 24 5.11 -1.32 35.52
N LEU F 25 5.21 -0.16 34.85
CA LEU F 25 6.50 0.19 34.26
C LEU F 25 7.56 0.47 35.32
N ASN F 26 7.17 1.05 36.45
CA ASN F 26 8.11 1.22 37.56
C ASN F 26 8.63 -0.12 38.07
N LYS F 27 7.73 -1.10 38.21
CA LYS F 27 8.16 -2.43 38.64
C LYS F 27 9.13 -3.04 37.64
N ARG F 28 8.92 -2.77 36.35
CA ARG F 28 9.90 -3.21 35.35
C ARG F 28 11.23 -2.48 35.50
N LEU F 29 11.19 -1.19 35.85
CA LEU F 29 12.42 -0.43 36.08
C LEU F 29 13.25 -1.01 37.21
N LYS F 30 12.60 -1.44 38.29
CA LYS F 30 13.36 -1.77 39.49
C LYS F 30 14.20 -3.03 39.33
N ASN F 31 14.98 -3.12 38.25
CA ASN F 31 15.84 -4.26 38.00
C ASN F 31 17.16 -3.89 37.31
N TYR F 32 17.29 -2.64 36.86
CA TYR F 32 18.45 -2.19 36.11
C TYR F 32 19.05 -0.97 36.77
N GLU F 33 20.36 -0.78 36.58
CA GLU F 33 20.98 0.47 37.01
C GLU F 33 20.40 1.63 36.20
N ALA F 34 19.92 2.65 36.91
CA ALA F 34 19.19 3.74 36.26
C ALA F 34 20.09 4.61 35.40
N ASP F 35 20.92 3.99 34.57
CA ASP F 35 21.81 4.70 33.67
C ASP F 35 22.21 3.78 32.52
N SER F 36 21.73 2.54 32.56
CA SER F 36 21.96 1.58 31.51
C SER F 36 20.93 1.76 30.39
N ALA F 37 21.26 1.24 29.22
CA ALA F 37 20.36 1.35 28.08
C ALA F 37 18.97 0.82 28.38
N PRO F 38 18.79 -0.36 28.99
CA PRO F 38 17.43 -0.76 29.38
C PRO F 38 16.75 0.22 30.31
N ALA F 39 17.49 0.78 31.26
CA ALA F 39 16.89 1.73 32.19
C ALA F 39 16.46 3.00 31.47
N LEU F 40 17.30 3.49 30.55
CA LEU F 40 16.92 4.67 29.77
C LEU F 40 15.69 4.39 28.92
N ALA F 41 15.61 3.19 28.32
CA ALA F 41 14.45 2.84 27.53
C ALA F 41 13.18 2.82 28.38
N LEU F 42 13.26 2.22 29.58
CA LEU F 42 12.11 2.18 30.46
C LEU F 42 11.69 3.59 30.89
N LYS F 43 12.66 4.44 31.21
CA LYS F 43 12.33 5.81 31.62
C LYS F 43 11.67 6.58 30.48
N ALA F 44 12.17 6.40 29.26
CA ALA F 44 11.54 7.04 28.12
C ALA F 44 10.12 6.54 27.92
N THR F 45 9.90 5.23 28.10
CA THR F 45 8.55 4.69 27.98
C THR F 45 7.61 5.29 29.01
N ILE F 46 8.08 5.42 30.26
CA ILE F 46 7.23 5.99 31.30
C ILE F 46 6.91 7.45 30.99
N ALA F 47 7.90 8.20 30.51
CA ALA F 47 7.65 9.58 30.15
C ALA F 47 6.61 9.67 29.03
N ARG F 48 6.71 8.77 28.06
CA ARG F 48 5.76 8.76 26.95
C ARG F 48 4.35 8.44 27.45
N THR F 49 4.23 7.49 28.37
CA THR F 49 2.92 7.12 28.92
C THR F 49 2.30 8.27 29.70
N GLU F 50 3.11 8.93 30.53
CA GLU F 50 2.60 10.06 31.29
C GLU F 50 2.16 11.19 30.37
N ALA F 51 2.94 11.46 29.33
CA ALA F 51 2.57 12.49 28.39
C ALA F 51 1.25 12.15 27.70
N ARG F 52 1.07 10.90 27.30
CA ARG F 52 -0.18 10.50 26.66
C ARG F 52 -1.37 10.68 27.59
N PHE F 53 -1.23 10.29 28.85
CA PHE F 53 -2.38 10.37 29.74
C PHE F 53 -2.72 11.81 30.08
N ASP F 54 -1.71 12.66 30.18
CA ASP F 54 -1.99 14.08 30.38
C ASP F 54 -2.60 14.72 29.14
N LYS F 55 -2.12 14.33 27.95
CA LYS F 55 -2.66 14.88 26.73
C LYS F 55 -4.12 14.51 26.57
N TYR F 56 -4.46 13.25 26.85
CA TYR F 56 -5.86 12.82 26.73
C TYR F 56 -6.74 13.56 27.70
N ALA F 57 -6.27 13.77 28.94
CA ALA F 57 -7.08 14.51 29.90
C ALA F 57 -7.25 15.97 29.47
N LYS F 58 -6.21 16.56 28.89
CA LYS F 58 -6.29 17.96 28.47
C LYS F 58 -7.35 18.18 27.40
N GLN F 59 -7.42 17.28 26.43
CA GLN F 59 -8.34 17.46 25.30
C GLN F 59 -9.78 17.13 25.63
N GLY F 60 -10.07 16.70 26.86
CA GLY F 60 -11.44 16.49 27.29
C GLY F 60 -12.17 15.36 26.62
N LEU F 61 -11.50 14.25 26.35
CA LEU F 61 -12.17 13.07 25.84
C LEU F 61 -13.06 12.48 26.92
N LEU F 62 -14.11 11.78 26.50
CA LEU F 62 -15.09 11.23 27.42
C LEU F 62 -14.75 9.79 27.80
N CYS F 63 -14.68 9.53 29.09
CA CYS F 63 -14.44 8.21 29.64
C CYS F 63 -15.76 7.59 30.11
N GLY F 64 -15.88 6.28 29.97
CA GLY F 64 -17.10 5.58 30.32
C GLY F 64 -17.11 5.12 31.76
N THR F 65 -17.86 4.04 32.02
CA THR F 65 -17.81 3.41 33.34
C THR F 65 -16.41 2.89 33.62
N ASP F 66 -15.77 2.29 32.62
CA ASP F 66 -14.34 2.01 32.67
C ASP F 66 -13.57 3.26 32.27
N GLY F 67 -12.27 3.23 32.47
CA GLY F 67 -11.45 4.39 32.18
C GLY F 67 -10.88 4.38 30.78
N LEU F 68 -11.71 4.52 29.77
CA LEU F 68 -11.27 4.47 28.39
C LEU F 68 -11.97 5.57 27.59
N PRO F 69 -11.23 6.31 26.77
CA PRO F 69 -11.83 7.42 26.03
C PRO F 69 -12.84 6.95 24.99
N HIS F 70 -13.94 7.69 24.88
CA HIS F 70 -15.00 7.41 23.92
C HIS F 70 -15.08 8.55 22.91
N LEU F 71 -15.65 8.23 21.75
CA LEU F 71 -15.75 9.18 20.65
C LEU F 71 -17.21 9.35 20.25
N ILE F 72 -17.50 10.48 19.60
CA ILE F 72 -18.86 10.84 19.21
C ILE F 72 -18.89 10.94 17.69
N ALA F 73 -19.86 10.27 17.08
CA ALA F 73 -19.96 10.18 15.62
C ALA F 73 -21.24 10.82 15.09
N ASP F 74 -21.71 11.90 15.73
CA ASP F 74 -22.87 12.62 15.22
C ASP F 74 -22.55 14.11 15.15
N PRO F 75 -22.51 14.70 13.97
CA PRO F 75 -22.39 16.15 13.89
C PRO F 75 -23.59 16.80 14.56
N GLY F 76 -23.35 17.91 15.20
CA GLY F 76 -24.41 18.58 15.91
C GLY F 76 -24.42 18.17 17.36
N LEU F 77 -24.44 16.87 17.64
CA LEU F 77 -24.38 16.39 19.02
C LEU F 77 -22.94 16.25 19.49
N ALA F 78 -22.02 16.72 18.67
CA ALA F 78 -20.60 16.72 18.94
C ALA F 78 -20.04 18.08 18.69
N LEU F 79 -20.76 18.90 17.92
CA LEU F 79 -20.39 20.26 17.61
C LEU F 79 -20.93 21.20 18.69
N ARG F 80 -22.01 20.82 19.38
CA ARG F 80 -22.55 21.66 20.46
C ARG F 80 -22.05 21.16 21.80
N TYR F 81 -21.08 20.28 21.80
CA TYR F 81 -20.55 19.76 23.05
C TYR F 81 -19.04 19.76 23.01
N GLY F 82 -18.45 20.38 22.00
CA GLY F 82 -17.02 20.48 21.86
C GLY F 82 -16.34 19.14 21.72
N HIS F 83 -16.76 18.38 20.71
CA HIS F 83 -16.17 17.07 20.46
C HIS F 83 -16.14 16.80 18.96
N ALA F 84 -15.91 17.86 18.18
CA ALA F 84 -15.89 17.72 16.73
C ALA F 84 -14.59 17.12 16.22
N GLY F 85 -13.55 17.10 17.05
CA GLY F 85 -12.31 16.50 16.64
C GLY F 85 -12.30 15.00 16.74
N ASP F 86 -13.40 14.41 17.19
CA ASP F 86 -13.46 12.96 17.39
C ASP F 86 -13.74 12.24 16.09
N VAL F 87 -14.80 12.61 15.37
CA VAL F 87 -15.12 11.93 14.12
C VAL F 87 -15.31 12.90 12.95
N PHE F 88 -15.89 14.08 13.21
CA PHE F 88 -16.24 14.98 12.10
C PHE F 88 -15.00 15.56 11.43
N ILE F 89 -14.08 16.11 12.20
CA ILE F 89 -12.86 16.68 11.61
C ILE F 89 -12.00 15.61 10.94
N PRO F 90 -11.73 14.45 11.57
CA PRO F 90 -11.05 13.40 10.82
C PRO F 90 -11.84 12.89 9.64
N THR F 91 -13.18 12.95 9.69
CA THR F 91 -13.98 12.63 8.51
C THR F 91 -13.62 13.54 7.35
N ILE F 92 -13.58 14.85 7.62
CA ILE F 92 -13.20 15.79 6.57
C ILE F 92 -11.80 15.49 6.08
N GLY F 93 -10.87 15.26 7.01
CA GLY F 93 -9.49 15.04 6.62
C GLY F 93 -9.31 13.80 5.75
N PHE F 94 -9.91 12.69 6.17
CA PHE F 94 -9.87 11.50 5.32
C PHE F 94 -10.49 11.79 3.97
N ILE F 95 -11.78 12.12 3.95
CA ILE F 95 -12.50 12.33 2.71
C ILE F 95 -11.65 13.15 1.75
N TYR F 96 -10.98 14.17 2.28
CA TYR F 96 -10.09 14.98 1.44
C TYR F 96 -8.93 14.16 0.88
N PHE F 97 -8.19 13.45 1.75
CA PHE F 97 -7.00 12.75 1.25
C PHE F 97 -7.36 11.58 0.34
N ALA F 98 -8.40 10.84 0.70
CA ALA F 98 -8.91 9.76 -0.14
C ALA F 98 -9.32 10.29 -1.50
N GLY F 99 -10.09 11.39 -1.53
CA GLY F 99 -10.45 11.99 -2.79
C GLY F 99 -9.24 12.46 -3.57
N TRP F 100 -8.22 12.96 -2.89
CA TRP F 100 -7.01 13.40 -3.58
C TRP F 100 -6.36 12.23 -4.31
N LEU F 101 -6.16 11.12 -3.61
CA LEU F 101 -5.54 9.95 -4.24
C LEU F 101 -6.42 9.40 -5.36
N GLY F 102 -7.73 9.31 -5.12
CA GLY F 102 -8.62 8.79 -6.13
C GLY F 102 -8.68 9.66 -7.37
N TYR F 103 -8.70 10.98 -7.19
CA TYR F 103 -8.75 11.88 -8.33
C TYR F 103 -7.44 11.87 -9.09
N ALA F 104 -6.31 11.77 -8.38
CA ALA F 104 -5.02 11.67 -9.08
C ALA F 104 -4.98 10.41 -9.94
N GLY F 105 -5.40 9.27 -9.38
CA GLY F 105 -5.43 8.05 -10.16
C GLY F 105 -6.39 8.11 -11.32
N SER F 106 -7.59 8.67 -11.10
CA SER F 106 -8.58 8.78 -12.15
C SER F 106 -8.08 9.63 -13.30
N LYS F 107 -7.47 10.78 -12.99
CA LYS F 107 -6.98 11.64 -14.05
C LYS F 107 -5.78 11.02 -14.76
N TYR F 108 -4.95 10.24 -14.05
CA TYR F 108 -3.88 9.53 -14.73
C TYR F 108 -4.43 8.51 -15.71
N LEU F 109 -5.47 7.79 -15.32
CA LEU F 109 -6.09 6.85 -16.24
C LEU F 109 -6.64 7.58 -17.47
N GLN F 110 -7.35 8.67 -17.26
CA GLN F 110 -7.92 9.39 -18.39
C GLN F 110 -6.85 10.07 -19.24
N ALA F 111 -5.66 10.31 -18.69
CA ALA F 111 -4.59 10.93 -19.46
C ALA F 111 -3.81 9.91 -20.27
N VAL F 112 -3.60 8.71 -19.73
CA VAL F 112 -2.88 7.68 -20.49
C VAL F 112 -3.78 6.81 -21.33
N ALA F 113 -5.10 6.95 -21.21
CA ALA F 113 -6.00 6.22 -22.09
C ALA F 113 -5.85 6.67 -23.54
N ALA F 114 -5.71 7.98 -23.75
CA ALA F 114 -5.57 8.54 -25.09
C ALA F 114 -4.10 8.60 -25.50
N THR F 115 -3.50 7.42 -25.62
CA THR F 115 -2.11 7.29 -26.08
C THR F 115 -2.00 6.09 -26.99
N ALA F 116 -0.77 5.80 -27.41
CA ALA F 116 -0.54 4.72 -28.38
C ALA F 116 -0.86 3.36 -27.77
N LYS F 117 -0.30 3.07 -26.61
CA LYS F 117 -0.41 1.76 -25.97
C LYS F 117 -0.91 1.94 -24.55
N PRO F 118 -2.20 2.18 -24.36
CA PRO F 118 -2.71 2.42 -23.00
C PRO F 118 -2.48 1.26 -22.06
N ILE F 119 -2.46 0.03 -22.55
CA ILE F 119 -2.20 -1.11 -21.67
C ILE F 119 -0.74 -1.18 -21.27
N GLU F 120 0.13 -0.44 -21.94
CA GLU F 120 1.53 -0.38 -21.57
C GLU F 120 1.81 0.67 -20.52
N LYS F 121 1.06 1.77 -20.53
CA LYS F 121 1.28 2.86 -19.59
C LYS F 121 0.65 2.60 -18.23
N GLU F 122 0.22 1.37 -17.96
CA GLU F 122 -0.26 0.98 -16.64
C GLU F 122 0.70 0.10 -15.89
N ILE F 123 1.52 -0.67 -16.60
CA ILE F 123 2.52 -1.52 -15.95
C ILE F 123 3.87 -0.83 -15.93
N ILE F 124 4.09 0.15 -16.81
CA ILE F 124 5.28 0.97 -16.82
C ILE F 124 4.81 2.42 -16.68
N ILE F 125 4.62 2.86 -15.43
CA ILE F 125 4.05 4.17 -15.18
C ILE F 125 5.00 5.26 -15.69
N ASP F 126 4.41 6.36 -16.18
CA ASP F 126 5.18 7.56 -16.54
C ASP F 126 5.29 8.44 -15.31
N VAL F 127 6.44 8.39 -14.66
CA VAL F 127 6.58 9.02 -13.34
C VAL F 127 6.41 10.53 -13.38
N PRO F 128 7.01 11.26 -14.33
CA PRO F 128 6.71 12.71 -14.38
C PRO F 128 5.23 13.01 -14.54
N LEU F 129 4.53 12.29 -15.39
CA LEU F 129 3.10 12.53 -15.56
C LEU F 129 2.34 12.16 -14.29
N ALA F 130 2.69 11.03 -13.67
CA ALA F 130 2.05 10.63 -12.44
C ALA F 130 2.27 11.67 -11.35
N TRP F 131 3.46 12.26 -11.29
CA TRP F 131 3.77 13.22 -10.26
C TRP F 131 3.06 14.55 -10.51
N LYS F 132 2.99 14.98 -11.77
CA LYS F 132 2.23 16.18 -12.10
C LYS F 132 0.78 16.03 -11.70
N LEU F 133 0.17 14.89 -12.06
CA LEU F 133 -1.23 14.69 -11.72
C LEU F 133 -1.43 14.53 -10.22
N LEU F 134 -0.45 13.95 -9.54
CA LEU F 134 -0.51 13.85 -8.09
C LEU F 134 -0.50 15.22 -7.44
N TRP F 135 0.24 16.17 -8.04
CA TRP F 135 0.22 17.54 -7.54
C TRP F 135 -1.09 18.24 -7.88
N GLU F 136 -1.62 18.03 -9.08
CA GLU F 136 -2.89 18.66 -9.43
C GLU F 136 -4.07 18.09 -8.66
N GLY F 137 -3.93 16.89 -8.09
CA GLY F 137 -5.03 16.29 -7.38
C GLY F 137 -5.42 16.96 -6.09
N PHE F 138 -4.64 17.95 -5.62
CA PHE F 138 -4.91 18.57 -4.34
C PHE F 138 -6.16 19.43 -4.35
N GLY F 139 -6.56 19.92 -5.52
CA GLY F 139 -7.73 20.76 -5.63
C GLY F 139 -8.95 19.96 -6.00
N TRP F 140 -8.91 18.65 -5.73
CA TRP F 140 -9.94 17.75 -6.21
C TRP F 140 -11.37 18.15 -5.85
N PRO F 141 -11.67 18.74 -4.68
CA PRO F 141 -13.06 19.17 -4.48
C PRO F 141 -13.52 20.14 -5.54
N LEU F 142 -12.68 21.13 -5.85
CA LEU F 142 -13.01 22.14 -6.85
C LEU F 142 -13.21 21.50 -8.22
N ARG F 143 -12.21 20.74 -8.68
CA ARG F 143 -12.26 20.18 -10.02
C ARG F 143 -13.39 19.16 -10.15
N ALA F 144 -13.63 18.35 -9.12
CA ALA F 144 -14.68 17.36 -9.17
C ALA F 144 -16.06 18.01 -9.18
N PHE F 145 -16.26 19.04 -8.37
CA PHE F 145 -17.55 19.73 -8.42
C PHE F 145 -17.73 20.45 -9.74
N ALA F 146 -16.65 20.97 -10.32
CA ALA F 146 -16.73 21.58 -11.65
C ALA F 146 -17.19 20.55 -12.68
N GLU F 147 -16.60 19.36 -12.63
CA GLU F 147 -16.96 18.34 -13.62
C GLU F 147 -18.36 17.80 -13.40
N TYR F 148 -18.85 17.79 -12.16
CA TYR F 148 -20.24 17.38 -11.94
C TYR F 148 -21.22 18.43 -12.44
N LYS F 149 -20.96 19.71 -12.11
CA LYS F 149 -21.80 20.77 -12.64
C LYS F 149 -21.68 20.89 -14.16
N ASN F 150 -20.61 20.36 -14.73
CA ASN F 150 -20.40 20.35 -16.17
C ASN F 150 -21.00 19.13 -16.84
N GLY F 151 -21.17 18.04 -16.09
CA GLY F 151 -21.65 16.79 -16.64
C GLY F 151 -20.58 15.94 -17.29
N SER F 152 -19.32 16.33 -17.21
CA SER F 152 -18.20 15.60 -17.81
C SER F 152 -17.55 14.64 -16.85
N LEU F 153 -18.03 14.56 -15.61
CA LEU F 153 -17.46 13.64 -14.65
C LEU F 153 -17.92 12.23 -14.94
N MET F 154 -19.19 12.08 -15.23
CA MET F 154 -19.87 10.83 -15.47
C MET F 154 -20.16 10.53 -16.93
N GLU F 155 -20.51 9.27 -17.19
CA GLU F 155 -20.81 8.79 -18.52
C GLU F 155 -22.23 8.25 -18.57
N ASP F 156 -22.96 8.61 -19.62
CA ASP F 156 -24.34 8.16 -19.80
C ASP F 156 -24.42 6.65 -20.05
N ASP F 157 -25.39 5.97 -19.41
CA ASP F 157 -25.38 4.51 -19.46
C ASP F 157 -25.65 3.98 -20.86
N ALA F 158 -26.08 4.82 -21.78
CA ALA F 158 -26.28 4.32 -23.13
C ALA F 158 -24.96 3.96 -23.79
N LYS F 159 -23.83 4.38 -23.22
CA LYS F 159 -22.52 4.08 -23.79
C LYS F 159 -21.75 3.05 -22.97
N ILE F 160 -22.16 2.77 -21.74
CA ILE F 160 -21.51 1.72 -20.94
C ILE F 160 -22.13 0.38 -21.31
N THR F 161 -21.28 -0.60 -21.59
CA THR F 161 -21.76 -1.93 -21.91
C THR F 161 -22.45 -2.57 -20.70
N VAL F 162 -23.48 -3.37 -20.98
CA VAL F 162 -24.23 -4.04 -19.93
C VAL F 162 -24.45 -5.50 -20.31
N SER F 163 -24.88 -6.28 -19.33
CA SER F 163 -25.10 -7.70 -19.53
C SER F 163 -26.48 -7.93 -20.15
N PRO F 164 -26.66 -9.07 -20.80
CA PRO F 164 -27.96 -9.36 -21.43
C PRO F 164 -29.06 -9.69 -20.44
N ARG F 165 -29.38 -8.76 -19.55
CA ARG F 165 -30.53 -8.84 -18.65
C ARG F 165 -30.79 -10.23 -18.05
N LEU G 1 -70.72 6.06 27.08
CA LEU G 1 -71.14 5.55 28.38
C LEU G 1 -72.48 6.15 28.75
N ALA G 2 -73.36 6.26 27.74
CA ALA G 2 -74.71 6.78 27.96
C ALA G 2 -75.61 6.11 26.94
N ASP G 3 -76.28 5.03 27.36
CA ASP G 3 -77.25 4.31 26.55
C ASP G 3 -76.60 3.62 25.37
N VAL G 4 -76.40 2.31 25.46
CA VAL G 4 -75.96 1.54 24.31
C VAL G 4 -76.99 1.65 23.19
N ASN G 5 -78.27 1.62 23.53
CA ASN G 5 -79.33 1.61 22.52
C ASN G 5 -79.22 2.82 21.61
N LEU G 6 -79.23 4.01 22.20
CA LEU G 6 -79.28 5.23 21.38
C LEU G 6 -78.07 5.33 20.48
N VAL G 7 -76.87 5.14 21.04
CA VAL G 7 -75.66 5.34 20.27
C VAL G 7 -75.57 4.31 19.14
N VAL G 8 -75.78 3.02 19.45
CA VAL G 8 -75.59 2.02 18.41
C VAL G 8 -76.67 2.16 17.35
N GLY G 9 -77.92 2.39 17.75
CA GLY G 9 -78.97 2.54 16.77
C GLY G 9 -78.77 3.76 15.90
N GLY G 10 -78.52 4.91 16.50
CA GLY G 10 -78.30 6.11 15.73
C GLY G 10 -77.09 6.00 14.83
N CYS G 11 -76.00 5.43 15.33
CA CYS G 11 -74.80 5.28 14.51
C CYS G 11 -75.07 4.36 13.33
N THR G 12 -75.74 3.24 13.55
CA THR G 12 -75.97 2.30 12.45
C THR G 12 -76.93 2.87 11.42
N VAL G 13 -78.01 3.52 11.88
CA VAL G 13 -78.94 4.14 10.94
C VAL G 13 -78.24 5.26 10.17
N GLY G 14 -77.42 6.05 10.86
CA GLY G 14 -76.68 7.11 10.18
C GLY G 14 -75.71 6.56 9.16
N ALA G 15 -75.02 5.46 9.48
CA ALA G 15 -74.08 4.88 8.54
C ALA G 15 -74.81 4.28 7.35
N LEU G 16 -75.96 3.64 7.58
CA LEU G 16 -76.76 3.13 6.48
C LEU G 16 -77.20 4.27 5.56
N ALA G 17 -77.70 5.35 6.14
CA ALA G 17 -78.13 6.50 5.35
C ALA G 17 -76.96 7.15 4.63
N LEU G 18 -75.78 7.14 5.24
CA LEU G 18 -74.61 7.77 4.66
C LEU G 18 -74.05 6.94 3.51
N GLY G 19 -74.20 5.62 3.58
CA GLY G 19 -73.77 4.77 2.49
C GLY G 19 -74.81 4.58 1.41
N ARG G 20 -76.06 4.92 1.71
CA ARG G 20 -77.12 4.85 0.71
C ARG G 20 -77.32 6.17 -0.01
N PHE G 21 -77.14 7.29 0.67
CA PHE G 21 -77.41 8.60 0.10
C PHE G 21 -76.16 9.38 -0.29
N VAL G 22 -75.09 9.26 0.47
CA VAL G 22 -73.95 10.15 0.35
C VAL G 22 -72.80 9.50 -0.40
N PHE G 23 -72.30 8.38 0.12
CA PHE G 23 -71.13 7.74 -0.46
C PHE G 23 -71.46 6.80 -1.61
N LEU G 24 -72.73 6.59 -1.92
CA LEU G 24 -73.10 5.62 -2.95
C LEU G 24 -72.56 5.97 -4.34
N PRO G 25 -72.62 7.21 -4.83
CA PRO G 25 -72.05 7.48 -6.16
C PRO G 25 -70.58 7.11 -6.28
N PHE G 26 -69.75 7.55 -5.34
CA PHE G 26 -68.33 7.19 -5.41
C PHE G 26 -68.13 5.70 -5.22
N HIS G 27 -68.92 5.07 -4.35
CA HIS G 27 -68.80 3.64 -4.15
C HIS G 27 -69.07 2.90 -5.45
N ARG G 28 -70.15 3.24 -6.14
CA ARG G 28 -70.48 2.59 -7.39
C ARG G 28 -69.45 2.90 -8.47
N ALA G 29 -68.94 4.12 -8.52
CA ALA G 29 -67.93 4.46 -9.51
C ALA G 29 -66.66 3.64 -9.29
N SER G 30 -66.21 3.53 -8.04
CA SER G 30 -65.01 2.74 -7.75
C SER G 30 -65.25 1.27 -8.03
N LEU G 31 -66.45 0.77 -7.73
CA LEU G 31 -66.76 -0.63 -8.00
C LEU G 31 -66.80 -0.91 -9.50
N ALA G 32 -67.28 0.05 -10.29
CA ALA G 32 -67.30 -0.11 -11.73
C ALA G 32 -65.90 -0.05 -12.31
N LYS G 33 -65.05 0.83 -11.78
CA LYS G 33 -63.67 0.88 -12.23
C LYS G 33 -62.94 -0.42 -11.89
N ALA G 34 -63.06 -0.87 -10.65
CA ALA G 34 -62.35 -2.09 -10.22
C ALA G 34 -62.86 -3.31 -10.96
N GLY G 35 -64.12 -3.68 -10.73
CA GLY G 35 -64.69 -4.83 -11.38
C GLY G 35 -64.26 -6.13 -10.72
N MET G 36 -64.78 -7.23 -11.24
CA MET G 36 -64.44 -8.53 -10.67
C MET G 36 -62.96 -8.83 -10.88
N PRO G 37 -62.34 -9.56 -9.96
CA PRO G 37 -60.93 -9.88 -10.12
C PRO G 37 -60.68 -10.78 -11.30
N LYS G 38 -59.50 -10.62 -11.91
CA LYS G 38 -59.12 -11.36 -13.11
C LYS G 38 -57.78 -12.06 -12.88
N GLN G 39 -57.67 -13.29 -13.36
CA GLN G 39 -56.40 -13.99 -13.43
C GLN G 39 -56.06 -14.24 -14.88
N ASN G 40 -54.88 -13.78 -15.29
CA ASN G 40 -54.37 -13.95 -16.66
C ASN G 40 -55.29 -13.34 -17.71
N GLY G 41 -56.09 -12.34 -17.33
CA GLY G 41 -56.97 -11.68 -18.26
C GLY G 41 -58.41 -12.12 -18.24
N MET G 42 -58.75 -13.13 -17.45
CA MET G 42 -60.12 -13.62 -17.37
C MET G 42 -60.54 -13.69 -15.91
N THR G 43 -61.84 -13.51 -15.67
CA THR G 43 -62.34 -13.60 -14.31
C THR G 43 -62.12 -15.00 -13.77
N HIS G 44 -62.18 -15.13 -12.45
CA HIS G 44 -62.02 -16.44 -11.83
C HIS G 44 -63.12 -17.39 -12.28
N LEU G 45 -64.27 -16.87 -12.70
CA LEU G 45 -65.34 -17.72 -13.19
C LEU G 45 -65.01 -18.28 -14.57
N GLN G 46 -64.49 -17.44 -15.47
CA GLN G 46 -64.13 -17.93 -16.79
C GLN G 46 -63.00 -18.94 -16.71
N ALA G 47 -62.04 -18.72 -15.81
CA ALA G 47 -60.94 -19.66 -15.66
C ALA G 47 -61.40 -21.03 -15.18
N GLY G 48 -62.54 -21.12 -14.50
CA GLY G 48 -63.07 -22.42 -14.12
C GLY G 48 -63.42 -22.55 -12.65
N ASP G 49 -63.27 -21.48 -11.88
CA ASP G 49 -63.63 -21.46 -10.47
C ASP G 49 -65.11 -21.14 -10.42
N ALA G 50 -65.94 -22.18 -10.54
CA ALA G 50 -67.37 -21.92 -10.51
C ALA G 50 -67.86 -21.49 -9.14
N ARG G 51 -67.06 -21.63 -8.09
CA ARG G 51 -67.42 -20.96 -6.84
C ARG G 51 -67.13 -19.48 -6.86
N ALA G 52 -66.45 -18.97 -7.88
CA ALA G 52 -66.27 -17.54 -7.94
C ALA G 52 -67.39 -16.91 -8.73
N GLU G 53 -68.38 -17.71 -9.10
CA GLU G 53 -69.56 -17.19 -9.75
C GLU G 53 -70.28 -16.24 -8.79
N GLU G 54 -70.66 -15.09 -9.33
CA GLU G 54 -71.25 -14.02 -8.54
C GLU G 54 -72.54 -14.48 -7.89
N ALA G 55 -72.67 -14.17 -6.61
CA ALA G 55 -73.88 -14.54 -5.88
C ALA G 55 -75.08 -13.94 -6.58
N SER G 56 -76.13 -14.74 -6.71
CA SER G 56 -77.30 -14.31 -7.47
C SER G 56 -78.13 -13.30 -6.70
N PHE G 57 -78.12 -13.34 -5.38
CA PHE G 57 -78.97 -12.46 -4.58
C PHE G 57 -78.41 -11.04 -4.47
N ILE G 58 -77.44 -10.67 -5.29
CA ILE G 58 -76.94 -9.31 -5.33
C ILE G 58 -77.02 -8.70 -6.72
N LEU G 59 -77.11 -9.50 -7.78
CA LEU G 59 -77.09 -8.96 -9.14
C LEU G 59 -78.27 -8.02 -9.36
N LYS G 60 -79.47 -8.46 -9.00
CA LYS G 60 -80.67 -7.64 -9.12
C LYS G 60 -81.27 -7.45 -7.74
N THR G 61 -81.50 -6.20 -7.37
CA THR G 61 -82.15 -5.85 -6.12
C THR G 61 -83.49 -5.19 -6.42
N ASN G 62 -84.07 -4.56 -5.40
CA ASN G 62 -85.25 -3.74 -5.59
C ASN G 62 -85.07 -2.31 -5.09
N ASP G 63 -83.91 -1.99 -4.54
CA ASP G 63 -83.63 -0.61 -4.15
C ASP G 63 -83.46 0.24 -5.40
N PRO G 64 -84.14 1.37 -5.51
CA PRO G 64 -84.03 2.18 -6.73
C PRO G 64 -82.61 2.66 -7.01
N ALA G 65 -81.73 2.69 -6.01
CA ALA G 65 -80.34 3.07 -6.21
C ALA G 65 -79.41 1.88 -6.23
N GLY G 66 -79.94 0.66 -6.22
CA GLY G 66 -79.11 -0.52 -6.30
C GLY G 66 -78.43 -0.93 -5.00
N PHE G 67 -78.98 -0.55 -3.86
CA PHE G 67 -78.39 -0.89 -2.57
C PHE G 67 -78.73 -2.34 -2.24
N THR G 68 -77.77 -3.23 -2.40
CA THR G 68 -78.00 -4.66 -2.16
C THR G 68 -77.90 -4.98 -0.67
N VAL G 69 -78.24 -6.23 -0.33
CA VAL G 69 -78.24 -6.65 1.07
C VAL G 69 -76.82 -6.69 1.61
N VAL G 70 -75.85 -7.11 0.78
CA VAL G 70 -74.47 -7.15 1.23
C VAL G 70 -73.95 -5.74 1.50
N ASP G 71 -74.36 -4.77 0.68
CA ASP G 71 -74.04 -3.38 0.98
C ASP G 71 -74.60 -2.97 2.33
N VAL G 72 -75.85 -3.36 2.60
CA VAL G 72 -76.46 -3.09 3.89
C VAL G 72 -75.61 -3.66 5.01
N MET G 73 -75.13 -4.89 4.83
CA MET G 73 -74.39 -5.54 5.91
C MET G 73 -73.03 -4.90 6.12
N ALA G 74 -72.35 -4.53 5.04
CA ALA G 74 -71.06 -3.85 5.19
C ALA G 74 -71.23 -2.51 5.90
N TRP G 75 -72.23 -1.73 5.50
CA TRP G 75 -72.42 -0.42 6.09
C TRP G 75 -72.91 -0.53 7.54
N GLY G 76 -73.75 -1.51 7.83
CA GLY G 76 -74.14 -1.76 9.21
C GLY G 76 -72.98 -2.22 10.07
N ALA G 77 -72.07 -3.02 9.51
CA ALA G 77 -70.89 -3.42 10.24
C ALA G 77 -70.01 -2.22 10.57
N LEU G 78 -69.81 -1.33 9.60
CA LEU G 78 -69.07 -0.10 9.89
C LEU G 78 -69.77 0.73 10.96
N GLY G 79 -71.10 0.85 10.85
CA GLY G 79 -71.83 1.62 11.84
C GLY G 79 -71.72 1.06 13.24
N HIS G 80 -71.84 -0.26 13.38
CA HIS G 80 -71.70 -0.88 14.70
C HIS G 80 -70.28 -0.71 15.24
N ALA G 81 -69.27 -0.84 14.38
CA ALA G 81 -67.90 -0.66 14.84
C ALA G 81 -67.68 0.77 15.34
N ALA G 82 -68.17 1.77 14.61
CA ALA G 82 -68.03 3.14 15.09
C ALA G 82 -68.82 3.37 16.37
N ALA G 83 -70.03 2.82 16.46
CA ALA G 83 -70.83 3.01 17.66
C ALA G 83 -70.17 2.39 18.88
N PHE G 84 -69.59 1.21 18.72
CA PHE G 84 -68.95 0.58 19.87
C PHE G 84 -67.60 1.22 20.18
N TYR G 85 -66.94 1.83 19.19
CA TYR G 85 -65.83 2.72 19.52
C TYR G 85 -66.30 3.83 20.43
N ILE G 86 -67.41 4.47 20.06
CA ILE G 86 -67.94 5.56 20.89
C ILE G 86 -68.22 5.08 22.30
N LEU G 87 -68.90 3.95 22.43
CA LEU G 87 -69.27 3.42 23.74
C LEU G 87 -68.04 3.04 24.56
N ALA G 88 -67.15 2.23 24.00
CA ALA G 88 -66.02 1.75 24.77
C ALA G 88 -65.09 2.88 25.15
N THR G 89 -64.98 3.90 24.31
CA THR G 89 -64.10 5.01 24.64
C THR G 89 -64.73 5.93 25.68
N SER G 90 -66.04 6.18 25.58
CA SER G 90 -66.67 7.02 26.59
C SER G 90 -66.78 6.29 27.92
N SER G 91 -66.70 4.96 27.91
CA SER G 91 -66.77 4.19 29.15
C SER G 91 -65.51 4.34 29.98
N LEU G 92 -64.37 4.52 29.34
CA LEU G 92 -63.13 4.72 30.07
C LEU G 92 -63.10 6.10 30.70
N GLY G 93 -62.35 6.23 31.79
CA GLY G 93 -62.19 7.52 32.44
C GLY G 93 -60.76 7.79 32.86
N LEU G 94 -59.86 7.90 31.88
CA LEU G 94 -58.45 8.08 32.12
C LEU G 94 -57.93 9.25 31.29
N ASP G 95 -56.86 9.89 31.77
CA ASP G 95 -56.28 11.03 31.07
C ASP G 95 -55.33 10.55 29.98
N ARG G 96 -55.84 10.40 28.77
CA ARG G 96 -55.01 10.13 27.61
C ARG G 96 -54.47 11.40 26.98
N ASN G 97 -54.91 12.56 27.42
CA ASN G 97 -54.62 13.82 26.75
C ASN G 97 -53.15 14.18 26.93
N PRO G 98 -52.40 14.39 25.86
CA PRO G 98 -50.97 14.76 25.97
C PRO G 98 -50.76 16.24 26.25
N PHE G 99 -51.21 16.69 27.42
CA PHE G 99 -51.06 18.09 27.80
C PHE G 99 -50.63 18.26 29.25
N MET H 1 21.26 4.11 -18.84
CA MET H 1 20.48 5.03 -17.99
C MET H 1 19.08 5.22 -18.24
N LYS H 2 18.74 5.42 -19.50
CA LYS H 2 17.34 5.61 -19.84
C LYS H 2 16.57 4.35 -19.54
N ASP H 3 17.17 3.20 -19.85
CA ASP H 3 16.53 1.93 -19.57
C ASP H 3 16.54 1.63 -18.08
N PHE H 4 17.57 2.06 -17.35
CA PHE H 4 17.57 1.89 -15.91
C PHE H 4 16.44 2.70 -15.27
N THR H 5 16.25 3.95 -15.71
CA THR H 5 15.15 4.74 -15.18
C THR H 5 13.81 4.19 -15.62
N THR H 6 13.74 3.59 -16.81
CA THR H 6 12.52 2.91 -17.22
C THR H 6 12.23 1.73 -16.30
N TYR H 7 13.29 1.04 -15.86
CA TYR H 7 13.11 -0.07 -14.93
C TYR H 7 12.63 0.45 -13.59
N LEU H 8 13.13 1.62 -13.17
CA LEU H 8 12.72 2.21 -11.91
C LEU H 8 11.30 2.74 -11.97
N SER H 9 10.72 2.87 -13.16
CA SER H 9 9.34 3.28 -13.32
C SER H 9 8.39 2.12 -13.42
N THR H 10 8.89 0.89 -13.36
CA THR H 10 8.03 -0.27 -13.50
C THR H 10 7.15 -0.40 -12.26
N ALA H 11 5.99 -1.03 -12.43
CA ALA H 11 5.03 -1.15 -11.32
C ALA H 11 5.64 -1.86 -10.11
N PRO H 12 6.38 -2.97 -10.27
CA PRO H 12 7.01 -3.67 -9.15
C PRO H 12 7.97 -2.84 -8.33
N VAL H 13 8.68 -1.91 -8.93
CA VAL H 13 9.66 -1.12 -8.21
C VAL H 13 9.05 0.18 -7.73
N LEU H 14 8.28 0.84 -8.58
CA LEU H 14 7.70 2.12 -8.19
C LEU H 14 6.65 1.95 -7.11
N THR H 15 5.88 0.85 -7.16
CA THR H 15 4.89 0.60 -6.12
C THR H 15 5.55 0.39 -4.77
N LEU H 16 6.59 -0.43 -4.79
CA LEU H 16 7.33 -0.78 -3.60
C LEU H 16 8.01 0.46 -3.03
N LEU H 17 8.54 1.31 -3.92
CA LEU H 17 9.18 2.57 -3.52
C LEU H 17 8.19 3.52 -2.88
N SER H 18 7.00 3.66 -3.49
CA SER H 18 5.98 4.55 -2.96
C SER H 18 5.44 4.04 -1.64
N VAL H 19 5.24 2.72 -1.51
CA VAL H 19 4.80 2.17 -0.23
C VAL H 19 5.85 2.42 0.82
N THR H 20 7.13 2.31 0.44
CA THR H 20 8.21 2.55 1.39
C THR H 20 8.24 4.02 1.81
N VAL H 21 7.98 4.92 0.87
CA VAL H 21 7.99 6.35 1.17
C VAL H 21 6.83 6.70 2.08
N VAL H 22 5.64 6.20 1.77
CA VAL H 22 4.47 6.51 2.59
C VAL H 22 4.61 5.88 3.96
N ALA H 23 5.11 4.65 4.03
CA ALA H 23 5.32 3.99 5.31
C ALA H 23 6.31 4.79 6.15
N GLY H 24 7.43 5.19 5.54
CA GLY H 24 8.41 5.97 6.25
C GLY H 24 7.83 7.27 6.75
N LEU H 25 6.97 7.90 5.95
CA LEU H 25 6.34 9.15 6.35
C LEU H 25 5.42 8.95 7.53
N LEU H 26 4.58 7.91 7.49
CA LEU H 26 3.70 7.65 8.64
C LEU H 26 4.51 7.31 9.87
N ILE H 27 5.61 6.59 9.70
CA ILE H 27 6.46 6.22 10.82
C ILE H 27 7.10 7.48 11.42
N GLU H 28 7.48 8.43 10.57
CA GLU H 28 8.09 9.66 11.06
C GLU H 28 7.06 10.51 11.80
N ILE H 29 5.86 10.61 11.23
CA ILE H 29 4.81 11.40 11.84
C ILE H 29 4.46 10.83 13.20
N ASN H 30 4.39 9.50 13.31
CA ASN H 30 4.06 8.88 14.58
C ASN H 30 5.23 8.95 15.54
N ARG H 31 6.44 9.15 15.03
CA ARG H 31 7.60 9.25 15.91
C ARG H 31 7.66 10.63 16.54
N PHE H 32 7.28 11.66 15.79
CA PHE H 32 7.31 13.03 16.30
C PHE H 32 6.00 13.45 16.94
N PHE H 33 4.87 12.96 16.46
CA PHE H 33 3.55 13.32 16.98
C PHE H 33 2.86 12.02 17.35
N PRO H 34 3.23 11.42 18.47
CA PRO H 34 2.70 10.10 18.82
C PRO H 34 1.38 10.18 19.56
N ASP H 35 0.68 9.05 19.56
CA ASP H 35 -0.44 8.79 20.46
C ASP H 35 -1.57 9.77 20.23
N ALA H 36 -1.74 10.22 18.99
CA ALA H 36 -2.74 11.23 18.65
C ALA H 36 -4.05 10.51 18.33
N LEU H 37 -5.02 10.63 19.23
CA LEU H 37 -6.29 9.92 19.09
C LEU H 37 -7.34 10.76 18.38
N ILE H 38 -7.25 12.09 18.48
CA ILE H 38 -8.22 12.99 17.86
C ILE H 38 -7.47 14.10 17.13
N ALA H 39 -8.19 14.79 16.26
CA ALA H 39 -7.63 15.90 15.49
C ALA H 39 -7.70 17.18 16.32
N ALA H 40 -6.79 17.28 17.28
CA ALA H 40 -6.76 18.42 18.20
C ALA H 40 -6.01 19.56 17.52
N PHE H 41 -6.72 20.62 17.16
CA PHE H 41 -6.13 21.75 16.45
C PHE H 41 -6.05 23.00 17.33
N TYR I 1 61.98 -46.42 14.62
CA TYR I 1 60.78 -46.90 13.95
C TYR I 1 61.12 -47.65 12.67
N LEU I 2 62.14 -47.17 11.97
CA LEU I 2 62.51 -47.76 10.69
C LEU I 2 62.94 -49.20 10.87
N GLY I 3 62.37 -50.09 10.06
CA GLY I 3 62.68 -51.50 10.11
C GLY I 3 61.84 -52.30 11.08
N SER I 4 61.03 -51.66 11.90
CA SER I 4 60.20 -52.38 12.85
C SER I 4 59.08 -53.12 12.13
N THR I 5 58.40 -54.00 12.87
CA THR I 5 57.38 -54.84 12.26
C THR I 5 56.26 -54.02 11.64
N THR I 6 55.90 -52.87 12.23
CA THR I 6 54.90 -52.05 11.57
C THR I 6 55.44 -51.39 10.32
N ASN I 7 56.76 -51.29 10.20
CA ASN I 7 57.37 -50.80 8.97
C ASN I 7 57.48 -51.94 7.96
N GLN I 8 57.87 -53.13 8.41
CA GLN I 8 57.93 -54.26 7.50
C GLN I 8 56.57 -54.51 6.89
N ILE I 9 55.53 -54.55 7.73
CA ILE I 9 54.20 -54.86 7.23
C ILE I 9 53.65 -53.71 6.38
N MET I 10 53.97 -52.45 6.71
CA MET I 10 53.52 -51.34 5.87
C MET I 10 54.16 -51.38 4.49
N VAL I 11 55.49 -51.55 4.45
CA VAL I 11 56.16 -51.59 3.15
C VAL I 11 55.73 -52.83 2.37
N LEU I 12 55.48 -53.95 3.05
CA LEU I 12 55.03 -55.15 2.36
C LEU I 12 53.65 -54.92 1.75
N SER I 13 52.72 -54.37 2.53
CA SER I 13 51.36 -54.14 2.04
C SER I 13 51.30 -53.04 0.98
N THR I 14 52.27 -52.14 0.94
CA THR I 14 52.29 -51.17 -0.16
C THR I 14 52.99 -51.71 -1.39
N PHE I 15 54.02 -52.54 -1.22
CA PHE I 15 54.80 -53.02 -2.35
C PHE I 15 54.11 -54.16 -3.07
N LEU I 16 53.46 -55.06 -2.34
CA LEU I 16 52.89 -56.26 -2.96
C LEU I 16 51.86 -55.94 -4.04
N PRO I 17 50.87 -55.07 -3.82
CA PRO I 17 49.95 -54.75 -4.93
C PRO I 17 50.65 -54.08 -6.10
N LEU I 18 51.78 -53.42 -5.87
CA LEU I 18 52.54 -52.86 -6.98
C LEU I 18 53.10 -53.96 -7.87
N VAL I 19 53.56 -55.07 -7.27
CA VAL I 19 53.96 -56.22 -8.05
C VAL I 19 52.75 -56.87 -8.71
N ALA I 20 51.67 -57.02 -7.96
CA ALA I 20 50.48 -57.69 -8.48
C ALA I 20 49.92 -56.95 -9.69
N GLY I 21 49.86 -55.62 -9.60
CA GLY I 21 49.30 -54.86 -10.70
C GLY I 21 50.11 -54.90 -11.98
N ARG I 22 51.44 -54.94 -11.88
CA ARG I 22 52.23 -54.94 -13.10
C ARG I 22 52.06 -56.23 -13.88
N PHE I 23 52.18 -57.37 -13.21
CA PHE I 23 52.22 -58.65 -13.89
C PHE I 23 50.84 -59.21 -14.15
N GLY I 24 49.82 -58.35 -14.19
CA GLY I 24 48.48 -58.76 -14.52
C GLY I 24 47.74 -59.45 -13.41
N LEU I 25 48.30 -59.47 -12.21
CA LEU I 25 47.61 -60.10 -11.09
C LEU I 25 46.50 -59.23 -10.52
N ALA I 26 46.59 -57.91 -10.68
CA ALA I 26 45.62 -56.97 -10.15
C ALA I 26 45.14 -56.03 -11.25
N PRO I 27 43.91 -55.52 -11.14
CA PRO I 27 43.40 -54.61 -12.17
C PRO I 27 44.04 -53.24 -12.06
N THR I 28 44.47 -52.71 -13.20
CA THR I 28 45.12 -51.41 -13.27
C THR I 28 44.32 -50.46 -14.16
N SER I 29 45.00 -49.51 -14.80
CA SER I 29 44.32 -48.57 -15.67
C SER I 29 44.10 -49.10 -17.06
N THR I 30 44.69 -50.24 -17.41
CA THR I 30 44.50 -50.85 -18.72
C THR I 30 43.65 -52.10 -18.68
N ARG I 31 43.89 -52.99 -17.72
CA ARG I 31 43.23 -54.28 -17.65
C ARG I 31 42.13 -54.23 -16.61
N HIS I 32 40.89 -54.20 -17.06
CA HIS I 32 39.72 -54.18 -16.19
C HIS I 32 39.07 -55.55 -16.14
N THR I 33 38.15 -55.71 -15.20
CA THR I 33 37.42 -56.95 -15.05
C THR I 33 36.03 -56.82 -15.67
N ASN I 34 35.51 -57.93 -16.17
CA ASN I 34 34.20 -57.93 -16.81
C ASN I 34 33.11 -57.70 -15.77
N GLN I 35 31.86 -57.91 -16.19
CA GLN I 35 30.74 -57.71 -15.26
C GLN I 35 30.73 -58.76 -14.17
N SER I 36 31.34 -59.92 -14.38
CA SER I 36 31.41 -60.92 -13.33
C SER I 36 32.33 -60.47 -12.20
N GLY I 37 33.28 -59.59 -12.49
CA GLY I 37 34.18 -59.06 -11.48
C GLY I 37 35.29 -59.97 -11.06
N ILE I 38 35.44 -61.12 -11.70
CA ILE I 38 36.39 -62.13 -11.23
C ILE I 38 37.38 -62.53 -12.30
N LYS I 39 37.02 -62.38 -13.57
CA LYS I 39 37.95 -62.59 -14.67
C LYS I 39 38.46 -61.27 -15.20
N LEU I 40 39.76 -61.20 -15.45
CA LEU I 40 40.42 -59.98 -15.92
C LEU I 40 40.52 -59.97 -17.43
N LEU I 41 40.12 -58.86 -18.04
CA LEU I 41 40.13 -58.69 -19.48
C LEU I 41 41.52 -58.33 -19.98
N PRO I 42 41.79 -58.48 -21.28
CA PRO I 42 43.09 -58.05 -21.81
C PRO I 42 43.22 -56.54 -21.77
N ALA I 43 44.47 -56.08 -21.88
CA ALA I 43 44.75 -54.67 -21.73
C ALA I 43 44.21 -53.87 -22.91
N GLU I 44 43.54 -52.77 -22.61
CA GLU I 44 43.14 -51.81 -23.61
C GLU I 44 44.00 -50.56 -23.46
N LYS I 45 44.28 -49.91 -24.58
CA LYS I 45 45.03 -48.66 -24.58
C LYS I 45 44.14 -47.44 -24.79
N SER I 46 42.87 -47.55 -24.40
CA SER I 46 41.91 -46.47 -24.57
C SER I 46 42.05 -45.37 -23.54
N ALA I 47 42.77 -45.62 -22.45
CA ALA I 47 42.94 -44.60 -21.42
C ALA I 47 43.80 -43.43 -21.90
N GLY I 48 44.63 -43.64 -22.91
CA GLY I 48 45.47 -42.57 -23.41
C GLY I 48 46.70 -42.27 -22.58
N LEU I 49 47.23 -43.27 -21.88
CA LEU I 49 48.38 -43.07 -21.00
C LEU I 49 49.60 -43.77 -21.59
N VAL I 50 50.73 -43.08 -21.57
CA VAL I 50 51.98 -43.61 -22.09
C VAL I 50 52.98 -43.67 -20.94
N SER I 51 53.93 -44.58 -21.04
CA SER I 51 54.95 -44.76 -20.02
C SER I 51 56.18 -45.39 -20.65
N ASN I 52 57.29 -45.30 -19.92
CA ASN I 52 58.53 -45.92 -20.36
C ASN I 52 58.68 -47.35 -19.88
N ASP I 53 57.73 -47.86 -19.10
CA ASP I 53 57.77 -49.24 -18.66
C ASP I 53 57.51 -50.16 -19.84
N PRO I 54 58.13 -51.35 -19.86
CA PRO I 54 57.80 -52.33 -20.90
C PRO I 54 56.33 -52.75 -20.89
N ALA I 55 55.85 -53.23 -19.75
CA ALA I 55 54.46 -53.66 -19.66
C ALA I 55 53.49 -52.50 -19.84
N GLY I 56 53.81 -51.34 -19.26
CA GLY I 56 52.92 -50.21 -19.38
C GLY I 56 52.29 -49.81 -18.06
N PHE I 57 53.03 -49.99 -16.98
CA PHE I 57 52.58 -49.60 -15.64
C PHE I 57 52.70 -48.08 -15.55
N ASN I 58 51.59 -47.39 -15.79
CA ASN I 58 51.62 -45.93 -15.83
C ASN I 58 51.74 -45.34 -14.43
N ALA I 59 51.98 -44.04 -14.38
CA ALA I 59 52.05 -43.36 -13.08
C ALA I 59 50.72 -43.44 -12.36
N VAL I 60 49.62 -43.46 -13.09
CA VAL I 60 48.31 -43.58 -12.47
C VAL I 60 48.11 -44.97 -11.89
N ASP I 61 48.65 -46.00 -12.55
CA ASP I 61 48.65 -47.34 -11.96
C ASP I 61 49.38 -47.34 -10.63
N VAL I 62 50.53 -46.67 -10.58
CA VAL I 62 51.31 -46.61 -9.35
C VAL I 62 50.53 -45.88 -8.26
N LEU I 63 49.93 -44.74 -8.62
CA LEU I 63 49.15 -43.99 -7.64
C LEU I 63 48.00 -44.83 -7.10
N ALA I 64 47.22 -45.45 -7.98
CA ALA I 64 46.05 -46.22 -7.54
C ALA I 64 46.47 -47.38 -6.66
N LEU I 65 47.43 -48.18 -7.12
CA LEU I 65 47.77 -49.39 -6.39
C LEU I 65 48.55 -49.10 -5.12
N GLY I 66 49.39 -48.06 -5.11
CA GLY I 66 50.03 -47.66 -3.87
C GLY I 66 49.05 -47.10 -2.87
N ALA I 67 48.06 -46.34 -3.33
CA ALA I 67 47.02 -45.85 -2.45
C ALA I 67 46.22 -46.99 -1.83
N LEU I 68 45.83 -47.97 -2.67
CA LEU I 68 45.14 -49.13 -2.12
C LEU I 68 46.04 -49.93 -1.19
N GLY I 69 47.32 -49.99 -1.50
CA GLY I 69 48.25 -50.67 -0.62
C GLY I 69 48.34 -50.01 0.73
N HIS I 70 48.39 -48.68 0.76
CA HIS I 70 48.38 -47.97 2.04
C HIS I 70 47.06 -48.16 2.77
N ILE I 71 45.93 -48.19 2.07
CA ILE I 71 44.66 -48.46 2.75
C ILE I 71 44.71 -49.83 3.42
N LEU I 72 45.08 -50.85 2.65
CA LEU I 72 45.12 -52.20 3.19
C LEU I 72 46.14 -52.30 4.32
N GLY I 73 47.30 -51.68 4.15
CA GLY I 73 48.33 -51.75 5.18
C GLY I 73 47.94 -51.05 6.46
N CYS I 74 47.30 -49.88 6.34
CA CYS I 74 46.81 -49.20 7.54
C CYS I 74 45.77 -50.05 8.23
N GLY I 75 44.86 -50.65 7.47
CA GLY I 75 43.89 -51.55 8.07
C GLY I 75 44.53 -52.71 8.78
N ILE I 76 45.54 -53.33 8.15
CA ILE I 76 46.18 -54.50 8.74
C ILE I 76 46.98 -54.13 9.98
N VAL I 77 47.75 -53.05 9.90
CA VAL I 77 48.58 -52.61 11.02
C VAL I 77 47.71 -52.23 12.21
N LEU I 78 46.62 -51.52 11.95
CA LEU I 78 45.76 -51.10 13.06
C LEU I 78 44.94 -52.26 13.60
N GLY I 79 44.56 -53.22 12.75
CA GLY I 79 43.90 -54.40 13.24
C GLY I 79 44.79 -55.27 14.10
N LEU I 80 46.04 -55.46 13.68
CA LEU I 80 46.98 -56.21 14.52
C LEU I 80 47.30 -55.44 15.79
N LYS I 81 47.42 -54.12 15.69
CA LYS I 81 47.69 -53.30 16.86
C LYS I 81 46.52 -53.36 17.85
N SER I 82 45.29 -53.37 17.35
CA SER I 82 44.10 -53.31 18.18
C SER I 82 43.60 -54.68 18.61
N THR I 83 44.44 -55.72 18.55
CA THR I 83 44.04 -57.04 19.00
C THR I 83 45.11 -57.71 19.86
N GLY I 84 46.09 -56.94 20.34
CA GLY I 84 47.15 -57.49 21.16
C GLY I 84 48.33 -57.98 20.37
N ASN I 85 48.23 -58.01 19.04
CA ASN I 85 49.34 -58.37 18.19
C ASN I 85 50.21 -57.15 17.94
N LEU I 86 51.01 -57.18 16.88
CA LEU I 86 51.94 -56.10 16.57
C LEU I 86 52.86 -55.81 17.75
N MET J 1 -50.97 -39.31 39.82
CA MET J 1 -51.49 -40.57 39.33
C MET J 1 -51.00 -40.80 37.90
N PRO J 2 -50.00 -41.67 37.74
CA PRO J 2 -49.47 -41.93 36.41
C PRO J 2 -50.49 -42.64 35.54
N ILE J 3 -50.39 -42.42 34.23
CA ILE J 3 -51.34 -43.02 33.31
C ILE J 3 -51.17 -44.54 33.33
N ALA J 4 -52.29 -45.24 33.22
CA ALA J 4 -52.29 -46.68 33.37
C ALA J 4 -51.87 -47.37 32.08
N ASP J 5 -51.65 -48.69 32.17
CA ASP J 5 -51.15 -49.44 31.02
C ASP J 5 -52.17 -49.44 29.88
N TYR J 6 -53.46 -49.58 30.20
CA TYR J 6 -54.45 -49.67 29.14
C TYR J 6 -54.52 -48.37 28.35
N GLN J 7 -54.24 -47.23 28.99
CA GLN J 7 -54.16 -45.98 28.25
C GLN J 7 -52.98 -45.98 27.28
N VAL J 8 -51.84 -46.51 27.72
CA VAL J 8 -50.69 -46.61 26.83
C VAL J 8 -51.02 -47.50 25.64
N PHE J 9 -51.70 -48.62 25.89
CA PHE J 9 -52.00 -49.57 24.82
C PHE J 9 -53.03 -49.01 23.85
N THR J 10 -54.06 -48.33 24.37
CA THR J 10 -55.02 -47.67 23.50
C THR J 10 -54.34 -46.62 22.64
N ALA J 11 -53.44 -45.83 23.23
CA ALA J 11 -52.72 -44.84 22.46
C ALA J 11 -51.90 -45.49 21.36
N LEU J 12 -51.20 -46.56 21.68
CA LEU J 12 -50.35 -47.21 20.68
C LEU J 12 -51.19 -47.82 19.55
N PHE J 13 -52.34 -48.40 19.89
CA PHE J 13 -53.22 -48.96 18.87
C PHE J 13 -53.78 -47.86 17.95
N LEU J 14 -54.19 -46.73 18.54
CA LEU J 14 -54.66 -45.63 17.71
C LEU J 14 -53.53 -45.06 16.85
N ALA J 15 -52.30 -45.08 17.35
CA ALA J 15 -51.17 -44.67 16.54
C ALA J 15 -50.98 -45.61 15.36
N LEU J 16 -51.18 -46.91 15.57
CA LEU J 16 -51.12 -47.85 14.45
C LEU J 16 -52.19 -47.52 13.41
N ALA J 17 -53.41 -47.22 13.85
CA ALA J 17 -54.45 -46.84 12.90
C ALA J 17 -54.07 -45.59 12.12
N THR J 18 -53.52 -44.59 12.80
CA THR J 18 -53.08 -43.38 12.14
C THR J 18 -51.94 -43.68 11.16
N GLY J 19 -51.07 -44.61 11.50
CA GLY J 19 -50.03 -45.02 10.56
C GLY J 19 -50.60 -45.66 9.31
N ILE J 20 -51.66 -46.44 9.46
CA ILE J 20 -52.34 -47.01 8.29
C ILE J 20 -52.90 -45.91 7.41
N PHE J 21 -53.54 -44.92 8.01
CA PHE J 21 -54.00 -43.79 7.20
C PHE J 21 -52.84 -43.11 6.48
N ALA J 22 -51.71 -42.97 7.18
CA ALA J 22 -50.54 -42.33 6.60
C ALA J 22 -50.02 -43.09 5.40
N VAL J 23 -49.94 -44.41 5.50
CA VAL J 23 -49.42 -45.20 4.38
C VAL J 23 -50.38 -45.14 3.20
N ARG J 24 -51.69 -45.11 3.47
CA ARG J 24 -52.64 -44.91 2.38
C ARG J 24 -52.37 -43.60 1.65
N LEU J 25 -52.23 -42.50 2.40
CA LEU J 25 -51.95 -41.22 1.76
C LEU J 25 -50.62 -41.23 1.01
N GLY J 26 -49.61 -41.89 1.57
CA GLY J 26 -48.32 -41.94 0.90
C GLY J 26 -48.37 -42.66 -0.42
N VAL J 27 -49.04 -43.82 -0.47
CA VAL J 27 -49.15 -44.53 -1.73
C VAL J 27 -50.03 -43.77 -2.71
N ALA J 28 -51.01 -43.00 -2.21
CA ALA J 28 -51.77 -42.14 -3.11
C ALA J 28 -50.87 -41.08 -3.74
N LEU J 29 -50.00 -40.47 -2.95
CA LEU J 29 -49.08 -39.47 -3.47
C LEU J 29 -48.09 -40.06 -4.45
N TYR J 30 -47.62 -41.28 -4.20
CA TYR J 30 -46.65 -41.89 -5.12
C TYR J 30 -47.25 -42.14 -6.49
N LYS J 31 -48.56 -42.30 -6.57
CA LYS J 31 -49.23 -42.60 -7.82
C LYS J 31 -49.17 -41.44 -8.79
N MET K 1 -41.52 -44.95 35.72
CA MET K 1 -42.59 -44.48 34.86
C MET K 1 -43.44 -45.71 34.64
N SER K 2 -44.49 -45.60 33.86
CA SER K 2 -45.36 -46.74 33.65
C SER K 2 -44.88 -47.50 32.40
N ALA K 3 -45.14 -48.80 32.39
CA ALA K 3 -44.73 -49.68 31.31
C ALA K 3 -43.22 -49.58 31.09
N GLN K 4 -42.46 -49.90 32.14
CA GLN K 4 -41.01 -49.82 32.08
C GLN K 4 -40.44 -50.76 31.03
N PHE K 5 -41.16 -51.85 30.73
CA PHE K 5 -40.71 -52.79 29.70
C PHE K 5 -40.83 -52.20 28.31
N LEU K 6 -41.75 -51.26 28.12
CA LEU K 6 -42.14 -50.86 26.77
C LEU K 6 -40.98 -50.23 25.98
N PRO K 7 -40.18 -49.31 26.52
CA PRO K 7 -39.03 -48.83 25.75
C PRO K 7 -38.07 -49.92 25.34
N SER K 8 -37.85 -50.91 26.22
CA SER K 8 -36.90 -51.97 25.91
C SER K 8 -37.33 -52.80 24.71
N ILE K 9 -38.61 -52.79 24.37
CA ILE K 9 -39.10 -53.45 23.17
C ILE K 9 -39.22 -52.48 22.00
N LEU K 10 -39.66 -51.26 22.24
CA LEU K 10 -39.91 -50.34 21.13
C LEU K 10 -38.61 -49.80 20.55
N VAL K 11 -37.61 -49.49 21.38
CA VAL K 11 -36.36 -48.94 20.87
C VAL K 11 -35.66 -49.89 19.91
N PRO K 12 -35.49 -51.18 20.22
CA PRO K 12 -34.89 -52.08 19.22
C PRO K 12 -35.73 -52.21 17.96
N LEU K 13 -37.05 -52.10 18.09
CA LEU K 13 -37.92 -52.17 16.92
C LEU K 13 -37.65 -51.03 15.96
N VAL K 14 -37.44 -49.83 16.49
CA VAL K 14 -37.31 -48.65 15.65
C VAL K 14 -35.86 -48.35 15.27
N GLY K 15 -34.90 -48.83 16.03
CA GLY K 15 -33.51 -48.60 15.73
C GLY K 15 -32.79 -49.78 15.12
N LEU K 16 -33.46 -50.93 14.99
CA LEU K 16 -32.84 -52.11 14.43
C LEU K 16 -33.77 -52.85 13.48
N VAL K 17 -34.95 -53.22 13.96
CA VAL K 17 -35.87 -54.00 13.13
C VAL K 17 -36.45 -53.13 12.02
N PHE K 18 -37.05 -52.01 12.39
CA PHE K 18 -37.60 -51.11 11.38
C PHE K 18 -36.53 -50.59 10.41
N PRO K 19 -35.35 -50.15 10.83
CA PRO K 19 -34.35 -49.71 9.85
C PRO K 19 -33.90 -50.81 8.91
N ALA K 20 -33.63 -52.01 9.43
CA ALA K 20 -33.20 -53.09 8.54
C ALA K 20 -34.29 -53.45 7.55
N VAL K 21 -35.53 -53.56 8.03
CA VAL K 21 -36.63 -53.93 7.14
C VAL K 21 -36.87 -52.83 6.12
N ALA K 22 -36.86 -51.56 6.56
CA ALA K 22 -37.09 -50.46 5.64
C ALA K 22 -35.98 -50.38 4.60
N MET K 23 -34.73 -50.57 5.02
CA MET K 23 -33.64 -50.51 4.06
C MET K 23 -33.70 -51.66 3.08
N ALA K 24 -34.05 -52.87 3.55
CA ALA K 24 -34.19 -54.00 2.64
C ALA K 24 -35.31 -53.75 1.64
N SER K 25 -36.45 -53.26 2.11
CA SER K 25 -37.57 -52.99 1.21
C SER K 25 -37.23 -51.88 0.23
N MET K 26 -36.56 -50.83 0.70
CA MET K 26 -36.17 -49.74 -0.17
C MET K 26 -35.17 -50.19 -1.23
N PHE K 27 -34.18 -50.99 -0.85
CA PHE K 27 -33.21 -51.49 -1.80
C PHE K 27 -33.84 -52.48 -2.77
N LEU K 28 -34.86 -53.22 -2.35
CA LEU K 28 -35.61 -54.04 -3.28
C LEU K 28 -36.44 -53.19 -4.24
N TYR K 29 -36.98 -52.08 -3.75
CA TYR K 29 -37.87 -51.30 -4.60
C TYR K 29 -37.09 -50.47 -5.62
N ILE K 30 -35.96 -49.87 -5.21
CA ILE K 30 -35.22 -49.05 -6.16
C ILE K 30 -34.60 -49.91 -7.25
N GLU K 31 -34.42 -51.19 -6.99
CA GLU K 31 -33.91 -52.14 -7.99
C GLU K 31 -35.01 -53.02 -8.55
N LYS K 32 -36.27 -52.68 -8.31
CA LYS K 32 -37.37 -53.55 -8.69
C LYS K 32 -37.41 -53.78 -10.18
N GLU K 33 -36.81 -52.87 -10.96
CA GLU K 33 -36.67 -52.98 -12.41
C GLU K 33 -37.99 -52.73 -13.12
N GLU K 34 -39.08 -53.28 -12.61
CA GLU K 34 -40.40 -53.05 -13.20
C GLU K 34 -41.39 -52.81 -12.05
N ILE K 35 -41.76 -51.56 -11.84
CA ILE K 35 -42.72 -51.22 -10.80
C ILE K 35 -44.10 -51.04 -11.39
N LYS L 1 16.51 -64.03 -16.88
CA LYS L 1 16.09 -64.71 -18.11
C LYS L 1 14.81 -65.50 -17.84
N VAL L 2 14.59 -65.84 -16.57
CA VAL L 2 13.37 -66.53 -16.17
C VAL L 2 12.21 -65.56 -16.28
N GLN L 3 11.27 -65.84 -17.19
CA GLN L 3 10.15 -64.95 -17.48
C GLN L 3 8.99 -65.36 -16.58
N VAL L 4 8.89 -64.70 -15.43
CA VAL L 4 7.86 -65.05 -14.46
C VAL L 4 6.58 -64.25 -14.68
N VAL L 5 6.70 -63.01 -15.16
CA VAL L 5 5.55 -62.13 -15.35
C VAL L 5 5.23 -62.10 -16.84
N GLN L 6 4.07 -62.65 -17.20
CA GLN L 6 3.55 -62.68 -18.54
C GLN L 6 2.13 -62.17 -18.54
N PRO L 7 1.62 -61.72 -19.69
CA PRO L 7 0.19 -61.44 -19.80
C PRO L 7 -0.63 -62.71 -19.67
N VAL L 8 -1.85 -62.55 -19.16
CA VAL L 8 -2.73 -63.70 -18.95
C VAL L 8 -3.16 -64.27 -20.29
N ASN L 9 -3.21 -65.60 -20.38
CA ASN L 9 -3.63 -66.31 -21.59
C ASN L 9 -2.79 -65.93 -22.80
N GLY L 10 -1.60 -65.38 -22.58
CA GLY L 10 -0.73 -64.96 -23.66
C GLY L 10 -1.23 -63.77 -24.45
N ASP L 11 -2.25 -63.07 -23.96
CA ASP L 11 -2.85 -61.95 -24.68
C ASP L 11 -2.49 -60.66 -23.95
N PRO L 12 -1.57 -59.85 -24.48
CA PRO L 12 -1.11 -58.67 -23.73
C PRO L 12 -2.10 -57.53 -23.65
N PHE L 13 -3.31 -57.66 -24.19
CA PHE L 13 -4.27 -56.56 -24.21
C PHE L 13 -5.50 -56.83 -23.36
N ILE L 14 -5.35 -57.67 -22.33
CA ILE L 14 -6.37 -57.89 -21.33
C ILE L 14 -5.82 -57.37 -20.01
N GLY L 15 -6.68 -56.75 -19.22
CA GLY L 15 -6.26 -56.10 -18.00
C GLY L 15 -5.72 -57.04 -16.94
N MET L 16 -4.88 -57.99 -17.36
CA MET L 16 -4.15 -58.85 -16.45
C MET L 16 -2.81 -59.31 -16.98
N LEU L 17 -1.89 -59.49 -16.02
CA LEU L 17 -0.66 -60.22 -16.21
C LEU L 17 -0.64 -61.44 -15.32
N GLU L 18 -0.12 -62.56 -15.82
CA GLU L 18 0.07 -63.74 -14.99
C GLU L 18 1.39 -63.62 -14.27
N THR L 19 1.35 -63.72 -12.94
CA THR L 19 2.48 -63.47 -12.06
C THR L 19 2.65 -64.65 -11.11
N PRO L 20 3.85 -64.82 -10.53
CA PRO L 20 4.09 -65.98 -9.64
C PRO L 20 3.14 -66.07 -8.45
N VAL L 21 2.19 -65.14 -8.35
CA VAL L 21 1.18 -65.17 -7.32
C VAL L 21 -0.18 -65.48 -7.91
N THR L 22 -0.43 -65.11 -9.15
CA THR L 22 -1.71 -65.30 -9.81
C THR L 22 -1.84 -66.65 -10.48
N SER L 23 -0.72 -67.24 -10.91
CA SER L 23 -0.77 -68.43 -11.74
C SER L 23 0.12 -69.57 -11.27
N SER L 24 0.84 -69.43 -10.17
CA SER L 24 1.70 -70.49 -9.70
C SER L 24 0.87 -71.72 -9.38
N PRO L 25 1.35 -72.93 -9.71
CA PRO L 25 0.48 -74.11 -9.62
C PRO L 25 -0.09 -74.36 -8.23
N ALA L 26 0.65 -74.05 -7.18
CA ALA L 26 0.13 -74.24 -5.83
C ALA L 26 -1.09 -73.37 -5.57
N ILE L 27 -0.98 -72.08 -5.90
CA ILE L 27 -2.08 -71.15 -5.68
C ILE L 27 -3.27 -71.51 -6.55
N ALA L 28 -3.02 -71.84 -7.82
CA ALA L 28 -4.11 -72.20 -8.71
C ALA L 28 -4.85 -73.44 -8.23
N TRP L 29 -4.11 -74.47 -7.83
CA TRP L 29 -4.73 -75.67 -7.32
C TRP L 29 -5.53 -75.38 -6.05
N TYR L 30 -4.96 -74.60 -5.15
CA TYR L 30 -5.61 -74.32 -3.87
C TYR L 30 -6.90 -73.56 -4.07
N LEU L 31 -6.92 -72.60 -4.99
CA LEU L 31 -8.16 -71.84 -5.22
C LEU L 31 -9.19 -72.67 -5.98
N SER L 32 -8.76 -73.45 -6.98
CA SER L 32 -9.70 -74.27 -7.73
C SER L 32 -10.34 -75.33 -6.87
N ASN L 33 -9.66 -75.73 -5.82
CA ASN L 33 -10.21 -76.76 -4.96
C ASN L 33 -11.03 -76.17 -3.84
N LEU L 34 -11.16 -74.84 -3.81
CA LEU L 34 -12.08 -74.20 -2.88
C LEU L 34 -13.50 -74.40 -3.36
N PRO L 35 -14.46 -74.52 -2.44
CA PRO L 35 -15.84 -74.88 -2.84
C PRO L 35 -16.48 -73.90 -3.81
N ALA L 36 -16.17 -72.61 -3.72
CA ALA L 36 -16.78 -71.65 -4.63
C ALA L 36 -16.40 -71.93 -6.07
N TYR L 37 -15.13 -72.25 -6.31
CA TYR L 37 -14.65 -72.52 -7.66
C TYR L 37 -14.72 -73.99 -8.01
N ARG L 38 -15.89 -74.59 -7.75
CA ARG L 38 -16.23 -75.96 -8.16
C ARG L 38 -17.60 -75.87 -8.80
N THR L 39 -17.62 -75.66 -10.12
CA THR L 39 -18.89 -75.53 -10.83
C THR L 39 -19.70 -76.82 -10.77
N GLY L 40 -19.02 -77.97 -10.78
CA GLY L 40 -19.72 -79.23 -10.87
C GLY L 40 -20.56 -79.58 -9.65
N VAL L 41 -20.06 -79.27 -8.45
CA VAL L 41 -20.75 -79.64 -7.23
C VAL L 41 -22.08 -78.89 -7.13
N SER L 42 -23.05 -79.51 -6.46
CA SER L 42 -24.37 -78.92 -6.31
C SER L 42 -24.28 -77.64 -5.48
N PRO L 43 -24.97 -76.57 -5.87
CA PRO L 43 -24.86 -75.30 -5.14
C PRO L 43 -25.28 -75.41 -3.68
N LEU L 44 -26.26 -76.24 -3.35
CA LEU L 44 -26.67 -76.38 -1.96
C LEU L 44 -25.53 -76.90 -1.10
N LEU L 45 -24.79 -77.89 -1.60
CA LEU L 45 -23.72 -78.48 -0.80
C LEU L 45 -22.54 -77.53 -0.67
N ARG L 46 -22.23 -76.78 -1.73
CA ARG L 46 -21.18 -75.76 -1.62
C ARG L 46 -21.58 -74.68 -0.63
N GLY L 47 -22.84 -74.26 -0.66
CA GLY L 47 -23.32 -73.35 0.35
C GLY L 47 -23.21 -73.92 1.75
N VAL L 48 -23.46 -75.23 1.89
CA VAL L 48 -23.33 -75.87 3.19
C VAL L 48 -21.90 -75.76 3.69
N GLU L 49 -20.93 -76.10 2.83
CA GLU L 49 -19.54 -76.03 3.26
C GLU L 49 -19.13 -74.60 3.60
N ILE L 50 -19.53 -73.64 2.76
CA ILE L 50 -19.19 -72.24 2.99
C ILE L 50 -19.78 -71.74 4.30
N GLY L 51 -21.05 -72.08 4.54
CA GLY L 51 -21.68 -71.66 5.77
C GLY L 51 -21.04 -72.28 6.99
N LEU L 52 -20.69 -73.56 6.91
CA LEU L 52 -19.96 -74.20 8.00
C LEU L 52 -18.71 -73.42 8.33
N ALA L 53 -17.87 -73.18 7.31
CA ALA L 53 -16.59 -72.53 7.56
C ALA L 53 -16.79 -71.12 8.11
N HIS L 54 -17.74 -70.38 7.56
CA HIS L 54 -17.87 -68.98 7.92
C HIS L 54 -18.55 -68.80 9.27
N GLY L 55 -19.56 -69.61 9.57
CA GLY L 55 -20.15 -69.57 10.90
C GLY L 55 -19.17 -69.98 11.99
N TYR L 56 -18.36 -71.01 11.73
CA TYR L 56 -17.38 -71.41 12.74
C TYR L 56 -16.28 -70.37 12.87
N LEU L 57 -15.90 -69.75 11.75
CA LEU L 57 -14.87 -68.72 11.79
C LEU L 57 -15.32 -67.49 12.56
N LEU L 58 -16.61 -67.19 12.51
CA LEU L 58 -17.12 -65.89 12.93
C LEU L 58 -17.40 -65.81 14.42
N VAL L 59 -17.26 -66.92 15.15
CA VAL L 59 -17.61 -66.91 16.57
C VAL L 59 -16.53 -66.24 17.40
N GLY L 60 -15.27 -66.49 17.09
CA GLY L 60 -14.16 -66.11 17.92
C GLY L 60 -14.12 -64.64 18.31
N PRO L 61 -14.29 -63.73 17.34
CA PRO L 61 -14.25 -62.30 17.67
C PRO L 61 -15.20 -61.91 18.79
N PHE L 62 -16.44 -62.35 18.74
CA PHE L 62 -17.37 -61.96 19.80
C PHE L 62 -17.06 -62.67 21.11
N ILE L 63 -16.61 -63.93 21.05
CA ILE L 63 -16.25 -64.64 22.28
C ILE L 63 -15.16 -63.88 23.02
N LYS L 64 -14.10 -63.50 22.32
CA LYS L 64 -12.97 -62.92 23.00
C LYS L 64 -13.07 -61.42 23.18
N LEU L 65 -14.00 -60.75 22.50
CA LEU L 65 -14.00 -59.29 22.54
C LEU L 65 -15.37 -58.64 22.68
N GLY L 66 -16.44 -59.41 22.84
CA GLY L 66 -17.75 -58.84 22.97
C GLY L 66 -17.87 -58.00 24.22
N PRO L 67 -18.97 -57.27 24.34
CA PRO L 67 -19.14 -56.41 25.52
C PRO L 67 -19.16 -57.17 26.83
N LEU L 68 -19.67 -58.39 26.83
CA LEU L 68 -19.81 -59.24 28.00
C LEU L 68 -18.77 -60.34 28.01
N ARG L 69 -17.56 -60.02 27.55
CA ARG L 69 -16.53 -61.03 27.37
C ARG L 69 -15.98 -61.54 28.70
N ASP L 70 -15.89 -60.68 29.71
CA ASP L 70 -15.29 -61.10 30.98
C ASP L 70 -16.20 -61.96 31.83
N VAL L 71 -17.52 -61.82 31.67
CA VAL L 71 -18.44 -62.67 32.41
C VAL L 71 -18.35 -64.10 31.85
N GLU L 72 -18.63 -65.08 32.72
CA GLU L 72 -18.50 -66.48 32.31
C GLU L 72 -19.47 -66.83 31.18
N ASN L 73 -20.69 -66.30 31.23
CA ASN L 73 -21.70 -66.68 30.26
C ASN L 73 -21.42 -66.16 28.87
N VAL L 74 -20.21 -65.69 28.58
CA VAL L 74 -19.93 -65.05 27.31
C VAL L 74 -20.13 -66.02 26.15
N ALA L 75 -19.87 -67.31 26.37
CA ALA L 75 -19.90 -68.26 25.27
C ALA L 75 -21.28 -68.29 24.62
N GLU L 76 -22.34 -68.37 25.42
CA GLU L 76 -23.67 -68.50 24.84
C GLU L 76 -24.15 -67.17 24.26
N ILE L 77 -23.82 -66.05 24.91
CA ILE L 77 -24.16 -64.75 24.33
C ILE L 77 -23.54 -64.63 22.96
N VAL L 78 -22.29 -65.05 22.84
CA VAL L 78 -21.58 -64.94 21.57
C VAL L 78 -22.12 -65.90 20.53
N GLY L 79 -22.47 -67.13 20.94
CA GLY L 79 -23.13 -68.01 20.01
C GLY L 79 -24.37 -67.37 19.43
N CYS L 80 -25.15 -66.70 20.28
CA CYS L 80 -26.32 -65.97 19.80
C CYS L 80 -25.91 -64.85 18.85
N ILE L 81 -24.84 -64.12 19.19
CA ILE L 81 -24.37 -63.02 18.35
C ILE L 81 -24.00 -63.53 16.96
N ASN L 82 -23.32 -64.67 16.89
CA ASN L 82 -22.89 -65.21 15.62
C ASN L 82 -24.02 -65.81 14.81
N GLY L 83 -24.99 -66.43 15.48
CA GLY L 83 -26.21 -66.78 14.79
C GLY L 83 -26.87 -65.58 14.15
N ALA L 84 -26.95 -64.47 14.89
CA ALA L 84 -27.52 -63.25 14.34
C ALA L 84 -26.71 -62.71 13.17
N ALA L 85 -25.37 -62.75 13.28
CA ALA L 85 -24.53 -62.26 12.19
C ALA L 85 -24.73 -63.11 10.94
N THR L 86 -24.76 -64.43 11.09
CA THR L 86 -25.02 -65.31 9.96
C THR L 86 -26.39 -65.05 9.35
N VAL L 87 -27.39 -64.80 10.20
CA VAL L 87 -28.74 -64.53 9.71
C VAL L 87 -28.78 -63.25 8.87
N LEU L 88 -28.13 -62.20 9.36
CA LEU L 88 -28.10 -60.93 8.62
C LEU L 88 -27.36 -61.09 7.30
N ILE L 89 -26.23 -61.78 7.31
CA ILE L 89 -25.50 -62.00 6.06
C ILE L 89 -26.31 -62.90 5.13
N LEU L 90 -27.17 -63.74 5.70
CA LEU L 90 -28.07 -64.56 4.89
C LEU L 90 -29.06 -63.69 4.14
N THR L 91 -29.67 -62.73 4.83
CA THR L 91 -30.59 -61.84 4.10
C THR L 91 -29.84 -60.98 3.10
N LEU L 92 -28.55 -60.71 3.36
CA LEU L 92 -27.71 -60.09 2.34
C LEU L 92 -27.63 -60.96 1.08
N CYS L 93 -27.34 -62.24 1.26
CA CYS L 93 -27.27 -63.14 0.12
C CYS L 93 -28.58 -63.19 -0.64
N LEU L 94 -29.70 -63.25 0.09
CA LEU L 94 -30.99 -63.26 -0.61
C LEU L 94 -31.22 -61.98 -1.41
N ALA L 95 -30.93 -60.82 -0.82
CA ALA L 95 -31.09 -59.59 -1.58
C ALA L 95 -30.23 -59.60 -2.83
N TYR L 96 -28.97 -60.02 -2.70
CA TYR L 96 -28.08 -60.05 -3.86
C TYR L 96 -28.62 -60.97 -4.93
N GLY L 97 -29.07 -62.16 -4.55
CA GLY L 97 -29.57 -63.09 -5.54
C GLY L 97 -30.84 -62.59 -6.20
N ALA L 98 -31.77 -62.04 -5.42
CA ALA L 98 -33.03 -61.56 -5.97
C ALA L 98 -32.84 -60.31 -6.81
N VAL L 99 -31.69 -59.65 -6.71
CA VAL L 99 -31.41 -58.48 -7.54
C VAL L 99 -30.66 -58.86 -8.80
N THR L 100 -29.53 -59.56 -8.67
CA THR L 100 -28.65 -59.73 -9.83
C THR L 100 -29.16 -60.79 -10.79
N PHE L 101 -29.97 -61.73 -10.32
CA PHE L 101 -30.53 -62.80 -11.15
C PHE L 101 -32.03 -62.59 -11.23
N GLN L 102 -32.46 -61.72 -12.15
CA GLN L 102 -33.87 -61.45 -12.36
C GLN L 102 -34.29 -61.47 -13.82
N GLY L 103 -33.37 -61.28 -14.75
CA GLY L 103 -33.65 -61.40 -16.17
C GLY L 103 -32.92 -62.59 -16.74
N ASP L 121 -21.01 -72.17 -14.86
CA ASP L 121 -21.21 -72.32 -13.43
C ASP L 121 -22.69 -72.27 -13.05
N PRO L 122 -23.29 -73.40 -12.70
CA PRO L 122 -24.72 -73.40 -12.35
C PRO L 122 -25.05 -72.55 -11.15
N LEU L 123 -24.05 -72.17 -10.35
CA LEU L 123 -24.28 -71.25 -9.23
C LEU L 123 -24.80 -69.91 -9.72
N GLN L 124 -24.26 -69.40 -10.83
CA GLN L 124 -24.66 -68.10 -11.37
C GLN L 124 -26.00 -68.22 -12.11
N SER L 125 -27.04 -68.53 -11.33
CA SER L 125 -28.40 -68.61 -11.86
C SER L 125 -29.38 -68.36 -10.72
N ALA L 126 -30.62 -68.06 -11.09
CA ALA L 126 -31.63 -67.68 -10.11
C ALA L 126 -31.92 -68.83 -9.15
N ASP L 127 -32.14 -70.03 -9.69
CA ASP L 127 -32.37 -71.19 -8.84
C ASP L 127 -31.08 -71.74 -8.26
N GLY L 128 -29.96 -71.57 -8.97
CA GLY L 128 -28.68 -71.98 -8.42
C GLY L 128 -28.29 -71.17 -7.20
N TRP L 129 -28.47 -69.85 -7.27
CA TRP L 129 -28.17 -69.01 -6.12
C TRP L 129 -29.16 -69.17 -4.98
N ASN L 130 -30.44 -69.41 -5.29
CA ASN L 130 -31.45 -69.54 -4.26
C ASN L 130 -31.16 -70.73 -3.36
N LYS L 131 -30.74 -71.83 -3.96
CA LYS L 131 -30.32 -73.01 -3.21
C LYS L 131 -29.02 -72.75 -2.47
N PHE L 132 -28.05 -72.11 -3.14
CA PHE L 132 -26.80 -71.73 -2.49
C PHE L 132 -27.03 -70.84 -1.27
N THR L 133 -28.06 -70.00 -1.32
CA THR L 133 -28.43 -69.18 -0.17
C THR L 133 -29.01 -70.04 0.94
N ALA L 134 -29.76 -71.09 0.59
CA ALA L 134 -30.30 -71.99 1.59
C ALA L 134 -29.20 -72.86 2.20
N GLY L 135 -28.26 -73.31 1.37
CA GLY L 135 -27.16 -74.11 1.89
C GLY L 135 -26.28 -73.32 2.83
N PHE L 136 -26.08 -72.03 2.54
CA PHE L 136 -25.30 -71.18 3.42
C PHE L 136 -25.97 -71.03 4.78
N ALA L 137 -27.30 -71.12 4.82
CA ALA L 137 -28.04 -71.02 6.07
C ALA L 137 -27.73 -72.17 7.01
N VAL L 138 -28.16 -73.37 6.64
CA VAL L 138 -28.10 -74.51 7.56
C VAL L 138 -26.66 -74.85 7.91
N GLY L 139 -25.71 -74.52 7.04
CA GLY L 139 -24.32 -74.67 7.39
C GLY L 139 -23.81 -73.51 8.21
N GLY L 140 -24.34 -72.31 7.96
CA GLY L 140 -23.84 -71.13 8.66
C GLY L 140 -24.17 -71.17 10.13
N LEU L 141 -25.43 -71.44 10.46
CA LEU L 141 -25.81 -71.56 11.87
C LEU L 141 -25.12 -72.73 12.53
N SER L 142 -24.80 -73.77 11.77
CA SER L 142 -24.15 -74.95 12.33
C SER L 142 -22.76 -74.61 12.85
N GLY L 143 -21.97 -73.86 12.08
CA GLY L 143 -20.68 -73.43 12.55
C GLY L 143 -20.78 -72.53 13.77
N ALA L 144 -21.82 -71.69 13.82
CA ALA L 144 -22.10 -70.91 15.01
C ALA L 144 -22.54 -71.80 16.17
N ALA L 145 -23.13 -72.96 15.86
CA ALA L 145 -23.48 -73.91 16.91
C ALA L 145 -22.30 -74.78 17.28
N TRP L 146 -21.58 -75.30 16.28
CA TRP L 146 -20.39 -76.11 16.55
C TRP L 146 -19.31 -75.29 17.25
N GLY L 147 -19.25 -73.99 16.97
CA GLY L 147 -18.33 -73.14 17.70
C GLY L 147 -18.64 -73.09 19.18
N TYR L 148 -19.93 -73.05 19.52
CA TYR L 148 -20.33 -73.08 20.93
C TYR L 148 -19.96 -74.42 21.57
N LEU L 149 -20.20 -75.52 20.86
CA LEU L 149 -19.88 -76.83 21.42
C LEU L 149 -18.38 -76.99 21.61
N CYS L 150 -17.59 -76.48 20.66
CA CYS L 150 -16.14 -76.56 20.81
C CYS L 150 -15.67 -75.78 22.03
N THR L 151 -16.38 -74.72 22.42
CA THR L 151 -16.01 -74.02 23.64
C THR L 151 -16.26 -74.89 24.88
N GLN L 152 -17.31 -75.72 24.87
CA GLN L 152 -17.65 -76.55 26.01
C GLN L 152 -17.06 -77.96 25.96
N ILE L 153 -16.42 -78.36 24.86
CA ILE L 153 -15.93 -79.73 24.75
C ILE L 153 -14.42 -79.75 24.58
N LEU L 154 -13.84 -78.69 24.07
CA LEU L 154 -12.40 -78.70 23.78
C LEU L 154 -11.63 -78.74 25.08
N PRO L 155 -10.60 -79.58 25.19
CA PRO L 155 -9.82 -79.63 26.42
C PRO L 155 -8.99 -78.38 26.59
N TYR L 156 -8.20 -78.08 25.56
CA TYR L 156 -7.27 -76.96 25.64
C TYR L 156 -8.03 -75.64 25.72
N TYR L 157 -9.03 -75.48 24.86
CA TYR L 157 -9.79 -74.24 24.70
C TYR L 157 -8.94 -72.99 24.86
N LYS M 1 -49.23 34.66 -16.87
CA LYS M 1 -48.21 34.52 -15.85
C LYS M 1 -48.18 35.75 -14.94
N ALA M 2 -47.53 36.81 -15.41
CA ALA M 2 -47.36 38.04 -14.64
C ALA M 2 -46.64 37.77 -13.33
N GLY M 3 -45.30 37.74 -13.37
CA GLY M 3 -44.49 37.39 -12.22
C GLY M 3 -43.50 36.31 -12.59
N ASN M 4 -42.46 36.14 -11.78
CA ASN M 4 -41.44 35.16 -12.15
C ASN M 4 -40.59 34.72 -10.96
N TRP M 5 -40.99 35.06 -9.74
CA TRP M 5 -40.41 34.53 -8.50
C TRP M 5 -38.88 34.46 -8.46
N LEU M 6 -38.24 34.15 -9.57
CA LEU M 6 -36.80 34.35 -9.76
C LEU M 6 -36.64 35.17 -11.03
N PRO M 7 -36.76 36.51 -10.94
CA PRO M 7 -36.80 37.36 -12.14
C PRO M 7 -35.96 36.85 -13.30
N GLY M 8 -34.64 36.81 -13.13
CA GLY M 8 -33.82 36.28 -14.18
C GLY M 8 -33.80 34.77 -14.19
N SER M 9 -34.81 34.16 -14.79
CA SER M 9 -34.88 32.70 -14.85
C SER M 9 -35.86 32.30 -15.93
N GLU M 10 -35.91 31.00 -16.20
CA GLU M 10 -36.81 30.42 -17.18
C GLU M 10 -37.84 29.56 -16.45
N THR M 11 -39.10 29.72 -16.82
CA THR M 11 -40.19 29.04 -16.14
C THR M 11 -40.66 27.82 -16.91
N PRO M 12 -41.25 26.85 -16.23
CA PRO M 12 -41.82 25.70 -16.94
C PRO M 12 -42.96 26.12 -17.87
N ALA M 13 -43.05 25.43 -19.01
CA ALA M 13 -43.99 25.83 -20.04
C ALA M 13 -45.42 25.47 -19.71
N TYR M 14 -45.65 24.45 -18.89
CA TYR M 14 -47.02 24.05 -18.54
C TYR M 14 -47.70 25.05 -17.62
N LEU M 15 -46.97 26.01 -17.08
CA LEU M 15 -47.49 27.02 -16.15
C LEU M 15 -47.47 28.37 -16.86
N GLU M 16 -48.49 28.63 -17.67
CA GLU M 16 -48.60 29.90 -18.36
C GLU M 16 -50.02 30.44 -18.27
N ASN M 17 -50.97 29.73 -18.85
CA ASN M 17 -52.36 30.17 -18.93
C ASN M 17 -53.08 30.06 -17.60
N LEU M 18 -52.45 29.49 -16.59
CA LEU M 18 -53.09 29.36 -15.30
C LEU M 18 -53.18 30.71 -14.60
N PRO M 19 -54.30 30.99 -13.92
CA PRO M 19 -54.40 32.24 -13.17
C PRO M 19 -53.55 32.19 -11.92
N ALA M 20 -52.90 33.33 -11.62
CA ALA M 20 -51.99 33.46 -10.49
C ALA M 20 -50.80 32.51 -10.61
N SER M 21 -50.25 32.40 -11.81
CA SER M 21 -49.07 31.59 -12.04
C SER M 21 -47.84 32.46 -12.04
N TYR M 22 -46.78 31.98 -11.41
CA TYR M 22 -45.50 32.67 -11.38
C TYR M 22 -44.37 31.81 -11.90
N GLY M 23 -44.68 30.65 -12.47
CA GLY M 23 -43.64 29.72 -12.85
C GLY M 23 -43.03 28.97 -11.69
N PHE M 24 -43.59 29.11 -10.49
CA PHE M 24 -43.03 28.52 -9.28
C PHE M 24 -43.30 27.04 -9.29
N ASP M 25 -42.29 26.28 -9.70
CA ASP M 25 -42.31 24.82 -9.72
C ASP M 25 -40.90 24.27 -9.82
N PRO M 26 -40.05 24.49 -8.82
CA PRO M 26 -38.67 24.00 -8.90
C PRO M 26 -38.54 22.49 -8.78
N LEU M 27 -39.57 21.78 -8.34
CA LEU M 27 -39.52 20.33 -8.20
C LEU M 27 -40.24 19.60 -9.32
N GLY M 28 -40.80 20.31 -10.28
CA GLY M 28 -41.46 19.67 -11.39
C GLY M 28 -42.65 18.82 -10.99
N LEU M 29 -43.41 19.25 -10.00
CA LEU M 29 -44.53 18.44 -9.54
C LEU M 29 -45.74 18.56 -10.45
N ALA M 30 -45.71 19.45 -11.43
CA ALA M 30 -46.80 19.58 -12.39
C ALA M 30 -46.35 19.21 -13.80
N ALA M 31 -45.31 18.39 -13.92
CA ALA M 31 -44.80 18.02 -15.23
C ALA M 31 -45.82 17.23 -16.05
N GLU M 32 -46.82 16.63 -15.40
CA GLU M 32 -47.83 15.86 -16.10
C GLU M 32 -49.18 16.60 -16.06
N PRO M 33 -49.98 16.48 -17.12
CA PRO M 33 -51.22 17.28 -17.21
C PRO M 33 -52.27 16.92 -16.17
N ALA M 34 -52.56 15.63 -16.02
CA ALA M 34 -53.58 15.21 -15.06
C ALA M 34 -53.17 15.55 -13.64
N SER M 35 -51.88 15.35 -13.33
CA SER M 35 -51.36 15.72 -12.02
C SER M 35 -51.51 17.21 -11.78
N LEU M 36 -51.21 18.02 -12.79
CA LEU M 36 -51.35 19.47 -12.63
C LEU M 36 -52.81 19.88 -12.46
N ALA M 37 -53.73 19.21 -13.15
CA ALA M 37 -55.15 19.53 -12.96
C ALA M 37 -55.59 19.23 -11.53
N ARG M 38 -55.20 18.06 -11.02
CA ARG M 38 -55.53 17.74 -9.64
C ARG M 38 -54.91 18.74 -8.68
N PHE M 39 -53.65 19.12 -8.94
CA PHE M 39 -52.98 20.07 -8.07
C PHE M 39 -53.66 21.42 -8.08
N ARG M 40 -54.15 21.86 -9.24
CA ARG M 40 -54.83 23.15 -9.32
C ARG M 40 -56.11 23.14 -8.50
N GLU M 41 -56.93 22.10 -8.68
CA GLU M 41 -58.12 21.98 -7.85
C GLU M 41 -57.76 22.00 -6.37
N SER M 42 -56.76 21.20 -5.98
CA SER M 42 -56.42 21.07 -4.57
C SER M 42 -55.89 22.39 -4.01
N GLU M 43 -55.11 23.13 -4.79
CA GLU M 43 -54.64 24.43 -4.36
C GLU M 43 -55.78 25.37 -4.07
N VAL M 44 -56.75 25.45 -4.99
CA VAL M 44 -57.85 26.38 -4.76
C VAL M 44 -58.65 26.00 -3.53
N PHE M 45 -58.95 24.70 -3.39
CA PHE M 45 -59.74 24.27 -2.23
C PHE M 45 -58.98 24.51 -0.92
N HIS M 46 -57.67 24.23 -0.92
CA HIS M 46 -56.84 24.51 0.24
C HIS M 46 -56.83 25.99 0.56
N GLY M 47 -56.73 26.84 -0.45
CA GLY M 47 -56.77 28.26 -0.21
C GLY M 47 -58.07 28.69 0.45
N ARG M 48 -59.20 28.16 -0.02
CA ARG M 48 -60.47 28.53 0.59
C ARG M 48 -60.55 28.07 2.04
N TRP M 49 -60.18 26.81 2.28
CA TRP M 49 -60.25 26.30 3.65
C TRP M 49 -59.31 27.07 4.57
N ALA M 50 -58.13 27.42 4.07
CA ALA M 50 -57.18 28.14 4.91
C ALA M 50 -57.56 29.60 5.11
N MET M 51 -58.26 30.22 4.14
CA MET M 51 -58.80 31.54 4.39
C MET M 51 -59.82 31.47 5.52
N LEU M 52 -60.72 30.48 5.47
CA LEU M 52 -61.67 30.33 6.57
C LEU M 52 -60.94 30.07 7.88
N GLY M 53 -59.92 29.22 7.86
CA GLY M 53 -59.20 28.89 9.07
C GLY M 53 -58.46 30.08 9.67
N ALA M 54 -57.74 30.82 8.84
CA ALA M 54 -57.01 32.00 9.30
C ALA M 54 -57.98 33.06 9.79
N ALA M 55 -59.09 33.26 9.09
CA ALA M 55 -60.10 34.21 9.55
C ALA M 55 -60.63 33.80 10.90
N GLY M 56 -60.87 32.50 11.10
CA GLY M 56 -61.33 32.05 12.40
C GLY M 56 -60.31 32.22 13.50
N VAL M 57 -59.06 31.86 13.22
CA VAL M 57 -58.00 31.97 14.23
C VAL M 57 -57.80 33.42 14.63
N LEU M 58 -57.90 34.35 13.67
CA LEU M 58 -57.77 35.76 14.01
C LEU M 58 -59.03 36.31 14.67
N GLY M 59 -60.22 35.87 14.23
CA GLY M 59 -61.45 36.44 14.72
C GLY M 59 -61.93 35.88 16.03
N VAL M 60 -61.38 34.75 16.47
CA VAL M 60 -61.68 34.27 17.81
C VAL M 60 -60.85 35.02 18.83
N GLU M 61 -59.72 35.61 18.42
CA GLU M 61 -58.81 36.31 19.31
C GLU M 61 -59.00 37.81 19.29
N VAL M 62 -59.25 38.41 18.12
CA VAL M 62 -59.48 39.84 18.05
C VAL M 62 -60.83 40.18 18.65
N LEU M 63 -61.81 39.28 18.54
CA LEU M 63 -63.09 39.43 19.22
C LEU M 63 -63.02 39.10 20.70
N GLY M 64 -62.00 38.37 21.14
CA GLY M 64 -61.81 38.13 22.55
C GLY M 64 -62.58 36.94 23.06
N TYR M 65 -62.18 35.73 22.65
CA TYR M 65 -62.82 34.52 23.14
C TYR M 65 -61.80 33.39 23.24
N GLY M 66 -60.59 33.72 23.68
CA GLY M 66 -59.52 32.75 23.74
C GLY M 66 -58.87 32.55 22.39
N ASN M 67 -57.73 31.87 22.41
CA ASN M 67 -56.99 31.59 21.19
C ASN M 67 -57.42 30.24 20.59
N TRP M 68 -56.94 29.98 19.37
CA TRP M 68 -57.37 28.81 18.63
C TRP M 68 -56.92 27.51 19.30
N TYR M 69 -55.83 27.55 20.06
CA TYR M 69 -55.28 26.31 20.61
C TYR M 69 -56.11 25.80 21.77
N ASP M 70 -56.65 26.69 22.58
CA ASP M 70 -57.36 26.32 23.80
C ASP M 70 -58.87 26.27 23.60
N ALA M 71 -59.34 26.33 22.37
CA ALA M 71 -60.76 26.26 22.07
C ALA M 71 -61.30 24.83 22.24
N PRO M 72 -60.60 23.78 21.79
CA PRO M 72 -61.14 22.43 21.97
C PRO M 72 -60.89 21.84 23.35
N LEU M 73 -60.00 22.42 24.14
CA LEU M 73 -59.73 21.87 25.47
C LEU M 73 -60.97 21.80 26.36
N PRO M 74 -61.80 22.85 26.48
CA PRO M 74 -62.95 22.76 27.40
C PRO M 74 -63.89 21.62 27.08
N LEU M 75 -64.01 21.24 25.81
CA LEU M 75 -64.88 20.13 25.45
C LEU M 75 -64.43 18.84 26.12
N VAL M 76 -63.13 18.65 26.20
CA VAL M 76 -62.56 17.56 26.99
C VAL M 76 -62.40 18.07 28.42
N GLN M 77 -62.24 17.15 29.37
CA GLN M 77 -62.02 17.52 30.77
C GLN M 77 -63.19 18.32 31.33
N GLY M 78 -64.39 18.12 30.78
CA GLY M 78 -65.54 18.88 31.22
C GLY M 78 -66.72 18.75 30.27
N GLY M 79 -66.87 19.71 29.37
CA GLY M 79 -67.92 19.63 28.38
C GLY M 79 -68.55 20.96 28.04
N GLN M 80 -69.48 20.96 27.09
CA GLN M 80 -70.18 22.16 26.64
C GLN M 80 -69.20 23.24 26.22
N ALA M 81 -68.69 23.15 24.99
CA ALA M 81 -67.82 24.19 24.47
C ALA M 81 -68.60 25.48 24.27
N THR M 82 -67.87 26.58 24.20
CA THR M 82 -68.48 27.90 24.17
C THR M 82 -68.32 28.52 22.78
N TYR M 83 -69.39 29.13 22.30
CA TYR M 83 -69.37 29.89 21.05
C TYR M 83 -70.04 31.22 21.32
N PHE M 84 -69.34 32.31 20.98
CA PHE M 84 -69.80 33.67 21.25
C PHE M 84 -70.03 33.90 22.74
N GLY M 85 -69.54 33.01 23.59
CA GLY M 85 -69.82 33.05 25.01
C GLY M 85 -70.92 32.12 25.46
N ALA M 86 -71.72 31.58 24.54
CA ALA M 86 -72.80 30.67 24.87
C ALA M 86 -72.25 29.30 25.23
N SER M 87 -73.08 28.27 25.20
CA SER M 87 -72.62 26.92 25.52
C SER M 87 -73.49 25.92 24.77
N VAL M 88 -72.87 25.19 23.86
CA VAL M 88 -73.56 24.12 23.13
C VAL M 88 -73.76 22.94 24.06
N PRO M 89 -74.90 22.28 24.03
CA PRO M 89 -75.10 21.08 24.87
C PRO M 89 -74.69 19.81 24.16
N PHE M 90 -73.56 19.85 23.45
CA PHE M 90 -73.10 18.74 22.63
C PHE M 90 -71.76 18.25 23.16
N ASP M 91 -71.54 16.93 23.11
CA ASP M 91 -70.27 16.36 23.51
C ASP M 91 -69.38 16.14 22.28
N LEU M 92 -68.18 15.62 22.51
CA LEU M 92 -67.25 15.39 21.40
C LEU M 92 -67.80 14.33 20.46
N GLY M 93 -68.44 13.30 21.00
CA GLY M 93 -68.94 12.23 20.15
C GLY M 93 -70.00 12.71 19.17
N THR M 94 -70.97 13.47 19.66
CA THR M 94 -72.02 13.96 18.77
C THR M 94 -71.48 15.02 17.83
N LEU M 95 -70.53 15.84 18.29
CA LEU M 95 -69.90 16.81 17.39
C LEU M 95 -69.17 16.11 16.26
N ALA M 96 -68.36 15.10 16.59
CA ALA M 96 -67.64 14.36 15.57
C ALA M 96 -68.61 13.68 14.61
N ALA M 97 -69.69 13.09 15.14
CA ALA M 97 -70.64 12.38 14.30
C ALA M 97 -71.38 13.34 13.35
N ILE M 98 -71.86 14.46 13.89
CA ILE M 98 -72.58 15.42 13.06
C ILE M 98 -71.67 16.02 12.01
N GLU M 99 -70.45 16.37 12.39
CA GLU M 99 -69.50 16.86 11.40
C GLU M 99 -69.21 15.81 10.34
N PHE M 100 -69.02 14.55 10.75
CA PHE M 100 -68.72 13.51 9.78
C PHE M 100 -69.86 13.37 8.79
N ALA M 101 -71.09 13.33 9.28
CA ALA M 101 -72.24 13.19 8.38
C ALA M 101 -72.34 14.38 7.43
N ALA M 102 -72.28 15.60 7.96
CA ALA M 102 -72.47 16.77 7.13
C ALA M 102 -71.35 16.93 6.12
N MET M 103 -70.10 16.79 6.55
CA MET M 103 -68.97 16.91 5.65
C MET M 103 -68.96 15.78 4.63
N ALA M 104 -69.38 14.57 5.02
CA ALA M 104 -69.47 13.48 4.06
C ALA M 104 -70.48 13.82 2.98
N GLY M 105 -71.66 14.30 3.36
CA GLY M 105 -72.63 14.69 2.36
C GLY M 105 -72.12 15.78 1.44
N ALA M 106 -71.54 16.83 2.02
CA ALA M 106 -71.11 17.97 1.23
C ALA M 106 -69.99 17.60 0.28
N GLU M 107 -68.96 16.93 0.78
CA GLU M 107 -67.80 16.64 -0.05
C GLU M 107 -68.03 15.45 -0.95
N SER M 108 -69.06 14.64 -0.70
CA SER M 108 -69.46 13.61 -1.65
C SER M 108 -70.23 14.23 -2.80
N PHE M 109 -71.07 15.23 -2.53
CA PHE M 109 -71.70 15.96 -3.61
C PHE M 109 -70.67 16.71 -4.44
N ARG M 110 -69.72 17.38 -3.79
CA ARG M 110 -68.70 18.10 -4.53
C ARG M 110 -67.84 17.16 -5.36
N GLY M 111 -67.41 16.03 -4.78
CA GLY M 111 -66.47 15.17 -5.46
C GLY M 111 -67.04 14.43 -6.66
N ALA M 112 -68.35 14.27 -6.72
CA ALA M 112 -68.98 13.57 -7.83
C ALA M 112 -69.24 14.47 -9.04
N ALA M 113 -68.91 15.76 -8.95
CA ALA M 113 -69.23 16.70 -10.01
C ALA M 113 -68.19 16.66 -11.13
N GLU M 114 -68.40 17.52 -12.13
CA GLU M 114 -67.51 17.63 -13.26
C GLU M 114 -66.17 18.23 -12.83
N PRO M 115 -65.11 18.03 -13.62
CA PRO M 115 -63.79 18.54 -13.24
C PRO M 115 -63.78 20.02 -12.87
N GLU M 116 -64.21 20.88 -13.80
CA GLU M 116 -64.22 22.31 -13.51
C GLU M 116 -65.27 22.69 -12.47
N LYS M 117 -66.40 22.01 -12.47
CA LYS M 117 -67.41 22.26 -11.44
C LYS M 117 -67.04 21.70 -10.09
N ARG M 118 -65.84 21.17 -9.94
CA ARG M 118 -65.34 20.71 -8.66
C ARG M 118 -64.53 21.79 -7.93
N VAL M 119 -64.32 22.94 -8.57
CA VAL M 119 -63.43 23.96 -8.02
C VAL M 119 -64.02 25.35 -8.23
N TYR M 120 -64.69 25.57 -9.37
CA TYR M 120 -65.31 26.86 -9.68
C TYR M 120 -66.75 26.64 -10.09
N PRO M 121 -67.59 26.15 -9.20
CA PRO M 121 -68.99 25.93 -9.56
C PRO M 121 -69.85 27.11 -9.18
N GLY M 122 -70.02 28.06 -10.10
CA GLY M 122 -70.78 29.25 -9.79
C GLY M 122 -72.17 28.96 -9.30
N GLY M 123 -73.08 28.64 -10.22
CA GLY M 123 -74.44 28.26 -9.90
C GLY M 123 -75.07 29.02 -8.75
N ALA M 124 -75.30 28.32 -7.64
CA ALA M 124 -75.83 28.94 -6.43
C ALA M 124 -74.74 29.35 -5.45
N PHE M 125 -73.48 29.08 -5.76
CA PHE M 125 -72.36 29.51 -4.93
C PHE M 125 -71.85 30.89 -5.32
N ASP M 126 -72.50 31.54 -6.29
CA ASP M 126 -72.21 32.92 -6.65
C ASP M 126 -73.54 33.68 -6.68
N PRO M 127 -74.19 33.85 -5.52
CA PRO M 127 -75.45 34.59 -5.51
C PRO M 127 -75.30 36.04 -5.94
N MET M 128 -74.15 36.65 -5.64
CA MET M 128 -73.93 38.05 -5.96
C MET M 128 -73.49 38.24 -7.41
N GLY M 129 -73.49 37.18 -8.21
CA GLY M 129 -73.23 37.28 -9.63
C GLY M 129 -71.91 37.95 -9.96
N MET M 130 -70.85 37.59 -9.24
CA MET M 130 -69.56 38.24 -9.42
C MET M 130 -68.64 37.50 -10.38
N SER M 131 -68.95 36.23 -10.69
CA SER M 131 -68.13 35.46 -11.63
C SER M 131 -68.13 36.06 -13.02
N LYS M 132 -69.08 36.95 -13.32
CA LYS M 132 -69.06 37.63 -14.60
C LYS M 132 -68.09 38.81 -14.54
N GLY M 133 -67.92 39.47 -15.68
CA GLY M 133 -66.97 40.54 -15.83
C GLY M 133 -65.52 40.09 -15.72
N ASN M 134 -65.23 38.95 -16.38
CA ASN M 134 -63.92 38.33 -16.49
C ASN M 134 -63.43 37.90 -15.11
N SER M 135 -63.73 36.66 -14.73
CA SER M 135 -63.36 36.13 -13.43
C SER M 135 -61.88 35.79 -13.33
N LYS M 136 -61.15 35.73 -14.46
CA LYS M 136 -59.71 35.41 -14.42
C LYS M 136 -58.99 36.23 -13.36
N GLU M 137 -59.21 37.55 -13.38
CA GLU M 137 -58.59 38.44 -12.42
C GLU M 137 -59.02 38.11 -11.00
N LEU M 138 -60.31 37.79 -10.83
CA LEU M 138 -60.84 37.44 -9.53
C LEU M 138 -60.22 36.13 -9.04
N LYS M 139 -59.98 35.20 -9.96
CA LYS M 139 -59.38 33.93 -9.62
C LYS M 139 -57.97 34.16 -9.14
N THR M 140 -57.27 35.11 -9.75
CA THR M 140 -55.91 35.41 -9.31
C THR M 140 -55.94 35.99 -7.91
N LYS M 141 -56.87 36.91 -7.63
CA LYS M 141 -56.96 37.47 -6.29
C LYS M 141 -57.26 36.36 -5.27
N GLU M 142 -58.20 35.47 -5.61
CA GLU M 142 -58.55 34.38 -4.70
C GLU M 142 -57.34 33.49 -4.44
N ILE M 143 -56.59 33.15 -5.48
CA ILE M 143 -55.43 32.28 -5.31
C ILE M 143 -54.37 32.94 -4.44
N LYS M 144 -54.11 34.23 -4.66
CA LYS M 144 -53.05 34.89 -3.89
C LYS M 144 -53.45 35.07 -2.44
N ASN M 145 -54.69 35.45 -2.18
CA ASN M 145 -55.15 35.50 -0.80
C ASN M 145 -55.12 34.12 -0.15
N GLY M 146 -55.47 33.09 -0.91
CA GLY M 146 -55.39 31.74 -0.38
C GLY M 146 -53.97 31.34 -0.03
N ARG M 147 -53.02 31.68 -0.89
CA ARG M 147 -51.63 31.37 -0.60
C ARG M 147 -51.18 32.07 0.67
N LEU M 148 -51.53 33.36 0.80
CA LEU M 148 -51.18 34.11 2.01
C LEU M 148 -51.82 33.49 3.24
N ALA M 149 -53.10 33.12 3.16
CA ALA M 149 -53.78 32.54 4.32
C ALA M 149 -53.25 31.15 4.67
N MET M 150 -52.91 30.34 3.66
CA MET M 150 -52.29 29.04 3.94
C MET M 150 -50.99 29.21 4.68
N LEU M 151 -50.14 30.11 4.19
CA LEU M 151 -48.88 30.34 4.86
C LEU M 151 -49.11 30.87 6.27
N ALA M 152 -50.16 31.68 6.46
CA ALA M 152 -50.49 32.21 7.77
C ALA M 152 -50.93 31.11 8.73
N CYS M 153 -51.73 30.15 8.25
CA CYS M 153 -52.17 29.07 9.13
C CYS M 153 -51.01 28.16 9.52
N LEU M 154 -50.15 27.84 8.57
CA LEU M 154 -48.94 27.10 8.92
C LEU M 154 -48.09 27.90 9.91
N GLY M 155 -48.07 29.22 9.76
CA GLY M 155 -47.35 30.06 10.70
C GLY M 155 -47.94 30.03 12.09
N PHE M 156 -49.27 30.08 12.18
CA PHE M 156 -49.94 29.91 13.46
C PHE M 156 -49.48 28.63 14.14
N ALA M 157 -49.55 27.52 13.41
CA ALA M 157 -49.18 26.23 13.98
C ALA M 157 -47.73 26.23 14.47
N ALA M 158 -46.80 26.69 13.63
CA ALA M 158 -45.39 26.61 13.98
C ALA M 158 -45.04 27.56 15.11
N GLN M 159 -45.57 28.79 15.07
CA GLN M 159 -45.28 29.76 16.13
C GLN M 159 -45.81 29.28 17.47
N HIS M 160 -47.01 28.68 17.48
CA HIS M 160 -47.53 28.17 18.74
C HIS M 160 -46.73 26.94 19.19
N ALA M 161 -46.25 26.13 18.25
CA ALA M 161 -45.46 24.97 18.63
C ALA M 161 -44.08 25.33 19.12
N ALA M 162 -43.55 26.50 18.76
CA ALA M 162 -42.21 26.90 19.15
C ALA M 162 -42.18 27.78 20.40
N THR M 163 -42.94 28.88 20.40
CA THR M 163 -42.94 29.80 21.52
C THR M 163 -44.08 29.56 22.50
N GLY M 164 -45.14 28.90 22.07
CA GLY M 164 -46.26 28.65 22.95
C GLY M 164 -47.11 29.86 23.25
N ALA M 165 -47.07 30.88 22.40
CA ALA M 165 -47.84 32.08 22.62
C ALA M 165 -49.21 31.97 21.95
N SER M 166 -49.76 33.09 21.53
CA SER M 166 -50.96 33.14 20.71
C SER M 166 -50.74 34.20 19.64
N PRO M 167 -51.42 34.09 18.49
CA PRO M 167 -51.05 34.92 17.34
C PRO M 167 -50.87 36.40 17.65
N LEU M 168 -51.87 37.03 18.28
CA LEU M 168 -51.75 38.46 18.59
C LEU M 168 -50.71 38.70 19.67
N GLU M 169 -50.56 37.78 20.62
CA GLU M 169 -49.52 37.93 21.63
C GLU M 169 -48.13 37.87 21.01
N ALA M 170 -47.91 36.93 20.09
CA ALA M 170 -46.64 36.87 19.37
C ALA M 170 -46.41 38.12 18.54
N LEU M 171 -47.47 38.61 17.90
CA LEU M 171 -47.39 39.86 17.16
C LEU M 171 -46.91 41.00 18.03
N ALA M 172 -47.55 41.18 19.18
CA ALA M 172 -47.18 42.27 20.08
C ALA M 172 -45.77 42.10 20.61
N SER M 173 -45.41 40.86 20.96
CA SER M 173 -44.07 40.61 21.50
C SER M 173 -42.99 40.94 20.48
N HIS M 174 -43.20 40.55 19.21
CA HIS M 174 -42.22 40.91 18.20
C HIS M 174 -42.18 42.41 17.94
N LEU M 175 -43.36 43.05 17.88
CA LEU M 175 -43.39 44.49 17.64
C LEU M 175 -42.68 45.27 18.73
N ALA M 176 -42.75 44.80 19.97
CA ALA M 176 -42.17 45.55 21.08
C ALA M 176 -40.67 45.74 20.91
N ASN M 177 -39.97 44.69 20.48
CA ASN M 177 -38.51 44.75 20.34
C ASN M 177 -38.09 43.73 19.31
N PRO M 178 -38.21 44.07 18.02
CA PRO M 178 -38.00 43.06 16.97
C PRO M 178 -36.59 42.53 16.91
N MET M 179 -35.60 43.40 17.13
CA MET M 179 -34.20 43.02 16.99
C MET M 179 -33.73 42.04 18.05
N ALA M 180 -34.60 41.61 18.97
CA ALA M 180 -34.15 40.68 20.00
C ALA M 180 -35.22 39.70 20.48
N VAL M 181 -36.29 39.49 19.71
CA VAL M 181 -37.29 38.50 20.10
C VAL M 181 -37.93 37.88 18.85
N ASN M 182 -37.20 37.92 17.74
CA ASN M 182 -37.67 37.27 16.52
C ASN M 182 -37.59 35.76 16.70
N PHE M 183 -37.68 35.00 15.61
CA PHE M 183 -37.62 33.56 15.74
C PHE M 183 -36.22 33.08 16.10
N ALA M 184 -35.22 33.94 15.99
CA ALA M 184 -33.85 33.56 16.25
C ALA M 184 -33.49 33.60 17.73
N THR M 185 -34.43 34.00 18.59
CA THR M 185 -34.17 34.11 20.02
C THR M 185 -34.69 32.93 20.82
N ASN M 186 -35.79 32.31 20.40
CA ASN M 186 -36.26 31.10 21.05
C ASN M 186 -35.26 29.96 20.84
N GLY M 187 -35.30 28.98 21.74
CA GLY M 187 -34.30 27.94 21.65
C GLY M 187 -34.66 26.80 20.71
N VAL M 188 -35.72 26.97 19.91
CA VAL M 188 -36.31 25.92 19.08
C VAL M 188 -35.96 26.07 17.61
N SER M 189 -36.29 27.22 17.02
CA SER M 189 -36.12 27.38 15.59
C SER M 189 -34.66 27.30 15.22
N LEU M 190 -33.81 27.92 16.01
CA LEU M 190 -32.38 27.92 15.76
C LEU M 190 -31.64 27.01 16.73
N PRO M 191 -31.11 25.90 16.29
CA PRO M 191 -30.40 25.01 17.22
C PRO M 191 -28.99 25.52 17.50
N LEU M 192 -28.90 26.53 18.36
CA LEU M 192 -27.62 27.12 18.72
C LEU M 192 -27.30 26.85 20.19
N LYS N 1 -35.27 73.18 -19.31
CA LYS N 1 -34.60 72.68 -18.11
C LYS N 1 -34.69 73.68 -16.97
N ALA N 2 -34.02 74.82 -17.12
CA ALA N 2 -33.82 75.77 -16.03
C ALA N 2 -33.07 75.11 -14.88
N GLY N 3 -31.75 75.01 -15.01
CA GLY N 3 -30.90 74.35 -14.02
C GLY N 3 -29.96 73.40 -14.74
N ASN N 4 -28.82 73.13 -14.10
CA ASN N 4 -27.84 72.23 -14.72
C ASN N 4 -27.19 71.37 -13.66
N TRP N 5 -27.57 71.53 -12.41
CA TRP N 5 -27.14 70.74 -11.26
C TRP N 5 -25.63 70.97 -11.14
N LEU N 6 -24.85 70.51 -12.14
CA LEU N 6 -23.44 70.84 -12.28
C LEU N 6 -23.30 71.88 -13.38
N PRO N 7 -22.98 73.15 -13.04
CA PRO N 7 -22.98 74.25 -14.02
C PRO N 7 -22.48 73.92 -15.41
N GLY N 8 -21.29 73.34 -15.52
CA GLY N 8 -20.84 72.73 -16.76
C GLY N 8 -21.05 71.23 -16.63
N SER N 9 -21.51 70.62 -17.72
CA SER N 9 -21.77 69.18 -17.77
C SER N 9 -22.42 68.78 -19.08
N GLU N 10 -22.78 67.50 -19.19
CA GLU N 10 -23.75 67.03 -20.16
C GLU N 10 -24.82 66.26 -19.41
N THR N 11 -26.06 66.68 -19.57
CA THR N 11 -27.16 66.13 -18.77
C THR N 11 -27.84 65.00 -19.51
N PRO N 12 -28.50 64.10 -18.78
CA PRO N 12 -29.26 63.03 -19.44
C PRO N 12 -30.29 63.61 -20.42
N ALA N 13 -30.35 62.99 -21.60
CA ALA N 13 -31.18 63.51 -22.69
C ALA N 13 -32.67 63.44 -22.34
N TYR N 14 -33.08 62.38 -21.66
CA TYR N 14 -34.49 62.18 -21.37
C TYR N 14 -35.05 63.20 -20.38
N LEU N 15 -34.21 63.98 -19.74
CA LEU N 15 -34.65 65.01 -18.79
C LEU N 15 -34.49 66.35 -19.48
N GLU N 16 -35.60 66.88 -19.98
CA GLU N 16 -35.59 68.10 -20.78
C GLU N 16 -36.89 68.88 -20.59
N ASN N 17 -38.02 68.22 -20.83
CA ASN N 17 -39.32 68.86 -20.79
C ASN N 17 -40.02 68.72 -19.44
N LEU N 18 -39.42 68.02 -18.49
CA LEU N 18 -40.09 67.78 -17.23
C LEU N 18 -40.13 69.06 -16.40
N PRO N 19 -41.17 69.24 -15.57
CA PRO N 19 -41.21 70.40 -14.68
C PRO N 19 -40.12 70.31 -13.62
N ALA N 20 -39.40 71.41 -13.44
CA ALA N 20 -38.35 71.52 -12.43
C ALA N 20 -37.27 70.47 -12.62
N SER N 21 -36.79 70.34 -13.86
CA SER N 21 -35.74 69.39 -14.19
C SER N 21 -34.40 70.10 -14.20
N TYR N 22 -33.43 69.52 -13.50
CA TYR N 22 -32.07 70.04 -13.47
C TYR N 22 -31.07 69.08 -14.08
N GLY N 23 -31.53 68.06 -14.80
CA GLY N 23 -30.64 67.05 -15.32
C GLY N 23 -30.05 66.15 -14.26
N PHE N 24 -30.62 66.14 -13.06
CA PHE N 24 -30.11 65.35 -11.94
C PHE N 24 -30.46 63.88 -12.10
N ASP N 25 -29.54 63.14 -12.71
CA ASP N 25 -29.64 61.71 -12.92
C ASP N 25 -28.28 61.14 -13.28
N PRO N 26 -27.33 61.14 -12.34
CA PRO N 26 -26.00 60.62 -12.62
C PRO N 26 -25.92 59.12 -12.46
N LEU N 27 -26.99 58.53 -11.95
CA LEU N 27 -27.14 57.10 -11.69
C LEU N 27 -27.93 56.39 -12.78
N GLY N 28 -28.57 57.12 -13.69
CA GLY N 28 -29.33 56.52 -14.78
C GLY N 28 -30.50 55.69 -14.31
N LEU N 29 -31.19 56.14 -13.27
CA LEU N 29 -32.29 55.39 -12.69
C LEU N 29 -33.58 55.45 -13.50
N ALA N 30 -33.79 56.54 -14.24
CA ALA N 30 -35.02 56.74 -15.01
C ALA N 30 -34.77 56.69 -16.50
N ALA N 31 -33.76 55.91 -16.93
CA ALA N 31 -33.42 55.86 -18.34
C ALA N 31 -34.57 55.31 -19.20
N GLU N 32 -35.14 54.17 -18.81
CA GLU N 32 -36.25 53.65 -19.60
C GLU N 32 -37.51 54.49 -19.35
N PRO N 33 -38.41 54.58 -20.33
CA PRO N 33 -39.58 55.46 -20.17
C PRO N 33 -40.48 55.09 -19.01
N ALA N 34 -40.66 53.79 -18.73
CA ALA N 34 -41.58 53.40 -17.67
C ALA N 34 -41.05 53.78 -16.29
N SER N 35 -39.74 53.61 -16.08
CA SER N 35 -39.16 53.96 -14.80
C SER N 35 -39.33 55.44 -14.51
N LEU N 36 -39.05 56.29 -15.51
CA LEU N 36 -39.24 57.72 -15.32
C LEU N 36 -40.72 58.06 -15.13
N ALA N 37 -41.61 57.43 -15.90
CA ALA N 37 -43.02 57.74 -15.79
C ALA N 37 -43.60 57.34 -14.44
N ARG N 38 -42.97 56.36 -13.77
CA ARG N 38 -43.37 56.02 -12.41
C ARG N 38 -42.71 56.96 -11.40
N PHE N 39 -41.44 57.28 -11.61
CA PHE N 39 -40.69 58.08 -10.65
C PHE N 39 -41.20 59.52 -10.57
N ARG N 40 -41.70 60.07 -11.68
CA ARG N 40 -42.30 61.41 -11.60
C ARG N 40 -43.44 61.44 -10.60
N GLU N 41 -44.38 60.50 -10.74
CA GLU N 41 -45.52 60.46 -9.83
C GLU N 41 -45.08 60.16 -8.41
N SER N 42 -44.10 59.27 -8.27
CA SER N 42 -43.59 58.98 -6.94
C SER N 42 -42.99 60.23 -6.29
N GLU N 43 -42.20 61.00 -7.04
CA GLU N 43 -41.60 62.22 -6.50
C GLU N 43 -42.65 63.25 -6.14
N VAL N 44 -43.65 63.44 -6.99
CA VAL N 44 -44.67 64.45 -6.68
C VAL N 44 -45.41 64.09 -5.41
N PHE N 45 -45.78 62.82 -5.29
CA PHE N 45 -46.50 62.37 -4.11
C PHE N 45 -45.64 62.46 -2.87
N HIS N 46 -44.34 62.18 -3.04
CA HIS N 46 -43.39 62.24 -1.96
C HIS N 46 -43.25 63.68 -1.49
N GLY N 47 -43.26 64.62 -2.44
CA GLY N 47 -43.17 66.03 -2.12
C GLY N 47 -44.40 66.54 -1.39
N ARG N 48 -45.59 66.14 -1.83
CA ARG N 48 -46.81 66.59 -1.16
C ARG N 48 -46.86 66.06 0.26
N TRP N 49 -46.54 64.78 0.44
CA TRP N 49 -46.55 64.21 1.77
C TRP N 49 -45.54 64.92 2.64
N ALA N 50 -44.39 65.29 2.06
CA ALA N 50 -43.36 66.00 2.80
C ALA N 50 -43.84 67.37 3.21
N MET N 51 -44.41 68.13 2.27
CA MET N 51 -44.91 69.45 2.59
C MET N 51 -45.89 69.38 3.76
N LEU N 52 -46.84 68.45 3.70
CA LEU N 52 -47.80 68.32 4.79
C LEU N 52 -47.10 67.92 6.09
N GLY N 53 -46.13 67.00 5.98
CA GLY N 53 -45.40 66.56 7.17
C GLY N 53 -44.65 67.70 7.84
N ALA N 54 -43.90 68.46 7.05
CA ALA N 54 -43.15 69.58 7.58
C ALA N 54 -44.09 70.63 8.16
N ALA N 55 -45.22 70.88 7.50
CA ALA N 55 -46.21 71.77 8.07
C ALA N 55 -46.64 71.27 9.44
N GLY N 56 -46.91 69.97 9.55
CA GLY N 56 -47.33 69.42 10.83
C GLY N 56 -46.25 69.51 11.89
N VAL N 57 -45.01 69.21 11.52
CA VAL N 57 -43.92 69.25 12.49
C VAL N 57 -43.70 70.67 12.98
N LEU N 58 -43.74 71.65 12.07
CA LEU N 58 -43.65 73.05 12.50
C LEU N 58 -44.86 73.46 13.32
N GLY N 59 -46.06 73.04 12.93
CA GLY N 59 -47.26 73.52 13.58
C GLY N 59 -47.50 72.92 14.94
N VAL N 60 -47.11 71.67 15.14
CA VAL N 60 -47.32 71.02 16.42
C VAL N 60 -46.38 71.62 17.46
N GLU N 61 -45.31 72.27 17.01
CA GLU N 61 -44.34 72.87 17.91
C GLU N 61 -44.44 74.38 18.01
N VAL N 62 -44.75 75.06 16.89
CA VAL N 62 -44.83 76.52 16.91
C VAL N 62 -46.05 76.98 17.68
N LEU N 63 -47.14 76.22 17.64
CA LEU N 63 -48.33 76.64 18.36
C LEU N 63 -48.18 76.36 19.86
N GLY N 64 -47.58 75.23 20.21
CA GLY N 64 -47.33 74.93 21.61
C GLY N 64 -47.90 73.63 22.14
N TYR N 65 -47.86 72.56 21.34
CA TYR N 65 -48.41 71.27 21.74
C TYR N 65 -47.36 70.17 21.84
N GLY N 66 -46.09 70.50 21.72
CA GLY N 66 -45.07 69.51 21.92
C GLY N 66 -44.36 69.17 20.63
N ASN N 67 -43.59 68.09 20.71
CA ASN N 67 -42.73 67.71 19.60
C ASN N 67 -43.52 67.01 18.52
N TRP N 68 -42.77 66.61 17.52
CA TRP N 68 -43.20 65.74 16.45
C TRP N 68 -42.82 64.31 16.77
N TYR N 69 -41.96 64.14 17.77
CA TYR N 69 -41.49 62.85 18.24
C TYR N 69 -42.33 62.33 19.40
N ASP N 70 -42.80 63.21 20.28
CA ASP N 70 -43.50 62.73 21.46
C ASP N 70 -44.96 62.50 21.18
N ALA N 71 -45.39 62.84 19.97
CA ALA N 71 -46.72 62.67 19.41
C ALA N 71 -47.30 61.32 19.87
N PRO N 72 -46.66 60.19 19.55
CA PRO N 72 -47.24 58.88 19.88
C PRO N 72 -46.99 58.39 21.29
N LEU N 73 -46.29 59.15 22.14
CA LEU N 73 -46.11 58.70 23.52
C LEU N 73 -47.42 58.59 24.27
N PRO N 74 -48.33 59.58 24.24
CA PRO N 74 -49.60 59.41 24.95
C PRO N 74 -50.50 58.32 24.38
N LEU N 75 -50.04 57.61 23.34
CA LEU N 75 -50.81 56.49 22.81
C LEU N 75 -50.72 55.27 23.73
N VAL N 76 -49.53 55.00 24.26
CA VAL N 76 -49.39 53.91 25.23
C VAL N 76 -49.54 54.56 26.61
N GLN N 77 -48.50 54.45 27.45
CA GLN N 77 -48.41 55.08 28.77
C GLN N 77 -49.73 55.04 29.53
N GLY N 78 -50.52 53.98 29.35
CA GLY N 78 -51.84 53.93 29.93
C GLY N 78 -52.92 54.27 28.93
N GLY N 79 -52.77 55.38 28.23
CA GLY N 79 -53.74 55.82 27.24
C GLY N 79 -53.73 57.32 27.10
N GLN N 80 -54.84 57.85 26.57
CA GLN N 80 -55.09 59.29 26.49
C GLN N 80 -54.15 60.01 25.53
N ALA N 81 -54.62 60.28 24.31
CA ALA N 81 -53.90 61.11 23.36
C ALA N 81 -54.55 62.48 23.28
N THR N 82 -53.73 63.50 23.09
CA THR N 82 -54.20 64.88 23.10
C THR N 82 -54.16 65.46 21.69
N TYR N 83 -55.24 66.13 21.29
CA TYR N 83 -55.31 66.81 20.00
C TYR N 83 -55.96 68.18 20.20
N PHE N 84 -55.12 69.22 20.22
CA PHE N 84 -55.48 70.58 20.64
C PHE N 84 -55.85 70.67 22.11
N GLY N 85 -56.20 69.55 22.72
CA GLY N 85 -56.67 69.55 24.09
C GLY N 85 -57.85 68.63 24.32
N ALA N 86 -58.41 68.10 23.24
CA ALA N 86 -59.46 67.10 23.35
C ALA N 86 -58.86 65.77 23.82
N SER N 87 -59.75 64.86 24.23
CA SER N 87 -59.29 63.57 24.73
C SER N 87 -59.16 62.51 23.65
N VAL N 88 -59.90 62.66 22.55
CA VAL N 88 -60.05 61.66 21.47
C VAL N 88 -59.89 60.25 22.02
N PRO N 89 -60.93 59.70 22.65
CA PRO N 89 -60.80 58.43 23.38
C PRO N 89 -60.73 57.23 22.43
N PHE N 90 -59.54 57.02 21.88
CA PHE N 90 -59.34 56.00 20.86
C PHE N 90 -58.04 55.26 21.16
N ASP N 91 -58.15 53.98 21.48
CA ASP N 91 -56.98 53.19 21.84
C ASP N 91 -56.11 52.91 20.61
N LEU N 92 -54.97 52.26 20.84
CA LEU N 92 -53.99 52.09 19.76
C LEU N 92 -54.55 51.27 18.60
N GLY N 93 -55.26 50.18 18.91
CA GLY N 93 -55.71 49.28 17.85
C GLY N 93 -56.68 49.94 16.89
N THR N 94 -57.62 50.70 17.43
CA THR N 94 -58.62 51.33 16.57
C THR N 94 -58.01 52.44 15.71
N LEU N 95 -56.95 53.10 16.17
CA LEU N 95 -56.24 54.03 15.29
C LEU N 95 -55.66 53.32 14.08
N ALA N 96 -54.95 52.22 14.30
CA ALA N 96 -54.40 51.49 13.16
C ALA N 96 -55.52 51.01 12.26
N ALA N 97 -56.61 50.52 12.84
CA ALA N 97 -57.73 50.03 12.03
C ALA N 97 -58.35 51.13 11.17
N ILE N 98 -58.71 52.25 11.81
CA ILE N 98 -59.40 53.33 11.10
C ILE N 98 -58.48 53.89 10.00
N GLU N 99 -57.18 54.08 10.33
CA GLU N 99 -56.24 54.62 9.35
C GLU N 99 -55.95 53.64 8.23
N PHE N 100 -55.86 52.36 8.55
CA PHE N 100 -55.65 51.36 7.50
C PHE N 100 -56.84 51.34 6.55
N ALA N 101 -58.06 51.36 7.08
CA ALA N 101 -59.23 51.35 6.22
C ALA N 101 -59.28 52.59 5.34
N ALA N 102 -58.96 53.75 5.91
CA ALA N 102 -59.02 55.00 5.15
C ALA N 102 -57.94 55.03 4.08
N MET N 103 -56.69 54.78 4.46
CA MET N 103 -55.60 54.81 3.48
C MET N 103 -55.70 53.69 2.47
N ALA N 104 -56.25 52.53 2.86
CA ALA N 104 -56.39 51.47 1.88
C ALA N 104 -57.37 51.87 0.79
N GLY N 105 -58.56 52.37 1.18
CA GLY N 105 -59.50 52.75 0.15
C GLY N 105 -59.04 53.95 -0.65
N ALA N 106 -58.35 54.88 0.00
CA ALA N 106 -57.92 56.08 -0.70
C ALA N 106 -56.78 55.78 -1.65
N GLU N 107 -55.79 55.01 -1.19
CA GLU N 107 -54.65 54.72 -2.02
C GLU N 107 -54.99 53.71 -3.10
N SER N 108 -56.07 52.95 -2.91
CA SER N 108 -56.48 51.99 -3.93
C SER N 108 -57.39 52.64 -4.95
N PHE N 109 -57.83 53.87 -4.67
CA PHE N 109 -58.67 54.59 -5.61
C PHE N 109 -57.84 55.54 -6.43
N ARG N 110 -56.81 56.13 -5.82
CA ARG N 110 -55.97 57.08 -6.52
C ARG N 110 -54.99 56.41 -7.47
N GLY N 111 -54.61 55.18 -7.22
CA GLY N 111 -53.66 54.48 -8.05
C GLY N 111 -54.29 53.71 -9.18
N ALA N 112 -55.48 53.16 -8.95
CA ALA N 112 -56.18 52.37 -9.97
C ALA N 112 -56.57 53.21 -11.18
N ALA N 113 -56.07 54.44 -11.28
CA ALA N 113 -56.38 55.32 -12.39
C ALA N 113 -55.22 55.36 -13.40
N GLU N 114 -55.41 56.17 -14.43
CA GLU N 114 -54.42 56.33 -15.49
C GLU N 114 -53.20 57.10 -14.99
N PRO N 115 -52.04 56.88 -15.62
CA PRO N 115 -50.79 57.45 -15.08
C PRO N 115 -50.81 58.96 -14.86
N GLU N 116 -51.41 59.74 -15.77
CA GLU N 116 -51.54 61.17 -15.52
C GLU N 116 -52.55 61.47 -14.43
N LYS N 117 -53.65 60.72 -14.41
CA LYS N 117 -54.66 60.92 -13.38
C LYS N 117 -54.16 60.46 -12.02
N ARG N 118 -53.09 59.67 -11.98
CA ARG N 118 -52.53 59.17 -10.73
C ARG N 118 -51.74 60.24 -10.00
N VAL N 119 -51.18 61.21 -10.72
CA VAL N 119 -50.37 62.23 -10.10
C VAL N 119 -50.98 63.62 -10.19
N TYR N 120 -51.70 63.95 -11.26
CA TYR N 120 -52.26 65.28 -11.46
C TYR N 120 -53.74 65.15 -11.77
N PRO N 121 -54.56 64.85 -10.76
CA PRO N 121 -55.99 64.70 -11.00
C PRO N 121 -56.76 66.00 -10.86
N GLY N 122 -57.24 66.54 -11.97
CA GLY N 122 -57.99 67.78 -11.92
C GLY N 122 -59.21 67.66 -11.01
N GLY N 123 -60.27 67.04 -11.52
CA GLY N 123 -61.47 66.70 -10.78
C GLY N 123 -61.85 67.65 -9.67
N ALA N 124 -62.03 67.12 -8.46
CA ALA N 124 -62.29 67.93 -7.29
C ALA N 124 -61.04 68.27 -6.51
N PHE N 125 -59.87 67.87 -7.00
CA PHE N 125 -58.60 68.19 -6.36
C PHE N 125 -58.00 69.50 -6.87
N ASP N 126 -58.76 70.23 -7.70
CA ASP N 126 -58.44 71.61 -8.05
C ASP N 126 -59.67 72.49 -7.88
N PRO N 127 -60.17 72.63 -6.65
CA PRO N 127 -61.43 73.36 -6.46
C PRO N 127 -61.37 74.80 -6.93
N MET N 128 -60.23 75.47 -6.78
CA MET N 128 -60.06 76.85 -7.21
C MET N 128 -59.54 76.97 -8.62
N GLY N 129 -59.42 75.87 -9.35
CA GLY N 129 -59.21 75.95 -10.79
C GLY N 129 -57.86 76.51 -11.18
N MET N 130 -56.86 76.40 -10.30
CA MET N 130 -55.51 76.83 -10.61
C MET N 130 -54.76 75.78 -11.42
N SER N 131 -55.38 74.63 -11.68
CA SER N 131 -54.78 73.62 -12.53
C SER N 131 -54.64 74.08 -13.98
N LYS N 132 -55.53 74.97 -14.43
CA LYS N 132 -55.36 75.60 -15.72
C LYS N 132 -54.57 76.90 -15.57
N GLY N 133 -54.49 77.68 -16.64
CA GLY N 133 -53.74 78.92 -16.61
C GLY N 133 -52.24 78.71 -16.51
N ASN N 134 -51.67 77.97 -17.47
CA ASN N 134 -50.24 77.69 -17.50
C ASN N 134 -49.81 76.98 -16.22
N SER N 135 -50.03 75.68 -16.16
CA SER N 135 -49.74 74.91 -14.96
C SER N 135 -48.32 74.39 -14.91
N LYS N 136 -47.50 74.67 -15.92
CA LYS N 136 -46.13 74.20 -15.90
C LYS N 136 -45.32 74.93 -14.83
N GLU N 137 -45.48 76.24 -14.75
CA GLU N 137 -44.80 77.02 -13.72
C GLU N 137 -45.28 76.61 -12.34
N LEU N 138 -46.59 76.38 -12.19
CA LEU N 138 -47.11 75.95 -10.90
C LEU N 138 -46.62 74.54 -10.55
N LYS N 139 -46.46 73.68 -11.55
CA LYS N 139 -45.89 72.35 -11.31
C LYS N 139 -44.45 72.47 -10.83
N THR N 140 -43.68 73.38 -11.43
CA THR N 140 -42.33 73.65 -10.94
C THR N 140 -42.36 74.14 -9.51
N LYS N 141 -43.30 75.04 -9.19
CA LYS N 141 -43.48 75.51 -7.82
C LYS N 141 -43.69 74.34 -6.87
N GLU N 142 -44.64 73.47 -7.21
CA GLU N 142 -44.99 72.35 -6.35
C GLU N 142 -43.80 71.42 -6.15
N ILE N 143 -43.10 71.09 -7.24
CA ILE N 143 -42.01 70.14 -7.16
C ILE N 143 -40.84 70.70 -6.34
N LYS N 144 -40.50 71.98 -6.54
CA LYS N 144 -39.38 72.55 -5.80
C LYS N 144 -39.72 72.73 -4.32
N ASN N 145 -40.94 73.17 -4.01
CA ASN N 145 -41.33 73.23 -2.61
C ASN N 145 -41.36 71.84 -2.00
N GLY N 146 -41.75 70.83 -2.78
CA GLY N 146 -41.72 69.47 -2.27
C GLY N 146 -40.33 68.97 -2.00
N ARG N 147 -39.38 69.30 -2.86
CA ARG N 147 -37.99 68.92 -2.60
C ARG N 147 -37.48 69.57 -1.32
N LEU N 148 -37.79 70.86 -1.15
CA LEU N 148 -37.41 71.56 0.07
C LEU N 148 -38.02 70.88 1.29
N ALA N 149 -39.29 70.51 1.21
CA ALA N 149 -39.93 69.87 2.35
C ALA N 149 -39.36 68.48 2.62
N MET N 150 -39.00 67.74 1.58
CA MET N 150 -38.39 66.42 1.80
C MET N 150 -37.11 66.57 2.58
N LEU N 151 -36.25 67.49 2.15
CA LEU N 151 -35.01 67.70 2.90
C LEU N 151 -35.31 68.19 4.31
N ALA N 152 -36.35 68.99 4.48
CA ALA N 152 -36.70 69.47 5.81
C ALA N 152 -37.11 68.31 6.72
N CYS N 153 -37.93 67.39 6.21
CA CYS N 153 -38.37 66.25 7.01
C CYS N 153 -37.20 65.32 7.31
N LEU N 154 -36.27 65.20 6.37
CA LEU N 154 -35.10 64.36 6.60
C LEU N 154 -34.24 65.00 7.69
N GLY N 155 -34.12 66.32 7.66
CA GLY N 155 -33.35 67.01 8.67
C GLY N 155 -33.99 66.92 10.04
N PHE N 156 -35.31 67.01 10.10
CA PHE N 156 -36.00 66.82 11.38
C PHE N 156 -35.63 65.47 11.98
N ALA N 157 -35.79 64.41 11.19
CA ALA N 157 -35.50 63.08 11.72
C ALA N 157 -34.04 62.97 12.15
N ALA N 158 -33.12 63.49 11.33
CA ALA N 158 -31.69 63.31 11.63
C ALA N 158 -31.26 64.13 12.83
N GLN N 159 -31.67 65.40 12.91
CA GLN N 159 -31.24 66.21 14.02
C GLN N 159 -31.86 65.73 15.33
N HIS N 160 -33.06 65.15 15.28
CA HIS N 160 -33.58 64.51 16.48
C HIS N 160 -32.76 63.28 16.85
N ALA N 161 -32.39 62.48 15.85
CA ALA N 161 -31.61 61.28 16.13
C ALA N 161 -30.17 61.61 16.55
N ALA N 162 -29.74 62.86 16.42
CA ALA N 162 -28.40 63.26 16.83
C ALA N 162 -28.40 64.03 18.15
N THR N 163 -29.06 65.18 18.20
CA THR N 163 -29.05 66.01 19.40
C THR N 163 -30.20 65.71 20.35
N GLY N 164 -31.28 65.11 19.87
CA GLY N 164 -32.40 64.77 20.73
C GLY N 164 -33.30 65.94 21.06
N ALA N 165 -33.05 67.12 20.50
CA ALA N 165 -33.84 68.30 20.81
C ALA N 165 -35.10 68.34 19.95
N SER N 166 -35.46 69.53 19.49
CA SER N 166 -36.63 69.71 18.65
C SER N 166 -36.32 70.77 17.60
N PRO N 167 -37.02 70.75 16.46
CA PRO N 167 -36.77 71.74 15.41
C PRO N 167 -36.63 73.16 15.92
N LEU N 168 -37.63 73.67 16.62
CA LEU N 168 -37.53 75.02 17.17
C LEU N 168 -36.50 75.09 18.27
N GLU N 169 -36.41 74.04 19.09
CA GLU N 169 -35.38 73.99 20.12
C GLU N 169 -33.98 73.95 19.53
N ALA N 170 -33.78 73.15 18.47
CA ALA N 170 -32.48 73.13 17.80
C ALA N 170 -32.16 74.46 17.16
N LEU N 171 -33.16 75.08 16.53
CA LEU N 171 -32.95 76.39 15.91
C LEU N 171 -32.55 77.42 16.96
N ALA N 172 -33.23 77.42 18.11
CA ALA N 172 -32.89 78.36 19.17
C ALA N 172 -31.50 78.09 19.72
N SER N 173 -31.16 76.82 19.93
CA SER N 173 -29.84 76.49 20.47
C SER N 173 -28.73 76.86 19.49
N HIS N 174 -29.01 76.78 18.19
CA HIS N 174 -28.03 77.22 17.20
C HIS N 174 -27.92 78.74 17.15
N LEU N 175 -29.06 79.43 17.17
CA LEU N 175 -29.03 80.88 17.04
C LEU N 175 -28.40 81.54 18.26
N ALA N 176 -28.58 80.96 19.45
CA ALA N 176 -27.95 81.50 20.64
C ALA N 176 -26.43 81.39 20.57
N ASN N 177 -25.93 80.19 20.25
CA ASN N 177 -24.50 79.95 20.11
C ASN N 177 -24.25 79.30 18.76
N PRO N 178 -24.15 80.09 17.69
CA PRO N 178 -23.87 79.50 16.37
C PRO N 178 -22.53 78.81 16.32
N MET N 179 -21.66 79.05 17.29
CA MET N 179 -20.25 78.75 17.14
C MET N 179 -19.89 77.37 17.64
N ALA N 180 -20.42 76.97 18.80
CA ALA N 180 -20.12 75.67 19.36
C ALA N 180 -21.38 74.83 19.52
N VAL N 181 -22.43 75.15 18.77
CA VAL N 181 -23.62 74.33 18.80
C VAL N 181 -24.03 74.05 17.36
N ASN N 182 -23.25 73.24 16.65
CA ASN N 182 -23.51 72.86 15.28
C ASN N 182 -23.61 71.34 15.18
N PHE N 183 -23.78 70.86 13.95
CA PHE N 183 -23.60 69.44 13.71
C PHE N 183 -22.16 69.04 13.96
N ALA N 184 -21.22 69.95 13.74
CA ALA N 184 -19.81 69.65 13.93
C ALA N 184 -19.46 69.50 15.40
N THR N 185 -20.31 69.99 16.30
CA THR N 185 -19.99 70.01 17.72
C THR N 185 -20.54 68.81 18.48
N ASN N 186 -21.77 68.39 18.19
CA ASN N 186 -22.24 67.12 18.73
C ASN N 186 -21.44 65.99 18.09
N GLY N 187 -20.93 65.09 18.92
CA GLY N 187 -20.00 64.09 18.44
C GLY N 187 -20.64 62.92 17.72
N VAL N 188 -21.64 63.19 16.90
CA VAL N 188 -22.34 62.17 16.14
C VAL N 188 -22.10 62.34 14.64
N SER N 189 -22.46 63.48 14.09
CA SER N 189 -22.33 63.75 12.67
C SER N 189 -20.88 63.80 12.25
N LEU N 190 -20.19 64.87 12.60
CA LEU N 190 -18.79 64.99 12.27
C LEU N 190 -17.97 64.25 13.32
N PRO N 191 -17.18 63.24 12.94
CA PRO N 191 -16.42 62.49 13.94
C PRO N 191 -14.99 62.99 14.11
N LEU N 192 -14.44 63.64 13.08
CA LEU N 192 -13.04 64.03 13.11
C LEU N 192 -12.85 65.54 13.19
N GLU O 1 43.75 -44.89 -27.76
CA GLU O 1 44.48 -43.68 -28.10
C GLU O 1 45.90 -44.07 -28.52
N GLY O 2 46.67 -44.62 -27.59
CA GLY O 2 47.99 -45.13 -27.91
C GLY O 2 48.99 -44.10 -28.39
N ALA O 3 48.90 -42.87 -27.87
CA ALA O 3 49.82 -41.80 -28.23
C ALA O 3 49.88 -41.53 -29.72
N ASP O 4 50.85 -40.74 -30.15
CA ASP O 4 51.15 -40.54 -31.56
C ASP O 4 52.57 -40.95 -31.90
N LEU O 5 53.35 -41.38 -30.91
CA LEU O 5 54.72 -41.87 -31.09
C LEU O 5 55.63 -40.80 -31.67
N ALA O 6 55.30 -40.27 -32.86
CA ALA O 6 56.12 -39.21 -33.42
C ALA O 6 56.02 -37.93 -32.59
N LYS O 7 54.84 -37.61 -32.06
CA LYS O 7 54.70 -36.45 -31.20
C LYS O 7 55.47 -36.64 -29.89
N VAL O 8 55.30 -37.78 -29.24
CA VAL O 8 55.99 -38.01 -27.98
C VAL O 8 57.43 -38.43 -28.23
N GLU O 9 57.87 -38.44 -29.47
CA GLU O 9 59.29 -38.65 -29.67
C GLU O 9 60.09 -37.42 -29.33
N ARG O 10 59.48 -36.23 -29.47
CA ARG O 10 60.19 -34.99 -29.14
C ARG O 10 60.29 -34.80 -27.63
N VAL O 11 59.31 -35.30 -26.87
CA VAL O 11 59.38 -35.21 -25.42
C VAL O 11 60.44 -36.14 -24.88
N ALA O 12 60.61 -37.32 -25.48
CA ALA O 12 61.72 -38.17 -25.09
C ALA O 12 63.06 -37.56 -25.47
N LYS O 13 63.06 -36.61 -26.39
CA LYS O 13 64.30 -35.96 -26.82
C LYS O 13 64.72 -34.83 -25.89
N VAL O 14 63.83 -34.36 -25.01
CA VAL O 14 64.24 -33.40 -24.00
C VAL O 14 64.85 -34.12 -22.80
N GLY O 15 64.58 -35.42 -22.66
CA GLY O 15 65.22 -36.24 -21.66
C GLY O 15 64.62 -36.11 -20.28
N GLY O 16 65.18 -36.89 -19.36
CA GLY O 16 64.80 -36.83 -17.97
C GLY O 16 63.51 -37.56 -17.68
N LEU O 17 63.00 -37.33 -16.47
CA LEU O 17 61.77 -37.95 -16.00
C LEU O 17 60.54 -37.46 -16.74
N TYR O 18 60.70 -36.65 -17.78
CA TYR O 18 59.58 -36.33 -18.66
C TYR O 18 59.22 -37.57 -19.47
N LYS O 19 58.18 -37.43 -20.30
CA LYS O 19 57.58 -38.54 -21.04
C LYS O 19 56.86 -39.48 -20.06
N ASN O 20 57.39 -39.62 -18.85
CA ASN O 20 56.75 -40.42 -17.83
C ASN O 20 55.45 -39.81 -17.35
N PHE O 21 55.25 -38.51 -17.54
CA PHE O 21 54.08 -37.81 -17.02
C PHE O 21 53.28 -37.09 -18.11
N THR O 22 53.58 -37.33 -19.37
CA THR O 22 52.83 -36.67 -20.43
C THR O 22 51.78 -37.60 -20.99
N SER O 23 50.77 -37.01 -21.63
CA SER O 23 49.61 -37.74 -22.09
C SER O 23 49.31 -37.38 -23.54
N GLY O 24 48.46 -38.20 -24.16
CA GLY O 24 48.07 -37.94 -25.53
C GLY O 24 47.31 -36.64 -25.69
N GLN O 25 46.51 -36.28 -24.69
CA GLN O 25 45.77 -35.03 -24.75
C GLN O 25 46.72 -33.84 -24.76
N ALA O 26 47.79 -33.91 -23.97
CA ALA O 26 48.74 -32.81 -23.89
C ALA O 26 49.43 -32.58 -25.23
N LEU O 27 49.85 -33.66 -25.89
CA LEU O 27 50.58 -33.53 -27.14
C LEU O 27 49.71 -33.06 -28.29
N SER O 28 48.40 -32.99 -28.11
CA SER O 28 47.53 -32.43 -29.15
C SER O 28 47.73 -30.94 -29.30
N TYR O 29 48.26 -30.26 -28.28
CA TYR O 29 48.40 -28.82 -28.30
C TYR O 29 49.73 -28.30 -27.79
N LEU O 30 50.60 -29.17 -27.27
CA LEU O 30 51.96 -28.80 -26.87
C LEU O 30 52.91 -29.37 -27.92
N ASP O 31 53.31 -28.53 -28.88
CA ASP O 31 54.12 -29.00 -30.00
C ASP O 31 55.55 -28.50 -29.99
N GLY O 32 55.97 -27.77 -28.96
CA GLY O 32 57.34 -27.29 -28.85
C GLY O 32 57.45 -25.78 -28.75
N THR O 33 56.51 -25.05 -29.34
CA THR O 33 56.48 -23.61 -29.14
C THR O 33 56.14 -23.32 -27.68
N LEU O 34 56.41 -22.07 -27.29
CA LEU O 34 56.40 -21.64 -25.90
C LEU O 34 57.60 -22.28 -25.20
N PRO O 35 58.53 -21.50 -24.67
CA PRO O 35 59.69 -22.08 -24.00
C PRO O 35 59.30 -22.85 -22.76
N GLY O 36 60.09 -23.86 -22.43
CA GLY O 36 59.78 -24.73 -21.31
C GLY O 36 58.68 -25.72 -21.59
N ASP O 37 58.39 -25.98 -22.86
CA ASP O 37 57.34 -26.92 -23.24
C ASP O 37 57.93 -28.31 -23.28
N PHE O 38 57.81 -29.03 -22.17
CA PHE O 38 58.24 -30.42 -22.09
C PHE O 38 57.05 -31.38 -22.01
N GLY O 39 55.86 -30.89 -22.32
CA GLY O 39 54.71 -31.75 -22.45
C GLY O 39 54.05 -32.16 -21.15
N PHE O 40 54.52 -31.67 -20.01
CA PHE O 40 53.94 -32.05 -18.74
C PHE O 40 52.63 -31.30 -18.57
N ASP O 41 51.52 -32.01 -18.72
CA ASP O 41 50.20 -31.44 -18.55
C ASP O 41 49.20 -32.54 -18.22
N PRO O 42 49.24 -33.11 -17.02
CA PRO O 42 48.33 -34.21 -16.69
C PRO O 42 46.86 -33.84 -16.70
N LEU O 43 46.50 -32.57 -16.61
CA LEU O 43 45.09 -32.20 -16.47
C LEU O 43 44.53 -31.41 -17.63
N GLY O 44 45.29 -31.20 -18.70
CA GLY O 44 44.75 -30.53 -19.87
C GLY O 44 44.24 -29.14 -19.63
N LEU O 45 44.91 -28.38 -18.76
CA LEU O 45 44.47 -27.03 -18.44
C LEU O 45 44.76 -26.04 -19.56
N CYS O 46 45.75 -26.32 -20.39
CA CYS O 46 46.13 -25.42 -21.48
C CYS O 46 45.50 -25.84 -22.81
N ASP O 47 44.40 -26.58 -22.77
CA ASP O 47 43.75 -27.07 -23.98
C ASP O 47 43.03 -25.92 -24.67
N PRO O 48 43.35 -25.61 -25.93
CA PRO O 48 42.77 -24.43 -26.57
C PRO O 48 41.30 -24.56 -26.93
N GLU O 49 40.73 -25.77 -26.99
CA GLU O 49 39.31 -25.89 -27.28
C GLU O 49 38.51 -25.61 -26.02
N GLY O 50 37.45 -24.82 -26.16
CA GLY O 50 36.71 -24.39 -24.99
C GLY O 50 37.52 -23.53 -24.05
N ALA O 51 38.35 -22.64 -24.58
CA ALA O 51 39.08 -21.72 -23.75
C ALA O 51 38.22 -20.50 -23.46
N GLY O 52 38.55 -19.82 -22.38
CA GLY O 52 37.82 -18.62 -22.01
C GLY O 52 38.14 -18.22 -20.59
N GLY O 53 37.74 -17.01 -20.25
CA GLY O 53 38.10 -16.47 -18.96
C GLY O 53 39.59 -16.45 -18.79
N PHE O 54 40.06 -16.97 -17.66
CA PHE O 54 41.48 -17.02 -17.37
C PHE O 54 42.10 -18.38 -17.65
N ILE O 55 41.33 -19.30 -18.23
CA ILE O 55 41.85 -20.61 -18.61
C ILE O 55 42.10 -20.61 -20.11
N THR O 56 43.10 -19.87 -20.57
CA THR O 56 43.46 -19.80 -21.97
C THR O 56 44.94 -20.09 -22.12
N PRO O 57 45.38 -20.62 -23.26
CA PRO O 57 46.81 -20.93 -23.42
C PRO O 57 47.70 -19.71 -23.31
N GLU O 58 47.18 -18.53 -23.66
CA GLU O 58 47.96 -17.31 -23.58
C GLU O 58 48.05 -16.84 -22.14
N TRP O 59 46.91 -16.76 -21.46
CA TRP O 59 46.92 -16.29 -20.09
C TRP O 59 47.73 -17.22 -19.21
N LEU O 60 47.58 -18.52 -19.40
CA LEU O 60 48.31 -19.48 -18.59
C LEU O 60 49.81 -19.36 -18.80
N SER O 61 50.25 -19.26 -20.06
CA SER O 61 51.68 -19.11 -20.28
C SER O 61 52.20 -17.81 -19.70
N TYR O 62 51.45 -16.72 -19.88
CA TYR O 62 51.84 -15.43 -19.33
C TYR O 62 51.96 -15.48 -17.82
N SER O 63 51.00 -16.12 -17.15
CA SER O 63 51.04 -16.23 -15.70
C SER O 63 52.20 -17.08 -15.25
N GLU O 64 52.52 -18.15 -15.98
CA GLU O 64 53.66 -18.95 -15.59
C GLU O 64 54.95 -18.14 -15.65
N VAL O 65 55.12 -17.33 -16.69
CA VAL O 65 56.33 -16.52 -16.76
C VAL O 65 56.35 -15.47 -15.65
N ILE O 66 55.22 -14.80 -15.41
CA ILE O 66 55.16 -13.81 -14.34
C ILE O 66 55.49 -14.45 -12.99
N HIS O 67 54.93 -15.62 -12.72
CA HIS O 67 55.22 -16.32 -11.49
C HIS O 67 56.68 -16.70 -11.38
N CYS O 68 57.28 -17.18 -12.48
CA CYS O 68 58.68 -17.58 -12.38
C CYS O 68 59.58 -16.39 -12.09
N ARG O 69 59.26 -15.23 -12.68
CA ARG O 69 60.03 -14.03 -12.37
C ARG O 69 59.86 -13.57 -10.93
N TRP O 70 58.61 -13.52 -10.45
CA TRP O 70 58.39 -13.16 -9.06
C TRP O 70 59.04 -14.15 -8.11
N ALA O 71 59.04 -15.43 -8.46
CA ALA O 71 59.63 -16.45 -7.60
C ALA O 71 61.14 -16.39 -7.61
N MET O 72 61.76 -16.05 -8.74
CA MET O 72 63.21 -15.85 -8.70
C MET O 72 63.57 -14.67 -7.83
N LEU O 73 62.82 -13.56 -7.96
CA LEU O 73 63.04 -12.44 -7.03
C LEU O 73 62.87 -12.89 -5.59
N GLY O 74 61.79 -13.62 -5.31
CA GLY O 74 61.49 -14.03 -3.96
C GLY O 74 62.49 -15.02 -3.38
N ALA O 75 63.00 -15.94 -4.19
CA ALA O 75 63.99 -16.88 -3.71
C ALA O 75 65.31 -16.18 -3.41
N ALA O 76 65.74 -15.28 -4.30
CA ALA O 76 66.95 -14.53 -4.03
C ALA O 76 66.78 -13.67 -2.78
N GLY O 77 65.59 -13.10 -2.58
CA GLY O 77 65.34 -12.28 -1.40
C GLY O 77 65.06 -13.07 -0.13
N PHE O 78 64.74 -14.35 -0.26
CA PHE O 78 64.67 -15.24 0.89
C PHE O 78 66.06 -15.61 1.34
N LEU O 79 66.96 -15.85 0.39
CA LEU O 79 68.29 -16.33 0.76
C LEU O 79 69.22 -15.20 1.17
N ALA O 80 69.15 -14.04 0.52
CA ALA O 80 70.18 -13.02 0.70
C ALA O 80 70.24 -12.45 2.11
N PRO O 81 69.14 -12.01 2.73
CA PRO O 81 69.27 -11.49 4.11
C PRO O 81 69.85 -12.50 5.08
N GLU O 82 69.44 -13.76 4.98
CA GLU O 82 69.91 -14.74 5.96
C GLU O 82 71.37 -15.08 5.74
N ILE O 83 71.79 -15.27 4.48
CA ILE O 83 73.19 -15.57 4.24
C ILE O 83 74.06 -14.36 4.58
N LEU O 84 73.56 -13.15 4.39
CA LEU O 84 74.35 -11.98 4.74
C LEU O 84 74.44 -11.81 6.25
N ALA O 85 73.39 -12.19 6.99
CA ALA O 85 73.48 -12.14 8.44
C ALA O 85 74.39 -13.25 8.97
N THR O 86 74.25 -14.47 8.45
CA THR O 86 75.09 -15.56 8.89
C THR O 86 76.56 -15.28 8.58
N ALA O 87 76.83 -14.67 7.43
CA ALA O 87 78.18 -14.22 7.13
C ALA O 87 78.60 -13.03 7.98
N GLY O 88 77.66 -12.39 8.69
CA GLY O 88 78.02 -11.29 9.56
C GLY O 88 78.26 -9.96 8.87
N LEU O 89 78.00 -9.86 7.57
CA LEU O 89 78.25 -8.61 6.86
C LEU O 89 77.23 -7.55 7.24
N ILE O 90 75.98 -7.95 7.47
CA ILE O 90 74.91 -7.03 7.84
C ILE O 90 74.62 -7.16 9.34
N PRO O 91 74.18 -6.07 9.98
CA PRO O 91 73.94 -6.08 11.44
C PRO O 91 72.54 -6.53 11.84
N ALA O 92 72.36 -7.84 11.85
CA ALA O 92 71.12 -8.46 12.32
C ALA O 92 71.45 -9.88 12.70
N THR O 93 70.99 -10.31 13.88
CA THR O 93 71.24 -11.69 14.28
C THR O 93 70.55 -12.63 13.30
N PRO O 94 71.19 -13.75 12.96
CA PRO O 94 70.63 -14.62 11.91
C PRO O 94 69.24 -15.15 12.22
N GLU O 95 68.78 -15.06 13.46
CA GLU O 95 67.41 -15.41 13.80
C GLU O 95 66.48 -14.21 13.71
N GLU O 96 66.97 -13.07 13.24
CA GLU O 96 66.15 -11.89 13.03
C GLU O 96 66.15 -11.43 11.59
N ALA O 97 67.17 -11.79 10.82
CA ALA O 97 67.23 -11.58 9.38
C ALA O 97 66.54 -12.70 8.62
N VAL O 98 65.67 -13.46 9.28
CA VAL O 98 64.93 -14.51 8.62
C VAL O 98 63.78 -13.87 7.87
N TRP O 99 63.40 -14.45 6.73
CA TRP O 99 62.51 -13.74 5.81
C TRP O 99 61.11 -13.52 6.39
N PHE O 100 60.58 -14.47 7.14
CA PHE O 100 59.21 -14.29 7.62
C PHE O 100 59.12 -13.45 8.89
N ARG O 101 60.25 -13.15 9.53
CA ARG O 101 60.28 -12.27 10.69
C ARG O 101 60.56 -10.83 10.31
N SER O 102 60.22 -10.43 9.08
CA SER O 102 60.54 -9.12 8.55
C SER O 102 59.37 -8.15 8.59
N GLY O 103 58.26 -8.52 9.22
CA GLY O 103 57.10 -7.66 9.27
C GLY O 103 56.01 -7.98 8.28
N VAL O 104 56.24 -8.96 7.40
CA VAL O 104 55.18 -9.37 6.48
C VAL O 104 54.05 -10.04 7.25
N ILE O 105 54.37 -10.87 8.23
CA ILE O 105 53.39 -11.45 9.15
C ILE O 105 53.73 -10.95 10.55
N PRO O 106 53.03 -9.96 11.05
CA PRO O 106 53.34 -9.41 12.37
C PRO O 106 53.29 -10.47 13.46
N PRO O 107 52.33 -11.39 13.47
CA PRO O 107 52.36 -12.43 14.51
C PRO O 107 53.60 -13.29 14.45
N ALA O 108 54.15 -13.53 13.26
CA ALA O 108 55.30 -14.40 13.11
C ALA O 108 56.62 -13.70 13.42
N GLY O 109 56.58 -12.42 13.78
CA GLY O 109 57.77 -11.64 13.99
C GLY O 109 57.67 -10.28 13.35
N GLN O 110 58.60 -9.39 13.66
CA GLN O 110 58.60 -8.05 13.10
C GLN O 110 60.01 -7.48 13.17
N TYR O 111 60.25 -6.45 12.37
CA TYR O 111 61.49 -5.70 12.35
C TYR O 111 61.05 -4.25 12.45
N GLY O 112 60.84 -3.77 13.67
CA GLY O 112 60.21 -2.48 13.88
C GLY O 112 61.10 -1.28 13.62
N LYS O 113 62.15 -1.44 12.81
CA LYS O 113 63.10 -0.36 12.57
C LYS O 113 63.03 0.16 11.15
N TYR O 114 61.95 -0.11 10.42
CA TYR O 114 61.80 0.47 9.10
C TYR O 114 61.53 1.96 9.21
N TRP O 115 61.84 2.67 8.13
CA TRP O 115 61.69 4.12 8.17
C TRP O 115 60.22 4.54 8.19
N MET O 116 59.32 3.60 7.96
CA MET O 116 57.89 3.80 8.17
C MET O 116 57.32 2.49 8.71
N ASP O 117 56.16 2.57 9.33
CA ASP O 117 55.49 1.37 9.79
C ASP O 117 55.03 0.55 8.60
N PRO O 118 54.86 -0.76 8.76
CA PRO O 118 54.58 -1.62 7.59
C PRO O 118 53.33 -1.22 6.83
N TYR O 119 52.31 -0.69 7.51
CA TYR O 119 51.05 -0.43 6.82
C TYR O 119 51.19 0.73 5.85
N SER O 120 51.95 1.75 6.20
CA SER O 120 52.15 2.86 5.28
C SER O 120 53.03 2.45 4.10
N LEU O 121 54.05 1.64 4.36
CA LEU O 121 54.82 1.07 3.27
C LEU O 121 53.94 0.24 2.35
N PHE O 122 52.95 -0.45 2.92
CA PHE O 122 52.00 -1.17 2.08
C PHE O 122 51.13 -0.21 1.28
N TRP O 123 50.79 0.93 1.85
CA TRP O 123 50.00 1.92 1.10
C TRP O 123 50.75 2.39 -0.13
N ILE O 124 52.01 2.78 0.05
CA ILE O 124 52.78 3.24 -1.09
C ILE O 124 53.03 2.09 -2.07
N GLU O 125 53.21 0.87 -1.56
CA GLU O 125 53.31 -0.30 -2.41
C GLU O 125 52.05 -0.50 -3.24
N ALA O 126 50.89 -0.35 -2.61
CA ALA O 126 49.63 -0.56 -3.32
C ALA O 126 49.48 0.45 -4.43
N ILE O 127 49.78 1.72 -4.17
CA ILE O 127 49.65 2.73 -5.23
C ILE O 127 50.62 2.46 -6.37
N LEU O 128 51.90 2.26 -6.04
CA LEU O 128 52.90 2.09 -7.10
C LEU O 128 52.67 0.81 -7.89
N MET O 129 52.33 -0.28 -7.21
CA MET O 129 52.09 -1.52 -7.91
C MET O 129 50.78 -1.49 -8.66
N ASN O 130 49.81 -0.69 -8.20
CA ASN O 130 48.60 -0.52 -8.99
C ASN O 130 48.93 0.14 -10.31
N PHE O 131 49.74 1.21 -10.30
CA PHE O 131 50.21 1.76 -11.57
C PHE O 131 50.88 0.70 -12.43
N ALA O 132 51.90 0.03 -11.90
CA ALA O 132 52.70 -0.87 -12.71
C ALA O 132 51.87 -2.02 -13.27
N GLU O 133 51.09 -2.67 -12.42
CA GLU O 133 50.35 -3.86 -12.83
C GLU O 133 49.17 -3.50 -13.72
N LEU O 134 48.52 -2.37 -13.47
CA LEU O 134 47.41 -1.98 -14.32
C LEU O 134 47.90 -1.60 -15.70
N LYS O 135 49.07 -0.97 -15.78
CA LYS O 135 49.65 -0.69 -17.10
C LYS O 135 50.04 -1.97 -17.81
N ARG O 136 50.60 -2.93 -17.08
CA ARG O 136 50.94 -4.22 -17.67
C ARG O 136 49.71 -4.96 -18.18
N TRP O 137 48.61 -4.90 -17.43
CA TRP O 137 47.39 -5.58 -17.84
C TRP O 137 46.79 -4.94 -19.07
N GLN O 138 46.76 -3.61 -19.11
CA GLN O 138 46.20 -2.96 -20.29
C GLN O 138 47.11 -3.05 -21.49
N ASP O 139 48.38 -3.34 -21.28
CA ASP O 139 49.20 -3.71 -22.43
C ASP O 139 48.93 -5.14 -22.88
N PHE O 140 48.63 -6.05 -21.96
CA PHE O 140 48.28 -7.41 -22.36
C PHE O 140 46.98 -7.42 -23.17
N LYS O 141 45.96 -6.71 -22.71
CA LYS O 141 44.70 -6.69 -23.45
C LYS O 141 44.86 -6.03 -24.81
N GLU O 142 45.44 -4.84 -24.84
CA GLU O 142 45.65 -4.11 -26.09
C GLU O 142 47.14 -4.17 -26.42
N PRO O 143 47.57 -5.10 -27.27
CA PRO O 143 48.99 -5.48 -27.31
C PRO O 143 49.94 -4.39 -27.78
N GLY O 144 49.47 -3.18 -28.08
CA GLY O 144 50.38 -2.18 -28.58
C GLY O 144 50.33 -0.86 -27.84
N SER O 145 49.38 -0.73 -26.91
CA SER O 145 49.13 0.56 -26.30
C SER O 145 50.20 0.90 -25.27
N GLN O 146 49.86 1.78 -24.32
CA GLN O 146 50.74 2.25 -23.26
C GLN O 146 51.91 3.05 -23.81
N SER O 147 52.04 3.18 -25.12
CA SER O 147 53.07 3.97 -25.75
C SER O 147 52.51 5.18 -26.48
N LYS O 148 51.20 5.40 -26.41
CA LYS O 148 50.53 6.47 -27.12
C LYS O 148 50.23 7.67 -26.25
N GLN O 149 49.82 7.45 -25.00
CA GLN O 149 49.51 8.54 -24.08
C GLN O 149 50.77 8.97 -23.33
N TYR O 150 50.78 10.23 -22.91
CA TYR O 150 51.95 10.81 -22.28
C TYR O 150 52.20 10.19 -20.91
N PHE O 151 53.49 10.09 -20.55
CA PHE O 151 53.90 9.53 -19.27
C PHE O 151 55.30 10.04 -18.91
N LEU O 152 55.47 11.36 -18.90
CA LEU O 152 56.76 12.00 -18.66
C LEU O 152 57.84 11.51 -19.61
N GLY O 153 57.44 11.10 -20.81
CA GLY O 153 58.38 10.58 -21.78
C GLY O 153 58.69 9.11 -21.62
N LEU O 154 58.17 8.46 -20.57
CA LEU O 154 58.45 7.04 -20.37
C LEU O 154 57.78 6.20 -21.44
N GLU O 155 56.70 6.70 -22.04
CA GLU O 155 55.88 5.92 -22.96
C GLU O 155 56.68 5.42 -24.16
N ALA O 156 57.92 5.90 -24.33
CA ALA O 156 58.76 5.42 -25.41
C ALA O 156 59.15 3.95 -25.23
N VAL O 157 59.28 3.48 -23.99
CA VAL O 157 59.76 2.13 -23.73
C VAL O 157 58.62 1.16 -23.46
N PHE O 158 57.37 1.59 -23.62
CA PHE O 158 56.22 0.77 -23.26
C PHE O 158 55.49 0.22 -24.48
N GLY O 159 56.16 0.18 -25.63
CA GLY O 159 55.55 -0.40 -26.81
C GLY O 159 55.32 -1.89 -26.69
N GLY O 160 56.21 -2.60 -26.01
CA GLY O 160 56.06 -4.03 -25.89
C GLY O 160 56.50 -4.75 -27.17
N SER O 161 55.96 -5.96 -27.32
CA SER O 161 56.25 -6.79 -28.48
C SER O 161 55.03 -7.62 -28.86
N GLY O 162 55.27 -8.80 -29.41
CA GLY O 162 54.18 -9.72 -29.68
C GLY O 162 53.73 -10.45 -28.43
N ASN O 163 54.58 -11.32 -27.93
CA ASN O 163 54.29 -12.04 -26.70
C ASN O 163 54.27 -11.05 -25.54
N PRO O 164 53.18 -10.95 -24.79
CA PRO O 164 53.16 -10.01 -23.66
C PRO O 164 54.16 -10.35 -22.58
N ALA O 165 54.55 -11.63 -22.44
CA ALA O 165 55.49 -12.02 -21.42
C ALA O 165 56.91 -11.57 -21.70
N TYR O 166 57.20 -11.11 -22.90
CA TYR O 166 58.53 -10.66 -23.28
C TYR O 166 58.44 -9.33 -24.02
N PRO O 167 58.26 -8.23 -23.29
CA PRO O 167 58.17 -6.93 -23.97
C PRO O 167 59.51 -6.46 -24.49
N GLY O 168 60.58 -6.70 -23.76
CA GLY O 168 61.95 -6.42 -24.19
C GLY O 168 62.18 -5.19 -25.01
N GLY O 169 61.62 -4.06 -24.60
CA GLY O 169 61.80 -2.83 -25.34
C GLY O 169 63.16 -2.20 -25.13
N GLN O 170 63.17 -0.89 -24.92
CA GLN O 170 64.42 -0.17 -24.66
C GLN O 170 64.88 -0.34 -23.22
N TRP O 171 63.97 -0.55 -22.29
CA TRP O 171 64.27 -0.71 -20.88
C TRP O 171 64.21 -2.16 -20.44
N PHE O 172 63.15 -2.87 -20.78
CA PHE O 172 63.01 -4.24 -20.32
C PHE O 172 64.09 -5.14 -20.88
N ASN O 173 64.79 -4.71 -21.92
CA ASN O 173 65.91 -5.44 -22.49
C ASN O 173 67.04 -4.45 -22.81
N MET O 174 67.51 -3.78 -21.75
CA MET O 174 68.54 -2.77 -21.86
C MET O 174 69.78 -3.31 -22.52
N LEU O 175 70.29 -4.42 -22.01
CA LEU O 175 71.54 -5.00 -22.47
C LEU O 175 71.44 -5.63 -23.85
N ASN O 176 70.24 -5.75 -24.39
CA ASN O 176 70.00 -6.31 -25.71
C ASN O 176 70.66 -7.69 -25.83
N LEU O 177 70.26 -8.57 -24.91
CA LEU O 177 70.84 -9.90 -24.84
C LEU O 177 70.02 -10.87 -25.69
N GLY O 178 70.70 -11.87 -26.24
CA GLY O 178 70.06 -12.79 -27.15
C GLY O 178 69.64 -12.11 -28.44
N LYS O 179 70.63 -11.79 -29.28
CA LYS O 179 70.36 -11.17 -30.56
C LYS O 179 69.90 -12.16 -31.62
N THR O 180 70.05 -13.44 -31.37
CA THR O 180 69.57 -14.49 -32.28
C THR O 180 68.27 -15.08 -31.77
N PRO O 181 67.26 -15.22 -32.63
CA PRO O 181 66.00 -15.86 -32.17
C PRO O 181 66.22 -17.26 -31.61
N GLU O 182 67.15 -18.02 -32.16
CA GLU O 182 67.51 -19.30 -31.54
C GLU O 182 68.14 -19.09 -30.17
N GLU O 183 69.08 -18.15 -30.08
CA GLU O 183 69.68 -17.84 -28.79
C GLU O 183 68.64 -17.22 -27.86
N MET O 184 67.69 -16.47 -28.40
CA MET O 184 66.58 -15.98 -27.59
C MET O 184 65.77 -17.14 -27.02
N LYS O 185 65.49 -18.17 -27.82
CA LYS O 185 64.77 -19.33 -27.31
C LYS O 185 65.56 -20.04 -26.24
N LYS O 186 66.87 -20.18 -26.44
CA LYS O 186 67.70 -20.84 -25.45
C LYS O 186 67.68 -20.09 -24.13
N LEU O 187 67.82 -18.76 -24.19
CA LEU O 187 67.78 -17.96 -22.98
C LEU O 187 66.40 -17.97 -22.34
N GLN O 188 65.34 -18.04 -23.15
CA GLN O 188 63.99 -18.17 -22.60
C GLN O 188 63.86 -19.46 -21.82
N THR O 189 64.43 -20.55 -22.33
CA THR O 189 64.38 -21.80 -21.60
C THR O 189 65.22 -21.74 -20.33
N ASN O 190 66.37 -21.07 -20.38
CA ASN O 190 67.10 -20.78 -19.14
C ASN O 190 66.22 -20.07 -18.12
N GLU O 191 65.55 -19.00 -18.56
CA GLU O 191 64.73 -18.22 -17.64
C GLU O 191 63.63 -19.08 -17.05
N ILE O 192 62.97 -19.90 -17.88
CA ILE O 192 61.84 -20.68 -17.37
C ILE O 192 62.29 -21.82 -16.47
N ARG O 193 63.41 -22.44 -16.78
CA ARG O 193 63.85 -23.50 -15.87
C ARG O 193 64.28 -22.92 -14.52
N ASN O 194 65.03 -21.82 -14.54
CA ASN O 194 65.41 -21.17 -13.29
C ASN O 194 64.17 -20.69 -12.53
N GLY O 195 63.18 -20.18 -13.24
CA GLY O 195 61.99 -19.71 -12.57
C GLY O 195 61.17 -20.81 -11.92
N ARG O 196 61.05 -21.96 -12.60
CA ARG O 196 60.34 -23.08 -11.99
C ARG O 196 61.10 -23.61 -10.79
N LEU O 197 62.42 -23.71 -10.90
CA LEU O 197 63.22 -24.07 -9.74
C LEU O 197 62.97 -23.11 -8.58
N ALA O 198 62.84 -21.82 -8.89
CA ALA O 198 62.61 -20.84 -7.83
C ALA O 198 61.20 -20.93 -7.26
N MET O 199 60.21 -21.30 -8.06
CA MET O 199 58.88 -21.56 -7.53
C MET O 199 58.94 -22.66 -6.49
N ILE O 200 59.57 -23.78 -6.87
CA ILE O 200 59.71 -24.90 -5.94
C ILE O 200 60.47 -24.46 -4.70
N ALA O 201 61.52 -23.66 -4.87
CA ALA O 201 62.31 -23.19 -3.73
C ALA O 201 61.49 -22.30 -2.80
N CYS O 202 60.66 -21.42 -3.35
CA CYS O 202 59.87 -20.52 -2.51
C CYS O 202 58.82 -21.29 -1.73
N LEU O 203 58.15 -22.24 -2.39
CA LEU O 203 57.20 -23.08 -1.66
C LEU O 203 57.92 -23.87 -0.58
N GLY O 204 59.10 -24.40 -0.89
CA GLY O 204 59.86 -25.11 0.10
C GLY O 204 60.25 -24.25 1.27
N CYS O 205 60.67 -23.01 1.01
CA CYS O 205 61.08 -22.12 2.09
C CYS O 205 59.91 -21.80 3.00
N ALA O 206 58.73 -21.56 2.43
CA ALA O 206 57.55 -21.31 3.27
C ALA O 206 57.20 -22.54 4.11
N ALA O 207 57.20 -23.72 3.48
CA ALA O 207 56.88 -24.95 4.21
C ALA O 207 57.90 -25.22 5.31
N GLN O 208 59.18 -25.02 5.03
CA GLN O 208 60.21 -25.19 6.05
C GLN O 208 60.06 -24.19 7.18
N GLY O 209 59.72 -22.95 6.85
CA GLY O 209 59.52 -21.95 7.88
C GLY O 209 58.42 -22.33 8.84
N VAL O 210 57.29 -22.81 8.31
CA VAL O 210 56.26 -23.34 9.20
C VAL O 210 56.79 -24.54 9.96
N MET O 211 57.49 -25.43 9.26
CA MET O 211 57.83 -26.74 9.79
C MET O 211 58.99 -26.73 10.77
N THR O 212 59.92 -25.78 10.65
CA THR O 212 61.08 -25.77 11.50
C THR O 212 61.25 -24.49 12.29
N GLN O 213 60.53 -23.43 11.94
CA GLN O 213 60.55 -22.15 12.65
C GLN O 213 61.92 -21.49 12.61
N LYS O 214 62.76 -21.86 11.66
CA LYS O 214 64.08 -21.26 11.48
C LYS O 214 64.18 -20.73 10.04
N GLY O 215 65.37 -20.26 9.67
CA GLY O 215 65.59 -19.73 8.35
C GLY O 215 65.94 -20.80 7.35
N PRO O 216 65.69 -20.54 6.06
CA PRO O 216 66.04 -21.54 5.04
C PRO O 216 67.53 -21.89 5.02
N PHE O 217 68.41 -20.91 5.13
CA PHE O 217 69.84 -21.21 5.17
C PHE O 217 70.20 -21.95 6.45
N ALA O 218 69.59 -21.56 7.57
CA ALA O 218 69.81 -22.29 8.81
C ALA O 218 69.32 -23.73 8.69
N ASN O 219 68.18 -23.94 8.03
CA ASN O 219 67.70 -25.30 7.80
C ASN O 219 68.69 -26.09 6.95
N LEU O 220 69.23 -25.46 5.90
CA LEU O 220 70.20 -26.15 5.06
C LEU O 220 71.44 -26.53 5.86
N LEU O 221 71.95 -25.60 6.67
CA LEU O 221 73.15 -25.88 7.44
C LEU O 221 72.91 -26.97 8.47
N GLU O 222 71.77 -26.93 9.15
CA GLU O 222 71.50 -27.95 10.17
C GLU O 222 71.22 -29.30 9.54
N HIS O 223 70.74 -29.33 8.29
CA HIS O 223 70.64 -30.61 7.60
C HIS O 223 72.00 -31.14 7.20
N LEU O 224 72.88 -30.29 6.67
CA LEU O 224 74.21 -30.77 6.32
C LEU O 224 74.99 -31.21 7.57
N ALA O 225 74.67 -30.64 8.74
CA ALA O 225 75.35 -31.05 9.97
C ALA O 225 75.12 -32.54 10.23
N ASP O 226 73.89 -32.94 10.59
CA ASP O 226 73.53 -34.34 10.77
C ASP O 226 72.37 -34.69 9.84
N PRO O 227 72.66 -35.21 8.64
CA PRO O 227 71.57 -35.48 7.69
C PRO O 227 70.54 -36.48 8.18
N VAL O 228 70.96 -37.50 8.94
CA VAL O 228 70.05 -38.58 9.29
C VAL O 228 69.00 -38.11 10.30
N SER O 229 69.39 -37.26 11.24
CA SER O 229 68.47 -36.83 12.28
C SER O 229 67.78 -35.51 11.96
N ASN O 230 68.41 -34.65 11.16
CA ASN O 230 67.83 -33.36 10.79
C ASN O 230 67.29 -33.47 9.37
N ASN O 231 66.03 -33.89 9.26
CA ASN O 231 65.39 -34.07 7.98
C ASN O 231 63.89 -33.92 8.17
N LEU O 232 63.13 -34.15 7.11
CA LEU O 232 61.68 -34.00 7.20
C LEU O 232 61.09 -34.98 8.20
N LEU O 233 61.54 -36.23 8.17
CA LEU O 233 60.97 -37.25 9.05
C LEU O 233 61.41 -37.02 10.50
N GLY O 234 62.67 -36.65 10.70
CA GLY O 234 63.16 -36.42 12.05
C GLY O 234 62.48 -35.25 12.73
N ASN O 235 62.13 -34.21 11.96
CA ASN O 235 61.49 -33.04 12.53
C ASN O 235 60.00 -33.22 12.76
N LEU O 236 59.45 -34.40 12.49
CA LEU O 236 58.01 -34.56 12.50
C LEU O 236 57.43 -34.47 13.91
N ALA O 237 58.25 -34.69 14.94
CA ALA O 237 57.76 -34.55 16.31
C ALA O 237 57.68 -33.09 16.75
N THR O 238 58.72 -32.30 16.44
CA THR O 238 58.81 -30.89 16.84
C THR O 238 58.65 -30.07 15.57
N ILE O 239 57.44 -29.57 15.37
CA ILE O 239 57.05 -28.95 14.13
C ILE O 239 56.73 -27.46 14.27
N LEU O 240 56.04 -27.05 15.34
CA LEU O 240 55.81 -25.64 15.57
C LEU O 240 56.38 -25.23 16.94
N LYS O 241 57.49 -25.86 17.31
CA LYS O 241 58.17 -25.56 18.56
C LYS O 241 59.51 -24.88 18.28
N ALA P 1 18.13 64.06 -20.37
CA ALA P 1 19.47 64.49 -20.73
C ALA P 1 19.80 65.81 -20.06
N GLY P 2 18.82 66.72 -20.03
CA GLY P 2 19.04 67.99 -19.34
C GLY P 2 19.26 67.79 -17.86
N TRP P 3 18.43 66.95 -17.25
CA TRP P 3 18.52 66.68 -15.82
C TRP P 3 19.77 65.87 -15.49
N ASP P 4 20.35 65.20 -16.48
CA ASP P 4 21.53 64.37 -16.24
C ASP P 4 22.20 64.15 -17.59
N LEU P 5 23.36 64.77 -17.78
CA LEU P 5 24.08 64.62 -19.02
C LEU P 5 24.49 63.17 -19.25
N SER P 6 24.55 62.79 -20.52
CA SER P 6 24.92 61.47 -21.01
C SER P 6 23.81 60.44 -20.76
N ALA P 7 22.67 60.87 -20.25
CA ALA P 7 21.49 60.03 -20.08
C ALA P 7 20.63 60.22 -21.31
N GLU P 8 19.40 59.71 -21.30
CA GLU P 8 18.56 59.88 -22.46
C GLU P 8 17.12 60.14 -22.06
N VAL P 9 16.54 61.18 -22.66
CA VAL P 9 15.17 61.60 -22.34
C VAL P 9 14.21 60.46 -22.63
N PRO P 10 13.26 60.14 -21.74
CA PRO P 10 12.46 58.92 -21.87
C PRO P 10 11.33 58.98 -22.88
N ALA P 11 11.65 59.40 -24.11
CA ALA P 11 10.72 59.28 -25.23
C ALA P 11 9.43 60.07 -25.01
N HIS P 12 8.64 59.66 -24.03
CA HIS P 12 7.38 60.36 -23.77
C HIS P 12 7.63 61.76 -23.23
N LEU P 13 8.81 62.00 -22.67
CA LEU P 13 9.25 63.34 -22.31
C LEU P 13 10.07 64.00 -23.41
N ALA P 14 10.32 63.31 -24.52
CA ALA P 14 11.24 63.84 -25.51
C ALA P 14 10.60 64.94 -26.35
N GLY P 15 9.63 64.58 -27.19
CA GLY P 15 8.98 65.57 -28.02
C GLY P 15 7.87 66.35 -27.34
N ARG P 16 7.59 66.04 -26.08
CA ARG P 16 6.51 66.70 -25.35
C ARG P 16 7.10 67.92 -24.65
N LYS P 17 7.28 68.99 -25.43
CA LYS P 17 7.89 70.23 -24.94
C LYS P 17 6.92 71.18 -24.26
N ASP P 18 5.61 71.01 -24.43
CA ASP P 18 4.68 71.95 -23.82
C ASP P 18 4.43 71.70 -22.34
N LEU P 19 5.41 71.11 -21.66
CA LEU P 19 5.35 70.92 -20.21
C LEU P 19 6.40 71.80 -19.53
N ALA P 20 5.98 72.47 -18.46
CA ALA P 20 6.87 73.37 -17.75
C ALA P 20 7.98 72.60 -17.06
N GLY P 21 9.20 73.11 -17.16
CA GLY P 21 10.33 72.49 -16.49
C GLY P 21 10.61 71.08 -16.94
N ASN P 22 10.53 70.83 -18.24
CA ASN P 22 10.83 69.51 -18.78
C ASN P 22 12.33 69.36 -18.92
N TYR P 23 12.90 68.41 -18.20
CA TYR P 23 14.33 68.15 -18.24
C TYR P 23 14.64 66.70 -18.54
N GLY P 24 13.65 65.89 -18.88
CA GLY P 24 13.88 64.49 -19.15
C GLY P 24 14.05 63.63 -17.92
N PHE P 25 13.77 64.16 -16.74
CA PHE P 25 13.91 63.42 -15.48
C PHE P 25 12.68 62.54 -15.27
N ASP P 26 12.84 61.23 -15.50
CA ASP P 26 11.76 60.29 -15.31
C ASP P 26 12.37 58.88 -15.27
N PRO P 27 13.20 58.62 -14.24
CA PRO P 27 13.81 57.30 -14.04
C PRO P 27 12.85 56.17 -13.77
N LEU P 28 11.58 56.45 -13.49
CA LEU P 28 10.63 55.42 -13.12
C LEU P 28 9.51 55.27 -14.13
N ASN P 29 9.43 56.16 -15.13
CA ASN P 29 8.46 56.09 -16.20
C ASN P 29 7.03 56.05 -15.68
N LEU P 30 6.75 56.86 -14.66
CA LEU P 30 5.37 57.00 -14.22
C LEU P 30 4.53 57.69 -15.28
N GLY P 31 5.13 58.54 -16.09
CA GLY P 31 4.41 59.30 -17.09
C GLY P 31 4.38 58.71 -18.48
N LYS P 32 4.65 57.41 -18.61
CA LYS P 32 4.62 56.78 -19.93
C LYS P 32 3.22 56.81 -20.55
N ASN P 33 2.21 56.53 -19.76
CA ASN P 33 0.83 56.59 -20.26
C ASN P 33 0.42 58.05 -20.45
N PRO P 34 0.02 58.46 -21.66
CA PRO P 34 -0.30 59.88 -21.87
C PRO P 34 -1.36 60.44 -20.94
N GLU P 35 -2.41 59.68 -20.63
CA GLU P 35 -3.40 60.14 -19.66
C GLU P 35 -2.80 60.24 -18.27
N ALA P 36 -1.92 59.30 -17.93
CA ALA P 36 -1.23 59.37 -16.65
C ALA P 36 -0.37 60.63 -16.56
N LEU P 37 0.30 61.00 -17.65
CA LEU P 37 1.10 62.21 -17.62
C LEU P 37 0.21 63.45 -17.58
N LYS P 38 -0.94 63.41 -18.24
CA LYS P 38 -1.88 64.53 -18.18
C LYS P 38 -2.37 64.75 -16.75
N TRP P 39 -2.59 63.66 -16.01
CA TRP P 39 -2.98 63.78 -14.61
C TRP P 39 -1.81 64.21 -13.74
N TYR P 40 -0.61 63.68 -14.02
CA TYR P 40 0.55 63.97 -13.17
C TYR P 40 1.01 65.41 -13.30
N GLN P 41 0.84 66.03 -14.48
CA GLN P 41 1.17 67.44 -14.60
C GLN P 41 0.28 68.27 -13.69
N GLN P 42 -1.01 67.98 -13.66
CA GLN P 42 -1.93 68.68 -12.78
C GLN P 42 -1.59 68.43 -11.32
N ALA P 43 -1.24 67.19 -10.99
CA ALA P 43 -0.82 66.87 -9.63
C ALA P 43 0.42 67.66 -9.23
N GLU P 44 1.39 67.76 -10.14
CA GLU P 44 2.58 68.53 -9.85
C GLU P 44 2.25 69.99 -9.64
N LEU P 45 1.39 70.55 -10.48
CA LEU P 45 1.02 71.96 -10.31
C LEU P 45 0.31 72.19 -8.98
N GLN P 46 -0.63 71.33 -8.62
CA GLN P 46 -1.33 71.50 -7.36
C GLN P 46 -0.40 71.37 -6.17
N ASN P 47 0.43 70.32 -6.17
CA ASN P 47 1.36 70.13 -5.08
C ASN P 47 2.34 71.28 -4.99
N GLY P 48 2.84 71.75 -6.14
CA GLY P 48 3.80 72.84 -6.12
C GLY P 48 3.21 74.14 -5.64
N ARG P 49 2.01 74.48 -6.08
CA ARG P 49 1.41 75.73 -5.66
C ARG P 49 1.05 75.68 -4.18
N TRP P 50 0.46 74.58 -3.72
CA TRP P 50 0.13 74.47 -2.31
C TRP P 50 1.38 74.44 -1.45
N ALA P 51 2.47 73.85 -1.94
CA ALA P 51 3.69 73.82 -1.15
C ALA P 51 4.41 75.15 -1.15
N MET P 52 4.36 75.90 -2.25
CA MET P 52 4.86 77.28 -2.21
C MET P 52 4.10 78.09 -1.18
N LEU P 53 2.77 77.99 -1.18
CA LEU P 53 1.99 78.69 -0.16
C LEU P 53 2.38 78.24 1.24
N GLY P 54 2.42 76.92 1.46
CA GLY P 54 2.68 76.41 2.80
C GLY P 54 4.08 76.74 3.30
N VAL P 55 5.09 76.59 2.45
CA VAL P 55 6.46 76.87 2.86
C VAL P 55 6.68 78.36 3.06
N ALA P 56 6.06 79.19 2.22
CA ALA P 56 6.12 80.62 2.47
C ALA P 56 5.49 80.94 3.82
N GLY P 57 4.36 80.31 4.14
CA GLY P 57 3.75 80.53 5.43
C GLY P 57 4.64 80.08 6.58
N ILE P 58 5.22 78.88 6.46
CA ILE P 58 6.10 78.37 7.50
C ILE P 58 7.25 79.34 7.73
N LEU P 59 7.92 79.74 6.65
CA LEU P 59 9.11 80.57 6.80
C LEU P 59 8.77 81.94 7.33
N VAL P 60 7.72 82.57 6.80
CA VAL P 60 7.38 83.92 7.25
C VAL P 60 6.89 83.91 8.70
N GLN P 61 6.01 82.96 9.05
CA GLN P 61 5.49 82.91 10.41
C GLN P 61 6.58 82.56 11.41
N GLU P 62 7.52 81.69 11.04
CA GLU P 62 8.59 81.35 11.96
C GLU P 62 9.62 82.47 12.05
N LEU P 63 9.84 83.21 10.96
CA LEU P 63 10.69 84.39 11.05
C LEU P 63 10.08 85.44 11.97
N LEU P 64 8.76 85.63 11.88
CA LEU P 64 8.08 86.50 12.82
C LEU P 64 8.19 85.99 14.25
N HIS P 65 8.06 84.67 14.44
CA HIS P 65 8.21 84.09 15.76
C HIS P 65 9.59 84.33 16.34
N SER P 66 10.63 84.18 15.53
CA SER P 66 11.98 84.38 16.01
C SER P 66 12.24 85.85 16.33
N THR P 67 12.04 86.73 15.35
CA THR P 67 12.31 88.15 15.58
C THR P 67 11.34 88.72 16.61
N GLY P 68 10.05 88.46 16.44
CA GLY P 68 9.05 88.99 17.35
C GLY P 68 8.36 90.21 16.80
N LEU P 69 7.18 90.02 16.23
CA LEU P 69 6.43 91.11 15.63
C LEU P 69 4.95 90.79 15.73
N GLY P 70 4.53 89.70 15.10
CA GLY P 70 3.24 89.12 15.42
C GLY P 70 3.22 88.62 16.85
N GLY P 71 2.22 89.02 17.62
CA GLY P 71 2.21 88.81 19.05
C GLY P 71 1.99 87.38 19.50
N LYS P 72 1.09 87.20 20.47
CA LYS P 72 0.83 85.88 21.03
C LYS P 72 0.37 84.90 19.96
N ALA P 73 -0.22 85.39 18.87
CA ALA P 73 -0.60 84.52 17.77
C ALA P 73 0.62 83.86 17.15
N ALA P 74 1.67 84.62 16.90
CA ALA P 74 2.81 84.13 16.14
C ALA P 74 4.02 83.79 17.00
N ASP P 75 3.91 83.86 18.32
CA ASP P 75 5.08 83.52 19.14
C ASP P 75 5.05 82.05 19.54
N VAL P 76 4.66 81.19 18.62
CA VAL P 76 4.60 79.75 18.83
C VAL P 76 5.31 79.08 17.66
N TYR P 77 5.69 77.83 17.88
CA TYR P 77 6.23 77.05 16.78
C TYR P 77 5.12 76.68 15.81
N TRP P 78 5.51 76.52 14.54
CA TRP P 78 4.52 76.28 13.49
C TRP P 78 3.75 74.99 13.74
N PHE P 79 4.43 73.96 14.22
CA PHE P 79 3.79 72.67 14.47
C PHE P 79 3.02 72.62 15.77
N ASP P 80 3.14 73.64 16.62
CA ASP P 80 2.42 73.69 17.88
C ASP P 80 1.26 74.70 17.79
N ALA P 81 0.90 75.10 16.57
CA ALA P 81 -0.09 76.13 16.32
C ALA P 81 -1.50 75.77 16.78
N GLY P 82 -1.77 74.50 17.09
CA GLY P 82 -3.11 74.15 17.51
C GLY P 82 -3.48 74.60 18.90
N ASN P 83 -2.52 75.11 19.68
CA ASN P 83 -2.82 75.57 21.03
C ASN P 83 -3.42 76.97 21.07
N ASN P 84 -3.23 77.77 20.02
CA ASN P 84 -3.86 79.08 19.98
C ASN P 84 -5.38 78.94 19.88
N THR P 85 -6.09 79.90 20.48
CA THR P 85 -7.54 79.77 20.65
C THR P 85 -8.31 80.12 19.38
N PHE P 86 -7.99 81.25 18.76
CA PHE P 86 -8.66 81.74 17.56
C PHE P 86 -10.14 82.04 17.78
N TRP P 87 -10.78 82.61 16.77
CA TRP P 87 -12.20 82.95 16.84
C TRP P 87 -13.09 81.74 16.74
N ALA P 88 -12.54 80.57 16.44
CA ALA P 88 -13.33 79.35 16.32
C ALA P 88 -12.55 78.19 16.93
N PRO P 89 -13.25 77.16 17.39
CA PRO P 89 -12.57 75.92 17.75
C PRO P 89 -12.06 75.21 16.50
N LYS P 90 -11.32 74.13 16.73
CA LYS P 90 -10.75 73.39 15.62
C LYS P 90 -11.83 72.77 14.74
N GLU P 91 -12.90 72.27 15.37
CA GLU P 91 -13.86 71.44 14.65
C GLU P 91 -14.63 72.23 13.61
N THR P 92 -15.19 73.38 13.99
CA THR P 92 -15.95 74.17 13.02
C THR P 92 -15.06 74.73 11.93
N LEU P 93 -13.80 75.01 12.25
CA LEU P 93 -12.83 75.42 11.24
C LEU P 93 -12.64 74.31 10.21
N ILE P 94 -12.49 73.08 10.69
CA ILE P 94 -12.33 71.94 9.79
C ILE P 94 -13.56 71.74 8.93
N ALA P 95 -14.75 71.88 9.53
CA ALA P 95 -15.99 71.71 8.76
C ALA P 95 -16.14 72.77 7.68
N ILE P 96 -15.87 74.02 8.04
CA ILE P 96 -15.93 75.11 7.06
C ILE P 96 -14.95 74.83 5.93
N SER P 97 -13.76 74.32 6.26
CA SER P 97 -12.75 74.08 5.24
C SER P 97 -13.14 72.94 4.32
N PHE P 98 -13.72 71.88 4.87
CA PHE P 98 -14.34 70.86 4.04
C PHE P 98 -15.31 71.44 3.04
N LEU P 99 -16.25 72.26 3.51
CA LEU P 99 -17.26 72.80 2.59
C LEU P 99 -16.63 73.66 1.50
N MET P 100 -15.78 74.61 1.91
CA MET P 100 -15.22 75.54 0.92
C MET P 100 -14.33 74.82 -0.08
N PHE P 101 -13.53 73.89 0.37
CA PHE P 101 -12.66 73.23 -0.58
C PHE P 101 -13.41 72.26 -1.45
N ASN P 102 -14.48 71.65 -0.94
CA ASN P 102 -15.32 70.87 -1.83
C ASN P 102 -15.76 71.73 -3.01
N TRP P 103 -16.24 72.94 -2.72
CA TRP P 103 -16.66 73.83 -3.79
C TRP P 103 -15.52 74.10 -4.77
N ALA P 104 -14.38 74.58 -4.27
CA ALA P 104 -13.31 75.02 -5.16
C ALA P 104 -12.70 73.87 -5.93
N GLU P 105 -12.41 72.75 -5.25
CA GLU P 105 -11.77 71.63 -5.90
C GLU P 105 -12.72 70.92 -6.86
N LEU P 106 -14.04 70.97 -6.63
CA LEU P 106 -14.93 70.40 -7.63
C LEU P 106 -15.04 71.30 -8.84
N ASN P 107 -14.94 72.62 -8.67
CA ASN P 107 -14.84 73.49 -9.84
C ASN P 107 -13.60 73.15 -10.65
N ARG P 108 -12.46 72.96 -9.98
CA ARG P 108 -11.24 72.61 -10.70
C ARG P 108 -11.33 71.22 -11.36
N MET P 109 -11.94 70.26 -10.67
CA MET P 109 -12.09 68.92 -11.24
C MET P 109 -12.99 68.94 -12.47
N GLN P 110 -14.10 69.68 -12.40
CA GLN P 110 -14.95 69.80 -13.58
C GLN P 110 -14.20 70.47 -14.71
N ASP P 111 -13.34 71.45 -14.40
CA ASP P 111 -12.43 71.95 -15.42
C ASP P 111 -11.59 70.84 -16.02
N TYR P 112 -11.09 69.94 -15.17
CA TYR P 112 -10.20 68.89 -15.66
C TYR P 112 -10.90 67.92 -16.60
N ILE P 113 -12.12 67.50 -16.24
CA ILE P 113 -12.76 66.43 -17.01
C ILE P 113 -13.06 66.87 -18.44
N LYS P 114 -13.54 68.10 -18.61
CA LYS P 114 -13.77 68.68 -19.93
C LYS P 114 -13.19 70.09 -19.90
N PRO P 115 -11.95 70.24 -20.34
CA PRO P 115 -11.25 71.54 -20.19
C PRO P 115 -11.95 72.64 -20.96
N GLY P 116 -12.33 73.70 -20.25
CA GLY P 116 -12.96 74.86 -20.83
C GLY P 116 -14.47 74.92 -20.62
N SER P 117 -15.08 73.84 -20.17
CA SER P 117 -16.52 73.84 -19.96
C SER P 117 -16.95 74.58 -18.72
N ASN P 118 -16.03 74.83 -17.78
CA ASN P 118 -16.37 75.54 -16.56
C ASN P 118 -15.49 76.76 -16.39
N VAL P 119 -15.95 77.87 -16.98
CA VAL P 119 -15.27 79.16 -16.91
C VAL P 119 -16.27 80.21 -16.42
N THR P 120 -17.57 79.98 -16.67
CA THR P 120 -18.62 80.99 -16.47
C THR P 120 -19.27 80.88 -15.09
N ASP P 121 -19.50 82.02 -14.46
CA ASP P 121 -20.15 82.09 -13.14
C ASP P 121 -21.66 82.18 -13.26
N PRO P 122 -22.40 82.01 -12.15
CA PRO P 122 -23.86 82.11 -12.22
C PRO P 122 -24.38 83.48 -12.65
N PHE P 123 -23.56 84.52 -12.54
CA PHE P 123 -23.92 85.88 -12.93
C PHE P 123 -23.59 86.19 -14.37
N GLY P 124 -23.08 85.23 -15.13
CA GLY P 124 -22.75 85.44 -16.53
C GLY P 124 -21.33 85.90 -16.81
N ASN P 125 -20.54 86.18 -15.79
CA ASN P 125 -19.15 86.60 -15.99
C ASN P 125 -18.43 85.46 -16.67
N LYS P 126 -17.63 85.81 -17.68
CA LYS P 126 -16.93 84.81 -18.45
C LYS P 126 -15.46 85.15 -18.47
N ILE P 127 -14.61 84.23 -17.99
CA ILE P 127 -13.17 84.44 -18.07
C ILE P 127 -12.64 83.70 -19.29
N LYS P 128 -11.39 83.99 -19.66
CA LYS P 128 -10.71 83.30 -20.73
C LYS P 128 -10.16 81.97 -20.22
N TYR P 129 -9.39 81.27 -21.05
CA TYR P 129 -8.85 79.98 -20.65
C TYR P 129 -7.72 79.59 -21.59
N VAL P 130 -6.55 79.29 -21.01
CA VAL P 130 -5.35 78.93 -21.79
C VAL P 130 -4.65 77.77 -21.09
N GLU P 131 -4.50 76.65 -21.80
CA GLU P 131 -3.88 75.44 -21.25
C GLU P 131 -4.67 74.85 -20.11
N LEU P 132 -4.42 73.59 -19.77
CA LEU P 132 -5.29 72.91 -18.81
C LEU P 132 -5.01 73.36 -17.38
N GLY P 133 -3.77 73.26 -16.94
CA GLY P 133 -3.47 73.54 -15.55
C GLY P 133 -3.39 75.00 -15.20
N TYR P 134 -3.52 75.88 -16.19
CA TYR P 134 -3.35 77.31 -16.01
C TYR P 134 -4.64 78.03 -16.37
N PRO P 135 -5.54 78.25 -15.42
CA PRO P 135 -6.88 78.74 -15.75
C PRO P 135 -6.91 80.19 -16.19
N GLY P 136 -5.76 80.85 -16.28
CA GLY P 136 -5.72 82.23 -16.71
C GLY P 136 -6.10 83.25 -15.66
N PHE P 137 -5.87 82.94 -14.38
CA PHE P 137 -6.18 83.87 -13.30
C PHE P 137 -5.10 84.94 -13.29
N ASP P 138 -5.28 85.97 -14.10
CA ASP P 138 -4.26 87.01 -14.29
C ASP P 138 -4.87 88.39 -14.07
N PRO P 139 -5.11 88.76 -12.80
CA PRO P 139 -5.56 90.14 -12.53
C PRO P 139 -4.58 91.19 -13.01
N LEU P 140 -3.28 90.91 -12.96
CA LEU P 140 -2.28 91.85 -13.43
C LEU P 140 -1.62 91.40 -14.72
N SER P 141 -2.02 90.26 -15.27
CA SER P 141 -1.67 89.83 -16.62
C SER P 141 -0.17 89.75 -16.86
N PHE P 142 0.54 89.06 -15.96
CA PHE P 142 1.94 88.73 -16.16
C PHE P 142 2.12 87.60 -17.16
N SER P 143 1.22 87.45 -18.14
CA SER P 143 1.24 86.26 -18.97
C SER P 143 1.30 86.55 -20.47
N LYS P 144 1.52 87.79 -20.89
CA LYS P 144 1.48 88.09 -22.31
C LYS P 144 2.85 88.04 -22.97
N ASN P 145 3.91 88.28 -22.20
CA ASN P 145 5.28 88.18 -22.70
C ASN P 145 5.93 86.92 -22.14
N ASN P 146 6.85 86.35 -22.93
CA ASN P 146 7.63 85.16 -22.61
C ASN P 146 6.93 84.23 -21.63
N PHE P 147 5.75 83.76 -22.01
CA PHE P 147 4.90 82.98 -21.10
C PHE P 147 5.58 81.69 -20.66
N ASP P 148 6.30 81.04 -21.57
CA ASP P 148 7.02 79.82 -21.20
C ASP P 148 8.06 80.11 -20.13
N GLU P 149 8.74 81.25 -20.22
CA GLU P 149 9.71 81.62 -19.20
C GLU P 149 9.06 81.81 -17.84
N TRP P 150 7.89 82.45 -17.82
CA TRP P 150 7.18 82.63 -16.56
C TRP P 150 6.71 81.30 -15.99
N LYS P 151 6.20 80.41 -16.84
CA LYS P 151 5.82 79.08 -16.36
C LYS P 151 7.03 78.34 -15.83
N LEU P 152 8.18 78.50 -16.48
CA LEU P 152 9.40 77.88 -15.98
C LEU P 152 9.76 78.40 -14.60
N LYS P 153 9.69 79.72 -14.41
CA LYS P 153 9.96 80.27 -13.09
C LYS P 153 9.01 79.70 -12.05
N GLU P 154 7.72 79.66 -12.38
CA GLU P 154 6.74 79.12 -11.45
C GLU P 154 7.05 77.68 -11.08
N ILE P 155 7.30 76.85 -12.08
CA ILE P 155 7.47 75.43 -11.82
C ILE P 155 8.78 75.18 -11.07
N LYS P 156 9.84 75.92 -11.40
CA LYS P 156 11.11 75.70 -10.70
C LYS P 156 10.99 76.11 -9.25
N ASN P 157 10.35 77.24 -8.97
CA ASN P 157 10.15 77.62 -7.58
C ASN P 157 9.21 76.64 -6.87
N ALA P 158 8.24 76.06 -7.59
CA ALA P 158 7.34 75.08 -6.98
C ALA P 158 8.08 73.81 -6.59
N ARG P 159 8.95 73.32 -7.46
CA ARG P 159 9.75 72.16 -7.12
C ARG P 159 10.66 72.45 -5.94
N LEU P 160 11.26 73.65 -5.93
CA LEU P 160 12.09 74.04 -4.78
C LEU P 160 11.27 74.09 -3.50
N ALA P 161 10.03 74.55 -3.57
CA ALA P 161 9.21 74.67 -2.37
C ALA P 161 8.75 73.30 -1.87
N MET P 162 8.42 72.39 -2.77
CA MET P 162 8.09 71.03 -2.33
C MET P 162 9.29 70.34 -1.69
N LEU P 163 10.48 70.52 -2.27
CA LEU P 163 11.68 70.04 -1.60
C LEU P 163 11.83 70.68 -0.24
N ALA P 164 11.57 71.98 -0.14
CA ALA P 164 11.69 72.68 1.13
C ALA P 164 10.75 72.11 2.17
N PHE P 165 9.49 71.84 1.80
CA PHE P 165 8.55 71.33 2.79
C PHE P 165 8.90 69.92 3.24
N LEU P 166 9.37 69.08 2.31
CA LEU P 166 9.83 67.77 2.73
C LEU P 166 10.98 67.91 3.71
N GLY P 167 11.89 68.85 3.46
CA GLY P 167 12.94 69.14 4.41
C GLY P 167 12.39 69.63 5.74
N ILE P 168 11.37 70.48 5.71
CA ILE P 168 10.80 71.02 6.94
C ILE P 168 10.32 69.90 7.83
N VAL P 169 9.52 69.00 7.28
CA VAL P 169 8.94 67.94 8.10
C VAL P 169 10.02 66.93 8.54
N ALA P 170 10.94 66.58 7.63
CA ALA P 170 11.99 65.65 8.00
C ALA P 170 12.86 66.21 9.11
N GLN P 171 13.24 67.48 9.03
CA GLN P 171 14.04 68.10 10.07
C GLN P 171 13.27 68.22 11.37
N HIS P 172 11.99 68.58 11.30
CA HIS P 172 11.19 68.70 12.51
C HIS P 172 11.13 67.37 13.24
N ASN P 173 11.03 66.28 12.50
CA ASN P 173 11.05 64.97 13.15
C ASN P 173 12.45 64.60 13.60
N ALA P 174 13.49 65.13 12.95
CA ALA P 174 14.86 64.78 13.32
C ALA P 174 15.42 65.65 14.43
N GLN P 175 15.24 66.97 14.32
CA GLN P 175 15.80 67.91 15.29
C GLN P 175 14.72 68.87 15.77
N PRO P 176 14.83 69.35 17.00
CA PRO P 176 13.80 70.23 17.55
C PRO P 176 13.98 71.68 17.12
N GLY P 177 12.88 72.42 17.22
CA GLY P 177 12.89 73.86 16.98
C GLY P 177 12.25 74.22 15.65
N SER P 178 12.21 75.53 15.41
CA SER P 178 11.71 76.08 14.18
C SER P 178 12.70 75.83 13.05
N PRO P 179 12.23 75.87 11.79
CA PRO P 179 13.16 75.67 10.67
C PRO P 179 14.34 76.64 10.66
N LEU P 180 14.09 77.95 10.77
CA LEU P 180 15.20 78.89 10.77
C LEU P 180 16.08 78.75 12.01
N GLU P 181 15.50 78.29 13.11
CA GLU P 181 16.31 77.95 14.27
C GLU P 181 17.33 76.88 13.90
N GLN P 182 16.90 75.89 13.13
CA GLN P 182 17.78 74.81 12.67
C GLN P 182 18.79 75.34 11.66
N LEU P 183 18.38 76.26 10.80
CA LEU P 183 19.31 76.87 9.86
C LEU P 183 20.42 77.60 10.61
N GLY P 184 20.07 78.34 11.65
CA GLY P 184 21.09 78.97 12.47
C GLY P 184 21.96 77.94 13.19
N ALA P 185 21.34 76.85 13.64
CA ALA P 185 22.10 75.80 14.31
C ALA P 185 23.14 75.19 13.37
N HIS P 186 22.76 74.96 12.12
CA HIS P 186 23.74 74.49 11.14
C HIS P 186 24.80 75.53 10.89
N LEU P 187 24.40 76.78 10.65
CA LEU P 187 25.36 77.84 10.39
C LEU P 187 26.28 78.10 11.58
N ALA P 188 25.94 77.59 12.76
CA ALA P 188 26.76 77.82 13.94
C ALA P 188 28.16 77.23 13.78
N ASN P 189 28.25 75.97 13.34
CA ASN P 189 29.58 75.37 13.37
C ASN P 189 30.30 75.47 12.03
N PRO P 190 29.83 74.83 10.93
CA PRO P 190 28.75 73.89 10.60
C PRO P 190 29.20 72.43 10.50
N TRP P 191 30.50 72.17 10.68
CA TRP P 191 31.06 70.86 10.37
C TRP P 191 30.60 69.77 11.31
N LYS P 192 29.96 70.10 12.43
CA LYS P 192 29.32 69.10 13.26
C LYS P 192 27.81 69.09 13.15
N ASN P 193 27.20 70.25 12.94
CA ASN P 193 25.75 70.35 12.80
C ASN P 193 25.38 70.05 11.35
N HIS P 194 25.08 68.78 11.10
CA HIS P 194 24.59 68.33 9.81
C HIS P 194 23.90 66.99 10.01
N PHE P 195 23.07 66.63 9.03
CA PHE P 195 22.14 65.51 9.18
C PHE P 195 22.79 64.24 9.73
N ILE P 196 24.09 64.07 9.52
CA ILE P 196 24.76 62.85 9.99
C ILE P 196 24.66 62.74 11.51
N ASN P 197 24.93 63.82 12.23
CA ASN P 197 25.04 63.77 13.68
C ASN P 197 23.74 64.17 14.35
N ASN P 198 22.71 63.34 14.17
CA ASN P 198 21.45 63.53 14.85
C ASN P 198 21.01 62.35 15.70
N GLY P 199 21.52 61.15 15.44
CA GLY P 199 21.00 59.97 16.08
C GLY P 199 19.66 59.53 15.53
N VAL P 200 19.21 60.16 14.45
CA VAL P 200 17.90 59.86 13.86
C VAL P 200 18.00 59.49 12.38
N SER P 201 19.15 59.68 11.73
CA SER P 201 19.13 59.52 10.28
C SER P 201 20.01 58.38 9.76
N PRO P 202 21.34 58.40 9.91
CA PRO P 202 22.08 57.16 9.58
C PRO P 202 21.60 55.96 10.35
N PHE P 203 21.30 56.10 11.64
CA PHE P 203 21.07 54.97 12.54
C PHE P 203 22.25 54.03 12.71
N LEU P 204 23.08 53.89 11.69
CA LEU P 204 24.29 53.09 11.75
C LEU P 204 25.25 53.59 12.82
N THR P 205 25.14 54.86 13.18
CA THR P 205 26.03 55.49 14.12
C THR P 205 25.30 55.78 15.43
N ASP P 206 25.86 55.31 16.55
CA ASP P 206 25.27 55.52 17.87
C ASP P 206 23.84 54.98 17.91
N ASN P 207 23.69 53.72 17.53
CA ASN P 207 22.42 52.99 17.57
C ASN P 207 21.38 53.60 16.64
N GLN Q 1 79.29 8.26 -31.05
CA GLN Q 1 78.87 6.87 -30.83
C GLN Q 1 80.04 5.91 -30.89
N ARG Q 2 80.13 5.22 -32.03
CA ARG Q 2 81.05 4.10 -32.19
C ARG Q 2 80.77 3.13 -31.04
N LYS Q 3 81.50 3.24 -29.95
CA LYS Q 3 81.29 2.35 -28.83
C LYS Q 3 80.20 2.93 -27.91
N LEU Q 4 79.37 2.04 -27.35
CA LEU Q 4 78.23 2.42 -26.53
C LEU Q 4 78.52 2.19 -25.04
N TRP Q 5 77.58 2.56 -24.18
CA TRP Q 5 77.82 2.45 -22.75
C TRP Q 5 77.97 1.00 -22.31
N PHE Q 6 77.17 0.10 -22.87
CA PHE Q 6 77.32 -1.32 -22.63
C PHE Q 6 77.81 -2.00 -23.91
N PRO Q 7 78.62 -3.06 -23.80
CA PRO Q 7 79.21 -3.68 -24.99
C PRO Q 7 78.23 -3.95 -26.13
N GLY Q 8 77.28 -4.85 -25.91
CA GLY Q 8 76.34 -5.23 -26.94
C GLY Q 8 75.01 -4.49 -26.95
N VAL Q 9 74.90 -3.39 -26.21
CA VAL Q 9 73.64 -2.67 -26.16
C VAL Q 9 73.31 -2.09 -27.53
N ALA Q 10 72.02 -1.91 -27.79
CA ALA Q 10 71.54 -1.33 -29.04
C ALA Q 10 71.28 0.16 -28.81
N ALA Q 11 71.93 1.00 -29.60
CA ALA Q 11 71.69 2.42 -29.51
C ALA Q 11 70.25 2.74 -29.93
N PRO Q 12 69.60 3.69 -29.26
CA PRO Q 12 68.24 4.06 -29.67
C PRO Q 12 68.25 4.77 -31.01
N GLY Q 13 67.06 4.90 -31.58
CA GLY Q 13 66.95 5.57 -32.86
C GLY Q 13 67.38 7.02 -32.82
N TYR Q 14 66.96 7.74 -31.78
CA TYR Q 14 67.23 9.17 -31.68
C TYR Q 14 68.66 9.46 -31.25
N LEU Q 15 69.38 8.48 -30.72
CA LEU Q 15 70.76 8.70 -30.29
C LEU Q 15 71.69 8.34 -31.44
N ASP Q 16 71.73 9.24 -32.42
CA ASP Q 16 72.54 9.03 -33.62
C ASP Q 16 74.02 9.30 -33.36
N GLY Q 17 74.32 10.26 -32.51
CA GLY Q 17 75.69 10.66 -32.22
C GLY Q 17 75.97 12.12 -32.50
N SER Q 18 74.94 12.89 -32.90
CA SER Q 18 75.13 14.31 -33.18
C SER Q 18 75.54 15.08 -31.93
N MET Q 19 74.79 14.91 -30.85
CA MET Q 19 75.12 15.61 -29.61
C MET Q 19 76.41 15.06 -29.01
N ALA Q 20 77.19 15.94 -28.38
CA ALA Q 20 78.48 15.54 -27.85
C ALA Q 20 78.37 14.64 -26.62
N GLY Q 21 79.30 13.71 -26.51
CA GLY Q 21 79.39 12.86 -25.34
C GLY Q 21 78.27 11.87 -25.23
N ASP Q 22 77.57 11.60 -26.31
CA ASP Q 22 76.44 10.70 -26.29
C ASP Q 22 77.00 9.30 -26.51
N ARG Q 23 76.79 8.41 -25.53
CA ARG Q 23 77.30 7.05 -25.58
C ARG Q 23 76.20 6.01 -25.79
N GLY Q 24 75.10 6.42 -26.41
CA GLY Q 24 73.98 5.52 -26.61
C GLY Q 24 73.33 5.09 -25.33
N PHE Q 25 73.25 5.99 -24.35
CA PHE Q 25 72.68 5.65 -23.05
C PHE Q 25 71.18 5.81 -23.11
N ASP Q 26 70.60 6.41 -22.10
CA ASP Q 26 69.15 6.59 -21.98
C ASP Q 26 68.43 5.25 -22.07
N PRO Q 27 68.44 4.45 -21.00
CA PRO Q 27 67.65 3.22 -21.01
C PRO Q 27 66.24 3.43 -20.49
N MET Q 28 65.87 4.68 -20.20
CA MET Q 28 64.59 5.00 -19.62
C MET Q 28 63.67 5.69 -20.63
N GLY Q 29 64.15 5.92 -21.85
CA GLY Q 29 63.30 6.51 -22.87
C GLY Q 29 62.93 7.96 -22.64
N LEU Q 30 63.72 8.69 -21.85
CA LEU Q 30 63.37 10.07 -21.52
C LEU Q 30 63.62 11.04 -22.67
N GLY Q 31 64.62 10.79 -23.50
CA GLY Q 31 64.99 11.72 -24.55
C GLY Q 31 64.38 11.41 -25.90
N ALA Q 32 63.29 10.65 -25.92
CA ALA Q 32 62.60 10.32 -27.15
C ALA Q 32 61.89 11.51 -27.77
N ASN Q 33 61.77 12.62 -27.05
CA ASN Q 33 61.14 13.83 -27.54
C ASN Q 33 62.20 14.90 -27.78
N PRO Q 34 62.35 15.41 -29.00
CA PRO Q 34 63.43 16.38 -29.25
C PRO Q 34 63.35 17.62 -28.38
N LYS Q 35 62.14 18.09 -28.10
CA LYS Q 35 61.96 19.25 -27.22
C LYS Q 35 62.47 18.94 -25.81
N MET Q 36 62.02 17.84 -25.23
CA MET Q 36 62.54 17.44 -23.93
C MET Q 36 64.00 17.02 -24.03
N MET Q 37 64.46 16.57 -25.19
CA MET Q 37 65.87 16.25 -25.34
C MET Q 37 66.73 17.50 -25.22
N THR Q 38 66.32 18.60 -25.87
CA THR Q 38 67.05 19.86 -25.71
C THR Q 38 66.99 20.35 -24.28
N TRP Q 39 65.81 20.28 -23.66
CA TRP Q 39 65.70 20.71 -22.27
C TRP Q 39 66.63 19.90 -21.37
N TYR Q 40 66.67 18.58 -21.55
CA TYR Q 40 67.51 17.75 -20.70
C TYR Q 40 68.99 17.95 -20.99
N ARG Q 41 69.38 18.24 -22.23
CA ARG Q 41 70.78 18.56 -22.46
C ARG Q 41 71.16 19.86 -21.75
N GLN Q 42 70.27 20.85 -21.78
CA GLN Q 42 70.55 22.07 -21.02
C GLN Q 42 70.69 21.76 -19.54
N ALA Q 43 69.79 20.93 -19.00
CA ALA Q 43 69.85 20.58 -17.59
C ALA Q 43 71.10 19.80 -17.24
N GLU Q 44 71.51 18.88 -18.12
CA GLU Q 44 72.74 18.15 -17.89
C GLU Q 44 73.95 19.08 -17.89
N LEU Q 45 73.98 20.04 -18.81
CA LEU Q 45 75.09 20.99 -18.85
C LEU Q 45 75.13 21.82 -17.58
N GLN Q 46 73.98 22.30 -17.13
CA GLN Q 46 73.94 23.09 -15.90
C GLN Q 46 74.37 22.27 -14.70
N ASN Q 47 73.83 21.07 -14.55
CA ASN Q 47 74.19 20.23 -13.41
C ASN Q 47 75.66 19.86 -13.46
N GLY Q 48 76.19 19.55 -14.64
CA GLY Q 48 77.59 19.18 -14.75
C GLY Q 48 78.52 20.34 -14.43
N ARG Q 49 78.21 21.53 -14.93
CA ARG Q 49 79.07 22.67 -14.64
C ARG Q 49 79.01 23.04 -13.16
N TRP Q 50 77.80 23.06 -12.58
CA TRP Q 50 77.69 23.36 -11.16
C TRP Q 50 78.35 22.29 -10.31
N ALA Q 51 78.31 21.03 -10.74
CA ALA Q 51 78.98 19.97 -10.01
C ALA Q 51 80.50 20.08 -10.12
N MET Q 52 81.00 20.50 -11.28
CA MET Q 52 82.42 20.79 -11.38
C MET Q 52 82.82 21.87 -10.39
N LEU Q 53 82.03 22.95 -10.35
CA LEU Q 53 82.33 24.03 -9.40
C LEU Q 53 82.28 23.53 -7.97
N GLY Q 54 81.26 22.74 -7.64
CA GLY Q 54 81.14 22.23 -6.28
C GLY Q 54 82.25 21.29 -5.88
N VAL Q 55 82.62 20.36 -6.76
CA VAL Q 55 83.68 19.41 -6.44
C VAL Q 55 85.02 20.13 -6.34
N ALA Q 56 85.28 21.09 -7.23
CA ALA Q 56 86.48 21.89 -7.11
C ALA Q 56 86.50 22.64 -5.78
N GLY Q 57 85.34 23.16 -5.37
CA GLY Q 57 85.27 23.82 -4.08
C GLY Q 57 85.57 22.90 -2.93
N ILE Q 58 84.97 21.71 -2.94
CA ILE Q 58 85.22 20.75 -1.85
C ILE Q 58 86.71 20.44 -1.77
N LEU Q 59 87.32 20.09 -2.89
CA LEU Q 59 88.71 19.66 -2.88
C LEU Q 59 89.63 20.80 -2.47
N GLY Q 60 89.44 21.98 -3.06
CA GLY Q 60 90.30 23.11 -2.74
C GLY Q 60 90.16 23.56 -1.30
N GLN Q 61 88.93 23.66 -0.80
CA GLN Q 61 88.74 24.02 0.58
C GLN Q 61 89.39 23.01 1.51
N GLU Q 62 89.20 21.72 1.24
CA GLU Q 62 89.70 20.73 2.17
C GLU Q 62 91.22 20.62 2.13
N ILE Q 63 91.86 21.01 1.02
CA ILE Q 63 93.32 21.05 1.05
C ILE Q 63 93.82 22.36 1.67
N ILE Q 64 93.08 23.46 1.52
CA ILE Q 64 93.54 24.74 2.06
C ILE Q 64 93.08 24.93 3.50
N ASN Q 65 91.89 24.45 3.84
CA ASN Q 65 91.31 24.61 5.18
C ASN Q 65 90.95 23.23 5.70
N PRO Q 66 91.96 22.41 5.99
CA PRO Q 66 91.69 21.01 6.35
C PRO Q 66 90.90 20.83 7.63
N ALA Q 67 90.91 21.82 8.52
CA ALA Q 67 90.24 21.69 9.81
C ALA Q 67 88.75 21.95 9.71
N GLN Q 68 88.24 22.29 8.54
CA GLN Q 68 86.83 22.58 8.35
C GLN Q 68 86.20 21.49 7.50
N TRP Q 69 85.13 20.89 8.01
CA TRP Q 69 84.39 19.88 7.28
C TRP Q 69 83.46 20.54 6.28
N TRP Q 70 83.59 20.17 5.01
CA TRP Q 70 82.82 20.83 3.96
C TRP Q 70 81.32 20.75 4.21
N TYR Q 71 80.86 19.64 4.80
CA TYR Q 71 79.42 19.45 4.96
C TYR Q 71 78.83 20.54 5.85
N THR Q 72 79.50 20.87 6.95
CA THR Q 72 78.97 21.81 7.91
C THR Q 72 79.51 23.22 7.73
N ALA Q 73 80.31 23.46 6.69
CA ALA Q 73 80.94 24.76 6.49
C ALA Q 73 79.95 25.87 6.18
N GLY Q 74 78.66 25.58 6.17
CA GLY Q 74 77.67 26.61 5.92
C GLY Q 74 77.02 27.11 7.18
N MET Q 75 77.34 26.49 8.31
CA MET Q 75 76.80 26.92 9.58
C MET Q 75 77.40 28.27 9.96
N PRO Q 76 76.61 29.17 10.54
CA PRO Q 76 77.09 30.54 10.79
C PRO Q 76 78.29 30.60 11.73
N GLU Q 77 78.44 29.62 12.62
CA GLU Q 77 79.59 29.62 13.52
C GLU Q 77 80.89 29.37 12.78
N ASN Q 78 80.82 28.76 11.61
CA ASN Q 78 82.00 28.43 10.83
C ASN Q 78 82.35 29.48 9.79
N LEU Q 79 81.60 30.57 9.71
CA LEU Q 79 81.72 31.48 8.58
C LEU Q 79 82.99 32.33 8.72
N PRO Q 80 83.91 32.28 7.76
CA PRO Q 80 85.03 33.21 7.77
C PRO Q 80 84.55 34.65 7.60
N ARG Q 81 85.23 35.57 8.28
CA ARG Q 81 84.80 36.95 8.36
C ARG Q 81 85.74 37.83 7.56
N PHE Q 82 85.18 38.89 6.98
CA PHE Q 82 85.97 39.84 6.20
C PHE Q 82 85.87 41.27 6.69
N ASP Q 83 84.69 41.71 7.11
CA ASP Q 83 84.58 43.02 7.74
C ASP Q 83 83.89 42.87 9.09
N SER Q 84 83.08 43.85 9.49
CA SER Q 84 82.50 43.88 10.82
C SER Q 84 80.98 43.82 10.78
N GLN Q 85 80.41 43.58 9.61
CA GLN Q 85 78.96 43.46 9.51
C GLN Q 85 78.52 42.21 10.25
N PRO Q 86 77.47 42.28 11.07
CA PRO Q 86 77.03 41.08 11.78
C PRO Q 86 76.56 40.01 10.82
N VAL Q 87 76.78 38.76 11.20
CA VAL Q 87 76.37 37.66 10.34
C VAL Q 87 74.86 37.55 10.32
N ASN Q 88 74.32 37.16 9.17
CA ASN Q 88 72.88 36.97 9.03
C ASN Q 88 72.64 36.17 7.76
N MET Q 89 72.30 34.90 7.92
CA MET Q 89 72.03 34.05 6.76
C MET Q 89 70.88 34.60 5.94
N GLY Q 90 69.88 35.19 6.59
CA GLY Q 90 68.82 35.84 5.84
C GLY Q 90 69.36 36.96 4.97
N GLY Q 91 70.30 37.74 5.50
CA GLY Q 91 70.89 38.80 4.72
C GLY Q 91 71.71 38.27 3.55
N ILE Q 92 72.50 37.23 3.78
CA ILE Q 92 73.33 36.70 2.71
C ILE Q 92 72.46 36.12 1.60
N LEU Q 93 71.36 35.48 1.96
CA LEU Q 93 70.51 34.87 0.95
C LEU Q 93 69.82 35.91 0.08
N ALA Q 94 69.68 37.15 0.54
CA ALA Q 94 69.02 38.15 -0.30
C ALA Q 94 69.87 38.45 -1.52
N TRP Q 95 71.17 38.67 -1.32
CA TRP Q 95 72.07 38.90 -2.44
C TRP Q 95 72.01 37.76 -3.44
N GLU Q 96 72.20 36.53 -2.95
CA GLU Q 96 72.24 35.38 -3.83
C GLU Q 96 70.92 35.18 -4.54
N PHE Q 97 69.82 35.29 -3.81
CA PHE Q 97 68.51 35.10 -4.41
C PHE Q 97 68.30 36.06 -5.54
N ILE Q 98 68.51 37.34 -5.28
CA ILE Q 98 68.20 38.37 -6.26
C ILE Q 98 69.11 38.22 -7.49
N LEU Q 99 70.41 38.06 -7.26
CA LEU Q 99 71.38 38.02 -8.36
C LEU Q 99 71.20 36.76 -9.20
N MET Q 100 71.08 35.61 -8.52
CA MET Q 100 70.83 34.36 -9.23
C MET Q 100 69.51 34.41 -9.97
N HIS Q 101 68.51 35.07 -9.40
CA HIS Q 101 67.23 35.22 -10.09
C HIS Q 101 67.42 35.95 -11.41
N PHE Q 102 68.17 37.05 -11.40
CA PHE Q 102 68.40 37.77 -12.63
C PHE Q 102 69.12 36.92 -13.66
N VAL Q 103 70.25 36.32 -13.27
CA VAL Q 103 71.06 35.60 -14.24
C VAL Q 103 70.33 34.37 -14.77
N GLU Q 104 69.56 33.71 -13.91
CA GLU Q 104 68.84 32.53 -14.34
C GLU Q 104 67.62 32.87 -15.19
N VAL Q 105 66.98 34.02 -14.97
CA VAL Q 105 65.92 34.41 -15.90
C VAL Q 105 66.52 34.74 -17.26
N ARG Q 106 67.72 35.33 -17.29
CA ARG Q 106 68.40 35.52 -18.57
C ARG Q 106 68.62 34.19 -19.28
N ARG Q 107 69.20 33.22 -18.58
CA ARG Q 107 69.41 31.90 -19.17
C ARG Q 107 68.10 31.26 -19.60
N TRP Q 108 67.05 31.43 -18.79
CA TRP Q 108 65.75 30.85 -19.11
C TRP Q 108 65.21 31.41 -20.42
N GLN Q 109 65.28 32.72 -20.59
CA GLN Q 109 64.77 33.32 -21.82
C GLN Q 109 65.64 32.98 -23.01
N ASP Q 110 66.90 32.62 -22.78
CA ASP Q 110 67.68 32.02 -23.86
C ASP Q 110 67.11 30.66 -24.24
N ILE Q 111 66.85 29.82 -23.24
CA ILE Q 111 66.37 28.46 -23.51
C ILE Q 111 65.03 28.49 -24.23
N ARG Q 112 64.10 29.32 -23.75
CA ARG Q 112 62.77 29.39 -24.32
C ARG Q 112 62.81 29.70 -25.81
N LYS Q 113 63.59 30.71 -26.20
CA LYS Q 113 63.66 31.15 -27.59
C LYS Q 113 65.12 31.46 -27.89
N LYS Q 114 65.79 30.53 -28.59
CA LYS Q 114 67.21 30.67 -28.83
C LYS Q 114 67.51 31.94 -29.63
N ASP Q 115 68.65 32.55 -29.32
CA ASP Q 115 69.13 33.75 -30.01
C ASP Q 115 68.15 34.91 -29.85
N SER Q 116 67.63 35.10 -28.64
CA SER Q 116 66.70 36.18 -28.37
C SER Q 116 67.14 37.13 -27.28
N VAL Q 117 68.10 36.75 -26.44
CA VAL Q 117 68.59 37.61 -25.37
C VAL Q 117 70.11 37.64 -25.38
N ASN Q 118 70.69 37.91 -26.54
CA ASN Q 118 72.14 37.86 -26.68
C ASN Q 118 72.81 39.21 -26.47
N ALA Q 119 72.07 40.31 -26.54
CA ALA Q 119 72.65 41.64 -26.50
C ALA Q 119 72.50 42.27 -25.12
N ASP Q 120 73.39 43.21 -24.84
CA ASP Q 120 73.33 43.95 -23.58
C ASP Q 120 72.01 44.70 -23.49
N PRO Q 121 71.37 44.71 -22.31
CA PRO Q 121 70.16 45.52 -22.14
C PRO Q 121 70.41 47.01 -22.24
N PHE Q 122 71.64 47.46 -22.01
CA PHE Q 122 71.94 48.89 -22.00
C PHE Q 122 72.63 49.37 -23.27
N ASN Q 123 73.49 48.55 -23.86
CA ASN Q 123 74.13 48.86 -25.14
C ASN Q 123 73.72 47.79 -26.15
N PRO Q 124 72.64 47.99 -26.89
CA PRO Q 124 72.16 46.96 -27.81
C PRO Q 124 73.04 46.75 -29.02
N ASN Q 125 74.36 46.94 -28.86
CA ASN Q 125 75.31 46.63 -29.91
C ASN Q 125 76.37 45.62 -29.50
N LEU Q 126 76.47 45.30 -28.20
CA LEU Q 126 77.39 44.27 -27.71
C LEU Q 126 76.58 42.98 -27.53
N LYS Q 127 76.87 42.00 -28.38
CA LYS Q 127 76.09 40.77 -28.44
C LYS Q 127 76.97 39.57 -28.16
N VAL Q 128 76.35 38.50 -27.68
CA VAL Q 128 77.03 37.24 -27.41
C VAL Q 128 76.87 36.33 -28.62
N PRO Q 129 77.95 35.83 -29.21
CA PRO Q 129 77.83 34.94 -30.37
C PRO Q 129 77.72 33.48 -29.98
N ASN Q 130 76.56 33.08 -29.44
CA ASN Q 130 76.39 31.73 -28.94
C ASN Q 130 76.14 30.78 -30.09
N PRO Q 131 77.10 29.92 -30.44
CA PRO Q 131 76.85 28.97 -31.54
C PRO Q 131 75.72 28.00 -31.25
N GLU Q 132 75.58 27.56 -30.01
CA GLU Q 132 74.57 26.59 -29.63
C GLU Q 132 73.96 26.99 -28.31
N LEU Q 133 72.86 26.34 -27.95
CA LEU Q 133 72.29 26.51 -26.63
C LEU Q 133 73.22 25.94 -25.57
N GLY Q 134 73.28 26.62 -24.43
CA GLY Q 134 74.14 26.17 -23.35
C GLY Q 134 75.61 26.45 -23.53
N TYR Q 135 75.98 27.07 -24.64
CA TYR Q 135 77.37 27.44 -24.93
C TYR Q 135 77.41 28.88 -25.40
N PRO Q 136 77.18 29.84 -24.50
CA PRO Q 136 77.10 31.25 -24.95
C PRO Q 136 78.40 31.78 -25.51
N GLY Q 137 79.51 31.61 -24.80
CA GLY Q 137 80.76 32.15 -25.31
C GLY Q 137 80.80 33.67 -25.26
N GLY Q 138 81.72 34.22 -26.04
CA GLY Q 138 81.92 35.66 -26.06
C GLY Q 138 82.57 36.13 -24.78
N PRO Q 139 81.87 37.00 -24.03
CA PRO Q 139 82.37 37.36 -22.70
C PRO Q 139 82.47 36.16 -21.78
N PHE Q 140 81.56 35.20 -21.91
CA PHE Q 140 81.62 33.97 -21.15
C PHE Q 140 82.76 33.06 -21.59
N ASP Q 141 83.40 33.37 -22.71
CA ASP Q 141 84.62 32.69 -23.15
C ASP Q 141 85.66 33.76 -23.45
N PRO Q 142 86.13 34.47 -22.42
CA PRO Q 142 87.00 35.62 -22.67
C PRO Q 142 88.40 35.22 -23.10
N LEU Q 143 88.90 34.08 -22.64
CA LEU Q 143 90.24 33.63 -23.03
C LEU Q 143 90.27 33.04 -24.43
N GLY Q 144 89.12 32.86 -25.06
CA GLY Q 144 89.09 32.47 -26.46
C GLY Q 144 89.46 31.04 -26.76
N PHE Q 145 89.29 30.13 -25.81
CA PHE Q 145 89.65 28.73 -26.02
C PHE Q 145 88.75 28.02 -27.02
N SER Q 146 87.76 28.69 -27.61
CA SER Q 146 86.93 28.02 -28.61
C SER Q 146 87.59 28.04 -29.96
N LYS Q 147 86.80 28.23 -31.02
CA LYS Q 147 87.31 28.43 -32.39
C LYS Q 147 87.99 27.18 -32.94
N GLY Q 148 88.67 26.42 -32.09
CA GLY Q 148 89.29 25.18 -32.52
C GLY Q 148 88.28 24.06 -32.67
N ASN Q 149 88.68 22.84 -32.35
CA ASN Q 149 87.78 21.70 -32.39
C ASN Q 149 86.71 21.89 -31.33
N PHE Q 150 85.53 22.35 -31.75
CA PHE Q 150 84.48 22.63 -30.77
C PHE Q 150 83.83 21.36 -30.27
N LYS Q 151 83.65 20.36 -31.13
CA LYS Q 151 82.99 19.13 -30.70
C LYS Q 151 83.86 18.34 -29.74
N GLU Q 152 85.16 18.28 -30.01
CA GLU Q 152 86.07 17.56 -29.12
C GLU Q 152 86.08 18.20 -27.73
N ALA Q 153 86.18 19.52 -27.69
CA ALA Q 153 86.18 20.20 -26.39
C ALA Q 153 84.82 20.11 -25.73
N GLN Q 154 83.74 20.08 -26.52
CA GLN Q 154 82.42 19.86 -25.95
C GLN Q 154 82.34 18.50 -25.26
N THR Q 155 82.89 17.47 -25.91
CA THR Q 155 82.93 16.16 -25.26
C THR Q 155 83.80 16.18 -24.02
N LYS Q 156 84.94 16.89 -24.07
CA LYS Q 156 85.77 17.04 -22.89
C LYS Q 156 84.95 17.59 -21.73
N GLU Q 157 84.26 18.70 -21.97
CA GLU Q 157 83.47 19.34 -20.93
C GLU Q 157 82.37 18.42 -20.42
N ILE Q 158 81.65 17.76 -21.32
CA ILE Q 158 80.50 16.98 -20.88
C ILE Q 158 80.94 15.74 -20.11
N LYS Q 159 82.05 15.10 -20.51
CA LYS Q 159 82.48 13.92 -19.80
C LYS Q 159 83.09 14.28 -18.44
N ASN Q 160 83.81 15.40 -18.36
CA ASN Q 160 84.24 15.88 -17.05
C ASN Q 160 83.05 16.27 -16.18
N GLY Q 161 81.99 16.79 -16.77
CA GLY Q 161 80.81 17.13 -15.99
C GLY Q 161 80.11 15.92 -15.43
N ARG Q 162 79.99 14.86 -16.23
CA ARG Q 162 79.44 13.62 -15.71
C ARG Q 162 80.31 13.05 -14.59
N LEU Q 163 81.64 13.08 -14.79
CA LEU Q 163 82.54 12.61 -13.75
C LEU Q 163 82.37 13.40 -12.46
N ALA Q 164 82.28 14.73 -12.57
CA ALA Q 164 82.11 15.55 -11.38
C ALA Q 164 80.75 15.36 -10.74
N MET Q 165 79.71 15.09 -11.53
CA MET Q 165 78.40 14.83 -10.95
C MET Q 165 78.41 13.58 -10.09
N VAL Q 166 78.95 12.49 -10.64
CA VAL Q 166 79.02 11.27 -9.84
C VAL Q 166 79.97 11.47 -8.66
N ALA Q 167 81.02 12.27 -8.83
CA ALA Q 167 81.93 12.54 -7.71
C ALA Q 167 81.24 13.32 -6.61
N PHE Q 168 80.34 14.24 -6.94
CA PHE Q 168 79.64 14.97 -5.88
C PHE Q 168 78.63 14.08 -5.18
N ALA Q 169 77.97 13.19 -5.93
CA ALA Q 169 77.14 12.19 -5.24
C ALA Q 169 77.99 11.38 -4.27
N ALA Q 170 79.18 11.01 -4.70
CA ALA Q 170 80.13 10.32 -3.83
C ALA Q 170 80.44 11.16 -2.60
N PHE Q 171 80.71 12.46 -2.79
CA PHE Q 171 81.08 13.31 -1.67
C PHE Q 171 79.95 13.39 -0.65
N THR Q 172 78.72 13.57 -1.12
CA THR Q 172 77.59 13.67 -0.22
C THR Q 172 77.41 12.38 0.58
N ILE Q 173 77.45 11.24 -0.10
CA ILE Q 173 77.23 9.98 0.62
C ILE Q 173 78.38 9.70 1.57
N GLN Q 174 79.62 9.96 1.15
CA GLN Q 174 80.76 9.73 2.03
C GLN Q 174 80.68 10.61 3.26
N ALA Q 175 80.31 11.88 3.09
CA ALA Q 175 80.18 12.76 4.24
C ALA Q 175 79.08 12.29 5.17
N GLN Q 176 77.92 11.89 4.63
CA GLN Q 176 76.82 11.52 5.50
C GLN Q 176 77.09 10.21 6.22
N ALA Q 177 77.83 9.29 5.60
CA ALA Q 177 78.06 8.00 6.23
C ALA Q 177 79.26 8.01 7.17
N THR Q 178 80.32 8.72 6.81
CA THR Q 178 81.57 8.70 7.56
C THR Q 178 81.76 9.90 8.46
N GLY Q 179 81.26 11.07 8.06
CA GLY Q 179 81.42 12.28 8.85
C GLY Q 179 82.74 12.99 8.68
N LYS Q 180 83.57 12.56 7.74
CA LYS Q 180 84.87 13.13 7.50
C LYS Q 180 84.94 13.68 6.08
N GLY Q 181 86.06 14.28 5.73
CA GLY Q 181 86.21 14.87 4.43
C GLY Q 181 86.47 13.83 3.37
N PRO Q 182 86.44 14.25 2.11
CA PRO Q 182 86.71 13.31 1.01
C PRO Q 182 88.16 12.83 0.95
N LEU Q 183 89.14 13.73 0.87
CA LEU Q 183 90.52 13.24 0.92
C LEU Q 183 90.89 12.70 2.29
N GLN Q 184 90.24 13.18 3.36
CA GLN Q 184 90.36 12.49 4.63
C GLN Q 184 89.86 11.06 4.53
N ASN Q 185 88.75 10.85 3.81
CA ASN Q 185 88.26 9.50 3.59
C ASN Q 185 89.25 8.67 2.81
N LEU Q 186 89.89 9.27 1.81
CA LEU Q 186 90.88 8.54 1.02
C LEU Q 186 92.07 8.12 1.86
N THR Q 187 92.60 9.03 2.68
CA THR Q 187 93.71 8.68 3.56
C THR Q 187 93.27 7.68 4.62
N ASP Q 188 91.99 7.72 5.00
CA ASP Q 188 91.47 6.79 5.99
C ASP Q 188 91.43 5.37 5.42
N HIS Q 189 90.91 5.23 4.20
CA HIS Q 189 90.78 3.92 3.59
C HIS Q 189 92.13 3.34 3.20
N LEU Q 190 93.10 4.21 2.89
CA LEU Q 190 94.42 3.74 2.53
C LEU Q 190 95.14 3.06 3.69
N SER Q 191 94.72 3.34 4.93
CA SER Q 191 95.40 2.77 6.09
C SER Q 191 94.80 1.41 6.49
N ALA Q 192 93.51 1.36 6.76
CA ALA Q 192 92.84 0.12 7.18
C ALA Q 192 91.62 -0.13 6.31
N PRO Q 193 91.83 -0.48 5.04
CA PRO Q 193 90.69 -0.70 4.14
C PRO Q 193 89.76 -1.80 4.59
N PHE Q 194 90.29 -2.84 5.26
CA PHE Q 194 89.48 -3.96 5.69
C PHE Q 194 88.40 -3.56 6.67
N SER Q 195 88.62 -2.48 7.44
CA SER Q 195 87.62 -1.99 8.37
C SER Q 195 87.13 -0.60 8.01
N ASN Q 196 87.56 -0.06 6.87
CA ASN Q 196 87.20 1.29 6.44
C ASN Q 196 86.74 1.20 4.99
N ASN Q 197 85.55 0.65 4.80
CA ASN Q 197 84.97 0.50 3.46
C ASN Q 197 83.55 1.02 3.49
N TRP Q 198 82.79 0.83 2.40
CA TRP Q 198 81.40 1.23 2.44
C TRP Q 198 80.61 0.36 3.41
N THR Q 199 81.02 -0.89 3.59
CA THR Q 199 80.50 -1.71 4.66
C THR Q 199 80.85 -1.07 6.00
N THR Q 200 80.04 -1.35 7.03
CA THR Q 200 80.17 -0.76 8.35
C THR Q 200 79.90 0.74 8.31
N ASN Q 201 80.60 1.47 7.44
CA ASN Q 201 80.35 2.90 7.32
C ASN Q 201 78.94 3.19 6.83
N ILE Q 202 78.39 2.32 5.98
CA ILE Q 202 77.00 2.47 5.59
C ILE Q 202 76.14 2.04 6.77
N GLY Q 203 74.90 2.52 6.78
CA GLY Q 203 74.01 2.24 7.90
C GLY Q 203 74.20 3.16 9.08
N HIS Q 204 75.15 4.07 9.03
CA HIS Q 204 75.37 5.07 10.07
C HIS Q 204 75.24 6.45 9.46
N CYS Q 205 74.43 7.29 10.08
CA CYS Q 205 74.28 8.68 9.67
C CYS Q 205 75.03 9.65 10.57
N MET Q 206 76.19 10.12 10.11
CA MET Q 206 76.94 11.18 10.79
C MET Q 206 76.37 12.55 10.51
N VAL Q 207 75.08 12.72 10.76
CA VAL Q 207 74.44 14.03 10.61
C VAL Q 207 73.52 14.21 11.82
N PRO Q 208 73.47 15.40 12.43
CA PRO Q 208 72.52 15.61 13.52
C PRO Q 208 71.08 15.56 13.01
N THR Q 209 70.17 15.17 13.89
CA THR Q 209 68.78 15.05 13.51
C THR Q 209 68.16 16.39 13.18
N SER Q 210 68.83 17.49 13.53
CA SER Q 210 68.39 18.83 13.23
C SER Q 210 69.53 19.79 13.52
N VAL Q 211 69.42 21.00 13.01
CA VAL Q 211 70.37 22.06 13.29
C VAL Q 211 69.58 23.31 13.60
N ASP Q 212 70.17 24.19 14.39
CA ASP Q 212 69.61 25.50 14.68
C ASP Q 212 70.50 26.56 14.06
N VAL Q 213 69.89 27.47 13.29
CA VAL Q 213 70.60 28.52 12.59
C VAL Q 213 70.09 29.84 13.15
N GLN Q 214 70.76 30.32 14.20
CA GLN Q 214 70.42 31.59 14.84
C GLN Q 214 68.92 31.67 15.16
N GLY Q 215 68.38 30.59 15.69
CA GLY Q 215 66.99 30.52 16.05
C GLY Q 215 66.11 29.77 15.05
N LEU Q 216 66.63 29.44 13.88
CA LEU Q 216 65.89 28.69 12.89
C LEU Q 216 66.31 27.23 12.94
N THR Q 217 65.33 26.34 13.05
CA THR Q 217 65.57 24.92 13.22
C THR Q 217 65.33 24.20 11.89
N ILE Q 218 66.37 23.61 11.35
CA ILE Q 218 66.31 22.86 10.09
C ILE Q 218 66.38 21.38 10.42
N PRO Q 219 65.52 20.54 9.85
CA PRO Q 219 65.47 19.13 10.27
C PRO Q 219 66.54 18.23 9.64
N LEU Q 220 67.25 18.69 8.63
CA LEU Q 220 68.35 17.94 8.00
C LEU Q 220 67.87 16.59 7.48
N SER Q 221 68.79 15.77 6.98
CA SER Q 221 68.47 14.42 6.52
C SER Q 221 69.77 13.70 6.20
N CYS Q 222 69.66 12.55 5.53
CA CYS Q 222 70.79 11.65 5.33
C CYS Q 222 70.81 11.00 3.95
N LEU Q 223 69.77 11.13 3.14
CA LEU Q 223 69.56 10.47 1.85
C LEU Q 223 69.20 9.00 2.00
N TRP Q 224 69.50 8.38 3.13
CA TRP Q 224 69.09 7.02 3.36
C TRP Q 224 68.91 6.80 4.85
N PRO Q 225 67.90 6.03 5.25
CA PRO Q 225 67.62 5.87 6.68
C PRO Q 225 68.63 5.01 7.41
N GLY Q 226 69.86 5.51 7.57
CA GLY Q 226 70.92 4.70 8.13
C GLY Q 226 71.35 5.08 9.53
N GLN Q 227 70.67 4.56 10.54
CA GLN Q 227 71.08 4.82 11.92
C GLN Q 227 70.63 3.69 12.83
N ALA R 1 63.33 43.40 -29.88
CA ALA R 1 64.21 44.47 -30.38
C ALA R 1 63.84 45.79 -29.74
N ARG R 2 62.58 46.19 -29.86
CA ARG R 2 62.06 47.38 -29.22
C ARG R 2 62.11 47.24 -27.70
N ALA R 3 61.68 48.28 -26.99
CA ALA R 3 61.63 48.23 -25.53
C ALA R 3 60.69 47.12 -25.08
N ASN R 4 61.20 46.22 -24.25
CA ASN R 4 60.48 45.04 -23.80
C ASN R 4 60.47 44.93 -22.29
N TRP R 5 59.37 44.40 -21.73
CA TRP R 5 59.37 44.18 -20.28
C TRP R 5 60.35 43.06 -19.92
N LEU R 6 60.81 42.23 -20.90
CA LEU R 6 61.70 41.09 -20.65
C LEU R 6 62.47 40.96 -21.93
N PRO R 7 63.69 41.39 -21.97
CA PRO R 7 64.43 41.39 -23.22
C PRO R 7 64.45 39.97 -23.75
N GLY R 8 64.33 39.85 -25.07
CA GLY R 8 64.29 38.60 -25.78
C GLY R 8 62.92 37.99 -25.98
N SER R 9 61.89 38.49 -25.32
CA SER R 9 60.54 37.99 -25.44
C SER R 9 59.78 38.75 -26.52
N ASP R 10 58.64 38.20 -26.93
CA ASP R 10 57.79 38.80 -27.94
C ASP R 10 56.53 39.34 -27.28
N PHE R 11 55.90 40.31 -27.93
CA PHE R 11 54.67 40.85 -27.38
C PHE R 11 53.52 39.90 -27.63
N PRO R 12 52.43 40.01 -26.85
CA PRO R 12 51.25 39.17 -27.12
C PRO R 12 50.61 39.43 -28.47
N ALA R 13 49.58 40.28 -28.49
CA ALA R 13 48.90 40.60 -29.73
C ALA R 13 48.17 41.92 -29.60
N HIS R 14 47.37 42.06 -28.53
CA HIS R 14 46.75 43.34 -28.23
C HIS R 14 47.80 44.38 -27.93
N LEU R 15 48.84 43.99 -27.19
CA LEU R 15 49.91 44.91 -26.83
C LEU R 15 50.89 45.16 -27.95
N GLU R 16 50.74 44.47 -29.08
CA GLU R 16 51.55 44.77 -30.26
C GLU R 16 50.96 45.97 -30.98
N ASN R 17 51.80 46.97 -31.24
CA ASN R 17 51.38 48.24 -31.84
C ASN R 17 50.40 48.98 -30.93
N CYS R 18 50.89 49.30 -29.73
CA CYS R 18 50.10 50.09 -28.80
C CYS R 18 50.06 51.55 -29.24
N LYS R 19 48.95 52.20 -28.90
CA LYS R 19 48.93 53.66 -28.87
C LYS R 19 48.97 54.21 -27.45
N LEU R 20 48.83 53.35 -26.46
CA LEU R 20 48.95 53.78 -25.07
C LEU R 20 50.41 54.05 -24.74
N PRO R 21 50.70 55.05 -23.92
CA PRO R 21 52.07 55.29 -23.49
C PRO R 21 52.52 54.32 -22.42
N GLY R 22 53.80 53.99 -22.44
CA GLY R 22 54.32 53.01 -21.51
C GLY R 22 54.07 51.59 -21.91
N CYS R 23 53.74 51.33 -23.17
CA CYS R 23 53.50 49.97 -23.63
C CYS R 23 54.81 49.22 -23.76
N TYR R 24 55.11 48.38 -22.78
CA TYR R 24 56.32 47.58 -22.78
C TYR R 24 56.00 46.10 -22.95
N GLY R 25 54.78 45.80 -23.40
CA GLY R 25 54.29 44.46 -23.64
C GLY R 25 54.22 43.57 -22.43
N PHE R 26 53.56 44.02 -21.38
CA PHE R 26 53.41 43.26 -20.16
C PHE R 26 52.27 42.26 -20.23
N ASP R 27 51.25 42.49 -19.43
CA ASP R 27 50.02 41.72 -19.38
C ASP R 27 50.29 40.23 -19.57
N PRO R 28 50.83 39.58 -18.53
CA PRO R 28 51.05 38.13 -18.52
C PRO R 28 49.80 37.33 -18.19
N LEU R 29 48.65 37.99 -18.13
CA LEU R 29 47.40 37.36 -17.75
C LEU R 29 46.29 37.63 -18.75
N GLY R 30 46.51 38.51 -19.72
CA GLY R 30 45.51 38.71 -20.76
C GLY R 30 44.34 39.59 -20.41
N LEU R 31 44.52 40.54 -19.51
CA LEU R 31 43.40 41.39 -19.14
C LEU R 31 43.08 42.40 -20.24
N GLY R 32 44.08 42.86 -20.98
CA GLY R 32 43.86 43.84 -22.02
C GLY R 32 43.55 43.23 -23.37
N ALA R 33 43.18 41.94 -23.38
CA ALA R 33 42.80 41.30 -24.63
C ALA R 33 41.59 41.99 -25.25
N ASN R 34 40.57 42.24 -24.44
CA ASN R 34 39.43 43.01 -24.93
C ASN R 34 39.87 44.44 -25.21
N GLU R 35 39.04 45.18 -25.93
CA GLU R 35 39.45 46.50 -26.39
C GLU R 35 38.68 47.63 -25.72
N GLU R 36 37.45 47.39 -25.30
CA GLU R 36 36.79 48.33 -24.39
C GLU R 36 37.45 48.27 -23.01
N ARG R 37 37.65 47.05 -22.51
CA ARG R 37 38.33 46.89 -21.24
C ARG R 37 39.73 47.46 -21.27
N LEU R 38 40.39 47.43 -22.43
CA LEU R 38 41.74 47.97 -22.50
C LEU R 38 41.76 49.47 -22.28
N ALA R 39 40.81 50.20 -22.89
CA ALA R 39 40.73 51.63 -22.65
C ALA R 39 40.33 51.94 -21.21
N TRP R 40 39.37 51.18 -20.68
CA TRP R 40 38.97 51.40 -19.29
C TRP R 40 40.14 51.18 -18.34
N PHE R 41 40.91 50.12 -18.57
CA PHE R 41 42.07 49.84 -17.74
C PHE R 41 43.16 50.87 -17.93
N ALA R 42 43.31 51.43 -19.13
CA ALA R 42 44.30 52.48 -19.33
C ALA R 42 43.95 53.71 -18.51
N GLU R 43 42.68 54.11 -18.51
CA GLU R 43 42.27 55.23 -17.67
C GLU R 43 42.45 54.91 -16.19
N SER R 44 42.12 53.69 -15.79
CA SER R 44 42.31 53.29 -14.40
C SER R 44 43.77 53.37 -14.01
N GLU R 45 44.67 52.92 -14.89
CA GLU R 45 46.09 53.01 -14.61
C GLU R 45 46.53 54.45 -14.48
N ARG R 46 46.05 55.33 -15.36
CA ARG R 46 46.48 56.72 -15.30
C ARG R 46 46.05 57.37 -13.99
N VAL R 47 44.81 57.17 -13.58
CA VAL R 47 44.37 57.80 -12.33
C VAL R 47 45.06 57.16 -11.13
N HIS R 48 45.33 55.85 -11.18
CA HIS R 48 46.10 55.23 -10.11
C HIS R 48 47.51 55.81 -10.04
N CYS R 49 48.15 56.00 -11.20
CA CYS R 49 49.48 56.57 -11.23
C CYS R 49 49.49 57.95 -10.63
N ARG R 50 48.52 58.79 -11.00
CA ARG R 50 48.52 60.16 -10.53
C ARG R 50 48.18 60.24 -9.04
N TRP R 51 47.20 59.45 -8.58
CA TRP R 51 46.87 59.45 -7.16
C TRP R 51 48.02 58.93 -6.33
N ALA R 52 48.72 57.89 -6.82
CA ALA R 52 49.87 57.38 -6.09
C ALA R 52 51.05 58.33 -6.12
N MET R 53 51.25 59.06 -7.21
CA MET R 53 52.26 60.11 -7.20
C MET R 53 51.97 61.12 -6.11
N LEU R 54 50.72 61.61 -6.06
CA LEU R 54 50.35 62.57 -5.04
C LEU R 54 50.53 61.96 -3.65
N GLY R 55 50.13 60.70 -3.48
CA GLY R 55 50.25 60.08 -2.19
C GLY R 55 51.67 59.93 -1.71
N VAL R 56 52.56 59.44 -2.58
CA VAL R 56 53.94 59.22 -2.17
C VAL R 56 54.64 60.56 -1.94
N ALA R 57 54.36 61.56 -2.78
CA ALA R 57 54.94 62.88 -2.55
C ALA R 57 54.46 63.47 -1.24
N GLY R 58 53.16 63.36 -0.96
CA GLY R 58 52.65 63.87 0.30
C GLY R 58 53.26 63.17 1.50
N ILE R 59 53.39 61.84 1.42
CA ILE R 59 53.96 61.10 2.53
C ILE R 59 55.42 61.50 2.75
N LEU R 60 56.18 61.63 1.66
CA LEU R 60 57.58 62.01 1.78
C LEU R 60 57.71 63.40 2.41
N VAL R 61 56.92 64.36 1.94
CA VAL R 61 57.03 65.72 2.46
C VAL R 61 56.58 65.77 3.92
N GLN R 62 55.46 65.13 4.24
CA GLN R 62 54.95 65.16 5.60
C GLN R 62 55.94 64.52 6.56
N GLU R 63 56.58 63.43 6.15
CA GLU R 63 57.64 62.85 6.95
C GLU R 63 58.81 63.82 7.11
N ILE R 64 59.16 64.54 6.04
CA ILE R 64 60.27 65.49 6.13
C ILE R 64 59.95 66.61 7.12
N VAL R 65 58.74 67.16 7.04
CA VAL R 65 58.44 68.35 7.84
C VAL R 65 57.97 67.99 9.25
N LYS R 66 57.26 66.88 9.43
CA LYS R 66 56.74 66.47 10.74
C LYS R 66 57.16 65.04 10.99
N PRO R 67 58.42 64.81 11.34
CA PRO R 67 58.90 63.44 11.54
C PRO R 67 58.25 62.72 12.70
N ASP R 68 57.61 63.44 13.62
CA ASP R 68 57.05 62.83 14.82
C ASP R 68 55.64 62.28 14.59
N VAL R 69 55.15 62.29 13.36
CA VAL R 69 53.82 61.77 13.04
C VAL R 69 53.99 60.58 12.11
N PHE R 70 53.43 59.45 12.52
CA PHE R 70 53.42 58.25 11.69
C PHE R 70 52.38 58.43 10.60
N TRP R 71 52.80 58.27 9.34
CA TRP R 71 51.88 58.51 8.22
C TRP R 71 50.69 57.57 8.28
N TYR R 72 50.92 56.31 8.67
CA TYR R 72 49.84 55.32 8.73
C TYR R 72 48.77 55.75 9.71
N THR R 73 49.20 56.10 10.92
CA THR R 73 48.28 56.46 11.99
C THR R 73 47.85 57.92 11.91
N SER R 74 48.46 58.71 11.03
CA SER R 74 48.24 60.15 10.99
C SER R 74 46.79 60.52 10.68
N GLY R 75 45.99 59.58 10.18
CA GLY R 75 44.60 59.88 9.93
C GLY R 75 43.84 60.21 11.19
N ALA R 76 44.18 59.57 12.30
CA ALA R 76 43.48 59.76 13.56
C ALA R 76 44.23 60.64 14.54
N THR R 77 45.52 60.93 14.30
CA THR R 77 46.32 61.72 15.22
C THR R 77 46.88 62.93 14.47
N VAL R 78 46.03 63.93 14.22
CA VAL R 78 46.43 65.05 13.39
C VAL R 78 45.76 66.34 13.85
N GLU R 79 44.63 66.23 14.56
CA GLU R 79 43.88 67.37 15.06
C GLU R 79 43.35 68.21 13.90
N LEU R 80 42.14 67.93 13.46
CA LEU R 80 41.51 68.57 12.31
C LEU R 80 40.93 69.92 12.68
N PRO R 81 41.11 70.93 11.82
CA PRO R 81 40.45 72.22 12.08
C PRO R 81 38.93 72.11 12.11
N PHE R 82 38.36 71.19 11.36
CA PHE R 82 36.92 70.98 11.30
C PHE R 82 36.59 69.70 12.07
N ASP R 83 35.40 69.16 11.81
CA ASP R 83 35.05 67.85 12.36
C ASP R 83 35.46 66.78 11.36
N ILE R 84 35.23 65.52 11.70
CA ILE R 84 35.58 64.43 10.79
C ILE R 84 34.36 64.00 9.98
N THR R 85 33.17 64.22 10.51
CA THR R 85 31.96 63.84 9.77
C THR R 85 31.70 64.80 8.62
N GLY R 86 31.61 66.10 8.91
CA GLY R 86 31.39 67.07 7.86
C GLY R 86 32.53 67.11 6.86
N LEU R 87 33.76 66.88 7.32
CA LEU R 87 34.90 66.83 6.41
C LEU R 87 34.72 65.71 5.40
N LEU R 88 34.31 64.54 5.88
CA LEU R 88 34.11 63.42 4.96
C LEU R 88 32.92 63.68 4.05
N ALA R 89 31.88 64.35 4.54
CA ALA R 89 30.74 64.66 3.66
C ALA R 89 31.15 65.63 2.54
N PHE R 90 31.89 66.68 2.89
CA PHE R 90 32.41 67.59 1.87
C PHE R 90 33.26 66.84 0.85
N GLU R 91 34.14 65.96 1.34
CA GLU R 91 34.96 65.12 0.50
C GLU R 91 34.09 64.36 -0.49
N LEU R 92 33.10 63.67 0.07
CA LEU R 92 32.19 62.83 -0.67
C LEU R 92 31.52 63.61 -1.79
N PHE R 93 30.95 64.76 -1.49
CA PHE R 93 30.21 65.54 -2.48
C PHE R 93 31.10 66.05 -3.61
N VAL R 94 32.21 66.70 -3.23
CA VAL R 94 33.13 67.25 -4.23
C VAL R 94 33.68 66.15 -5.12
N MET R 95 34.12 65.05 -4.52
CA MET R 95 34.73 64.00 -5.30
C MET R 95 33.68 63.34 -6.18
N HIS R 96 32.44 63.25 -5.72
CA HIS R 96 31.39 62.70 -6.56
C HIS R 96 31.26 63.52 -7.83
N TRP R 97 31.16 64.84 -7.67
CA TRP R 97 31.05 65.71 -8.84
C TRP R 97 32.18 65.44 -9.82
N VAL R 98 33.41 65.62 -9.36
CA VAL R 98 34.54 65.61 -10.28
C VAL R 98 34.76 64.22 -10.88
N GLU R 99 34.58 63.17 -10.07
CA GLU R 99 34.86 61.82 -10.54
C GLU R 99 33.77 61.35 -11.48
N SER R 100 32.52 61.72 -11.23
CA SER R 100 31.46 61.34 -12.16
C SER R 100 31.68 62.02 -13.50
N ARG R 101 32.08 63.29 -13.47
CA ARG R 101 32.35 63.97 -14.74
C ARG R 101 33.46 63.27 -15.50
N ARG R 102 34.57 62.94 -14.82
CA ARG R 102 35.67 62.28 -15.51
C ARG R 102 35.27 60.91 -16.05
N GLY R 103 34.58 60.11 -15.22
CA GLY R 103 34.16 58.80 -15.66
C GLY R 103 33.27 58.85 -16.89
N TYR R 104 32.33 59.79 -16.90
CA TYR R 104 31.45 59.92 -18.06
C TYR R 104 32.24 60.34 -19.28
N ASP R 105 33.18 61.27 -19.10
CA ASP R 105 34.01 61.71 -20.19
C ASP R 105 34.73 60.54 -20.83
N ILE R 106 35.25 59.64 -19.99
CA ILE R 106 35.90 58.44 -20.53
C ILE R 106 34.88 57.57 -21.26
N LYS R 107 33.69 57.41 -20.69
CA LYS R 107 32.67 56.56 -21.30
C LYS R 107 32.32 57.03 -22.70
N LYS R 108 31.99 58.32 -22.86
CA LYS R 108 31.71 58.88 -24.19
C LYS R 108 32.56 60.13 -24.35
N PRO R 109 33.44 60.19 -25.34
CA PRO R 109 34.46 61.25 -25.39
C PRO R 109 33.91 62.65 -25.46
N GLY R 110 33.11 62.94 -26.48
CA GLY R 110 32.57 64.28 -26.65
C GLY R 110 31.38 64.54 -25.75
N SER R 111 31.64 64.77 -24.46
CA SER R 111 30.55 64.91 -23.50
C SER R 111 30.87 65.93 -22.42
N MET R 112 31.51 65.48 -21.35
CA MET R 112 31.81 66.32 -20.20
C MET R 112 32.99 67.25 -20.52
N ASP R 113 32.73 68.20 -21.40
CA ASP R 113 33.74 69.17 -21.82
C ASP R 113 33.29 70.62 -21.69
N GLN R 114 32.02 70.87 -21.39
CA GLN R 114 31.47 72.21 -21.33
C GLN R 114 31.28 72.66 -19.89
N ASP R 115 31.71 73.87 -19.60
CA ASP R 115 31.45 74.45 -18.29
C ASP R 115 29.95 74.60 -18.09
N PRO R 116 29.41 74.16 -16.96
CA PRO R 116 27.98 74.39 -16.69
C PRO R 116 27.64 75.85 -16.45
N ILE R 117 28.44 76.52 -15.61
CA ILE R 117 28.12 77.88 -15.21
C ILE R 117 28.29 78.84 -16.37
N PHE R 118 29.43 78.78 -17.05
CA PHE R 118 29.74 79.69 -18.15
C PHE R 118 29.65 78.93 -19.46
N SER R 119 28.72 79.35 -20.33
CA SER R 119 28.53 78.65 -21.59
C SER R 119 29.75 78.74 -22.49
N ASN R 120 30.39 79.91 -22.53
CA ASN R 120 31.50 80.12 -23.46
C ASN R 120 32.70 79.23 -23.12
N PHE R 121 33.02 79.08 -21.84
CA PHE R 121 34.14 78.24 -21.44
C PHE R 121 33.85 76.77 -21.73
N LYS R 122 34.85 76.08 -22.27
CA LYS R 122 34.69 74.71 -22.72
C LYS R 122 36.08 74.13 -22.98
N LEU R 123 36.27 72.88 -22.58
CA LEU R 123 37.54 72.21 -22.82
C LEU R 123 37.75 72.00 -24.32
N PRO R 124 38.91 72.38 -24.86
CA PRO R 124 39.23 72.02 -26.24
C PRO R 124 39.36 70.52 -26.38
N ALA R 125 39.06 70.03 -27.59
CA ALA R 125 38.96 68.58 -27.82
C ALA R 125 40.25 67.87 -27.41
N HIS R 126 40.10 66.77 -26.69
CA HIS R 126 41.24 66.07 -26.11
C HIS R 126 41.04 64.56 -26.24
N GLU R 127 42.16 63.85 -26.15
CA GLU R 127 42.12 62.40 -26.04
C GLU R 127 41.69 62.01 -24.62
N PRO R 128 41.13 60.82 -24.45
CA PRO R 128 40.64 60.44 -23.12
C PRO R 128 41.77 60.37 -22.10
N GLY R 129 41.50 60.91 -20.90
CA GLY R 129 42.45 60.89 -19.82
C GLY R 129 43.54 61.92 -19.89
N TYR R 130 43.57 62.75 -20.93
CA TYR R 130 44.52 63.83 -21.06
C TYR R 130 43.74 65.09 -21.39
N PRO R 131 43.09 65.71 -20.41
CA PRO R 131 42.23 66.86 -20.70
C PRO R 131 42.97 68.04 -21.33
N GLY R 132 44.05 68.50 -20.70
CA GLY R 132 44.75 69.63 -21.25
C GLY R 132 43.96 70.92 -21.06
N GLY R 133 44.36 71.95 -21.80
CA GLY R 133 43.71 73.23 -21.68
C GLY R 133 43.92 73.84 -20.33
N ILE R 134 42.83 74.12 -19.62
CA ILE R 134 42.93 74.69 -18.28
C ILE R 134 43.65 73.73 -17.35
N PHE R 135 43.55 72.43 -17.60
CA PHE R 135 44.21 71.47 -16.74
C PHE R 135 45.71 71.39 -16.99
N ALA R 136 46.17 71.88 -18.15
CA ALA R 136 47.58 71.82 -18.54
C ALA R 136 48.05 73.21 -18.95
N PRO R 137 48.31 74.09 -17.98
CA PRO R 137 48.83 75.42 -18.32
C PRO R 137 50.19 75.37 -19.01
N PHE R 138 51.20 74.82 -18.34
CA PHE R 138 52.55 74.76 -18.89
C PHE R 138 52.90 73.34 -19.30
N VAL R 139 53.53 73.21 -20.46
CA VAL R 139 53.84 71.92 -21.06
C VAL R 139 55.33 71.80 -21.35
N PRO R 140 56.15 71.33 -20.41
CA PRO R 140 57.61 71.24 -20.60
C PRO R 140 58.10 70.09 -21.48
N GLY R 141 58.01 70.28 -22.79
CA GLY R 141 58.59 69.33 -23.73
C GLY R 141 57.55 68.67 -24.61
N SER R 142 58.01 67.71 -25.40
CA SER R 142 57.13 66.98 -26.30
C SER R 142 56.12 66.17 -25.52
N LEU R 143 54.87 66.17 -26.00
CA LEU R 143 53.79 65.59 -25.21
C LEU R 143 53.92 64.08 -25.07
N GLU R 144 54.27 63.38 -26.15
CA GLU R 144 54.36 61.92 -26.07
C GLU R 144 55.49 61.48 -25.14
N GLU R 145 56.65 62.14 -25.23
CA GLU R 145 57.76 61.83 -24.34
C GLU R 145 57.38 62.09 -22.89
N LEU R 146 56.68 63.20 -22.65
CA LEU R 146 56.28 63.51 -21.28
C LEU R 146 55.20 62.56 -20.79
N LYS R 147 54.34 62.06 -21.66
CA LYS R 147 53.39 61.04 -21.26
C LYS R 147 54.11 59.77 -20.85
N VAL R 148 55.14 59.39 -21.61
CA VAL R 148 55.95 58.24 -21.22
C VAL R 148 56.62 58.48 -19.88
N LYS R 149 57.17 59.68 -19.68
CA LYS R 149 57.82 60.00 -18.41
C LYS R 149 56.83 59.92 -17.26
N GLU R 150 55.62 60.43 -17.45
CA GLU R 150 54.60 60.38 -16.42
C GLU R 150 54.22 58.94 -16.10
N ILE R 151 54.07 58.11 -17.13
CA ILE R 151 53.71 56.72 -16.89
C ILE R 151 54.80 56.00 -16.12
N LYS R 152 56.06 56.22 -16.50
CA LYS R 152 57.16 55.58 -15.78
C LYS R 152 57.17 56.00 -14.31
N ASN R 153 57.07 57.31 -14.07
CA ASN R 153 57.07 57.81 -12.69
C ASN R 153 55.87 57.27 -11.91
N GLY R 154 54.72 57.15 -12.55
CA GLY R 154 53.54 56.64 -11.87
C GLY R 154 53.64 55.17 -11.50
N ARG R 155 54.18 54.35 -12.40
CA ARG R 155 54.47 52.96 -12.05
C ARG R 155 55.35 52.92 -10.80
N LEU R 156 56.43 53.69 -10.83
CA LEU R 156 57.34 53.69 -9.69
C LEU R 156 56.64 54.20 -8.43
N ALA R 157 55.73 55.16 -8.56
CA ALA R 157 55.04 55.70 -7.39
C ALA R 157 54.09 54.69 -6.78
N MET R 158 53.37 53.92 -7.61
CA MET R 158 52.46 52.92 -7.08
C MET R 158 53.24 51.83 -6.36
N LEU R 159 54.34 51.36 -6.96
CA LEU R 159 55.16 50.39 -6.26
C LEU R 159 55.69 50.96 -4.95
N ALA R 160 56.11 52.23 -4.98
CA ALA R 160 56.64 52.86 -3.79
C ALA R 160 55.59 53.02 -2.70
N PHE R 161 54.34 53.32 -3.06
CA PHE R 161 53.33 53.45 -2.03
C PHE R 161 53.00 52.11 -1.39
N ILE R 162 52.93 51.04 -2.19
CA ILE R 162 52.71 49.74 -1.57
C ILE R 162 53.87 49.38 -0.66
N GLY R 163 55.09 49.74 -1.06
CA GLY R 163 56.24 49.56 -0.18
C GLY R 163 56.14 50.37 1.10
N PHE R 164 55.67 51.62 0.98
CA PHE R 164 55.43 52.46 2.15
C PHE R 164 54.49 51.78 3.12
N THR R 165 53.37 51.30 2.62
CA THR R 165 52.39 50.68 3.50
C THR R 165 53.01 49.48 4.19
N MET R 166 53.72 48.64 3.42
CA MET R 166 54.25 47.43 3.98
C MET R 166 55.33 47.66 5.01
N ALA R 167 56.24 48.59 4.74
CA ALA R 167 57.24 48.92 5.70
C ALA R 167 56.59 49.48 6.96
N ALA R 168 55.55 50.30 6.80
CA ALA R 168 54.83 50.78 7.95
C ALA R 168 54.20 49.65 8.74
N GLN R 169 53.73 48.60 8.06
CA GLN R 169 53.15 47.47 8.78
C GLN R 169 54.22 46.71 9.55
N VAL R 170 55.33 46.37 8.91
CA VAL R 170 56.30 45.48 9.52
C VAL R 170 57.35 46.23 10.34
N THR R 171 57.70 47.45 9.94
CA THR R 171 58.72 48.22 10.64
C THR R 171 58.12 49.28 11.56
N GLY R 172 56.95 49.80 11.24
CA GLY R 172 56.24 50.70 12.13
C GLY R 172 56.68 52.14 12.09
N LYS R 173 57.66 52.50 11.26
CA LYS R 173 58.12 53.86 11.15
C LYS R 173 57.99 54.33 9.71
N ASN R 174 58.15 55.64 9.53
CA ASN R 174 57.92 56.27 8.25
C ASN R 174 59.01 55.89 7.25
N PRO R 175 58.73 56.07 5.95
CA PRO R 175 59.66 55.58 4.91
C PRO R 175 61.13 55.94 5.07
N LEU R 176 61.45 57.23 5.20
CA LEU R 176 62.86 57.59 5.33
C LEU R 176 63.46 57.07 6.64
N ALA R 177 62.64 56.96 7.68
CA ALA R 177 63.11 56.33 8.90
C ALA R 177 63.48 54.87 8.65
N ALA R 178 62.65 54.16 7.89
CA ALA R 178 62.97 52.78 7.55
C ALA R 178 64.21 52.68 6.67
N LEU R 179 64.40 53.65 5.77
CA LEU R 179 65.61 53.65 4.95
C LEU R 179 66.85 53.87 5.82
N ARG R 180 66.77 54.78 6.79
CA ARG R 180 67.88 54.98 7.71
C ARG R 180 68.12 53.74 8.57
N GLU R 181 67.04 53.01 8.90
CA GLU R 181 67.19 51.77 9.66
C GLU R 181 67.83 50.68 8.82
N HIS R 182 67.56 50.65 7.52
CA HIS R 182 68.18 49.67 6.64
C HIS R 182 69.62 50.03 6.31
N LEU R 183 69.95 51.33 6.31
CA LEU R 183 71.27 51.76 5.88
C LEU R 183 72.32 51.60 6.97
N ASP R 184 71.95 51.60 8.24
CA ASP R 184 72.94 51.37 9.28
C ASP R 184 73.36 49.91 9.35
N ASN R 185 72.52 49.00 8.86
CA ASN R 185 72.83 47.57 8.84
C ASN R 185 72.12 46.93 7.68
N PRO R 186 72.68 47.03 6.47
CA PRO R 186 72.01 46.42 5.31
C PRO R 186 71.84 44.92 5.46
N LEU R 187 72.81 44.24 6.07
CA LEU R 187 72.71 42.82 6.36
C LEU R 187 72.02 42.66 7.71
N GLY R 188 70.70 42.57 7.69
CA GLY R 188 69.97 42.39 8.93
C GLY R 188 68.63 43.08 8.97
N THR R 189 68.43 44.04 8.08
CA THR R 189 67.15 44.72 7.97
C THR R 189 66.30 44.20 6.83
N THR R 190 66.89 43.45 5.90
CA THR R 190 66.14 42.93 4.77
C THR R 190 65.09 41.95 5.24
N ILE R 191 64.03 41.83 4.46
CA ILE R 191 62.91 40.96 4.83
C ILE R 191 63.39 39.51 4.96
N PHE R 192 64.46 39.16 4.26
CA PHE R 192 65.02 37.82 4.40
C PHE R 192 65.55 37.59 5.81
N SER R 193 66.03 38.64 6.47
CA SER R 193 66.47 38.53 7.86
C SER R 193 65.29 38.50 8.82
N LYS R 194 64.25 39.31 8.54
CA LYS R 194 63.17 39.47 9.50
C LYS R 194 62.23 38.28 9.49
N ALA R 195 62.03 37.65 8.33
CA ALA R 195 61.05 36.59 8.18
C ALA R 195 61.65 35.48 7.33
N VAL R 196 61.19 34.25 7.57
CA VAL R 196 61.70 33.06 6.90
C VAL R 196 60.84 31.86 7.28
N VAL R 197 60.63 30.95 6.33
CA VAL R 197 59.87 29.73 6.58
C VAL R 197 60.68 28.53 6.12
N VAL R 198 60.62 27.46 6.90
CA VAL R 198 61.22 26.18 6.54
C VAL R 198 60.26 25.07 6.95
N PRO R 199 60.37 23.89 6.34
CA PRO R 199 59.51 22.78 6.78
C PRO R 199 59.78 22.40 8.23
N GLY R 200 58.91 22.83 9.12
CA GLY R 200 59.05 22.59 10.55
C GLY R 200 59.13 23.84 11.40
N GLN R 201 59.24 25.02 10.79
CA GLN R 201 59.32 26.26 11.54
C GLN R 201 58.97 27.42 10.62
N ALA R 202 58.32 28.43 11.20
CA ALA R 202 57.99 29.65 10.48
C ALA R 202 58.25 30.82 11.41
N VAL R 203 59.11 31.73 10.99
CA VAL R 203 59.41 32.95 11.73
C VAL R 203 58.81 34.13 10.99
N VAL R 204 57.85 34.79 11.61
CA VAL R 204 57.17 35.92 10.96
C VAL R 204 57.37 37.17 11.82
N PRO R 205 57.46 38.35 11.22
CA PRO R 205 57.66 39.55 12.01
C PRO R 205 56.36 40.03 12.63
N PRO R 206 56.42 40.58 13.84
CA PRO R 206 55.21 41.13 14.45
C PRO R 206 54.76 42.40 13.76
N CYS R 207 53.47 42.71 13.92
CA CYS R 207 52.89 43.91 13.35
C CYS R 207 52.99 45.06 14.35
N ALA R 208 53.69 46.12 13.96
CA ALA R 208 53.86 47.26 14.86
C ALA R 208 52.57 48.04 15.05
N ILE R 209 51.75 48.12 14.01
CA ILE R 209 50.45 48.78 14.12
C ILE R 209 49.51 47.90 14.93
N PRO R 210 48.89 48.41 15.99
CA PRO R 210 48.11 47.55 16.89
C PRO R 210 46.84 47.02 16.23
N ASP R 211 46.19 46.09 16.94
CA ASP R 211 44.99 45.44 16.41
C ASP R 211 43.85 46.43 16.22
N THR R 212 43.69 47.37 17.14
CA THR R 212 42.61 48.35 17.06
C THR R 212 43.14 49.72 17.42
N ILE R 213 42.34 50.74 17.10
CA ILE R 213 42.66 52.14 17.38
C ILE R 213 41.43 52.81 17.95
N GLU R 214 41.65 53.94 18.62
CA GLU R 214 40.58 54.70 19.26
C GLU R 214 40.43 56.04 18.55
N PHE R 215 39.19 56.38 18.17
CA PHE R 215 38.92 57.62 17.46
C PHE R 215 37.56 58.15 17.90
N GLN R 216 37.56 59.19 18.72
CA GLN R 216 36.34 59.89 19.13
C GLN R 216 35.30 58.92 19.67
N GLY R 217 35.75 57.89 20.37
CA GLY R 217 34.85 56.92 20.95
C GLY R 217 34.84 55.58 20.22
N ILE R 218 34.59 55.59 18.92
CA ILE R 218 34.50 54.34 18.18
C ILE R 218 35.90 53.83 17.87
N THR R 219 35.98 52.54 17.56
CA THR R 219 37.24 51.87 17.23
C THR R 219 37.21 51.45 15.76
N ILE R 220 38.28 51.76 15.05
CA ILE R 220 38.40 51.45 13.63
C ILE R 220 39.25 50.19 13.50
N PRO R 221 38.69 49.08 12.97
CA PRO R 221 39.48 47.84 12.88
C PRO R 221 40.68 47.98 11.97
N ALA R 222 41.72 48.66 12.46
CA ALA R 222 42.95 48.89 11.70
C ALA R 222 44.02 47.96 12.22
N GLY R 223 44.22 46.84 11.53
CA GLY R 223 45.16 45.84 11.98
C GLY R 223 46.47 45.87 11.22
N CYS R 224 46.64 44.94 10.28
CA CYS R 224 47.87 44.83 9.52
C CYS R 224 47.62 44.05 8.24
N PHE R 225 46.72 44.56 7.40
CA PHE R 225 46.34 43.90 6.16
C PHE R 225 45.87 42.49 6.46
N LEU R 226 46.78 41.52 6.31
CA LEU R 226 46.49 40.12 6.59
C LEU R 226 47.71 39.53 7.28
N HIS R 227 47.67 39.50 8.61
CA HIS R 227 48.70 38.81 9.35
C HIS R 227 48.56 37.31 9.12
N SER R 228 49.51 36.55 9.67
CA SER R 228 49.59 35.10 9.54
C SER R 228 49.93 34.67 8.12
N LEU R 229 49.50 35.43 7.11
CA LEU R 229 49.91 35.16 5.74
C LEU R 229 51.26 35.77 5.41
N TRP R 230 51.85 36.53 6.31
CA TRP R 230 53.19 37.04 6.10
C TRP R 230 54.19 35.88 6.14
N PRO R 231 55.27 35.98 5.36
CA PRO R 231 56.31 34.94 5.45
C PRO R 231 57.01 35.00 6.80
N VAL S 1 43.15 9.77 -29.91
CA VAL S 1 42.36 10.99 -29.86
C VAL S 1 42.91 11.89 -28.75
N ARG S 2 42.25 11.88 -27.60
CA ARG S 2 42.67 12.68 -26.46
C ARG S 2 43.19 11.77 -25.35
N GLU S 3 43.52 12.40 -24.22
CA GLU S 3 43.97 11.67 -23.05
C GLU S 3 42.80 11.06 -22.31
N LEU S 4 42.97 9.81 -21.89
CA LEU S 4 41.92 9.04 -21.24
C LEU S 4 42.27 8.82 -19.77
N TRP S 5 41.25 8.61 -18.95
CA TRP S 5 41.44 8.26 -17.54
C TRP S 5 42.05 6.92 -17.35
N PHE S 6 42.50 6.33 -18.43
CA PHE S 6 42.99 4.97 -18.45
C PHE S 6 43.71 4.74 -19.78
N PRO S 7 45.01 4.96 -19.86
CA PRO S 7 45.72 4.80 -21.12
C PRO S 7 45.45 3.45 -21.78
N GLY S 8 45.18 3.48 -23.09
CA GLY S 8 44.58 2.35 -23.80
C GLY S 8 43.09 2.26 -23.52
N ASN S 9 42.56 1.04 -23.54
CA ASN S 9 41.18 0.79 -23.12
C ASN S 9 40.20 1.69 -23.84
N LYS S 10 40.26 1.68 -25.10
CA LYS S 10 39.42 2.58 -25.80
C LYS S 10 37.95 2.21 -25.67
N GLU S 11 37.60 1.23 -24.83
CA GLU S 11 36.21 0.89 -24.58
C GLU S 11 35.56 1.87 -23.61
N VAL S 12 36.03 3.12 -23.67
CA VAL S 12 35.37 4.28 -23.08
C VAL S 12 33.91 4.27 -23.54
N VAL S 13 33.01 4.81 -22.72
CA VAL S 13 31.58 4.79 -23.01
C VAL S 13 31.31 5.25 -24.43
N PRO S 14 30.29 4.69 -25.10
CA PRO S 14 30.04 5.03 -26.51
C PRO S 14 29.97 6.54 -26.75
N ASP S 15 30.03 6.95 -28.01
CA ASP S 15 30.41 8.32 -28.30
C ASP S 15 29.37 9.35 -27.88
N TYR S 16 28.85 9.24 -26.67
CA TYR S 16 28.26 10.40 -26.03
C TYR S 16 29.27 11.15 -25.18
N LEU S 17 30.42 10.53 -24.91
CA LEU S 17 31.52 11.20 -24.25
C LEU S 17 32.71 11.26 -25.22
N ASP S 18 32.50 11.86 -26.38
CA ASP S 18 33.61 12.15 -27.26
C ASP S 18 34.35 13.40 -26.76
N GLY S 19 35.48 13.68 -27.39
CA GLY S 19 36.30 14.80 -26.97
C GLY S 19 35.68 16.16 -27.22
N SER S 20 34.45 16.37 -26.74
CA SER S 20 33.74 17.63 -26.94
C SER S 20 33.58 18.44 -25.66
N LEU S 21 33.24 17.80 -24.55
CA LEU S 21 33.04 18.51 -23.30
C LEU S 21 34.37 18.98 -22.73
N VAL S 22 34.32 20.06 -21.96
CA VAL S 22 35.51 20.55 -21.27
C VAL S 22 35.74 19.70 -20.02
N GLY S 23 36.96 19.19 -19.89
CA GLY S 23 37.23 18.25 -18.83
C GLY S 23 36.91 16.83 -19.18
N ASP S 24 36.83 16.51 -20.46
CA ASP S 24 36.39 15.20 -20.90
C ASP S 24 37.59 14.27 -21.05
N HIS S 25 37.63 13.21 -20.24
CA HIS S 25 38.64 12.18 -20.34
C HIS S 25 38.01 10.79 -20.40
N GLY S 26 36.73 10.71 -20.73
CA GLY S 26 36.07 9.42 -20.89
C GLY S 26 35.77 8.70 -19.59
N PHE S 27 35.61 9.44 -18.50
CA PHE S 27 35.38 8.80 -17.20
C PHE S 27 33.88 8.74 -16.95
N ASP S 28 33.28 7.63 -17.33
CA ASP S 28 31.91 7.33 -16.93
C ASP S 28 31.75 5.83 -16.76
N PRO S 29 32.54 5.17 -15.91
CA PRO S 29 32.48 3.71 -15.84
C PRO S 29 31.15 3.17 -15.37
N LEU S 30 30.31 3.98 -14.75
CA LEU S 30 29.01 3.54 -14.26
C LEU S 30 27.86 4.07 -15.10
N GLY S 31 28.15 4.77 -16.19
CA GLY S 31 27.11 5.12 -17.14
C GLY S 31 26.08 6.10 -16.64
N LEU S 32 26.41 6.92 -15.63
CA LEU S 32 25.42 7.82 -15.08
C LEU S 32 25.06 8.98 -16.02
N GLY S 33 25.82 9.24 -17.07
CA GLY S 33 25.44 10.30 -17.98
C GLY S 33 25.19 9.84 -19.41
N SER S 34 24.69 8.63 -19.64
CA SER S 34 24.60 8.11 -21.00
C SER S 34 23.61 8.89 -21.89
N SER S 35 22.38 9.08 -21.43
CA SER S 35 21.41 9.77 -22.27
C SER S 35 21.75 11.26 -22.34
N PRO S 36 21.48 11.90 -23.49
CA PRO S 36 21.91 13.29 -23.67
C PRO S 36 21.29 14.27 -22.69
N GLU S 37 20.00 14.11 -22.36
CA GLU S 37 19.37 15.02 -21.42
C GLU S 37 19.99 14.91 -20.02
N GLN S 38 20.19 13.67 -19.56
CA GLN S 38 20.89 13.46 -18.29
C GLN S 38 22.34 13.94 -18.36
N LEU S 39 22.98 13.81 -19.52
CA LEU S 39 24.35 14.30 -19.65
C LEU S 39 24.42 15.82 -19.51
N SER S 40 23.47 16.53 -20.12
CA SER S 40 23.44 17.98 -19.96
C SER S 40 23.23 18.37 -18.51
N TRP S 41 22.29 17.68 -17.85
CA TRP S 41 22.07 17.92 -16.42
C TRP S 41 23.34 17.68 -15.61
N ASN S 42 24.06 16.61 -15.93
CA ASN S 42 25.27 16.29 -15.18
C ASN S 42 26.36 17.31 -15.42
N VAL S 43 26.47 17.84 -16.64
CA VAL S 43 27.45 18.89 -16.90
C VAL S 43 27.16 20.12 -16.05
N HIS S 44 25.90 20.55 -16.02
CA HIS S 44 25.52 21.65 -15.15
C HIS S 44 25.90 21.36 -13.70
N ALA S 45 25.56 20.15 -13.24
CA ALA S 45 25.81 19.79 -11.84
C ALA S 45 27.30 19.78 -11.53
N GLU S 46 28.12 19.26 -12.44
CA GLU S 46 29.54 19.20 -12.17
C GLU S 46 30.14 20.58 -12.09
N ILE S 47 29.79 21.47 -13.02
CA ILE S 47 30.36 22.81 -12.96
C ILE S 47 29.91 23.52 -11.68
N PHE S 48 28.63 23.40 -11.33
CA PHE S 48 28.14 24.05 -10.13
C PHE S 48 28.82 23.50 -8.88
N HIS S 49 28.97 22.17 -8.80
CA HIS S 49 29.64 21.56 -7.67
C HIS S 49 31.09 22.01 -7.59
N GLY S 50 31.78 22.06 -8.72
CA GLY S 50 33.16 22.51 -8.71
C GLY S 50 33.29 23.94 -8.21
N ARG S 51 32.40 24.83 -8.67
CA ARG S 51 32.47 26.21 -8.24
C ARG S 51 32.14 26.34 -6.76
N LEU S 52 31.09 25.67 -6.30
CA LEU S 52 30.70 25.76 -4.91
C LEU S 52 31.75 25.15 -4.00
N ALA S 53 32.34 24.03 -4.40
CA ALA S 53 33.42 23.44 -3.61
C ALA S 53 34.67 24.29 -3.63
N MET S 54 34.95 24.95 -4.76
CA MET S 54 36.08 25.87 -4.80
C MET S 54 35.88 27.00 -3.79
N THR S 55 34.68 27.57 -3.77
CA THR S 55 34.36 28.62 -2.80
C THR S 55 34.48 28.10 -1.37
N GLY S 56 33.87 26.94 -1.10
CA GLY S 56 33.90 26.40 0.25
C GLY S 56 35.29 26.05 0.72
N VAL S 57 36.11 25.44 -0.15
CA VAL S 57 37.45 25.05 0.23
C VAL S 57 38.34 26.27 0.41
N ALA S 58 38.19 27.29 -0.43
CA ALA S 58 38.95 28.51 -0.22
C ALA S 58 38.57 29.16 1.10
N GLY S 59 37.28 29.20 1.42
CA GLY S 59 36.86 29.75 2.70
C GLY S 59 37.39 28.95 3.88
N ILE S 60 37.36 27.63 3.77
CA ILE S 60 37.86 26.77 4.83
C ILE S 60 39.37 26.97 5.01
N LEU S 61 40.10 27.02 3.90
CA LEU S 61 41.55 27.20 3.98
C LEU S 61 41.89 28.53 4.63
N LEU S 62 41.23 29.60 4.19
CA LEU S 62 41.57 30.90 4.75
C LEU S 62 41.16 30.99 6.22
N THR S 63 39.98 30.47 6.58
CA THR S 63 39.54 30.54 7.96
C THR S 63 40.42 29.67 8.86
N SER S 64 40.99 28.59 8.33
CA SER S 64 41.89 27.78 9.12
C SER S 64 43.30 28.37 9.17
N LEU S 65 43.67 29.19 8.20
CA LEU S 65 44.93 29.94 8.28
C LEU S 65 44.83 31.10 9.25
N LEU S 66 43.66 31.74 9.33
CA LEU S 66 43.48 32.80 10.31
C LEU S 66 43.47 32.24 11.72
N HIS S 67 42.89 31.06 11.90
CA HIS S 67 42.79 30.41 13.20
C HIS S 67 44.13 29.90 13.69
N LYS S 68 45.18 30.22 12.95
CA LYS S 68 46.53 29.84 13.31
C LYS S 68 47.40 31.03 13.63
N GLY S 69 46.97 32.23 13.26
CA GLY S 69 47.55 33.47 13.68
C GLY S 69 46.88 34.00 14.92
N GLY S 70 46.02 33.18 15.54
CA GLY S 70 45.30 33.53 16.73
C GLY S 70 44.07 34.39 16.52
N ALA S 71 43.72 34.70 15.28
CA ALA S 71 42.57 35.56 15.03
C ALA S 71 41.29 34.92 15.53
N ASP S 72 40.39 35.77 16.01
CA ASP S 72 39.14 35.29 16.60
C ASP S 72 38.22 34.72 15.52
N VAL S 73 38.64 33.61 14.95
CA VAL S 73 37.86 32.89 13.94
C VAL S 73 37.79 31.43 14.36
N PRO S 74 36.62 30.82 14.39
CA PRO S 74 36.52 29.40 14.71
C PRO S 74 36.98 28.56 13.53
N GLU S 75 37.11 27.27 13.78
CA GLU S 75 37.41 26.37 12.68
C GLU S 75 36.17 26.17 11.83
N TRP S 76 36.36 25.56 10.65
CA TRP S 76 35.25 25.42 9.73
C TRP S 76 34.17 24.50 10.28
N PHE S 77 34.54 23.48 11.03
CA PHE S 77 33.59 22.52 11.55
C PHE S 77 32.82 22.99 12.76
N GLU S 78 33.17 24.15 13.31
CA GLU S 78 32.45 24.66 14.47
C GLU S 78 32.00 26.10 14.28
N ALA S 79 32.12 26.64 13.07
CA ALA S 79 31.78 28.03 12.81
C ALA S 79 30.30 28.29 13.04
N GLY S 80 29.43 27.34 12.70
CA GLY S 80 28.02 27.56 12.87
C GLY S 80 27.64 27.71 14.34
N ARG S 81 28.06 26.76 15.16
CA ARG S 81 27.74 26.83 16.59
C ARG S 81 28.44 27.99 17.26
N VAL S 82 29.68 28.26 16.87
CA VAL S 82 30.40 29.39 17.46
C VAL S 82 29.66 30.69 17.16
N TYR S 83 29.27 30.89 15.91
CA TYR S 83 28.53 32.10 15.57
C TYR S 83 27.21 32.18 16.32
N LEU S 84 26.45 31.08 16.33
CA LEU S 84 25.17 31.08 17.04
C LEU S 84 25.35 31.44 18.51
N ASP S 85 26.45 31.00 19.12
CA ASP S 85 26.73 31.40 20.50
C ASP S 85 27.06 32.87 20.60
N ARG S 86 27.96 33.36 19.75
CA ARG S 86 28.44 34.73 19.86
C ARG S 86 27.42 35.77 19.43
N ASN S 87 26.39 35.37 18.70
CA ASN S 87 25.29 36.25 18.31
C ASN S 87 24.01 35.61 18.82
N PRO S 88 23.68 35.84 20.09
CA PRO S 88 22.52 35.14 20.68
C PRO S 88 21.18 35.67 20.23
N ASN S 89 21.11 36.85 19.63
CA ASN S 89 19.82 37.42 19.27
C ASN S 89 19.27 36.88 17.96
N VAL S 90 20.03 36.09 17.23
CA VAL S 90 19.58 35.52 15.97
C VAL S 90 18.98 34.14 16.22
N ASP S 91 17.94 33.81 15.47
CA ASP S 91 17.24 32.53 15.60
C ASP S 91 17.70 31.59 14.50
N PHE S 92 18.08 30.37 14.88
CA PHE S 92 18.53 29.38 13.91
C PHE S 92 17.51 29.20 12.80
N GLY S 93 16.24 29.04 13.17
CA GLY S 93 15.20 28.88 12.17
C GLY S 93 15.15 30.05 11.20
N ALA S 94 15.29 31.27 11.71
CA ALA S 94 15.26 32.47 10.86
C ALA S 94 16.41 32.46 9.88
N LEU S 95 17.63 32.21 10.37
CA LEU S 95 18.79 32.19 9.49
C LEU S 95 18.64 31.09 8.44
N LEU S 96 18.18 29.92 8.86
CA LEU S 96 18.01 28.81 7.94
C LEU S 96 16.92 29.11 6.91
N PHE S 97 15.88 29.82 7.32
CA PHE S 97 14.81 30.13 6.39
C PHE S 97 15.30 31.17 5.40
N SER S 98 15.93 32.24 5.90
CA SER S 98 16.43 33.29 5.03
C SER S 98 17.43 32.73 4.04
N THR S 99 18.33 31.84 4.49
CA THR S 99 19.30 31.27 3.57
C THR S 99 18.58 30.47 2.50
N ILE S 100 17.49 29.78 2.87
CA ILE S 100 16.81 28.98 1.86
C ILE S 100 15.98 29.86 0.93
N VAL S 101 15.55 31.04 1.39
CA VAL S 101 14.72 31.90 0.54
C VAL S 101 15.58 32.69 -0.42
N MET S 102 16.71 33.21 0.06
CA MET S 102 17.58 33.99 -0.83
C MET S 102 18.33 33.09 -1.77
N SER S 103 18.79 31.93 -1.29
CA SER S 103 19.37 30.97 -2.22
C SER S 103 18.33 30.52 -3.22
N GLY S 104 17.07 30.43 -2.81
CA GLY S 104 16.03 29.95 -3.69
C GLY S 104 15.78 30.88 -4.85
N PHE S 105 15.81 32.19 -4.60
CA PHE S 105 15.59 33.11 -5.72
C PHE S 105 16.59 32.86 -6.86
N VAL S 106 17.89 32.87 -6.54
CA VAL S 106 18.90 32.70 -7.59
C VAL S 106 18.88 31.28 -8.15
N GLU S 107 18.50 30.30 -7.34
CA GLU S 107 18.51 28.94 -7.84
C GLU S 107 17.31 28.66 -8.71
N PHE S 108 16.18 29.31 -8.48
CA PHE S 108 15.10 29.30 -9.46
C PHE S 108 15.50 30.01 -10.75
N LYS S 109 16.27 31.08 -10.64
CA LYS S 109 16.78 31.71 -11.86
C LYS S 109 17.62 30.72 -12.66
N ARG S 110 18.53 30.02 -11.99
CA ARG S 110 19.38 29.05 -12.68
C ARG S 110 18.56 27.87 -13.18
N LEU S 111 17.52 27.47 -12.44
CA LEU S 111 16.67 26.37 -12.87
C LEU S 111 15.95 26.71 -14.16
N ASN S 112 15.35 27.89 -14.23
CA ASN S 112 14.65 28.25 -15.45
C ASN S 112 15.60 28.63 -16.57
N ASP S 113 16.88 28.82 -16.25
CA ASP S 113 17.90 28.76 -17.29
C ASP S 113 18.04 27.36 -17.87
N ILE S 114 18.12 26.36 -16.99
CA ILE S 114 18.31 25.00 -17.48
C ILE S 114 17.09 24.52 -18.27
N ARG S 115 15.90 24.89 -17.83
CA ARG S 115 14.69 24.48 -18.57
C ARG S 115 14.65 25.12 -19.95
N ASN S 116 14.76 26.44 -20.02
CA ASN S 116 14.81 27.16 -21.29
C ASN S 116 16.09 27.97 -21.33
N PRO S 117 17.07 27.57 -22.14
CA PRO S 117 18.43 28.15 -22.03
C PRO S 117 18.50 29.67 -22.16
N GLY S 118 17.63 30.30 -22.93
CA GLY S 118 17.79 31.73 -23.11
C GLY S 118 16.73 32.58 -22.43
N SER S 119 15.85 31.95 -21.67
CA SER S 119 14.66 32.64 -21.18
C SER S 119 14.93 33.60 -20.04
N GLN S 120 16.10 33.53 -19.40
CA GLN S 120 16.35 34.31 -18.21
C GLN S 120 17.12 35.60 -18.47
N GLY S 121 17.46 35.87 -19.73
CA GLY S 121 18.10 37.12 -20.06
C GLY S 121 17.12 38.11 -20.62
N SER S 122 15.95 38.20 -20.01
CA SER S 122 14.89 39.07 -20.49
C SER S 122 14.01 39.42 -19.31
N GLY S 123 13.09 40.35 -19.54
CA GLY S 123 12.26 40.80 -18.43
C GLY S 123 13.08 41.64 -17.48
N ILE S 124 13.04 41.29 -16.20
CA ILE S 124 13.68 42.12 -15.19
C ILE S 124 15.19 42.14 -15.39
N LEU S 125 15.79 41.00 -15.63
CA LEU S 125 17.22 40.98 -15.90
C LEU S 125 17.46 41.61 -17.28
N PRO S 126 18.68 42.10 -17.55
CA PRO S 126 18.95 42.70 -18.85
C PRO S 126 18.95 41.68 -19.97
N GLU S 127 20.11 41.48 -20.58
CA GLU S 127 20.28 40.51 -21.64
C GLU S 127 21.59 39.79 -21.52
N ASP S 128 22.47 40.22 -20.62
CA ASP S 128 23.74 39.56 -20.42
C ASP S 128 23.57 38.27 -19.63
N PHE S 129 22.52 38.18 -18.82
CA PHE S 129 22.18 36.96 -18.11
C PHE S 129 21.51 35.94 -19.02
N LYS S 130 21.58 36.14 -20.34
CA LYS S 130 21.06 35.14 -21.27
C LYS S 130 21.98 33.94 -21.36
N GLY S 131 23.26 34.13 -21.14
CA GLY S 131 24.19 33.01 -21.20
C GLY S 131 24.84 32.89 -22.56
N VAL S 132 26.08 32.39 -22.56
CA VAL S 132 26.83 32.20 -23.80
C VAL S 132 26.77 30.77 -24.31
N GLY S 133 26.06 29.88 -23.62
CA GLY S 133 25.89 28.51 -24.10
C GLY S 133 27.02 27.60 -23.65
N GLY S 134 27.76 27.06 -24.62
CA GLY S 134 28.88 26.20 -24.32
C GLY S 134 28.65 24.76 -24.71
N PRO S 135 28.46 23.89 -23.71
CA PRO S 135 28.40 22.45 -23.98
C PRO S 135 27.14 22.04 -24.74
N GLN S 136 27.23 20.86 -25.38
CA GLN S 136 26.14 20.31 -26.20
C GLN S 136 25.82 21.14 -27.42
N GLY S 137 26.67 22.10 -27.78
CA GLY S 137 26.46 22.89 -28.96
C GLY S 137 25.49 24.04 -28.79
N ARG S 138 24.89 24.18 -27.61
CA ARG S 138 24.01 25.32 -27.39
C ARG S 138 24.83 26.60 -27.42
N THR S 139 24.23 27.65 -27.98
CA THR S 139 24.90 28.94 -28.09
C THR S 139 24.35 29.95 -27.09
N VAL S 140 23.56 29.51 -26.12
CA VAL S 140 22.93 30.40 -25.15
C VAL S 140 22.71 29.62 -23.87
N GLY S 141 22.76 30.32 -22.75
CA GLY S 141 22.51 29.70 -21.46
C GLY S 141 23.69 28.92 -20.92
N GLY S 142 23.41 27.79 -20.27
CA GLY S 142 24.43 26.88 -19.81
C GLY S 142 25.03 27.28 -18.49
N PRO S 143 26.01 26.50 -18.02
CA PRO S 143 26.72 26.90 -16.80
C PRO S 143 27.64 28.09 -17.00
N TYR S 144 28.01 28.39 -18.24
CA TYR S 144 28.88 29.52 -18.55
C TYR S 144 27.99 30.69 -18.94
N VAL S 145 27.90 31.69 -18.08
CA VAL S 145 27.07 32.86 -18.30
C VAL S 145 28.00 34.06 -18.42
N GLY S 146 28.21 34.53 -19.64
CA GLY S 146 29.10 35.64 -19.85
C GLY S 146 28.53 36.97 -19.40
N GLY S 147 28.55 37.96 -20.29
CA GLY S 147 28.08 39.28 -19.94
C GLY S 147 29.10 40.05 -19.14
N ARG S 148 28.70 41.25 -18.72
CA ARG S 148 29.59 42.11 -17.96
C ARG S 148 29.40 41.95 -16.46
N TYR S 149 28.55 41.01 -16.04
CA TYR S 149 28.21 40.87 -14.62
C TYR S 149 28.75 39.59 -14.00
N PHE S 150 28.65 38.44 -14.68
CA PHE S 150 29.32 37.24 -14.21
C PHE S 150 30.72 37.10 -14.79
N ASP S 151 31.05 37.85 -15.83
CA ASP S 151 32.40 37.92 -16.37
C ASP S 151 32.78 39.39 -16.52
N PRO S 152 32.86 40.13 -15.41
CA PRO S 152 33.02 41.58 -15.52
C PRO S 152 34.31 42.00 -16.19
N MET S 153 35.40 41.29 -15.94
CA MET S 153 36.71 41.69 -16.43
C MET S 153 36.99 41.15 -17.82
N GLY S 154 36.02 40.48 -18.45
CA GLY S 154 36.13 40.06 -19.84
C GLY S 154 37.24 39.08 -20.12
N LEU S 155 37.45 38.12 -19.22
CA LEU S 155 38.57 37.21 -19.37
C LEU S 155 38.27 36.03 -20.28
N CYS S 156 37.04 35.92 -20.78
CA CYS S 156 36.71 34.94 -21.80
C CYS S 156 36.05 35.54 -23.03
N ARG S 157 35.86 36.85 -23.07
CA ARG S 157 35.42 37.53 -24.27
C ARG S 157 36.64 37.91 -25.10
N GLY S 158 36.73 37.32 -26.29
CA GLY S 158 37.89 37.51 -27.13
C GLY S 158 38.88 36.39 -26.98
N SER S 159 39.51 35.97 -28.08
CA SER S 159 40.49 34.90 -28.12
C SER S 159 39.87 33.58 -27.70
N PRO S 160 39.31 32.81 -28.63
CA PRO S 160 38.70 31.52 -28.26
C PRO S 160 39.67 30.57 -27.59
N GLU S 161 40.94 30.59 -27.98
CA GLU S 161 41.93 29.75 -27.32
C GLU S 161 42.06 30.10 -25.85
N GLN S 162 42.08 31.40 -25.54
CA GLN S 162 42.16 31.83 -24.14
C GLN S 162 40.92 31.42 -23.37
N THR S 163 39.75 31.51 -24.00
CA THR S 163 38.53 31.04 -23.35
C THR S 163 38.60 29.56 -23.04
N LEU S 164 39.08 28.75 -23.98
CA LEU S 164 39.21 27.33 -23.73
C LEU S 164 40.22 27.05 -22.62
N LYS S 165 41.34 27.76 -22.62
CA LYS S 165 42.35 27.54 -21.59
C LYS S 165 41.80 27.85 -20.21
N TYR S 166 41.08 28.97 -20.09
CA TYR S 166 40.50 29.32 -18.80
C TYR S 166 39.39 28.36 -18.41
N LYS S 167 38.62 27.85 -19.38
CA LYS S 167 37.62 26.84 -19.07
C LYS S 167 38.26 25.58 -18.50
N TRP S 168 39.38 25.16 -19.10
CA TRP S 168 40.08 23.99 -18.60
C TRP S 168 40.65 24.23 -17.20
N ASN S 169 41.20 25.42 -16.97
CA ASN S 169 41.67 25.76 -15.63
C ASN S 169 40.55 25.66 -14.61
N GLU S 170 39.39 26.24 -14.95
CA GLU S 170 38.26 26.19 -14.03
C GLU S 170 37.85 24.76 -13.74
N ILE S 171 37.72 23.93 -14.77
CA ILE S 171 37.20 22.58 -14.55
C ILE S 171 38.18 21.75 -13.74
N ARG S 172 39.48 21.85 -14.04
CA ARG S 172 40.44 21.03 -13.33
C ARG S 172 40.59 21.47 -11.88
N ASN S 173 40.61 22.79 -11.64
CA ASN S 173 40.64 23.26 -10.26
C ASN S 173 39.36 22.92 -9.52
N GLY S 174 38.22 22.88 -10.20
CA GLY S 174 36.99 22.49 -9.54
C GLY S 174 36.97 21.04 -9.11
N ARG S 175 37.45 20.14 -9.99
CA ARG S 175 37.55 18.74 -9.60
C ARG S 175 38.52 18.57 -8.45
N LEU S 176 39.65 19.27 -8.50
CA LEU S 176 40.60 19.20 -7.39
C LEU S 176 40.00 19.72 -6.10
N ALA S 177 39.21 20.80 -6.16
CA ALA S 177 38.59 21.34 -4.96
C ALA S 177 37.55 20.38 -4.38
N MET S 178 36.80 19.70 -5.24
CA MET S 178 35.85 18.71 -4.74
C MET S 178 36.56 17.59 -4.00
N MET S 179 37.63 17.06 -4.61
CA MET S 179 38.42 16.03 -3.92
C MET S 179 39.00 16.57 -2.62
N ALA S 180 39.42 17.83 -2.61
CA ALA S 180 39.98 18.44 -1.42
C ALA S 180 38.96 18.56 -0.30
N PHE S 181 37.72 18.91 -0.64
CA PHE S 181 36.71 19.01 0.42
C PHE S 181 36.35 17.65 0.97
N LEU S 182 36.31 16.63 0.10
CA LEU S 182 36.15 15.28 0.62
C LEU S 182 37.27 14.94 1.59
N GLY S 183 38.50 15.34 1.24
CA GLY S 183 39.62 15.15 2.16
C GLY S 183 39.44 15.91 3.46
N PHE S 184 38.93 17.13 3.40
CA PHE S 184 38.69 17.90 4.62
C PHE S 184 37.73 17.17 5.54
N ALA S 185 36.60 16.72 5.00
CA ALA S 185 35.62 16.01 5.83
C ALA S 185 36.21 14.73 6.40
N ALA S 186 36.94 13.97 5.58
CA ALA S 186 37.51 12.71 6.06
C ALA S 186 38.56 12.95 7.14
N GLN S 187 39.43 13.93 6.94
CA GLN S 187 40.44 14.23 7.94
C GLN S 187 39.82 14.73 9.24
N TYR S 188 38.78 15.54 9.14
CA TYR S 188 38.12 16.00 10.36
C TYR S 188 37.46 14.86 11.09
N ALA S 189 36.85 13.92 10.37
CA ALA S 189 36.27 12.76 11.04
C ALA S 189 37.33 11.90 11.69
N ALA S 190 38.45 11.68 11.00
CA ALA S 190 39.46 10.74 11.48
C ALA S 190 40.37 11.32 12.55
N THR S 191 40.62 12.62 12.54
CA THR S 191 41.56 13.24 13.47
C THR S 191 40.89 14.21 14.42
N GLY S 192 40.08 15.13 13.92
CA GLY S 192 39.44 16.10 14.77
C GLY S 192 40.11 17.46 14.83
N LYS S 193 40.99 17.77 13.89
CA LYS S 193 41.63 19.06 13.81
C LYS S 193 41.26 19.73 12.49
N GLY S 194 41.81 20.92 12.26
CA GLY S 194 41.58 21.62 11.03
C GLY S 194 42.46 21.10 9.91
N PRO S 195 42.20 21.59 8.70
CA PRO S 195 43.01 21.16 7.55
C PRO S 195 44.45 21.64 7.62
N ILE S 196 44.63 22.95 7.85
CA ILE S 196 45.97 23.50 7.98
C ILE S 196 46.68 22.93 9.20
N ASP S 197 45.92 22.68 10.26
CA ASP S 197 46.50 22.02 11.43
C ASP S 197 47.07 20.66 11.06
N ASN S 198 46.31 19.88 10.29
CA ASN S 198 46.79 18.57 9.87
C ASN S 198 47.99 18.69 8.96
N LEU S 199 47.99 19.68 8.07
CA LEU S 199 49.12 19.85 7.16
C LEU S 199 50.39 20.17 7.93
N VAL S 200 50.32 21.08 8.90
CA VAL S 200 51.51 21.45 9.63
C VAL S 200 51.93 20.34 10.57
N ASP S 201 50.97 19.58 11.11
CA ASP S 201 51.33 18.40 11.88
C ASP S 201 52.09 17.39 11.04
N HIS S 202 51.67 17.21 9.78
CA HIS S 202 52.36 16.27 8.91
C HIS S 202 53.74 16.77 8.52
N VAL S 203 53.85 18.03 8.12
CA VAL S 203 55.17 18.51 7.68
C VAL S 203 56.13 18.62 8.85
N ALA S 204 55.65 18.88 10.05
CA ALA S 204 56.53 18.92 11.21
C ALA S 204 57.18 17.57 11.46
N ASP S 205 56.40 16.49 11.39
CA ASP S 205 56.94 15.14 11.49
C ASP S 205 56.25 14.30 10.43
N PRO S 206 56.88 14.12 9.28
CA PRO S 206 56.21 13.41 8.17
C PRO S 206 55.86 11.98 8.51
N PHE S 207 56.57 11.39 9.44
CA PHE S 207 56.31 10.04 9.90
C PHE S 207 55.46 10.12 11.16
N HIS S 208 54.86 9.00 11.53
CA HIS S 208 54.03 8.92 12.73
C HIS S 208 52.82 9.86 12.65
N THR S 209 52.65 10.55 11.53
CA THR S 209 51.50 11.42 11.31
C THR S 209 50.90 11.14 9.94
N THR S 210 50.79 9.86 9.59
CA THR S 210 50.10 9.43 8.39
C THR S 210 48.67 9.05 8.76
N PHE S 211 47.93 8.55 7.78
CA PHE S 211 46.57 8.10 8.05
C PHE S 211 46.52 6.82 8.87
N VAL S 212 47.61 6.05 8.89
CA VAL S 212 47.65 4.84 9.72
C VAL S 212 47.65 5.19 11.21
N HIS S 213 48.30 6.29 11.57
CA HIS S 213 48.54 6.60 12.98
C HIS S 213 47.38 7.32 13.65
N ASN S 214 46.30 7.62 12.94
CA ASN S 214 45.21 8.33 13.58
C ASN S 214 44.25 7.41 14.31
N GLY S 215 44.33 6.10 14.09
CA GLY S 215 43.56 5.13 14.83
C GLY S 215 42.14 4.94 14.35
N VAL S 216 41.71 5.66 13.32
CA VAL S 216 40.36 5.51 12.78
C VAL S 216 40.39 4.90 11.38
N SER S 217 41.37 5.27 10.57
CA SER S 217 41.48 4.70 9.22
C SER S 217 41.76 3.21 9.30
N VAL S 218 43.00 2.84 9.60
CA VAL S 218 43.33 1.45 9.92
C VAL S 218 42.75 1.19 11.31
N PRO S 219 41.56 0.58 11.40
CA PRO S 219 40.80 0.68 12.65
C PRO S 219 41.47 0.00 13.82
N PHE S 220 42.26 -1.03 13.59
CA PHE S 220 42.79 -1.84 14.68
C PHE S 220 44.09 -1.28 15.25
N ILE S 221 44.92 -0.67 14.40
CA ILE S 221 46.12 -0.02 14.89
C ILE S 221 45.71 1.23 15.64
N ALA T 1 -0.18 37.97 -24.32
CA ALA T 1 0.49 36.70 -24.59
C ALA T 1 1.96 36.76 -24.18
N THR T 2 2.65 37.82 -24.60
CA THR T 2 4.04 38.04 -24.25
C THR T 2 4.19 38.75 -22.91
N ARG T 3 3.12 38.82 -22.13
CA ARG T 3 3.11 39.55 -20.88
C ARG T 3 4.04 38.88 -19.86
N PRO T 4 4.46 39.62 -18.85
CA PRO T 4 5.22 38.99 -17.75
C PRO T 4 4.38 37.92 -17.07
N LEU T 5 5.03 36.83 -16.68
CA LEU T 5 4.36 35.71 -16.04
C LEU T 5 4.90 35.52 -14.64
N TRP T 6 4.20 34.68 -13.87
CA TRP T 6 4.61 34.44 -12.48
C TRP T 6 6.01 33.85 -12.43
N GLN T 7 6.32 32.91 -13.31
CA GLN T 7 7.69 32.41 -13.40
C GLN T 7 8.27 32.76 -14.75
N PRO T 8 9.28 33.64 -14.83
CA PRO T 8 9.93 33.94 -16.11
C PRO T 8 10.66 32.73 -16.65
N GLY T 9 10.22 32.24 -17.81
CA GLY T 9 10.77 31.05 -18.43
C GLY T 9 9.78 29.92 -18.50
N VAL T 10 8.82 29.90 -17.60
CA VAL T 10 7.74 28.92 -17.61
C VAL T 10 6.57 29.51 -18.39
N GLU T 11 6.17 28.85 -19.46
CA GLU T 11 5.10 29.36 -20.32
C GLU T 11 3.74 29.16 -19.66
N ALA T 12 2.81 30.04 -20.00
CA ALA T 12 1.49 30.00 -19.42
C ALA T 12 0.69 28.85 -20.02
N PRO T 13 -0.21 28.23 -19.24
CA PRO T 13 -1.03 27.15 -19.78
C PRO T 13 -1.94 27.66 -20.90
N LYS T 14 -2.24 26.77 -21.83
CA LYS T 14 -3.06 27.13 -23.00
C LYS T 14 -4.55 27.14 -22.65
N HIS T 15 -4.89 27.91 -21.62
CA HIS T 15 -6.28 28.12 -21.23
C HIS T 15 -6.38 29.42 -20.47
N LEU T 16 -5.25 29.85 -19.92
CA LEU T 16 -5.10 31.16 -19.29
C LEU T 16 -4.56 32.20 -20.25
N ASP T 17 -5.08 32.21 -21.48
CA ASP T 17 -4.67 33.08 -22.59
C ASP T 17 -3.98 34.37 -22.16
N GLY T 18 -4.71 35.48 -22.15
CA GLY T 18 -4.17 36.70 -21.58
C GLY T 18 -5.21 37.80 -21.48
N THR T 19 -6.48 37.41 -21.41
CA THR T 19 -7.57 38.39 -21.48
C THR T 19 -8.10 38.79 -20.12
N MET T 20 -8.09 37.88 -19.15
CA MET T 20 -8.63 38.20 -17.84
C MET T 20 -7.72 39.19 -17.12
N PRO T 21 -8.27 40.15 -16.39
CA PRO T 21 -7.43 41.05 -15.59
C PRO T 21 -6.73 40.27 -14.48
N GLY T 22 -5.48 40.63 -14.23
CA GLY T 22 -4.69 39.91 -13.25
C GLY T 22 -4.12 38.61 -13.72
N ASP T 23 -4.06 38.40 -15.04
CA ASP T 23 -3.60 37.13 -15.61
C ASP T 23 -2.08 37.14 -15.68
N PHE T 24 -1.44 36.33 -14.84
CA PHE T 24 0.01 36.18 -14.89
C PHE T 24 0.41 34.77 -15.26
N GLY T 25 -0.52 33.96 -15.77
CA GLY T 25 -0.19 32.59 -16.09
C GLY T 25 0.02 31.71 -14.89
N PHE T 26 -0.49 32.09 -13.73
CA PHE T 26 -0.29 31.31 -12.52
C PHE T 26 -1.45 30.34 -12.37
N ASP T 27 -1.14 29.05 -12.50
CA ASP T 27 -2.13 28.00 -12.29
C ASP T 27 -1.42 26.66 -12.20
N PRO T 28 -0.55 26.43 -11.21
CA PRO T 28 0.15 25.14 -11.14
C PRO T 28 -0.76 23.95 -10.92
N LEU T 29 -1.91 24.13 -10.25
CA LEU T 29 -2.81 23.03 -9.97
C LEU T 29 -3.82 22.79 -11.09
N ASN T 30 -3.81 23.60 -12.15
CA ASN T 30 -4.67 23.38 -13.31
C ASN T 30 -6.15 23.38 -12.92
N LEU T 31 -6.51 24.23 -11.96
CA LEU T 31 -7.89 24.27 -11.50
C LEU T 31 -8.82 24.92 -12.50
N GLY T 32 -8.30 25.74 -13.42
CA GLY T 32 -9.16 26.48 -14.32
C GLY T 32 -9.13 26.02 -15.77
N VAL T 33 -8.95 24.72 -15.99
CA VAL T 33 -8.95 24.21 -17.37
C VAL T 33 -10.34 24.31 -17.99
N ASN T 34 -11.38 24.04 -17.21
CA ASN T 34 -12.75 24.18 -17.70
C ASN T 34 -13.12 25.66 -17.79
N LYS T 35 -13.70 26.06 -18.92
CA LYS T 35 -14.00 27.47 -19.13
C LYS T 35 -15.07 27.97 -18.18
N GLU T 36 -16.14 27.19 -17.99
CA GLU T 36 -17.21 27.60 -17.10
C GLU T 36 -16.71 27.68 -15.66
N ALA T 37 -15.93 26.68 -15.25
CA ALA T 37 -15.31 26.73 -13.93
C ALA T 37 -14.38 27.93 -13.81
N LEU T 38 -13.71 28.30 -14.91
CA LEU T 38 -12.83 29.45 -14.87
C LEU T 38 -13.62 30.74 -14.66
N ASN T 39 -14.78 30.85 -15.29
CA ASN T 39 -15.62 32.03 -15.06
C ASN T 39 -16.11 32.07 -13.62
N TRP T 40 -16.54 30.94 -13.09
CA TRP T 40 -16.99 30.90 -11.69
C TRP T 40 -15.85 31.24 -10.73
N TYR T 41 -14.64 30.75 -11.01
CA TYR T 41 -13.48 31.10 -10.19
C TYR T 41 -13.13 32.57 -10.30
N ARG T 42 -13.27 33.16 -11.49
CA ARG T 42 -13.01 34.57 -11.65
C ARG T 42 -13.94 35.38 -10.79
N ASN T 43 -15.20 35.00 -10.81
CA ASN T 43 -16.22 35.69 -10.05
C ASN T 43 -16.00 35.51 -8.55
N ALA T 44 -15.59 34.30 -8.15
CA ALA T 44 -15.24 34.02 -6.76
C ALA T 44 -14.05 34.83 -6.30
N GLU T 45 -13.04 34.95 -7.14
CA GLU T 45 -11.86 35.75 -6.80
C GLU T 45 -12.26 37.20 -6.63
N LEU T 46 -13.13 37.70 -7.49
CA LEU T 46 -13.59 39.08 -7.34
C LEU T 46 -14.28 39.27 -6.00
N GLN T 47 -15.17 38.35 -5.63
CA GLN T 47 -15.89 38.49 -4.38
C GLN T 47 -14.97 38.39 -3.18
N ASN T 48 -14.07 37.40 -3.19
CA ASN T 48 -13.11 37.26 -2.10
C ASN T 48 -12.22 38.48 -2.00
N GLY T 49 -11.75 38.98 -3.14
CA GLY T 49 -10.87 40.13 -3.13
C GLY T 49 -11.54 41.39 -2.61
N ARG T 50 -12.79 41.61 -3.01
CA ARG T 50 -13.48 42.80 -2.56
C ARG T 50 -13.80 42.72 -1.07
N TRP T 51 -14.27 41.57 -0.60
CA TRP T 51 -14.55 41.44 0.82
C TRP T 51 -13.26 41.51 1.63
N ALA T 52 -12.16 40.97 1.11
CA ALA T 52 -10.90 41.05 1.83
C ALA T 52 -10.35 42.46 1.85
N MET T 53 -10.51 43.22 0.76
CA MET T 53 -10.10 44.62 0.83
C MET T 53 -10.91 45.38 1.87
N LEU T 54 -12.23 45.19 1.89
CA LEU T 54 -13.03 45.84 2.93
C LEU T 54 -12.59 45.42 4.32
N GLY T 55 -12.39 44.11 4.53
CA GLY T 55 -12.05 43.63 5.85
C GLY T 55 -10.68 44.09 6.32
N VAL T 56 -9.68 44.03 5.43
CA VAL T 56 -8.35 44.44 5.82
C VAL T 56 -8.31 45.94 6.07
N ALA T 57 -9.08 46.72 5.32
CA ALA T 57 -9.21 48.13 5.66
C ALA T 57 -9.79 48.29 7.06
N GLY T 58 -10.93 47.64 7.31
CA GLY T 58 -11.57 47.77 8.61
C GLY T 58 -10.80 47.16 9.75
N ILE T 59 -9.71 46.47 9.45
CA ILE T 59 -8.79 45.94 10.45
C ILE T 59 -7.61 46.88 10.68
N VAL T 60 -6.90 47.28 9.63
CA VAL T 60 -5.67 48.05 9.85
C VAL T 60 -6.00 49.51 10.12
N ILE T 61 -6.92 50.11 9.37
CA ILE T 61 -7.17 51.55 9.54
C ILE T 61 -7.64 51.86 10.95
N PRO T 62 -8.65 51.17 11.50
CA PRO T 62 -8.96 51.38 12.93
C PRO T 62 -7.80 51.04 13.83
N ALA T 63 -7.00 50.02 13.51
CA ALA T 63 -5.88 49.66 14.36
C ALA T 63 -4.81 50.74 14.36
N GLU T 64 -4.43 51.23 13.18
CA GLU T 64 -3.41 52.26 13.12
C GLU T 64 -3.91 53.57 13.70
N LEU T 65 -5.20 53.85 13.52
CA LEU T 65 -5.77 55.07 14.08
C LEU T 65 -5.86 54.99 15.59
N THR T 66 -6.13 53.80 16.13
CA THR T 66 -6.06 53.59 17.57
C THR T 66 -4.64 53.77 18.07
N ARG T 67 -3.65 53.27 17.33
CA ARG T 67 -2.27 53.35 17.78
C ARG T 67 -1.83 54.79 17.99
N VAL T 68 -2.11 55.65 17.02
CA VAL T 68 -1.65 57.03 17.12
C VAL T 68 -2.40 57.75 18.23
N GLY T 69 -3.66 57.40 18.48
CA GLY T 69 -4.38 57.93 19.61
C GLY T 69 -5.83 58.32 19.38
N VAL T 70 -6.40 57.91 18.25
CA VAL T 70 -7.75 58.31 17.89
C VAL T 70 -8.63 57.07 17.86
N LEU T 71 -9.90 57.25 18.25
CA LEU T 71 -10.96 56.25 18.09
C LEU T 71 -10.82 55.06 19.06
N ASN T 72 -9.59 54.77 19.50
CA ASN T 72 -9.28 53.77 20.52
C ASN T 72 -10.19 52.54 20.49
N VAL T 73 -10.43 52.00 19.31
CA VAL T 73 -11.25 50.80 19.14
C VAL T 73 -10.44 49.57 19.51
N PRO T 74 -11.08 48.46 19.88
CA PRO T 74 -10.32 47.26 20.27
C PRO T 74 -9.57 46.66 19.10
N GLU T 75 -8.84 45.57 19.36
CA GLU T 75 -8.15 44.86 18.30
C GLU T 75 -9.12 43.88 17.67
N TRP T 76 -8.91 43.61 16.38
CA TRP T 76 -9.96 43.05 15.55
C TRP T 76 -10.49 41.73 16.10
N ALA T 77 -9.62 40.93 16.72
CA ALA T 77 -10.05 39.61 17.18
C ALA T 77 -11.06 39.72 18.31
N GLU T 78 -10.82 40.61 19.27
CA GLU T 78 -11.72 40.74 20.41
C GLU T 78 -12.85 41.72 20.16
N ALA T 79 -12.91 42.34 18.98
CA ALA T 79 -13.94 43.33 18.71
C ALA T 79 -15.33 42.71 18.72
N GLY T 80 -15.42 41.41 18.43
CA GLY T 80 -16.71 40.74 18.50
C GLY T 80 -17.23 40.66 19.92
N LYS T 81 -16.36 40.34 20.88
CA LYS T 81 -16.79 40.24 22.26
C LYS T 81 -17.00 41.62 22.87
N VAL T 82 -16.21 42.61 22.46
CA VAL T 82 -16.33 43.95 23.02
C VAL T 82 -17.73 44.51 22.79
N TYR T 83 -18.25 44.34 21.57
CA TYR T 83 -19.63 44.74 21.33
C TYR T 83 -20.60 43.79 22.02
N ALA T 84 -20.30 42.49 22.03
CA ALA T 84 -21.26 41.50 22.51
C ALA T 84 -21.62 41.73 23.96
N GLU T 85 -20.70 42.27 24.75
CA GLU T 85 -20.93 42.51 26.16
C GLU T 85 -21.61 43.85 26.43
N SER T 86 -21.81 44.68 25.41
CA SER T 86 -22.47 45.97 25.60
C SER T 86 -23.89 45.76 26.11
N GLU T 87 -24.47 46.83 26.65
CA GLU T 87 -25.79 46.74 27.27
C GLU T 87 -26.88 46.42 26.27
N ASN T 88 -27.21 47.37 25.40
CA ASN T 88 -28.26 47.18 24.39
C ASN T 88 -27.77 46.41 23.17
N ALA T 89 -26.92 45.40 23.37
CA ALA T 89 -26.38 44.64 22.25
C ALA T 89 -27.42 43.65 21.73
N ILE T 90 -27.52 43.59 20.40
CA ILE T 90 -28.34 42.56 19.76
C ILE T 90 -27.76 41.19 20.07
N PRO T 91 -28.56 40.18 20.39
CA PRO T 91 -28.02 38.82 20.59
C PRO T 91 -27.32 38.34 19.34
N PHE T 92 -26.30 37.50 19.53
CA PHE T 92 -25.53 37.02 18.40
C PHE T 92 -26.41 36.29 17.39
N ALA T 93 -27.25 35.38 17.86
CA ALA T 93 -28.05 34.58 16.92
C ALA T 93 -28.96 35.45 16.08
N SER T 94 -29.67 36.38 16.72
CA SER T 94 -30.57 37.27 15.99
C SER T 94 -29.80 38.17 15.04
N LEU T 95 -28.65 38.68 15.49
CA LEU T 95 -27.82 39.53 14.64
C LEU T 95 -27.33 38.77 13.40
N LEU T 96 -26.86 37.55 13.59
CA LEU T 96 -26.37 36.73 12.49
C LEU T 96 -27.51 36.42 11.53
N MET T 97 -28.70 36.16 12.06
CA MET T 97 -29.83 35.88 11.19
C MET T 97 -30.30 37.09 10.42
N VAL T 98 -30.24 38.27 11.02
CA VAL T 98 -30.55 39.48 10.27
C VAL T 98 -29.57 39.64 9.11
N GLN T 99 -28.29 39.49 9.41
CA GLN T 99 -27.26 39.64 8.38
C GLN T 99 -27.46 38.61 7.27
N LEU T 100 -27.73 37.36 7.62
CA LEU T 100 -27.88 36.32 6.62
C LEU T 100 -29.15 36.51 5.81
N PHE T 101 -30.22 37.03 6.43
CA PHE T 101 -31.45 37.29 5.70
C PHE T 101 -31.28 38.40 4.67
N LEU T 102 -30.54 39.45 5.01
CA LEU T 102 -30.29 40.49 4.01
C LEU T 102 -29.39 39.97 2.89
N PHE T 103 -28.31 39.29 3.27
CA PHE T 103 -27.38 38.81 2.28
C PHE T 103 -27.99 37.73 1.41
N ASN T 104 -29.01 37.03 1.88
CA ASN T 104 -29.70 36.08 1.03
C ASN T 104 -30.24 36.77 -0.22
N PHE T 105 -31.02 37.83 -0.01
CA PHE T 105 -31.57 38.59 -1.13
C PHE T 105 -30.46 39.10 -2.04
N VAL T 106 -29.48 39.80 -1.45
CA VAL T 106 -28.46 40.44 -2.29
C VAL T 106 -27.66 39.42 -3.08
N GLU T 107 -27.26 38.33 -2.42
CA GLU T 107 -26.37 37.37 -3.06
C GLU T 107 -27.11 36.49 -4.06
N ILE T 108 -28.40 36.22 -3.85
CA ILE T 108 -29.12 35.51 -4.90
C ILE T 108 -29.30 36.39 -6.12
N LYS T 109 -29.46 37.71 -5.92
CA LYS T 109 -29.46 38.61 -7.08
C LYS T 109 -28.16 38.53 -7.85
N ARG T 110 -27.03 38.65 -7.13
CA ARG T 110 -25.74 38.56 -7.82
C ARG T 110 -25.55 37.21 -8.49
N TRP T 111 -26.07 36.14 -7.88
CA TRP T 111 -25.99 34.82 -8.48
C TRP T 111 -26.71 34.77 -9.81
N GLU T 112 -27.97 35.22 -9.82
CA GLU T 112 -28.71 35.21 -11.07
C GLU T 112 -28.06 36.09 -12.12
N ASP T 113 -27.29 37.10 -11.69
CA ASP T 113 -26.38 37.75 -12.63
C ASP T 113 -25.39 36.75 -13.22
N ILE T 114 -24.70 36.00 -12.35
CA ILE T 114 -23.54 35.22 -12.81
C ILE T 114 -23.95 34.23 -13.90
N LYS T 115 -25.14 33.66 -13.80
CA LYS T 115 -25.62 32.71 -14.80
C LYS T 115 -25.75 33.36 -16.17
N LYS T 116 -26.79 34.14 -16.36
CA LYS T 116 -26.97 34.90 -17.59
C LYS T 116 -26.73 36.37 -17.28
N PRO T 117 -25.63 36.96 -17.75
CA PRO T 117 -25.24 38.29 -17.25
C PRO T 117 -26.17 39.44 -17.63
N GLY T 118 -27.42 39.15 -17.97
CA GLY T 118 -28.40 40.18 -18.15
C GLY T 118 -29.71 39.81 -17.50
N SER T 119 -29.63 38.83 -16.60
CA SER T 119 -30.84 38.19 -16.07
C SER T 119 -31.72 39.17 -15.31
N GLN T 120 -31.12 39.97 -14.43
CA GLN T 120 -31.88 40.78 -13.49
C GLN T 120 -32.35 42.09 -14.09
N ALA T 121 -32.09 42.34 -15.36
CA ALA T 121 -32.50 43.58 -16.00
C ALA T 121 -33.84 43.46 -16.70
N GLU T 122 -34.51 42.32 -16.60
CA GLU T 122 -35.76 42.16 -17.31
C GLU T 122 -36.77 43.16 -16.73
N PRO T 123 -37.58 43.81 -17.58
CA PRO T 123 -38.58 44.73 -17.05
C PRO T 123 -39.63 43.99 -16.23
N GLY T 124 -40.13 44.68 -15.21
CA GLY T 124 -41.11 44.11 -14.30
C GLY T 124 -40.51 43.43 -13.08
N SER T 125 -39.18 43.29 -13.02
CA SER T 125 -38.53 42.67 -11.88
C SER T 125 -38.74 43.50 -10.62
N PHE T 126 -38.02 44.61 -10.50
CA PHE T 126 -38.16 45.50 -9.35
C PHE T 126 -39.20 46.57 -9.69
N LEU T 127 -39.22 47.65 -8.91
CA LEU T 127 -40.21 48.70 -9.08
C LEU T 127 -39.60 49.87 -9.84
N GLY T 128 -39.20 49.58 -11.09
CA GLY T 128 -38.54 50.56 -11.92
C GLY T 128 -37.04 50.60 -11.77
N PHE T 129 -36.50 49.98 -10.73
CA PHE T 129 -35.05 49.98 -10.51
C PHE T 129 -34.32 48.90 -11.29
N GLU T 130 -35.04 48.06 -12.03
CA GLU T 130 -34.40 46.92 -12.69
C GLU T 130 -33.43 47.34 -13.77
N SER T 131 -33.52 48.58 -14.26
CA SER T 131 -32.62 49.03 -15.31
C SER T 131 -31.18 49.14 -14.83
N GLY T 132 -30.97 49.45 -13.56
CA GLY T 132 -29.62 49.57 -13.05
C GLY T 132 -28.86 48.28 -12.91
N PHE T 133 -29.51 47.15 -13.19
CA PHE T 133 -28.91 45.83 -13.06
C PHE T 133 -28.52 45.23 -14.41
N LYS T 134 -28.46 46.04 -15.47
CA LYS T 134 -28.24 45.52 -16.80
C LYS T 134 -26.90 44.82 -16.94
N GLY T 135 -25.94 45.10 -16.07
CA GLY T 135 -24.61 44.54 -16.20
C GLY T 135 -23.80 45.27 -17.25
N THR T 136 -22.55 44.84 -17.39
CA THR T 136 -21.63 45.43 -18.34
C THR T 136 -20.98 44.38 -19.24
N GLY T 137 -21.67 43.26 -19.45
CA GLY T 137 -21.19 42.21 -20.32
C GLY T 137 -20.24 41.23 -19.66
N ILE T 138 -19.71 41.55 -18.49
CA ILE T 138 -18.84 40.66 -17.74
C ILE T 138 -19.39 40.54 -16.34
N SER T 139 -19.43 39.31 -15.83
CA SER T 139 -19.90 39.10 -14.47
C SER T 139 -18.89 39.64 -13.47
N GLY T 140 -19.40 40.18 -12.37
CA GLY T 140 -18.57 40.76 -11.34
C GLY T 140 -18.31 42.25 -11.49
N TYR T 141 -18.73 42.86 -12.58
CA TYR T 141 -18.55 44.29 -12.83
C TYR T 141 -19.90 44.88 -13.20
N PRO T 142 -20.75 45.14 -12.21
CA PRO T 142 -22.12 45.59 -12.52
C PRO T 142 -22.19 46.97 -13.16
N GLY T 143 -21.51 47.96 -12.59
CA GLY T 143 -21.71 49.33 -13.03
C GLY T 143 -23.08 49.87 -12.66
N GLY T 144 -23.57 50.78 -13.48
CA GLY T 144 -24.90 51.35 -13.28
C GLY T 144 -24.97 52.14 -11.99
N ALA T 145 -25.91 51.75 -11.11
CA ALA T 145 -25.97 52.34 -9.79
C ALA T 145 -24.69 52.11 -9.03
N PHE T 146 -24.05 50.98 -9.28
CA PHE T 146 -22.72 50.71 -8.76
C PHE T 146 -21.76 51.56 -9.57
N ASN T 147 -20.58 51.84 -9.03
CA ASN T 147 -19.69 52.78 -9.72
C ASN T 147 -20.40 54.10 -9.98
N PRO T 148 -20.72 54.88 -8.94
CA PRO T 148 -21.42 56.16 -9.18
C PRO T 148 -20.56 57.19 -9.88
N PHE T 149 -19.24 57.19 -9.65
CA PHE T 149 -18.38 58.22 -10.18
C PHE T 149 -17.97 57.98 -11.62
N GLY T 150 -18.34 56.84 -12.19
CA GLY T 150 -17.98 56.54 -13.56
C GLY T 150 -16.50 56.47 -13.79
N LEU T 151 -15.77 55.80 -12.91
CA LEU T 151 -14.33 55.71 -13.04
C LEU T 151 -13.97 54.61 -14.03
N GLY T 152 -13.12 54.94 -15.01
CA GLY T 152 -12.87 54.04 -16.11
C GLY T 152 -13.99 53.96 -17.11
N ASN T 153 -15.07 54.69 -16.91
CA ASN T 153 -16.23 54.68 -17.79
C ASN T 153 -15.96 55.54 -19.02
N SER T 154 -14.82 55.34 -19.66
CA SER T 154 -14.39 56.22 -20.74
C SER T 154 -13.69 55.46 -21.86
N SER T 155 -12.44 55.07 -21.63
CA SER T 155 -11.55 54.66 -22.70
C SER T 155 -11.36 53.16 -22.85
N LYS T 156 -12.20 52.34 -22.22
CA LYS T 156 -12.11 50.88 -22.33
C LYS T 156 -10.78 50.37 -21.81
N GLU T 157 -9.68 50.72 -22.49
CA GLU T 157 -8.37 50.39 -21.94
C GLU T 157 -8.13 51.07 -20.61
N ALA T 158 -8.80 52.19 -20.35
CA ALA T 158 -8.78 52.77 -19.02
C ALA T 158 -9.46 51.86 -18.01
N MET T 159 -10.62 51.31 -18.39
CA MET T 159 -11.30 50.36 -17.52
C MET T 159 -10.48 49.10 -17.35
N ASP T 160 -9.75 48.68 -18.39
CA ASP T 160 -8.89 47.52 -18.28
C ASP T 160 -7.76 47.77 -17.30
N ASP T 161 -7.22 48.99 -17.29
CA ASP T 161 -6.14 49.33 -16.37
C ASP T 161 -6.63 49.31 -14.93
N LEU T 162 -7.75 49.98 -14.66
CA LEU T 162 -8.29 49.98 -13.30
C LEU T 162 -8.65 48.57 -12.86
N LYS T 163 -9.02 47.70 -13.79
CA LYS T 163 -9.31 46.32 -13.42
C LYS T 163 -8.08 45.62 -12.91
N TRP T 164 -6.93 45.84 -13.54
CA TRP T 164 -5.69 45.25 -13.05
C TRP T 164 -5.29 45.85 -11.70
N ARG T 165 -5.48 47.16 -11.53
CA ARG T 165 -5.18 47.75 -10.23
C ARG T 165 -6.07 47.13 -9.14
N GLU T 166 -7.36 47.02 -9.41
CA GLU T 166 -8.28 46.43 -8.45
C GLU T 166 -7.89 45.00 -8.11
N ILE T 167 -7.59 44.19 -9.11
CA ILE T 167 -7.32 42.79 -8.85
C ILE T 167 -6.00 42.62 -8.11
N ARG T 168 -4.99 43.43 -8.45
CA ARG T 168 -3.74 43.33 -7.71
C ARG T 168 -3.91 43.73 -6.26
N ASN T 169 -4.65 44.81 -6.01
CA ASN T 169 -4.87 45.23 -4.64
C ASN T 169 -5.68 44.20 -3.87
N GLY T 170 -6.67 43.59 -4.53
CA GLY T 170 -7.45 42.55 -3.88
C GLY T 170 -6.62 41.32 -3.53
N ARG T 171 -5.74 40.91 -4.43
CA ARG T 171 -4.87 39.78 -4.13
C ARG T 171 -3.97 40.10 -2.96
N LEU T 172 -3.42 41.32 -2.92
CA LEU T 172 -2.63 41.74 -1.77
C LEU T 172 -3.45 41.71 -0.49
N ALA T 173 -4.70 42.17 -0.56
CA ALA T 173 -5.53 42.23 0.64
C ALA T 173 -5.85 40.84 1.16
N MET T 174 -6.16 39.89 0.28
CA MET T 174 -6.41 38.53 0.74
C MET T 174 -5.17 37.89 1.33
N VAL T 175 -4.01 38.09 0.71
CA VAL T 175 -2.78 37.57 1.32
C VAL T 175 -2.58 38.19 2.70
N ALA T 176 -2.84 39.49 2.83
CA ALA T 176 -2.66 40.16 4.11
C ALA T 176 -3.66 39.66 5.15
N PHE T 177 -4.89 39.35 4.73
CA PHE T 177 -5.87 38.85 5.70
C PHE T 177 -5.52 37.46 6.18
N LEU T 178 -5.04 36.61 5.28
CA LEU T 178 -4.51 35.32 5.73
C LEU T 178 -3.37 35.55 6.71
N GLY T 179 -2.53 36.54 6.44
CA GLY T 179 -1.48 36.89 7.39
C GLY T 179 -2.01 37.31 8.74
N PHE T 180 -3.05 38.14 8.76
CA PHE T 180 -3.62 38.58 10.03
C PHE T 180 -4.16 37.40 10.81
N LEU T 181 -4.88 36.51 10.14
CA LEU T 181 -5.47 35.36 10.82
C LEU T 181 -4.38 34.46 11.40
N SER T 182 -3.37 34.14 10.59
CA SER T 182 -2.30 33.26 11.06
C SER T 182 -1.44 33.93 12.14
N GLN T 183 -1.30 35.25 12.10
CA GLN T 183 -0.50 35.94 13.10
C GLN T 183 -1.23 36.02 14.42
N HIS T 184 -2.54 36.28 14.40
CA HIS T 184 -3.26 36.35 15.66
C HIS T 184 -3.43 34.98 16.27
N ALA T 185 -3.55 33.93 15.44
CA ALA T 185 -3.59 32.59 16.00
C ALA T 185 -2.28 32.25 16.71
N ALA T 186 -1.15 32.69 16.16
CA ALA T 186 0.15 32.39 16.76
C ALA T 186 0.49 33.34 17.89
N THR T 187 0.71 34.61 17.57
CA THR T 187 1.04 35.63 18.56
C THR T 187 -0.22 36.42 18.86
N GLY T 188 -0.70 36.33 20.09
CA GLY T 188 -1.95 36.97 20.46
C GLY T 188 -1.89 38.48 20.49
N LYS T 189 -1.16 39.08 19.56
CA LYS T 189 -1.03 40.52 19.43
C LYS T 189 -1.64 40.98 18.12
N GLY T 190 -1.75 42.29 17.97
CA GLY T 190 -2.35 42.85 16.78
C GLY T 190 -1.39 42.90 15.62
N PRO T 191 -1.92 43.32 14.47
CA PRO T 191 -1.06 43.42 13.28
C PRO T 191 0.05 44.45 13.43
N LEU T 192 -0.30 45.66 13.87
CA LEU T 192 0.74 46.67 14.08
C LEU T 192 1.63 46.31 15.24
N ASP T 193 1.11 45.60 16.23
CA ASP T 193 1.96 45.10 17.31
C ASP T 193 3.04 44.19 16.76
N ASN T 194 2.65 43.24 15.90
CA ASN T 194 3.62 42.36 15.28
C ASN T 194 4.59 43.14 14.39
N LEU T 195 4.10 44.13 13.66
CA LEU T 195 4.97 44.92 12.81
C LEU T 195 6.02 45.65 13.62
N ALA T 196 5.60 46.40 14.64
CA ALA T 196 6.55 47.12 15.48
C ALA T 196 7.41 46.19 16.29
N ASP T 197 6.99 44.95 16.49
CA ASP T 197 7.80 43.97 17.19
C ASP T 197 8.91 43.42 16.32
N HIS T 198 8.59 43.11 15.06
CA HIS T 198 9.59 42.53 14.16
C HIS T 198 10.70 43.51 13.86
N LEU T 199 10.36 44.77 13.61
CA LEU T 199 11.37 45.79 13.36
C LEU T 199 12.31 45.98 14.54
N ALA T 200 11.86 45.66 15.75
CA ALA T 200 12.74 45.76 16.91
C ALA T 200 13.90 44.77 16.80
N ASP T 201 13.60 43.51 16.53
CA ASP T 201 14.62 42.46 16.45
C ASP T 201 14.25 41.49 15.34
N PRO T 202 14.54 41.83 14.09
CA PRO T 202 14.13 40.96 12.97
C PRO T 202 14.70 39.56 13.02
N TRP T 203 15.91 39.37 13.55
CA TRP T 203 16.46 38.03 13.63
C TRP T 203 15.97 37.26 14.84
N GLY T 204 15.41 37.95 15.84
CA GLY T 204 14.94 37.28 17.03
C GLY T 204 13.44 37.10 17.04
N ALA T 205 12.70 38.13 16.63
CA ALA T 205 11.25 38.09 16.63
C ALA T 205 10.79 37.90 15.20
N ASN T 206 10.40 36.67 14.89
CA ASN T 206 9.86 36.34 13.58
C ASN T 206 8.94 35.14 13.77
N PHE T 207 8.76 34.38 12.70
CA PHE T 207 7.87 33.23 12.70
C PHE T 207 8.56 31.97 13.21
N CYS T 208 9.88 31.96 13.32
CA CYS T 208 10.61 30.80 13.82
C CYS T 208 10.93 30.95 15.30
N SER T 209 10.26 31.88 15.97
CA SER T 209 10.46 32.15 17.39
C SER T 209 9.18 32.14 18.20
N ASN T 210 8.01 32.21 17.55
CA ASN T 210 6.77 32.20 18.29
C ASN T 210 6.44 30.81 18.81
N GLY T 211 7.09 29.78 18.27
CA GLY T 211 6.90 28.44 18.76
C GLY T 211 5.64 27.75 18.30
N VAL T 212 4.75 28.45 17.62
CA VAL T 212 3.52 27.87 17.11
C VAL T 212 3.66 27.52 15.64
N SER T 213 4.44 28.31 14.91
CA SER T 213 4.64 28.02 13.50
C SER T 213 5.44 26.73 13.35
N ILE T 214 6.69 26.74 13.77
CA ILE T 214 7.51 25.53 13.71
C ILE T 214 7.12 24.66 14.90
N PRO T 215 6.74 23.41 14.66
CA PRO T 215 6.31 22.53 15.75
C PRO T 215 7.37 22.30 16.81
N SER T 216 7.00 22.56 18.07
CA SER T 216 7.89 22.34 19.21
C SER T 216 8.38 20.90 19.33
N ALA T 217 7.66 19.95 18.76
CA ALA T 217 8.02 18.55 18.89
C ALA T 217 9.30 18.29 18.14
N LEU T 218 9.38 18.86 16.95
CA LEU T 218 10.52 18.71 16.06
C LEU T 218 11.78 19.25 16.71
N GLY T 219 11.71 20.46 17.24
CA GLY T 219 12.82 21.11 17.91
C GLY T 219 12.77 20.88 19.41
MG CL0 U . -7.64 -22.81 16.93
CHA CL0 U . -4.67 -24.05 15.52
CHB CL0 U . -8.93 -22.81 13.75
CHC CL0 U . -10.53 -21.85 18.31
CHD CL0 U . -6.14 -22.94 20.16
NA CL0 U . -6.91 -23.37 14.86
C1A CL0 U . -5.75 -23.79 14.53
C2A CL0 U . -5.56 -23.92 13.05
C3A CL0 U . -6.90 -23.46 12.54
C4A CL0 U . -7.65 -23.21 13.79
CMA CL0 U . -6.79 -22.24 11.67
CAA CL0 U . -5.48 -25.38 12.63
CBA CL0 U . -5.48 -25.54 11.12
CGA CL0 U . -5.96 -26.93 10.76
O1A CL0 U . -7.11 -27.29 10.85
O2A CL0 U . -5.18 -27.90 10.33
NB CL0 U . -9.47 -22.40 16.12
C1B CL0 U . -9.84 -22.45 14.84
C2B CL0 U . -11.27 -22.07 14.64
C3B CL0 U . -11.69 -21.78 16.00
C4B CL0 U . -10.52 -22.02 16.85
CMB CL0 U . -12.05 -22.01 13.37
CAB CL0 U . -12.99 -21.36 16.55
CBB CL0 U . -13.83 -20.62 15.85
NC CL0 U . -8.26 -22.51 18.95
C1C CL0 U . -9.45 -22.05 19.28
C2C CL0 U . -9.66 -21.75 20.71
C3C CL0 U . -8.36 -22.11 21.25
C4C CL0 U . -7.56 -22.56 20.08
CMC CL0 U . -10.89 -21.24 21.39
CAC CL0 U . -7.91 -22.03 22.67
CBC CL0 U . -7.54 -20.59 22.91
ND CL0 U . -5.88 -23.36 17.78
C1D CL0 U . -5.34 -23.36 19.00
C2D CL0 U . -3.93 -23.78 19.03
C3D CL0 U . -3.72 -24.05 17.61
C4D CL0 U . -4.85 -23.80 16.97
CMD CL0 U . -2.85 -23.97 20.06
CAD CL0 U . -2.67 -24.50 16.67
OBD CL0 U . -1.59 -25.09 17.01
CBD CL0 U . -3.26 -24.55 15.31
CGD CL0 U . -3.25 -25.98 14.90
O1D CL0 U . -4.17 -26.71 15.20
O2D CL0 U . -2.16 -26.52 14.13
CED CL0 U . -2.43 -27.41 13.06
C1 CL0 U . -5.37 -29.43 10.78
C2 CL0 U . -6.05 -29.84 12.06
C3 CL0 U . -5.48 -30.68 12.93
C4 CL0 U . -4.10 -31.23 12.66
C5 CL0 U . -6.21 -31.06 14.20
C6 CL0 U . -5.21 -31.22 15.34
C7 CL0 U . -5.92 -31.22 16.68
C8 CL0 U . -6.46 -32.59 17.03
C9 CL0 U . -7.50 -32.51 18.14
C10 CL0 U . -5.31 -33.50 17.44
C11 CL0 U . -5.64 -34.96 17.13
C12 CL0 U . -4.35 -35.72 16.88
C13 CL0 U . -4.57 -37.21 17.06
C14 CL0 U . -3.25 -37.95 16.96
C15 CL0 U . -5.56 -37.70 16.00
C16 CL0 U . -4.88 -37.88 14.66
C17 CL0 U . -5.78 -37.45 13.50
C18 CL0 U . -4.95 -37.11 12.28
C19 CL0 U . -5.14 -38.13 11.19
C20 CL0 U . -5.32 -35.72 11.77
MG CLA V . -13.91 -15.38 9.70
CHA CLA V . -11.85 -16.75 12.09
CHB CLA V . -12.98 -12.22 10.66
CHC CLA V . -15.88 -14.18 7.33
CHD CLA V . -14.92 -18.62 8.80
NA CLA V . -12.55 -14.55 11.22
C1A CLA V . -11.84 -15.24 12.09
C2A CLA V . -11.06 -14.37 13.03
C3A CLA V . -11.47 -12.97 12.55
C4A CLA V . -12.39 -13.24 11.42
CMA CLA V . -11.92 -11.97 13.59
CAA CLA V . -9.57 -14.55 12.82
CBA CLA V . -8.79 -14.15 14.06
CGA CLA V . -8.23 -12.78 13.83
O1A CLA V . -7.62 -12.54 12.81
O2A CLA V . -8.41 -11.83 14.73
NB CLA V . -14.36 -13.50 9.10
C1B CLA V . -13.86 -12.33 9.58
C2B CLA V . -14.40 -11.23 8.83
C3B CLA V . -15.23 -11.79 7.91
C4B CLA V . -15.18 -13.23 8.07
CMB CLA V . -14.10 -9.78 9.05
CAB CLA V . -16.02 -11.10 6.86
CBB CLA V . -15.35 -10.12 5.92
NC CLA V . -15.08 -16.27 8.19
C1C CLA V . -15.89 -15.59 7.40
C2C CLA V . -16.78 -16.47 6.60
C3C CLA V . -16.43 -17.73 6.99
C4C CLA V . -15.39 -17.59 7.99
CMC CLA V . -17.81 -16.05 5.60
CAC CLA V . -17.02 -19.02 6.50
CBC CLA V . -18.19 -19.39 7.39
ND CLA V . -13.61 -17.24 10.28
C1D CLA V . -13.94 -18.46 9.80
C2D CLA V . -13.17 -19.52 10.43
C3D CLA V . -12.36 -18.83 11.33
C4D CLA V . -12.64 -17.48 11.23
CMD CLA V . -13.17 -21.01 10.23
CAD CLA V . -11.32 -19.03 12.30
OBD CLA V . -10.42 -19.81 12.10
CBD CLA V . -11.02 -17.71 12.92
CGD CLA V . -11.40 -17.69 14.37
O1D CLA V . -12.53 -17.95 14.72
O2D CLA V . -10.49 -17.43 15.29
CED CLA V . -10.55 -18.27 16.44
C1 CLA V . -7.53 -10.68 14.67
C2 CLA V . -6.04 -10.83 14.82
C3 CLA V . -5.22 -9.80 14.63
C4 CLA V . -5.79 -8.47 14.31
C5 CLA V . -3.73 -9.89 14.76
C6 CLA V . -3.06 -8.96 13.76
C7 CLA V . -1.80 -9.64 13.23
C8 CLA V . -0.92 -8.71 12.40
C9 CLA V . 0.51 -8.75 12.90
C10 CLA V . -1.47 -7.30 12.39
C11 CLA V . -0.74 -6.45 11.35
C12 CLA V . -0.77 -7.12 9.98
C13 CLA V . 0.34 -6.58 9.08
C14 CLA V . 0.04 -5.16 8.64
C15 CLA V . 0.50 -7.50 7.88
C16 CLA V . 1.80 -7.21 7.14
C17 CLA V . 2.59 -8.49 6.93
C18 CLA V . 3.79 -8.24 6.01
C19 CLA V . 4.60 -7.05 6.49
C20 CLA V . 4.65 -9.48 5.89
MG CLA W . -15.40 -13.89 1.84
CHA CLA W . -16.80 -11.51 -0.23
CHB CLA W . -13.43 -11.49 3.32
CHC CLA W . -14.28 -16.20 3.92
CHD CLA W . -17.33 -16.32 0.23
NA CLA W . -15.13 -11.71 1.60
C1A CLA W . -15.74 -10.95 0.70
C2A CLA W . -15.28 -9.54 0.77
C3A CLA W . -14.20 -9.60 1.83
C4A CLA W . -14.25 -10.99 2.31
CMA CLA W . -12.84 -9.13 1.36
CAA CLA W . -16.41 -8.73 1.38
CBA CLA W . -16.12 -7.24 1.45
CGA CLA W . -15.47 -6.84 2.75
O1A CLA W . -15.91 -7.30 3.78
O2A CLA W . -14.46 -5.99 2.72
NB CLA W . -14.09 -13.85 3.39
C1B CLA W . -13.36 -12.79 3.84
C2B CLA W . -12.49 -13.20 4.89
C3B CLA W . -12.72 -14.53 5.07
C4B CLA W . -13.73 -14.93 4.09
CMB CLA W . -11.55 -12.28 5.60
CAB CLA W . -12.10 -15.46 6.03
CBB CLA W . -11.59 -15.00 7.38
NC CLA W . -15.80 -15.91 2.10
C1C CLA W . -15.17 -16.70 2.96
C2C CLA W . -15.53 -18.12 2.78
C3C CLA W . -16.43 -18.11 1.75
C4C CLA W . -16.58 -16.74 1.33
CMC CLA W . -15.04 -19.29 3.56
CAC CLA W . -17.11 -19.28 1.12
CBC CLA W . -16.36 -19.63 -0.13
ND CLA W . -16.75 -14.00 0.41
C1D CLA W . -17.43 -14.99 -0.20
C2D CLA W . -18.24 -14.51 -1.31
C3D CLA W . -17.98 -13.15 -1.31
C4D CLA W . -17.08 -12.86 -0.28
CMD CLA W . -19.16 -15.17 -2.29
CAD CLA W . -18.31 -11.91 -1.99
OBD CLA W . -19.28 -11.78 -2.71
CBD CLA W . -17.70 -10.80 -1.21
CGD CLA W . -16.97 -9.88 -2.11
O1D CLA W . -16.37 -10.32 -3.06
O2D CLA W . -16.96 -8.58 -1.86
CED CLA W . -17.44 -7.72 -2.89
C1 CLA W . -13.36 -6.08 3.69
C2 CLA W . -11.99 -6.54 3.27
C3 CLA W . -11.28 -7.37 4.03
C4 CLA W . -11.80 -7.86 5.34
C5 CLA W . -9.91 -7.87 3.63
C6 CLA W . -8.88 -7.38 4.62
C7 CLA W . -7.96 -6.36 3.98
C8 CLA W . -6.51 -6.84 4.00
C9 CLA W . -6.25 -7.76 5.18
C10 CLA W . -5.60 -5.62 4.03
C11 CLA W . -4.29 -5.89 3.32
C12 CLA W . -3.14 -5.76 4.29
C13 CLA W . -1.86 -6.26 3.62
C14 CLA W . -1.43 -5.26 2.55
C15 CLA W . -2.11 -7.65 3.04
C16 CLA W . -1.01 -8.07 2.08
C17 CLA W . 0.24 -8.44 2.84
C18 CLA W . 0.96 -9.63 2.21
C19 CLA W . 0.90 -9.56 0.69
C20 CLA W . 2.40 -9.72 2.69
MG CLA X . 14.04 -13.99 -10.12
CHA CLA X . 14.52 -13.13 -13.44
CHB CLA X . 17.25 -15.14 -9.92
CHC CLA X . 13.49 -14.69 -6.97
CHD CLA X . 10.74 -12.83 -10.40
NA CLA X . 15.72 -14.13 -11.53
C1A CLA X . 15.73 -13.75 -12.80
C2A CLA X . 17.04 -13.99 -13.45
C3A CLA X . 17.86 -14.64 -12.32
C4A CLA X . 16.91 -14.64 -11.18
CMA CLA X . 18.64 -15.91 -12.56
CAA CLA X . 17.65 -12.65 -13.82
CBA CLA X . 18.31 -12.04 -12.59
CGA CLA X . 19.02 -10.78 -12.96
O1A CLA X . 19.68 -10.78 -13.95
O2A CLA X . 18.97 -9.73 -12.18
NB CLA X . 15.20 -14.80 -8.66
C1B CLA X . 16.47 -15.21 -8.75
C2B CLA X . 16.93 -15.73 -7.49
C3B CLA X . 15.86 -15.59 -6.66
C4B CLA X . 14.77 -15.00 -7.42
CMB CLA X . 18.31 -16.27 -7.25
CAB CLA X . 15.71 -15.96 -5.23
CBB CLA X . 16.78 -16.67 -4.42
NC CLA X . 12.36 -13.78 -8.90
C1C CLA X . 12.37 -14.15 -7.63
C2C CLA X . 11.08 -13.94 -6.97
C3C CLA X . 10.27 -13.43 -7.94
C4C CLA X . 11.09 -13.33 -9.15
CMC CLA X . 10.72 -14.25 -5.55
CAC CLA X . 8.83 -13.09 -7.62
CBC CLA X . 7.97 -12.61 -8.75
ND CLA X . 12.86 -13.18 -11.47
C1D CLA X . 11.57 -12.75 -11.53
C2D CLA X . 11.19 -12.26 -12.83
C3D CLA X . 12.35 -12.41 -13.56
C4D CLA X . 13.33 -12.95 -12.75
CMD CLA X . 9.92 -11.70 -13.41
CAD CLA X . 12.89 -12.20 -14.88
OBD CLA X . 12.33 -11.64 -15.79
CBD CLA X . 14.34 -12.57 -14.84
CGD CLA X . 14.63 -13.61 -15.88
O1D CLA X . 15.67 -13.59 -16.51
O2D CLA X . 13.77 -14.57 -16.14
CED CLA X . 14.37 -15.79 -16.57
C1 CLA X . 20.18 -9.21 -11.54
C2 CLA X . 20.28 -9.19 -10.04
C3 CLA X . 21.02 -8.29 -9.41
C4 CLA X . 21.78 -7.24 -10.18
C5 CLA X . 21.16 -8.23 -7.92
C6 CLA X . 20.19 -7.17 -7.37
C7 CLA X . 18.73 -7.57 -7.57
C8 CLA X . 17.89 -6.43 -8.13
C9 CLA X . 18.54 -5.79 -9.34
C10 CLA X . 17.63 -5.40 -7.04
C11 CLA X . 17.03 -4.14 -7.65
C12 CLA X . 16.05 -3.51 -6.68
C13 CLA X . 16.52 -2.12 -6.26
C14 CLA X . 17.30 -2.19 -4.94
C15 CLA X . 15.34 -1.16 -6.26
C16 CLA X . 14.16 -1.62 -5.39
C17 CLA X . 14.24 -1.13 -3.96
C18 CLA X . 13.25 -0.01 -3.67
C19 CLA X . 11.89 -0.31 -4.28
C20 CLA X . 13.12 0.20 -2.17
MG CLA Y . 17.64 -25.06 -8.37
CHA CLA Y . 19.13 -27.43 -6.37
CHB CLA Y . 18.00 -22.69 -5.91
CHC CLA Y . 16.27 -22.87 -10.40
CHD CLA Y . 17.26 -27.54 -10.86
NA CLA Y . 18.49 -25.03 -6.34
C1A CLA Y . 19.03 -26.07 -5.72
C2A CLA Y . 19.54 -25.70 -4.38
C3A CLA Y . 19.14 -24.23 -4.25
C4A CLA Y . 18.51 -23.94 -5.56
CMA CLA Y . 18.42 -23.76 -3.00
CAA CLA Y . 21.05 -25.85 -4.45
CBA CLA Y . 21.81 -24.54 -4.51
CGA CLA Y . 22.22 -24.24 -3.09
O1A CLA Y . 22.98 -23.32 -2.86
O2A CLA Y . 21.72 -25.02 -2.15
NB CLA Y . 17.21 -23.08 -8.20
C1B CLA Y . 17.40 -22.27 -7.11
C2B CLA Y . 16.92 -20.96 -7.39
C3B CLA Y . 16.43 -21.00 -8.66
C4B CLA Y . 16.62 -22.36 -9.15
CMB CLA Y . 16.94 -19.77 -6.48
CAB CLA Y . 15.82 -19.83 -9.33
CBB CLA Y . 15.79 -19.65 -10.82
NC CLA Y . 16.99 -25.17 -10.36
C1C CLA Y . 16.36 -24.17 -10.96
C2C CLA Y . 15.77 -24.57 -12.25
C3C CLA Y . 16.10 -25.89 -12.38
C4C CLA Y . 16.85 -26.25 -11.19
CMC CLA Y . 14.99 -23.71 -13.19
CAC CLA Y . 15.73 -26.80 -13.52
CBC CLA Y . 14.47 -27.52 -13.15
ND CLA Y . 18.05 -26.98 -8.66
C1D CLA Y . 17.88 -27.88 -9.65
C2D CLA Y . 18.36 -29.20 -9.30
C3D CLA Y . 18.85 -29.01 -8.01
C4D CLA Y . 18.65 -27.68 -7.64
CMD CLA Y . 18.41 -30.52 -9.99
CAD CLA Y . 19.49 -29.70 -6.92
OBD CLA Y . 19.84 -30.85 -6.92
CBD CLA Y . 19.76 -28.70 -5.84
CGD CLA Y . 19.10 -29.11 -4.57
O1D CLA Y . 19.74 -29.16 -3.53
O2D CLA Y . 17.82 -29.40 -4.51
CED CLA Y . 17.20 -28.97 -3.32
C1 CLA Y . 21.56 -24.58 -0.77
C2 CLA Y . 22.77 -24.34 0.09
C3 CLA Y . 23.25 -25.35 0.83
C4 CLA Y . 22.63 -26.71 0.81
C5 CLA Y . 24.46 -25.18 1.71
C6 CLA Y . 24.53 -23.73 2.17
C7 CLA Y . 25.62 -22.98 1.42
C8 CLA Y . 26.15 -21.84 2.27
C9 CLA Y . 26.35 -20.60 1.40
C10 CLA Y . 27.43 -22.26 2.94
C11 CLA Y . 28.17 -21.08 3.51
C12 CLA Y . 28.72 -21.38 4.90
C13 CLA Y . 30.00 -22.21 4.83
C14 CLA Y . 30.58 -22.39 6.22
C15 CLA Y . 31.00 -21.52 3.92
C16 CLA Y . 32.33 -22.25 3.95
C17 CLA Y . 33.38 -21.51 3.13
C18 CLA Y . 34.45 -22.46 2.62
C19 CLA Y . 35.60 -21.69 1.99
C20 CLA Y . 34.96 -23.37 3.74
MG CLA Z . 15.55 -20.79 -0.76
CHA CLA Z . 13.74 -19.15 -3.20
CHB CLA Z . 14.78 -23.81 -2.15
CHC CLA Z . 17.45 -22.22 1.52
CHD CLA Z . 16.29 -17.67 0.69
NA CLA Z . 14.39 -21.44 -2.51
C1A CLA Z . 13.73 -20.65 -3.35
C2A CLA Z . 12.99 -21.43 -4.39
C3A CLA Z . 13.31 -22.87 -4.00
C4A CLA Z . 14.21 -22.72 -2.84
CMA CLA Z . 12.12 -23.79 -3.81
CAA CLA Z . 13.57 -21.17 -5.77
CBA CLA Z . 12.53 -20.52 -6.66
CGA CLA Z . 11.88 -21.53 -7.57
O1A CLA Z . 12.11 -21.48 -8.75
O2A CLA Z . 11.10 -22.47 -7.06
NB CLA Z . 16.05 -22.72 -0.39
C1B CLA Z . 15.62 -23.84 -1.04
C2B CLA Z . 16.16 -25.01 -0.41
C3B CLA Z . 16.92 -24.55 0.63
C4B CLA Z . 16.84 -23.10 0.63
CMB CLA Z . 15.95 -26.44 -0.80
CAB CLA Z . 17.68 -25.35 1.59
CBB CLA Z . 19.16 -25.54 1.42
NC CLA Z . 16.75 -20.06 0.80
C1C CLA Z . 17.37 -20.83 1.67
C2C CLA Z . 17.94 -20.07 2.80
C3C CLA Z . 17.62 -18.78 2.51
C4C CLA Z . 16.88 -18.78 1.28
CMC CLA Z . 18.70 -20.63 3.97
CAC CLA Z . 17.94 -17.56 3.33
CBC CLA Z . 16.76 -17.34 4.25
ND CLA Z . 15.19 -18.88 -1.08
C1D CLA Z . 15.49 -17.70 -0.47
C2D CLA Z . 14.86 -16.57 -1.12
C3D CLA Z . 14.19 -17.15 -2.18
C4D CLA Z . 14.40 -18.52 -2.15
CMD CLA Z . 14.84 -15.08 -0.87
CAD CLA Z . 13.35 -16.83 -3.31
OBD CLA Z . 12.69 -15.82 -3.39
CBD CLA Z . 13.10 -18.09 -4.07
CGD CLA Z . 11.62 -18.26 -4.17
O1D CLA Z . 11.06 -18.11 -5.23
O2D CLA Z . 10.90 -18.53 -3.09
CED CLA Z . 9.82 -19.44 -3.28
C1 CLA Z . 9.66 -22.30 -6.99
C2 CLA Z . 8.97 -21.98 -5.69
C3 CLA Z . 7.83 -22.59 -5.36
C4 CLA Z . 7.20 -23.60 -6.25
C5 CLA Z . 7.09 -22.31 -4.08
C6 CLA Z . 7.88 -22.89 -2.90
C7 CLA Z . 6.93 -23.24 -1.75
C8 CLA Z . 7.63 -23.34 -0.40
C9 CLA Z . 7.39 -22.09 0.45
C10 CLA Z . 9.13 -23.59 -0.58
C11 CLA Z . 9.57 -24.76 0.29
C12 CLA Z . 10.51 -24.29 1.38
C13 CLA Z . 11.94 -24.35 0.90
C14 CLA Z . 12.59 -25.67 1.25
C15 CLA Z . 12.70 -23.17 1.49
C16 CLA Z . 12.12 -21.86 0.98
C17 CLA Z . 12.60 -20.69 1.82
C18 CLA Z . 12.19 -19.39 1.19
C19 CLA Z . 10.73 -19.40 0.77
C20 CLA Z . 12.45 -18.21 2.12
MG CLA AA . 20.01 -5.85 9.31
CHA CLA AA . 19.05 -3.30 11.45
CHB CLA AA . 16.87 -7.20 9.49
CHC CLA AA . 21.04 -8.19 7.30
CHD CLA AA . 23.23 -4.40 9.19
NA CLA AA . 18.14 -5.31 10.35
C1A CLA AA . 17.95 -4.28 11.15
C2A CLA AA . 16.56 -4.20 11.68
C3A CLA AA . 15.91 -5.43 11.06
C4A CLA AA . 17.01 -6.03 10.25
CMA CLA AA . 15.13 -6.35 12.00
CAA CLA AA . 15.91 -2.95 11.12
CBA CLA AA . 15.99 -2.96 9.61
CGA CLA AA . 15.48 -1.67 9.06
O1A CLA AA . 14.46 -1.19 9.52
O2A CLA AA . 16.13 -1.11 8.07
NB CLA AA . 19.09 -7.46 8.50
C1B CLA AA . 17.80 -7.87 8.68
C2B CLA AA . 17.58 -9.07 7.92
C3B CLA AA . 18.76 -9.34 7.31
C4B CLA AA . 19.71 -8.31 7.69
CMB CLA AA . 16.30 -9.85 7.84
CAB CLA AA . 19.07 -10.48 6.42
CBB CLA AA . 18.84 -11.89 6.90
NC CLA AA . 21.86 -6.22 8.39
C1C CLA AA . 22.06 -7.25 7.59
C2C CLA AA . 23.44 -7.31 7.07
C3C CLA AA . 24.05 -6.22 7.61
C4C CLA AA . 23.06 -5.55 8.44
CMC CLA AA . 24.05 -8.33 6.15
CAC CLA AA . 25.49 -5.85 7.38
CBC CLA AA . 25.61 -4.46 6.82
ND CLA AA . 20.99 -4.30 10.06
C1D CLA AA . 22.24 -3.79 9.97
C2D CLA AA . 22.40 -2.58 10.76
C3D CLA AA . 21.15 -2.41 11.33
C4D CLA AA . 20.33 -3.43 10.91
CMD CLA AA . 23.55 -1.64 11.00
CAD CLA AA . 20.41 -1.53 12.21
OBD CLA AA . 20.78 -0.44 12.59
CBD CLA AA . 19.02 -2.07 12.33
CGD CLA AA . 18.77 -2.49 13.75
O1D CLA AA . 19.45 -3.32 14.29
O2D CLA AA . 17.80 -1.92 14.45
CED CLA AA . 18.01 -1.84 15.85
C1 CLA AA . 15.61 0.09 7.44
C2 CLA AA . 14.82 0.02 6.16
C3 CLA AA . 15.33 0.56 5.04
C4 CLA AA . 14.58 0.54 3.74
C5 CLA AA . 16.67 1.24 5.02
C6 CLA AA . 17.57 0.48 4.05
C7 CLA AA . 18.79 1.33 3.70
C8 CLA AA . 20.09 0.66 4.13
C9 CLA AA . 20.91 1.64 4.97
C10 CLA AA . 20.88 0.19 2.93
C11 CLA AA . 20.33 -1.10 2.33
C12 CLA AA . 19.45 -0.85 1.11
MG CLA BA . 12.34 -11.65 13.66
CHA CLA BA . 14.94 -13.91 14.06
CHB CLA BA . 14.06 -10.03 11.19
CHC CLA BA . 9.80 -9.65 13.37
CHD CLA BA . 10.63 -13.35 16.25
NA CLA BA . 14.31 -11.92 12.71
C1A CLA BA . 15.18 -12.86 13.00
C2A CLA BA . 16.40 -12.75 12.14
C3A CLA BA . 16.12 -11.53 11.27
C4A CLA BA . 14.76 -11.12 11.73
CMA CLA BA . 17.20 -10.47 11.22
CAA CLA BA . 16.49 -14.01 11.28
CBA CLA BA . 16.32 -13.75 9.79
CGA CLA BA . 14.94 -14.13 9.32
O1A CLA BA . 13.96 -13.54 9.73
O2A CLA BA . 14.84 -15.11 8.45
NB CLA BA . 11.98 -10.05 12.46
C1B CLA BA . 12.80 -9.52 11.51
C2B CLA BA . 12.14 -8.41 10.90
C3B CLA BA . 10.93 -8.30 11.52
C4B CLA BA . 10.85 -9.35 12.51
CMB CLA BA . 12.66 -7.52 9.81
CAB CLA BA . 9.91 -7.27 11.22
CBB CLA BA . 8.44 -7.54 11.27
NC CLA BA . 10.52 -11.53 14.67
C1C CLA BA . 9.60 -10.62 14.36
C2C CLA BA . 8.37 -10.76 15.18
C3C CLA BA . 8.63 -11.82 15.99
C4C CLA BA . 9.97 -12.29 15.66
CMC CLA BA . 7.14 -9.92 15.10
CAC CLA BA . 7.68 -12.39 17.00
CBC CLA BA . 8.17 -12.13 18.41
ND CLA BA . 12.60 -13.19 14.88
C1D CLA BA . 11.91 -13.79 15.87
C2D CLA BA . 12.60 -14.92 16.44
C3D CLA BA . 13.78 -14.94 15.72
C4D CLA BA . 13.78 -13.91 14.80
CMD CLA BA . 12.27 -15.90 17.52
CAD CLA BA . 15.03 -15.67 15.61
OBD CLA BA . 15.27 -16.74 16.14
CBD CLA BA . 15.79 -15.08 14.46
CGD CLA BA . 17.15 -14.67 14.92
O1D CLA BA . 17.98 -15.51 15.22
O2D CLA BA . 17.48 -13.40 15.03
CED CLA BA . 18.83 -13.07 14.70
C1 CLA BA . 14.37 -14.81 7.11
C2 CLA BA . 12.90 -14.62 6.85
C3 CLA BA . 12.40 -14.87 5.63
C4 CLA BA . 13.26 -15.34 4.51
C5 CLA BA . 10.93 -14.69 5.33
C6 CLA BA . 10.73 -13.33 4.68
C7 CLA BA . 9.32 -13.17 4.14
C8 CLA BA . 9.17 -11.91 3.31
C9 CLA BA . 10.47 -11.48 2.64
C10 CLA BA . 8.60 -10.79 4.17
C11 CLA BA . 7.52 -10.03 3.43
C12 CLA BA . 7.43 -8.57 3.87
C13 CLA BA . 7.61 -7.62 2.70
C14 CLA BA . 8.79 -8.03 1.83
C15 CLA BA . 7.80 -6.20 3.24
C16 CLA BA . 6.99 -5.19 2.43
C17 CLA BA . 6.32 -4.17 3.34
C18 CLA BA . 6.91 -2.78 3.15
C19 CLA BA . 6.98 -2.40 1.67
C20 CLA BA . 6.12 -1.73 3.91
MG CLA CA . 6.69 -3.14 13.91
CHA CLA CA . 10.12 -3.41 13.55
CHB CLA CA . 6.70 -0.13 12.31
CHC CLA CA . 3.44 -3.05 14.31
CHD CLA CA . 6.74 -6.25 15.60
NA CLA CA . 8.25 -1.88 12.99
C1A CLA CA . 9.55 -2.14 12.94
C2A CLA CA . 10.30 -1.04 12.23
C3A CLA CA . 9.20 -0.04 11.88
C4A CLA CA . 7.98 -0.71 12.41
CMA CLA CA . 9.42 1.43 12.18
CAA CLA CA . 10.99 -1.50 10.95
CBA CLA CA . 10.54 -2.86 10.48
CGA CLA CA . 11.60 -3.40 9.55
O1A CLA CA . 12.62 -3.83 10.07
O2A CLA CA . 11.38 -3.42 8.26
NB CLA CA . 5.28 -1.80 13.38
C1B CLA CA . 5.46 -0.61 12.75
C2B CLA CA . 4.21 0.06 12.59
C3B CLA CA . 3.28 -0.78 13.16
C4B CLA CA . 3.99 -1.95 13.66
CMB CLA CA . 4.03 1.39 11.94
CAB CLA CA . 1.81 -0.63 13.31
CBB CLA CA . 1.07 0.64 13.01
NC CLA CA . 5.32 -4.46 14.80
C1C CLA CA . 4.03 -4.22 14.85
C2C CLA CA . 3.28 -5.30 15.51
C3C CLA CA . 4.22 -6.21 15.86
C4C CLA CA . 5.50 -5.68 15.42
CMC CLA CA . 1.80 -5.35 15.74
CAC CLA CA . 3.99 -7.50 16.58
CBC CLA CA . 3.83 -8.62 15.58
ND CLA CA . 7.99 -4.54 14.44
C1D CLA CA . 7.95 -5.70 15.14
C2D CLA CA . 9.26 -6.27 15.37
C3D CLA CA . 10.10 -5.36 14.73
C4D CLA CA . 9.33 -4.34 14.20
CMD CLA CA . 9.74 -7.49 16.08
CAD CLA CA . 11.48 -5.10 14.44
OBD CLA CA . 12.41 -5.85 14.71
CBD CLA CA . 11.54 -3.93 13.53
CGD CLA CA . 12.48 -2.90 14.08
O1D CLA CA . 12.11 -2.05 14.85
O2D CLA CA . 13.74 -2.87 13.68
CED CLA CA . 14.70 -2.83 14.71
C1 CLA CA . 12.20 -4.30 7.43
C2 CLA CA . 13.69 -4.10 7.33
C3 CLA CA . 14.40 -4.85 6.48
C4 CLA CA . 13.76 -5.91 5.65
C5 CLA CA . 15.88 -4.69 6.36
C6 CLA CA . 16.18 -3.69 5.24
C7 CLA CA . 16.24 -4.32 3.87
C8 CLA CA . 16.08 -3.26 2.78
C9 CLA CA . 14.64 -2.80 2.69
C10 CLA CA . 16.56 -3.80 1.46
MG CLA DA . 34.52 -20.42 -11.40
CHA CLA DA . 36.51 -20.18 -14.19
CHB CLA DA . 33.68 -23.64 -12.24
CHC CLA DA . 32.81 -20.61 -8.61
CHD CLA DA . 35.34 -17.08 -10.60
NA CLA DA . 35.04 -21.80 -13.03
C1A CLA DA . 35.83 -21.52 -14.05
C2A CLA DA . 35.94 -22.65 -14.99
C3A CLA DA . 35.03 -23.70 -14.39
C4A CLA DA . 34.55 -23.04 -13.15
CMA CLA DA . 34.04 -24.25 -15.38
CAA CLA DA . 37.36 -23.18 -14.94
CBA CLA DA . 37.55 -24.21 -13.83
CGA CLA DA . 38.94 -24.04 -13.28
O1A CLA DA . 39.89 -24.23 -14.02
O2A CLA DA . 39.10 -23.69 -12.03
NB CLA DA . 33.42 -21.91 -10.54
C1B CLA DA . 33.15 -23.14 -11.05
C2B CLA DA . 32.27 -23.84 -10.16
C3B CLA DA . 32.01 -23.00 -9.14
C4B CLA DA . 32.75 -21.76 -9.39
CMB CLA DA . 31.73 -25.23 -10.36
CAB CLA DA . 31.12 -23.31 -7.99
CBB CLA DA . 31.19 -22.61 -6.67
NC CLA DA . 34.16 -19.07 -9.84
C1C CLA DA . 33.42 -19.35 -8.80
C2C CLA DA . 33.32 -18.23 -7.86
C3C CLA DA . 34.05 -17.23 -8.42
C4C CLA DA . 34.57 -17.76 -9.67
CMC CLA DA . 32.56 -18.23 -6.57
CAC CLA DA . 34.25 -15.85 -7.85
CBC CLA DA . 35.54 -15.81 -7.06
ND CLA DA . 35.61 -18.95 -12.12
C1D CLA DA . 35.88 -17.67 -11.77
C2D CLA DA . 36.76 -17.02 -12.72
C3D CLA DA . 36.99 -18.01 -13.66
C4D CLA DA . 36.31 -19.16 -13.29
CMD CLA DA . 37.36 -15.65 -12.84
CAD CLA DA . 37.71 -18.27 -14.88
OBD CLA DA . 38.54 -17.53 -15.38
CBD CLA DA . 37.46 -19.69 -15.26
CGD CLA DA . 36.83 -19.69 -16.62
O1D CLA DA . 36.66 -18.64 -17.20
O2D CLA DA . 36.42 -20.80 -17.23
CED CLA DA . 37.16 -21.23 -18.35
C1 CLA DA . 40.43 -23.83 -11.48
C2 CLA DA . 40.80 -23.34 -10.11
C3 CLA DA . 42.07 -22.96 -9.92
C4 CLA DA . 43.06 -23.05 -11.04
C5 CLA DA . 42.59 -22.45 -8.60
C6 CLA DA . 41.48 -22.48 -7.56
C7 CLA DA . 41.85 -21.61 -6.37
C8 CLA DA . 40.66 -20.80 -5.88
C9 CLA DA . 41.12 -19.58 -5.10
C10 CLA DA . 39.79 -21.70 -5.02
C11 CLA DA . 40.50 -22.08 -3.73
C12 CLA DA . 39.57 -21.90 -2.54
C13 CLA DA . 39.17 -23.23 -1.92
C14 CLA DA . 37.88 -23.74 -2.56
C15 CLA DA . 39.00 -23.05 -0.42
C16 CLA DA . 40.25 -23.53 0.33
C17 CLA DA . 40.68 -22.53 1.38
C18 CLA DA . 42.19 -22.38 1.43
C19 CLA DA . 42.60 -21.26 2.36
C20 CLA DA . 42.86 -23.69 1.86
MG CLA EA . 21.60 -11.04 -15.60
CHA CLA EA . 19.51 -12.53 -17.92
CHB CLA EA . 21.20 -8.00 -17.10
CHC CLA EA . 23.61 -9.78 -13.32
CHD CLA EA . 22.02 -14.23 -14.09
NA CLA EA . 20.47 -10.31 -17.35
C1A CLA EA . 19.70 -11.04 -18.16
C2A CLA EA . 19.02 -10.17 -19.19
C3A CLA EA . 19.60 -8.79 -18.91
C4A CLA EA . 20.49 -9.01 -17.73
CMA CLA EA . 20.11 -7.95 -20.06
CAA CLA EA . 17.51 -10.06 -19.00
CBA CLA EA . 16.96 -10.81 -17.80
CGA CLA EA . 16.70 -9.88 -16.66
O1A CLA EA . 17.56 -9.78 -15.81
O2A CLA EA . 15.52 -9.31 -16.57
NB CLA EA . 22.31 -9.17 -15.28
C1B CLA EA . 22.06 -8.04 -15.98
C2B CLA EA . 22.76 -6.93 -15.39
C3B CLA EA . 23.43 -7.45 -14.33
C4B CLA EA . 23.14 -8.88 -14.27
CMB CLA EA . 22.76 -5.51 -15.85
CAB CLA EA . 24.32 -6.74 -13.39
CBB CLA EA . 23.76 -5.67 -12.50
NC CLA EA . 22.67 -11.89 -14.01
C1C CLA EA . 23.37 -11.15 -13.16
C2C CLA EA . 23.92 -11.94 -12.05
C3C CLA EA . 23.46 -13.20 -12.26
C4C CLA EA . 22.66 -13.15 -13.49
CMC CLA EA . 24.75 -11.42 -10.91
CAC CLA EA . 23.70 -14.39 -11.39
CBC CLA EA . 22.43 -14.71 -10.64
ND CLA EA . 21.02 -12.91 -15.86
C1D CLA EA . 21.20 -14.10 -15.23
C2D CLA EA . 20.42 -15.17 -15.83
C3D CLA EA . 19.77 -14.54 -16.88
C4D CLA EA . 20.14 -13.20 -16.89
CMD CLA EA . 20.24 -16.63 -15.53
CAD CLA EA . 18.85 -14.78 -17.97
OBD CLA EA . 18.07 -15.71 -18.00
CBD CLA EA . 18.61 -13.49 -18.67
CGD CLA EA . 19.02 -13.59 -20.10
O1D CLA EA . 20.07 -14.06 -20.46
O2D CLA EA . 18.23 -13.16 -21.07
CED CLA EA . 17.14 -14.01 -21.37
C1 CLA EA . 15.04 -8.74 -15.32
C2 CLA EA . 15.59 -9.14 -13.97
C3 CLA EA . 15.43 -8.32 -12.93
C4 CLA EA . 14.76 -7.00 -13.13
C5 CLA EA . 15.95 -8.62 -11.55
C6 CLA EA . 15.80 -10.09 -11.21
C7 CLA EA . 15.16 -10.29 -9.85
C8 CLA EA . 16.24 -10.31 -8.78
C9 CLA EA . 17.35 -11.30 -9.12
C10 CLA EA . 15.61 -10.63 -7.44
C11 CLA EA . 16.60 -11.21 -6.45
C12 CLA EA . 15.85 -12.03 -5.41
C13 CLA EA . 15.38 -11.15 -4.27
C14 CLA EA . 16.06 -11.50 -2.95
C15 CLA EA . 13.88 -11.24 -4.13
C16 CLA EA . 13.48 -12.44 -3.28
C17 CLA EA . 12.69 -12.05 -2.04
C18 CLA EA . 12.13 -10.65 -2.12
C19 CLA EA . 10.64 -10.62 -1.78
C20 CLA EA . 12.92 -9.73 -1.19
MG CLA FA . 39.59 -30.63 -10.37
CHA CLA FA . 37.92 -30.01 -13.33
CHB CLA FA . 40.94 -33.49 -11.68
CHC CLA FA . 41.22 -31.06 -7.54
CHD CLA FA . 38.18 -27.68 -9.04
NA CLA FA . 39.47 -31.66 -12.31
C1A CLA FA . 38.75 -31.27 -13.36
C2A CLA FA . 38.85 -32.24 -14.50
C3A CLA FA . 39.78 -33.32 -13.95
C4A CLA FA . 40.10 -32.82 -12.58
CMA CLA FA . 39.39 -34.77 -14.12
CAA CLA FA . 39.53 -31.56 -15.67
CBA CLA FA . 40.78 -30.83 -15.20
CGA CLA FA . 40.67 -29.39 -15.62
O1A CLA FA . 40.23 -29.13 -16.73
O2A CLA FA . 41.08 -28.43 -14.80
NB CLA FA . 40.88 -32.04 -9.72
C1B CLA FA . 41.32 -33.15 -10.37
C2B CLA FA . 42.22 -33.89 -9.54
C3B CLA FA . 42.27 -33.20 -8.37
C4B CLA FA . 41.43 -32.03 -8.50
CMB CLA FA . 42.92 -35.17 -9.90
CAB CLA FA . 43.06 -33.52 -7.14
CBB CLA FA . 44.53 -33.85 -7.22
NC CLA FA . 39.73 -29.51 -8.60
C1C CLA FA . 40.42 -29.90 -7.54
C2C CLA FA . 40.24 -29.00 -6.38
C3C CLA FA . 39.40 -28.02 -6.84
C4C CLA FA . 39.08 -28.35 -8.22
CMC CLA FA . 40.88 -29.14 -5.03
CAC CLA FA . 38.89 -26.84 -6.08
CBC CLA FA . 39.71 -25.62 -6.43
ND CLA FA . 38.41 -29.15 -10.95
C1D CLA FA . 37.86 -28.05 -10.36
C2D CLA FA . 36.92 -27.37 -11.23
C3D CLA FA . 36.96 -28.15 -12.40
C4D CLA FA . 37.85 -29.19 -12.21
CMD CLA FA . 36.07 -26.16 -11.07
CAD CLA FA . 36.40 -28.25 -13.72
OBD CLA FA . 35.35 -27.73 -14.08
CBD CLA FA . 37.05 -29.41 -14.40
CGD CLA FA . 36.01 -30.41 -14.78
O1D CLA FA . 35.70 -31.31 -14.04
O2D CLA FA . 35.38 -30.33 -15.95
CED CLA FA . 34.03 -30.74 -15.92
C1 CLA FA . 41.44 -28.70 -13.40
C2 CLA FA . 41.44 -27.59 -12.37
C3 CLA FA . 42.15 -27.69 -11.24
C4 CLA FA . 42.16 -26.59 -10.22
C5 CLA FA . 42.99 -28.90 -10.91
C6 CLA FA . 44.20 -28.49 -10.09
C7 CLA FA . 44.14 -29.06 -8.68
C8 CLA FA . 45.38 -29.88 -8.38
C9 CLA FA . 45.43 -31.11 -9.28
C10 CLA FA . 45.35 -30.31 -6.93
C11 CLA FA . 46.74 -30.19 -6.31
C12 CLA FA . 47.56 -31.45 -6.54
C13 CLA FA . 48.37 -31.82 -5.30
C14 CLA FA . 47.62 -32.84 -4.43
C15 CLA FA . 48.70 -30.56 -4.51
MG CLA GA . 30.65 -27.70 -7.96
CHA CLA GA . 27.48 -26.44 -7.49
CHB CLA GA . 31.46 -26.94 -4.70
CHC CLA GA . 33.58 -29.07 -8.44
CHD CLA GA . 29.80 -28.43 -11.29
NA CLA GA . 29.59 -26.80 -6.24
C1A CLA GA . 28.34 -26.34 -6.26
C2A CLA GA . 27.94 -25.78 -4.94
C3A CLA GA . 29.22 -25.93 -4.11
C4A CLA GA . 30.15 -26.59 -5.04
CMA CLA GA . 29.72 -24.69 -3.39
CAA CLA GA . 26.91 -26.69 -4.30
CBA CLA GA . 25.76 -25.92 -3.68
CGA CLA GA . 25.98 -25.73 -2.20
O1A CLA GA . 25.30 -24.91 -1.60
O2A CLA GA . 26.89 -26.44 -1.57
NB CLA GA . 32.27 -27.98 -6.75
C1B CLA GA . 32.44 -27.58 -5.48
C2B CLA GA . 33.76 -27.91 -5.03
C3B CLA GA . 34.37 -28.50 -6.10
C4B CLA GA . 33.39 -28.53 -7.18
CMB CLA GA . 34.29 -27.61 -3.65
CAB CLA GA . 35.73 -29.06 -6.25
CBB CLA GA . 36.66 -29.34 -5.10
NC CLA GA . 31.53 -28.66 -9.59
C1C CLA GA . 32.77 -29.10 -9.60
C2C CLA GA . 33.17 -29.62 -10.91
C3C CLA GA . 32.08 -29.46 -11.69
C4C CLA GA . 31.06 -28.84 -10.87
CMC CLA GA . 34.51 -30.20 -11.27
CAC CLA GA . 31.96 -29.81 -13.16
CBC CLA GA . 31.02 -30.95 -13.41
ND CLA GA . 29.09 -27.54 -9.16
C1D CLA GA . 28.84 -27.83 -10.46
C2D CLA GA . 27.50 -27.43 -10.84
C3D CLA GA . 26.99 -26.89 -9.68
C4D CLA GA . 27.94 -26.96 -8.68
CMD CLA GA . 26.71 -27.50 -12.12
CAD CLA GA . 25.79 -26.28 -9.14
OBD CLA GA . 24.83 -25.92 -9.77
CBD CLA GA . 26.04 -26.02 -7.69
CGD CLA GA . 25.87 -24.55 -7.43
O1D CLA GA . 25.51 -24.16 -6.34
O2D CLA GA . 26.11 -23.67 -8.39
CED CLA GA . 27.00 -22.63 -8.04
C1 CLA GA . 27.58 -25.93 -0.38
C2 CLA GA . 28.14 -24.54 -0.36
C3 CLA GA . 29.39 -24.31 0.07
C4 CLA GA . 30.26 -25.42 0.54
C5 CLA GA . 30.00 -22.93 0.12
C6 CLA GA . 31.39 -22.97 -0.52
C7 CLA GA . 31.49 -21.91 -1.61
C8 CLA GA . 32.89 -21.85 -2.21
C9 CLA GA . 33.19 -20.43 -2.68
C10 CLA GA . 33.01 -22.84 -3.35
C11 CLA GA . 33.94 -22.35 -4.45
C12 CLA GA . 34.96 -23.41 -4.83
C13 CLA GA . 35.03 -23.59 -6.33
C14 CLA GA . 34.11 -24.69 -6.80
C15 CLA GA . 36.46 -23.91 -6.72
C16 CLA GA . 36.86 -23.13 -7.97
C17 CLA GA . 36.53 -21.66 -7.80
C18 CLA GA . 37.61 -20.81 -8.47
C19 CLA GA . 37.76 -21.21 -9.94
C20 CLA GA . 37.29 -19.33 -8.32
MG CLA HA . 38.30 -21.77 11.40
CHA CLA HA . 38.12 -18.98 13.38
CHB CLA HA . 34.96 -21.49 10.61
CHC CLA HA . 38.65 -24.30 9.34
CHD CLA HA . 41.70 -22.12 12.29
NA CLA HA . 36.69 -20.37 11.93
C1A CLA HA . 36.81 -19.33 12.75
C2A CLA HA . 35.49 -18.63 12.95
C3A CLA HA . 34.53 -19.45 12.08
C4A CLA HA . 35.42 -20.50 11.50
CMA CLA HA . 33.20 -19.85 12.68
CAA CLA HA . 35.53 -17.22 12.37
CBA CLA HA . 35.91 -17.26 10.90
CGA CLA HA . 35.79 -15.91 10.24
O1A CLA HA . 34.68 -15.51 9.94
O2A CLA HA . 36.86 -15.20 9.99
NB CLA HA . 37.01 -22.73 10.16
C1B CLA HA . 35.68 -22.53 9.99
C2B CLA HA . 35.14 -23.50 9.10
C3B CLA HA . 36.19 -24.30 8.75
C4B CLA HA . 37.37 -23.79 9.43
CMB CLA HA . 33.70 -23.59 8.66
CAB CLA HA . 36.28 -25.47 7.85
CBB CLA HA . 35.29 -25.77 6.76
NC CLA HA . 39.94 -22.97 10.84
C1C CLA HA . 39.83 -24.01 10.05
C2C CLA HA . 41.04 -24.83 10.00
C3C CLA HA . 41.92 -24.19 10.82
C4C CLA HA . 41.21 -23.02 11.34
CMC CLA HA . 41.22 -26.08 9.20
CAC CLA HA . 43.32 -24.64 11.13
CBC CLA HA . 44.34 -23.68 10.59
ND CLA HA . 39.64 -20.86 12.51
C1D CLA HA . 40.96 -21.04 12.81
C2D CLA HA . 41.46 -20.04 13.73
C3D CLA HA . 40.34 -19.24 13.95
C4D CLA HA . 39.27 -19.74 13.21
CMD CLA HA . 42.78 -19.78 14.37
CAD CLA HA . 39.90 -18.07 14.66
OBD CLA HA . 40.63 -17.27 15.20
CBD CLA HA . 38.47 -17.81 14.27
CGD CLA HA . 37.58 -17.77 15.48
O1D CLA HA . 36.74 -16.91 15.58
O2D CLA HA . 37.65 -18.69 16.42
CED CLA HA . 36.39 -19.25 16.77
C1 CLA HA . 37.10 -14.64 8.65
C2 CLA HA . 37.97 -15.35 7.64
C3 CLA HA . 39.17 -14.85 7.34
C4 CLA HA . 39.67 -13.61 8.02
C5 CLA HA . 40.13 -15.48 6.35
C6 CLA HA . 39.58 -16.80 5.85
C7 CLA HA . 40.72 -17.78 5.56
C8 CLA HA . 40.73 -18.18 4.10
C9 CLA HA . 41.30 -17.06 3.23
C10 CLA HA . 39.33 -18.57 3.65
MG CLA IA . 46.31 -30.58 12.29
CHA CLA IA . 49.16 -29.70 13.97
CHB CLA IA . 46.51 -27.72 10.36
CHC CLA IA . 43.61 -31.56 10.70
CHD CLA IA . 46.13 -33.49 14.28
NA CLA IA . 47.70 -28.87 12.15
C1A CLA IA . 48.77 -28.71 12.91
C2A CLA IA . 49.47 -27.42 12.61
C3A CLA IA . 48.60 -26.81 11.51
C4A CLA IA . 47.54 -27.84 11.31
CMA CLA IA . 48.20 -25.36 11.68
CAA CLA IA . 50.85 -27.70 12.05
CBA CLA IA . 50.80 -28.61 10.84
CGA CLA IA . 51.09 -27.77 9.63
O1A CLA IA . 51.43 -26.61 9.81
O2A CLA IA . 50.97 -28.25 8.41
NB CLA IA . 45.23 -29.77 10.77
C1B CLA IA . 45.45 -28.60 10.10
C2B CLA IA . 44.43 -28.41 9.10
C3B CLA IA . 43.61 -29.51 9.21
C4B CLA IA . 44.13 -30.35 10.27
CMB CLA IA . 44.34 -27.24 8.16
CAB CLA IA . 42.40 -29.86 8.44
CBB CLA IA . 42.26 -29.56 6.97
NC CLA IA . 45.12 -32.29 12.41
C1C CLA IA . 44.02 -32.47 11.70
C2C CLA IA . 43.30 -33.70 12.05
C3C CLA IA . 44.06 -34.27 13.04
C4C CLA IA . 45.18 -33.37 13.27
CMC CLA IA . 42.04 -34.21 11.42
CAC CLA IA . 43.80 -35.55 13.78
CBC CLA IA . 44.71 -36.64 13.26
ND CLA IA . 47.30 -31.46 13.75
C1D CLA IA . 47.19 -32.59 14.48
C2D CLA IA . 48.26 -32.73 15.45
C3D CLA IA . 49.02 -31.59 15.24
C4D CLA IA . 48.45 -30.85 14.22
CMD CLA IA . 48.61 -33.76 16.50
CAD CLA IA . 50.20 -30.92 15.71
OBD CLA IA . 51.13 -31.46 16.28
CBD CLA IA . 50.31 -29.64 14.94
CGD CLA IA . 50.17 -28.47 15.86
O1D CLA IA . 50.71 -27.41 15.61
O2D CLA IA . 49.43 -28.56 16.96
CED CLA IA . 48.75 -27.36 17.31
C1 CLA IA . 49.96 -27.68 7.52
C2 CLA IA . 49.63 -28.36 6.23
C3 CLA IA . 48.76 -27.80 5.37
C4 CLA IA . 48.07 -26.50 5.66
C5 CLA IA . 48.39 -28.46 4.06
C6 CLA IA . 49.68 -28.93 3.38
C7 CLA IA . 49.86 -30.43 3.57
MG CLA JA . 43.34 -15.15 12.79
CHA CLA JA . 42.67 -12.34 14.66
CHB CLA JA . 40.03 -15.37 11.88
CHC CLA JA . 44.12 -17.78 10.98
CHD CLA JA . 46.74 -14.82 13.67
NA CLA JA . 41.51 -13.98 13.21
C1A CLA JA . 41.44 -12.90 13.98
C2A CLA JA . 40.04 -12.36 14.08
C3A CLA JA . 39.24 -13.33 13.20
C4A CLA JA . 40.30 -14.29 12.73
CMA CLA JA . 37.90 -13.85 13.67
CAA CLA JA . 39.97 -10.97 13.46
CBA CLA JA . 40.69 -10.93 12.13
CGA CLA JA . 41.79 -9.90 12.21
O1A CLA JA . 41.69 -9.02 13.05
O2A CLA JA . 42.83 -9.94 11.39
NB CLA JA . 42.25 -16.38 11.61
C1B CLA JA . 40.91 -16.33 11.37
C2B CLA JA . 40.55 -17.40 10.49
C3B CLA JA . 41.68 -18.09 10.25
C4B CLA JA . 42.77 -17.43 10.96
CMB CLA JA . 39.19 -17.72 9.98
CAB CLA JA . 41.74 -19.29 9.37
CBB CLA JA . 42.69 -20.43 9.61
NC CLA JA . 45.15 -16.09 12.34
C1C CLA JA . 45.23 -17.20 11.62
C2C CLA JA . 46.61 -17.73 11.55
C3C CLA JA . 47.34 -16.85 12.28
C4C CLA JA . 46.42 -15.84 12.78
CMC CLA JA . 47.08 -18.95 10.82
CAC CLA JA . 48.82 -16.92 12.53
CBC CLA JA . 49.54 -15.88 11.70
ND CLA JA . 44.50 -13.94 13.84
C1D CLA JA . 45.82 -13.89 14.17
C2D CLA JA . 46.09 -12.81 15.10
C3D CLA JA . 44.85 -12.22 15.27
C4D CLA JA . 43.92 -12.90 14.52
CMD CLA JA . 47.32 -12.30 15.80
CAD CLA JA . 44.22 -11.15 15.99
OBD CLA JA . 44.58 -10.82 17.10
CBD CLA JA . 42.79 -11.14 15.57
CGD CLA JA . 41.95 -11.36 16.78
O1D CLA JA . 42.09 -12.35 17.46
O2D CLA JA . 41.03 -10.46 17.13
CED CLA JA . 41.17 -9.92 18.44
C1 CLA JA . 42.84 -10.80 10.21
C2 CLA JA . 43.26 -12.25 10.26
C3 CLA JA . 43.97 -12.76 9.24
C4 CLA JA . 44.35 -11.92 8.06
C5 CLA JA . 44.43 -14.19 9.23
C6 CLA JA . 43.69 -14.97 8.15
C7 CLA JA . 44.63 -15.43 7.05
C8 CLA JA . 45.19 -16.82 7.31
C9 CLA JA . 46.49 -16.71 8.09
C10 CLA JA . 45.40 -17.56 6.00
C11 CLA JA . 44.68 -18.90 5.94
C12 CLA JA . 44.95 -19.74 7.19
C13 CLA JA . 45.59 -21.08 6.88
C14 CLA JA . 44.65 -21.99 6.10
C15 CLA JA . 45.99 -21.74 8.19
C16 CLA JA . 47.02 -22.85 7.99
C17 CLA JA . 48.05 -22.79 9.11
C18 CLA JA . 49.32 -23.57 8.80
C19 CLA JA . 49.63 -23.58 7.30
C20 CLA JA . 50.49 -22.99 9.57
MG CLA KA . 39.61 -44.29 14.14
CHA CLA KA . 39.29 -46.00 17.12
CHB CLA KA . 42.30 -42.56 15.36
CHC CLA KA . 39.88 -42.83 11.20
CHD CLA KA . 36.84 -46.10 12.90
NA CLA KA . 40.71 -44.27 16.04
C1A CLA KA . 40.43 -44.99 17.12
C2A CLA KA . 41.36 -44.71 18.24
C3A CLA KA . 42.28 -43.63 17.66
C4A CLA KA . 41.76 -43.45 16.28
CMA CLA KA . 42.58 -42.39 18.48
CAA CLA KA . 42.20 -45.95 18.55
CBA CLA KA . 43.17 -46.31 17.45
CGA CLA KA . 42.50 -47.19 16.43
O1A CLA KA . 41.82 -48.12 16.80
O2A CLA KA . 42.69 -46.93 15.14
NB CLA KA . 40.90 -42.91 13.40
C1B CLA KA . 41.93 -42.28 14.04
C2B CLA KA . 42.56 -41.34 13.16
C3B CLA KA . 41.87 -41.43 12.00
C4B CLA KA . 40.81 -42.42 12.15
CMB CLA KA . 43.73 -40.45 13.46
CAB CLA KA . 42.14 -40.64 10.78
CBB CLA KA . 42.19 -41.29 9.42
NC CLA KA . 38.57 -44.48 12.33
C1C CLA KA . 38.84 -43.78 11.24
C2C CLA KA . 37.94 -44.10 10.11
C3C CLA KA . 37.11 -45.06 10.61
C4C CLA KA . 37.51 -45.29 11.99
CMC CLA KA . 37.97 -43.52 8.72
CAC CLA KA . 36.01 -45.77 9.88
CBC CLA KA . 34.71 -45.07 10.18
ND CLA KA . 38.37 -45.72 14.73
C1D CLA KA . 37.27 -46.32 14.22
C2D CLA KA . 36.61 -47.16 15.18
C3D CLA KA . 37.41 -47.03 16.32
C4D CLA KA . 38.45 -46.16 16.02
CMD CLA KA . 35.37 -48.01 15.14
CAD CLA KA . 37.53 -47.47 17.68
OBD CLA KA . 36.80 -48.27 18.25
CBD CLA KA . 38.84 -46.97 18.20
CGD CLA KA . 38.64 -46.31 19.53
O1D CLA KA . 39.11 -46.80 20.53
O2D CLA KA . 37.93 -45.20 19.65
CED CLA KA . 38.47 -44.25 20.55
C1 CLA KA . 41.58 -46.93 14.20
C2 CLA KA . 40.99 -48.19 13.62
C3 CLA KA . 40.59 -48.24 12.34
C4 CLA KA . 40.01 -49.50 11.76
C5 CLA KA . 40.71 -47.06 11.38
C6 CLA KA . 40.59 -47.53 9.94
C7 CLA KA . 41.08 -46.47 8.96
C8 CLA KA . 41.11 -46.98 7.53
C9 CLA KA . 42.43 -46.57 6.87
C10 CLA KA . 39.93 -46.43 6.77
C11 CLA KA . 39.56 -47.27 5.55
C12 CLA KA . 38.06 -47.23 5.29
C13 CLA KA . 37.68 -47.94 3.99
C14 CLA KA . 36.17 -48.03 3.80
C15 CLA KA . 38.29 -49.34 3.98
MG CLA LA . 29.08 -40.69 13.83
CHA CLA LA . 26.28 -39.08 15.03
CHB CLA LA . 30.75 -40.02 16.75
CHC CLA LA . 31.65 -42.34 12.63
CHD CLA LA . 27.32 -41.36 10.85
NA CLA LA . 28.60 -39.67 15.71
C1A CLA LA . 27.44 -39.07 16.00
C2A CLA LA . 27.47 -38.43 17.35
C3A CLA LA . 28.90 -38.69 17.81
C4A CLA LA . 29.46 -39.51 16.72
CMA CLA LA . 29.70 -37.47 18.23
CAA CLA LA . 26.53 -39.24 18.25
CBA CLA LA . 27.20 -39.80 19.51
CGA CLA LA . 27.54 -41.27 19.38
O1A CLA LA . 28.39 -41.77 20.10
O2A CLA LA . 26.92 -42.01 18.48
NB CLA LA . 30.92 -41.13 14.57
C1B CLA LA . 31.42 -40.77 15.77
C2B CLA LA . 32.75 -41.26 15.91
C3B CLA LA . 33.03 -41.91 14.77
C4B CLA LA . 31.84 -41.82 13.90
CMB CLA LA . 33.61 -41.05 17.12
CAB CLA LA . 34.33 -42.58 14.49
CBB CLA LA . 34.51 -43.64 13.44
NC CLA LA . 29.39 -41.77 12.06
C1C CLA LA . 30.56 -42.28 11.74
C2C CLA LA . 30.58 -42.80 10.35
C3C CLA LA . 29.33 -42.55 9.88
C4C CLA LA . 28.60 -41.90 10.96
CMC CLA LA . 31.72 -43.45 9.64
CAC CLA LA . 28.79 -42.87 8.51
CBC CLA LA . 29.21 -41.78 7.55
ND CLA LA . 27.31 -40.34 13.04
C1D CLA LA . 26.67 -40.67 11.89
C2D CLA LA . 25.29 -40.20 11.88
C3D CLA LA . 25.16 -39.59 13.11
C4D CLA LA . 26.37 -39.68 13.79
CMD CLA LA . 24.17 -40.28 10.89
CAD CLA LA . 24.21 -38.89 13.93
OBD CLA LA . 23.01 -38.87 13.74
CBD CLA LA . 24.91 -38.47 15.18
CGD CLA LA . 24.97 -36.99 15.21
O1D CLA LA . 25.35 -36.38 14.23
O2D CLA LA . 24.62 -36.29 16.27
CED CLA LA . 23.55 -35.38 16.08
C1 CLA LA . 27.64 -43.11 17.85
C2 CLA LA . 27.93 -43.15 16.36
C3 CLA LA . 27.95 -44.34 15.76
C4 CLA LA . 27.68 -45.59 16.52
C5 CLA LA . 28.23 -44.48 14.29
C6 CLA LA . 29.39 -45.47 14.10
C7 CLA LA . 29.27 -46.14 12.74
C8 CLA LA . 30.53 -46.91 12.37
C9 CLA LA . 31.77 -46.25 12.93
C10 CLA LA . 30.62 -47.01 10.85
C11 CLA LA . 31.50 -48.16 10.42
C12 CLA LA . 31.07 -48.71 9.06
C13 CLA LA . 31.91 -48.11 7.93
C14 CLA LA . 31.03 -47.74 6.76
C15 CLA LA . 32.98 -49.11 7.52
MG CLA MA . 28.68 -32.07 10.38
CHA CLA MA . 28.53 -29.82 12.96
CHB CLA MA . 27.03 -34.42 12.28
CHC CLA MA . 28.78 -34.14 7.81
CHD CLA MA . 30.36 -29.67 8.42
NA CLA MA . 27.85 -32.14 12.41
C1A CLA MA . 27.91 -31.15 13.29
C2A CLA MA . 27.29 -31.53 14.59
C3A CLA MA . 26.89 -32.98 14.38
C4A CLA MA . 27.26 -33.22 12.95
CMA CLA MA . 27.31 -34.00 15.41
CAA CLA MA . 26.02 -30.70 14.68
CBA CLA MA . 24.72 -31.50 14.56
CGA CLA MA . 24.27 -31.62 13.13
O1A CLA MA . 24.89 -31.02 12.28
O2A CLA MA . 23.22 -32.37 12.86
NB CLA MA . 28.00 -33.97 10.09
C1B CLA MA . 27.35 -34.77 10.97
C2B CLA MA . 27.06 -36.03 10.36
C3B CLA MA . 27.56 -35.95 9.10
C4B CLA MA . 28.16 -34.64 8.95
CMB CLA MA . 26.33 -37.15 11.04
CAB CLA MA . 27.55 -36.94 7.99
CBB CLA MA . 27.40 -38.43 8.23
NC CLA MA . 29.39 -31.91 8.41
C1C CLA MA . 29.39 -32.90 7.54
C2C CLA MA . 30.07 -32.56 6.29
C3C CLA MA . 30.49 -31.28 6.47
C4C CLA MA . 30.06 -30.88 7.80
CMC CLA MA . 30.24 -33.46 5.10
CAC CLA MA . 31.25 -30.43 5.49
CBC CLA MA . 30.26 -29.80 4.54
ND CLA MA . 29.34 -30.23 10.54
C1D CLA MA . 29.95 -29.33 9.74
C2D CLA MA . 30.14 -28.05 10.40
C3D CLA MA . 29.58 -28.25 11.65
C4D CLA MA . 29.11 -29.55 11.74
CMD CLA MA . 30.74 -26.74 9.97
CAD CLA MA . 29.33 -27.60 12.91
OBD CLA MA . 29.41 -26.40 13.12
CBD CLA MA . 28.64 -28.57 13.81
CGD CLA MA . 29.45 -28.87 15.04
O1D CLA MA . 30.66 -28.88 15.00
O2D CLA MA . 28.84 -29.11 16.18
CED CLA MA . 29.56 -28.77 17.36
C1 CLA MA . 23.37 -33.68 12.26
C2 CLA MA . 23.35 -33.91 10.76
C3 CLA MA . 22.79 -35.02 10.26
C4 CLA MA . 22.15 -36.02 11.17
C5 CLA MA . 22.70 -35.34 8.79
C6 CLA MA . 24.08 -35.29 8.13
C7 CLA MA . 23.96 -34.96 6.65
C8 CLA MA . 25.12 -35.52 5.83
C9 CLA MA . 25.75 -34.44 4.98
C10 CLA MA . 24.61 -36.65 4.95
C11 CLA MA . 25.71 -37.68 4.69
C12 CLA MA . 25.10 -38.99 4.18
C13 CLA MA . 25.84 -40.20 4.73
C14 CLA MA . 26.71 -40.88 3.67
C15 CLA MA . 24.83 -41.19 5.29
C16 CLA MA . 24.26 -40.68 6.60
C17 CLA MA . 22.75 -40.82 6.61
C18 CLA MA . 22.17 -40.21 7.88
C19 CLA MA . 21.39 -38.95 7.57
C20 CLA MA . 21.29 -41.21 8.61
MG CLA NA . 42.89 -37.72 -6.07
CHA CLA NA . 41.69 -38.59 -9.19
CHB CLA NA . 45.53 -39.87 -6.45
CHC CLA NA . 44.00 -36.73 -3.14
CHD CLA NA . 40.13 -35.56 -5.69
NA CLA NA . 43.57 -39.09 -7.65
C1A CLA NA . 42.96 -39.31 -8.82
C2A CLA NA . 43.67 -40.34 -9.64
C3A CLA NA . 44.85 -40.73 -8.74
C4A CLA NA . 44.66 -39.86 -7.54
CMA CLA NA . 45.13 -42.20 -8.53
CAA CLA NA . 44.21 -39.65 -10.88
CBA CLA NA . 45.70 -39.36 -10.81
CGA CLA NA . 45.99 -37.98 -11.35
O1A CLA NA . 45.54 -37.00 -10.79
O2A CLA NA . 46.75 -37.87 -12.43
NB CLA NA . 44.53 -38.22 -4.96
C1B CLA NA . 45.49 -39.13 -5.26
C2B CLA NA . 46.45 -39.20 -4.19
C3B CLA NA . 46.00 -38.31 -3.26
C4B CLA NA . 44.78 -37.70 -3.76
CMB CLA NA . 47.66 -40.06 -4.11
CAB CLA NA . 46.65 -38.02 -1.96
CBB CLA NA . 45.90 -38.21 -0.66
NC CLA NA . 42.22 -36.30 -4.69
C1C CLA NA . 42.80 -36.10 -3.51
C2C CLA NA . 42.04 -35.17 -2.66
C3C CLA NA . 40.95 -34.81 -3.42
C4C CLA NA . 41.09 -35.53 -4.67
CMC CLA NA . 42.41 -34.73 -1.27
CAC CLA NA . 39.83 -33.88 -3.02
CBC CLA NA . 39.82 -32.65 -3.90
ND CLA NA . 41.29 -37.15 -7.08
C1D CLA NA . 40.27 -36.29 -6.89
C2D CLA NA . 39.37 -36.25 -8.03
C3D CLA NA . 39.93 -37.15 -8.91
C4D CLA NA . 41.09 -37.67 -8.34
CMD CLA NA . 38.12 -35.49 -8.32
CAD CLA NA . 39.76 -37.72 -10.22
OBD CLA NA . 38.78 -37.59 -10.92
CBD CLA NA . 40.82 -38.76 -10.41
CGD CLA NA . 40.11 -40.08 -10.31
O1D CLA NA . 39.01 -40.15 -9.78
O2D CLA NA . 40.63 -41.19 -10.78
CED CLA NA . 39.66 -42.05 -11.38
C1 CLA NA . 48.17 -38.10 -12.35
C2 CLA NA . 49.13 -36.99 -11.99
C3 CLA NA . 50.20 -36.78 -12.76
C4 CLA NA . 50.47 -37.64 -13.97
C5 CLA NA . 51.19 -35.69 -12.47
C6 CLA NA . 51.54 -35.72 -10.99
C7 CLA NA . 52.59 -36.78 -10.72
C8 CLA NA . 53.15 -36.63 -9.31
C9 CLA NA . 54.55 -36.05 -9.34
C10 CLA NA . 53.12 -37.99 -8.62
MG CLA OA . 27.44 -43.09 -2.82
CHA CLA OA . 26.42 -45.06 -5.47
CHB CLA OA . 25.29 -40.59 -3.85
CHC CLA OA . 28.35 -41.35 -0.18
CHD CLA OA . 29.61 -45.67 -1.82
NA CLA OA . 26.00 -42.84 -4.48
C1A CLA OA . 25.74 -43.71 -5.43
C2A CLA OA . 24.76 -43.22 -6.43
C3A CLA OA . 24.47 -41.82 -5.92
C4A CLA OA . 25.28 -41.72 -4.67
CMA CLA OA . 24.73 -40.72 -6.93
CAA CLA OA . 23.47 -44.03 -6.27
CBA CLA OA . 23.01 -44.04 -4.82
CGA CLA OA . 22.44 -45.37 -4.44
O1A CLA OA . 23.16 -46.36 -4.39
O2A CLA OA . 21.16 -45.44 -4.16
NB CLA OA . 26.89 -41.26 -2.12
C1B CLA OA . 26.03 -40.37 -2.67
C2B CLA OA . 25.97 -39.19 -1.88
C3B CLA OA . 26.84 -39.40 -0.84
C4B CLA OA . 27.42 -40.72 -1.01
CMB CLA OA . 25.11 -37.99 -2.18
CAB CLA OA . 27.17 -38.50 0.28
CBB CLA OA . 26.12 -37.66 0.95
NC CLA OA . 28.73 -43.48 -1.23
C1C CLA OA . 29.00 -42.61 -0.26
C2C CLA OA . 30.01 -43.11 0.68
C3C CLA OA . 30.34 -44.35 0.22
C4C CLA OA . 29.53 -44.57 -0.97
CMC CLA OA . 30.53 -42.39 1.90
CAC CLA OA . 31.33 -45.32 0.81
CBC CLA OA . 32.64 -45.32 0.06
ND CLA OA . 27.95 -44.90 -3.40
C1D CLA OA . 28.81 -45.86 -2.97
C2D CLA OA . 28.79 -47.04 -3.83
C3D CLA OA . 27.85 -46.70 -4.80
C4D CLA OA . 27.37 -45.43 -4.53
CMD CLA OA . 29.50 -48.35 -3.81
CAD CLA OA . 27.19 -47.22 -5.98
OBD CLA OA . 27.02 -48.40 -6.17
CBD CLA OA . 26.23 -46.18 -6.45
CGD CLA OA . 26.59 -45.74 -7.83
O1D CLA OA . 27.75 -45.71 -8.19
O2D CLA OA . 25.63 -45.38 -8.67
CED CLA OA . 25.54 -46.11 -9.90
C1 CLA OA . 20.68 -45.37 -2.78
C2 CLA OA . 19.20 -45.26 -2.55
C3 CLA OA . 18.67 -44.71 -1.45
C4 CLA OA . 19.53 -44.18 -0.34
C5 CLA OA . 17.19 -44.61 -1.27
C6 CLA OA . 16.56 -44.27 -2.61
C7 CLA OA . 15.18 -43.65 -2.41
C8 CLA OA . 14.40 -43.56 -3.70
C9 CLA OA . 14.29 -42.10 -4.14
C10 CLA OA . 13.02 -44.16 -3.48
C11 CLA OA . 12.01 -43.72 -4.54
C12 CLA OA . 10.68 -44.44 -4.37
C13 CLA OA . 9.71 -44.12 -5.49
C14 CLA OA . 8.27 -44.18 -5.01
C15 CLA OA . 9.91 -45.11 -6.63
C16 CLA OA . 9.00 -44.76 -7.81
C17 CLA OA . 9.62 -43.67 -8.67
C18 CLA OA . 8.70 -43.24 -9.79
C19 CLA OA . 8.80 -44.19 -10.97
C20 CLA OA . 7.26 -43.11 -9.31
MG CLA PA . 34.60 -50.81 -7.38
CHA CLA PA . 36.57 -51.48 -10.14
CHB CLA PA . 32.88 -53.74 -7.84
CHC CLA PA . 32.84 -50.08 -4.69
CHD CLA PA . 36.39 -47.80 -6.93
NA CLA PA . 34.70 -52.46 -8.83
C1A CLA PA . 35.56 -52.55 -9.85
C2A CLA PA . 35.38 -53.82 -10.62
C3A CLA PA . 34.21 -54.48 -9.89
C4A CLA PA . 33.90 -53.53 -8.78
CMA CLA PA . 33.08 -55.07 -10.72
CAA CLA PA . 36.64 -54.64 -10.38
CBA CLA PA . 36.69 -55.15 -8.94
CGA CLA PA . 38.10 -55.37 -8.49
O1A CLA PA . 38.99 -55.39 -9.32
O2A CLA PA . 38.34 -55.53 -7.20
NB CLA PA . 33.11 -51.77 -6.41
C1B CLA PA . 32.50 -52.95 -6.76
C2B CLA PA . 31.45 -53.25 -5.83
C3B CLA PA . 31.43 -52.22 -4.94
C4B CLA PA . 32.50 -51.29 -5.33
CMB CLA PA . 30.55 -54.45 -5.84
CAB CLA PA . 30.50 -52.08 -3.80
CBB CLA PA . 31.02 -51.83 -2.40
NC CLA PA . 34.68 -49.25 -5.98
C1C CLA PA . 33.84 -49.13 -4.96
C2C CLA PA . 34.08 -47.89 -4.18
C3C CLA PA . 35.13 -47.30 -4.81
C4C CLA PA . 35.49 -48.14 -5.92
CMC CLA PA . 33.34 -47.40 -2.96
CAC CLA PA . 35.79 -46.00 -4.42
CBC CLA PA . 37.16 -46.31 -3.84
ND CLA PA . 36.08 -49.81 -8.24
C1D CLA PA . 36.74 -48.65 -8.01
C2D CLA PA . 37.79 -48.40 -8.98
C3D CLA PA . 37.71 -49.51 -9.81
C4D CLA PA . 36.69 -50.35 -9.35
CMD CLA PA . 38.79 -47.30 -9.18
CAD CLA PA . 38.32 -50.12 -10.96
OBD CLA PA . 39.35 -49.77 -11.51
CBD CLA PA . 37.59 -51.40 -11.25
CGD CLA PA . 36.96 -51.22 -12.60
O1D CLA PA . 37.67 -51.08 -13.58
O2D CLA PA . 35.65 -51.20 -12.75
CED CLA PA . 35.19 -51.62 -14.03
C1 CLA PA . 38.85 -56.80 -6.66
C2 CLA PA . 38.34 -58.15 -7.12
C3 CLA PA . 38.32 -59.18 -6.28
C4 CLA PA . 38.81 -59.03 -4.87
MG CLA QA . 26.02 -54.64 -7.29
CHA CLA QA . 28.65 -54.23 -9.50
CHB CLA QA . 25.36 -57.75 -8.59
CHC CLA QA . 23.61 -54.96 -5.07
CHD CLA QA . 26.70 -51.44 -5.99
NA CLA QA . 26.91 -55.89 -8.88
C1A CLA QA . 27.93 -55.55 -9.67
C2A CLA QA . 28.25 -56.62 -10.67
C3A CLA QA . 27.20 -57.68 -10.36
C4A CLA QA . 26.44 -57.10 -9.21
CMA CLA QA . 26.40 -58.30 -11.50
CAA CLA QA . 29.62 -57.22 -10.44
CBA CLA QA . 29.90 -57.37 -8.95
CGA CLA QA . 31.04 -58.33 -8.74
O1A CLA QA . 30.79 -59.50 -8.52
O2A CLA QA . 32.28 -57.89 -8.81
NB CLA QA . 24.69 -56.12 -6.89
C1B CLA QA . 24.55 -57.32 -7.52
C2B CLA QA . 23.47 -58.05 -6.93
C3B CLA QA . 22.98 -57.24 -5.95
C4B CLA QA . 23.77 -56.03 -5.93
CMB CLA QA . 22.99 -59.42 -7.35
CAB CLA QA . 21.87 -57.48 -5.00
CBB CLA QA . 21.73 -58.80 -4.28
NC CLA QA . 25.35 -53.44 -5.71
C1C CLA QA . 24.28 -53.72 -4.98
C2C CLA QA . 23.89 -52.61 -4.10
C3C CLA QA . 24.81 -51.64 -4.34
C4C CLA QA . 25.71 -52.16 -5.34
CMC CLA QA . 22.72 -52.59 -3.13
CAC CLA QA . 24.86 -50.28 -3.69
CBC CLA QA . 26.02 -50.20 -2.73
ND CLA QA . 27.28 -53.15 -7.60
C1D CLA QA . 27.52 -51.95 -7.02
C2D CLA QA . 28.67 -51.30 -7.62
C3D CLA QA . 29.09 -52.19 -8.58
C4D CLA QA . 28.26 -53.30 -8.56
CMD CLA QA . 29.39 -50.00 -7.40
CAD CLA QA . 30.11 -52.36 -9.57
OBD CLA QA . 31.17 -51.76 -9.61
CBD CLA QA . 29.85 -53.67 -10.22
CGD CLA QA . 29.63 -53.36 -11.66
O1D CLA QA . 30.39 -52.64 -12.26
O2D CLA QA . 28.62 -53.89 -12.34
CED CLA QA . 29.09 -54.49 -13.53
C1 CLA QA . 33.17 -57.98 -7.66
C2 CLA QA . 32.83 -57.30 -6.36
C3 CLA QA . 33.79 -57.13 -5.44
C4 CLA QA . 35.19 -57.61 -5.69
C5 CLA QA . 33.54 -56.45 -4.11
C6 CLA QA . 34.75 -55.59 -3.73
C7 CLA QA . 34.73 -54.25 -4.46
C8 CLA QA . 36.05 -53.50 -4.37
C9 CLA QA . 37.21 -54.43 -4.05
C10 CLA QA . 35.91 -52.41 -3.31
C11 CLA QA . 37.22 -51.64 -3.16
C12 CLA QA . 37.04 -50.43 -2.24
MG CLA RA . 16.58 -49.47 -8.54
CHA CLA RA . 19.83 -48.41 -8.07
CHB CLA RA . 17.29 -52.46 -7.01
CHC CLA RA . 13.42 -50.28 -8.89
CHD CLA RA . 15.90 -46.40 -10.15
NA CLA RA . 18.36 -50.36 -7.61
C1A CLA RA . 19.56 -49.80 -7.53
C2A CLA RA . 20.56 -50.71 -6.89
C3A CLA RA . 19.75 -51.96 -6.59
C4A CLA RA . 18.39 -51.60 -7.09
CMA CLA RA . 20.32 -53.31 -6.97
CAA CLA RA . 21.00 -50.12 -5.56
CBA CLA RA . 19.82 -49.51 -4.80
CGA CLA RA . 20.30 -49.06 -3.45
O1A CLA RA . 21.45 -49.29 -3.14
O2A CLA RA . 19.48 -48.42 -2.63
NB CLA RA . 15.52 -51.11 -8.02
C1B CLA RA . 15.97 -52.26 -7.44
C2B CLA RA . 14.90 -53.19 -7.31
C3B CLA RA . 13.81 -52.58 -7.84
C4B CLA RA . 14.22 -51.25 -8.29
CMB CLA RA . 14.97 -54.56 -6.72
CAB CLA RA . 12.46 -53.14 -7.95
CBB CLA RA . 11.27 -52.37 -7.40
NC CLA RA . 14.91 -48.48 -9.36
C1C CLA RA . 13.71 -49.00 -9.41
C2C CLA RA . 12.72 -48.11 -10.06
C3C CLA RA . 13.43 -47.01 -10.39
C4C CLA RA . 14.81 -47.24 -9.95
CMC CLA RA . 11.27 -48.37 -10.27
CAC CLA RA . 12.90 -45.78 -11.07
CBC CLA RA . 13.06 -45.91 -12.56
ND CLA RA . 17.51 -47.79 -9.02
C1D CLA RA . 17.20 -46.64 -9.67
C2D CLA RA . 18.34 -45.74 -9.78
C3D CLA RA . 19.35 -46.44 -9.15
C4D CLA RA . 18.85 -47.66 -8.70
CMD CLA RA . 18.54 -44.38 -10.39
CAD CLA RA . 20.75 -46.37 -8.81
OBD CLA RA . 21.54 -45.58 -9.26
CBD CLA RA . 21.11 -47.60 -8.02
CGD CLA RA . 22.23 -48.33 -8.70
O1D CLA RA . 22.47 -48.16 -9.88
O2D CLA RA . 22.99 -49.17 -8.01
CED CLA RA . 24.39 -49.08 -8.25
C1 CLA RA . 18.32 -49.08 -2.05
C2 CLA RA . 17.13 -48.27 -1.58
C3 CLA RA . 16.32 -48.73 -0.62
C4 CLA RA . 16.54 -50.06 0.03
C5 CLA RA . 15.12 -47.95 -0.13
C6 CLA RA . 14.05 -47.86 -1.20
C7 CLA RA . 12.96 -48.87 -0.92
C8 CLA RA . 11.65 -48.53 -1.63
C9 CLA RA . 11.55 -47.04 -1.92
C10 CLA RA . 10.48 -49.04 -0.78
C11 CLA RA . 9.30 -48.09 -0.76
C12 CLA RA . 8.01 -48.81 -1.13
C13 CLA RA . 7.81 -50.09 -0.33
C14 CLA RA . 6.67 -50.92 -0.92
C15 CLA RA . 7.50 -49.75 1.12
C16 CLA RA . 8.58 -50.30 2.06
C17 CLA RA . 8.38 -51.79 2.31
C18 CLA RA . 7.96 -52.05 3.75
C19 CLA RA . 7.33 -53.42 3.88
C20 CLA RA . 9.14 -51.88 4.71
MG CLA SA . 22.47 -38.55 -7.24
CHA CLA SA . 23.72 -35.60 -6.00
CHB CLA SA . 20.67 -39.05 -4.36
CHC CLA SA . 21.28 -41.33 -8.55
CHD CLA SA . 24.32 -38.02 -10.20
NA CLA SA . 22.19 -37.45 -5.36
C1A CLA SA . 22.76 -36.28 -5.06
C2A CLA SA . 22.36 -35.80 -3.70
C3A CLA SA . 21.40 -36.90 -3.21
C4A CLA SA . 21.41 -37.86 -4.35
CMA CLA SA . 21.48 -37.42 -1.77
CAA CLA SA . 21.60 -34.49 -3.84
CBA CLA SA . 21.40 -33.81 -2.49
CGA CLA SA . 21.49 -32.32 -2.65
O1A CLA SA . 20.62 -31.74 -3.27
O2A CLA SA . 22.49 -31.68 -2.08
NB CLA SA . 21.17 -39.97 -6.57
C1B CLA SA . 20.56 -40.03 -5.35
C2B CLA SA . 19.78 -41.22 -5.26
C3B CLA SA . 19.95 -41.87 -6.45
C4B CLA SA . 20.84 -41.05 -7.26
CMB CLA SA . 18.97 -41.60 -4.05
CAB CLA SA . 19.39 -43.16 -6.94
CBB CLA SA . 18.72 -44.18 -6.05
NC CLA SA . 22.69 -39.47 -9.12
C1C CLA SA . 22.17 -40.65 -9.42
C2C CLA SA . 22.63 -41.16 -10.72
C3C CLA SA . 23.46 -40.19 -11.19
C4C CLA SA . 23.50 -39.14 -10.18
CMC CLA SA . 22.25 -42.46 -11.37
CAC CLA SA . 24.20 -40.21 -12.50
CBC CLA SA . 23.37 -39.61 -13.60
ND CLA SA . 23.67 -37.20 -8.03
C1D CLA SA . 24.40 -37.08 -9.16
C2D CLA SA . 25.26 -35.90 -9.14
C3D CLA SA . 24.97 -35.34 -7.90
C4D CLA SA . 24.02 -36.12 -7.25
CMD CLA SA . 26.27 -35.30 -10.07
CAD CLA SA . 25.32 -34.22 -7.06
OBD CLA SA . 26.32 -33.55 -7.18
CBD CLA SA . 24.51 -34.34 -5.81
CGD CLA SA . 25.45 -34.55 -4.67
O1D CLA SA . 25.11 -34.39 -3.53
O2D CLA SA . 26.70 -34.92 -4.91
CED CLA SA . 27.20 -35.91 -4.05
C1 CLA SA . 22.93 -30.36 -2.54
C2 CLA SA . 23.42 -30.12 -3.95
C3 CLA SA . 24.73 -30.03 -4.19
C4 CLA SA . 25.73 -30.19 -3.07
C5 CLA SA . 25.32 -29.79 -5.55
C6 CLA SA . 24.22 -29.76 -6.60
C7 CLA SA . 24.79 -30.14 -7.96
C8 CLA SA . 23.70 -30.20 -9.00
C9 CLA SA . 22.88 -28.92 -8.96
C10 CLA SA . 22.80 -31.39 -8.75
C11 CLA SA . 22.87 -32.42 -9.88
C12 CLA SA . 23.09 -31.75 -11.22
C13 CLA SA . 22.92 -32.73 -12.36
C14 CLA SA . 23.75 -33.98 -12.13
C15 CLA SA . 23.34 -32.08 -13.67
C16 CLA SA . 22.63 -32.73 -14.85
C17 CLA SA . 22.96 -31.99 -16.13
C18 CLA SA . 21.89 -32.26 -17.19
C19 CLA SA . 20.50 -32.09 -16.61
C20 CLA SA . 22.11 -31.39 -18.41
MG CLA TA . 9.16 -40.54 5.00
CHA CLA TA . 10.48 -40.73 8.17
CHB CLA TA . 11.01 -43.26 4.02
CHC CLA TA . 7.68 -40.38 2.08
CHD CLA TA . 7.27 -37.74 6.03
NA CLA TA . 10.60 -41.89 5.98
C1A CLA TA . 10.99 -41.80 7.23
C2A CLA TA . 11.97 -42.87 7.59
C3A CLA TA . 12.15 -43.62 6.27
C4A CLA TA . 11.21 -42.91 5.35
CMA CLA TA . 13.56 -43.90 5.80
CAA CLA TA . 11.23 -43.77 8.56
CBA CLA TA . 11.49 -45.27 8.38
CGA CLA TA . 10.40 -46.04 9.08
O1A CLA TA . 9.92 -45.59 10.10
O2A CLA TA . 10.01 -47.18 8.58
NB CLA TA . 9.31 -41.66 3.32
C1B CLA TA . 10.15 -42.71 3.07
C2B CLA TA . 9.99 -43.15 1.71
C3B CLA TA . 9.06 -42.32 1.17
C4B CLA TA . 8.63 -41.38 2.20
CMB CLA TA . 10.75 -44.27 1.05
CAB CLA TA . 8.52 -42.32 -0.20
CBB CLA TA . 8.09 -43.60 -0.89
NC CLA TA . 7.70 -39.26 4.19
C1C CLA TA . 7.24 -39.37 2.96
C2C CLA TA . 6.25 -38.33 2.62
C3C CLA TA . 6.15 -37.58 3.76
C4C CLA TA . 7.06 -38.17 4.72
CMC CLA TA . 5.52 -38.17 1.33
CAC CLA TA . 5.28 -36.37 3.99
CBC CLA TA . 4.05 -36.74 4.79
ND CLA TA . 8.86 -39.46 6.62
C1D CLA TA . 8.12 -38.38 6.95
C2D CLA TA . 8.33 -37.99 8.33
C3D CLA TA . 9.25 -38.92 8.79
C4D CLA TA . 9.57 -39.78 7.76
CMD CLA TA . 7.76 -36.89 9.17
CAD CLA TA . 10.01 -39.29 9.95
OBD CLA TA . 10.16 -38.60 10.92
CBD CLA TA . 10.82 -40.51 9.62
CGD CLA TA . 12.28 -40.25 9.67
O1D CLA TA . 12.85 -39.71 8.74
O2D CLA TA . 13.02 -40.68 10.69
CED CLA TA . 14.28 -40.03 10.88
C1 CLA TA . 10.15 -48.41 9.37
C2 CLA TA . 11.47 -48.81 9.97
C3 CLA TA . 11.89 -50.07 9.86
C4 CLA TA . 11.09 -51.11 9.15
C5 CLA TA . 13.20 -50.53 10.45
C6 CLA TA . 14.09 -51.06 9.33
C7 CLA TA . 15.56 -50.83 9.64
C8 CLA TA . 16.37 -52.08 9.34
C9 CLA TA . 16.03 -52.63 7.97
C10 CLA TA . 16.12 -53.13 10.41
MG CLA UA . 18.59 -42.95 13.84
CHA CLA UA . 16.45 -43.51 11.20
CHB CLA UA . 21.28 -43.82 11.87
CHC CLA UA . 20.51 -42.36 16.38
CHD CLA UA . 15.80 -42.02 15.78
NA CLA UA . 18.85 -43.59 11.75
C1A CLA UA . 17.89 -43.76 10.87
C2A CLA UA . 18.41 -44.24 9.54
C3A CLA UA . 19.92 -44.35 9.80
C4A CLA UA . 20.05 -43.90 11.21
CMA CLA UA . 20.64 -45.61 9.38
CAA CLA UA . 18.17 -43.13 8.54
CBA CLA UA . 18.82 -43.41 7.19
CGA CLA UA . 17.73 -43.32 6.15
O1A CLA UA . 16.98 -44.26 6.00
O2A CLA UA . 17.61 -42.23 5.44
NB CLA UA . 20.61 -43.05 14.09
C1B CLA UA . 21.56 -43.43 13.19
C2B CLA UA . 22.86 -43.35 13.78
C3B CLA UA . 22.66 -42.93 15.05
C4B CLA UA . 21.20 -42.74 15.24
CMB CLA UA . 24.17 -43.65 13.13
CAB CLA UA . 23.77 -42.71 16.01
CBB CLA UA . 23.58 -42.50 17.48
NC CLA UA . 18.25 -42.10 15.73
C1C CLA UA . 19.14 -42.13 16.71
C2C CLA UA . 18.52 -41.81 18.05
C3C CLA UA . 17.21 -41.62 17.77
C4C CLA UA . 17.04 -41.86 16.37
CMC CLA UA . 19.01 -41.74 19.46
CAC CLA UA . 16.17 -41.29 18.79
CBC CLA UA . 15.29 -42.43 19.21
ND CLA UA . 16.64 -42.73 13.64
C1D CLA UA . 15.60 -42.41 14.45
C2D CLA UA . 14.32 -42.55 13.80
C3D CLA UA . 14.67 -42.97 12.54
C4D CLA UA . 16.05 -43.09 12.46
CMD CLA UA . 12.89 -42.33 14.23
CAD CLA UA . 14.09 -43.35 11.28
OBD CLA UA . 12.94 -43.71 11.14
CBD CLA UA . 15.21 -43.61 10.32
CGD CLA UA . 15.04 -44.98 9.73
O1D CLA UA . 15.58 -45.27 8.67
O2D CLA UA . 14.33 -45.91 10.32
CED CLA UA . 14.89 -47.22 10.28
C1 CLA UA . 18.05 -42.13 4.05
C2 CLA UA . 19.42 -41.63 3.67
C3 CLA UA . 19.56 -40.35 3.34
C4 CLA UA . 18.40 -39.41 3.35
C5 CLA UA . 20.89 -39.74 2.94
C6 CLA UA . 21.71 -40.78 2.18
C7 CLA UA . 21.63 -40.55 0.68
C8 CLA UA . 22.81 -41.21 -0.04
C9 CLA UA . 22.51 -41.38 -1.51
C10 CLA UA . 23.10 -42.57 0.57
C11 CLA UA . 24.45 -43.05 0.10
C12 CLA UA . 24.37 -44.51 -0.34
C13 CLA UA . 25.76 -45.13 -0.40
C14 CLA UA . 25.67 -46.63 -0.64
C15 CLA UA . 26.51 -44.77 0.88
C16 CLA UA . 27.18 -45.97 1.52
C17 CLA UA . 26.90 -46.00 3.02
C18 CLA UA . 28.13 -46.37 3.81
C19 CLA UA . 28.99 -45.16 4.08
C20 CLA UA . 27.75 -47.08 5.11
MG CLA VA . 11.20 -21.45 10.22
CHA CLA VA . 13.96 -19.45 10.54
CHB CLA VA . 11.18 -22.03 13.61
CHC CLA VA . 8.46 -23.23 9.83
CHD CLA VA . 11.25 -20.90 6.74
NA CLA VA . 12.43 -20.82 11.92
C1A CLA VA . 13.52 -20.06 11.85
C2A CLA VA . 14.19 -19.92 13.18
C3A CLA VA . 13.31 -20.76 14.09
C4A CLA VA . 12.24 -21.25 13.18
CMA CLA VA . 14.02 -21.81 14.92
CAA CLA VA . 14.16 -18.48 13.66
CBA CLA VA . 12.85 -18.11 14.33
CGA CLA VA . 11.89 -17.71 13.25
O1A CLA VA . 10.70 -17.66 13.47
O2A CLA VA . 12.40 -17.43 12.07
NB CLA VA . 10.01 -22.46 11.52
C1B CLA VA . 10.12 -22.57 12.87
C2B CLA VA . 9.04 -23.33 13.40
C3B CLA VA . 8.29 -23.68 12.33
C4B CLA VA . 8.91 -23.12 11.14
CMB CLA VA . 8.84 -23.66 14.86
CAB CLA VA . 7.04 -24.46 12.27
CBB CLA VA . 5.87 -24.17 13.18
NC CLA VA . 10.00 -21.93 8.56
C1C CLA VA . 8.97 -22.74 8.61
C2C CLA VA . 8.42 -23.06 7.28
C3C CLA VA . 9.21 -22.38 6.41
C4C CLA VA . 10.20 -21.67 7.22
CMC CLA VA . 7.25 -23.94 6.96
CAC CLA VA . 9.09 -22.37 4.91
CBC CLA VA . 8.45 -21.08 4.46
ND CLA VA . 12.27 -20.47 8.89
C1D CLA VA . 12.23 -20.28 7.54
C2D CLA VA . 13.30 -19.41 7.10
C3D CLA VA . 13.96 -19.09 8.28
C4D CLA VA . 13.34 -19.74 9.33
CMD CLA VA . 13.73 -18.87 5.77
CAD CLA VA . 15.07 -18.33 8.79
OBD CLA VA . 16.00 -17.90 8.13
CBD CLA VA . 15.05 -18.43 10.27
CGD CLA VA . 16.38 -18.89 10.76
O1D CLA VA . 17.00 -19.71 10.12
O2D CLA VA . 16.88 -18.41 11.87
CED CLA VA . 18.05 -17.64 11.69
C1 CLA VA . 12.53 -16.06 11.60
C2 CLA VA . 11.48 -15.07 11.99
C3 CLA VA . 10.33 -15.11 11.34
C4 CLA VA . 10.08 -16.13 10.27
C5 CLA VA . 9.21 -14.16 11.66
C6 CLA VA . 9.70 -12.77 11.31
C7 CLA VA . 9.46 -12.46 9.84
C8 CLA VA . 8.12 -11.78 9.61
C9 CLA VA . 8.25 -10.69 8.55
C10 CLA VA . 7.58 -11.16 10.90
C11 CLA VA . 6.21 -11.71 11.25
C12 CLA VA . 5.15 -11.07 10.38
C13 CLA VA . 4.21 -10.19 11.16
C14 CLA VA . 3.03 -9.77 10.29
C15 CLA VA . 4.97 -8.99 11.71
C16 CLA VA . 4.23 -7.68 11.50
C17 CLA VA . 5.20 -6.51 11.61
C18 CLA VA . 4.86 -5.46 10.58
C19 CLA VA . 3.50 -4.85 10.86
C20 CLA VA . 5.94 -4.39 10.55
MG CLA WA . 19.14 -25.80 8.76
CHA CLA WA . 21.13 -25.64 11.57
CHB CLA WA . 18.08 -22.58 9.31
CHC CLA WA . 17.34 -26.02 6.02
CHD CLA WA . 20.30 -29.07 8.20
NA CLA WA . 19.55 -24.25 10.28
C1A CLA WA . 20.35 -24.38 11.32
C2A CLA WA . 20.34 -23.16 12.19
C3A CLA WA . 19.37 -22.24 11.47
C4A CLA WA . 18.96 -23.04 10.29
CMA CLA WA . 18.26 -21.62 12.29
CAA CLA WA . 21.73 -22.53 12.17
CBA CLA WA . 22.02 -21.81 10.86
CGA CLA WA . 23.35 -22.22 10.31
O1A CLA WA . 23.66 -21.90 9.17
O2A CLA WA . 24.19 -22.89 11.06
NB CLA WA . 17.90 -24.50 7.81
C1B CLA WA . 17.59 -23.24 8.17
C2B CLA WA . 16.69 -22.67 7.22
C3B CLA WA . 16.47 -23.62 6.28
C4B CLA WA . 17.24 -24.79 6.67
CMB CLA WA . 16.12 -21.28 7.26
CAB CLA WA . 15.58 -23.41 5.13
CBB CLA WA . 15.70 -24.19 3.84
NC CLA WA . 18.94 -27.28 7.30
C1C CLA WA . 18.09 -27.19 6.28
C2C CLA WA . 18.02 -28.43 5.49
C3C CLA WA . 18.90 -29.27 6.09
C4C CLA WA . 19.46 -28.54 7.23
CMC CLA WA . 17.18 -28.68 4.27
CAC CLA WA . 19.24 -30.67 5.68
CBC CLA WA . 20.59 -30.70 5.01
ND CLA WA . 20.41 -27.08 9.56
C1D CLA WA . 20.77 -28.37 9.33
C2D CLA WA . 21.64 -28.89 10.37
C3D CLA WA . 21.78 -27.81 11.24
C4D CLA WA . 21.04 -26.75 10.75
CMD CLA WA . 22.30 -30.21 10.59
CAD CLA WA . 22.40 -27.40 12.48
OBD CLA WA . 23.24 -28.03 13.08
CBD CLA WA . 22.11 -25.95 12.68
CGD CLA WA . 21.42 -25.72 13.99
O1D CLA WA . 20.50 -26.43 14.34
O2D CLA WA . 21.79 -24.72 14.76
CED CLA WA . 21.84 -24.98 16.16
C1 CLA WA . 25.10 -23.86 10.47
C2 CLA WA . 24.75 -25.33 10.42
C3 CLA WA . 25.72 -26.24 10.51
C4 CLA WA . 27.15 -25.84 10.65
C5 CLA WA . 25.44 -27.71 10.48
C6 CLA WA . 25.96 -28.28 9.17
C7 CLA WA . 25.85 -29.79 9.20
C8 CLA WA . 25.48 -30.32 7.82
C9 CLA WA . 25.31 -31.83 7.87
C10 CLA WA . 26.57 -29.94 6.84
C11 CLA WA . 26.28 -30.51 5.46
C12 CLA WA . 26.20 -29.41 4.42
C13 CLA WA . 26.24 -29.98 3.01
C14 CLA WA . 26.66 -28.91 2.02
C15 CLA WA . 24.86 -30.53 2.65
C16 CLA WA . 24.95 -31.48 1.46
C17 CLA WA . 23.83 -32.51 1.50
C18 CLA WA . 24.32 -33.87 1.04
C19 CLA WA . 23.20 -34.90 1.07
C20 CLA WA . 24.89 -33.78 -0.36
MG CLA XA . 9.09 -26.06 -7.81
CHA CLA XA . 7.19 -25.14 -10.52
CHB CLA XA . 11.92 -24.92 -9.37
CHC CLA XA . 10.82 -26.87 -5.12
CHD CLA XA . 6.18 -27.24 -6.22
NA CLA XA . 9.54 -25.11 -9.74
C1A CLA XA . 8.65 -24.83 -10.68
C2A CLA XA . 9.28 -24.18 -11.87
C3A CLA XA . 10.76 -24.16 -11.50
C4A CLA XA . 10.77 -24.75 -10.14
CMA CLA XA . 11.75 -24.66 -12.51
CAA CLA XA . 8.80 -22.75 -11.97
CBA CLA XA . 8.84 -22.07 -10.62
CGA CLA XA . 8.45 -20.62 -10.75
O1A CLA XA . 9.13 -19.86 -11.42
O2A CLA XA . 7.38 -20.18 -10.13
NB CLA XA . 11.06 -25.91 -7.31
C1B CLA XA . 12.07 -25.44 -8.08
C2B CLA XA . 13.29 -25.56 -7.38
C3B CLA XA . 13.00 -26.13 -6.17
C4B CLA XA . 11.57 -26.33 -6.14
CMB CLA XA . 14.59 -25.13 -7.95
CAB CLA XA . 13.88 -26.47 -5.04
CBB CLA XA . 15.37 -26.64 -5.18
NC CLA XA . 8.58 -26.90 -5.95
C1C CLA XA . 9.44 -27.08 -4.98
C2C CLA XA . 8.79 -27.51 -3.73
C3C CLA XA . 7.46 -27.58 -4.05
C4C CLA XA . 7.34 -27.20 -5.44
CMC CLA XA . 9.47 -27.79 -2.43
CAC CLA XA . 6.34 -27.97 -3.13
CBC CLA XA . 5.58 -26.72 -2.72
ND CLA XA . 7.17 -26.21 -8.17
C1D CLA XA . 6.08 -26.68 -7.51
C2D CLA XA . 4.87 -26.56 -8.30
C3D CLA XA . 5.32 -25.95 -9.47
C4D CLA XA . 6.69 -25.75 -9.38
CMD CLA XA . 3.43 -26.91 -8.07
CAD CLA XA . 4.87 -25.47 -10.75
OBD CLA XA . 3.71 -25.30 -11.07
CBD CLA XA . 6.03 -24.88 -11.46
CGD CLA XA . 6.21 -25.58 -12.77
O1D CLA XA . 5.39 -25.43 -13.66
O2D CLA XA . 7.25 -26.36 -13.00
CED CLA XA . 7.73 -26.37 -14.35
C1 CLA XA . 7.29 -18.79 -9.71
C2 CLA XA . 7.68 -18.31 -8.34
C3 CLA XA . 6.71 -17.83 -7.53
C4 CLA XA . 5.29 -17.80 -8.00
C5 CLA XA . 6.98 -17.33 -6.13
C6 CLA XA . 5.77 -17.57 -5.24
C7 CLA XA . 5.86 -18.94 -4.57
C8 CLA XA . 5.16 -18.96 -3.22
C9 CLA XA . 3.77 -18.38 -3.34
C10 CLA XA . 5.96 -18.16 -2.20
C11 CLA XA . 5.43 -18.43 -0.80
C12 CLA XA . 5.50 -17.18 0.07
C13 CLA XA . 6.81 -17.12 0.85
C14 CLA XA . 7.05 -18.40 1.62
C15 CLA XA . 6.76 -15.94 1.79
C16 CLA XA . 5.45 -15.87 2.53
C17 CLA XA . 5.39 -14.65 3.43
C18 CLA XA . 4.49 -13.56 2.84
C19 CLA XA . 3.79 -12.80 3.97
C20 CLA XA . 5.29 -12.61 1.98
MG CLA YA . 5.64 -53.52 -8.23
CHA CLA YA . 6.74 -55.42 -10.87
CHB CLA YA . 3.07 -55.73 -7.67
CHC CLA YA . 4.74 -51.68 -5.65
CHD CLA YA . 8.27 -51.26 -8.84
NA CLA YA . 4.96 -55.39 -9.16
C1A CLA YA . 5.53 -56.00 -10.20
C2A CLA YA . 4.78 -57.23 -10.61
C3A CLA YA . 3.64 -57.29 -9.58
C4A CLA YA . 3.89 -56.09 -8.74
CMA CLA YA . 2.23 -57.51 -10.08
CAA CLA YA . 5.65 -58.47 -10.47
CBA CLA YA . 6.53 -58.44 -9.23
CGA CLA YA . 6.11 -59.56 -8.31
O1A CLA YA . 5.11 -59.42 -7.63
O2A CLA YA . 6.81 -60.67 -8.27
NB CLA YA . 4.15 -53.69 -6.86
C1B CLA YA . 3.18 -54.64 -6.79
C2B CLA YA . 2.30 -54.35 -5.70
C3B CLA YA . 2.77 -53.20 -5.14
C4B CLA YA . 3.95 -52.79 -5.89
CMB CLA YA . 1.11 -55.17 -5.29
CAB CLA YA . 2.25 -52.46 -3.98
CBB CLA YA . 2.00 -53.20 -2.68
NC CLA YA . 6.45 -51.81 -7.32
C1C CLA YA . 5.87 -51.17 -6.32
C2C CLA YA . 6.55 -49.89 -5.99
C3C CLA YA . 7.57 -49.82 -6.88
C4C CLA YA . 7.50 -51.00 -7.71
CMC CLA YA . 6.18 -48.91 -4.91
CAC CLA YA . 8.59 -48.70 -6.99
CBC CLA YA . 9.89 -49.15 -6.36
ND CLA YA . 7.15 -53.30 -9.47
C1D CLA YA . 8.15 -52.40 -9.65
C2D CLA YA . 9.00 -52.75 -10.77
C3D CLA YA . 8.45 -53.93 -11.24
C4D CLA YA . 7.35 -54.25 -10.45
CMD CLA YA . 10.21 -52.13 -11.40
CAD CLA YA . 8.61 -54.95 -12.24
OBD CLA YA . 9.39 -54.90 -13.17
CBD CLA YA . 7.50 -55.94 -12.07
CGD CLA YA . 6.61 -55.87 -13.26
O1D CLA YA . 5.89 -56.80 -13.53
O2D CLA YA . 6.57 -54.80 -14.04
CED CLA YA . 5.27 -54.49 -14.54
C1 CLA YA . 6.88 -61.45 -7.04
C2 CLA YA . 7.93 -61.15 -6.00
C3 CLA YA . 8.24 -62.08 -5.08
C4 CLA YA . 7.54 -63.41 -5.07
C5 CLA YA . 9.28 -61.84 -4.01
MG CLA ZA . -2.40 -58.30 -3.46
CHA CLA ZA . -1.58 -59.20 -6.68
CHB CLA ZA . -5.73 -58.18 -4.32
CHC CLA ZA . -3.09 -57.55 -0.33
CHD CLA ZA . 1.02 -58.43 -2.63
NA CLA ZA . -3.56 -58.65 -5.30
C1A CLA ZA . -3.05 -59.00 -6.48
C2A CLA ZA . -4.12 -59.14 -7.53
C3A CLA ZA . -5.40 -58.78 -6.76
C4A CLA ZA . -4.90 -58.53 -5.38
CMA CLA ZA . -6.34 -57.76 -7.36
CAA CLA ZA . -4.18 -60.60 -7.95
CBA CLA ZA . -5.09 -61.43 -7.05
CGA CLA ZA . -4.43 -62.74 -6.67
O1A CLA ZA . -4.65 -63.73 -7.35
O2A CLA ZA . -3.64 -62.76 -5.62
NB CLA ZA . -4.14 -57.94 -2.48
C1B CLA ZA . -5.40 -57.90 -2.99
C2B CLA ZA . -6.33 -57.55 -1.96
C3B CLA ZA . -5.59 -57.37 -0.85
C4B CLA ZA . -4.20 -57.62 -1.18
CMB CLA ZA . -7.82 -57.40 -2.10
CAB CLA ZA . -6.12 -56.99 0.47
CBB CLA ZA . -5.78 -57.81 1.69
NC CLA ZA . -1.22 -58.11 -1.74
C1C CLA ZA . -1.70 -57.72 -0.57
C2C CLA ZA . -0.64 -57.48 0.43
C3C CLA ZA . 0.51 -57.76 -0.23
C4C CLA ZA . 0.14 -58.15 -1.59
CMC CLA ZA . -0.80 -57.02 1.85
CAC CLA ZA . 1.92 -57.68 0.30
CBC CLA ZA . 2.48 -56.30 0.04
ND CLA ZA . -0.67 -58.71 -4.32
C1D CLA ZA . 0.63 -58.73 -3.95
C2D CLA ZA . 1.52 -59.06 -5.06
C3D CLA ZA . 0.64 -59.24 -6.12
C4D CLA ZA . -0.65 -59.04 -5.66
CMD CLA ZA . 3.01 -59.20 -5.19
CAD CLA ZA . 0.60 -59.57 -7.52
OBD CLA ZA . 1.51 -60.10 -8.14
CBD CLA ZA . -0.83 -59.56 -7.95
CGD CLA ZA . -1.08 -58.46 -8.94
O1D CLA ZA . -0.76 -57.32 -8.69
O2D CLA ZA . -1.66 -58.72 -10.10
CED CLA ZA . -1.22 -57.90 -11.19
C1 CLA ZA . -3.23 -64.03 -5.01
C2 CLA ZA . -4.12 -64.79 -4.04
C3 CLA ZA . -3.58 -65.64 -3.16
C4 CLA ZA . -2.10 -65.89 -3.09
C5 CLA ZA . -4.43 -66.41 -2.17
C6 CLA ZA . -3.56 -67.08 -1.11
C7 CLA ZA . -4.00 -66.66 0.28
C8 CLA ZA . -2.83 -66.07 1.06
C9 CLA ZA . -2.00 -67.17 1.71
C10 CLA ZA . -3.35 -65.10 2.11
C11 CLA ZA . -2.22 -64.54 2.94
MG CLA AB . -9.71 -55.56 11.17
CHA CLA AB . -10.23 -54.68 7.89
CHB CLA AB . -12.65 -54.02 12.09
CHC CLA AB . -9.16 -56.54 14.26
CHD CLA AB . -6.71 -57.13 10.20
NA CLA AB . -11.30 -54.46 10.11
C1A CLA AB . -11.32 -54.20 8.81
C2A CLA AB . -12.52 -53.36 8.43
C3A CLA AB . -13.23 -53.17 9.77
C4A CLA AB . -12.37 -53.91 10.73
CMA CLA AB . -13.74 -51.81 10.17
CAA CLA AB . -13.42 -54.10 7.47
CBA CLA AB . -13.64 -53.30 6.20
CGA CLA AB . -14.86 -52.45 6.39
O1A CLA AB . -15.95 -52.98 6.35
O2A CLA AB . -14.72 -51.15 6.59
NB CLA AB . -10.75 -55.32 12.90
C1B CLA AB . -11.93 -54.68 13.10
C2B CLA AB . -12.31 -54.75 14.48
C3B CLA AB . -11.31 -55.45 15.08
C4B CLA AB . -10.33 -55.81 14.07
CMB CLA AB . -13.54 -54.16 15.09
CAB CLA AB . -11.19 -55.84 16.50
CBB CLA AB . -12.31 -56.60 17.18
NC CLA AB . -8.22 -56.72 12.07
C1C CLA AB . -8.15 -56.93 13.36
C2C CLA AB . -6.92 -57.65 13.76
C3C CLA AB . -6.24 -57.84 12.59
C4C CLA AB . -7.06 -57.25 11.54
CMC CLA AB . -6.53 -58.05 15.15
CAC CLA AB . -4.92 -58.53 12.40
CBC CLA AB . -3.79 -57.66 12.93
ND CLA AB . -8.66 -55.89 9.53
C1D CLA AB . -7.50 -56.51 9.23
C2D CLA AB . -7.20 -56.40 7.82
C3D CLA AB . -8.28 -55.69 7.32
C4D CLA AB . -9.15 -55.40 8.34
CMD CLA AB . -6.09 -56.87 6.93
CAD CLA AB . -8.80 -55.16 6.09
OBD CLA AB . -8.14 -54.94 5.10
CBD CLA AB . -10.11 -54.51 6.40
CGD CLA AB . -9.99 -53.06 6.04
O1D CLA AB . -9.19 -52.34 6.60
O2D CLA AB . -10.76 -52.55 5.09
CED CLA AB . -10.07 -52.20 3.91
C1 CLA AB . -15.55 -50.21 5.86
C2 CLA AB . -15.32 -49.93 4.40
C3 CLA AB . -15.99 -48.93 3.80
C4 CLA AB . -15.77 -48.63 2.35
C5 CLA AB . -16.96 -48.05 4.54
C6 CLA AB . -18.15 -47.76 3.64
C7 CLA AB . -19.46 -48.08 4.35
C8 CLA AB . -20.26 -46.82 4.64
C9 CLA AB . -20.13 -46.44 6.11
C10 CLA AB . -21.72 -47.05 4.30
C11 CLA AB . -21.87 -47.69 2.92
C12 CLA AB . -23.27 -48.26 2.72
C13 CLA AB . -23.77 -48.07 1.29
C14 CLA AB . -22.63 -48.07 0.29
C15 CLA AB . -24.58 -46.77 1.22
C16 CLA AB . -24.70 -46.27 -0.21
C17 CLA AB . -25.85 -46.95 -0.94
C18 CLA AB . -27.16 -46.21 -0.71
C19 CLA AB . -27.05 -44.74 -1.05
C20 CLA AB . -28.29 -46.87 -1.49
MG CLA BB . -15.15 -50.50 18.54
CHA CLA BB . -16.54 -52.55 20.94
CHB CLA BB . -12.51 -52.67 18.15
CHC CLA BB . -14.02 -48.56 16.15
CHD CLA BB . -17.87 -48.27 18.98
NA CLA BB . -14.56 -52.42 19.43
C1A CLA BB . -15.23 -53.07 20.38
C2A CLA BB . -14.54 -54.33 20.77
C3A CLA BB . -13.29 -54.32 19.91
C4A CLA BB . -13.44 -53.07 19.11
CMA CLA BB . -11.95 -54.60 20.56
CAA CLA BB . -15.37 -55.52 20.29
CBA CLA BB . -16.16 -55.23 19.03
CGA CLA BB . -16.45 -56.52 18.32
O1A CLA BB . -16.45 -57.56 18.96
O2A CLA BB . -16.74 -56.48 17.03
NB CLA BB . -13.52 -50.61 17.33
C1B CLA BB . -12.52 -51.53 17.32
C2B CLA BB . -11.54 -51.18 16.34
C3B CLA BB . -11.98 -50.02 15.79
C4B CLA BB . -13.24 -49.67 16.42
CMB CLA BB . -10.28 -51.93 16.00
CAB CLA BB . -11.35 -49.22 14.73
CBB CLA BB . -11.07 -49.87 13.40
NC CLA BB . -15.86 -48.74 17.67
C1C CLA BB . -15.19 -48.07 16.75
C2C CLA BB . -15.80 -46.77 16.42
C3C CLA BB . -16.91 -46.71 17.23
C4C CLA BB . -16.93 -47.93 18.00
CMC CLA BB . -15.29 -45.78 15.42
CAC CLA BB . -17.89 -45.57 17.33
CBC CLA BB . -18.80 -45.52 16.12
ND CLA BB . -16.79 -50.35 19.63
C1D CLA BB . -17.82 -49.46 19.74
C2D CLA BB . -18.81 -49.89 20.71
C3D CLA BB . -18.30 -51.10 21.16
C4D CLA BB . -17.10 -51.35 20.52
CMD CLA BB . -20.11 -49.33 21.21
CAD CLA BB . -18.57 -52.19 22.08
OBD CLA BB . -19.55 -52.30 22.77
CBD CLA BB . -17.44 -53.17 21.97
CGD CLA BB . -16.80 -53.25 23.32
O1D CLA BB . -17.48 -53.45 24.30
O2D CLA BB . -15.49 -53.12 23.48
CED CLA BB . -14.90 -54.04 24.38
C1 CLA BB . -16.47 -57.62 16.16
C2 CLA BB . -15.10 -57.90 15.60
C3 CLA BB . -14.94 -58.53 14.44
C4 CLA BB . -16.11 -59.01 13.64
C5 CLA BB . -13.57 -58.83 13.87
C6 CLA BB . -13.60 -58.81 12.35
C7 CLA BB . -12.26 -58.34 11.81
C8 CLA BB . -11.36 -59.54 11.50
C9 CLA BB . -10.32 -59.72 12.58
C10 CLA BB . -10.72 -59.31 10.15
C11 CLA BB . -9.55 -60.24 9.92
C12 CLA BB . -9.07 -60.17 8.48
C13 CLA BB . -8.10 -61.29 8.15
C14 CLA BB . -6.68 -60.92 8.54
C15 CLA BB . -8.20 -61.61 6.66
C16 CLA BB . -7.20 -62.70 6.28
C17 CLA BB . -7.86 -63.78 5.42
C18 CLA BB . -7.27 -65.17 5.65
C19 CLA BB . -6.65 -65.72 4.37
C20 CLA BB . -6.26 -65.21 6.79
MG CLA CB . 20.27 -50.51 15.79
CHA CLA CB . 23.46 -50.09 17.04
CHB CLA CB . 20.05 -47.13 15.15
CHC CLA CB . 17.31 -51.05 14.48
CHD CLA CB . 20.52 -53.96 16.48
NA CLA CB . 21.61 -48.78 16.05
C1A CLA CB . 22.82 -48.81 16.59
C2A CLA CB . 23.43 -47.45 16.67
C3A CLA CB . 22.33 -46.57 16.12
C4A CLA CB . 21.26 -47.52 15.73
CMA CLA CB . 21.92 -45.45 17.06
CAA CLA CB . 24.59 -47.35 15.69
CBA CLA CB . 24.19 -47.85 14.32
CGA CLA CB . 25.31 -47.62 13.34
O1A CLA CB . 26.26 -46.95 13.68
O2A CLA CB . 25.22 -48.18 12.15
NB CLA CB . 18.90 -49.28 14.93
C1B CLA CB . 18.96 -47.93 14.77
C2B CLA CB . 17.76 -47.46 14.15
C3B CLA CB . 16.98 -48.56 13.98
C4B CLA CB . 17.72 -49.71 14.47
CMB CLA CB . 17.40 -46.05 13.81
CAB CLA CB . 15.64 -48.56 13.37
CBB CLA CB . 14.53 -49.43 13.89
NC CLA CB . 19.13 -52.23 15.48
C1C CLA CB . 17.93 -52.22 14.92
C2C CLA CB . 17.32 -53.56 14.84
C3C CLA CB . 18.28 -54.39 15.37
C4C CLA CB . 19.39 -53.54 15.77
CMC CLA CB . 15.99 -53.90 14.26
CAC CLA CB . 18.19 -55.88 15.53
CBC CLA CB . 19.03 -56.52 14.44
ND CLA CB . 21.59 -51.78 16.50
C1D CLA CB . 21.60 -53.11 16.81
C2D CLA CB . 22.79 -53.50 17.52
C3D CLA CB . 23.52 -52.31 17.60
C4D CLA CB . 22.78 -51.30 17.00
CMD CLA CB . 23.29 -54.80 18.09
CAD CLA CB . 24.75 -51.75 18.10
OBD CLA CB . 25.36 -52.18 19.05
CBD CLA CB . 24.85 -50.36 17.57
CGD CLA CB . 25.27 -49.43 18.66
O1D CLA CB . 26.44 -49.11 18.77
O2D CLA CB . 24.39 -48.95 19.53
CED CLA CB . 24.71 -47.68 20.09
C1 CLA CB . 25.56 -47.45 10.92
C2 CLA CB . 25.06 -46.05 10.66
C3 CLA CB . 24.57 -45.71 9.46
C4 CLA CB . 24.08 -44.32 9.19
C5 CLA CB . 24.50 -46.70 8.32
C6 CLA CB . 23.45 -46.23 7.31
C7 CLA CB . 24.00 -46.25 5.89
C8 CLA CB . 23.38 -45.17 5.01
C9 CLA CB . 22.01 -44.73 5.50
C10 CLA CB . 23.31 -45.69 3.58
C11 CLA CB . 22.19 -46.71 3.40
C12 CLA CB . 22.70 -48.03 2.84
C13 CLA CB . 22.84 -48.02 1.32
C14 CLA CB . 21.76 -47.17 0.66
C15 CLA CB . 22.80 -49.43 0.74
C16 CLA CB . 22.21 -50.45 1.72
C17 CLA CB . 20.84 -50.92 1.27
C18 CLA CB . 20.97 -51.92 0.12
C19 CLA CB . 21.56 -53.25 0.60
C20 CLA CB . 19.62 -52.13 -0.57
MG CLA DB . 29.23 -54.35 16.43
CHA CLA DB . 32.19 -52.60 16.68
CHB CLA DB . 27.70 -51.62 15.01
CHC CLA DB . 26.50 -56.15 16.12
CHD CLA DB . 30.84 -57.15 17.89
NA CLA DB . 29.86 -52.31 15.89
C1A CLA DB . 31.08 -51.80 16.08
C2A CLA DB . 31.15 -50.37 15.61
C3A CLA DB . 29.73 -50.10 15.11
C4A CLA DB . 29.04 -51.41 15.35
CMA CLA DB . 29.02 -48.83 15.56
CAA CLA DB . 32.15 -50.26 14.46
CBA CLA DB . 31.49 -50.52 13.11
CGA CLA DB . 32.31 -51.50 12.31
O1A CLA DB . 33.33 -51.94 12.79
O2A CLA DB . 31.87 -51.85 11.11
NB CLA DB . 27.38 -53.96 15.68
C1B CLA DB . 26.93 -52.79 15.16
C2B CLA DB . 25.55 -52.93 14.77
C3B CLA DB . 25.21 -54.20 15.09
C4B CLA DB . 26.38 -54.85 15.66
CMB CLA DB . 24.68 -51.86 14.16
CAB CLA DB . 23.87 -54.81 14.88
CBB CLA DB . 23.72 -56.18 14.26
NC CLA DB . 28.77 -56.36 16.85
C1C CLA DB . 27.55 -56.86 16.73
C2C CLA DB . 27.43 -58.21 17.30
C3C CLA DB . 28.68 -58.48 17.77
C4C CLA DB . 29.51 -57.33 17.49
CMC CLA DB . 26.20 -59.07 17.34
CAC CLA DB . 29.13 -59.75 18.46
CBC CLA DB . 28.75 -59.66 19.92
ND CLA DB . 31.00 -54.86 17.14
C1D CLA DB . 31.57 -55.96 17.68
C2D CLA DB . 32.97 -55.76 18.02
C3D CLA DB . 33.20 -54.44 17.63
C4D CLA DB . 32.02 -53.92 17.11
CMD CLA DB . 34.05 -56.62 18.63
CAD CLA DB . 34.22 -53.43 17.56
OBD CLA DB . 35.40 -53.57 17.87
CBD CLA DB . 33.61 -52.20 16.97
CGD CLA DB . 33.67 -51.10 17.98
O1D CLA DB . 34.75 -50.70 18.37
O2D CLA DB . 32.57 -50.54 18.46
CED CLA DB . 32.64 -49.13 18.60
C1 CLA DB . 32.28 -53.11 10.50
C2 CLA DB . 33.69 -53.38 10.05
C3 CLA DB . 33.95 -54.38 9.20
C4 CLA DB . 32.86 -55.25 8.66
C5 CLA DB . 35.35 -54.68 8.72
C6 CLA DB . 35.57 -56.18 8.59
C7 CLA DB . 36.77 -56.64 9.43
C8 CLA DB . 36.45 -57.90 10.22
C9 CLA DB . 35.06 -57.82 10.85
C10 CLA DB . 37.54 -58.12 11.26
C11 CLA DB . 37.07 -58.98 12.44
C12 CLA DB . 37.76 -60.33 12.45
C13 CLA DB . 38.86 -60.41 13.50
C14 CLA DB . 38.57 -59.54 14.72
C15 CLA DB . 40.19 -60.03 12.86
MG CLA EB . 9.49 -42.54 16.32
CHA CLA EB . 11.16 -45.17 17.75
CHB CLA EB . 9.17 -44.29 13.38
CHC CLA EB . 7.83 -39.98 15.08
CHD CLA EB . 9.78 -40.79 19.37
NA CLA EB . 10.08 -44.54 15.62
C1A CLA EB . 10.75 -45.43 16.33
C2A CLA EB . 11.02 -46.69 15.55
C3A CLA EB . 10.40 -46.37 14.18
C4A CLA EB . 9.84 -45.00 14.38
CMA CLA EB . 11.22 -46.62 12.92
CAA CLA EB . 10.30 -47.85 16.21
CBA CLA EB . 10.08 -49.01 15.25
CGA CLA EB . 11.13 -50.07 15.46
O1A CLA EB . 12.25 -49.73 15.76
O2A CLA EB . 10.79 -51.34 15.35
NB CLA EB . 8.62 -42.20 14.51
C1B CLA EB . 8.60 -43.01 13.42
C2B CLA EB . 7.93 -42.35 12.34
C3B CLA EB . 7.56 -41.14 12.83
C4B CLA EB . 8.00 -41.05 14.21
CMB CLA EB . 7.69 -42.91 10.97
CAB CLA EB . 6.82 -40.10 12.10
CBB CLA EB . 7.34 -38.69 12.06
NC CLA EB . 8.83 -40.72 17.13
C1C CLA EB . 8.21 -39.79 16.43
C2C CLA EB . 7.97 -38.55 17.20
C3C CLA EB . 8.48 -38.82 18.43
C4C CLA EB . 9.04 -40.16 18.38
CMC CLA EB . 7.29 -37.30 16.71
CAC CLA EB . 8.50 -37.90 19.62
CBC CLA EB . 9.88 -37.31 19.81
ND CLA EB . 10.21 -42.82 18.13
C1D CLA EB . 10.33 -42.08 19.27
C2D CLA EB . 11.10 -42.77 20.29
C3D CLA EB . 11.41 -43.98 19.68
C4D CLA EB . 10.88 -44.00 18.41
CMD CLA EB . 11.53 -42.43 21.69
CAD CLA EB . 12.09 -45.22 19.91
OBD CLA EB . 13.02 -45.32 20.70
CBD CLA EB . 11.97 -46.05 18.68
CGD CLA EB . 13.32 -46.27 18.09
O1D CLA EB . 13.93 -47.30 18.29
O2D CLA EB . 13.89 -45.35 17.31
CED CLA EB . 14.51 -45.86 16.14
C1 CLA EB . 11.57 -52.24 14.50
C2 CLA EB . 10.95 -52.91 13.30
C3 CLA EB . 11.17 -54.21 13.10
C4 CLA EB . 12.03 -55.00 14.05
C5 CLA EB . 10.58 -54.97 11.93
C6 CLA EB . 10.68 -56.48 12.17
C7 CLA EB . 9.30 -57.12 12.30
C8 CLA EB . 9.35 -58.65 12.35
C9 CLA EB . 9.09 -59.14 13.78
C10 CLA EB . 10.69 -59.18 11.85
C11 CLA EB . 10.57 -60.01 10.57
C12 CLA EB . 9.34 -59.65 9.75
C13 CLA EB . 9.65 -59.63 8.27
C14 CLA EB . 10.55 -58.45 7.91
C15 CLA EB . 8.34 -59.60 7.48
C16 CLA EB . 8.53 -59.22 6.02
C17 CLA EB . 7.65 -58.03 5.66
C18 CLA EB . 7.08 -58.14 4.25
C19 CLA EB . 5.81 -57.32 4.11
C20 CLA EB . 8.12 -57.71 3.21
MG CLA FB . 2.76 -51.73 12.93
CHA CLA FB . 5.24 -50.67 15.07
CHB CLA FB . 3.62 -49.29 10.66
CHC CLA FB . 0.44 -52.91 10.91
CHD CLA FB . 1.87 -54.21 15.29
NA CLA FB . 4.28 -50.13 12.84
C1A CLA FB . 5.16 -49.86 13.80
C2A CLA FB . 6.02 -48.69 13.44
C3A CLA FB . 5.49 -48.27 12.07
C4A CLA FB . 4.40 -49.27 11.83
CMA CLA FB . 5.21 -46.79 11.85
CAA CLA FB . 7.46 -49.15 13.25
CBA CLA FB . 7.70 -50.07 12.05
CGA CLA FB . 7.43 -51.50 12.43
O1A CLA FB . 7.70 -51.90 13.55
O2A CLA FB . 6.94 -52.30 11.50
NB CLA FB . 2.14 -51.19 11.07
C1B CLA FB . 2.59 -50.16 10.30
C2B CLA FB . 1.85 -50.11 9.08
C3B CLA FB . 0.95 -51.12 9.15
C4B CLA FB . 1.14 -51.80 10.43
CMB CLA FB . 2.04 -49.11 7.97
CAB CLA FB . -0.05 -51.46 8.11
CBB CLA FB . -0.28 -52.88 7.66
NC CLA FB . 1.44 -53.35 13.04
C1C CLA FB . 0.53 -53.62 12.12
C2C CLA FB . -0.36 -54.73 12.49
C3C CLA FB . 0.08 -55.11 13.73
C4C CLA FB . 1.20 -54.24 14.07
CMC CLA FB . -1.48 -55.28 11.66
CAC CLA FB . -0.47 -56.22 14.59
CBC CLA FB . 0.47 -57.40 14.56
ND CLA FB . 3.33 -52.36 14.71
C1D CLA FB . 2.94 -53.33 15.58
C2D CLA FB . 3.74 -53.32 16.79
C3D CLA FB . 4.63 -52.28 16.58
C4D CLA FB . 4.37 -51.72 15.34
CMD CLA FB . 3.74 -54.13 18.05
CAD CLA FB . 5.73 -51.58 17.19
OBD CLA FB . 6.41 -52.02 18.09
CBD CLA FB . 6.21 -50.56 16.21
CGD CLA FB . 6.16 -49.21 16.87
O1D CLA FB . 6.87 -48.30 16.50
O2D CLA FB . 5.33 -49.01 17.88
CED CLA FB . 4.97 -47.64 18.07
C1 CLA FB . 5.73 -53.08 11.73
C2 CLA FB . 5.80 -54.47 12.31
C3 CLA FB . 4.92 -55.39 11.88
C4 CLA FB . 4.94 -56.79 12.42
C5 CLA FB . 3.88 -55.07 10.85
C6 CLA FB . 3.41 -56.33 10.14
C7 CLA FB . 2.10 -56.09 9.40
C8 CLA FB . 2.21 -56.49 7.95
C9 CLA FB . 3.44 -55.84 7.31
C10 CLA FB . 0.95 -56.10 7.20
C11 CLA FB . -0.11 -57.19 7.26
C12 CLA FB . -1.48 -56.60 6.97
C13 CLA FB . -2.61 -57.57 7.34
C14 CLA FB . -2.74 -57.75 8.84
C15 CLA FB . -2.39 -58.90 6.65
C16 CLA FB . -3.67 -59.36 5.98
C17 CLA FB . -3.60 -59.17 4.47
C18 CLA FB . -3.32 -60.50 3.79
C19 CLA FB . -4.45 -60.87 2.85
C20 CLA FB . -1.98 -60.47 3.07
MG CLA GB . 4.54 -49.25 3.09
CHA CLA GB . 6.41 -48.24 5.79
CHB CLA GB . 5.67 -46.58 1.26
CHC CLA GB . 2.85 -50.43 0.52
CHD CLA GB . 3.38 -51.98 5.01
NA CLA GB . 5.92 -47.57 3.46
C1A CLA GB . 6.55 -47.33 4.60
C2A CLA GB . 7.34 -46.04 4.55
C3A CLA GB . 7.08 -45.56 3.12
C4A CLA GB . 6.17 -46.61 2.56
CMA CLA GB . 6.65 -44.11 2.93
CAA CLA GB . 8.82 -46.23 4.79
CBA CLA GB . 9.44 -47.29 3.91
CGA CLA GB . 10.84 -47.51 4.38
O1A CLA GB . 11.04 -47.90 5.51
O2A CLA GB . 11.84 -47.24 3.56
NB CLA GB . 4.30 -48.61 1.18
C1B CLA GB . 4.81 -47.49 0.60
C2B CLA GB . 4.36 -47.39 -0.74
C3B CLA GB . 3.55 -48.46 -0.96
C4B CLA GB . 3.53 -49.24 0.28
CMB CLA GB . 4.70 -46.30 -1.73
CAB CLA GB . 2.86 -48.75 -2.24
CBB CLA GB . 1.66 -49.66 -2.38
NC CLA GB . 3.34 -50.95 2.81
C1C CLA GB . 2.70 -51.22 1.69
C2C CLA GB . 1.82 -52.40 1.79
C3C CLA GB . 2.01 -52.83 3.07
C4C CLA GB . 2.93 -51.92 3.70
CMC CLA GB . 0.96 -52.99 0.71
CAC CLA GB . 1.35 -54.03 3.74
CBC CLA GB . 2.37 -55.14 3.85
ND CLA GB . 4.76 -50.00 4.90
C1D CLA GB . 4.29 -51.08 5.59
C2D CLA GB . 4.84 -51.16 6.94
C3D CLA GB . 5.66 -50.04 7.00
C4D CLA GB . 5.61 -49.37 5.79
CMD CLA GB . 4.67 -52.11 8.08
CAD CLA GB . 6.56 -49.33 7.87
OBD CLA GB . 6.77 -49.61 9.04
CBD CLA GB . 7.05 -48.12 7.15
CGD CLA GB . 6.55 -46.92 7.90
O1D CLA GB . 7.17 -46.50 8.86
O2D CLA GB . 5.46 -46.28 7.53
CED CLA GB . 5.45 -44.89 7.84
C1 CLA GB . 13.17 -47.80 3.79
C2 CLA GB . 13.43 -49.29 3.78
C3 CLA GB . 14.12 -49.87 4.78
C4 CLA GB . 14.64 -49.07 5.93
C5 CLA GB . 14.40 -51.35 4.79
C6 CLA GB . 15.62 -51.61 3.90
C7 CLA GB . 16.03 -53.08 3.89
C8 CLA GB . 17.49 -53.24 3.50
C9 CLA GB . 17.61 -53.76 2.07
C10 CLA GB . 18.18 -54.17 4.48
C11 CLA GB . 19.65 -53.81 4.65
C12 CLA GB . 20.34 -54.78 5.60
C13 CLA GB . 21.77 -55.06 5.15
C14 CLA GB . 22.23 -56.43 5.65
C15 CLA GB . 22.69 -53.97 5.66
MG CLA HB . -11.81 0.95 -7.24
CHA CLA HB . -15.00 0.35 -6.06
CHB CLA HB . -12.57 4.28 -7.70
CHC CLA HB . -8.71 1.44 -8.18
CHD CLA HB . -11.07 -2.46 -6.79
NA CLA HB . -13.59 2.21 -6.91
C1A CLA HB . -14.76 1.79 -6.46
C2A CLA HB . -15.75 2.91 -6.37
C3A CLA HB . -14.99 4.10 -6.92
C4A CLA HB . -13.63 3.53 -7.19
CMA CLA HB . -15.67 4.88 -8.01
CAA CLA HB . -16.07 3.12 -4.90
CBA CLA HB . -15.03 3.98 -4.18
CGA CLA HB . -14.13 3.11 -3.34
O1A CLA HB . -14.06 3.30 -2.14
O2A CLA HB . -13.43 2.15 -3.91
NB CLA HB . -10.79 2.60 -7.83
C1B CLA HB . -11.26 3.86 -8.00
C2B CLA HB . -10.23 4.71 -8.52
C3B CLA HB . -9.14 3.89 -8.66
C4B CLA HB . -9.53 2.56 -8.21
CMB CLA HB . -10.38 6.16 -8.84
CAB CLA HB . -7.78 4.21 -9.16
CBB CLA HB . -7.11 5.54 -8.91
NC CLA HB . -10.15 -0.31 -7.42
C1C CLA HB . -8.97 0.09 -7.83
C2C CLA HB . -7.98 -1.00 -7.88
C3C CLA HB . -8.66 -2.09 -7.46
C4C CLA HB . -10.02 -1.65 -7.18
CMC CLA HB . -6.53 -0.91 -8.29
CAC CLA HB . -8.11 -3.48 -7.33
CBC CLA HB . -7.87 -3.81 -5.87
ND CLA HB . -12.70 -0.69 -6.61
C1D CLA HB . -12.36 -2.00 -6.46
C2D CLA HB . -13.46 -2.80 -5.94
C3D CLA HB . -14.47 -1.86 -5.80
C4D CLA HB . -14.02 -0.62 -6.19
CMD CLA HB . -13.62 -4.24 -5.60
CAD CLA HB . -15.85 -1.73 -5.38
OBD CLA HB . -16.48 -2.61 -4.81
CBD CLA HB . -16.23 -0.29 -5.46
CGD CLA HB . -17.45 -0.18 -6.31
O1D CLA HB . -17.94 -1.16 -6.80
O2D CLA HB . -18.03 0.99 -6.57
CED CLA HB . -19.19 1.34 -5.83
C1 CLA HB . -12.49 1.35 -3.14
C2 CLA HB . -11.01 1.35 -3.42
C3 CLA HB . -10.35 0.20 -3.28
C4 CLA HB . -11.07 -1.04 -2.83
C5 CLA HB . -8.87 0.03 -3.53
C6 CLA HB . -8.24 1.32 -4.01
C7 CLA HB . -6.92 0.99 -4.69
C8 CLA HB . -5.84 2.04 -4.42
C9 CLA HB . -5.89 2.52 -2.98
C10 CLA HB . -6.01 3.20 -5.39
C11 CLA HB . -5.11 3.01 -6.60
C12 CLA HB . -4.33 4.28 -6.90
C13 CLA HB . -3.30 4.05 -8.00
C14 CLA HB . -2.63 2.70 -7.88
C15 CLA HB . -2.27 5.16 -7.94
C16 CLA HB . -2.15 5.87 -9.28
C17 CLA HB . -1.68 7.30 -9.08
C18 CLA HB . -1.04 7.86 -10.35
C19 CLA HB . -0.29 9.15 -10.04
C20 CLA HB . -0.14 6.82 -10.99
MG CLA IB . -2.23 -12.68 -0.27
CHA CLA IB . -0.48 -14.33 -2.75
CHB CLA IB . 0.13 -13.60 2.06
CHC CLA IB . -3.93 -10.99 1.97
CHD CLA IB . -4.65 -11.78 -2.67
NA CLA IB . -0.35 -13.84 -0.31
C1A CLA IB . 0.17 -14.42 -1.39
C2A CLA IB . 1.44 -15.17 -1.06
C3A CLA IB . 1.58 -14.92 0.44
C4A CLA IB . 0.41 -14.07 0.78
CMA CLA IB . 1.87 -16.12 1.34
CAA CLA IB . 2.59 -14.59 -1.86
CBA CLA IB . 3.65 -13.91 -1.00
CGA CLA IB . 3.63 -12.42 -1.27
O1A CLA IB . 2.65 -11.76 -0.94
O2A CLA IB . 4.67 -11.88 -1.88
NB CLA IB . -1.94 -12.34 1.71
C1B CLA IB . -0.94 -12.80 2.51
C2B CLA IB . -1.14 -12.36 3.86
C3B CLA IB . -2.30 -11.63 3.83
C4B CLA IB . -2.79 -11.62 2.46
CMB CLA IB . -0.27 -12.64 5.03
CAB CLA IB . -2.93 -10.95 4.99
CBB CLA IB . -4.41 -11.04 5.24
NC CLA IB . -3.98 -11.51 -0.36
C1C CLA IB . -4.51 -10.93 0.69
C2C CLA IB . -5.76 -10.20 0.37
C3C CLA IB . -5.94 -10.42 -0.97
C4C CLA IB . -4.82 -11.24 -1.40
CMC CLA IB . -6.62 -9.42 1.33
CAC CLA IB . -7.05 -9.89 -1.84
CBC CLA IB . -8.31 -10.68 -1.70
ND CLA IB . -2.57 -12.92 -2.20
C1D CLA IB . -3.54 -12.55 -3.07
C2D CLA IB . -3.28 -13.05 -4.40
C3D CLA IB . -2.09 -13.74 -4.26
C4D CLA IB . -1.68 -13.65 -2.94
CMD CLA IB . -4.00 -12.94 -5.72
CAD CLA IB . -1.12 -14.51 -4.99
OBD CLA IB . -1.16 -14.73 -6.19
CBD CLA IB . -0.04 -14.92 -4.06
CGD CLA IB . 0.00 -16.40 -3.94
O1D CLA IB . -0.89 -16.97 -3.36
O2D CLA IB . 0.98 -17.11 -4.47
CED CLA IB . 0.58 -18.31 -5.11
C1 CLA IB . 5.48 -10.84 -1.27
C2 CLA IB . 4.88 -9.49 -0.91
C3 CLA IB . 5.51 -8.36 -1.21
C4 CLA IB . 6.84 -8.36 -1.92
C5 CLA IB . 4.94 -7.01 -0.87
C6 CLA IB . 3.49 -6.95 -1.33
C7 CLA IB . 3.10 -5.52 -1.68
C8 CLA IB . 1.60 -5.38 -1.85
C9 CLA IB . 1.23 -5.26 -3.32
C10 CLA IB . 1.12 -4.18 -1.06
MG CLA JB . 17.69 -60.80 -7.92
CHA CLA JB . 16.35 -63.95 -8.36
CHB CLA JB . 15.63 -60.25 -5.22
CHC CLA JB . 19.10 -57.85 -7.54
CHD CLA JB . 19.78 -61.35 -10.70
NA CLA JB . 16.14 -61.97 -6.86
C1A CLA JB . 15.74 -63.21 -7.19
C2A CLA JB . 14.66 -63.69 -6.28
C3A CLA JB . 14.45 -62.51 -5.32
C4A CLA JB . 15.44 -61.50 -5.80
CMA CLA JB . 13.04 -62.05 -4.99
CAA CLA JB . 15.11 -64.92 -5.50
CBA CLA JB . 16.17 -64.60 -4.46
CGA CLA JB . 15.86 -65.35 -3.18
O1A CLA JB . 15.55 -66.52 -3.24
O2A CLA JB . 15.95 -64.71 -2.03
NB CLA JB . 17.41 -59.29 -6.58
C1B CLA JB . 16.51 -59.22 -5.56
C2B CLA JB . 16.64 -57.94 -4.89
C3B CLA JB . 17.62 -57.28 -5.57
C4B CLA JB . 18.10 -58.14 -6.63
CMB CLA JB . 15.85 -57.46 -3.71
CAB CLA JB . 18.16 -55.92 -5.31
CBB CLA JB . 18.67 -55.54 -3.94
NC CLA JB . 19.25 -59.81 -8.91
C1C CLA JB . 19.62 -58.56 -8.62
C2C CLA JB . 20.63 -58.03 -9.58
C3C CLA JB . 20.83 -59.05 -10.44
C4C CLA JB . 19.97 -60.15 -10.02
CMC CLA JB . 21.25 -56.67 -9.54
CAC CLA JB . 21.76 -59.04 -11.63
CBC CLA JB . 23.02 -59.82 -11.29
ND CLA JB . 18.05 -62.22 -9.25
C1D CLA JB . 18.89 -62.37 -10.30
C2D CLA JB . 18.75 -63.68 -10.92
C3D CLA JB . 17.75 -64.28 -10.16
C4D CLA JB . 17.34 -63.39 -9.17
CMD CLA JB . 19.40 -64.36 -12.08
CAD CLA JB . 17.00 -65.50 -10.04
OBD CLA JB . 17.26 -66.55 -10.60
CBD CLA JB . 16.08 -65.36 -8.85
CGD CLA JB . 14.67 -65.57 -9.33
O1D CLA JB . 13.72 -65.42 -8.59
O2D CLA JB . 14.45 -65.93 -10.58
CED CLA JB . 13.17 -65.61 -11.11
C1 PQN KB . -11.41 -15.94 -5.29
O1 PQN KB . -11.73 -16.39 -4.18
C2 PQN KB . -11.24 -14.49 -5.48
C2M PQN KB . -11.48 -13.57 -4.32
C3 PQN KB . -10.90 -14.00 -6.68
C4 PQN KB . -10.67 -14.91 -7.82
O4 PQN KB . -10.35 -14.44 -8.93
C5 PQN KB . -10.82 -16.37 -7.66
C6 PQN KB . -10.61 -17.21 -8.74
C7 PQN KB . -10.75 -18.57 -8.57
C8 PQN KB . -11.11 -19.08 -7.33
C9 PQN KB . -11.33 -18.24 -6.26
C10 PQN KB . -11.18 -16.88 -6.43
C11 PQN KB . -10.74 -12.52 -6.89
C12 PQN KB . -9.30 -12.20 -6.60
C13 PQN KB . -8.70 -11.17 -7.18
C14 PQN KB . -9.46 -10.32 -8.15
C15 PQN KB . -7.25 -10.89 -6.85
C16 PQN KB . -7.17 -9.79 -5.81
C17 PQN KB . -5.80 -9.16 -5.84
C18 PQN KB . -5.90 -7.67 -5.61
C19 PQN KB . -6.21 -6.95 -6.91
C20 PQN KB . -4.61 -7.15 -5.00
C21 PQN KB . -4.67 -7.17 -3.49
C22 PQN KB . -3.32 -6.82 -2.90
C23 PQN KB . -3.11 -7.48 -1.54
C24 PQN KB . -3.19 -6.42 -0.44
C25 PQN KB . -1.79 -8.23 -1.50
C26 PQN KB . -1.52 -8.97 -2.80
C27 PQN KB . -0.29 -9.87 -2.65
C28 PQN KB . 0.53 -9.90 -3.93
C29 PQN KB . 1.99 -10.16 -3.60
C30 PQN KB . 0.01 -10.94 -4.90
C1 BCR LB . 32.32 -17.42 5.88
C2 BCR LB . 30.83 -17.17 5.81
C3 BCR LB . 30.14 -17.19 7.17
C4 BCR LB . 30.41 -18.55 7.79
C5 BCR LB . 31.88 -18.75 7.95
C6 BCR LB . 32.75 -18.26 7.06
C7 BCR LB . 34.18 -18.55 7.24
C8 BCR LB . 34.78 -19.62 6.76
C9 BCR LB . 36.18 -19.94 6.89
C10 BCR LB . 36.69 -21.23 6.53
C11 BCR LB . 37.84 -21.93 6.12
C33 BCR LB . 32.36 -19.50 9.15
C31 BCR LB . 33.08 -16.11 5.98
C32 BCR LB . 32.71 -18.14 4.60
C34 BCR LB . 37.12 -18.95 7.44
C12 BCR LB . 38.59 -22.75 5.68
C13 BCR LB . 39.78 -23.46 5.47
C14 BCR LB . 39.64 -24.70 4.92
C15 BCR LB . 40.67 -25.66 4.63
C16 BCR LB . 40.90 -26.86 4.08
C17 BCR LB . 42.07 -27.40 3.98
C18 BCR LB . 42.33 -28.68 3.66
C19 BCR LB . 43.67 -29.27 3.55
C20 BCR LB . 44.37 -30.29 3.07
C21 BCR LB . 45.42 -31.19 2.74
C22 BCR LB . 45.30 -32.50 2.44
C23 BCR LB . 46.46 -33.34 2.14
C24 BCR LB . 47.65 -33.52 3.03
C25 BCR LB . 48.78 -34.40 2.66
C26 BCR LB . 49.12 -35.35 3.52
C27 BCR LB . 49.84 -36.58 3.04
C28 BCR LB . 50.95 -36.24 2.05
C29 BCR LB . 50.94 -34.79 1.54
C30 BCR LB . 49.53 -34.24 1.35
C35 BCR LB . 41.08 -22.90 5.89
C36 BCR LB . 41.17 -29.57 3.36
C37 BCR LB . 43.94 -33.12 2.41
C38 BCR LB . 48.81 -35.25 4.97
C39 BCR LB . 48.80 -34.95 0.20
C40 BCR LB . 49.69 -32.76 1.01
C1 BCR MB . 22.01 -23.50 5.95
C2 BCR MB . 21.10 -23.43 4.75
C3 BCR MB . 20.31 -24.72 4.58
C4 BCR MB . 21.25 -25.90 4.39
C5 BCR MB . 22.33 -25.91 5.44
C6 BCR MB . 22.82 -24.77 5.91
C7 BCR MB . 24.18 -24.71 6.46
C8 BCR MB . 25.26 -24.87 5.72
C9 BCR MB . 26.62 -24.83 6.19
C10 BCR MB . 27.55 -25.85 5.81
C11 BCR MB . 28.81 -26.11 5.23
C33 BCR MB . 22.83 -27.24 5.93
C31 BCR MB . 21.18 -23.53 7.23
C32 BCR MB . 22.94 -22.32 5.97
C34 BCR MB . 27.05 -23.74 7.11
C12 BCR MB . 29.87 -26.36 4.73
C13 BCR MB . 31.25 -26.25 4.48
C14 BCR MB . 31.71 -26.81 3.33
C15 BCR MB . 33.07 -26.81 2.94
C16 BCR MB . 34.00 -26.35 2.08
C17 BCR MB . 35.23 -26.71 2.09
C18 BCR MB . 36.08 -26.68 1.05
C19 BCR MB . 37.46 -27.11 1.12
C20 BCR MB . 38.70 -27.07 0.67
C21 BCR MB . 40.08 -27.41 0.58
C22 BCR MB . 40.89 -27.29 -0.48
C23 BCR MB . 42.27 -27.75 -0.37
C24 BCR MB . 43.35 -27.52 -1.38
C25 BCR MB . 44.68 -28.09 -1.08
C26 BCR MB . 45.45 -27.51 -0.18
C27 BCR MB . 46.45 -28.34 0.60
C28 BCR MB . 47.12 -29.41 -0.24
C29 BCR MB . 46.63 -29.49 -1.68
C30 BCR MB . 45.12 -29.36 -1.80
C35 BCR MB . 32.16 -25.56 5.44
C36 BCR MB . 35.55 -26.19 -0.26
C37 BCR MB . 40.36 -26.71 -1.75
C38 BCR MB . 45.37 -26.04 0.11
C39 BCR MB . 44.42 -30.58 -1.23
C40 BCR MB . 44.80 -29.21 -3.28
C1 BCR NB . 18.24 -59.06 2.81
C2 BCR NB . 19.18 -59.14 4.00
C3 BCR NB . 18.45 -59.61 5.26
C4 BCR NB . 17.42 -58.56 5.61
C5 BCR NB . 16.51 -58.27 4.45
C6 BCR NB . 16.84 -58.61 3.20
C7 BCR NB . 15.80 -58.58 2.15
C8 BCR NB . 15.52 -57.58 1.35
C9 BCR NB . 14.49 -57.57 0.33
C10 BCR NB . 14.08 -56.41 -0.41
C11 BCR NB . 14.49 -55.32 -1.20
C33 BCR NB . 15.19 -57.60 4.73
C31 BCR NB . 18.11 -60.43 2.15
C32 BCR NB . 18.82 -58.07 1.81
C34 BCR NB . 13.82 -58.87 -0.01
C12 BCR NB . 14.79 -54.44 -1.98
C13 BCR NB . 14.52 -53.24 -2.66
C14 BCR NB . 15.51 -52.38 -2.97
C15 BCR NB . 15.24 -51.16 -3.66
C16 BCR NB . 15.69 -50.04 -4.26
C17 BCR NB . 14.91 -49.15 -4.79
C18 BCR NB . 15.27 -47.93 -5.21
C19 BCR NB . 14.29 -47.01 -5.79
C20 BCR NB . 14.08 -46.06 -6.67
C21 BCR NB . 13.46 -45.07 -7.49
C22 BCR NB . 14.02 -43.95 -7.98
C23 BCR NB . 13.25 -43.07 -8.83
C24 BCR NB . 13.81 -41.93 -9.63
C25 BCR NB . 12.97 -41.09 -10.50
C26 BCR NB . 11.76 -40.67 -10.15
C27 BCR NB . 10.70 -40.55 -11.22
C28 BCR NB . 11.30 -39.80 -12.39
C29 BCR NB . 12.50 -40.56 -12.92
C30 BCR NB . 13.56 -40.68 -11.84
C35 BCR NB . 13.10 -52.96 -3.05
C36 BCR NB . 16.70 -47.49 -5.10
C37 BCR NB . 15.45 -43.62 -7.66
C38 BCR NB . 11.38 -40.29 -8.76
C39 BCR NB . 14.23 -39.34 -11.61
C40 BCR NB . 14.58 -41.70 -12.29
C1 BCR OB . 7.14 -39.58 -4.08
C2 BCR OB . 6.45 -39.22 -5.38
C3 BCR OB . 7.10 -39.91 -6.56
C4 BCR OB . 8.53 -39.43 -6.67
C5 BCR OB . 9.28 -39.50 -5.37
C6 BCR OB . 8.65 -39.41 -4.22
C7 BCR OB . 9.44 -39.06 -3.03
C8 BCR OB . 9.96 -39.99 -2.25
C9 BCR OB . 10.72 -39.76 -1.04
C10 BCR OB . 12.05 -40.27 -0.92
C11 BCR OB . 12.91 -41.07 -0.18
C33 BCR OB . 10.77 -39.66 -5.40
C31 BCR OB . 6.87 -41.04 -3.72
C32 BCR OB . 6.65 -38.67 -2.97
C34 BCR OB . 10.20 -38.94 0.08
C12 BCR OB . 13.65 -41.74 0.43
C13 BCR OB . 14.25 -42.45 1.48
C14 BCR OB . 14.99 -43.53 1.13
C15 BCR OB . 15.69 -44.38 2.03
C16 BCR OB . 16.73 -45.15 2.30
C17 BCR OB . 16.84 -45.84 3.38
C18 BCR OB . 17.71 -46.83 3.62
C19 BCR OB . 17.73 -47.54 4.90
C20 BCR OB . 18.49 -48.15 5.80
C21 BCR OB . 18.89 -48.87 6.96
C22 BCR OB . 20.05 -49.50 7.15
C23 BCR OB . 20.27 -50.16 8.43
C24 BCR OB . 21.52 -50.82 8.89
C25 BCR OB . 21.49 -51.39 10.23
C26 BCR OB . 21.62 -50.58 11.26
C27 BCR OB . 20.99 -50.95 12.58
C28 BCR OB . 21.23 -52.42 12.93
C29 BCR OB . 21.82 -53.26 11.80
C30 BCR OB . 21.30 -52.88 10.42
C35 BCR OB . 14.13 -41.95 2.84
C36 BCR OB . 18.66 -47.26 2.54
C37 BCR OB . 21.10 -49.51 6.09
C38 BCR OB . 22.34 -49.27 11.17
C39 BCR OB . 19.83 -53.26 10.25
C40 BCR OB . 22.16 -53.61 9.40
C1 BCR PB . 6.89 -18.59 8.16
C2 BCR PB . 7.71 -19.58 8.95
C3 BCR PB . 7.05 -19.93 10.26
C4 BCR PB . 6.88 -18.68 11.09
C5 BCR PB . 6.21 -17.59 10.31
C6 BCR PB . 6.55 -17.42 9.04
C7 BCR PB . 6.61 -16.06 8.48
C8 BCR PB . 5.57 -15.48 7.91
C9 BCR PB . 5.54 -14.17 7.35
C10 BCR PB . 4.35 -13.37 7.37
C11 BCR PB . 3.09 -13.14 7.94
C33 BCR PB . 5.18 -16.73 10.97
C31 BCR PB . 5.59 -19.24 7.72
C32 BCR PB . 7.68 -18.09 6.96
C34 BCR PB . 6.78 -13.63 6.71
C12 BCR PB . 2.01 -12.83 8.38
C13 BCR PB . 0.72 -12.93 8.94
C14 BCR PB . -0.01 -11.80 8.84
C15 BCR PB . -1.34 -11.52 9.28
C16 BCR PB . -2.44 -10.79 9.07
C17 BCR PB . -3.51 -10.87 9.81
C18 BCR PB . -4.52 -9.99 9.84
C19 BCR PB . -4.42 -8.82 8.99
C20 BCR PB . -4.54 -7.52 8.77
C21 BCR PB . -4.46 -6.32 8.01
C22 BCR PB . -5.29 -5.27 8.07
C23 BCR PB . -5.01 -4.13 7.18
C24 BCR PB . -5.11 -2.69 7.55
C25 BCR PB . -4.79 -1.68 6.53
C26 BCR PB . -3.52 -1.45 6.23
C27 BCR PB . -3.16 -0.77 4.94
C28 BCR PB . -4.10 0.37 4.59
C29 BCR PB . -5.39 0.43 5.40
C30 BCR PB . -5.92 -0.92 5.83
C35 BCR PB . 0.22 -14.19 9.58
C36 BCR PB . -5.72 -10.18 10.73
C37 BCR PB . -6.47 -5.26 8.98
C38 BCR PB . -2.41 -1.84 7.15
C39 BCR PB . -6.48 -1.73 4.67
C40 BCR PB . -7.04 -0.66 6.84
O1 LHG QB . 17.48 -53.15 -11.61
C1 LHG QB . 17.75 -54.00 -10.50
C2 LHG QB . 17.49 -55.42 -10.93
O2 LHG QB . 16.51 -55.39 -11.97
C3 LHG QB . 16.93 -56.18 -9.74
O3 LHG QB . 15.59 -56.54 -10.02
P LHG QB . 15.16 -58.09 -9.98
O4 LHG QB . 16.14 -58.84 -9.15
O5 LHG QB . 14.85 -58.55 -11.38
O6 LHG QB . 13.79 -57.98 -9.17
C4 LHG QB . 13.57 -58.82 -8.05
C5 LHG QB . 12.50 -58.20 -7.17
C6 LHG QB . 13.05 -57.98 -5.76
O7 LHG QB . 12.11 -56.96 -7.71
C7 LHG QB . 10.80 -56.97 -7.97
O9 LHG QB . 10.25 -58.02 -8.24
C8 LHG QB . 10.00 -55.69 -7.93
C9 LHG QB . 8.59 -56.05 -7.47
C10 LHG QB . 8.50 -56.00 -5.95
O8 LHG QB . 12.08 -58.41 -4.82
C23 LHG QB . 11.51 -57.53 -3.99
O10 LHG QB . 12.01 -56.43 -3.89
C24 LHG QB . 10.28 -57.90 -3.21
C11 LHG QB . 7.06 -55.88 -5.51
C12 LHG QB . 6.99 -55.17 -4.16
C13 LHG QB . 5.78 -55.61 -3.36
C25 LHG QB . 10.45 -57.44 -1.77
C26 LHG QB . 9.52 -56.28 -1.43
C27 LHG QB . 9.86 -55.64 -0.10
O1 LHG RB . 0.76 -17.87 -19.42
C1 LHG RB . 0.46 -19.24 -19.12
C2 LHG RB . 0.65 -19.50 -17.64
O2 LHG RB . 1.85 -20.27 -17.47
C3 LHG RB . -0.54 -20.28 -17.10
O3 LHG RB . -0.24 -20.74 -15.77
P LHG RB . -1.38 -20.76 -14.63
O4 LHG RB . -1.93 -22.16 -14.58
O5 LHG RB . -2.32 -19.60 -14.81
O6 LHG RB . -0.50 -20.50 -13.30
C4 LHG RB . -0.79 -19.36 -12.50
C5 LHG RB . -0.61 -19.66 -11.02
C6 LHG RB . -0.38 -21.15 -10.79
O7 LHG RB . 0.52 -18.96 -10.53
C7 LHG RB . 0.24 -18.25 -9.43
O9 LHG RB . -0.21 -18.82 -8.46
C8 LHG RB . 0.49 -16.77 -9.41
C9 LHG RB . 1.93 -16.48 -9.00
C10 LHG RB . 2.00 -15.13 -8.30
O8 LHG RB . 0.73 -21.29 -9.91
C23 LHG RB . 1.91 -21.68 -10.38
O10 LHG RB . 1.95 -22.53 -11.25
C24 LHG RB . 3.18 -21.06 -9.88
C11 LHG RB . 3.02 -15.13 -7.18
C12 LHG RB . 3.93 -13.92 -7.30
C13 LHG RB . 3.27 -12.69 -6.68
C14 LHG RB . 4.25 -11.98 -5.74
C15 LHG RB . 5.01 -12.97 -4.86
C16 LHG RB . 6.50 -12.70 -4.97
C17 LHG RB . 7.36 -13.74 -4.27
C18 LHG RB . 7.12 -13.73 -2.77
C19 LHG RB . 8.43 -13.88 -2.00
C20 LHG RB . 8.97 -15.29 -2.09
C21 LHG RB . 9.66 -15.68 -0.79
C22 LHG RB . 10.99 -15.00 -0.64
C25 LHG RB . 4.15 -22.17 -9.52
C26 LHG RB . 4.70 -21.95 -8.13
C27 LHG RB . 3.59 -22.01 -7.08
C28 LHG RB . 3.27 -23.44 -6.70
C29 LHG RB . 2.15 -23.49 -5.67
C30 LHG RB . 2.74 -23.74 -4.28
C31 LHG RB . 2.11 -22.87 -3.22
C32 LHG RB . 2.30 -23.49 -1.84
C33 LHG RB . 3.44 -22.83 -1.10
C34 LHG RB . 3.07 -22.54 0.34
C35 LHG RB . 3.79 -21.29 0.82
C36 LHG RB . 3.43 -20.95 2.26
C37 LHG RB . 4.65 -21.04 3.17
C38 LHG RB . 4.26 -21.36 4.59
C1A DGD SB . 25.19 4.66 11.94
C2A DGD SB . 25.68 3.23 12.02
C3A DGD SB . 26.78 2.98 11.00
C4A DGD SB . 26.62 1.60 10.38
C5A DGD SB . 26.01 1.71 8.99
C6A DGD SB . 25.94 0.35 8.30
C7A DGD SB . 25.01 0.40 7.10
C8A DGD SB . 24.71 -1.01 6.59
C9A DGD SB . 23.95 -0.94 5.30
CAA DGD SB . 23.89 -2.03 4.53
O1A DGD SB . 25.88 5.59 12.35
C1B DGD SB . 19.77 2.86 10.59
C2B DGD SB . 19.13 1.71 9.85
C3B DGD SB . 20.20 0.92 9.13
C4B DGD SB . 19.58 -0.34 8.54
C5B DGD SB . 20.47 -0.88 7.43
C6B DGD SB . 20.36 -2.39 7.31
C7B DGD SB . 19.38 -2.78 6.23
C8B DGD SB . 19.52 -4.24 5.85
C9B DGD SB . 20.92 -4.51 5.35
CAB DGD SB . 21.09 -5.41 4.38
CBB DGD SB . 19.90 -6.15 3.82
O1B DGD SB . 19.17 3.91 10.76
O1G DGD SB . 23.89 4.94 11.35
C1G DGD SB . 23.13 3.88 10.78
C2G DGD SB . 21.70 3.96 11.27
O2G DGD SB . 21.01 2.72 11.08
C3G DGD SB . 21.76 4.29 12.75
O3G DGD SB . 20.46 4.30 13.33
C1D DGD SB . 20.05 3.03 13.86
C2D DGD SB . 21.11 2.47 14.82
O2D DGD SB . 22.02 1.61 14.14
C3D DGD SB . 20.40 1.70 15.91
O3D DGD SB . 21.39 1.15 16.78
C4D DGD SB . 19.47 2.60 16.72
O4D DGD SB . 20.20 3.21 17.79
C5D DGD SB . 18.87 3.72 15.87
O5D DGD SB . 19.32 5.67 17.19
C6D DGD SB . 19.63 5.04 15.97
O6D DGD SB . 18.79 3.21 14.53
C1E DGD SB . 20.18 6.79 17.33
C2E DGD SB . 20.77 6.83 18.72
O2E DGD SB . 20.89 5.49 19.21
C3E DGD SB . 19.89 7.65 19.66
O3E DGD SB . 20.32 9.01 19.60
C4E DGD SB . 18.43 7.55 19.27
O4E DGD SB . 17.62 8.33 20.16
C5E DGD SB . 18.20 8.00 17.82
O6E DGD SB . 19.44 7.98 17.09
C6E DGD SB . 17.61 9.39 17.72
O5E DGD SB . 17.80 9.87 16.38
O13 3PH TB . 23.39 3.39 -22.66
P 3PH TB . 24.02 2.03 -22.80
O14 3PH TB . 23.05 0.97 -22.33
O12 3PH TB . 24.36 1.76 -24.25
O11 3PH TB . 25.39 1.96 -21.89
C1 3PH TB . 26.10 0.76 -21.85
C2 3PH TB . 26.19 0.25 -20.41
O21 3PH TB . 26.63 -1.08 -20.43
C21 3PH TB . 27.95 -1.25 -20.00
O22 3PH TB . 28.84 -0.97 -20.72
C22 3PH TB . 28.23 -1.81 -18.59
C23 3PH TB . 26.93 -2.17 -17.89
C24 3PH TB . 27.16 -2.27 -16.39
C25 3PH TB . 26.52 -1.09 -15.67
C26 3PH TB . 27.05 -1.02 -14.24
C27 3PH TB . 26.50 -2.19 -13.44
C28 3PH TB . 26.73 -1.94 -11.96
C29 3PH TB . 28.24 -1.85 -11.69
C2A 3PH TB . 28.52 -2.03 -10.20
C2B 3PH TB . 28.43 -3.50 -9.83
C2C 3PH TB . 27.89 -3.63 -8.42
C3 3PH TB . 24.81 0.31 -19.75
O31 3PH TB . 24.53 1.63 -19.38
C31 3PH TB . 24.54 1.83 -18.00
O32 3PH TB . 25.52 1.58 -17.37
C32 3PH TB . 23.30 2.38 -17.30
C33 3PH TB . 23.46 2.15 -15.80
C34 3PH TB . 22.66 3.19 -15.03
C35 3PH TB . 23.22 3.32 -13.62
C36 3PH TB . 23.51 1.94 -13.04
C37 3PH TB . 23.66 2.04 -11.52
C38 3PH TB . 23.98 0.66 -10.96
C39 3PH TB . 24.66 0.80 -9.60
FE1 SF4 UB . -14.19 -25.63 -13.15
FE2 SF4 UB . -14.65 -28.29 -12.81
FE3 SF4 UB . -13.39 -27.40 -15.06
FE4 SF4 UB . -16.05 -26.90 -14.69
S1 SF4 UB . -15.07 -28.94 -14.96
S2 SF4 UB . -14.47 -25.41 -15.41
S3 SF4 UB . -16.13 -26.60 -12.43
S4 SF4 UB . -12.62 -27.27 -12.92
MG CLA VB . -6.00 -2.95 -11.29
CHA CLA VB . -4.41 0.09 -11.76
CHB CLA VB . -2.98 -4.57 -11.28
CHC CLA VB . -7.61 -5.75 -10.61
CHD CLA VB . -9.08 -1.26 -11.34
NA CLA VB . -3.90 -2.33 -11.50
C1A CLA VB . -3.46 -1.08 -11.71
C2A CLA VB . -1.97 -1.02 -11.87
C3A CLA VB . -1.57 -2.50 -11.73
C4A CLA VB . -2.87 -3.19 -11.49
CMA CLA VB . -0.66 -3.12 -12.78
CAA CLA VB . -1.40 -0.22 -10.70
CBA CLA VB . 0.04 -0.60 -10.34
CGA CLA VB . 0.87 0.63 -10.11
O1A CLA VB . 0.93 1.47 -10.99
O2A CLA VB . 1.52 0.77 -8.97
NB CLA VB . -5.39 -4.86 -10.97
C1B CLA VB . -4.12 -5.35 -11.04
C2B CLA VB . -4.13 -6.77 -10.83
C3B CLA VB . -5.42 -7.11 -10.65
C4B CLA VB . -6.23 -5.89 -10.74
CMB CLA VB . -2.93 -7.69 -10.82
CAB CLA VB . -5.88 -8.50 -10.37
CBB CLA VB . -7.29 -9.00 -10.56
NC CLA VB . -8.02 -3.43 -11.00
C1C CLA VB . -8.47 -4.63 -10.71
C2C CLA VB . -9.94 -4.67 -10.50
C3C CLA VB . -10.33 -3.38 -10.71
C4C CLA VB . -9.14 -2.62 -11.02
CMC CLA VB . -10.81 -5.83 -10.14
CAC CLA VB . -11.74 -2.84 -10.61
CBC CLA VB . -12.32 -2.64 -11.99
ND CLA VB . -6.69 -1.11 -11.50
C1D CLA VB . -7.91 -0.52 -11.50
C2D CLA VB . -7.81 0.91 -11.68
C3D CLA VB . -6.45 1.14 -11.79
C4D CLA VB . -5.79 -0.07 -11.68
CMD CLA VB . -8.83 2.01 -11.77
CAD CLA VB . -5.48 2.19 -11.97
OBD CLA VB . -5.72 3.37 -11.82
CBD CLA VB . -4.13 1.57 -11.82
CGD CLA VB . -3.26 2.02 -12.95
O1D CLA VB . -3.73 2.32 -14.03
O2D CLA VB . -1.94 2.11 -12.80
CED CLA VB . -1.39 3.41 -12.97
C1 CLA VB . 1.35 1.95 -8.14
C2 CLA VB . 1.59 3.35 -8.66
C3 CLA VB . 1.82 4.35 -7.81
C4 CLA VB . 1.86 4.13 -6.33
C5 CLA VB . 2.06 5.77 -8.28
C6 CLA VB . 3.13 6.43 -7.43
C7 CLA VB . 2.92 7.93 -7.31
C8 CLA VB . 4.22 8.72 -7.46
C9 CLA VB . 4.01 9.94 -8.35
C10 CLA VB . 5.35 7.84 -8.00
MG CLA WB . 7.02 -7.90 -9.88
CHA CLA WB . 3.83 -6.66 -10.26
CHB CLA WB . 6.37 -8.72 -6.62
CHC CLA WB . 10.07 -9.05 -9.69
CHD CLA WB . 7.64 -7.04 -13.29
NA CLA WB . 5.26 -7.72 -8.56
C1A CLA WB . 4.09 -7.20 -8.88
C2A CLA WB . 3.12 -7.26 -7.73
C3A CLA WB . 3.96 -7.89 -6.62
C4A CLA WB . 5.27 -8.14 -7.29
CMA CLA WB . 3.93 -7.27 -5.24
CAA CLA WB . 1.95 -8.18 -8.10
CBA CLA WB . 0.70 -7.37 -8.44
CGA CLA WB . -0.27 -7.38 -7.30
O1A CLA WB . -0.57 -8.44 -6.79
O2A CLA WB . -0.77 -6.24 -6.89
NB CLA WB . 8.07 -8.76 -8.38
C1B CLA WB . 7.66 -9.01 -7.11
C2B CLA WB . 8.72 -9.60 -6.37
C3B CLA WB . 9.78 -9.70 -7.23
C4B CLA WB . 9.33 -9.15 -8.52
CMB CLA WB . 8.73 -10.03 -4.93
CAB CLA WB . 11.10 -10.26 -6.88
CBB CLA WB . 12.33 -10.10 -7.73
NC CLA WB . 8.58 -8.02 -11.28
C1C CLA WB . 9.76 -8.52 -10.97
C2C CLA WB . 10.72 -8.48 -12.09
C3C CLA WB . 10.02 -7.90 -13.10
C4C CLA WB . 8.69 -7.63 -12.59
CMC CLA WB . 12.13 -8.97 -12.06
CAC CLA WB . 10.54 -7.62 -14.49
CBC CLA WB . 10.78 -6.13 -14.66
ND CLA WB . 6.08 -7.11 -11.44
C1D CLA WB . 6.39 -6.78 -12.72
C2D CLA WB . 5.28 -6.11 -13.39
C3D CLA WB . 4.31 -6.08 -12.42
C4D CLA WB . 4.78 -6.66 -11.27
CMD CLA WB . 5.07 -5.54 -14.76
CAD CLA WB . 2.96 -5.64 -12.21
OBD CLA WB . 2.38 -4.83 -12.91
CBD CLA WB . 2.58 -6.04 -10.83
CGD CLA WB . 2.20 -4.80 -10.08
O1D CLA WB . 1.38 -4.03 -10.51
O2D CLA WB . 2.78 -4.50 -8.93
CED CLA WB . 1.98 -3.71 -8.05
C1 CLA WB . -1.44 -5.33 -7.81
C2 CLA WB . -1.50 -3.86 -7.49
C3 CLA WB . -2.63 -3.30 -7.05
C4 CLA WB . -3.88 -4.12 -6.84
C5 CLA WB . -2.74 -1.84 -6.72
C6 CLA WB . -1.35 -1.28 -6.44
C7 CLA WB . -1.42 0.07 -5.73
C8 CLA WB . -1.41 -0.09 -4.21
C9 CLA WB . -2.83 -0.12 -3.63
C10 CLA WB . -0.58 1.03 -3.58
C11 CLA WB . -0.84 2.37 -4.25
C12 CLA WB . -1.79 3.22 -3.40
C13 CLA WB . -1.05 3.93 -2.27
C14 CLA WB . -1.93 4.02 -1.03
C15 CLA WB . -0.60 5.30 -2.76
C16 CLA WB . 0.71 5.73 -2.11
C17 CLA WB . 1.56 6.53 -3.09
C18 CLA WB . 1.68 7.99 -2.66
C19 CLA WB . 2.94 8.63 -3.22
C20 CLA WB . 0.44 8.78 -3.06
O1 LHG XB . 52.40 -16.83 17.72
C1 LHG XB . 53.46 -15.95 18.17
C2 LHG XB . 54.66 -16.77 18.61
O2 LHG XB . 55.86 -16.12 18.14
C3 LHG XB . 54.63 -18.19 18.07
O3 LHG XB . 53.72 -18.34 16.97
P LHG XB . 54.24 -18.08 15.47
O4 LHG XB . 53.74 -16.73 15.07
O5 LHG XB . 55.72 -18.40 15.41
O6 LHG XB . 53.44 -19.15 14.57
C4 LHG XB . 54.17 -19.98 13.67
C5 LHG XB . 54.10 -19.41 12.26
C6 LHG XB . 52.94 -18.43 12.17
O7 LHG XB . 55.32 -18.75 12.01
C7 LHG XB . 55.61 -18.69 10.71
O9 LHG XB . 55.25 -17.72 10.05
C8 LHG XB . 56.37 -19.79 10.03
C9 LHG XB . 56.82 -19.26 8.68
C10 LHG XB . 55.89 -19.71 7.57
O8 LHG XB . 51.89 -19.03 11.41
C23 LHG XB . 51.69 -18.73 10.13
O10 LHG XB . 52.51 -18.03 9.55
C24 LHG XB . 50.47 -19.21 9.40
C11 LHG XB . 55.59 -18.59 6.59
C12 LHG XB . 54.24 -18.80 5.94
C13 LHG XB . 54.32 -18.53 4.45
C14 LHG XB . 53.38 -17.41 4.02
C15 LHG XB . 54.13 -16.12 3.74
C16 LHG XB . 53.94 -15.66 2.30
C17 LHG XB . 54.02 -16.84 1.32
C18 LHG XB . 54.72 -16.44 0.04
C19 LHG XB . 56.00 -17.22 -0.14
C20 LHG XB . 55.87 -18.29 -1.22
C21 LHG XB . 55.13 -19.50 -0.71
C22 LHG XB . 54.53 -20.30 -1.85
C25 LHG XB . 50.88 -19.71 8.02
C26 LHG XB . 49.80 -19.37 7.01
C27 LHG XB . 49.92 -20.23 5.77
C28 LHG XB . 49.24 -19.53 4.59
C29 LHG XB . 48.25 -20.46 3.90
C30 LHG XB . 47.11 -19.65 3.29
C31 LHG XB . 47.57 -18.95 2.01
C1B LMT YB . 47.59 -6.91 16.49
C2B LMT YB . 48.92 -7.12 15.76
C3B LMT YB . 50.07 -6.51 16.58
C4B LMT YB . 49.66 -5.12 17.14
C5B LMT YB . 48.40 -5.32 18.01
C6B LMT YB . 47.38 -4.23 17.69
O1B LMT YB . 46.83 -8.06 16.41
O2B LMT YB . 49.09 -8.47 15.62
O3B LMT YB . 51.25 -6.47 15.87
O4' LMT YB . 50.66 -4.58 17.93
O5B LMT YB . 47.84 -6.59 17.83
O6B LMT YB . 46.22 -4.42 18.40
C1' LMT YB . 43.07 -6.19 16.11
C2' LMT YB . 43.31 -7.12 17.30
C3' LMT YB . 44.83 -7.29 17.52
C4' LMT YB . 45.43 -7.92 16.25
C5' LMT YB . 45.15 -6.93 15.09
C6' LMT YB . 44.74 -7.60 13.81
O1' LMT YB . 42.17 -6.69 15.22
O2' LMT YB . 42.77 -6.53 18.40
O3' LMT YB . 45.10 -8.07 18.60
O5' LMT YB . 44.30 -5.86 15.44
O6' LMT YB . 45.88 -8.11 13.29
C1 LMT YB . 40.97 -5.96 15.17
C2 LMT YB . 40.21 -6.47 13.97
C3 LMT YB . 40.70 -6.02 12.63
C4 LMT YB . 39.81 -6.67 11.59
C5 LMT YB . 40.61 -7.12 10.41
C6 LMT YB . 39.76 -7.77 9.36
C7 LMT YB . 40.54 -7.87 8.07
C8 LMT YB . 40.43 -9.25 7.53
C9 LMT YB . 41.27 -9.50 6.32
C10 LMT YB . 41.01 -10.91 5.86
C11 LMT YB . 42.14 -11.44 5.05
C12 LMT YB . 41.77 -12.67 4.29
MG CLA ZB . -9.01 -33.50 10.10
CHA CLA ZB . -10.48 -31.75 12.66
CHB CLA ZB . -9.44 -36.44 11.85
CHC CLA ZB . -7.71 -35.11 7.54
CHD CLA ZB . -8.51 -30.49 8.39
NA CLA ZB . -9.88 -34.07 12.05
C1A CLA ZB . -10.39 -33.22 12.94
C2A CLA ZB . -10.81 -33.90 14.21
C3A CLA ZB . -10.44 -35.34 13.92
C4A CLA ZB . -9.89 -35.31 12.54
CMA CLA ZB . -9.61 -36.04 14.98
CAA CLA ZB . -12.32 -33.80 14.40
CBA CLA ZB . -12.71 -34.07 15.84
CGA CLA ZB . -13.04 -35.54 16.00
O1A CLA ZB . -13.26 -36.20 15.01
O2A CLA ZB . -13.09 -36.06 17.20
NB CLA ZB . -8.64 -35.47 9.75
C1B CLA ZB . -8.89 -36.52 10.56
C2B CLA ZB . -8.49 -37.73 9.92
C3B CLA ZB . -7.99 -37.34 8.71
C4B CLA ZB . -8.10 -35.91 8.61
CMB CLA ZB . -8.58 -39.12 10.46
CAB CLA ZB . -7.45 -38.22 7.67
CBB CLA ZB . -8.40 -39.12 6.92
NC CLA ZB . -8.32 -32.90 8.22
C1C CLA ZB . -7.72 -33.72 7.37
C2C CLA ZB . -7.07 -33.00 6.25
C3C CLA ZB . -7.34 -31.69 6.49
C4C CLA ZB . -8.12 -31.64 7.71
CMC CLA ZB . -6.29 -33.59 5.11
CAC CLA ZB . -6.92 -30.50 5.66
CBC CLA ZB . -5.52 -30.11 6.07
ND CLA ZB . -9.29 -31.57 10.38
C1D CLA ZB . -9.19 -30.46 9.62
C2D CLA ZB . -9.83 -29.31 10.23
C3D CLA ZB . -10.33 -29.84 11.42
C4D CLA ZB . -9.99 -31.18 11.50
CMD CLA ZB . -10.01 -27.89 9.82
CAD CLA ZB . -11.09 -29.49 12.60
OBD CLA ZB . -12.06 -28.77 12.53
CBD CLA ZB . -11.11 -30.69 13.50
CGD CLA ZB . -10.33 -30.46 14.76
O1D CLA ZB . -9.21 -30.00 14.72
O2D CLA ZB . -10.86 -30.77 15.93
CED CLA ZB . -10.95 -29.70 16.85
C1 CLA ZB . -13.66 -37.39 17.40
C2 CLA ZB . -15.01 -37.77 16.85
C3 CLA ZB . -15.92 -38.36 17.64
C4 CLA ZB . -15.62 -38.67 19.07
C5 CLA ZB . -17.28 -38.74 17.12
C6 CLA ZB . -17.15 -39.81 16.04
C7 CLA ZB . -18.49 -40.48 15.78
C8 CLA ZB . -18.39 -41.58 14.73
C9 CLA ZB . -17.35 -41.26 13.66
C10 CLA ZB . -19.74 -41.78 14.09
C11 CLA ZB . -20.79 -42.08 15.14
C12 CLA ZB . -21.69 -43.22 14.69
C13 CLA ZB . -23.04 -43.14 15.40
C14 CLA ZB . -22.83 -43.06 16.91
C15 CLA ZB . -23.88 -44.35 15.03
C16 CLA ZB . -25.25 -44.27 15.69
C17 CLA ZB . -26.38 -44.21 14.67
C18 CLA ZB . -27.69 -43.73 15.27
C19 CLA ZB . -28.72 -44.85 15.30
C20 CLA ZB . -27.52 -43.13 16.66
MG CLA AC . -13.26 -24.84 17.60
CHA CLA AC . -16.40 -23.49 17.16
CHB CLA AC . -12.99 -25.41 14.24
CHC CLA AC . -10.20 -25.91 18.12
CHD CLA AC . -13.58 -24.29 21.05
NA CLA AC . -14.56 -24.49 15.85
C1A CLA AC . -15.79 -24.00 15.88
C2A CLA AC . -16.45 -24.05 14.55
C3A CLA AC . -15.39 -24.73 13.72
C4A CLA AC . -14.23 -24.88 14.63
CMA CLA AC . -15.91 -26.06 13.30
CAA CLA AC . -16.61 -22.65 13.98
CBA CLA AC . -16.49 -22.67 12.46
CGA CLA AC . -16.68 -21.29 11.89
O1A CLA AC . -16.36 -21.09 10.73
O2A CLA AC . -17.19 -20.35 12.65
NB CLA AC . -11.81 -25.56 16.36
C1B CLA AC . -11.86 -25.68 15.02
C2B CLA AC . -10.60 -26.18 14.53
C3B CLA AC . -9.82 -26.33 15.62
C4B CLA AC . -10.60 -25.93 16.79
CMB CLA AC . -10.22 -26.46 13.12
CAB CLA AC . -8.43 -26.83 15.57
CBB CLA AC . -7.37 -26.53 16.60
NC CLA AC . -12.07 -25.03 19.30
C1C CLA AC . -10.85 -25.53 19.30
C2C CLA AC . -10.28 -25.64 20.65
C3C CLA AC . -11.25 -25.15 21.46
C4C CLA AC . -12.36 -24.79 20.62
CMC CLA AC . -8.91 -26.14 21.03
CAC CLA AC . -11.19 -25.02 22.95
CBC CLA AC . -11.53 -26.37 23.54
ND CLA AC . -14.57 -24.09 18.86
C1D CLA AC . -14.65 -23.94 20.20
C2D CLA AC . -15.92 -23.37 20.60
C3D CLA AC . -16.60 -23.20 19.41
C4D CLA AC . -15.77 -23.64 18.38
CMD CLA AC . -16.48 -23.01 21.93
CAD CLA AC . -17.85 -22.74 18.85
OBD CLA AC . -18.72 -22.15 19.44
CBD CLA AC . -17.65 -22.68 17.36
CGD CLA AC . -18.86 -23.21 16.66
O1D CLA AC . -19.52 -24.10 17.16
O2D CLA AC . -19.23 -22.71 15.48
CED CLA AC . -20.28 -21.76 15.50
C1 CLA AC . -16.85 -18.95 12.47
C2 CLA AC . -15.81 -18.26 13.32
C3 CLA AC . -16.15 -17.13 13.94
C4 CLA AC . -17.52 -16.55 13.78
C5 CLA AC . -15.21 -16.35 14.81
C6 CLA AC . -15.10 -17.01 16.18
C7 CLA AC . -15.04 -15.98 17.31
C8 CLA AC . -14.50 -14.64 16.84
C9 CLA AC . -13.00 -14.51 17.13
C10 CLA AC . -15.29 -13.55 17.52
C11 CLA AC . -16.40 -13.06 16.61
C12 CLA AC . -16.11 -11.63 16.17
C13 CLA AC . -17.21 -10.65 16.56
C14 CLA AC . -18.53 -11.37 16.86
C15 CLA AC . -17.42 -9.61 15.47
C16 CLA AC . -16.17 -9.39 14.63
C17 CLA AC . -16.43 -9.72 13.17
C18 CLA AC . -15.44 -9.06 12.24
C19 CLA AC . -16.12 -7.99 11.41
C20 CLA AC . -14.22 -8.50 12.95
MG CLA BC . -9.95 -36.92 3.42
CHA CLA BC . -8.84 -39.58 1.55
CHB CLA BC . -11.45 -39.05 5.64
CHC CLA BC . -10.70 -34.31 5.30
CHD CLA BC . -8.57 -34.76 1.04
NA CLA BC . -10.13 -39.10 3.60
C1A CLA BC . -9.67 -39.99 2.74
C2A CLA BC . -10.06 -41.39 3.11
C3A CLA BC . -10.92 -41.17 4.36
C4A CLA BC . -10.83 -39.70 4.57
CMA CLA BC . -12.30 -41.79 4.37
CAA CLA BC . -8.81 -42.14 3.54
CBA CLA BC . -9.15 -43.48 4.16
CGA CLA BC . -9.05 -43.44 5.66
O1A CLA BC . -8.71 -42.40 6.20
O2A CLA BC . -9.32 -44.51 6.36
NB CLA BC . -10.90 -36.72 5.21
C1B CLA BC . -11.48 -37.70 5.95
C2B CLA BC . -12.13 -37.13 7.10
C3B CLA BC . -11.91 -35.79 6.99
C4B CLA BC . -11.14 -35.54 5.79
CMB CLA BC . -12.87 -37.92 8.14
CAB CLA BC . -12.37 -34.74 7.92
CBB CLA BC . -12.26 -34.95 9.42
NC CLA BC . -9.64 -34.86 3.22
C1C CLA BC . -10.09 -33.96 4.08
C2C CLA BC . -9.87 -32.58 3.60
C3C CLA BC . -9.26 -32.73 2.39
C4C CLA BC . -9.13 -34.16 2.16
CMC CLA BC . -10.23 -31.33 4.32
CAC CLA BC . -8.82 -31.62 1.48
CBC CLA BC . -7.33 -31.61 1.31
ND CLA BC . -8.95 -37.02 1.73
C1D CLA BC . -8.44 -36.14 0.84
C2D CLA BC . -7.80 -36.80 -0.27
C3D CLA BC . -7.97 -38.13 0.01
C4D CLA BC . -8.65 -38.26 1.21
CMD CLA BC . -7.10 -36.29 -1.50
CAD CLA BC . -7.67 -39.46 -0.50
OBD CLA BC . -6.81 -39.69 -1.32
CBD CLA BC . -8.06 -40.42 0.58
CGD CLA BC . -8.86 -41.56 0.03
O1D CLA BC . -9.80 -41.39 -0.71
O2D CLA BC . -8.55 -42.81 0.36
CED CLA BC . -7.18 -43.14 0.29
C1 CLA BC . -10.58 -44.67 7.07
C2 CLA BC . -11.65 -43.62 7.20
C3 CLA BC . -11.87 -42.99 8.36
C4 CLA BC . -11.02 -43.26 9.56
C5 CLA BC . -12.95 -41.94 8.53
C6 CLA BC . -13.58 -42.07 9.92
C7 CLA BC . -14.59 -43.20 10.00
C8 CLA BC . -14.67 -43.83 11.40
C9 CLA BC . -13.39 -43.64 12.18
C10 CLA BC . -14.95 -45.33 11.28
C11 CLA BC . -16.14 -45.63 10.39
C12 CLA BC . -17.20 -46.45 11.11
C13 CLA BC . -18.44 -45.60 11.38
C14 CLA BC . -18.22 -44.73 12.61
C15 CLA BC . -19.64 -46.52 11.58
C16 CLA BC . -20.73 -46.20 10.57
C17 CLA BC . -21.90 -45.52 11.25
C18 CLA BC . -23.20 -45.77 10.49
C19 CLA BC . -24.33 -44.86 11.00
C20 CLA BC . -23.01 -45.59 8.99
MG CLA CC . -40.62 -37.78 -0.49
CHA CLA CC . -41.39 -39.36 -3.46
CHB CLA CC . -43.84 -36.61 -0.22
CHC CLA CC . -39.80 -36.47 2.42
CHD CLA CC . -37.31 -38.97 -0.80
NA CLA CC . -42.44 -37.96 -1.70
C1A CLA CC . -42.55 -38.62 -2.84
C2A CLA CC . -43.94 -38.51 -3.40
C3A CLA CC . -44.67 -37.63 -2.39
C4A CLA CC . -43.61 -37.37 -1.37
CMA CLA CC . -45.45 -36.44 -2.90
CAA CLA CC . -44.65 -39.87 -3.35
CBA CLA CC . -43.97 -40.96 -2.52
CGA CLA CC . -44.53 -41.05 -1.13
O1A CLA CC . -44.53 -40.07 -0.42
O2A CLA CC . -45.01 -42.21 -0.72
NB CLA CC . -41.67 -36.72 0.89
C1B CLA CC . -42.95 -36.29 0.82
C2B CLA CC . -43.28 -35.50 1.97
C3B CLA CC . -42.13 -35.46 2.71
C4B CLA CC . -41.12 -36.24 2.01
CMB CLA CC . -44.62 -34.88 2.21
CAB CLA CC . -41.85 -34.79 4.00
CBB CLA CC . -42.93 -34.30 4.94
NC CLA CC . -38.86 -37.76 0.65
C1C CLA CC . -38.73 -37.14 1.81
C2C CLA CC . -37.37 -37.26 2.37
C3C CLA CC . -36.69 -37.99 1.45
C4C CLA CC . -37.61 -38.29 0.38
CMC CLA CC . -36.88 -36.69 3.67
CAC CLA CC . -35.24 -38.41 1.51
CBC CLA CC . -34.37 -37.25 1.06
ND CLA CC . -39.53 -38.88 -1.74
C1D CLA CC . -38.25 -39.30 -1.80
C2D CLA CC . -37.99 -40.08 -3.00
C3D CLA CC . -39.23 -40.10 -3.62
C4D CLA CC . -40.13 -39.37 -2.87
CMD CLA CC . -36.79 -40.78 -3.55
CAD CLA CC . -39.90 -40.60 -4.80
OBD CLA CC . -39.40 -41.25 -5.70
CBD CLA CC . -41.34 -40.20 -4.71
CGD CLA CC . -41.72 -39.43 -5.94
O1D CLA CC . -41.76 -40.00 -7.01
O2D CLA CC . -42.04 -38.15 -5.90
CED CLA CC . -43.09 -37.79 -6.80
C1 CLA CC . -44.11 -43.35 -0.45
C2 CLA CC . -43.86 -44.43 -1.46
C3 CLA CC . -43.04 -45.46 -1.18
C4 CLA CC . -42.33 -45.59 0.13
C5 CLA CC . -42.75 -46.56 -2.16
C6 CLA CC . -41.27 -46.49 -2.48
C7 CLA CC . -41.07 -45.82 -3.83
C8 CLA CC . -40.19 -44.58 -3.78
C9 CLA CC . -38.74 -44.95 -3.50
C10 CLA CC . -40.74 -43.58 -2.77
C11 CLA CC . -39.80 -43.25 -1.61
C12 CLA CC . -40.60 -42.60 -0.51
C13 CLA CC . -39.78 -41.68 0.38
C14 CLA CC . -38.45 -42.32 0.74
C15 CLA CC . -40.58 -41.34 1.61
C16 CLA CC . -39.74 -40.48 2.55
C17 CLA CC . -39.82 -40.97 3.98
C18 CLA CC . -38.49 -41.49 4.50
C19 CLA CC . -38.38 -43.00 4.34
C20 CLA CC . -37.30 -40.78 3.84
MG CLA DC . -44.69 -26.19 -0.32
CHA CLA DC . -45.81 -23.48 1.50
CHB CLA DC . -44.44 -28.06 2.55
CHC CLA DC . -43.78 -28.76 -2.17
CHD CLA DC . -44.95 -24.26 -3.25
NA CLA DC . -45.08 -25.84 1.82
C1A CLA DC . -45.51 -24.69 2.34
C2A CLA DC . -45.65 -24.79 3.83
C3A CLA DC . -45.18 -26.21 4.12
C4A CLA DC . -44.89 -26.75 2.76
CMA CLA DC . -44.09 -26.39 5.15
CAA CLA DC . -47.13 -24.65 4.16
CBA CLA DC . -47.64 -25.69 5.16
CGA CLA DC . -47.39 -25.19 6.57
O1A CLA DC . -48.34 -25.02 7.32
O2A CLA DC . -46.17 -24.98 7.00
NB CLA DC . -44.21 -28.12 0.12
C1B CLA DC . -44.11 -28.70 1.34
C2B CLA DC . -43.65 -30.04 1.22
C3B CLA DC . -43.46 -30.24 -0.10
C4B CLA DC . -43.82 -29.01 -0.79
CMB CLA DC . -43.41 -31.03 2.33
CAB CLA DC . -42.97 -31.51 -0.70
CBB CLA DC . -43.50 -32.04 -2.00
NC CLA DC . -44.48 -26.49 -2.38
C1C CLA DC . -43.99 -27.59 -2.91
C2C CLA DC . -43.68 -27.44 -4.34
C3C CLA DC . -44.03 -26.16 -4.63
C4C CLA DC . -44.53 -25.57 -3.41
CMC CLA DC . -43.11 -28.49 -5.24
CAC CLA DC . -43.91 -25.43 -5.96
CBC CLA DC . -42.66 -24.59 -5.96
ND CLA DC . -45.23 -24.38 -0.86
C1D CLA DC . -45.30 -23.68 -2.02
C2D CLA DC . -45.75 -22.31 -1.81
C3D CLA DC . -45.94 -22.25 -0.44
C4D CLA DC . -45.63 -23.48 0.11
CMD CLA DC . -45.99 -21.15 -2.73
CAD CLA DC . -46.34 -21.37 0.61
OBD CLA DC . -46.53 -20.17 0.50
CBD CLA DC . -46.32 -22.12 1.90
CGD CLA DC . -45.38 -21.42 2.84
O1D CLA DC . -45.80 -20.89 3.84
O2D CLA DC . -44.08 -21.35 2.58
CED CLA DC . -43.25 -21.32 3.74
C1 CLA DC . -45.92 -23.81 7.82
C2 CLA DC . -46.04 -22.42 7.23
C3 CLA DC . -46.33 -21.38 8.02
C4 CLA DC . -46.58 -21.55 9.48
C5 CLA DC . -46.46 -19.98 7.47
C6 CLA DC . -47.93 -19.69 7.18
C7 CLA DC . -48.37 -20.30 5.87
C8 CLA DC . -49.63 -19.63 5.32
C9 CLA DC . -50.41 -18.89 6.40
C10 CLA DC . -50.50 -20.70 4.68
C11 CLA DC . -50.75 -20.41 3.22
C12 CLA DC . -50.03 -21.41 2.34
C13 CLA DC . -50.37 -21.15 0.90
C14 CLA DC . -51.89 -21.07 0.73
C15 CLA DC . -49.80 -22.25 0.02
C16 CLA DC . -50.11 -21.97 -1.44
C17 CLA DC . -49.70 -23.13 -2.31
C18 CLA DC . -50.75 -23.37 -3.38
C19 CLA DC . -50.67 -22.30 -4.45
C20 CLA DC . -50.59 -24.76 -3.98
MG CLA EC . -40.59 -28.84 7.36
CHA CLA EC . -39.59 -31.07 4.93
CHB CLA EC . -40.22 -26.23 5.18
CHC CLA EC . -41.72 -26.83 9.72
CHD CLA EC . -40.93 -31.55 9.59
NA CLA EC . -39.99 -28.65 5.26
C1A CLA EC . -39.60 -29.63 4.47
C2A CLA EC . -39.19 -29.14 3.12
C3A CLA EC . -39.37 -27.64 3.26
C4A CLA EC . -39.91 -27.48 4.63
CMA CLA EC . -38.14 -26.80 2.99
CAA CLA EC . -40.17 -29.65 2.09
CBA CLA EC . -39.96 -29.01 0.73
CGA CLA EC . -38.65 -29.50 0.16
O1A CLA EC . -38.37 -30.68 0.22
O2A CLA EC . -37.85 -28.61 -0.38
NB CLA EC . -40.94 -26.84 7.43
C1B CLA EC . -40.70 -25.93 6.45
C2B CLA EC . -41.00 -24.60 6.93
C3B CLA EC . -41.42 -24.77 8.22
C4B CLA EC . -41.38 -26.21 8.52
CMB CLA EC . -40.87 -23.31 6.19
CAB CLA EC . -41.84 -23.70 9.13
CBB CLA EC . -43.22 -23.65 9.72
NC CLA EC . -41.31 -29.16 9.31
C1C CLA EC . -41.64 -28.18 10.14
C2C CLA EC . -41.90 -28.68 11.51
C3C CLA EC . -41.70 -30.01 11.43
C4C CLA EC . -41.33 -30.31 10.07
CMC CLA EC . -42.30 -27.88 12.71
CAC CLA EC . -41.82 -31.01 12.54
CBC CLA EC . -40.46 -31.23 13.15
ND CLA EC . -40.39 -30.81 7.37
C1D CLA EC . -40.49 -31.80 8.27
C2D CLA EC . -40.06 -33.08 7.74
C3D CLA EC . -39.72 -32.77 6.43
C4D CLA EC . -39.92 -31.42 6.22
CMD CLA EC . -39.95 -34.47 8.29
CAD CLA EC . -39.22 -33.38 5.23
OBD CLA EC . -38.48 -34.33 5.19
CBD CLA EC . -39.27 -32.33 4.17
CGD CLA EC . -37.94 -32.22 3.51
O1D CLA EC . -36.98 -31.78 4.12
O2D CLA EC . -37.76 -32.63 2.27
CED CLA EC . -36.57 -33.36 2.02
C1 CLA EC . -36.40 -28.82 -0.36
C2 CLA EC . -35.61 -28.89 0.92
C3 CLA EC . -34.48 -28.17 1.00
C4 CLA EC . -34.04 -27.33 -0.14
C5 CLA EC . -33.60 -28.17 2.22
C6 CLA EC . -34.45 -28.09 3.48
C7 CLA EC . -34.13 -26.83 4.28
C8 CLA EC . -32.91 -27.02 5.17
C9 CLA EC . -32.86 -28.40 5.79
C10 CLA EC . -32.88 -25.95 6.27
C11 CLA EC . -34.08 -25.03 6.24
C12 CLA EC . -34.89 -25.12 7.53
C13 CLA EC . -36.38 -25.25 7.23
C14 CLA EC . -37.03 -23.88 7.21
C15 CLA EC . -37.04 -26.13 8.27
C16 CLA EC . -36.85 -27.60 7.93
C17 CLA EC . -37.18 -28.47 9.13
C18 CLA EC . -37.02 -29.95 8.77
C19 CLA EC . -35.85 -30.15 7.83
C20 CLA EC . -36.87 -30.79 10.02
MG CLA FC . -33.93 -35.78 21.86
CHA CLA FC . -36.20 -33.38 22.82
CHB CLA FC . -36.27 -37.28 19.84
CHC CLA FC . -31.64 -37.98 20.96
CHD CLA FC . -31.55 -34.28 23.96
NA CLA FC . -36.03 -35.39 21.36
C1A CLA FC . -36.76 -34.40 21.87
C2A CLA FC . -38.14 -34.40 21.30
C3A CLA FC . -38.15 -35.64 20.43
C4A CLA FC . -36.75 -36.16 20.53
CMA CLA FC . -39.27 -36.63 20.69
CAA CLA FC . -38.26 -33.20 20.38
CBA CLA FC . -37.35 -33.25 19.14
CGA CLA FC . -35.92 -32.87 19.45
O1A CLA FC . -35.69 -31.81 19.95
O2A CLA FC . -34.93 -33.71 19.22
NB CLA FC . -33.95 -37.37 20.59
C1B CLA FC . -34.98 -37.84 19.85
C2B CLA FC . -34.56 -38.98 19.09
C3B CLA FC . -33.26 -39.18 19.41
C4B CLA FC . -32.89 -38.15 20.37
CMB CLA FC . -35.38 -39.81 18.13
CAB CLA FC . -32.37 -40.23 18.88
CBB CLA FC . -31.04 -39.90 18.25
NC CLA FC . -31.91 -36.05 22.33
C1C CLA FC . -31.16 -37.04 21.88
C2C CLA FC . -29.79 -37.01 22.42
C3C CLA FC . -29.78 -35.94 23.25
C4C CLA FC . -31.10 -35.35 23.19
CMC CLA FC . -28.69 -37.97 22.11
CAC CLA FC . -28.62 -35.44 24.08
CBC CLA FC . -28.00 -34.26 23.38
ND CLA FC . -33.80 -34.27 23.13
C1D CLA FC . -32.82 -33.70 23.87
C2D CLA FC . -33.28 -32.49 24.52
C3D CLA FC . -34.59 -32.38 24.11
C4D CLA FC . -34.90 -33.45 23.29
CMD CLA FC . -32.62 -31.50 25.43
CAD CLA FC . -35.76 -31.55 24.25
OBD CLA FC . -35.72 -30.39 24.61
CBD CLA FC . -36.81 -32.10 23.34
CGD CLA FC . -38.11 -32.23 24.09
O1D CLA FC . -38.68 -31.23 24.47
O2D CLA FC . -38.66 -33.40 24.34
CED CLA FC . -40.09 -33.41 24.26
C1 CLA FC . -33.57 -33.28 19.50
C2 CLA FC . -32.37 -34.03 19.01
C3 CLA FC . -31.17 -33.82 19.54
C4 CLA FC . -30.98 -32.81 20.63
C5 CLA FC . -29.91 -34.54 19.11
C6 CLA FC . -30.00 -34.94 17.64
C7 CLA FC . -30.16 -36.44 17.51
C8 CLA FC . -30.54 -36.83 16.09
C9 CLA FC . -29.32 -36.80 15.18
C10 CLA FC . -31.62 -35.90 15.55
C11 CLA FC . -32.99 -36.55 15.59
C12 CLA FC . -34.06 -35.50 15.75
C13 CLA FC . -35.44 -36.11 15.65
C14 CLA FC . -35.56 -36.99 14.43
C15 CLA FC . -36.50 -35.00 15.66
C16 CLA FC . -36.93 -34.61 14.26
C17 CLA FC . -38.44 -34.45 14.20
C18 CLA FC . -39.08 -35.43 13.22
C19 CLA FC . -40.52 -35.68 13.58
C20 CLA FC . -38.96 -34.91 11.80
MG CLA GC . -26.51 -43.07 22.15
CHA CLA GC . -29.86 -42.37 22.47
CHB CLA GC . -27.19 -45.47 19.79
CHC CLA GC . -23.27 -43.53 21.76
CHD CLA GC . -25.81 -40.62 24.58
NA CLA GC . -28.34 -43.86 21.20
C1A CLA GC . -29.58 -43.48 21.48
C2A CLA GC . -30.60 -44.26 20.70
C3A CLA GC . -29.72 -45.23 19.90
C4A CLA GC . -28.33 -44.85 20.30
CMA CLA GC . -30.08 -46.70 19.95
CAA CLA GC . -31.30 -43.35 19.69
CBA CLA GC . -32.82 -43.43 19.75
CGA CLA GC . -33.33 -44.53 18.86
O1A CLA GC . -33.05 -45.69 19.12
O2A CLA GC . -34.06 -44.23 17.81
NB CLA GC . -25.41 -44.30 20.97
C1B CLA GC . -25.84 -45.22 20.08
C2B CLA GC . -24.72 -45.90 19.51
C3B CLA GC . -23.62 -45.35 20.07
C4B CLA GC . -24.08 -44.34 20.99
CMB CLA GC . -24.81 -46.98 18.50
CAB CLA GC . -22.17 -45.63 19.87
CBB CLA GC . -21.62 -46.74 18.99
NC CLA GC . -24.81 -42.20 23.01
C1C CLA GC . -23.58 -42.57 22.73
C2C CLA GC . -22.58 -41.88 23.55
C3C CLA GC . -23.31 -41.06 24.35
C4C CLA GC . -24.71 -41.26 24.01
CMC CLA GC . -21.09 -42.08 23.46
CAC CLA GC . -22.79 -40.13 25.40
CBC CLA GC . -22.06 -39.03 24.69
ND CLA GC . -27.48 -41.78 23.28
C1D CLA GC . -27.16 -40.86 24.21
C2D CLA GC . -28.33 -40.20 24.76
C3D CLA GC . -29.38 -40.80 24.07
C4D CLA GC . -28.86 -41.74 23.20
CMD CLA GC . -28.54 -39.12 25.78
CAD CLA GC . -30.82 -40.79 23.95
OBD CLA GC . -31.53 -39.90 24.36
CBD CLA GC . -31.17 -41.72 22.84
CGD CLA GC . -32.16 -42.74 23.28
O1D CLA GC . -31.88 -43.55 24.13
O2D CLA GC . -33.37 -42.78 22.75
CED CLA GC . -34.44 -42.71 23.70
C1 CLA GC . -33.39 -43.89 16.56
C2 CLA GC . -33.20 -42.45 16.14
C3 CLA GC . -32.53 -42.19 15.02
C4 CLA GC . -31.95 -43.31 14.22
C5 CLA GC . -32.29 -40.79 14.51
C6 CLA GC . -31.04 -40.75 13.64
C7 CLA GC . -31.36 -40.29 12.23
C8 CLA GC . -30.51 -39.09 11.83
C9 CLA GC . -31.31 -37.81 11.92
C10 CLA GC . -29.95 -39.29 10.42
MG CLA HC . -62.15 -29.96 2.16
CHA CLA HC . -64.77 -30.16 -0.06
CHB CLA HC . -60.87 -27.26 0.46
CHC CLA HC . -59.79 -29.77 4.43
CHD CLA HC . -63.49 -32.75 3.88
NA CLA HC . -62.76 -28.80 0.39
C1A CLA HC . -63.83 -29.04 -0.36
C2A CLA HC . -63.94 -28.06 -1.49
C3A CLA HC . -62.68 -27.23 -1.34
C4A CLA HC . -62.06 -27.77 -0.10
CMA CLA HC . -61.86 -27.18 -2.60
CAA CLA HC . -65.09 -27.06 -1.36
CBA CLA HC . -66.07 -27.20 -0.18
CGA CLA HC . -65.49 -26.80 1.16
O1A CLA HC . -65.45 -25.62 1.45
O2A CLA HC . -65.06 -27.75 1.97
NB CLA HC . -60.58 -28.70 2.42
C1B CLA HC . -60.19 -27.68 1.61
C2B CLA HC . -58.98 -27.10 2.13
C3B CLA HC . -58.68 -27.81 3.24
C4B CLA HC . -59.70 -28.83 3.42
CMB CLA HC . -58.26 -25.95 1.49
CAB CLA HC . -57.55 -27.69 4.20
CBB CLA HC . -56.52 -26.61 4.18
NC CLA HC . -61.71 -31.08 3.88
C1C CLA HC . -60.69 -30.83 4.67
C2C CLA HC . -60.60 -31.76 5.81
C3C CLA HC . -61.66 -32.60 5.64
C4C CLA HC . -62.34 -32.17 4.42
CMC CLA HC . -59.58 -31.76 6.92
CAC CLA HC . -62.05 -33.76 6.52
CBC CLA HC . -63.28 -33.41 7.32
ND CLA HC . -63.70 -31.18 2.05
C1D CLA HC . -64.16 -32.25 2.73
C2D CLA HC . -65.38 -32.81 2.13
C3D CLA HC . -65.61 -31.97 1.05
C4D CLA HC . -64.60 -31.01 1.01
CMD CLA HC . -66.30 -33.94 2.46
CAD CLA HC . -66.51 -31.75 -0.06
OBD CLA HC . -67.63 -32.21 -0.15
CBD CLA HC . -65.98 -30.58 -0.84
CGD CLA HC . -65.47 -30.97 -2.19
O1D CLA HC . -64.34 -31.40 -2.31
O2D CLA HC . -66.21 -30.83 -3.28
CED CLA HC . -65.76 -31.56 -4.41
C1 CLA HC . -64.89 -27.60 3.42
C2 CLA HC . -63.94 -26.60 4.02
C3 CLA HC . -63.13 -26.92 5.05
C4 CLA HC . -63.13 -28.27 5.66
C5 CLA HC . -62.20 -25.89 5.65
C6 CLA HC . -60.79 -26.46 5.81
C7 CLA HC . -60.19 -26.07 7.16
C8 CLA HC . -60.30 -27.21 8.15
C9 CLA HC . -61.55 -27.10 9.00
C10 CLA HC . -59.06 -27.27 9.04
C11 CLA HC . -59.23 -28.37 10.07
C12 CLA HC . -58.51 -28.03 11.38
C13 CLA HC . -59.49 -27.83 12.53
C14 CLA HC . -58.77 -27.53 13.83
C15 CLA HC . -60.36 -29.07 12.65
MG CLA IC . -66.11 -20.00 2.79
CHA CLA IC . -65.22 -21.08 -0.34
CHB CLA IC . -68.03 -17.48 1.42
CHC CLA IC . -66.92 -19.09 5.82
CHD CLA IC . -64.18 -22.63 4.18
NA CLA IC . -66.61 -19.33 0.75
C1A CLA IC . -66.17 -19.89 -0.37
C2A CLA IC . -66.70 -19.20 -1.58
C3A CLA IC . -67.56 -18.08 -0.99
C4A CLA IC . -67.42 -18.29 0.47
CMA CLA IC . -67.47 -16.65 -1.52
CAA CLA IC . -67.60 -20.19 -2.31
CBA CLA IC . -68.67 -20.80 -1.38
CGA CLA IC . -68.31 -22.15 -0.79
O1A CLA IC . -68.42 -23.15 -1.48
O2A CLA IC . -67.82 -22.20 0.43
NB CLA IC . -67.31 -18.52 3.51
C1B CLA IC . -67.98 -17.58 2.81
C2B CLA IC . -68.65 -16.69 3.71
C3B CLA IC . -68.33 -17.11 4.95
C4B CLA IC . -67.48 -18.30 4.81
CMB CLA IC . -69.49 -15.51 3.31
CAB CLA IC . -68.82 -16.48 6.19
CBB CLA IC . -68.06 -16.57 7.49
NC CLA IC . -65.68 -20.78 4.69
C1C CLA IC . -66.08 -20.21 5.80
C2C CLA IC . -65.55 -20.89 7.00
C3C CLA IC . -64.80 -21.92 6.51
C4C CLA IC . -64.88 -21.83 5.06
CMC CLA IC . -65.79 -20.51 8.43
CAC CLA IC . -64.01 -22.93 7.29
CBC CLA IC . -64.86 -24.17 7.46
ND CLA IC . -65.02 -21.53 2.20
C1D CLA IC . -64.24 -22.48 2.79
C2D CLA IC . -63.50 -23.26 1.82
C3D CLA IC . -63.90 -22.71 0.62
C4D CLA IC . -64.81 -21.68 0.84
CMD CLA IC . -62.51 -24.40 1.91
CAD CLA IC . -63.68 -22.84 -0.80
OBD CLA IC . -62.85 -23.57 -1.32
CBD CLA IC . -64.50 -21.78 -1.47
CGD CLA IC . -63.66 -20.78 -2.22
O1D CLA IC . -63.15 -19.82 -1.66
O2D CLA IC . -63.41 -20.94 -3.52
CED CLA IC . -62.16 -20.49 -4.03
C1 CLA IC . -68.15 -23.22 1.43
C2 CLA IC . -68.78 -22.82 2.75
C3 CLA IC . -68.51 -23.55 3.85
C4 CLA IC . -67.60 -24.74 3.78
C5 CLA IC . -69.08 -23.22 5.20
C6 CLA IC . -69.42 -21.75 5.28
C7 CLA IC . -70.44 -21.49 6.38
C8 CLA IC . -69.91 -20.48 7.40
C9 CLA IC . -69.76 -21.12 8.77
C10 CLA IC . -70.86 -19.30 7.50
C11 CLA IC . -71.52 -18.98 6.17
C12 CLA IC . -72.94 -18.47 6.38
C13 CLA IC . -73.46 -17.83 5.10
C14 CLA IC . -72.47 -16.82 4.58
C15 CLA IC . -74.80 -17.17 5.34
C16 CLA IC . -75.20 -16.38 4.10
C17 CLA IC . -76.06 -15.19 4.46
C18 CLA IC . -76.55 -14.49 3.20
C19 CLA IC . -77.98 -14.93 2.89
C20 CLA IC . -76.48 -12.99 3.35
MG CLA JC . -56.86 -22.91 3.08
CHA CLA JC . -53.78 -24.36 2.98
CHB CLA JC . -56.88 -23.02 6.52
CHC CLA JC . -59.76 -21.42 3.06
CHD CLA JC . -56.84 -22.77 -0.46
NA CLA JC . -55.47 -23.61 4.63
C1A CLA JC . -54.30 -24.16 4.38
C2A CLA JC . -53.60 -24.50 5.65
C3A CLA JC . -54.60 -24.11 6.73
C4A CLA JC . -55.72 -23.54 5.94
CMA CLA JC . -54.97 -25.12 7.80
CAA CLA JC . -52.47 -23.50 5.73
CBA CLA JC . -51.15 -24.10 6.21
CGA CLA JC . -51.14 -24.02 7.70
O1A CLA JC . -51.79 -24.82 8.35
O2A CLA JC . -50.41 -23.12 8.32
NB CLA JC . -58.11 -22.30 4.56
C1B CLA JC . -58.00 -22.46 5.91
C2B CLA JC . -59.14 -21.94 6.57
C3B CLA JC . -59.97 -21.49 5.58
C4B CLA JC . -59.28 -21.73 4.32
CMB CLA JC . -59.35 -21.95 8.06
CAB CLA JC . -61.30 -20.86 5.64
CBB CLA JC . -61.88 -20.20 6.87
NC CLA JC . -58.05 -22.15 1.55
C1C CLA JC . -59.23 -21.63 1.78
C2C CLA JC . -59.94 -21.29 0.56
C3C CLA JC . -59.11 -21.64 -0.45
C4C CLA JC . -57.92 -22.19 0.19
CMC CLA JC . -61.29 -20.68 0.55
CAC CLA JC . -59.36 -21.51 -1.93
CBC CLA JC . -59.11 -20.11 -2.40
ND CLA JC . -55.68 -23.38 1.56
C1D CLA JC . -55.74 -23.33 0.22
C2D CLA JC . -54.58 -23.92 -0.40
C3D CLA JC . -53.82 -24.32 0.69
C4D CLA JC . -54.49 -23.99 1.86
CMD CLA JC . -54.14 -24.14 -1.82
CAD CLA JC . -52.57 -24.96 1.03
OBD CLA JC . -51.86 -25.59 0.30
CBD CLA JC . -52.47 -24.93 2.52
CGD CLA JC . -52.34 -26.33 3.03
O1D CLA JC . -51.67 -26.53 4.02
O2D CLA JC . -52.93 -27.35 2.44
CED CLA JC . -53.57 -28.26 3.33
C1 CLA JC . -51.05 -22.31 9.34
C2 CLA JC . -50.81 -20.83 9.45
C3 CLA JC . -51.20 -20.19 10.56
C4 CLA JC . -51.87 -20.88 11.70
C5 CLA JC . -50.98 -18.71 10.73
C6 CLA JC . -49.59 -18.49 11.30
C7 CLA JC . -49.39 -17.01 11.62
C8 CLA JC . -47.91 -16.65 11.66
C9 CLA JC . -47.13 -17.41 10.61
C10 CLA JC . -47.37 -16.92 13.05
C11 CLA JC . -48.15 -16.16 14.11
C12 CLA JC . -48.72 -17.10 15.16
C13 CLA JC . -47.94 -17.05 16.48
C14 CLA JC . -46.96 -15.89 16.53
C15 CLA JC . -47.22 -18.37 16.69
C16 CLA JC . -47.20 -18.75 18.15
C17 CLA JC . -47.73 -20.15 18.35
C18 CLA JC . -46.70 -21.02 19.03
C19 CLA JC . -46.70 -20.80 20.54
C20 CLA JC . -46.92 -22.49 18.72
MG CLA KC . -58.91 -24.64 24.49
CHA CLA KC . -58.18 -27.00 26.89
CHB CLA KC . -55.89 -25.18 22.95
CHC CLA KC . -59.81 -22.50 22.16
CHD CLA KC . -62.01 -24.08 26.09
NA CLA KC . -57.20 -25.97 24.86
C1A CLA KC . -57.08 -26.82 25.86
C2A CLA KC . -55.78 -27.54 25.86
C3A CLA KC . -55.09 -26.93 24.64
C4A CLA KC . -56.10 -25.98 24.09
CMA CLA KC . -53.69 -26.42 24.83
CAA CLA KC . -56.01 -29.02 25.56
CBA CLA KC . -57.17 -29.22 24.59
CGA CLA KC . -57.56 -30.68 24.55
O1A CLA KC . -56.75 -31.48 24.13
O2A CLA KC . -58.76 -31.05 24.98
NB CLA KC . -58.00 -23.96 22.81
C1B CLA KC . -56.75 -24.26 22.35
C2B CLA KC . -56.47 -23.50 21.17
C3B CLA KC . -57.59 -22.74 20.96
C4B CLA KC . -58.54 -23.05 22.00
CMB CLA KC . -55.19 -23.56 20.38
CAB CLA KC . -57.90 -21.75 19.89
CBB CLA KC . -56.84 -20.97 19.16
NC CLA KC . -60.65 -23.51 24.15
C1C CLA KC . -60.80 -22.69 23.14
C2C CLA KC . -62.10 -22.00 23.16
C3C CLA KC . -62.73 -22.48 24.27
C4C CLA KC . -61.80 -23.42 24.89
CMC CLA KC . -62.61 -21.01 22.14
CAC CLA KC . -64.10 -22.13 24.77
CBC CLA KC . -64.08 -20.73 25.35
ND CLA KC . -59.92 -25.30 26.04
C1D CLA KC . -61.11 -25.03 26.64
C2D CLA KC . -61.31 -25.81 27.84
C3D CLA KC . -60.16 -26.57 27.93
C4D CLA KC . -59.34 -26.27 26.85
CMD CLA KC . -62.39 -25.91 28.87
CAD CLA KC . -59.50 -27.58 28.73
OBD CLA KC . -59.86 -27.98 29.82
CBD CLA KC . -58.24 -27.95 28.06
CGD CLA KC . -57.12 -27.72 29.02
O1D CLA KC . -56.34 -28.63 29.28
O2D CLA KC . -56.95 -26.55 29.62
CED CLA KC . -55.63 -26.05 29.62
C1 CLA KC . -59.62 -31.92 24.18
C2 CLA KC . -60.14 -31.49 22.83
C3 CLA KC . -61.41 -31.71 22.46
C4 CLA KC . -62.40 -32.38 23.36
C5 CLA KC . -61.94 -31.29 21.11
C6 CLA KC . -63.08 -30.29 21.29
C7 CLA KC . -62.86 -29.07 20.40
C8 CLA KC . -63.26 -29.34 18.96
C9 CLA KC . -62.07 -29.20 18.03
C10 CLA KC . -64.37 -28.38 18.56
MG CLA LC . -66.73 -16.57 25.61
CHA CLA LC . -69.13 -16.92 28.07
CHB CLA LC . -67.73 -19.54 24.17
CHC CLA LC . -64.55 -16.04 23.22
CHD CLA LC . -65.70 -13.57 27.13
NA CLA LC . -68.28 -18.09 26.05
C1A CLA LC . -69.12 -18.07 27.08
C2A CLA LC . -69.98 -19.29 27.12
C3A CLA LC . -69.51 -20.07 25.90
C4A CLA LC . -68.45 -19.20 25.31
CMA CLA LC . -69.25 -21.56 26.02
CAA CLA LC . -71.47 -18.94 27.03
CBA CLA LC . -71.93 -18.75 25.60
CGA CLA LC . -72.10 -17.28 25.37
O1A CLA LC . -71.10 -16.57 25.39
O2A CLA LC . -73.30 -16.78 25.18
NB CLA LC . -66.23 -17.62 23.94
C1B CLA LC . -66.72 -18.82 23.51
C2B CLA LC . -66.03 -19.21 22.31
C3B CLA LC . -65.13 -18.23 22.07
C4B CLA LC . -65.27 -17.23 23.10
CMB CLA LC . -66.24 -20.46 21.50
CAB CLA LC . -64.17 -18.14 20.95
CBB CLA LC . -64.66 -18.00 19.53
NC CLA LC . -65.36 -15.05 25.23
C1C CLA LC . -64.58 -15.01 24.17
C2C CLA LC . -63.78 -13.77 24.08
C3C CLA LC . -64.13 -13.07 25.21
C4C CLA LC . -65.11 -13.88 25.91
CMC CLA LC . -62.82 -13.43 22.97
CAC CLA LC . -63.67 -11.71 25.66
CBC CLA LC . -62.18 -11.60 25.78
ND CLA LC . -67.21 -15.46 27.16
C1D CLA LC . -66.75 -14.30 27.71
C2D CLA LC . -67.47 -13.95 28.93
C3D CLA LC . -68.39 -14.98 29.06
C4D CLA LC . -68.22 -15.87 28.00
CMD CLA LC . -67.38 -12.82 29.92
CAD CLA LC . -69.46 -15.45 29.90
OBD CLA LC . -69.98 -14.80 30.77
CBD CLA LC . -70.07 -16.64 29.22
CGD CLA LC . -70.15 -17.78 30.19
O1D CLA LC . -71.23 -18.17 30.57
O2D CLA LC . -69.05 -18.38 30.62
CED CLA LC . -69.10 -19.81 30.65
C1 CLA LC . -73.90 -16.64 23.85
C2 CLA LC . -73.36 -15.68 22.81
C3 CLA LC . -74.20 -14.82 22.21
C4 CLA LC . -75.66 -14.80 22.56
C5 CLA LC . -73.76 -13.82 21.16
C6 CLA LC . -72.40 -14.20 20.60
C7 CLA LC . -72.36 -13.99 19.09
C8 CLA LC . -71.17 -13.13 18.67
C9 CLA LC . -71.37 -11.68 19.09
C10 CLA LC . -70.95 -13.22 17.17
C11 CLA LC . -70.45 -14.60 16.78
C12 CLA LC . -69.55 -14.54 15.55
C13 CLA LC . -68.19 -15.15 15.86
C14 CLA LC . -67.07 -14.40 15.15
C15 CLA LC . -68.17 -16.62 15.44
C16 CLA LC . -66.77 -17.21 15.60
C17 CLA LC . -66.75 -18.68 15.22
C18 CLA LC . -66.09 -19.51 16.31
C19 CLA LC . -66.99 -19.58 17.55
C20 CLA LC . -65.77 -20.91 15.82
MG CLA MC . -59.80 -2.51 23.37
CHA CLA MC . -58.81 -0.43 25.93
CHB CLA MC . -62.06 -4.05 25.47
CHC CLA MC . -60.78 -4.36 20.83
CHD CLA MC . -57.47 -0.92 21.26
NA CLA MC . -60.40 -2.28 25.49
C1A CLA MC . -59.88 -1.40 26.35
C2A CLA MC . -60.50 -1.49 27.70
C3A CLA MC . -61.49 -2.65 27.53
C4A CLA MC . -61.33 -3.04 26.09
CMA CLA MC . -61.57 -3.74 28.58
CAA CLA MC . -61.31 -0.23 27.91
CBA CLA MC . -62.23 0.08 26.73
CGA CLA MC . -61.66 1.17 25.86
O1A CLA MC . -61.61 2.30 26.30
O2A CLA MC . -61.20 0.89 24.66
NB CLA MC . -61.21 -3.96 23.18
C1B CLA MC . -62.01 -4.49 24.16
C2B CLA MC . -62.80 -5.54 23.60
C3B CLA MC . -62.45 -5.63 22.30
C4B CLA MC . -61.42 -4.62 22.04
CMB CLA MC . -63.83 -6.36 24.35
CAB CLA MC . -63.00 -6.57 21.31
CBB CLA MC . -63.74 -6.03 20.11
NC CLA MC . -59.25 -2.58 21.36
C1C CLA MC . -59.75 -3.43 20.48
C2C CLA MC . -59.14 -3.30 19.15
C3C CLA MC . -58.22 -2.30 19.29
C4C CLA MC . -58.28 -1.87 20.67
CMC CLA MC . -59.47 -4.07 17.90
CAC CLA MC . -57.30 -1.77 18.21
CBC CLA MC . -57.81 -0.45 17.70
ND CLA MC . -58.45 -1.07 23.46
C1D CLA MC . -57.58 -0.49 22.60
C2D CLA MC . -56.82 0.57 23.24
C3D CLA MC . -57.31 0.58 24.54
C4D CLA MC . -58.28 -0.40 24.65
CMD CLA MC . -55.74 1.51 22.79
CAD CLA MC . -57.15 1.24 25.79
OBD CLA MC . -56.21 1.94 26.11
CBD CLA MC . -58.13 0.63 26.75
CGD CLA MC . -57.38 -0.02 27.86
O1D CLA MC . -56.63 -0.93 27.62
O2D CLA MC . -57.53 0.39 29.11
CED CLA MC . -56.33 0.49 29.87
C1 CLA MC . -61.79 1.58 23.51
C2 CLA MC . -61.37 1.25 22.09
C3 CLA MC . -61.73 0.08 21.55
C4 CLA MC . -62.53 -0.91 22.34
C5 CLA MC . -61.35 -0.31 20.15
C6 CLA MC . -62.44 0.09 19.16
C7 CLA MC . -63.53 -0.97 19.04
C8 CLA MC . -63.77 -1.39 17.60
C9 CLA MC . -64.22 -2.85 17.55
C10 CLA MC . -62.52 -1.18 16.76
C11 CLA MC . -62.84 -0.31 15.54
C12 CLA MC . -61.56 0.24 14.94
C13 CLA MC . -61.14 -0.55 13.72
C14 CLA MC . -59.63 -0.63 13.61
C15 CLA MC . -61.75 0.08 12.48
MG CLA NC . -49.53 -6.11 20.83
CHA CLA NC . -46.42 -7.44 21.39
CHB CLA NC . -50.28 -6.38 24.17
CHC CLA NC . -52.40 -4.62 20.22
CHD CLA NC . -48.76 -5.89 17.39
NA CLA NC . -48.48 -6.82 22.62
C1A CLA NC . -47.25 -7.33 22.65
C2A CLA NC . -46.82 -7.72 24.02
C3A CLA NC . -48.07 -7.40 24.86
C4A CLA NC . -49.00 -6.82 23.85
CMA CLA NC . -48.59 -8.48 25.77
CAA CLA NC . -45.68 -6.80 24.42
CBA CLA NC . -45.66 -6.36 25.87
CGA CLA NC . -46.02 -4.90 25.99
O1A CLA NC . -47.19 -4.57 25.91
O2A CLA NC . -45.08 -4.00 26.18
NB CLA NC . -51.08 -5.56 22.01
C1B CLA NC . -51.25 -5.80 23.33
C2B CLA NC . -52.54 -5.37 23.74
C3B CLA NC . -53.15 -4.89 22.62
C4B CLA NC . -52.19 -5.00 21.53
CMB CLA NC . -53.10 -5.52 25.11
CAB CLA NC . -54.49 -4.32 22.48
CBB CLA NC . -54.82 -3.01 23.17
NC CLA NC . -50.42 -5.35 19.09
C1C CLA NC . -51.62 -4.81 19.05
C2C CLA NC . -52.06 -4.44 17.69
C3C CLA NC . -51.00 -4.79 16.91
C4C CLA NC . -49.99 -5.37 17.78
CMC CLA NC . -53.35 -3.80 17.29
CAC CLA NC . -50.90 -4.62 15.42
CBC CLA NC . -50.09 -3.38 15.16
ND CLA NC . -48.03 -6.50 19.62
C1D CLA NC . -47.80 -6.43 18.28
C2D CLA NC . -46.49 -6.96 17.93
C3D CLA NC . -45.96 -7.35 19.15
C4D CLA NC . -46.89 -7.08 20.14
CMD CLA NC . -45.73 -7.12 16.64
CAD CLA NC . -44.81 -7.95 19.76
OBD CLA NC . -43.83 -8.40 19.17
CBD CLA NC . -45.01 -7.95 21.24
CGD CLA NC . -44.91 -9.32 21.80
O1D CLA NC . -45.86 -10.08 21.75
O2D CLA NC . -43.81 -9.74 22.39
CED CLA NC . -43.54 -11.13 22.26
C1 CLA NC . -45.34 -2.62 25.79
C2 CLA NC . -45.84 -2.31 24.40
C3 CLA NC . -46.57 -1.21 24.15
C4 CLA NC . -46.94 -0.26 25.24
C5 CLA NC . -47.08 -0.91 22.76
C6 CLA NC . -48.06 -2.01 22.39
C7 CLA NC . -47.84 -2.51 20.97
C8 CLA NC . -49.00 -2.14 20.05
C9 CLA NC . -48.49 -1.31 18.89
C10 CLA NC . -50.10 -1.41 20.82
C11 CLA NC . -51.28 -1.06 19.92
C12 CLA NC . -51.45 0.46 19.81
C13 CLA NC . -52.74 0.81 19.10
C14 CLA NC . -53.93 0.40 19.95
C15 CLA NC . -52.78 0.14 17.74
C16 CLA NC . -52.94 1.16 16.63
C17 CLA NC . -54.32 1.79 16.64
MG CLA OC . -50.01 -15.20 18.99
CHA CLA OC . -49.09 -17.02 21.77
CHB CLA OC . -47.93 -12.65 19.93
CHC CLA OC . -50.93 -13.58 16.29
CHD CLA OC . -52.15 -17.84 18.06
NA CLA OC . -48.64 -14.84 20.68
C1A CLA OC . -48.42 -15.67 21.69
C2A CLA OC . -47.46 -15.11 22.68
C3A CLA OC . -47.16 -13.73 22.10
C4A CLA OC . -47.93 -13.72 20.83
CMA CLA OC . -47.28 -12.53 23.02
CAA CLA OC . -46.20 -15.95 22.60
CBA CLA OC . -44.94 -15.21 22.18
CGA CLA OC . -44.75 -15.19 20.69
O1A CLA OC . -45.58 -15.75 20.01
O2A CLA OC . -43.73 -14.56 20.19
NB CLA OC . -49.50 -13.39 18.22
C1B CLA OC . -48.63 -12.49 18.73
C2B CLA OC . -48.52 -11.36 17.86
C3B CLA OC . -49.37 -11.60 16.83
C4B CLA OC . -49.99 -12.91 17.07
CMB CLA OC . -47.66 -10.16 18.07
CAB CLA OC . -49.58 -10.68 15.69
CBB CLA OC . -50.03 -11.13 14.34
NC CLA OC . -51.27 -15.67 17.39
C1C CLA OC . -51.55 -14.84 16.41
C2C CLA OC . -52.55 -15.38 15.48
C3C CLA OC . -52.85 -16.60 15.97
C4C CLA OC . -52.07 -16.78 17.17
CMC CLA OC . -53.09 -14.71 14.24
CAC CLA OC . -53.82 -17.60 15.41
CBC CLA OC . -53.02 -18.66 14.69
ND CLA OC . -50.56 -16.98 19.65
C1D CLA OC . -51.38 -17.98 19.24
C2D CLA OC . -51.37 -19.12 20.14
C3D CLA OC . -50.47 -18.73 21.12
C4D CLA OC . -49.99 -17.46 20.82
CMD CLA OC . -52.07 -20.43 20.15
CAD CLA OC . -49.85 -19.17 22.35
OBD CLA OC . -49.89 -20.30 22.79
CBD CLA OC . -48.94 -18.09 22.82
CGD CLA OC . -49.40 -17.55 24.13
O1D CLA OC . -50.59 -17.30 24.30
O2D CLA OC . -48.56 -17.34 25.13
CED CLA OC . -48.99 -17.79 26.41
C1 CLA OC . -43.94 -13.41 19.30
C2 CLA OC . -44.53 -13.61 17.93
C3 CLA OC . -44.20 -12.82 16.91
C4 CLA OC . -43.22 -11.69 17.07
C5 CLA OC . -44.79 -13.03 15.53
C6 CLA OC . -44.67 -11.77 14.68
C7 CLA OC . -45.95 -10.96 14.73
C8 CLA OC . -46.70 -10.93 13.40
C9 CLA OC . -47.03 -12.34 12.93
C10 CLA OC . -45.92 -10.15 12.35
C11 CLA OC . -46.54 -8.80 12.07
C12 CLA OC . -45.92 -7.71 12.95
C13 CLA OC . -45.00 -6.77 12.18
C14 CLA OC . -45.27 -5.31 12.58
C15 CLA OC . -45.13 -6.96 10.68
MG CLA PC . -52.51 -6.88 3.74
CHA CLA PC . -52.26 -5.44 0.63
CHB CLA PC . -50.76 -9.64 2.63
CHC CLA PC . -52.64 -8.09 6.80
CHD CLA PC . -54.31 -4.06 4.83
NA CLA PC . -51.59 -7.49 1.84
C1A CLA PC . -51.60 -6.79 0.71
C2A CLA PC . -50.92 -7.50 -0.41
C3A CLA PC . -50.50 -8.81 0.25
C4A CLA PC . -50.95 -8.65 1.66
CMA CLA PC . -50.97 -10.06 -0.46
CAA CLA PC . -49.62 -6.77 -0.76
CBA CLA PC . -49.06 -6.01 0.42
CGA CLA PC . -47.55 -5.92 0.35
O1A CLA PC . -46.92 -6.96 0.32
O2A CLA PC . -46.96 -4.75 0.33
NB CLA PC . -51.80 -8.58 4.58
C1B CLA PC . -51.14 -9.61 3.98
C2B CLA PC . -50.88 -10.65 4.94
C3B CLA PC . -51.43 -10.21 6.11
C4B CLA PC . -52.00 -8.90 5.87
CMB CLA PC . -50.18 -11.93 4.66
CAB CLA PC . -51.45 -10.89 7.42
CBB CLA PC . -50.20 -11.50 8.01
NC CLA PC . -53.31 -6.16 5.54
C1C CLA PC . -53.27 -6.84 6.68
C2C CLA PC . -53.97 -6.14 7.77
C3C CLA PC . -54.42 -4.98 7.20
C4C CLA PC . -54.00 -5.01 5.80
CMC CLA PC . -54.13 -6.61 9.19
CAC CLA PC . -55.20 -3.89 7.88
CBC CLA PC . -54.25 -2.77 8.22
ND CLA PC . -53.14 -5.16 3.03
C1D CLA PC . -53.87 -4.12 3.49
C2D CLA PC . -54.13 -3.12 2.45
C3D CLA PC . -53.50 -3.67 1.34
C4D CLA PC . -52.91 -4.87 1.70
CMD CLA PC . -54.87 -1.82 2.43
CAD CLA PC . -53.24 -3.42 -0.06
OBD CLA PC . -53.91 -2.70 -0.76
CBD CLA PC . -52.34 -4.49 -0.55
CGD CLA PC . -52.97 -5.18 -1.73
O1D CLA PC . -54.16 -5.38 -1.73
O2D CLA PC . -52.24 -5.57 -2.76
CED CLA PC . -52.78 -5.29 -4.04
C1 CLA PC . -45.64 -4.59 0.92
C2 CLA PC . -45.39 -4.92 2.38
C3 CLA PC . -44.32 -4.43 3.03
C4 CLA PC . -43.32 -3.54 2.37
C5 CLA PC . -44.07 -4.74 4.49
C6 CLA PC . -43.49 -3.52 5.19
C7 CLA PC . -44.58 -2.75 5.94
C8 CLA PC . -44.23 -2.60 7.41
C9 CLA PC . -44.74 -3.77 8.22
C10 CLA PC . -44.82 -1.29 7.93
C11 CLA PC . -46.30 -1.42 8.26
C12 CLA PC . -46.96 -0.05 8.36
C13 CLA PC . -47.68 0.19 9.68
C14 CLA PC . -47.39 1.59 10.22
C15 CLA PC . -47.28 -0.85 10.72
C16 CLA PC . -48.52 -1.36 11.46
MG CLA QC . -68.04 -12.28 6.58
CHA CLA QC . -67.97 -12.07 3.13
CHB CLA QC . -70.71 -10.13 6.69
CHC CLA QC . -68.09 -12.66 9.85
CHD CLA QC . -65.25 -14.45 6.43
NA CLA QC . -69.25 -11.20 5.08
C1A CLA QC . -69.06 -11.23 3.77
C2A CLA QC . -70.00 -10.33 3.05
C3A CLA QC . -70.84 -9.73 4.19
C4A CLA QC . -70.26 -10.39 5.39
CMA CLA QC . -71.07 -8.23 4.23
CAA CLA QC . -70.94 -11.13 2.14
CBA CLA QC . -71.30 -12.48 2.73
CGA CLA QC . -72.66 -12.43 3.35
O1A CLA QC . -73.35 -11.45 3.15
O2A CLA QC . -73.06 -13.44 4.10
NB CLA QC . -69.23 -11.53 8.05
C1B CLA QC . -70.26 -10.66 7.91
C2B CLA QC . -70.81 -10.34 9.20
C3B CLA QC . -70.07 -11.04 10.10
C4B CLA QC . -69.06 -11.80 9.35
CMB CLA QC . -71.95 -9.41 9.48
CAB CLA QC . -70.31 -11.00 11.56
CBB CLA QC . -69.47 -11.70 12.60
NC CLA QC . -66.92 -13.45 7.91
C1C CLA QC . -67.05 -13.38 9.22
C2C CLA QC . -66.00 -14.14 9.95
C3C CLA QC . -65.23 -14.67 8.95
C4C CLA QC . -65.80 -14.23 7.69
CMC CLA QC . -65.85 -14.27 11.44
CAC CLA QC . -64.00 -15.53 9.12
CBC CLA QC . -64.36 -16.96 8.81
ND CLA QC . -66.86 -13.10 5.22
C1D CLA QC . -65.79 -13.94 5.23
C2D CLA QC . -65.30 -14.20 3.89
C3D CLA QC . -66.15 -13.47 3.08
C4D CLA QC . -67.08 -12.82 3.89
CMD CLA QC . -64.18 -15.03 3.33
CAD CLA QC . -66.43 -13.15 1.71
OBD CLA QC . -66.03 -13.79 0.76
CBD CLA QC . -67.59 -12.22 1.68
CGD CLA QC . -67.14 -10.91 1.10
O1D CLA QC . -67.94 -10.12 0.65
O2D CLA QC . -65.86 -10.58 1.09
CED CLA QC . -65.60 -9.21 1.37
C1 CLA QC . -73.23 -13.27 5.53
C2 CLA QC . -72.38 -13.99 6.55
C3 CLA QC . -72.76 -14.07 7.83
C4 CLA QC . -74.03 -13.43 8.33
C5 CLA QC . -71.93 -14.80 8.85
C6 CLA QC . -72.12 -14.18 10.22
C7 CLA QC . -70.96 -14.56 11.14
C8 CLA QC . -70.70 -16.05 11.11
C9 CLA QC . -71.12 -16.69 12.42
C10 CLA QC . -69.21 -16.30 10.82
C11 CLA QC . -68.84 -17.77 10.99
MG CLA RC . -61.10 -0.11 0.50
CHA CLA RC . -63.84 -0.05 -1.58
CHB CLA RC . -59.73 2.57 -1.16
CHC CLA RC . -58.58 -0.21 2.61
CHD CLA RC . -62.52 -2.88 2.16
NA CLA RC . -61.71 1.17 -1.19
C1A CLA RC . -62.84 1.04 -1.88
C2A CLA RC . -62.92 2.04 -3.01
C3A CLA RC . -61.62 2.84 -2.84
C4A CLA RC . -60.97 2.18 -1.67
CMA CLA RC . -60.76 3.13 -4.07
CAA CLA RC . -64.12 2.95 -2.83
CBA CLA RC . -64.44 3.23 -1.37
CGA CLA RC . -65.94 3.37 -1.26
O1A CLA RC . -66.64 2.42 -1.56
O2A CLA RC . -66.47 4.52 -0.87
NB CLA RC . -59.42 1.02 0.70
C1B CLA RC . -59.02 2.06 -0.07
C2B CLA RC . -57.74 2.54 0.39
C3B CLA RC . -57.42 1.75 1.46
C4B CLA RC . -58.50 0.79 1.64
CMB CLA RC . -56.96 3.68 -0.20
CAB CLA RC . -56.21 1.80 2.31
CBB CLA RC . -54.84 1.88 1.71
NC CLA RC . -60.67 -1.30 2.18
C1C CLA RC . -59.56 -1.20 2.89
C2C CLA RC . -59.48 -2.20 3.96
C3C CLA RC . -60.64 -2.91 3.83
C4C CLA RC . -61.37 -2.34 2.71
CMC CLA RC . -58.38 -2.38 4.96
CAC CLA RC . -61.09 -4.07 4.67
CBC CLA RC . -62.22 -3.61 5.57
ND CLA RC . -62.74 -1.21 0.43
C1D CLA RC . -63.22 -2.31 1.07
C2D CLA RC . -64.46 -2.80 0.48
C3D CLA RC . -64.69 -1.90 -0.54
C4D CLA RC . -63.67 -0.96 -0.56
CMD CLA RC . -65.37 -3.95 0.79
CAD CLA RC . -65.61 -1.58 -1.61
OBD CLA RC . -66.63 -2.18 -1.88
CBD CLA RC . -65.06 -0.43 -2.37
CGD CLA RC . -64.47 -0.94 -3.63
O1D CLA RC . -63.46 -1.61 -3.60
O2D CLA RC . -64.99 -0.66 -4.82
CED CLA RC . -64.28 -1.28 -5.90
C1 CLA RC . -65.73 5.45 -0.03
C2 CLA RC . -65.61 5.30 1.48
C3 CLA RC . -65.31 6.36 2.24
C4 CLA RC . -65.06 7.72 1.64
C5 CLA RC . -65.17 6.25 3.74
C6 CLA RC . -64.52 7.51 4.32
C7 CLA RC . -63.41 7.15 5.31
C8 CLA RC . -62.42 8.30 5.50
C9 CLA RC . -60.98 7.82 5.35
C10 CLA RC . -62.63 8.93 6.88
MG CLA SC . -53.13 3.71 -3.37
CHA CLA SC . -56.02 2.94 -5.05
CHB CLA SC . -52.70 6.51 -5.29
CHC CLA SC . -50.43 4.41 -1.60
CHD CLA SC . -53.58 0.83 -1.39
NA CLA SC . -54.24 4.66 -5.02
C1A CLA SC . -55.36 4.20 -5.57
C2A CLA SC . -55.82 5.05 -6.72
C3A CLA SC . -54.74 6.15 -6.76
C4A CLA SC . -53.83 5.77 -5.64
CMA CLA SC . -54.13 6.53 -8.10
CAA CLA SC . -57.15 5.71 -6.40
CBA CLA SC . -57.20 6.09 -4.93
CGA CLA SC . -58.57 6.61 -4.61
O1A CLA SC . -59.54 6.11 -5.15
O2A CLA SC . -58.69 7.60 -3.74
NB CLA SC . -51.78 5.23 -3.43
C1B CLA SC . -51.76 6.29 -4.28
C2B CLA SC . -50.63 7.12 -3.98
C3B CLA SC . -49.99 6.52 -2.94
C4B CLA SC . -50.73 5.32 -2.61
CMB CLA SC . -50.30 8.39 -4.72
CAB CLA SC . -48.76 6.92 -2.19
CBB CLA SC . -47.82 8.01 -2.64
NC CLA SC . -52.20 2.81 -1.71
C1C CLA SC . -51.07 3.24 -1.18
C2C CLA SC . -50.60 2.37 -0.08
C3C CLA SC . -51.52 1.38 0.00
C4C CLA SC . -52.52 1.65 -1.03
CMC CLA SC . -49.36 2.59 0.75
CAC CLA SC . -51.53 0.21 0.95
CBC CLA SC . -50.54 -0.84 0.50
ND CLA SC . -54.39 2.21 -3.19
C1D CLA SC . -54.54 1.14 -2.38
C2D CLA SC . -55.74 0.40 -2.67
C3D CLA SC . -56.32 1.11 -3.72
C4D CLA SC . -55.50 2.19 -4.02
CMD CLA SC . -56.37 -0.84 -2.08
CAD CLA SC . -57.46 1.13 -4.60
OBD CLA SC . -58.55 0.67 -4.30
CBD CLA SC . -57.29 2.28 -5.54
CGD CLA SC . -57.14 1.77 -6.94
O1D CLA SC . -56.07 1.36 -7.32
O2D CLA SC . -58.15 1.75 -7.78
CED CLA SC . -58.31 0.55 -8.51
C1 CLA SC . -58.65 7.33 -2.30
C2 CLA SC . -59.79 6.66 -1.59
C3 CLA SC . -59.86 6.66 -0.26
C4 CLA SC . -58.80 7.32 0.57
C5 CLA SC . -60.98 5.99 0.50
C6 CLA SC . -60.39 4.87 1.36
C7 CLA SC . -61.07 4.78 2.71
C8 CLA SC . -61.21 3.32 3.13
C9 CLA SC . -62.65 2.85 2.93
C10 CLA SC . -60.78 3.15 4.58
C11 CLA SC . -60.72 1.67 4.94
C12 CLA SC . -60.93 1.46 6.43
C13 CLA SC . -62.18 0.61 6.69
C14 CLA SC . -62.43 0.44 8.18
MG CLA TC . -43.76 -2.45 -5.30
CHA CLA TC . -46.90 -3.13 -4.01
CHB CLA TC . -44.06 0.84 -4.36
CHC CLA TC . -40.68 -1.96 -6.37
CHD CLA TC . -43.50 -5.82 -6.30
NA CLA TC . -45.30 -1.24 -4.27
C1A CLA TC . -46.47 -1.69 -3.86
C2A CLA TC . -47.33 -0.59 -3.29
C3A CLA TC . -46.42 0.61 -3.43
C4A CLA TC . -45.18 0.07 -4.05
CMA CLA TC . -47.09 1.79 -4.09
CAA CLA TC . -47.71 -0.75 -1.82
CBA CLA TC . -46.64 -1.37 -0.94
CGA CLA TC . -46.87 -0.89 0.46
O1A CLA TC . -47.43 0.17 0.64
O2A CLA TC . -46.46 -1.62 1.49
NB CLA TC . -42.55 -0.81 -5.35
C1B CLA TC . -42.84 0.45 -4.93
C2B CLA TC . -41.71 1.31 -5.20
C3B CLA TC . -40.77 0.50 -5.77
C4B CLA TC . -41.32 -0.83 -5.86
CMB CLA TC . -41.60 2.77 -4.91
CAB CLA TC . -39.43 0.88 -6.23
CBB CLA TC . -38.38 1.31 -5.25
NC CLA TC . -42.31 -3.70 -6.14
C1C CLA TC . -41.12 -3.28 -6.55
C2C CLA TC . -40.33 -4.33 -7.22
C3C CLA TC . -41.14 -5.43 -7.18
C4C CLA TC . -42.37 -5.03 -6.51
CMC CLA TC . -38.96 -4.19 -7.80
CAC CLA TC . -40.81 -6.79 -7.74
CBC CLA TC . -40.53 -7.79 -6.64
ND CLA TC . -44.82 -4.10 -5.21
C1D CLA TC . -44.67 -5.38 -5.64
C2D CLA TC . -45.86 -6.19 -5.36
C3D CLA TC . -46.71 -5.29 -4.73
C4D CLA TC . -46.08 -4.05 -4.65
CMD CLA TC . -46.24 -7.61 -5.62
CAD CLA TC . -48.02 -5.19 -4.13
OBD CLA TC . -48.89 -6.02 -4.15
CBD CLA TC . -48.16 -3.81 -3.55
CGD CLA TC . -49.40 -3.17 -4.06
O1D CLA TC . -49.97 -3.63 -5.03
O2D CLA TC . -49.93 -2.09 -3.50
CED CLA TC . -51.31 -2.12 -3.17
C1 CLA TC . -45.77 -1.04 2.64
C2 CLA TC . -46.23 0.14 3.46
C3 CLA TC . -45.43 1.18 3.78
C4 CLA TC . -45.95 2.31 4.60
C5 CLA TC . -43.99 1.33 3.32
C6 CLA TC . -42.99 0.39 3.99
C7 CLA TC . -41.84 1.14 4.66
C8 CLA TC . -40.77 1.71 3.73
C9 CLA TC . -41.01 3.19 3.45
C10 CLA TC . -40.65 0.92 2.43
C11 CLA TC . -39.34 1.26 1.70
C12 CLA TC . -39.61 2.06 0.43
C13 CLA TC . -38.75 1.62 -0.76
C14 CLA TC . -38.36 0.16 -0.64
C15 CLA TC . -37.52 2.51 -0.87
MG CLA UC . -49.05 -12.52 -1.02
CHA CLA UC . -50.16 -15.13 0.95
CHB CLA UC . -46.57 -11.81 1.23
CHC CLA UC . -48.06 -10.09 -3.02
CHD CLA UC . -51.64 -13.24 -3.32
NA CLA UC . -48.39 -13.39 0.90
C1A CLA UC . -48.96 -14.43 1.53
C2A CLA UC . -48.26 -14.73 2.83
C3A CLA UC . -47.15 -13.66 2.85
C4A CLA UC . -47.36 -12.91 1.59
CMA CLA UC . -46.88 -12.82 4.09
CAA CLA UC . -47.68 -16.14 2.85
CBA CLA UC . -46.64 -16.33 3.95
CGA CLA UC . -47.27 -16.25 5.32
O1A CLA UC . -48.46 -16.41 5.46
O2A CLA UC . -46.49 -16.04 6.39
NB CLA UC . -47.55 -11.17 -0.91
C1B CLA UC . -46.64 -11.00 0.09
C2B CLA UC . -45.79 -9.88 -0.19
C3B CLA UC . -46.22 -9.39 -1.40
C4B CLA UC . -47.34 -10.23 -1.84
CMB CLA UC . -44.67 -9.41 0.70
CAB CLA UC . -45.73 -8.26 -2.22
CBB CLA UC . -44.71 -7.25 -1.75
NC CLA UC . -49.68 -11.85 -2.91
C1C CLA UC . -49.17 -10.80 -3.53
C2C CLA UC . -49.88 -10.47 -4.78
C3C CLA UC . -50.85 -11.42 -4.87
C4C CLA UC . -50.73 -12.26 -3.69
CMC CLA UC . -49.57 -9.37 -5.75
CAC CLA UC . -51.87 -11.56 -5.97
CBC CLA UC . -51.44 -12.70 -6.87
ND CLA UC . -50.53 -13.81 -1.24
C1D CLA UC . -51.50 -14.03 -2.16
C2D CLA UC . -52.38 -15.12 -1.78
C3D CLA UC . -51.84 -15.54 -0.57
C4D CLA UC . -50.74 -14.75 -0.25
CMD CLA UC . -53.58 -15.76 -2.41
CAD CLA UC . -52.01 -16.52 0.46
OBD CLA UC . -53.03 -17.15 0.64
CBD CLA UC . -50.93 -16.32 1.48
CGD CLA UC . -51.64 -16.04 2.76
O1D CLA UC . -52.29 -16.90 3.28
O2D CLA UC . -51.57 -14.86 3.37
CED CLA UC . -51.94 -14.91 4.75
C1 CLA UC . -46.86 -15.04 7.38
C2 CLA UC . -46.37 -13.61 7.26
C3 CLA UC . -46.65 -12.69 8.20
C4 CLA UC . -47.44 -13.06 9.41
C5 CLA UC . -46.19 -11.26 8.11
C6 CLA UC . -46.85 -10.55 6.95
C7 CLA UC . -47.16 -9.09 7.27
C8 CLA UC . -47.82 -8.38 6.09
C9 CLA UC . -46.83 -8.20 4.95
C10 CLA UC . -48.41 -7.05 6.53
C11 CLA UC . -49.01 -6.25 5.38
C12 CLA UC . -49.47 -4.88 5.85
C13 CLA UC . -49.90 -3.96 4.70
C14 CLA UC . -48.95 -4.04 3.52
C15 CLA UC . -49.98 -2.52 5.21
C16 CLA UC . -51.35 -1.91 4.94
C17 CLA UC . -51.38 -0.42 5.23
C18 CLA UC . -52.31 -0.10 6.38
C19 CLA UC . -51.82 1.12 7.16
C20 CLA UC . -53.75 0.11 5.91
MG CLA VC . -32.56 -9.51 7.19
CHA CLA VC . -33.37 -8.78 10.45
CHB CLA VC . -34.29 -6.75 6.09
CHC CLA VC . -31.58 -10.23 4.14
CHD CLA VC . -30.82 -12.35 8.34
NA CLA VC . -33.72 -7.91 8.16
C1A CLA VC . -33.94 -7.80 9.46
C2A CLA VC . -34.82 -6.64 9.79
C3A CLA VC . -35.11 -6.04 8.42
C4A CLA VC . -34.35 -6.93 7.49
CMA CLA VC . -36.56 -5.71 8.15
CAA CLA VC . -34.09 -5.60 10.62
CBA CLA VC . -32.83 -5.10 9.96
CGA CLA VC . -32.54 -3.72 10.50
O1A CLA VC . -31.63 -3.59 11.30
O2A CLA VC . -33.25 -2.70 10.08
NB CLA VC . -32.89 -8.62 5.39
C1B CLA VC . -33.62 -7.51 5.12
C2B CLA VC . -33.59 -7.24 3.70
C3B CLA VC . -32.83 -8.24 3.17
C4B CLA VC . -32.40 -9.10 4.25
CMB CLA VC . -34.28 -6.11 3.00
CAB CLA VC . -32.46 -8.47 1.75
CBB CLA VC . -32.20 -7.35 0.78
NC CLA VC . -31.32 -10.99 6.38
C1C CLA VC . -31.10 -11.13 5.10
C2C CLA VC . -30.29 -12.32 4.78
C3C CLA VC . -30.03 -12.89 6.00
C4C CLA VC . -30.70 -12.06 6.98
CMC CLA VC . -29.84 -12.78 3.43
CAC CLA VC . -29.25 -14.14 6.29
CBC CLA VC . -27.89 -13.76 6.83
ND CLA VC . -32.13 -10.40 8.89
C1D CLA VC . -31.47 -11.52 9.27
C2D CLA VC . -31.54 -11.74 10.71
C3D CLA VC . -32.29 -10.66 11.16
C4D CLA VC . -32.62 -9.87 10.06
CMD CLA VC . -31.02 -12.80 11.62
CAD CLA VC . -32.85 -10.07 12.34
OBD CLA VC . -32.70 -10.47 13.48
CBD CLA VC . -33.48 -8.79 11.95
CGD CLA VC . -34.91 -8.77 12.35
O1D CLA VC . -35.76 -9.36 11.73
O2D CLA VC . -35.29 -8.08 13.41
CED CLA VC . -36.24 -8.75 14.22
C1 CLA VC . -32.67 -1.36 10.04
C2 CLA VC . -33.13 -0.26 10.97
C3 CLA VC . -33.04 1.01 10.57
C4 CLA VC . -32.50 1.36 9.22
C5 CLA VC . -33.49 2.18 11.42
C6 CLA VC . -34.66 2.86 10.72
C7 CLA VC . -35.38 3.84 11.64
C8 CLA VC . -36.57 4.48 10.95
C9 CLA VC . -36.17 5.26 9.71
C10 CLA VC . -37.29 5.39 11.93
C11 CLA VC . -38.61 5.88 11.35
C12 CLA VC . -39.58 6.33 12.44
C13 CLA VC . -40.30 7.61 12.05
MG CLA WC . -39.24 -4.69 17.73
CHA CLA WC . -37.96 -4.86 14.53
CHB CLA WC . -42.36 -4.02 16.49
CHC CLA WC . -40.36 -4.76 20.81
CHD CLA WC . -36.00 -5.41 18.97
NA CLA WC . -40.10 -4.47 15.71
C1A CLA WC . -39.44 -4.55 14.57
C2A CLA WC . -40.32 -4.27 13.39
C3A CLA WC . -41.68 -4.02 14.04
C4A CLA WC . -41.39 -4.17 15.50
CMA CLA WC . -42.51 -2.82 13.60
CAA CLA WC . -40.45 -5.49 12.49
CBA CLA WC . -40.36 -5.09 11.03
CGA CLA WC . -40.71 -6.27 10.16
O1A CLA WC . -40.08 -7.31 10.30
O2A CLA WC . -41.68 -6.16 9.28
NB CLA WC . -41.09 -4.45 18.54
C1B CLA WC . -42.24 -4.15 17.88
C2B CLA WC . -43.31 -4.00 18.83
C3B CLA WC . -42.74 -4.19 20.05
C4B CLA WC . -41.33 -4.48 19.84
CMB CLA WC . -44.75 -3.68 18.54
CAB CLA WC . -43.48 -4.14 21.33
CBB CLA WC . -42.87 -3.65 22.62
NC CLA WC . -38.33 -5.07 19.58
C1C CLA WC . -38.97 -4.96 20.73
C2C CLA WC . -38.08 -5.10 21.88
C3C CLA WC . -36.84 -5.30 21.35
C4C CLA WC . -37.01 -5.27 19.91
CMC CLA WC . -38.47 -5.04 23.32
CAC CLA WC . -35.54 -5.49 22.07
CBC CLA WC . -34.83 -4.17 22.27
ND CLA WC . -37.43 -5.08 17.05
C1D CLA WC . -36.20 -5.31 17.58
C2D CLA WC . -35.16 -5.41 16.58
C3D CLA WC . -35.87 -5.24 15.40
C4D CLA WC . -37.22 -5.03 15.69
CMD CLA WC . -33.69 -5.63 16.62
CAD CLA WC . -35.69 -5.16 13.98
OBD CLA WC . -34.68 -4.70 13.49
CBD CLA WC . -37.04 -5.06 13.36
CGD CLA WC . -37.02 -3.90 12.41
O1D CLA WC . -37.37 -4.04 11.26
O2D CLA WC . -36.62 -2.71 12.79
CED CLA WC . -37.23 -1.62 12.11
C1 CLA WC . -42.03 -7.31 8.43
C2 CLA WC . -41.29 -7.63 7.15
C3 CLA WC . -41.55 -8.76 6.50
C4 CLA WC . -42.55 -9.75 7.01
C5 CLA WC . -40.86 -9.13 5.21
C6 CLA WC . -41.58 -8.48 4.04
C7 CLA WC . -41.43 -9.32 2.78
C8 CLA WC . -41.25 -8.46 1.54
C9 CLA WC . -40.72 -9.31 0.39
C10 CLA WC . -40.30 -7.31 1.82
C11 CLA WC . -40.94 -5.97 1.54
C12 CLA WC . -40.14 -5.21 0.50
C13 CLA WC . -39.16 -4.23 1.11
C14 CLA WC . -39.80 -2.86 1.29
C15 CLA WC . -37.94 -4.14 0.23
C16 CLA WC . -36.97 -3.08 0.74
C17 CLA WC . -35.56 -3.37 0.25
C18 CLA WC . -34.50 -2.81 1.20
C19 CLA WC . -33.12 -2.95 0.58
C20 CLA WC . -34.79 -1.36 1.54
MG CLA XC . -33.22 -26.75 16.45
CHA CLA XC . -35.70 -28.53 18.03
CHB CLA XC . -32.03 -25.63 19.48
CHC CLA XC . -30.81 -25.20 14.84
CHD CLA XC . -34.48 -27.89 13.36
NA CLA XC . -33.78 -27.03 18.56
C1A CLA XC . -34.82 -27.75 18.99
C2A CLA XC . -34.96 -27.69 20.47
C3A CLA XC . -33.83 -26.74 20.87
C4A CLA XC . -33.16 -26.44 19.59
CMA CLA XC . -34.22 -25.54 21.71
CAA CLA XC . -34.59 -29.06 21.03
CBA CLA XC . -33.82 -29.04 22.34
CGA CLA XC . -32.33 -29.21 22.16
O1A CLA XC . -31.59 -28.99 23.11
O2A CLA XC . -31.83 -29.59 21.00
NB CLA XC . -31.67 -25.60 17.06
C1B CLA XC . -31.32 -25.25 18.34
C2B CLA XC . -30.15 -24.44 18.32
C3B CLA XC . -29.82 -24.30 17.00
C4B CLA XC . -30.79 -25.05 16.23
CMB CLA XC . -29.46 -23.86 19.52
CAB CLA XC . -28.68 -23.58 16.43
CBB CLA XC . -27.28 -23.88 16.89
NC CLA XC . -32.68 -26.62 14.43
C1C CLA XC . -31.71 -25.86 13.98
C2C CLA XC . -31.65 -25.80 12.51
C3C CLA XC . -32.69 -26.60 12.10
C4C CLA XC . -33.33 -27.09 13.31
CMC CLA XC . -30.66 -25.04 11.67
CAC CLA XC . -33.11 -26.88 10.68
CBC CLA XC . -32.76 -28.30 10.30
ND CLA XC . -34.69 -27.87 15.76
C1D CLA XC . -35.10 -28.31 14.54
C2D CLA XC . -36.23 -29.22 14.64
C3D CLA XC . -36.45 -29.29 16.01
C4D CLA XC . -35.53 -28.48 16.66
CMD CLA XC . -37.07 -29.96 13.63
CAD CLA XC . -37.31 -29.90 16.99
OBD CLA XC . -38.29 -30.59 16.77
CBD CLA XC . -36.84 -29.46 18.35
CGD CLA XC . -37.94 -28.73 19.03
O1D CLA XC . -38.77 -28.13 18.37
O2D CLA XC . -38.03 -28.72 20.35
CED CLA XC . -39.28 -29.16 20.87
C1 CLA XC . -30.50 -29.18 20.60
C2 CLA XC . -30.22 -28.66 19.20
C3 CLA XC . -29.22 -29.19 18.48
C4 CLA XC . -28.35 -30.28 19.06
C5 CLA XC . -28.87 -28.75 17.09
C6 CLA XC . -29.94 -29.12 16.06
C7 CLA XC . -30.65 -30.43 16.37
C8 CLA XC . -31.96 -30.51 15.60
C9 CLA XC . -32.94 -31.44 16.27
C10 CLA XC . -31.63 -30.92 14.16
C11 CLA XC . -32.35 -32.19 13.72
C12 CLA XC . -33.27 -31.89 12.55
C13 CLA XC . -33.14 -32.93 11.46
C14 CLA XC . -33.40 -32.28 10.10
C15 CLA XC . -34.10 -34.08 11.73
C16 CLA XC . -34.48 -34.84 10.46
C17 CLA XC . -34.35 -36.35 10.69
C18 CLA XC . -35.42 -37.16 9.97
C19 CLA XC . -36.10 -38.14 10.92
C20 CLA XC . -36.45 -36.29 9.26
MG CLA YC . -41.11 -22.16 16.29
CHA CLA YC . -42.24 -21.79 19.52
CHB CLA YC . -39.88 -25.27 17.07
CHC CLA YC . -40.18 -22.47 13.16
CHD CLA YC . -42.41 -18.98 15.53
NA CLA YC . -41.05 -23.42 18.10
C1A CLA YC . -41.54 -23.09 19.29
C2A CLA YC . -41.28 -24.15 20.31
C3A CLA YC . -40.51 -25.20 19.52
C4A CLA YC . -40.47 -24.62 18.15
CMA CLA YC . -39.20 -25.65 20.12
CAA CLA YC . -42.61 -24.72 20.78
CBA CLA YC . -43.00 -26.02 20.09
CGA CLA YC . -44.23 -25.78 19.25
O1A CLA YC . -44.31 -24.77 18.59
O2A CLA YC . -45.19 -26.68 19.27
NB CLA YC . -40.18 -23.64 15.27
C1B CLA YC . -39.75 -24.84 15.74
C2B CLA YC . -39.14 -25.58 14.69
C3B CLA YC . -39.22 -24.81 13.59
C4B CLA YC . -39.88 -23.56 13.96
CMB CLA YC . -38.54 -26.94 14.81
CAB CLA YC . -38.68 -25.21 12.26
CBB CLA YC . -39.29 -24.76 10.96
NC CLA YC . -41.33 -20.94 14.60
C1C CLA YC . -40.81 -21.25 13.43
C2C CLA YC . -40.98 -20.17 12.44
C3C CLA YC . -41.64 -19.19 13.12
C4C CLA YC . -41.86 -19.69 14.47
CMC CLA YC . -40.51 -20.19 11.02
CAC CLA YC . -42.08 -17.86 12.57
CBC CLA YC . -43.54 -17.96 12.21
ND CLA YC . -42.09 -20.70 17.19
C1D CLA YC . -42.55 -19.48 16.84
C2D CLA YC . -43.14 -18.79 17.98
C3D CLA YC . -43.01 -19.69 19.02
C4D CLA YC . -42.39 -20.84 18.53
CMD CLA YC . -43.77 -17.45 18.17
CAD CLA YC . -43.29 -19.88 20.42
OBD CLA YC . -43.96 -19.15 21.11
CBD CLA YC . -42.89 -21.28 20.78
CGD CLA YC . -41.89 -21.26 21.89
O1D CLA YC . -40.98 -20.46 21.90
O2D CLA YC . -41.96 -22.16 22.86
CED CLA YC . -41.59 -21.68 24.15
C1 CLA YC . -46.05 -26.87 18.10
C2 CLA YC . -47.13 -25.89 17.72
C3 CLA YC . -48.10 -26.27 16.89
C4 CLA YC . -48.15 -27.65 16.33
C5 CLA YC . -49.22 -25.36 16.45
C6 CLA YC . -49.78 -24.57 17.62
C7 CLA YC . -51.22 -24.15 17.36
C8 CLA YC . -51.31 -23.10 16.26
C9 CLA YC . -50.27 -21.99 16.45
C10 CLA YC . -52.70 -22.49 16.27
C11 CLA YC . -53.76 -23.55 16.00
C12 CLA YC . -55.07 -22.87 15.67
C13 CLA YC . -56.25 -23.74 16.07
C14 CLA YC . -56.46 -24.85 15.05
C15 CLA YC . -57.47 -22.85 16.19
C16 CLA YC . -58.77 -23.59 15.94
C17 CLA YC . -59.88 -22.58 15.75
C18 CLA YC . -61.24 -23.25 15.90
C19 CLA YC . -61.28 -24.06 17.19
C20 CLA YC . -62.36 -22.23 15.86
MG CLA ZC . -36.19 -25.23 -1.85
CHA CLA ZC . -35.09 -26.56 -4.82
CHB CLA ZC . -39.37 -26.42 -2.45
CHC CLA ZC . -37.15 -23.94 1.04
CHD CLA ZC . -32.96 -23.99 -1.25
NA CLA ZC . -37.16 -26.38 -3.45
C1A CLA ZC . -36.55 -26.81 -4.55
C2A CLA ZC . -37.49 -27.56 -5.44
C3A CLA ZC . -38.81 -27.47 -4.69
C4A CLA ZC . -38.45 -26.72 -3.46
CMA CLA ZC . -40.01 -26.97 -5.48
CAA CLA ZC . -37.06 -29.02 -5.43
CBA CLA ZC . -36.67 -29.49 -4.04
CGA CLA ZC . -35.81 -30.72 -4.17
O1A CLA ZC . -34.98 -30.75 -5.06
O2A CLA ZC . -35.98 -31.72 -3.33
NB CLA ZC . -37.96 -25.20 -0.86
C1B CLA ZC . -39.15 -25.71 -1.27
C2B CLA ZC . -40.14 -25.46 -0.28
C3B CLA ZC . -39.53 -24.76 0.71
C4B CLA ZC . -38.14 -24.60 0.32
CMB CLA ZC . -41.57 -25.91 -0.41
CAB CLA ZC . -40.09 -24.23 1.98
CBB CLA ZC . -41.54 -23.86 2.13
NC CLA ZC . -35.20 -24.19 -0.33
C1C CLA ZC . -35.77 -23.78 0.79
C2C CLA ZC . -34.82 -23.18 1.74
C3C CLA ZC . -33.62 -23.25 1.09
C4C CLA ZC . -33.87 -23.87 -0.20
CMC CLA ZC . -35.15 -22.65 3.10
CAC CLA ZC . -32.29 -22.78 1.62
CBC CLA ZC . -31.48 -23.97 2.08
ND CLA ZC . -34.42 -25.24 -2.72
C1D CLA ZC . -33.19 -24.71 -2.46
C2D CLA ZC . -32.26 -24.97 -3.54
C3D CLA ZC . -33.02 -25.69 -4.45
C4D CLA ZC . -34.30 -25.84 -3.95
CMD CLA ZC . -30.84 -24.63 -3.78
CAD CLA ZC . -32.94 -26.34 -5.74
OBD CLA ZC . -31.92 -26.56 -6.38
CBD CLA ZC . -34.26 -27.00 -6.00
CGD CLA ZC . -34.84 -26.47 -7.28
O1D CLA ZC . -35.77 -25.69 -7.27
O2D CLA ZC . -34.36 -26.84 -8.44
CED CLA ZC . -34.09 -25.78 -9.34
C1 CLA ZC . -34.84 -32.46 -2.78
C2 CLA ZC . -34.50 -32.44 -1.31
C3 CLA ZC . -33.27 -32.74 -0.87
C4 CLA ZC . -32.16 -33.09 -1.82
C5 CLA ZC . -32.91 -32.74 0.60
C6 CLA ZC . -31.41 -32.57 0.79
C7 CLA ZC . -30.96 -33.00 2.18
C8 CLA ZC . -30.93 -31.84 3.15
C9 CLA ZC . -30.72 -30.50 2.45
C10 CLA ZC . -29.83 -32.06 4.18
C11 CLA ZC . -29.93 -33.43 4.84
C12 CLA ZC . -28.96 -33.56 6.01
C13 CLA ZC . -29.70 -33.92 7.30
C14 CLA ZC . -30.58 -32.77 7.77
C15 CLA ZC . -28.69 -34.30 8.36
C16 CLA ZC . -29.34 -35.08 9.49
C17 CLA ZC . -29.00 -34.46 10.84
C18 CLA ZC . -28.25 -35.44 11.75
C19 CLA ZC . -27.28 -36.32 10.97
C20 CLA ZC . -27.51 -34.70 12.85
MG CLA AD . -32.98 1.59 -7.80
CHA CLA AD . -34.64 3.02 -10.47
CHB CLA AD . -30.25 3.53 -8.41
CHC CLA AD . -31.54 0.15 -5.22
CHD CLA AD . -35.86 -0.42 -7.22
NA CLA AD . -32.48 3.13 -9.28
C1A CLA AD . -33.25 3.56 -10.27
C2A CLA AD . -32.59 4.61 -11.09
C3A CLA AD . -31.22 4.74 -10.43
C4A CLA AD . -31.30 3.76 -9.31
CMA CLA AD . -29.98 4.71 -11.31
CAA CLA AD . -33.39 5.92 -10.98
CBA CLA AD . -32.55 7.13 -11.33
CGA CLA AD . -32.71 8.20 -10.28
O1A CLA AD . -32.84 9.35 -10.67
O2A CLA AD . -32.71 7.83 -9.01
NB CLA AD . -31.16 1.81 -6.94
C1B CLA AD . -30.17 2.64 -7.32
C2B CLA AD . -29.05 2.48 -6.45
C3B CLA AD . -29.42 1.53 -5.56
C4B CLA AD . -30.77 1.12 -5.88
CMB CLA AD . -27.76 3.25 -6.58
CAB CLA AD . -28.65 0.97 -4.42
CBB CLA AD . -27.71 1.82 -3.60
NC CLA AD . -33.62 0.11 -6.44
C1C CLA AD . -32.84 -0.33 -5.46
C2C CLA AD . -33.51 -1.36 -4.64
C3C CLA AD . -34.73 -1.51 -5.22
C4C CLA AD . -34.79 -0.59 -6.34
CMC CLA AD . -32.93 -2.08 -3.46
CAC CLA AD . -35.82 -2.45 -4.77
CBC CLA AD . -36.67 -1.77 -3.73
ND CLA AD . -34.79 1.29 -8.56
C1D CLA AD . -35.86 0.50 -8.29
C2D CLA AD . -36.95 0.72 -9.23
C3D CLA AD . -36.45 1.69 -10.07
C4D CLA AD . -35.17 2.04 -9.65
CMD CLA AD . -38.32 0.13 -9.42
CAD CLA AD . -36.79 2.49 -11.22
OBD CLA AD . -37.76 2.33 -11.95
CBD CLA AD . -35.64 3.38 -11.53
CGD CLA AD . -35.14 3.04 -12.89
O1D CLA AD . -34.53 3.86 -13.56
O2D CLA AD . -35.30 1.84 -13.42
CED CLA AD . -34.15 1.32 -14.09
C1 CLA AD . -32.76 8.81 -7.93
C2 CLA AD . -32.16 10.19 -8.03
C3 CLA AD . -31.86 10.92 -6.96
C4 CLA AD . -31.26 12.28 -7.10
C5 CLA AD . -32.11 10.43 -5.55
MG CLA BD . -4.54 2.42 13.67
CHA CLA BD . -2.60 4.49 15.60
CHB CLA BD . -6.80 4.96 13.13
CHC CLA BD . -6.21 0.39 11.68
CHD CLA BD . -2.24 -0.18 14.29
NA CLA BD . -4.70 4.53 14.27
C1A CLA BD . -3.83 5.16 15.05
C2A CLA BD . -4.20 6.59 15.26
C3A CLA BD . -5.53 6.70 14.50
C4A CLA BD . -5.70 5.34 13.92
CMA CLA BD . -6.71 7.26 15.25
CAA CLA BD . -3.07 7.36 14.57
CBA CLA BD . -3.39 8.74 14.02
CGA CLA BD . -2.15 9.15 13.26
O1A CLA BD . -1.57 8.33 12.60
O2A CLA BD . -1.70 10.40 13.36
NB CLA BD . -6.24 2.64 12.56
C1B CLA BD . -7.07 3.71 12.52
C2B CLA BD . -8.23 3.38 11.73
C3B CLA BD . -8.05 2.09 11.33
C4B CLA BD . -6.77 1.64 11.86
CMB CLA BD . -9.40 4.28 11.46
CAB CLA BD . -8.92 1.21 10.51
CBB CLA BD . -9.80 1.71 9.39
NC CLA BD . -4.23 0.43 13.07
C1C CLA BD . -5.04 -0.20 12.23
C2C CLA BD . -4.58 -1.56 11.94
C3C CLA BD . -3.44 -1.70 12.66
C4C CLA BD . -3.24 -0.46 13.37
CMC CLA BD . -5.25 -2.52 11.01
CAC CLA BD . -2.56 -2.92 12.72
CBC CLA BD . -1.27 -2.67 11.98
ND CLA BD . -2.85 2.13 14.64
C1D CLA BD . -2.00 1.08 14.86
C2D CLA BD . -0.91 1.44 15.75
C3D CLA BD . -1.16 2.77 16.03
C4D CLA BD . -2.31 3.16 15.36
CMD CLA BD . 0.26 0.69 16.32
CAD CLA BD . -0.64 3.89 16.77
OBD CLA BD . 0.22 3.84 17.63
CBD CLA BD . -1.52 5.06 16.50
CGD CLA BD . -2.09 5.52 17.80
O1D CLA BD . -1.39 6.10 18.60
O2D CLA BD . -3.36 5.34 18.11
CED CLA BD . -3.96 6.39 18.84
C1 CLA BD . -1.92 11.33 12.25
C2 CLA BD . -1.31 11.16 10.88
C3 CLA BD . -1.48 12.10 9.94
C4 CLA BD . -2.30 13.33 10.22
C5 CLA BD . -0.89 11.99 8.56
C6 CLA BD . -1.87 12.55 7.53
C7 CLA BD . -1.26 12.56 6.13
C8 CLA BD . -1.11 11.14 5.58
C9 CLA BD . 0.36 10.81 5.42
C10 CLA BD . -1.83 11.01 4.25
C11 CLA BD . -1.63 9.62 3.67
C12 CLA BD . -2.07 9.56 2.20
C13 CLA BD . -1.82 8.17 1.62
MG CLA CD . -39.63 3.20 18.52
CHA CLA CD . -42.37 3.03 20.62
CHB CLA CD . -39.55 -0.23 18.32
CHC CLA CD . -37.17 3.47 16.37
CHD CLA CD . -39.71 6.71 18.83
NA CLA CD . -40.83 1.55 19.36
C1A CLA CD . -41.86 1.68 20.19
C2A CLA CD . -42.40 0.37 20.64
C3A CLA CD . -41.46 -0.60 19.95
C4A CLA CD . -40.57 0.26 19.15
CMA CLA CD . -40.72 -1.44 20.95
CAA CLA CD . -43.80 0.15 20.10
CBA CLA CD . -43.83 0.05 18.59
CGA CLA CD . -45.24 0.27 18.12
O1A CLA CD . -45.87 1.19 18.61
O2A CLA CD . -45.77 -0.53 17.22
NB CLA CD . -38.53 1.83 17.48
C1B CLA CD . -38.62 0.47 17.55
C2B CLA CD . -37.62 -0.12 16.71
C3B CLA CD . -36.93 0.92 16.17
C4B CLA CD . -37.53 2.16 16.67
CMB CLA CD . -37.38 -1.59 16.50
CAB CLA CD . -35.80 0.73 15.22
CBB CLA CD . -34.87 1.81 14.74
NC CLA CD . -38.64 4.83 17.68
C1C CLA CD . -37.63 4.72 16.86
C2C CLA CD . -37.06 6.03 16.49
C3C CLA CD . -37.81 6.93 17.17
C4C CLA CD . -38.80 6.18 17.92
CMC CLA CD . -35.91 6.29 15.56
CAC CLA CD . -37.64 8.43 17.15
CBC CLA CD . -38.70 9.02 16.26
ND CLA CD . -40.70 4.58 19.43
C1D CLA CD . -40.67 5.94 19.54
C2D CLA CD . -41.71 6.43 20.42
C3D CLA CD . -42.36 5.29 20.83
C4D CLA CD . -41.75 4.20 20.23
CMD CLA CD . -42.15 7.78 20.92
CAD CLA CD . -43.44 4.84 21.67
OBD CLA CD . -44.27 5.55 22.20
CBD CLA CD . -43.55 3.36 21.52
CGD CLA CD . -43.35 2.69 22.83
O1D CLA CD . -42.23 2.67 23.34
O2D CLA CD . -44.34 2.11 23.47
CED CLA CD . -44.35 2.31 24.88
C1 CLA CD . -46.26 -0.05 15.93
C2 CLA CD . -46.60 1.39 15.65
C3 CLA CD . -47.83 1.77 15.29
C4 CLA CD . -48.95 0.80 15.15
C5 CLA CD . -48.18 3.21 15.00
C6 CLA CD . -46.94 3.94 14.48
C7 CLA CD . -47.33 5.03 13.50
C8 CLA CD . -46.69 6.35 13.85
C9 CLA CD . -45.20 6.35 13.53
C10 CLA CD . -46.93 6.65 15.33
C11 CLA CD . -47.80 7.88 15.53
C12 CLA CD . -47.26 9.06 14.73
C13 CLA CD . -46.81 10.18 15.64
C14 CLA CD . -47.96 10.59 16.57
C15 CLA CD . -46.33 11.36 14.81
C16 CLA CD . -45.17 10.95 13.90
C17 CLA CD . -43.92 11.76 14.22
C18 CLA CD . -43.47 12.61 13.02
C19 CLA CD . -43.33 14.08 13.41
C20 CLA CD . -42.17 12.08 12.43
MG CLA DD . -46.29 7.97 19.28
CHA CLA DD . -49.34 7.65 20.84
CHB CLA DD . -46.17 4.57 18.73
CHC CLA DD . -43.46 8.41 17.66
CHD CLA DD . -46.43 11.45 19.85
NA CLA DD . -47.61 6.26 19.72
C1A CLA DD . -48.77 6.33 20.37
C2A CLA DD . -49.39 4.98 20.54
C3A CLA DD . -48.37 4.04 19.90
C4A CLA DD . -47.32 4.99 19.42
CMA CLA DD . -47.96 2.78 20.64
CAA CLA DD . -50.65 4.99 19.70
CBA CLA DD . -50.62 4.03 18.52
CGA CLA DD . -50.80 4.81 17.25
O1A CLA DD . -50.21 5.87 17.14
O2A CLA DD . -51.54 4.33 16.29
NB CLA DD . -45.03 6.69 18.33
C1B CLA DD . -45.12 5.33 18.23
C2B CLA DD . -43.98 4.83 17.53
C3B CLA DD . -43.21 5.90 17.23
C4B CLA DD . -43.89 7.09 17.75
CMB CLA DD . -43.70 3.40 17.21
CAB CLA DD . -41.93 5.89 16.51
CBB CLA DD . -41.73 6.75 15.29
NC CLA DD . -45.17 9.67 18.78
C1C CLA DD . -44.00 9.60 18.17
C2C CLA DD . -43.33 10.91 18.08
C3C CLA DD . -44.20 11.79 18.68
C4C CLA DD . -45.34 10.99 19.12
CMC CLA DD . -42.01 11.18 17.43
CAC CLA DD . -44.01 13.26 18.85
CBC CLA DD . -44.84 13.99 17.83
ND CLA DD . -47.50 9.29 20.09
C1D CLA DD . -47.50 10.64 20.29
C2D CLA DD . -48.68 11.09 20.99
C3D CLA DD . -49.39 9.91 21.20
C4D CLA DD . -48.68 8.85 20.67
CMD CLA DD . -49.18 12.41 21.46
CAD CLA DD . -50.61 9.41 21.78
OBD CLA DD . -51.51 10.08 22.23
CBD CLA DD . -50.68 7.95 21.48
CGD CLA DD . -50.88 7.20 22.75
O1D CLA DD . -50.10 7.32 23.68
O2D CLA DD . -51.93 6.39 22.87
CED CLA DD . -53.01 6.88 23.65
MG CLA ED . -29.85 -5.21 17.66
CHA CLA ED . -30.85 -2.08 18.74
CHB CLA ED . -30.54 -4.35 14.42
CHC CLA ED . -28.87 -8.19 16.80
CHD CLA ED . -29.17 -6.01 21.03
NA CLA ED . -30.61 -3.40 16.67
C1A CLA ED . -30.95 -2.27 17.26
C2A CLA ED . -31.44 -1.25 16.27
C3A CLA ED . -31.33 -1.99 14.93
C4A CLA ED . -30.80 -3.32 15.34
CMA CLA ED . -32.54 -2.00 14.03
CAA CLA ED . -30.51 -0.05 16.31
CBA CLA ED . -30.41 0.59 14.94
CGA CLA ED . -30.71 2.05 15.09
O1A CLA ED . -31.58 2.32 15.87
O2A CLA ED . -30.07 2.96 14.37
NB CLA ED . -29.72 -6.14 15.87
C1B CLA ED . -30.04 -5.64 14.65
C2B CLA ED . -29.80 -6.63 13.65
C3B CLA ED . -29.35 -7.72 14.31
C4B CLA ED . -29.29 -7.40 15.74
CMB CLA ED . -30.03 -6.52 12.16
CAB CLA ED . -28.96 -8.99 13.68
CBB CLA ED . -29.50 -10.27 14.26
NC CLA ED . -29.14 -6.84 18.77
C1C CLA ED . -28.79 -7.98 18.20
C2C CLA ED . -28.31 -8.97 19.18
C3C CLA ED . -28.39 -8.36 20.38
C4C CLA ED . -28.92 -7.02 20.11
CMC CLA ED . -27.83 -10.36 18.88
CAC CLA ED . -28.01 -9.04 21.68
CBC CLA ED . -27.38 -8.16 22.75
ND CLA ED . -29.93 -4.37 19.45
C1D CLA ED . -29.67 -4.74 20.72
C2D CLA ED . -29.99 -3.72 21.69
C3D CLA ED . -30.45 -2.68 20.90
C4D CLA ED . -30.40 -3.08 19.57
CMD CLA ED . -29.91 -3.63 23.18
CAD CLA ED . -30.96 -1.33 20.97
OBD CLA ED . -31.44 -0.84 21.97
CBD CLA ED . -31.21 -0.87 19.58
CGD CLA ED . -32.67 -0.57 19.40
O1D CLA ED . -33.03 0.45 18.84
O2D CLA ED . -33.60 -1.39 19.86
CED CLA ED . -34.78 -1.45 19.07
C1 CLA ED . -30.57 4.32 14.21
C2 CLA ED . -31.33 4.75 12.99
C3 CLA ED . -31.91 5.96 12.91
C4 CLA ED . -31.84 6.93 14.05
C5 CLA ED . -32.68 6.43 11.70
C6 CLA ED . -32.25 5.63 10.48
C7 CLA ED . -31.67 6.52 9.39
C8 CLA ED . -30.80 5.74 8.39
C9 CLA ED . -30.46 4.35 8.88
C10 CLA ED . -29.53 6.53 8.10
C11 CLA ED . -29.84 7.82 7.36
MG CLA FD . -23.26 3.10 11.30
CHA CLA FD . -25.19 2.61 14.11
CHB CLA FD . -24.86 0.51 9.70
CHC CLA FD . -21.42 3.73 8.64
CHD CLA FD . -21.59 5.69 12.98
NA CLA FD . -24.86 1.69 11.82
C1A CLA FD . -25.49 1.64 12.99
C2A CLA FD . -26.51 0.58 13.02
C3A CLA FD . -26.37 -0.09 11.66
C4A CLA FD . -25.31 0.73 11.00
CMA CLA FD . -26.24 -1.60 11.65
CAA CLA FD . -27.86 1.29 13.04
CBA CLA FD . -28.21 1.98 11.73
CGA CLA FD . -27.91 3.45 11.70
O1A CLA FD . -28.82 4.23 11.57
O2A CLA FD . -26.67 3.89 11.80
NB CLA FD . -23.16 2.26 9.46
C1B CLA FD . -23.88 1.20 8.97
C2B CLA FD . -23.51 0.93 7.62
C3B CLA FD . -22.53 1.83 7.33
C4B CLA FD . -22.33 2.67 8.51
CMB CLA FD . -24.09 -0.15 6.76
CAB CLA FD . -21.77 2.00 6.07
CBB CLA FD . -22.45 2.00 4.73
NC CLA FD . -21.83 4.56 10.84
C1C CLA FD . -21.13 4.58 9.72
C2C CLA FD . -20.06 5.59 9.74
C3C CLA FD . -20.16 6.17 10.97
C4C CLA FD . -21.26 5.51 11.65
CMC CLA FD . -19.07 5.91 8.65
CAC CLA FD . -19.31 7.25 11.54
CBC CLA FD . -18.16 6.62 12.30
ND CLA FD . -23.28 3.99 13.06
C1D CLA FD . -22.63 5.01 13.66
C2D CLA FD . -23.10 5.28 14.99
C3D CLA FD . -24.10 4.33 15.17
C4D CLA FD . -24.20 3.57 14.00
CMD CLA FD . -22.72 6.26 16.05
CAD CLA FD . -25.08 3.86 16.11
OBD CLA FD . -25.44 4.48 17.09
CBD CLA FD . -25.88 2.80 15.44
CGD CLA FD . -25.82 1.58 16.31
O1D CLA FD . -26.79 0.85 16.43
O2D CLA FD . -24.72 1.28 16.95
CED CLA FD . -24.63 -0.07 17.37
C1 CLA FD . -26.29 5.13 11.13
C2 CLA FD . -26.32 5.23 9.63
C3 CLA FD . -25.40 5.98 9.00
C4 CLA FD . -24.36 6.71 9.78
C5 CLA FD . -25.36 6.14 7.51
C6 CLA FD . -23.91 6.08 7.04
C7 CLA FD . -23.85 5.81 5.55
C8 CLA FD . -23.10 6.92 4.84
C9 CLA FD . -23.41 6.95 3.35
C10 CLA FD . -21.62 6.77 5.09
C11 CLA FD . -20.97 8.13 5.22
C12 CLA FD . -19.70 8.23 4.40
C13 CLA FD . -18.77 9.27 4.98
C14 CLA FD . -18.40 8.92 6.41
C15 CLA FD . -19.44 10.62 4.92
C16 CLA FD . -18.43 11.71 4.61
C17 CLA FD . -19.13 12.96 4.08
C18 CLA FD . -18.26 13.64 3.03
C19 CLA FD . -19.07 13.91 1.77
C20 CLA FD . -17.63 14.91 3.59
MG CLA GD . -28.42 -1.29 3.21
CHA CLA GD . -29.29 -1.78 6.50
CHB CLA GD . -30.09 -4.11 2.29
CHC CLA GD . -27.50 -0.67 0.15
CHD CLA GD . -26.70 1.63 4.23
NA CLA GD . -29.58 -2.81 4.28
C1A CLA GD . -29.81 -2.86 5.59
C2A CLA GD . -30.64 -4.03 5.98
C3A CLA GD . -30.85 -4.75 4.65
C4A CLA GD . -30.14 -3.87 3.67
CMA CLA GD . -30.48 -6.21 4.61
CAA CLA GD . -31.97 -3.58 6.56
CBA CLA GD . -33.08 -3.58 5.52
CGA CLA GD . -34.19 -2.73 6.06
O1A CLA GD . -34.24 -2.52 7.26
O2A CLA GD . -35.06 -2.25 5.20
NB CLA GD . -28.75 -2.25 1.46
C1B CLA GD . -29.46 -3.39 1.26
C2B CLA GD . -29.45 -3.70 -0.14
C3B CLA GD . -28.72 -2.73 -0.75
C4B CLA GD . -28.28 -1.80 0.29
CMB CLA GD . -30.12 -4.87 -0.81
CAB CLA GD . -28.47 -2.65 -2.21
CBB CLA GD . -27.48 -1.72 -2.87
NC CLA GD . -27.29 0.27 2.34
C1C CLA GD . -27.02 0.30 1.06
C2C CLA GD . -26.17 1.44 0.68
C3C CLA GD . -25.97 2.12 1.84
C4C CLA GD . -26.67 1.35 2.88
CMC CLA GD . -25.66 1.79 -0.69
CAC CLA GD . -25.14 3.36 1.96
CBC CLA GD . -25.79 4.42 2.80
ND CLA GD . -28.03 -0.28 4.87
C1D CLA GD . -27.36 0.86 5.19
C2D CLA GD . -27.41 1.16 6.61
C3D CLA GD . -28.18 0.11 7.11
C4D CLA GD . -28.52 -0.73 6.06
CMD CLA GD . -26.87 2.25 7.46
CAD CLA GD . -28.73 -0.41 8.33
OBD CLA GD . -28.94 0.27 9.31
CBD CLA GD . -29.53 -1.63 7.99
CGD CLA GD . -28.94 -2.81 8.68
O1D CLA GD . -29.38 -3.19 9.74
O2D CLA GD . -27.97 -3.51 8.14
CED CLA GD . -27.26 -4.12 9.19
C1 CLA GD . -35.42 -0.84 5.20
C2 CLA GD . -35.79 -0.13 6.49
C3 CLA GD . -36.38 1.07 6.45
C4 CLA GD . -36.74 1.77 7.72
C5 CLA GD . -36.69 1.77 5.15
C6 CLA GD . -37.11 3.22 5.43
C7 CLA GD . -37.12 4.03 4.15
C8 CLA GD . -35.75 4.64 3.87
MG CLA HD . -15.38 -53.29 -1.68
CHA CLA HD . -11.96 -52.87 -1.47
CHB CLA HD . -14.99 -56.70 -1.90
CHC CLA HD . -18.67 -53.57 -1.72
CHD CLA HD . -15.75 -49.80 -1.43
NA CLA HD . -13.66 -54.67 -1.68
C1A CLA HD . -12.38 -54.32 -1.60
C2A CLA HD . -11.46 -55.49 -1.69
C3A CLA HD . -12.44 -56.65 -1.83
C4A CLA HD . -13.78 -56.00 -1.80
CMA CLA HD . -12.17 -57.70 -2.88
CAA CLA HD . -10.68 -55.66 -0.40
CBA CLA HD . -11.61 -55.98 0.75
CGA CLA HD . -11.42 -54.93 1.82
O1A CLA HD . -10.75 -55.19 2.79
O2A CLA HD . -11.98 -53.75 1.65
NB CLA HD . -16.64 -54.88 -1.79
C1B CLA HD . -16.31 -56.21 -1.89
C2B CLA HD . -17.49 -56.99 -1.99
C3B CLA HD . -18.53 -56.12 -1.94
C4B CLA HD . -17.97 -54.78 -1.81
CMB CLA HD . -17.60 -58.48 -2.12
CAB CLA HD . -19.95 -56.51 -2.03
CBB CLA HD . -21.03 -55.90 -1.16
NC CLA HD . -16.95 -51.92 -1.54
C1C CLA HD . -18.23 -52.24 -1.63
C2C CLA HD . -19.11 -51.06 -1.60
C3C CLA HD . -18.27 -50.00 -1.50
C4C CLA HD . -16.92 -50.53 -1.47
CMC CLA HD . -20.60 -51.01 -1.67
CAC CLA HD . -18.67 -48.55 -1.45
CBC CLA HD . -18.93 -48.17 -0.01
ND CLA HD . -14.25 -51.69 -1.48
C1D CLA HD . -14.46 -50.36 -1.41
C2D CLA HD . -13.22 -49.62 -1.33
C3D CLA HD . -12.25 -50.61 -1.35
C4D CLA HD . -12.89 -51.84 -1.45
CMD CLA HD . -12.87 -48.16 -1.22
CAD CLA HD . -10.83 -50.81 -1.31
OBD CLA HD . -9.99 -49.93 -1.19
CBD CLA HD . -10.57 -52.28 -1.31
CGD CLA HD . -9.68 -52.66 -2.45
O1D CLA HD . -9.97 -52.34 -3.60
O2D CLA HD . -8.57 -53.34 -2.26
CED CLA HD . -7.45 -52.94 -3.03
C1 CLA HD . -13.22 -53.41 2.35
C2 CLA HD . -14.23 -54.46 2.69
C3 CLA HD . -15.54 -54.21 2.56
C4 CLA HD . -16.04 -52.88 2.07
C5 CLA HD . -16.58 -55.24 2.90
C6 CLA HD . -17.70 -55.17 1.88
C7 CLA HD . -19.01 -55.64 2.47
C8 CLA HD . -18.88 -57.06 3.01
C9 CLA HD . -19.24 -58.09 1.95
C10 CLA HD . -19.78 -57.20 4.24
C11 CLA HD . -18.97 -56.90 5.48
C12 CLA HD . -19.87 -56.82 6.71
C13 CLA HD . -19.85 -58.10 7.50
C14 CLA HD . -20.47 -57.89 8.88
C15 CLA HD . -18.44 -58.65 7.62
C16 CLA HD . -18.34 -60.04 7.02
C17 CLA HD . -17.14 -60.81 7.57
C18 CLA HD . -17.44 -62.30 7.55
C19 CLA HD . -17.85 -62.74 6.15
C20 CLA HD . -16.24 -63.12 8.02
MG CLA ID . -21.34 -49.73 -4.72
CHA CLA ID . -23.17 -52.64 -4.52
CHB CLA ID . -24.12 -47.89 -3.93
CHC CLA ID . -19.45 -47.04 -4.75
CHD CLA ID . -18.50 -51.66 -5.52
NA CLA ID . -23.45 -50.19 -4.26
C1A CLA ID . -23.99 -51.41 -4.24
C2A CLA ID . -25.45 -51.37 -3.91
C3A CLA ID . -25.71 -49.86 -3.74
C4A CLA ID . -24.37 -49.26 -3.98
CMA CLA ID . -26.94 -49.24 -4.39
CAA CLA ID . -25.64 -52.05 -2.55
CBA CLA ID . -24.72 -51.43 -1.50
CGA CLA ID . -24.16 -52.45 -0.54
O1A CLA ID . -24.88 -52.99 0.27
O2A CLA ID . -22.88 -52.74 -0.60
NB CLA ID . -21.72 -47.77 -4.38
C1B CLA ID . -22.92 -47.19 -4.12
C2B CLA ID . -22.77 -45.78 -4.04
C3B CLA ID . -21.45 -45.53 -4.28
C4B CLA ID . -20.79 -46.82 -4.50
CMB CLA ID . -23.86 -44.80 -3.75
CAB CLA ID . -20.77 -44.22 -4.31
CBB CLA ID . -20.89 -43.33 -5.51
NC CLA ID . -19.30 -49.41 -5.05
C1C CLA ID . -18.73 -48.22 -5.01
C2C CLA ID . -17.27 -48.29 -5.27
C3C CLA ID . -17.02 -49.61 -5.45
C4C CLA ID . -18.29 -50.30 -5.32
CMC CLA ID . -16.31 -47.14 -5.28
CAC CLA ID . -15.69 -50.27 -5.74
CBC CLA ID . -15.38 -50.10 -7.20
ND CLA ID . -20.85 -51.63 -4.96
C1D CLA ID . -19.73 -52.31 -5.29
C2D CLA ID . -19.98 -53.74 -5.40
C3D CLA ID . -21.32 -53.85 -5.10
C4D CLA ID . -21.83 -52.58 -4.84
CMD CLA ID . -19.13 -54.92 -5.74
CAD CLA ID . -22.38 -54.81 -4.96
OBD CLA ID . -22.37 -55.94 -5.41
CBD CLA ID . -23.59 -54.09 -4.47
CGD CLA ID . -24.77 -54.33 -5.36
O1D CLA ID . -24.89 -53.74 -6.41
O2D CLA ID . -25.70 -55.19 -5.00
CED CLA ID . -26.31 -55.89 -6.07
C1 CLA ID . -22.17 -53.25 0.59
C2 CLA ID . -22.24 -52.61 1.95
C3 CLA ID . -21.12 -52.16 2.53
C4 CLA ID . -19.79 -52.24 1.86
C5 CLA ID . -21.11 -51.52 3.90
C6 CLA ID . -19.94 -52.09 4.70
C7 CLA ID . -19.74 -51.34 5.99
C8 CLA ID . -21.03 -51.32 6.80
C9 CLA ID . -20.95 -50.33 7.96
C10 CLA ID . -21.32 -52.75 7.26
C11 CLA ID . -22.15 -52.78 8.54
C12 CLA ID . -22.07 -54.17 9.15
C13 CLA ID . -23.02 -54.30 10.33
C14 CLA ID . -22.72 -55.56 11.13
C15 CLA ID . -24.45 -54.30 9.83
C16 CLA ID . -25.41 -54.55 10.97
C17 CLA ID . -26.82 -54.82 10.46
C18 CLA ID . -27.75 -53.66 10.79
C19 CLA ID . -28.22 -52.96 9.52
C20 CLA ID . -28.92 -54.13 11.63
MG CLA JD . -21.13 -38.35 5.31
CHA CLA JD . -24.03 -37.54 3.65
CHB CLA JD . -22.56 -37.50 8.32
CHC CLA JD . -18.32 -39.20 6.79
CHD CLA JD . -19.69 -39.25 2.21
NA CLA JD . -23.10 -37.60 5.96
C1A CLA JD . -24.12 -37.34 5.14
C2A CLA JD . -25.31 -36.82 5.89
C3A CLA JD . -24.82 -36.80 7.34
C4A CLA JD . -23.42 -37.32 7.23
CMA CLA JD . -25.04 -35.55 8.16
CAA CLA JD . -26.44 -37.84 5.73
CBA CLA JD . -27.38 -37.87 6.92
CGA CLA JD . -27.74 -39.30 7.26
O1A CLA JD . -27.48 -39.71 8.38
O2A CLA JD . -28.34 -40.06 6.38
NB CLA JD . -20.53 -38.35 7.26
C1B CLA JD . -21.24 -37.97 8.35
C2B CLA JD . -20.44 -38.15 9.52
C3B CLA JD . -19.24 -38.60 9.09
C4B CLA JD . -19.32 -38.74 7.64
CMB CLA JD . -20.83 -37.86 10.94
CAB CLA JD . -18.10 -38.94 9.97
CBB CLA JD . -16.67 -38.60 9.61
NC CLA JD . -19.32 -39.14 4.62
C1C CLA JD . -18.28 -39.40 5.40
C2C CLA JD . -17.13 -39.93 4.65
C3C CLA JD . -17.55 -39.96 3.35
C4C CLA JD . -18.91 -39.47 3.35
CMC CLA JD . -15.80 -40.33 5.24
CAC CLA JD . -16.83 -40.45 2.12
CBC CLA JD . -15.56 -39.69 1.85
ND CLA JD . -21.63 -38.43 3.41
C1D CLA JD . -21.02 -38.78 2.24
C2D CLA JD . -21.88 -38.58 1.10
C3D CLA JD . -23.05 -38.11 1.66
C4D CLA JD . -22.88 -38.02 3.04
CMD CLA JD . -21.73 -38.79 -0.38
CAD CLA JD . -24.39 -37.66 1.33
OBD CLA JD . -24.76 -37.36 0.22
CBD CLA JD . -25.08 -37.31 2.59
CGD CLA JD . -25.45 -35.86 2.57
O1D CLA JD . -24.60 -35.01 2.43
O2D CLA JD . -26.70 -35.48 2.68
CED CLA JD . -27.12 -34.52 1.70
C1 CLA JD . -28.53 -41.48 6.67
C2 CLA JD . -27.34 -42.39 6.83
C3 CLA JD . -27.48 -43.72 6.67
C4 CLA JD . -28.80 -44.33 6.32
C5 CLA JD . -26.32 -44.67 6.81
C6 CLA JD . -26.46 -45.78 5.78
C7 CLA JD . -25.32 -46.78 5.90
C8 CLA JD . -25.83 -48.15 6.34
C9 CLA JD . -25.97 -48.22 7.85
C10 CLA JD . -24.89 -49.21 5.81
C11 CLA JD . -25.38 -50.61 6.19
C12 CLA JD . -24.81 -51.68 5.27
C13 CLA JD . -25.21 -53.06 5.78
C14 CLA JD . -24.88 -54.15 4.75
C15 CLA JD . -26.68 -53.05 6.18
C16 CLA JD . -27.49 -54.23 5.69
C17 CLA JD . -28.40 -53.84 4.55
C18 CLA JD . -29.71 -54.63 4.51
C19 CLA JD . -29.91 -55.26 3.14
C20 CLA JD . -29.79 -55.68 5.60
MG CLA KD . -46.92 10.12 -6.18
CHA CLA KD . -45.97 6.83 -5.98
CHB CLA KD . -44.19 11.06 -4.30
CHC CLA KD . -47.79 13.23 -6.66
CHD CLA KD . -49.73 9.12 -8.09
NA CLA KD . -45.23 9.07 -5.23
C1A CLA KD . -45.03 7.75 -5.25
C2A CLA KD . -43.83 7.35 -4.42
C3A CLA KD . -43.32 8.69 -3.91
C4A CLA KD . -44.28 9.68 -4.50
CMA CLA KD . -42.96 8.80 -2.44
CAA CLA KD . -42.75 6.69 -5.25
CBA CLA KD . -42.59 7.34 -6.60
CGA CLA KD . -41.29 6.91 -7.19
O1A CLA KD . -41.29 6.30 -8.25
O2A CLA KD . -40.16 7.20 -6.58
NB CLA KD . -46.10 11.88 -5.58
C1B CLA KD . -45.02 12.09 -4.78
C2B CLA KD . -44.87 13.50 -4.54
C3B CLA KD . -45.90 14.09 -5.21
C4B CLA KD . -46.67 13.06 -5.86
CMB CLA KD . -43.81 14.18 -3.71
CAB CLA KD . -46.22 15.52 -5.30
CBB CLA KD . -46.75 16.23 -4.07
NC CLA KD . -48.48 11.03 -7.26
C1C CLA KD . -48.69 12.33 -7.26
C2C CLA KD . -49.93 12.72 -7.97
C3C CLA KD . -50.45 11.52 -8.40
C4C CLA KD . -49.54 10.48 -7.94
CMC CLA KD . -50.45 14.11 -8.18
CAC CLA KD . -51.72 11.30 -9.18
CBC CLA KD . -52.85 11.09 -8.21
ND CLA KD . -47.71 8.47 -6.94
C1D CLA KD . -48.83 8.14 -7.62
C2D CLA KD . -48.98 6.71 -7.76
C3D CLA KD . -47.86 6.21 -7.13
C4D CLA KD . -47.11 7.27 -6.64
CMD CLA KD . -50.03 5.85 -8.41
CAD CLA KD . -47.20 4.98 -6.78
OBD CLA KD . -47.76 3.92 -6.62
CBD CLA KD . -45.89 5.33 -6.15
CGD CLA KD . -45.80 4.70 -4.80
O1D CLA KD . -44.83 4.01 -4.51
O2D CLA KD . -46.74 4.86 -3.89
CED CLA KD . -46.27 4.83 -2.56
C1 CLA KD . -38.91 6.59 -7.05
C2 CLA KD . -38.19 5.51 -6.28
C3 CLA KD . -37.01 5.06 -6.71
C4 CLA KD . -36.40 5.61 -7.97
C5 CLA KD . -36.24 3.99 -5.99
C6 CLA KD . -34.89 4.56 -5.55
C7 CLA KD . -33.98 3.46 -5.04
C8 CLA KD . -33.35 3.83 -3.70
C9 CLA KD . -32.03 4.56 -3.90
C10 CLA KD . -33.17 2.58 -2.86
C11 CLA KD . -32.38 2.87 -1.59
C12 CLA KD . -32.27 1.62 -0.71
C13 CLA KD . -31.20 1.81 0.36
C14 CLA KD . -29.86 2.15 -0.27
C15 CLA KD . -31.08 0.54 1.20
C16 CLA KD . -31.82 0.69 2.52
C17 CLA KD . -31.22 1.81 3.36
C18 CLA KD . -31.90 1.87 4.72
C19 CLA KD . -31.85 0.51 5.41
C20 CLA KD . -31.27 2.93 5.61
C1 PQN LD . -15.05 -36.08 -2.67
O1 PQN LD . -14.52 -35.38 -1.80
C2 PQN LD . -15.20 -37.54 -2.48
C2M PQN LD . -14.69 -38.16 -1.20
C3 PQN LD . -15.77 -38.30 -3.42
C4 PQN LD . -16.27 -37.69 -4.67
O4 PQN LD . -16.80 -38.40 -5.54
C5 PQN LD . -16.14 -36.23 -4.89
C6 PQN LD . -16.59 -35.66 -6.06
C7 PQN LD . -16.45 -34.30 -6.24
C8 PQN LD . -15.86 -33.53 -5.26
C9 PQN LD . -15.40 -34.09 -4.09
C10 PQN LD . -15.54 -35.45 -3.92
C11 PQN LD . -15.94 -39.78 -3.25
C12 PQN LD . -17.22 -40.04 -2.52
C13 PQN LD . -17.90 -41.15 -2.74
C14 PQN LD . -17.43 -42.16 -3.74
C15 PQN LD . -19.18 -41.39 -2.00
C16 PQN LD . -18.96 -42.57 -1.06
C17 PQN LD . -20.09 -42.60 -0.05
C18 PQN LD . -20.32 -44.01 0.46
C19 PQN LD . -21.40 -44.68 -0.37
C20 PQN LD . -20.75 -43.94 1.90
C21 PQN LD . -21.74 -42.80 2.10
C22 PQN LD . -21.86 -42.47 3.58
C23 PQN LD . -23.10 -41.65 3.87
C24 PQN LD . -23.55 -41.84 5.30
C25 PQN LD . -24.19 -42.04 2.89
C26 PQN LD . -25.41 -41.15 3.06
C27 PQN LD . -26.68 -41.98 2.99
C28 PQN LD . -27.88 -41.10 2.73
C29 PQN LD . -27.92 -40.72 1.26
C30 PQN LD . -29.17 -41.79 3.13
C1 BCR MD . -69.55 -22.13 13.47
C2 BCR MD . -71.00 -22.60 13.44
C3 BCR MD . -71.06 -24.10 13.31
C4 BCR MD . -70.47 -24.50 11.97
C5 BCR MD . -69.21 -23.75 11.61
C6 BCR MD . -68.78 -22.71 12.31
C7 BCR MD . -67.50 -22.03 11.95
C8 BCR MD . -66.35 -22.46 12.40
C9 BCR MD . -65.05 -21.88 12.11
C10 BCR MD . -63.92 -22.76 11.84
C11 BCR MD . -62.52 -22.86 11.69
C33 BCR MD . -68.45 -24.22 10.41
C31 BCR MD . -68.89 -22.58 14.76
C32 BCR MD . -69.50 -20.62 13.37
C34 BCR MD . -64.89 -20.40 12.09
C12 BCR MD . -61.34 -23.02 11.52
C13 BCR MD . -59.94 -22.85 11.68
C14 BCR MD . -59.16 -23.90 11.32
C15 BCR MD . -57.74 -23.94 11.41
C16 BCR MD . -56.57 -24.44 10.99
C17 BCR MD . -55.43 -24.15 11.52
C18 BCR MD . -54.36 -24.96 11.63
C19 BCR MD . -53.12 -24.53 12.27
C20 BCR MD . -51.80 -24.48 12.31
C21 BCR MD . -50.52 -24.14 12.84
C22 BCR MD . -49.32 -24.57 12.42
C23 BCR MD . -48.14 -24.09 13.13
C24 BCR MD . -46.78 -23.87 12.55
C25 BCR MD . -45.75 -23.38 13.47
C26 BCR MD . -45.75 -22.13 13.88
C27 BCR MD . -45.59 -21.87 15.35
C28 BCR MD . -44.53 -22.79 15.96
C29 BCR MD . -43.74 -23.57 14.91
C30 BCR MD . -44.68 -24.33 13.99
C35 BCR MD . -59.34 -21.59 12.22
C36 BCR MD . -54.45 -26.37 11.11
C37 BCR MD . -49.19 -25.52 11.26
C38 BCR MD . -45.94 -20.95 12.97
C39 BCR MD . -45.31 -25.51 14.69
C40 BCR MD . -43.85 -24.78 12.81
C1 BCR ND . -71.69 -19.52 20.63
C2 BCR ND . -71.49 -18.53 19.50
C3 BCR ND . -70.34 -18.90 18.57
C4 BCR ND . -70.55 -20.27 17.97
C5 BCR ND . -71.16 -21.24 18.96
C6 BCR ND . -71.24 -20.90 20.24
C7 BCR ND . -70.95 -21.89 21.29
C8 BCR ND . -69.75 -22.42 21.44
C9 BCR ND . -69.38 -23.39 22.46
C10 BCR ND . -68.06 -23.96 22.58
C11 BCR ND . -66.76 -24.18 22.05
C33 BCR ND . -71.68 -22.56 18.48
C31 BCR ND . -73.15 -19.59 21.03
C32 BCR ND . -70.84 -19.09 21.83
C34 BCR ND . -70.44 -23.83 23.42
C12 BCR ND . -65.63 -24.44 21.72
C13 BCR ND . -64.43 -24.54 20.96
C14 BCR ND . -63.47 -25.33 21.49
C15 BCR ND . -62.18 -25.61 20.97
C16 BCR ND . -61.00 -26.26 21.15
C17 BCR ND . -60.02 -26.22 20.31
C18 BCR ND . -58.83 -26.84 20.43
C19 BCR ND . -57.81 -26.70 19.39
C20 BCR ND . -56.72 -27.12 18.75
C21 BCR ND . -55.73 -27.04 17.74
C22 BCR ND . -54.42 -27.37 17.82
C23 BCR ND . -53.78 -27.93 19.02
C24 BCR ND . -53.19 -27.13 20.14
C25 BCR ND . -52.52 -27.76 21.29
C26 BCR ND . -53.02 -28.79 21.95
C27 BCR ND . -52.09 -29.67 22.74
C28 BCR ND . -51.08 -28.88 23.56
C29 BCR ND . -50.84 -27.44 23.13
C30 BCR ND . -51.18 -27.15 21.68
C35 BCR ND . -64.26 -23.82 19.65
C36 BCR ND . -58.55 -27.68 21.62
C37 BCR ND . -53.57 -27.20 16.61
C38 BCR ND . -54.47 -29.18 21.98
C39 BCR ND . -50.08 -27.66 20.75
C40 BCR ND . -51.29 -25.64 21.57
C1 BCR OD . -50.88 9.61 2.18
C2 BCR OD . -52.28 9.20 2.62
C3 BCR OD . -52.40 9.02 4.13
C4 BCR OD . -51.36 8.04 4.63
C5 BCR OD . -49.99 8.43 4.17
C6 BCR OD . -49.80 8.86 2.92
C7 BCR OD . -48.50 8.62 2.27
C8 BCR OD . -48.11 7.41 1.95
C9 BCR OD . -46.86 7.05 1.32
C10 BCR OD . -46.35 5.72 1.52
C11 BCR OD . -45.66 4.62 0.96
C33 BCR OD . -48.84 8.40 5.13
C31 BCR OD . -50.63 11.08 2.42
C32 BCR OD . -50.75 9.27 0.70
C34 BCR OD . -46.10 8.04 0.49
C12 BCR OD . -45.09 3.66 0.51
C13 BCR OD . -44.09 2.89 -0.10
C14 BCR OD . -44.29 1.55 -0.09
C15 BCR OD . -43.43 0.55 -0.61
C16 BCR OD . -43.35 -0.71 -1.07
C17 BCR OD . -42.25 -1.27 -1.47
C18 BCR OD . -42.11 -2.54 -1.85
C19 BCR OD . -40.82 -3.09 -2.26
C20 BCR OD . -40.16 -4.10 -2.80
C21 BCR OD . -39.08 -4.88 -3.26
C22 BCR OD . -39.04 -6.21 -3.37
C23 BCR OD . -37.80 -6.81 -3.83
C24 BCR OD . -36.56 -6.08 -4.18
C25 BCR OD . -35.36 -6.81 -4.63
C26 BCR OD . -34.29 -6.78 -3.84
C27 BCR OD . -32.93 -7.14 -4.38
C28 BCR OD . -33.05 -8.16 -5.49
C29 BCR OD . -34.02 -7.66 -6.54
C30 BCR OD . -35.39 -7.61 -5.91
C35 BCR OD . -42.86 3.50 -0.69
C36 BCR OD . -43.29 -3.46 -1.81
C37 BCR OD . -40.23 -7.04 -3.01
C38 BCR OD . -34.37 -6.33 -2.42
C39 BCR OD . -35.85 -9.01 -5.56
C40 BCR OD . -36.38 -7.02 -6.91
C1 BCR PD . -43.03 1.31 13.10
C2 BCR PD . -42.95 0.63 14.45
C3 BCR PD . -41.83 1.17 15.33
C4 BCR PD . -40.50 1.10 14.61
C5 BCR PD . -40.60 1.70 13.24
C6 BCR PD . -41.66 1.43 12.49
C7 BCR PD . -41.47 1.29 11.04
C8 BCR PD . -40.84 0.25 10.58
C9 BCR PD . -40.56 -0.02 9.19
C10 BCR PD . -40.44 -1.40 8.78
C11 BCR PD . -39.97 -2.25 7.76
C33 BCR PD . -39.50 2.58 12.74
C31 BCR PD . -43.60 2.71 13.23
C32 BCR PD . -43.90 0.48 12.16
C34 BCR PD . -40.41 1.07 8.19
C12 BCR PD . -39.64 -3.09 6.98
C13 BCR PD . -38.96 -3.70 5.91
C14 BCR PD . -38.95 -5.05 5.95
C15 BCR PD . -38.33 -5.87 4.99
C16 BCR PD . -37.64 -6.98 4.71
C17 BCR PD . -37.32 -7.32 3.52
C18 BCR PD . -36.97 -8.54 3.09
C19 BCR PD . -36.65 -8.73 1.68
C20 BCR PD . -36.91 -9.41 0.58
C21 BCR PD . -36.91 -9.83 -0.77
C22 BCR PD . -36.68 -11.07 -1.23
C23 BCR PD . -36.80 -11.21 -2.68
C24 BCR PD . -37.03 -12.48 -3.43
C25 BCR PD . -37.16 -12.36 -4.88
C26 BCR PD . -36.06 -12.31 -5.64
C27 BCR PD . -36.18 -12.20 -7.13
C28 BCR PD . -37.44 -11.49 -7.63
C29 BCR PD . -38.53 -11.26 -6.60
C30 BCR PD . -38.56 -12.28 -5.49
C35 BCR PD . -38.31 -2.92 4.81
C36 BCR PD . -36.95 -9.69 4.05
C37 BCR PD . -36.35 -12.23 -0.36
C38 BCR PD . -34.67 -12.35 -5.07
C39 BCR PD . -39.03 -13.64 -5.97
C40 BCR PD . -39.54 -11.76 -4.46
C1 BCR QD . -26.18 -39.86 19.12
C2 BCR QD . -25.80 -39.40 20.50
C3 BCR QD . -24.58 -38.50 20.51
C4 BCR QD . -24.81 -37.27 19.66
C5 BCR QD . -25.61 -37.53 18.41
C6 BCR QD . -26.06 -38.75 18.10
C7 BCR QD . -26.51 -39.03 16.73
C8 BCR QD . -25.73 -39.28 15.70
C9 BCR QD . -26.18 -39.56 14.36
C10 BCR QD . -25.38 -39.47 13.16
C11 BCR QD . -24.77 -40.23 12.15
C33 BCR QD . -25.94 -36.37 17.51
C31 BCR QD . -27.63 -40.34 19.10
C32 BCR QD . -25.25 -40.98 18.69
C34 BCR QD . -27.60 -39.97 14.16
C12 BCR QD . -24.34 -40.87 11.24
C13 BCR QD . -23.56 -41.10 10.09
C14 BCR QD . -22.39 -41.77 10.22
C15 BCR QD . -21.51 -42.07 9.13
C16 BCR QD . -20.41 -42.70 8.73
C17 BCR QD . -19.96 -42.68 7.51
C18 BCR QD . -18.75 -43.07 7.10
C19 BCR QD . -18.33 -43.02 5.70
C20 BCR QD . -17.57 -43.50 4.73
C21 BCR QD . -17.02 -43.59 3.43
C22 BCR QD . -15.83 -44.11 3.08
C23 BCR QD . -15.44 -44.03 1.67
C24 BCR QD . -14.28 -44.71 1.03
C25 BCR QD . -14.06 -44.48 -0.40
C26 BCR QD . -14.87 -45.04 -1.29
C27 BCR QD . -14.91 -44.59 -2.73
C28 BCR QD . -14.12 -43.31 -2.92
C29 BCR QD . -12.75 -43.48 -2.31
C30 BCR QD . -12.89 -43.57 -0.81
C35 BCR QD . -24.08 -40.63 8.78
C36 BCR QD . -17.76 -43.56 8.10
C37 BCR QD . -14.91 -44.70 4.10
C38 BCR QD . -15.81 -46.16 -0.92
C39 BCR QD . -13.14 -42.20 -0.21
C40 BCR QD . -11.58 -44.13 -0.29
O1 LHG RD . -58.85 -31.56 37.96
C1 LHG RD . -60.27 -31.61 38.17
C2 LHG RD . -60.78 -33.04 38.00
O2 LHG RD . -60.96 -33.64 39.30
C3 LHG RD . -59.78 -33.86 37.20
O3 LHG RD . -60.40 -34.26 35.99
P LHG RD . -59.90 -33.65 34.57
O4 LHG RD . -59.49 -32.21 34.79
O5 LHG RD . -58.95 -34.63 33.94
O6 LHG RD . -61.28 -33.66 33.73
C4 LHG RD . -61.28 -33.80 32.32
C5 LHG RD . -62.16 -35.00 32.01
C6 LHG RD . -63.49 -34.56 31.40
O7 LHG RD . -61.49 -35.89 31.12
C7 LHG RD . -60.96 -36.95 31.76
O9 LHG RD . -61.63 -37.53 32.60
C8 LHG RD . -59.55 -37.39 31.46
C9 LHG RD . -59.55 -38.40 30.32
C10 LHG RD . -58.99 -37.83 29.02
O8 LHG RD . -64.00 -35.62 30.59
C23 LHG RD . -63.74 -35.64 29.29
O10 LHG RD . -63.46 -34.61 28.71
C24 LHG RD . -63.78 -36.96 28.56
C11 LHG RD . -59.95 -37.99 27.85
C12 LHG RD . -59.21 -38.40 26.58
C13 LHG RD . -60.07 -38.18 25.34
C14 LHG RD . -59.28 -37.54 24.20
C15 LHG RD . -60.20 -36.72 23.30
C16 LHG RD . -60.40 -37.41 21.95
C17 LHG RD . -60.96 -36.46 20.91
C18 LHG RD . -61.83 -37.21 19.92
C19 LHG RD . -61.51 -36.88 18.47
C20 LHG RD . -62.02 -35.49 18.08
C21 LHG RD . -61.97 -35.31 16.56
C22 LHG RD . -62.73 -34.06 16.14
C25 LHG RD . -63.95 -38.08 29.58
C26 LHG RD . -64.20 -39.41 28.88
C27 LHG RD . -62.97 -39.84 28.09
C28 LHG RD . -63.35 -40.55 26.80
C29 LHG RD . -63.28 -39.64 25.58
C30 LHG RD . -64.60 -38.94 25.29
C31 LHG RD . -64.39 -37.55 24.73
C32 LHG RD . -65.59 -37.09 23.90
C33 LHG RD . -65.23 -35.92 23.00
C34 LHG RD . -65.46 -36.26 21.53
C35 LHG RD . -64.79 -35.23 20.62
C36 LHG RD . -65.81 -34.27 20.02
C37 LHG RD . -65.61 -32.86 20.55
C38 LHG RD . -66.92 -32.10 20.61
C1A DGD SD . -27.58 -34.27 -6.24
C2A DGD SD . -27.66 -34.30 -4.74
C3A DGD SD . -27.67 -35.75 -4.32
C4A DGD SD . -27.69 -35.85 -2.81
C5A DGD SD . -29.01 -35.32 -2.27
C6A DGD SD . -29.78 -36.43 -1.61
C7A DGD SD . -28.88 -37.20 -0.64
C8A DGD SD . -29.70 -37.74 0.51
C9A DGD SD . -30.68 -36.70 0.95
CAA DGD SD . -31.06 -36.61 2.22
CBA DGD SD . -30.48 -37.56 3.25
CCA DGD SD . -31.59 -38.28 3.96
CDA DGD SD . -32.30 -37.71 4.94
CEA DGD SD . -32.03 -36.30 5.39
CFA DGD SD . -33.32 -35.53 5.45
CGA DGD SD . -33.31 -34.20 5.46
CHA DGD SD . -34.61 -33.43 5.54
CIA DGD SD . -35.33 -33.82 6.80
O1A DGD SD . -28.11 -35.13 -6.91
C1B DGD SD . -29.70 -30.63 -5.75
C2B DGD SD . -30.19 -29.26 -5.34
C3B DGD SD . -31.61 -29.38 -4.80
C4B DGD SD . -31.64 -29.77 -3.33
C5B DGD SD . -31.74 -28.56 -2.43
C6B DGD SD . -30.38 -28.12 -1.91
C7B DGD SD . -30.46 -27.80 -0.41
C8B DGD SD . -29.29 -26.92 -0.01
C9B DGD SD . -29.19 -26.84 1.50
CAB DGD SD . -28.03 -26.46 2.04
CBB DGD SD . -27.89 -26.36 3.54
CCB DGD SD . -28.28 -27.66 4.17
CDB DGD SD . -28.29 -27.77 5.50
CEB DGD SD . -28.68 -29.07 6.13
CFB DGD SD . -28.49 -28.98 7.63
CGB DGD SD . -29.24 -28.16 8.35
CHB DGD SD . -29.03 -28.07 9.84
CIB DGD SD . -29.28 -29.43 10.47
O1B DGD SD . -30.07 -31.63 -5.18
O1G DGD SD . -26.89 -33.19 -6.93
C1G DGD SD . -27.57 -32.44 -7.92
C2G DGD SD . -28.91 -32.06 -7.32
O2G DGD SD . -28.83 -30.75 -6.76
C3G DGD SD . -29.98 -32.10 -8.40
O3G DGD SD . -29.79 -30.98 -9.26
C1D DGD SD . -30.56 -31.11 -10.45
C2D DGD SD . -30.53 -29.77 -11.17
O2D DGD SD . -31.29 -28.82 -10.41
C3D DGD SD . -31.12 -29.86 -12.57
O3D DGD SD . -30.89 -28.64 -13.26
C4D DGD SD . -30.48 -31.02 -13.31
O4D DGD SD . -29.07 -30.79 -13.43
C5D DGD SD . -30.68 -32.29 -12.50
O5D DGD SD . -30.90 -33.64 -14.47
C6D DGD SD . -30.19 -33.52 -13.25
O6D DGD SD . -29.98 -32.13 -11.27
C1E DGD SD . -31.69 -34.82 -14.55
C2E DGD SD . -32.13 -35.05 -16.00
O2E DGD SD . -30.97 -35.12 -16.83
C3E DGD SD . -33.01 -33.90 -16.46
O3E DGD SD . -33.49 -34.17 -17.79
C4E DGD SD . -34.20 -33.73 -15.51
O4E DGD SD . -35.03 -34.89 -15.57
C5E DGD SD . -33.69 -33.58 -14.08
O6E DGD SD . -32.86 -34.68 -13.74
C6E DGD SD . -34.87 -33.53 -13.11
O5E DGD SD . -35.66 -34.71 -13.29
MG CLA TD . -23.93 6.28 -5.84
CHA CLA TD . -25.44 6.43 -8.93
CHB CLA TD . -20.79 5.99 -7.31
CHC CLA TD . -22.58 6.19 -2.84
CHD CLA TD . -27.10 6.56 -4.38
NA CLA TD . -23.16 6.21 -7.88
C1A CLA TD . -23.95 6.27 -8.92
C2A CLA TD . -23.09 6.19 -10.08
C3A CLA TD . -21.63 6.06 -9.66
C4A CLA TD . -21.85 6.08 -8.20
CMA CLA TD . -20.74 5.03 -10.33
CAA CLA TD . -23.28 7.49 -10.78
CBA CLA TD . -22.34 8.47 -10.11
CGA CLA TD . -23.10 9.70 -9.68
O1A CLA TD . -24.15 9.72 -9.08
O2A CLA TD . -22.58 10.83 -10.15
NB CLA TD . -22.01 6.14 -5.19
C1B CLA TD . -20.85 6.01 -5.91
C2B CLA TD . -19.71 5.93 -5.05
C3B CLA TD . -20.23 5.97 -3.79
C4B CLA TD . -21.67 6.10 -3.90
CMB CLA TD . -18.29 5.80 -5.50
CAB CLA TD . -19.52 5.94 -2.50
CBB CLA TD . -18.24 6.71 -2.30
NC CLA TD . -24.70 6.43 -3.92
C1C CLA TD . -23.99 6.30 -2.83
C2C CLA TD . -24.81 6.31 -1.61
C3C CLA TD . -26.09 6.46 -2.06
C4C CLA TD . -26.01 6.51 -3.51
CMC CLA TD . -24.30 6.19 -0.20
CAC CLA TD . -27.35 6.50 -1.25
CBC CLA TD . -27.88 5.10 -1.16
ND CLA TD . -25.81 6.45 -6.41
C1D CLA TD . -27.01 6.57 -5.79
C2D CLA TD . -28.11 6.69 -6.73
C3D CLA TD . -27.48 6.64 -7.96
C4D CLA TD . -26.12 6.50 -7.74
CMD CLA TD . -29.59 6.84 -6.60
CAD CLA TD . -27.73 6.69 -9.38
OBD CLA TD . -28.72 7.19 -9.87
CBD CLA TD . -26.42 6.58 -10.08
CGD CLA TD . -26.34 5.39 -10.98
O1D CLA TD . -26.47 4.25 -10.57
O2D CLA TD . -26.15 5.55 -12.28
CED CLA TD . -26.86 4.66 -13.14
C1 CLA TD . -21.73 11.82 -9.56
C2 CLA TD . -22.12 12.07 -8.15
C3 CLA TD . -21.75 13.20 -7.68
C4 CLA TD . -20.98 14.18 -8.53
C5 CLA TD . -22.13 13.42 -6.28
C6 CLA TD . -21.58 14.73 -5.85
C7 CLA TD . -20.20 14.42 -5.20
C8 CLA TD . -19.18 15.40 -5.77
C9 CLA TD . -18.07 14.66 -6.52
C10 CLA TD . -18.62 16.16 -4.59
C11 CLA TD . -17.72 17.28 -5.07
C12 CLA TD . -16.55 17.46 -4.13
C13 CLA TD . -17.04 17.59 -2.68
C14 CLA TD . -17.68 18.96 -2.45
C15 CLA TD . -15.85 17.36 -1.75
C16 CLA TD . -16.12 17.81 -0.33
C17 CLA TD . -15.03 18.78 0.13
C18 CLA TD . -14.25 18.24 1.33
C19 CLA TD . -15.19 17.67 2.38
C20 CLA TD . -13.24 17.18 0.90
MG CLA UD . -11.51 5.10 5.28
CHA CLA UD . -12.73 3.91 2.28
CHB CLA UD . -8.67 3.21 4.89
CHC CLA UD . -10.39 6.40 8.09
CHD CLA UD . -14.47 6.98 5.66
NA CLA UD . -10.75 3.70 3.74
C1A CLA UD . -11.39 3.35 2.62
C2A CLA UD . -10.62 2.35 1.83
C3A CLA UD . -9.37 2.14 2.68
C4A CLA UD . -9.58 3.05 3.84
CMA CLA UD . -8.86 0.74 2.95
CAA CLA UD . -10.20 2.96 0.50
CBA CLA UD . -9.61 4.34 0.76
CGA CLA UD . -9.62 5.17 -0.50
O1A CLA UD . -10.40 6.11 -0.54
O2A CLA UD . -8.80 4.86 -1.48
NB CLA UD . -9.79 4.85 6.33
C1B CLA UD . -8.75 4.04 6.03
C2B CLA UD . -7.73 4.15 7.04
C3B CLA UD . -8.22 5.04 7.94
C4B CLA UD . -9.53 5.48 7.48
CMB CLA UD . -6.41 3.43 7.10
CAB CLA UD . -7.48 5.44 9.15
CBB CLA UD . -7.63 6.80 9.79
NC CLA UD . -12.28 6.49 6.63
C1C CLA UD . -11.66 6.88 7.74
C2C CLA UD . -12.45 7.85 8.52
C3C CLA UD . -13.61 8.02 7.80
C4C CLA UD . -13.48 7.17 6.62
CMC CLA UD . -12.06 8.51 9.81
CAC CLA UD . -14.78 8.92 8.12
CBC CLA UD . -15.63 8.31 9.20
ND CLA UD . -13.21 5.42 4.32
C1D CLA UD . -14.30 6.20 4.50
C2D CLA UD . -15.23 6.09 3.39
C3D CLA UD . -14.60 5.20 2.54
C4D CLA UD . -13.41 4.81 3.10
CMD CLA UD . -16.57 6.71 3.09
CAD CLA UD . -14.77 4.54 1.27
OBD CLA UD . -15.49 4.93 0.38
CBD CLA UD . -13.60 3.64 1.08
CGD CLA UD . -14.08 2.22 1.09
O1D CLA UD . -14.79 1.82 2.00
O2D CLA UD . -13.76 1.37 0.12
CED CLA UD . -14.87 0.70 -0.46
C1 CLA UD . -8.58 5.74 -2.62
C2 CLA UD . -9.73 6.44 -3.28
C3 CLA UD . -10.38 5.86 -4.29
C4 CLA UD . -9.98 4.51 -4.77
C5 CLA UD . -11.54 6.52 -4.98
C6 CLA UD . -12.12 7.60 -4.07
C7 CLA UD . -13.04 7.01 -3.01
C8 CLA UD . -13.29 8.05 -1.92
C9 CLA UD . -13.44 7.40 -0.57
C10 CLA UD . -14.54 8.85 -2.27
C11 CLA UD . -14.50 10.21 -1.60
C12 CLA UD . -15.23 11.24 -2.45
C13 CLA UD . -16.74 11.09 -2.32
C14 CLA UD . -17.45 12.31 -2.91
C15 CLA UD . -17.11 10.92 -0.86
C16 CLA UD . -18.60 10.63 -0.71
C17 CLA UD . -18.82 9.29 -0.01
C18 CLA UD . -20.29 9.06 0.24
C19 CLA UD . -20.54 7.66 0.76
C20 CLA UD . -20.84 10.09 1.22
C1 BCR VD . -6.21 10.54 8.78
C2 BCR VD . -6.58 10.06 10.18
C3 BCR VD . -5.36 9.59 10.97
C4 BCR VD . -4.64 8.49 10.22
C5 BCR VD . -4.37 8.87 8.78
C6 BCR VD . -5.29 9.55 8.10
C7 BCR VD . -5.39 9.38 6.64
C8 BCR VD . -5.77 8.24 6.08
C9 BCR VD . -5.88 7.98 4.67
C10 BCR VD . -6.15 6.65 4.22
C11 BCR VD . -5.85 5.63 3.30
C33 BCR VD . -3.07 8.47 8.15
C31 BCR VD . -5.50 11.87 8.83
C32 BCR VD . -7.48 10.68 7.95
C34 BCR VD . -5.75 9.10 3.68
C12 BCR VD . -5.59 4.69 2.59
C13 BCR VD . -5.80 3.78 1.54
C14 BCR VD . -5.72 2.47 1.91
C15 BCR VD . -5.94 1.33 1.09
C16 BCR VD . -5.65 0.06 0.75
C17 BCR VD . -6.31 -0.62 -0.15
C18 BCR VD . -6.52 -1.95 -0.15
C19 BCR VD . -7.30 -2.61 -1.21
C20 BCR VD . -8.20 -3.51 -1.56
C21 BCR VD . -9.07 -4.28 -2.39
C22 BCR VD . -9.58 -5.50 -2.14
C23 BCR VD . -10.45 -6.07 -3.17
C24 BCR VD . -10.53 -7.52 -3.55
C25 BCR VD . -11.46 -7.89 -4.62
C26 BCR VD . -11.13 -7.62 -5.88
C27 BCR VD . -12.16 -7.73 -6.98
C28 BCR VD . -13.02 -8.94 -6.70
C29 BCR VD . -13.73 -8.71 -5.40
C30 BCR VD . -12.76 -8.60 -4.23
C35 BCR VD . -6.08 4.22 0.14
C36 BCR VD . -5.96 -2.79 0.95
C37 BCR VD . -9.29 -6.23 -0.88
C38 BCR VD . -9.75 -7.20 -6.28
C39 BCR VD . -12.41 -9.99 -3.71
C40 BCR VD . -13.47 -7.81 -3.15
C1 PCW WD . -28.15 10.27 -10.63
C2 PCW WD . -26.93 11.07 -10.15
C3 PCW WD . -27.17 12.58 -10.18
C4 PCW WD . -29.27 9.69 -14.76
C5 PCW WD . -29.32 8.42 -15.67
C6 PCW WD . -30.31 9.91 -17.31
C7 PCW WD . -29.81 7.64 -17.90
C8 PCW WD . -28.03 9.19 -17.57
C11 PCW WD . -29.28 13.60 -10.32
C12 PCW WD . -28.91 14.96 -9.71
C13 PCW WD . -29.47 15.10 -8.28
C14 PCW WD . -28.37 15.68 -7.37
C15 PCW WD . -28.22 14.78 -6.12
C16 PCW WD . -28.70 15.56 -4.88
C17 PCW WD . -28.01 15.02 -3.60
C31 PCW WD . -27.34 10.83 -7.75
C32 PCW WD . -26.64 10.90 -6.36
C33 PCW WD . -27.50 10.15 -5.30
C34 PCW WD . -27.83 11.12 -4.14
C35 PCW WD . -28.91 10.47 -3.22
N PCW WD . -29.37 8.80 -17.11
O2 PCW WD . -26.52 10.66 -8.88
O3 PCW WD . -28.27 12.88 -11.02
O11 PCW WD . -30.37 13.14 -10.22
O31 PCW WD . -28.52 10.89 -7.80
O1P PCW WD . -26.97 8.46 -12.88
O2P PCW WD . -25.96 10.72 -13.03
O3P PCW WD . -28.37 10.43 -12.02
O4P PCW WD . -27.91 10.10 -14.61
P PCW WD . -27.23 9.92 -13.10
C1 BCR XD . -68.11 -0.49 1.84
C2 BCR XD . -68.03 0.85 1.14
C3 BCR XD . -67.51 1.94 2.06
C4 BCR XD . -66.12 1.61 2.56
C5 BCR XD . -65.93 0.16 2.90
C6 BCR XD . -66.88 -0.75 2.67
C7 BCR XD . -66.72 -2.11 3.19
C8 BCR XD . -67.04 -2.53 4.40
C9 BCR XD . -66.87 -3.87 4.89
C10 BCR XD . -66.64 -4.09 6.29
C11 BCR XD . -66.87 -4.97 7.37
C33 BCR XD . -64.61 -0.26 3.50
C31 BCR XD . -68.24 -1.61 0.83
C32 BCR XD . -69.32 -0.52 2.75
C34 BCR XD . -66.93 -5.04 3.96
C12 BCR XD . -67.04 -5.67 8.33
C13 BCR XD . -67.33 -6.83 9.08
C14 BCR XD . -66.66 -6.86 10.26
C15 BCR XD . -66.69 -7.84 11.28
C16 BCR XD . -65.97 -8.38 12.27
C17 BCR XD . -66.40 -9.31 13.07
C18 BCR XD . -65.90 -9.61 14.28
C19 BCR XD . -66.41 -10.67 15.16
C20 BCR XD . -66.46 -11.05 16.41
C21 BCR XD . -66.69 -11.80 17.62
C22 BCR XD . -66.29 -11.47 18.86
C23 BCR XD . -66.60 -12.39 19.94
C24 BCR XD . -67.98 -12.90 20.29
C25 BCR XD . -68.17 -13.84 21.40
C26 BCR XD . -68.04 -15.14 21.13
C27 BCR XD . -68.50 -16.14 22.15
C28 BCR XD . -69.70 -15.54 22.86
C29 BCR XD . -69.27 -14.30 23.64
C30 BCR XD . -68.52 -13.30 22.78
C35 BCR XD . -68.30 -7.88 8.65
C36 BCR XD . -64.75 -8.80 14.78
C37 BCR XD . -65.51 -10.21 19.12
C38 BCR XD . -67.46 -15.67 19.86
C39 BCR XD . -67.23 -12.86 23.44
C40 BCR XD . -69.46 -12.12 22.60
C1B LMT YD . -60.27 8.42 -10.84
C2B LMT YD . -61.36 7.70 -10.03
C3B LMT YD . -62.16 6.71 -10.92
C4B LMT YD . -61.24 5.77 -11.75
C5B LMT YD . -60.05 6.59 -12.30
C6B LMT YD . -59.80 6.25 -13.75
O1B LMT YD . -59.04 8.22 -10.23
O2B LMT YD . -60.75 7.04 -9.01
O3B LMT YD . -63.08 7.36 -11.72
O4' LMT YD . -60.76 4.74 -10.98
O5B LMT YD . -60.26 7.98 -12.16
O6B LMT YD . -60.94 6.46 -14.48
C1' LMT YD . -56.61 9.32 -8.13
C2' LMT YD . -57.89 10.13 -8.38
C3' LMT YD . -58.01 10.36 -9.91
C4' LMT YD . -57.96 9.02 -10.66
C5' LMT YD . -56.66 8.34 -10.19
C6' LMT YD . -55.78 7.86 -11.32
O1' LMT YD . -55.79 9.99 -7.27
O2' LMT YD . -58.96 9.39 -7.96
O3' LMT YD . -56.97 11.13 -10.33
O5' LMT YD . -55.92 9.19 -9.36
O6' LMT YD . -54.60 8.49 -11.15
C1 LMT YD . -56.13 9.89 -5.91
C2 LMT YD . -54.90 10.31 -5.18
C3 LMT YD . -54.93 10.17 -3.69
C4 LMT YD . -54.54 8.74 -3.37
C5 LMT YD . -54.31 8.58 -1.91
C6 LMT YD . -54.00 7.17 -1.56
C7 LMT YD . -54.95 6.70 -0.51
C8 LMT YD . -54.18 6.33 0.70
C9 LMT YD . -53.33 5.13 0.53
C10 LMT YD . -52.24 5.20 1.56
C11 LMT YD . -52.51 4.30 2.71
C12 LMT YD . -51.30 4.07 3.54
C1 PTY ZD . -1.58 15.98 13.65
C2 PTY ZD . -0.45 18.26 21.35
C3 PTY ZD . 0.12 17.72 20.04
O4 PTY ZD . -0.18 16.01 13.78
C5 PTY ZD . -1.18 15.29 16.03
C6 PTY ZD . -2.22 15.46 14.94
O7 PTY ZD . -2.82 14.22 14.68
C8 PTY ZD . -4.10 14.34 14.13
O10 PTY ZD . -4.69 15.36 14.25
C11 PTY ZD . -4.73 13.19 13.36
C12 PTY ZD . -5.52 12.31 14.32
C13 PTY ZD . -6.89 11.99 13.70
C14 PTY ZD . -7.25 10.54 14.00
C15 PTY ZD . -8.77 10.38 14.06
C16 PTY ZD . -9.16 9.05 13.43
C17 PTY ZD . -10.67 8.90 13.38
C18 PTY ZD . -11.15 7.94 14.47
C19 PTY ZD . -12.49 7.33 14.05
C20 PTY ZD . -12.30 6.48 12.81
C21 PTY ZD . -13.62 5.84 12.40
C22 PTY ZD . -13.46 5.21 11.02
C23 PTY ZD . -14.81 4.73 10.51
C24 PTY ZD . -15.31 3.65 11.45
C25 PTY ZD . -16.80 3.43 11.27
C26 PTY ZD . -17.08 2.70 9.96
C27 PTY ZD . -17.89 1.44 10.22
C28 PTY ZD . -17.30 0.64 11.36
C30 PTY ZD . 0.49 15.71 12.60
C31 PTY ZD . 0.12 16.40 11.28
O30 PTY ZD . 1.35 14.91 12.61
C32 PTY ZD . 0.98 15.86 10.15
C33 PTY ZD . 2.26 16.68 10.01
C34 PTY ZD . 3.25 15.96 9.10
C35 PTY ZD . 2.76 16.07 7.65
C36 PTY ZD . 3.94 15.93 6.70
P1 PTY ZD . -0.75 15.74 18.58
O11 PTY ZD . -0.91 17.24 19.24
O12 PTY ZD . -1.08 14.69 19.61
O13 PTY ZD . 0.69 15.56 18.15
O14 PTY ZD . -1.74 15.59 17.28
N1 PTY ZD . 0.49 18.03 22.42
MG CLA AE . -42.14 -41.56 20.28
CHA CLA AE . -40.29 -43.89 22.02
CHB CLA AE . -39.26 -40.03 19.20
CHC CLA AE . -43.99 -39.51 18.51
CHD CLA AE . -45.07 -43.10 21.47
NA CLA AE . -39.98 -41.91 20.56
C1A CLA AE . -39.45 -42.87 21.30
C2A CLA AE . -37.96 -42.78 21.34
C3A CLA AE . -37.67 -41.55 20.49
C4A CLA AE . -39.03 -41.13 20.04
CMA CLA AE . -36.80 -40.52 21.17
CAA CLA AE . -37.33 -43.97 20.65
CBA CLA AE . -37.91 -44.15 19.27
CGA CLA AE . -38.60 -45.48 19.25
O1A CLA AE . -37.94 -46.46 19.01
O2A CLA AE . -39.88 -45.53 19.51
NB CLA AE . -41.69 -40.02 19.04
C1B CLA AE . -40.46 -39.52 18.72
C2B CLA AE . -40.62 -38.40 17.84
C3B CLA AE . -41.95 -38.25 17.67
C4B CLA AE . -42.62 -39.29 18.43
CMB CLA AE . -39.53 -37.54 17.24
CAB CLA AE . -42.66 -37.25 16.85
CBB CLA AE . -42.99 -37.57 15.41
NC CLA AE . -44.21 -41.39 19.97
C1C CLA AE . -44.75 -40.41 19.29
C2C CLA AE . -46.21 -40.35 19.43
C3C CLA AE . -46.52 -41.39 20.25
C4C CLA AE . -45.24 -42.03 20.60
CMC CLA AE . -47.16 -39.37 18.79
CAC CLA AE . -47.89 -41.77 20.73
CBC CLA AE . -48.26 -43.16 20.31
ND CLA AE . -42.66 -43.08 21.42
C1D CLA AE . -43.82 -43.62 21.85
C2D CLA AE . -43.60 -44.76 22.72
C3D CLA AE . -42.22 -44.86 22.78
C4D CLA AE . -41.67 -43.85 22.00
CMD CLA AE . -44.52 -45.70 23.45
CAD CLA AE . -41.15 -45.62 23.35
OBD CLA AE . -41.27 -46.70 23.89
CBD CLA AE . -39.86 -45.07 22.86
CGD CLA AE . -39.05 -44.57 24.01
O1D CLA AE . -39.58 -44.06 24.97
O2D CLA AE . -37.72 -44.67 24.00
CED CLA AE . -37.10 -44.58 25.28
C1 CLA AE . -40.85 -45.81 18.46
C2 CLA AE . -41.95 -44.86 18.11
C3 CLA AE . -43.14 -45.37 17.74
C4 CLA AE . -43.36 -46.84 17.66
C5 CLA AE . -44.32 -44.50 17.39
C6 CLA AE . -43.82 -43.14 16.94
C7 CLA AE . -44.48 -42.77 15.62
C8 CLA AE . -44.13 -41.35 15.20
C9 CLA AE . -45.40 -40.52 15.15
C10 CLA AE . -43.43 -41.39 13.86
C11 CLA AE . -43.72 -40.16 13.02
C12 CLA AE . -42.88 -40.16 11.76
C13 CLA AE . -42.14 -38.84 11.61
C14 CLA AE . -43.08 -37.68 11.94
C15 CLA AE . -41.60 -38.72 10.20
C16 CLA AE . -40.13 -39.07 10.14
C17 CLA AE . -39.81 -39.85 8.86
C18 CLA AE . -39.61 -41.33 9.17
C19 CLA AE . -40.90 -42.11 8.99
C20 CLA AE . -38.49 -41.91 8.32
O1 LHG BE . -47.21 14.51 -11.35
C1 LHG BE . -45.84 14.59 -10.99
C2 LHG BE . -45.71 14.20 -9.54
O2 LHG BE . -44.41 14.55 -9.05
C3 LHG BE . -45.87 12.69 -9.42
O3 LHG BE . -44.68 12.08 -9.88
P LHG BE . -44.17 10.75 -9.16
O4 LHG BE . -44.06 9.62 -10.13
O5 LHG BE . -45.01 10.59 -7.94
O6 LHG BE . -42.69 11.12 -8.68
C4 LHG BE . -42.46 11.37 -7.30
C5 LHG BE . -40.99 11.11 -7.01
C6 LHG BE . -40.18 11.47 -8.24
O7 LHG BE . -40.57 11.93 -5.93
C7 LHG BE . -40.24 11.21 -4.85
O9 LHG BE . -39.52 10.25 -4.96
C8 LHG BE . -40.78 11.62 -3.50
C9 LHG BE . -39.86 11.11 -2.41
C10 LHG BE . -40.42 11.42 -1.03
O8 LHG BE . -39.16 10.49 -8.44
C23 LHG BE . -38.04 10.54 -7.74
O10 LHG BE . -37.84 11.50 -7.01
C24 LHG BE . -37.04 9.42 -7.83
C11 LHG BE . -39.82 10.51 0.04
C12 LHG BE . -40.90 9.78 0.80
C13 LHG BE . -40.31 9.02 1.99
C14 LHG BE . -40.07 7.55 1.64
C15 LHG BE . -41.32 6.72 1.84
C16 LHG BE . -41.79 6.79 3.29
C17 LHG BE . -43.28 6.52 3.40
C18 LHG BE . -43.72 6.44 4.85
C19 LHG BE . -44.92 7.33 5.11
C25 LHG BE . -35.94 9.66 -6.81
C26 LHG BE . -35.98 8.64 -5.67
C27 LHG BE . -35.17 9.14 -4.48
C28 LHG BE . -34.37 7.99 -3.86
C29 LHG BE . -34.29 8.15 -2.35
C30 LHG BE . -33.04 8.92 -1.94
C31 LHG BE . -31.93 7.98 -1.47
C32 LHG BE . -31.65 8.18 0.01
C33 LHG BE . -32.54 7.26 0.86
C34 LHG BE . -31.72 6.50 1.90
C35 LHG BE . -30.55 5.78 1.26
C36 LHG BE . -29.25 6.09 1.99
C37 LHG BE . -29.15 5.31 3.29
C38 LHG BE . -28.83 6.24 4.43
O1 LAP CE . -34.67 13.96 -4.51
O2 LAP CE . -36.20 12.48 -3.81
C1 LAP CE . -35.42 13.38 -3.54
C2 LAP CE . -35.13 14.00 -2.21
C3 LAP CE . -34.51 13.01 -1.24
C4 LAP CE . -35.55 12.50 -0.23
C5 LAP CE . -35.11 11.20 0.43
C6 LAP CE . -36.17 10.10 0.27
C7 LAP CE . -35.68 8.75 0.80
C8 LAP CE . -36.21 8.43 2.20
C9 LAP CE . -35.37 9.08 3.33
C10 LAP CE . -35.56 8.37 4.68
C11 LAP CE . -34.26 8.34 5.49
C12 LAP CE . -33.90 6.94 5.98
C13 LAP CE . -34.29 13.16 -5.60
C14 LAP CE . -35.30 13.43 -6.73
C15 LAP CE . -34.88 14.61 -7.64
C16 LAP CE . -34.75 12.20 -12.20
C17 LAP CE . -34.50 13.10 -13.43
C18 LAP CE . -35.63 14.11 -15.42
C19 LAP CE . -36.96 12.82 -13.80
C20 LAP CE . -35.37 11.63 -15.27
O3 LAP CE . -36.60 13.60 -6.28
O4 LAP CE . -34.46 14.23 -8.93
O5 LAP CE . -35.57 11.83 -9.16
O6 LAP CE . -34.29 12.89 -11.12
O7 LAP CE . -36.40 14.04 -10.48
N8 LAP CE . -35.61 12.91 -14.49
P9 LAP CE . -35.41 13.13 -9.84
MG CLA DE . -25.12 -51.67 18.73
CHA CLA DE . -23.20 -53.84 20.58
CHB CLA DE . -27.93 -52.65 20.46
CHC CLA DE . -26.84 -49.51 16.99
CHD CLA DE . -22.20 -50.64 17.03
NA CLA DE . -25.55 -53.09 20.36
C1A CLA DE . -24.65 -53.87 20.96
C2A CLA DE . -25.28 -54.71 22.03
C3A CLA DE . -26.76 -54.35 21.93
C4A CLA DE . -26.78 -53.30 20.87
CMA CLA DE . -27.77 -55.47 21.83
CAA CLA DE . -24.81 -54.16 23.36
CBA CLA DE . -24.05 -55.17 24.22
CGA CLA DE . -24.99 -56.13 24.89
O1A CLA DE . -26.11 -55.76 25.22
O2A CLA DE . -24.59 -57.37 25.12
NB CLA DE . -27.09 -51.14 18.72
C1B CLA DE . -28.10 -51.66 19.47
C2B CLA DE . -29.34 -51.03 19.13
C3B CLA DE . -29.03 -50.13 18.14
C4B CLA DE . -27.60 -50.23 17.90
CMB CLA DE . -30.70 -51.30 19.72
CAB CLA DE . -30.01 -49.25 17.47
CBB CLA DE . -29.66 -47.95 16.81
NC CLA DE . -24.59 -50.27 17.28
C1C CLA DE . -25.47 -49.52 16.66
C2C CLA DE . -24.87 -48.67 15.62
C3C CLA DE . -23.54 -48.99 15.65
C4C CLA DE . -23.38 -50.00 16.68
CMC CLA DE . -25.59 -47.69 14.75
CAC CLA DE . -22.47 -48.42 14.78
CBC CLA DE . -21.73 -47.34 15.53
ND CLA DE . -23.18 -52.03 18.74
C1D CLA DE . -22.11 -51.63 18.03
C2D CLA DE . -20.91 -52.36 18.38
C3D CLA DE . -21.35 -53.22 19.38
C4D CLA DE . -22.70 -53.01 19.58
CMD CLA DE . -19.48 -52.33 17.91
CAD CLA DE . -20.89 -54.25 20.28
OBD CLA DE . -19.85 -54.87 20.17
CBD CLA DE . -22.05 -54.64 21.13
CGD CLA DE . -22.30 -56.10 20.94
O1D CLA DE . -22.91 -56.75 21.76
O2D CLA DE . -21.86 -56.73 19.86
CED CLA DE . -22.88 -57.31 19.05
C1 CLA DE . -24.82 -58.41 24.12
C2 CLA DE . -25.95 -58.28 23.14
C3 CLA DE . -26.96 -59.16 23.17
C4 CLA DE . -26.99 -60.26 24.19
C5 CLA DE . -28.12 -59.09 22.22
C6 CLA DE . -27.63 -59.06 20.78
C7 CLA DE . -27.93 -60.37 20.06
C8 CLA DE . -29.39 -60.76 20.26
C9 CLA DE . -29.50 -62.10 20.97
C10 CLA DE . -30.10 -60.78 18.91
C11 CLA DE . -29.84 -62.08 18.17
C12 CLA DE . -31.13 -62.68 17.63
C13 CLA DE . -30.89 -64.12 17.17
C14 CLA DE . -30.64 -64.17 15.67
C15 CLA DE . -32.08 -64.97 17.56
FE1 SF4 EE . -17.72 -30.61 -27.93
FE2 SF4 EE . -16.34 -32.37 -26.36
FE3 SF4 EE . -16.82 -32.98 -28.97
FE4 SF4 EE . -18.88 -32.96 -27.17
S1 SF4 EE . -17.08 -34.36 -27.18
S2 SF4 EE . -18.89 -32.05 -29.27
S3 SF4 EE . -18.26 -31.24 -25.80
S4 SF4 EE . -15.54 -31.26 -28.18
FE1 SF4 FE . -17.02 -22.05 -34.10
FE2 SF4 FE . -16.53 -24.50 -35.22
FE3 SF4 FE . -15.18 -22.30 -36.10
FE4 SF4 FE . -17.83 -22.58 -36.66
S1 SF4 FE . -16.13 -23.92 -37.39
S2 SF4 FE . -16.78 -20.69 -35.93
S3 SF4 FE . -18.58 -23.60 -34.76
S4 SF4 FE . -15.06 -23.23 -34.02
C1 BCR GE . -14.30 9.48 -8.25
C2 BCR GE . -12.81 9.81 -8.26
C3 BCR GE . -12.37 10.19 -6.86
C4 BCR GE . -13.05 11.50 -6.48
C5 BCR GE . -14.46 11.60 -6.99
C6 BCR GE . -15.06 10.58 -7.57
C7 BCR GE . -16.53 10.54 -7.61
C8 BCR GE . -17.25 10.19 -6.56
C9 BCR GE . -18.70 10.11 -6.51
C10 BCR GE . -19.42 10.04 -5.26
C11 BCR GE . -20.77 10.02 -4.81
C33 BCR GE . -15.18 12.90 -6.83
C31 BCR GE . -14.53 8.19 -7.50
C32 BCR GE . -14.80 9.38 -9.68
C34 BCR GE . -19.45 10.10 -7.80
C12 BCR GE . -21.90 10.01 -4.39
C13 BCR GE . -23.27 9.94 -4.71
C14 BCR GE . -24.31 9.99 -3.84
C15 BCR GE . -24.30 10.12 -2.42
C16 BCR GE . -24.99 9.91 -1.29
C17 BCR GE . -24.56 10.23 -0.11
C18 BCR GE . -25.27 10.22 1.03
C19 BCR GE . -24.64 10.63 2.28
C20 BCR GE . -24.57 10.59 3.60
C21 BCR GE . -24.08 10.88 4.90
C22 BCR GE . -24.78 10.91 6.05
C23 BCR GE . -24.01 11.25 7.25
C24 BCR GE . -22.52 11.24 7.37
C25 BCR GE . -21.79 11.59 8.60
C26 BCR GE . -21.11 12.72 8.63
C27 BCR GE . -19.80 12.76 9.38
C28 BCR GE . -20.00 12.10 10.73
C29 BCR GE . -20.50 10.69 10.55
C30 BCR GE . -21.83 10.64 9.80
C35 BCR GE . -23.61 9.78 -6.14
C36 BCR GE . -26.70 9.80 1.02
C37 BCR GE . -26.24 10.64 6.08
C38 BCR GE . -21.57 13.96 7.92
C39 BCR GE . -22.98 11.04 10.71
C40 BCR GE . -22.00 9.22 9.30
MG CLA HE . -28.07 14.50 13.52
CHA CLA HE . -29.12 16.35 16.26
CHB CLA HE . -29.45 11.66 14.83
CHC CLA HE . -27.01 12.90 10.87
CHD CLA HE . -26.65 17.47 12.20
NA CLA HE . -29.19 14.04 15.36
C1A CLA HE . -29.50 14.89 16.34
C2A CLA HE . -30.27 14.20 17.43
C3A CLA HE . -30.32 12.76 16.95
C4A CLA HE . -29.62 12.80 15.64
CMA CLA HE . -29.76 11.72 17.90
CAA CLA HE . -31.69 14.77 17.58
CBA CLA HE . -32.66 14.28 16.49
CGA CLA HE . -34.07 14.80 16.71
O1A CLA HE . -34.26 15.68 17.51
O2A CLA HE . -35.08 14.30 16.02
NB CLA HE . -28.21 12.56 12.93
C1B CLA HE . -28.82 11.53 13.59
C2B CLA HE . -28.70 10.33 12.81
C3B CLA HE . -28.00 10.67 11.69
C4B CLA HE . -27.70 12.11 11.79
CMB CLA HE . -29.22 8.96 13.13
CAB CLA HE . -27.64 9.74 10.59
CBB CLA HE . -26.59 10.01 9.55
NC CLA HE . -26.99 15.09 11.83
C1C CLA HE . -26.66 14.27 10.86
C2C CLA HE . -25.90 14.91 9.77
C3C CLA HE . -25.81 16.22 10.16
C4C CLA HE . -26.49 16.32 11.45
CMC CLA HE . -25.37 14.27 8.52
CAC CLA HE . -25.11 17.33 9.42
CBC CLA HE . -26.07 17.99 8.45
ND CLA HE . -27.88 16.41 13.99
C1D CLA HE . -27.32 17.52 13.43
C2D CLA HE . -27.51 18.70 14.25
C3D CLA HE . -28.22 18.23 15.34
C4D CLA HE . -28.42 16.87 15.18
CMD CLA HE . -27.13 20.15 14.10
CAD CLA HE . -28.80 18.65 16.58
OBD CLA HE . -29.04 19.81 16.88
CBD CLA HE . -29.40 17.46 17.23
CGD CLA HE . -28.71 17.20 18.53
O1D CLA HE . -27.51 17.35 18.64
O2D CLA HE . -29.40 16.80 19.59
CED CLA HE . -28.76 16.93 20.85
C1 CLA HE . -34.96 14.07 14.59
C2 CLA HE . -35.66 14.94 13.57
C3 CLA HE . -35.90 14.49 12.33
C4 CLA HE . -36.58 15.35 11.29
C5 CLA HE . -35.51 13.10 11.89
MG CLA IE . 8.57 21.15 -9.22
CHA CLA IE . 11.21 20.12 -11.20
CHB CLA IE . 6.33 19.95 -11.54
CHC CLA IE . 6.17 22.14 -7.24
CHD CLA IE . 10.94 22.38 -6.90
NA CLA IE . 8.74 20.13 -11.17
C1A CLA IE . 9.87 19.81 -11.79
C2A CLA IE . 9.62 19.12 -13.10
C3A CLA IE . 8.09 19.09 -13.18
C4A CLA IE . 7.67 19.76 -11.91
CMA CLA IE . 7.38 19.47 -14.48
CAA CLA IE . 10.20 17.70 -13.06
CBA CLA IE . 9.82 16.97 -11.78
CGA CLA IE . 9.40 15.57 -12.12
O1A CLA IE . 8.22 15.28 -12.19
O2A CLA IE . 10.33 14.65 -12.31
NB CLA IE . 6.55 21.06 -9.36
C1B CLA IE . 5.80 20.56 -10.38
C2B CLA IE . 4.41 20.70 -10.09
C3B CLA IE . 4.37 21.32 -8.86
C4B CLA IE . 5.74 21.54 -8.43
CMB CLA IE . 3.29 20.25 -10.98
CAB CLA IE . 3.19 21.75 -8.05
CBB CLA IE . 1.82 21.97 -8.64
NC CLA IE . 8.58 22.11 -7.36
C1C CLA IE . 7.46 22.42 -6.72
C2C CLA IE . 7.72 23.08 -5.42
C3C CLA IE . 9.08 23.17 -5.33
C4C CLA IE . 9.60 22.55 -6.55
CMC CLA IE . 6.70 23.57 -4.43
CAC CLA IE . 9.80 23.78 -4.13
CBC CLA IE . 11.04 24.57 -4.45
ND CLA IE . 10.54 21.27 -9.00
C1D CLA IE . 11.40 21.76 -8.08
C2D CLA IE . 12.79 21.59 -8.47
C3D CLA IE . 12.70 20.95 -9.69
C4D CLA IE . 11.36 20.76 -9.99
CMD CLA IE . 14.11 21.95 -7.83
CAD CLA IE . 13.51 20.40 -10.75
OBD CLA IE . 14.70 20.22 -10.69
CBD CLA IE . 12.58 19.78 -11.74
CGD CLA IE . 12.64 20.44 -13.07
O1D CLA IE . 11.97 21.42 -13.31
O2D CLA IE . 13.39 19.96 -14.05
CED CLA IE . 14.76 20.29 -13.95
C1 CLA IE . 10.36 13.48 -11.45
C2 CLA IE . 10.80 13.55 -10.01
C3 CLA IE . 10.21 12.81 -9.06
C4 CLA IE . 9.08 11.90 -9.38
C5 CLA IE . 10.62 12.85 -7.62
C6 CLA IE . 10.10 14.13 -6.97
C7 CLA IE . 10.17 14.06 -5.45
C8 CLA IE . 11.22 13.06 -4.97
C9 CLA IE . 10.58 11.91 -4.21
C10 CLA IE . 12.24 13.80 -4.10
O1 LHG JE . -6.91 20.43 22.96
C1 LHG JE . -7.54 20.93 21.78
C2 LHG JE . -8.97 20.45 21.72
O2 LHG JE . -9.42 20.40 20.35
C3 LHG JE . -9.86 21.41 22.52
O3 LHG JE . -10.63 22.18 21.61
P LHG JE . -12.16 21.78 21.28
O4 LHG JE . -12.16 20.36 20.77
O5 LHG JE . -12.98 22.15 22.48
O6 LHG JE . -12.53 22.74 20.05
C4 LHG JE . -13.09 22.17 18.88
C5 LHG JE . -14.06 23.11 18.18
C6 LHG JE . -14.12 24.50 18.82
O7 LHG JE . -13.61 23.29 16.84
C7 LHG JE . -14.41 22.75 15.92
O9 LHG JE . -14.20 21.60 15.55
C8 LHG JE . -15.53 23.56 15.32
C9 LHG JE . -15.97 22.89 14.02
C10 LHG JE . -15.46 23.67 12.82
O8 LHG JE . -14.71 24.53 20.11
C23 LHG JE . -15.62 23.65 20.52
O10 LHG JE . -15.23 22.66 21.10
C24 LHG JE . -17.09 23.85 20.27
C11 LHG JE . -15.41 22.76 11.60
C12 LHG JE . -14.19 23.06 10.74
C13 LHG JE . -14.22 22.32 9.41
C14 LHG JE . -15.39 21.34 9.32
C15 LHG JE . -15.59 20.88 7.88
C25 LHG JE . -17.70 24.65 21.42
C26 LHG JE . -18.84 25.54 20.93
C27 LHG JE . -18.59 26.04 19.50
C28 LHG JE . -19.65 25.55 18.52
C29 LHG JE . -19.04 25.37 17.13
C30 LHG JE . -20.11 25.06 16.10
C31 LHG JE . -19.94 25.95 14.87
C32 LHG JE . -20.29 25.22 13.58
O1 LAP KE . -33.51 18.53 13.91
O2 LAP KE . -31.37 18.37 13.21
C1 LAP KE . -32.44 17.82 13.41
C2 LAP KE . -32.84 16.42 13.16
C3 LAP KE . -32.52 15.89 11.79
C4 LAP KE . -31.34 14.94 11.83
C5 LAP KE . -30.43 15.14 10.64
C6 LAP KE . -30.24 16.61 10.29
C7 LAP KE . -29.41 16.80 9.02
C8 LAP KE . -29.00 15.47 8.36
C9 LAP KE . -28.47 15.63 6.92
C10 LAP KE . -28.83 16.99 6.31
C11 LAP KE . -28.78 16.97 4.78
C12 LAP KE . -30.12 17.30 4.16
C13 LAP KE . -33.85 18.41 15.28
C14 LAP KE . -32.57 18.21 16.09
C15 LAP KE . -32.81 18.17 17.59
C16 LAP KE . -32.12 20.64 21.70
C17 LAP KE . -31.43 19.38 22.25
C18 LAP KE . -29.52 19.23 23.88
C19 LAP KE . -31.76 18.58 24.60
C20 LAP KE . -31.26 20.98 24.23
O3 LAP KE . -31.63 19.19 15.80
O4 LAP KE . -32.69 19.40 18.16
O5 LAP KE . -34.70 20.36 19.47
O6 LAP KE . -32.22 20.52 20.34
O7 LAP KE . -33.27 18.19 20.24
N8 LAP KE . -30.99 19.55 23.73
P9 LAP KE . -33.48 19.54 19.65
O1 LHG LE . 6.00 23.72 -15.08
C1 LHG LE . 5.08 22.85 -14.40
C2 LHG LE . 4.84 23.37 -12.98
O2 LHG LE . 3.48 23.78 -12.83
C3 LHG LE . 5.75 24.55 -12.72
O3 LHG LE . 6.01 24.63 -11.32
P LHG LE . 7.52 24.63 -10.75
O4 LHG LE . 8.19 23.34 -11.11
O5 LHG LE . 8.19 25.92 -11.11
O6 LHG LE . 7.21 24.63 -9.18
C4 LHG LE . 8.07 25.27 -8.26
C5 LHG LE . 7.24 26.04 -7.24
C6 LHG LE . 8.13 27.15 -6.69
O7 LHG LE . 6.11 26.59 -7.90
C7 LHG LE . 5.02 26.65 -7.12
O9 LHG LE . 4.92 27.57 -6.34
C8 LHG LE . 3.93 25.62 -7.22
C9 LHG LE . 2.74 26.05 -6.38
C10 LHG LE . 2.02 24.86 -5.76
O8 LHG LE . 7.92 27.31 -5.29
C23 LHG LE . 7.46 28.45 -4.81
O10 LHG LE . 7.37 29.41 -5.55
C24 LHG LE . 7.04 28.58 -3.36
C11 LHG LE . 1.54 25.17 -4.36
C12 LHG LE . 0.09 24.78 -4.14
C13 LHG LE . -0.04 23.37 -3.58
C14 LHG LE . -0.83 23.36 -2.27
C15 LHG LE . -2.31 23.65 -2.47
C16 LHG LE . -3.18 22.52 -1.92
C17 LHG LE . -4.37 23.07 -1.14
C18 LHG LE . -5.31 23.85 -2.06
C19 LHG LE . -6.58 23.07 -2.39
C20 LHG LE . -7.52 22.99 -1.20
C21 LHG LE . -8.91 22.57 -1.64
C22 LHG LE . -9.93 22.75 -0.54
C25 LHG LE . 5.63 28.03 -3.22
C26 LHG LE . 4.77 28.87 -2.29
C27 LHG LE . 3.79 27.98 -1.53
C28 LHG LE . 4.38 27.54 -0.21
C29 LHG LE . 4.18 26.05 0.05
C30 LHG LE . 4.63 25.21 -1.15
C31 LHG LE . 3.52 24.26 -1.58
C32 LHG LE . 3.61 22.94 -0.83
C1 BCR ME . -67.48 -4.99 16.47
C2 BCR ME . -66.67 -5.02 17.76
C3 BCR ME . -67.53 -5.46 18.93
C4 BCR ME . -68.03 -6.87 18.70
C5 BCR ME . -68.45 -7.15 17.27
C6 BCR ME . -68.30 -6.25 16.31
C7 BCR ME . -68.95 -6.51 15.00
C8 BCR ME . -70.17 -6.14 14.68
C9 BCR ME . -70.85 -6.38 13.43
C10 BCR ME . -72.28 -6.27 13.31
C11 BCR ME . -73.37 -5.84 12.49
C33 BCR ME . -69.04 -8.49 16.96
C31 BCR ME . -66.56 -4.86 15.27
C32 BCR ME . -68.43 -3.81 16.55
C34 BCR ME . -70.01 -6.75 12.24
C12 BCR ME . -74.38 -5.48 11.91
C13 BCR ME . -75.32 -5.33 10.86
C14 BCR ME . -76.45 -4.65 11.22
C15 BCR ME . -77.60 -4.30 10.46
C16 BCR ME . -78.62 -3.41 10.37
C17 BCR ME . -79.57 -3.48 9.47
C18 BCR ME . -80.76 -2.84 9.53
C19 BCR ME . -81.81 -2.94 8.50
C20 BCR ME . -82.79 -2.31 7.86
C21 BCR ME . -83.90 -1.98 7.03
C22 BCR ME . -84.42 -0.76 6.83
C23 BCR ME . -85.59 -0.51 5.95
C24 BCR ME . -85.58 0.31 4.69
C25 BCR ME . -86.78 0.55 3.85
C26 BCR ME . -87.49 -0.42 3.27
C27 BCR ME . -87.84 -0.24 1.82
C28 BCR ME . -88.56 1.10 1.69
C29 BCR ME . -87.65 2.22 2.18
C30 BCR ME . -87.22 2.00 3.62
C35 BCR ME . -75.10 -5.86 9.47
C36 BCR ME . -81.04 -1.97 10.72
C37 BCR ME . -83.80 0.42 7.53
C38 BCR ME . -87.97 -1.68 3.96
C39 BCR ME . -88.38 2.31 4.56
C40 BCR ME . -86.05 2.93 3.90
O6 SQD NE . -79.70 -3.91 30.24
C44 SQD NE . -80.22 -4.44 29.05
C45 SQD NE . -79.05 -4.69 28.06
C46 SQD NE . -78.97 -6.16 27.62
O47 SQD NE . -79.26 -3.93 26.87
C7 SQD NE . -80.54 -3.53 26.56
O49 SQD NE . -81.03 -2.53 27.01
C8 SQD NE . -81.16 -4.46 25.56
C9 SQD NE . -80.57 -4.20 24.18
C10 SQD NE . -81.53 -4.55 23.04
C11 SQD NE . -80.96 -5.65 22.13
C12 SQD NE . -82.07 -6.30 21.29
C13 SQD NE . -81.54 -7.42 20.40
C14 SQD NE . -80.60 -6.90 19.31
C15 SQD NE . -80.54 -7.85 18.10
C16 SQD NE . -79.24 -8.63 18.04
C17 SQD NE . -78.90 -9.09 16.62
C18 SQD NE . -79.99 -9.98 16.04
C19 SQD NE . -80.39 -9.57 14.62
O48 SQD NE . -77.61 -6.42 27.26
C23 SQD NE . -77.40 -7.31 26.26
O10 SQD NE . -76.87 -8.39 26.47
C24 SQD NE . -77.88 -6.79 24.92
C25 SQD NE . -77.96 -7.93 23.89
C26 SQD NE . -77.74 -7.41 22.46
C27 SQD NE . -78.13 -8.45 21.40
C28 SQD NE . -77.68 -9.87 21.80
C29 SQD NE . -76.20 -10.11 21.45
C30 SQD NE . -75.96 -10.17 19.94
C31 SQD NE . -76.87 -11.19 19.25
C32 SQD NE . -76.43 -11.47 17.80
C33 SQD NE . -74.97 -11.92 17.74
C1 SQD NE . -80.52 -2.91 30.78
C2 SQD NE . -80.15 -2.80 32.28
O2 SQD NE . -80.52 -3.94 32.97
C3 SQD NE . -80.84 -1.55 32.87
O3 SQD NE . -80.24 -1.35 34.11
C4 SQD NE . -80.62 -0.30 31.99
O4 SQD NE . -81.39 0.74 32.52
C5 SQD NE . -80.99 -0.63 30.52
C6 SQD NE . -80.67 0.54 29.63
O5 SQD NE . -80.17 -1.71 30.11
S SQD NE . -81.43 0.52 28.00
O7 SQD NE . -80.35 0.12 27.14
O8 SQD NE . -82.47 -0.46 28.15
O9 SQD NE . -81.90 1.85 27.75
MG CLA OE . -77.39 -5.52 16.53
CHA CLA OE . -79.21 -3.09 18.13
CHB CLA OE . -79.53 -5.43 13.86
CHC CLA OE . -75.45 -7.71 15.01
CHD CLA OE . -75.16 -5.57 19.29
NA CLA OE . -79.20 -4.37 16.02
C1A CLA OE . -79.78 -3.46 16.78
C2A CLA OE . -81.00 -2.88 16.15
C3A CLA OE . -81.09 -3.64 14.82
C4A CLA OE . -79.88 -4.54 14.88
CMA CLA OE . -82.41 -4.25 14.38
CAA CLA OE . -80.76 -1.40 15.90
CBA CLA OE . -81.43 -0.85 14.65
CGA CLA OE . -81.87 0.57 14.88
O1A CLA OE . -82.39 1.18 13.96
O2A CLA OE . -81.67 1.11 16.06
NB CLA OE . -77.48 -6.43 14.71
C1B CLA OE . -78.44 -6.30 13.76
C2B CLA OE . -78.15 -7.20 12.66
C3B CLA OE . -77.01 -7.83 13.01
C4B CLA OE . -76.58 -7.33 14.31
CMB CLA OE . -78.96 -7.39 11.41
CAB CLA OE . -76.28 -8.85 12.24
CBB CLA OE . -76.95 -10.17 11.92
NC CLA OE . -75.57 -6.44 17.05
C1C CLA OE . -74.96 -7.34 16.29
C2C CLA OE . -73.75 -7.91 16.91
C3C CLA OE . -73.67 -7.27 18.12
C4C CLA OE . -74.81 -6.37 18.20
CMC CLA OE . -72.83 -8.94 16.33
CAC CLA OE . -72.61 -7.49 19.16
CBC CLA OE . -71.59 -6.37 19.07
ND CLA OE . -77.13 -4.60 18.26
C1D CLA OE . -76.28 -4.70 19.31
C2D CLA OE . -76.69 -3.86 20.43
C3D CLA OE . -77.83 -3.24 19.95
C4D CLA OE . -78.08 -3.68 18.66
CMD CLA OE . -76.14 -3.61 21.80
CAD CLA OE . -78.87 -2.30 20.33
OBD CLA OE . -79.20 -2.03 21.47
CBD CLA OE . -79.70 -2.04 19.12
CGD CLA OE . -81.15 -2.23 19.42
O1D CLA OE . -81.53 -3.21 20.02
O2D CLA OE . -82.04 -1.33 19.03
CED CLA OE . -82.93 -0.86 20.04
C1 CLA OE . -82.58 2.11 16.64
C2 CLA OE . -82.87 3.43 15.99
C3 CLA OE . -82.82 4.57 16.70
C4 CLA OE . -82.47 4.56 18.15
C5 CLA OE . -83.11 5.92 16.09
MG CLA PE . -84.62 1.17 0.31
CHA CLA PE . -85.49 -1.95 -0.86
CHB CLA PE . -82.09 -0.21 2.19
CHC CLA PE . -83.82 4.22 1.30
CHD CLA PE . -87.21 2.55 -1.66
NA CLA PE . -83.84 -0.87 0.64
C1A CLA PE . -84.32 -1.98 0.09
C2A CLA PE . -83.55 -3.21 0.52
C3A CLA PE . -82.51 -2.63 1.47
C4A CLA PE . -82.80 -1.16 1.45
CMA CLA PE . -82.27 -3.31 2.82
CAA CLA PE . -82.82 -3.74 -0.70
CBA CLA PE . -82.37 -5.18 -0.48
CGA CLA PE . -83.14 -6.07 -1.42
O1A CLA PE . -83.04 -5.89 -2.63
O2A CLA PE . -83.90 -7.02 -0.92
NB CLA PE . -83.17 1.89 1.54
C1B CLA PE . -82.25 1.18 2.25
C2B CLA PE . -81.46 2.08 3.03
C3B CLA PE . -81.95 3.33 2.78
C4B CLA PE . -83.04 3.18 1.83
CMB CLA PE . -80.33 1.69 3.95
CAB CLA PE . -81.51 4.62 3.34
CBB CLA PE . -81.42 4.81 4.83
NC CLA PE . -85.35 3.07 -0.17
C1C CLA PE . -84.91 4.20 0.39
C2C CLA PE . -85.68 5.39 -0.04
C3C CLA PE . -86.61 4.89 -0.90
C4C CLA PE . -86.40 3.45 -0.97
CMC CLA PE . -85.46 6.81 0.39
CAC CLA PE . -87.68 5.68 -1.64
CBC CLA PE . -87.29 5.82 -3.09
ND CLA PE . -86.01 0.56 -0.96
C1D CLA PE . -87.00 1.15 -1.68
C2D CLA PE . -87.80 0.18 -2.41
C3D CLA PE . -87.19 -1.03 -2.08
C4D CLA PE . -86.14 -0.78 -1.22
CMD CLA PE . -88.98 0.27 -3.33
CAD CLA PE . -87.29 -2.45 -2.32
OBD CLA PE . -88.29 -3.02 -2.70
CBD CLA PE . -86.20 -3.11 -1.53
CGD CLA PE . -86.86 -3.96 -0.48
O1D CLA PE . -87.25 -5.08 -0.74
O2D CLA PE . -87.03 -3.47 0.75
CED CLA PE . -86.71 -4.36 1.81
C1 CLA PE . -85.02 -7.53 -1.70
MG CLA QE . -55.37 10.29 21.13
CHA CLA QE . -57.47 7.70 22.06
CHB CLA QE . -53.47 8.13 19.25
CHC CLA QE . -53.56 12.87 20.21
CHD CLA QE . -57.34 12.46 23.10
NA CLA QE . -55.45 8.14 20.67
C1A CLA QE . -56.34 7.27 21.14
C2A CLA QE . -56.10 5.87 20.67
C3A CLA QE . -54.84 6.04 19.81
C4A CLA QE . -54.55 7.50 19.90
CMA CLA QE . -53.72 5.04 20.03
CAA CLA QE . -57.25 5.42 19.77
CBA CLA QE . -56.87 4.29 18.83
CGA CLA QE . -57.55 4.45 17.50
O1A CLA QE . -58.64 3.95 17.32
O2A CLA QE . -56.92 5.11 16.53
NB CLA QE . -53.76 10.47 19.91
C1B CLA QE . -53.09 9.49 19.24
C2B CLA QE . -51.98 10.05 18.53
C3B CLA QE . -51.99 11.39 18.81
C4B CLA QE . -53.14 11.64 19.68
CMB CLA QE . -50.98 9.32 17.67
CAB CLA QE . -51.01 12.36 18.28
CBB CLA QE . -50.65 13.67 18.95
NC CLA QE . -55.48 12.35 21.52
C1C CLA QE . -54.61 13.23 21.07
C2C CLA QE . -54.87 14.60 21.58
C3C CLA QE . -55.97 14.47 22.36
C4C CLA QE . -56.34 13.07 22.33
CMC CLA QE . -54.09 15.85 21.26
CAC CLA QE . -56.69 15.55 23.14
CBC CLA QE . -58.08 15.77 22.59
ND CLA QE . -56.98 10.22 22.26
C1D CLA QE . -57.68 11.10 23.03
C2D CLA QE . -58.77 10.47 23.76
C3D CLA QE . -58.67 9.14 23.37
C4D CLA QE . -57.61 9.01 22.48
CMD CLA QE . -59.79 10.99 24.72
CAD CLA QE . -59.29 7.84 23.55
OBD CLA QE . -59.91 7.53 24.55
CBD CLA QE . -58.54 6.87 22.69
CGD CLA QE . -57.89 5.83 23.55
O1D CLA QE . -56.76 5.98 23.96
O2D CLA QE . -58.54 4.71 23.85
CED CLA QE . -58.67 4.47 25.25
C1 ERG RE . -63.83 12.47 27.55
C2 ERG RE . -63.78 12.78 29.15
C3 ERG RE . -63.84 11.79 29.88
C4 ERG RE . -63.15 10.82 29.43
C5 ERG RE . -63.49 10.58 27.93
C6 ERG RE . -64.48 9.45 27.61
C7 ERG RE . -65.09 9.45 26.50
C8 ERG RE . -64.80 10.36 25.64
C9 ERG RE . -63.57 11.27 25.96
C10 ERG RE . -63.42 11.54 27.18
C11 ERG RE . -63.62 12.52 25.02
C12 ERG RE . -63.38 12.13 23.67
C13 ERG RE . -64.13 10.70 23.14
C14 ERG RE . -64.94 9.98 24.13
C15 ERG RE . -66.40 10.39 23.78
C16 ERG RE . -66.35 10.40 22.13
C17 ERG RE . -65.05 10.87 21.80
C18 ERG RE . -63.00 9.75 22.82
C19 ERG RE . -61.91 11.85 27.15
C20 ERG RE . -64.49 10.14 20.56
C21 ERG RE . -65.61 9.81 19.58
C22 ERG RE . -63.45 10.99 19.83
C23 ERG RE . -62.28 10.45 19.56
C24 ERG RE . -61.18 11.23 18.83
C25 ERG RE . -59.97 10.33 18.56
C26 ERG RE . -60.03 9.77 17.14
C27 ERG RE . -59.95 9.18 19.55
C28 ERG RE . -60.71 12.39 19.70
O1 ERG RE . -63.24 12.20 31.42
MG CLA SE . 13.92 10.21 8.34
CHA CLA SE . 15.76 11.88 10.74
CHB CLA SE . 12.00 13.01 7.80
CHC CLA SE . 12.27 8.50 6.07
CHD CLA SE . 15.91 7.33 8.95
NA CLA SE . 13.87 12.24 9.17
C1A CLA SE . 14.68 12.73 10.12
C2A CLA SE . 14.36 14.16 10.45
C3A CLA SE . 13.18 14.48 9.52
C4A CLA SE . 12.99 13.19 8.78
CMA CLA SE . 11.95 15.19 10.06
CAA CLA SE . 15.55 15.06 10.12
CBA CLA SE . 16.33 14.58 8.90
NB CLA SE . 12.37 10.69 7.11
C1B CLA SE . 11.70 11.86 7.02
C2B CLA SE . 10.66 11.76 6.03
C3B CLA SE . 10.74 10.49 5.55
C4B CLA SE . 11.84 9.82 6.25
CMB CLA SE . 9.69 12.84 5.62
CAB CLA SE . 9.88 9.88 4.51
CBB CLA SE . 10.49 9.13 3.35
NC CLA SE . 14.08 8.25 7.63
C1C CLA SE . 13.29 7.75 6.69
C2C CLA SE . 13.59 6.34 6.37
C3C CLA SE . 14.63 6.03 7.19
C4C CLA SE . 14.93 7.22 7.97
CMC CLA SE . 12.89 5.47 5.37
CAC CLA SE . 15.34 4.70 7.28
CBC CLA SE . 16.55 4.72 6.38
ND CLA SE . 15.43 9.65 9.48
C1D CLA SE . 16.16 8.52 9.68
C2D CLA SE . 17.19 8.69 10.69
C3D CLA SE . 17.02 10.00 11.09
C4D CLA SE . 15.97 10.57 10.37
CMD CLA SE . 18.25 7.80 11.27
CAD CLA SE . 17.55 11.00 12.00
OBD CLA SE . 18.37 10.81 12.88
CBD CLA SE . 16.78 12.26 11.78
CGD CLA SE . 16.09 12.63 13.06
O1D CLA SE . 15.43 11.82 13.68
O2D CLA SE . 16.18 13.88 13.52
CED CLA SE . 16.82 14.03 14.78
C1 BCR TE . 15.71 -11.99 2.51
C2 BCR TE . 16.61 -11.87 1.28
C3 BCR TE . 18.00 -11.41 1.68
C4 BCR TE . 17.96 -10.06 2.35
C5 BCR TE . 16.61 -9.73 2.93
C6 BCR TE . 15.80 -10.72 3.32
C7 BCR TE . 15.00 -10.55 4.54
C8 BCR TE . 13.73 -10.20 4.52
C9 BCR TE . 12.88 -9.99 5.65
C10 BCR TE . 12.16 -8.75 5.75
C11 BCR TE . 10.89 -8.21 6.07
C33 BCR TE . 16.21 -8.30 3.10
C31 BCR TE . 16.19 -13.13 3.41
C32 BCR TE . 14.30 -12.25 2.03
C34 BCR TE . 12.76 -11.04 6.70
C12 BCR TE . 9.81 -7.75 6.33
C13 BCR TE . 8.95 -6.75 6.82
C14 BCR TE . 9.10 -5.48 6.39
C15 BCR TE . 8.25 -4.44 6.86
C16 BCR TE . 8.00 -3.15 7.13
C17 BCR TE . 6.87 -2.71 7.61
C18 BCR TE . 6.52 -1.44 7.83
C19 BCR TE . 5.20 -1.13 8.39
C20 BCR TE . 4.13 -0.36 8.46
C21 BCR TE . 2.85 0.10 8.89
C22 BCR TE . 2.37 1.34 8.78
C23 BCR TE . 1.01 1.63 9.28
C24 BCR TE . 0.31 2.94 9.21
C25 BCR TE . -1.04 3.07 9.76
C26 BCR TE . -2.09 2.40 9.27
C27 BCR TE . -3.36 2.34 10.08
C28 BCR TE . -3.77 3.76 10.41
C29 BCR TE . -2.60 4.70 10.69
C30 BCR TE . -1.25 4.02 10.93
C35 BCR TE . 7.87 -7.09 7.81
C36 BCR TE . 7.46 -0.32 7.49
C37 BCR TE . 3.19 2.43 8.17
C38 BCR TE . -2.05 1.69 7.95
C39 BCR TE . -1.11 3.23 12.22
C40 BCR TE . -0.18 5.11 10.90
C1 RRX UE . 10.82 -5.46 -6.54
C2 RRX UE . 10.71 -5.83 -8.15
O2 RRX UE . 15.09 5.36 17.29
C3 RRX UE . 11.88 -5.66 -8.80
C40 RRX UE . 15.05 7.35 12.99
C30 RRX UE . 15.03 5.90 13.53
C39 RRX UE . 16.05 5.05 12.75
C29 RRX UE . 15.48 5.96 15.12
C28 RRX UE . 14.71 5.17 15.92
C27 RRX UE . 13.09 5.54 15.80
C26 RRX UE . 12.60 5.58 14.45
C38 RRX UE . 11.33 4.72 14.37
C25 RRX UE . 13.70 5.35 13.30
C24 RRX UE . 13.32 4.92 11.83
C23 RRX UE . 12.07 5.05 11.31
C22 RRX UE . 11.69 4.61 9.88
C37 RRX UE . 11.15 5.62 8.87
C21 RRX UE . 11.85 3.29 9.53
C20 RRX UE . 11.48 2.83 8.09
C19 RRX UE . 10.93 1.60 7.88
C18 RRX UE . 10.60 1.19 6.40
C36 RRX UE . 9.83 2.16 5.50
C17 RRX UE . 10.98 -0.03 5.96
C16 RRX UE . 10.69 -0.45 4.52
C15 RRX UE . 10.75 -1.77 4.17
C14 RRX UE . 10.48 -2.17 2.71
C13 RRX UE . 10.87 -3.38 2.23
C35 RRX UE . 11.58 -4.41 3.16
C12 RRX UE . 10.61 -3.75 0.77
C11 RRX UE . 11.67 -3.78 -0.08
C10 RRX UE . 11.47 -4.15 -1.56
C9 RRX UE . 11.46 -5.46 -1.92
C34 RRX UE . 11.66 -6.53 -0.91
C8 RRX UE . 11.25 -5.84 -3.40
C7 RRX UE . 12.21 -5.72 -4.37
C6 RRX UE . 11.92 -6.11 -5.85
C32 RRX UE . 11.05 -3.91 -6.33
C31 RRX UE . 9.42 -5.84 -5.98
C5 RRX UE . 13.20 -6.43 -6.72
C33 RRX UE . 14.46 -6.94 -6.00
C4 RRX UE . 13.07 -6.60 -8.15
O7 LPX VE . 12.96 6.90 -11.62
C6 LPX VE . 11.86 7.45 -11.61
O6 LPX VE . 11.50 8.26 -12.63
C5 LPX VE . 12.58 8.96 -13.26
C4 LPX VE . 12.56 8.65 -14.77
O5 LPX VE . 13.35 9.56 -15.45
C3 LPX VE . 11.10 8.65 -15.29
O1 LPX VE . 10.95 7.54 -16.10
P1 LPX VE . 9.68 7.55 -17.25
O3 LPX VE . 8.89 8.78 -16.93
O2 LPX VE . 10.52 7.90 -18.66
C1 LPX VE . 11.88 7.67 -18.70
C2 LPX VE . 12.12 6.57 -19.73
N1 LPX VE . 12.71 7.15 -20.93
O4 LPX VE . 9.13 6.17 -17.35
C7 LPX VE . 10.87 7.26 -10.50
C8 LPX VE . 11.57 7.37 -9.14
C1 BCR WE . 47.43 -33.81 8.96
C2 BCR WE . 48.49 -32.72 9.00
C3 BCR WE . 47.94 -31.33 8.74
C4 BCR WE . 47.24 -31.34 7.39
C5 BCR WE . 46.12 -32.34 7.42
C6 BCR WE . 46.27 -33.51 8.04
C7 BCR WE . 45.23 -34.55 7.89
C8 BCR WE . 45.09 -35.30 6.82
C9 BCR WE . 44.08 -36.32 6.63
C10 BCR WE . 43.34 -36.39 5.40
C11 BCR WE . 43.02 -37.15 4.25
C33 BCR WE . 44.82 -31.98 6.76
C31 BCR WE . 46.86 -34.08 10.33
C32 BCR WE . 48.09 -35.08 8.45
C34 BCR WE . 43.81 -37.31 7.71
C12 BCR WE . 42.74 -37.77 3.26
C13 BCR WE . 42.45 -38.92 2.49
C14 BCR WE . 42.76 -38.89 1.17
C15 BCR WE . 42.52 -39.98 0.29
C16 BCR WE . 42.93 -40.69 -0.77
C17 BCR WE . 42.30 -41.70 -1.25
C18 BCR WE . 42.54 -42.32 -2.42
C19 BCR WE . 41.77 -43.47 -2.89
C20 BCR WE . 41.72 -44.44 -3.79
C21 BCR WE . 41.34 -45.57 -4.57
C22 BCR WE . 41.76 -45.88 -5.79
C23 BCR WE . 41.28 -47.08 -6.49
C24 BCR WE . 41.77 -48.47 -6.27
C25 BCR WE . 41.23 -49.61 -7.01
C26 BCR WE . 40.07 -50.15 -6.66
C27 BCR WE . 39.43 -51.22 -7.51
C28 BCR WE . 40.42 -52.08 -8.28
C29 BCR WE . 41.88 -51.66 -8.21
C30 BCR WE . 42.07 -50.16 -8.15
C35 BCR WE . 41.82 -40.12 3.12
C36 BCR WE . 43.67 -41.81 -3.27
C37 BCR WE . 42.75 -44.99 -6.49
C38 BCR WE . 39.35 -49.74 -5.43
C39 BCR WE . 41.73 -49.46 -9.46
C40 BCR WE . 43.53 -49.90 -7.83
MG CLA XE . 53.79 -42.92 3.02
CHA CLA XE . 55.98 -45.43 3.87
CHB CLA XE . 55.46 -42.41 0.06
CHC CLA XE . 51.55 -40.63 2.26
CHD CLA XE . 52.08 -43.49 6.06
NA CLA XE . 55.55 -43.83 2.03
C1A CLA XE . 56.29 -44.81 2.53
C2A CLA XE . 57.41 -45.19 1.61
C3A CLA XE . 57.22 -44.21 0.43
C4A CLA XE . 56.01 -43.43 0.84
CMA CLA XE . 58.41 -43.46 -0.14
CAA CLA XE . 57.19 -46.62 1.13
CBA CLA XE . 57.90 -46.95 -0.18
CGA CLA XE . 57.37 -48.26 -0.73
O1A CLA XE . 56.18 -48.48 -0.68
O2A CLA XE . 58.21 -49.14 -1.23
NB CLA XE . 53.54 -41.72 1.40
C1B CLA XE . 54.33 -41.61 0.31
C2B CLA XE . 53.84 -40.57 -0.55
C3B CLA XE . 52.74 -40.08 0.07
C4B CLA XE . 52.56 -40.82 1.31
CMB CLA XE . 54.42 -40.13 -1.87
CAB CLA XE . 51.87 -38.99 -0.42
CBB CLA XE . 50.40 -39.26 -0.68
NC CLA XE . 52.06 -42.22 3.98
C1C CLA XE . 51.30 -41.26 3.50
C2C CLA XE . 50.18 -40.92 4.40
C3C CLA XE . 50.32 -41.77 5.46
C4C CLA XE . 51.51 -42.57 5.19
CMC CLA XE . 49.11 -39.89 4.19
CAC CLA XE . 49.44 -41.85 6.67
CBC CLA XE . 49.92 -40.86 7.69
ND CLA XE . 53.89 -44.12 4.59
C1D CLA XE . 53.21 -44.26 5.76
C2D CLA XE . 53.81 -45.26 6.62
C3D CLA XE . 54.89 -45.70 5.87
C4D CLA XE . 54.93 -45.02 4.66
CMD CLA XE . 53.48 -45.78 7.99
CAD CLA XE . 55.99 -46.64 5.91
OBD CLA XE . 56.49 -47.07 6.93
CBD CLA XE . 56.71 -46.55 4.60
CGD CLA XE . 58.12 -46.16 4.85
O1D CLA XE . 58.96 -47.00 5.05
O2D CLA XE . 58.47 -44.87 4.89
CED CLA XE . 59.73 -44.56 4.30
C1 CLA XE . 59.02 -48.82 -2.39
MG CLA YE . 40.11 -54.19 10.26
CHA CLA YE . 37.66 -52.82 12.27
CHB CLA YE . 41.03 -56.33 12.77
CHC CLA YE . 42.35 -55.46 8.19
CHD CLA YE . 39.09 -51.98 7.67
NA CLA YE . 39.43 -54.57 12.32
C1A CLA YE . 38.43 -53.93 12.95
C2A CLA YE . 38.25 -54.42 14.36
C3A CLA YE . 39.32 -55.52 14.47
C4A CLA YE . 39.97 -55.49 13.12
CMA CLA YE . 40.18 -55.62 15.73
CAA CLA YE . 36.86 -54.98 14.66
CBA CLA YE . 36.12 -55.52 13.44
CGA CLA YE . 34.66 -55.69 13.77
O1A CLA YE . 34.31 -56.57 14.53
O2A CLA YE . 33.79 -54.85 13.23
NB CLA YE . 41.47 -55.68 10.44
C1B CLA YE . 41.74 -56.43 11.55
C2B CLA YE . 42.84 -57.32 11.28
C3B CLA YE . 43.22 -57.08 9.99
C4B CLA YE . 42.34 -56.03 9.46
CMB CLA YE . 43.45 -58.31 12.22
CAB CLA YE . 44.32 -57.79 9.31
CBB CLA YE . 44.50 -57.88 7.82
NC CLA YE . 40.58 -53.83 8.24
C1C CLA YE . 41.56 -54.44 7.59
C2C CLA YE . 41.74 -53.92 6.21
C3C CLA YE . 40.78 -52.97 6.08
C4C CLA YE . 40.07 -52.91 7.35
CMC CLA YE . 42.74 -54.37 5.17
CAC CLA YE . 40.50 -52.11 4.88
CBC CLA YE . 41.41 -50.90 4.91
ND CLA YE . 38.76 -52.77 9.93
C1D CLA YE . 38.41 -51.94 8.91
C2D CLA YE . 37.32 -51.04 9.26
C3D CLA YE . 37.04 -51.40 10.57
C4D CLA YE . 37.89 -52.43 10.96
CMD CLA YE . 36.57 -49.96 8.54
CAD CLA YE . 36.16 -51.09 11.68
OBD CLA YE . 35.31 -50.23 11.68
CBD CLA YE . 36.60 -51.91 12.85
CGD CLA YE . 37.26 -51.01 13.83
O1D CLA YE . 37.44 -49.84 13.55
O2D CLA YE . 37.67 -51.47 15.01
CED CLA YE . 37.12 -50.87 16.18
C1 CLA YE . 32.38 -54.87 13.63
C2 CLA YE . 31.41 -55.94 13.20
C3 CLA YE . 30.17 -55.60 12.81
C4 CLA YE . 29.20 -56.65 12.38
C5 CLA YE . 29.68 -54.18 12.78
C6 CLA YE . 28.94 -53.89 11.47
C7 CLA YE . 27.68 -53.07 11.72
C8 CLA YE . 27.42 -52.05 10.61
C9 CLA YE . 27.65 -50.63 11.11
C10 CLA YE . 26.00 -52.23 10.08
C11 CLA YE . 25.61 -51.09 9.14
C12 CLA YE . 25.59 -51.55 7.69
C13 CLA YE . 25.97 -50.43 6.74
C14 CLA YE . 25.40 -50.65 5.36
C15 CLA YE . 27.49 -50.32 6.69
MG CLA ZE . 44.89 -59.76 -7.85
CHA CLA ZE . 43.75 -62.12 -10.11
CHB CLA ZE . 42.13 -57.80 -8.47
CHC CLA ZE . 46.01 -57.61 -5.61
CHD CLA ZE . 47.66 -61.83 -7.17
NA CLA ZE . 43.11 -59.93 -9.14
C1A CLA ZE . 42.84 -60.93 -9.98
C2A CLA ZE . 41.56 -60.72 -10.73
C3A CLA ZE . 41.08 -59.36 -10.19
C4A CLA ZE . 42.14 -58.99 -9.21
CMA CLA ZE . 40.58 -58.33 -11.18
CAA CLA ZE . 40.53 -61.78 -10.34
CBA CLA ZE . 40.39 -61.91 -8.83
CGA CLA ZE . 39.28 -62.89 -8.54
O1A CLA ZE . 39.27 -63.97 -9.11
O2A CLA ZE . 38.33 -62.55 -7.69
NB CLA ZE . 44.18 -57.99 -7.15
C1B CLA ZE . 43.06 -57.32 -7.53
C2B CLA ZE . 42.96 -56.09 -6.81
C3B CLA ZE . 44.06 -56.05 -6.01
C4B CLA ZE . 44.82 -57.26 -6.24
CMB CLA ZE . 41.88 -55.05 -6.92
CAB CLA ZE . 44.44 -54.97 -5.06
CBB CLA ZE . 45.49 -53.97 -5.46
NC CLA ZE . 46.55 -59.75 -6.56
C1C CLA ZE . 46.86 -58.73 -5.78
C2C CLA ZE . 48.16 -58.91 -5.10
C3C CLA ZE . 48.61 -60.11 -5.55
C4C CLA ZE . 47.60 -60.63 -6.46
CMC CLA ZE . 48.81 -57.95 -4.14
CAC CLA ZE . 49.90 -60.80 -5.18
CBC CLA ZE . 51.04 -60.22 -6.00
ND CLA ZE . 45.61 -61.52 -8.41
C1D CLA ZE . 46.70 -62.26 -8.12
C2D CLA ZE . 46.77 -63.47 -8.94
C3D CLA ZE . 45.61 -63.40 -9.70
C4D CLA ZE . 44.93 -62.24 -9.37
CMD CLA ZE . 47.73 -64.62 -9.06
CAD CLA ZE . 44.87 -64.11 -10.71
OBD CLA ZE . 45.32 -65.03 -11.39
CBD CLA ZE . 43.62 -63.34 -11.00
CGD CLA ZE . 43.61 -62.96 -12.45
O1D CLA ZE . 42.58 -62.61 -13.00
O2D CLA ZE . 44.73 -63.00 -13.17
CED CLA ZE . 44.83 -61.98 -14.16
C1 CLA ZE . 38.58 -62.66 -6.25
MG CLA AF . 59.40 -50.32 -13.98
CHA CLA AF . 59.55 -47.15 -15.31
CHB CLA AF . 57.05 -49.30 -11.68
CHC CLA AF . 59.33 -53.41 -12.83
CHD CLA AF . 61.77 -51.37 -16.40
NA CLA AF . 58.37 -48.42 -13.54
C1A CLA AF . 58.57 -47.27 -14.17
C2A CLA AF . 57.74 -46.15 -13.58
C3A CLA AF . 56.99 -46.86 -12.44
C4A CLA AF . 57.47 -48.28 -12.54
CMA CLA AF . 56.99 -46.24 -11.06
CAA CLA AF . 56.76 -45.61 -14.62
CBA CLA AF . 55.67 -44.76 -13.98
CGA CLA AF . 55.85 -43.30 -14.35
O1A CLA AF . 55.15 -42.83 -15.22
O2A CLA AF . 56.75 -42.58 -13.70
NB CLA AF . 58.35 -51.21 -12.49
C1B CLA AF . 57.43 -50.66 -11.64
C2B CLA AF . 56.96 -51.66 -10.73
C3B CLA AF . 57.60 -52.80 -11.06
C4B CLA AF . 58.48 -52.51 -12.18
CMB CLA AF . 55.95 -51.46 -9.63
CAB CLA AF . 57.49 -54.14 -10.44
CBB CLA AF . 58.01 -54.38 -9.05
NC CLA AF . 60.30 -52.12 -14.60
C1C CLA AF . 60.22 -53.24 -13.91
C2C CLA AF . 61.15 -54.30 -14.40
C3C CLA AF . 61.79 -53.70 -15.45
C4C CLA AF . 61.27 -52.35 -15.55
CMC CLA AF . 61.33 -55.69 -13.87
CAC CLA AF . 62.86 -54.32 -16.32
CBC CLA AF . 64.22 -53.98 -15.75
ND CLA AF . 60.43 -49.57 -15.49
C1D CLA AF . 61.34 -50.03 -16.40
C2D CLA AF . 61.80 -48.98 -17.29
C3D CLA AF . 61.08 -47.87 -16.86
C4D CLA AF . 60.27 -48.23 -15.79
CMD CLA AF . 62.77 -48.92 -18.44
CAD CLA AF . 60.90 -46.47 -17.13
OBD CLA AF . 61.69 -45.79 -17.76
CBD CLA AF . 59.96 -45.93 -16.08
CGD CLA AF . 60.77 -45.04 -15.19
O1D CLA AF . 61.41 -44.12 -15.65
O2D CLA AF . 60.79 -45.24 -13.88
CED CLA AF . 60.61 -44.08 -13.07
C1 CLA AF . 56.79 -42.59 -12.24
C2 CLA AF . 55.78 -41.83 -11.42
C3 CLA AF . 55.90 -41.80 -10.08
C4 CLA AF . 54.91 -41.07 -9.22
C5 CLA AF . 57.01 -42.53 -9.35
C6 CLA AF . 58.15 -41.56 -9.05
C7 CLA AF . 59.49 -42.26 -9.25
C1 BCR BF . 44.54 -43.14 4.77
C2 BCR BF . 44.67 -43.00 6.27
C3 BCR BF . 44.16 -41.64 6.69
C4 BCR BF . 45.10 -40.60 6.13
C5 BCR BF . 45.26 -40.75 4.64
C6 BCR BF . 45.11 -41.94 4.05
C7 BCR BF . 45.44 -42.09 2.62
C8 BCR BF . 46.67 -42.15 2.14
C9 BCR BF . 47.03 -42.30 0.74
C10 BCR BF . 48.34 -42.01 0.20
C11 BCR BF . 49.16 -42.39 -0.89
C33 BCR BF . 45.61 -39.51 3.86
C31 BCR BF . 43.06 -43.24 4.45
C32 BCR BF . 45.28 -44.37 4.30
C34 BCR BF . 45.97 -42.75 -0.21
C12 BCR BF . 49.82 -42.63 -1.86
C13 BCR BF . 51.03 -42.81 -2.59
C14 BCR BF . 51.66 -44.00 -2.50
C15 BCR BF . 52.87 -44.28 -3.19
C16 BCR BF . 54.20 -44.44 -3.24
C17 BCR BF . 54.83 -44.83 -4.30
C18 BCR BF . 56.12 -45.21 -4.39
C19 BCR BF . 56.69 -45.66 -5.66
C20 BCR BF . 57.49 -46.49 -6.31
C21 BCR BF . 58.17 -47.12 -7.40
C22 BCR BF . 59.41 -47.62 -7.39
C23 BCR BF . 59.95 -48.25 -8.61
C24 BCR BF . 61.28 -48.93 -8.75
C25 BCR BF . 61.68 -49.51 -10.04
C26 BCR BF . 61.48 -50.81 -10.24
C27 BCR BF . 62.24 -51.54 -11.32
C28 BCR BF . 62.44 -50.63 -12.51
C29 BCR BF . 63.15 -49.36 -12.08
C30 BCR BF . 62.29 -48.59 -11.10
C35 BCR BF . 51.56 -41.71 -3.44
C36 BCR BF . 56.98 -45.20 -3.16
C37 BCR BF . 60.24 -47.54 -6.15
C38 BCR BF . 60.53 -51.61 -9.40
C39 BCR BF . 61.16 -47.90 -11.86
C40 BCR BF . 63.18 -47.55 -10.44
O1 LAP CF . 59.87 -42.51 10.97
O2 LAP CF . 60.28 -41.73 8.97
C1 LAP CF . 59.45 -42.04 9.78
C2 LAP CF . 57.94 -41.98 9.68
C3 LAP CF . 57.36 -42.80 8.54
C4 LAP CF . 57.95 -42.46 7.19
C5 LAP CF . 56.87 -42.03 6.22
C6 LAP CF . 55.84 -41.13 6.90
C7 LAP CF . 54.82 -40.57 5.90
C8 LAP CF . 55.51 -39.92 4.69
C9 LAP CF . 54.83 -38.63 4.26
C10 LAP CF . 55.39 -38.11 2.94
C11 LAP CF . 54.32 -37.39 2.12
C12 LAP CF . 54.91 -36.39 1.12
C13 LAP CF . 60.57 -41.62 11.79
C14 LAP CF . 59.58 -41.00 12.81
C15 LAP CF . 59.44 -41.90 14.04
C16 LAP CF . 62.17 -39.62 17.53
C17 LAP CF . 60.95 -38.85 18.09
C18 LAP CF . 60.11 -37.66 20.09
C19 LAP CF . 61.92 -36.67 18.77
C20 LAP CF . 62.37 -38.69 20.13
O3 LAP CF . 58.33 -40.66 12.31
O4 LAP CF . 59.75 -41.16 15.16
O5 LAP CF . 62.22 -40.88 14.22
O6 LAP CF . 61.69 -40.63 16.75
O7 LAP CF . 60.66 -38.88 15.18
N8 LAP CF . 61.34 -37.98 19.27
P9 LAP CF . 61.22 -40.27 15.12
C1 ECH DF . -49.85 -56.85 19.34
C2 ECH DF . -50.74 -57.49 20.40
C3 ECH DF . -52.11 -57.77 19.81
C4 ECH DF . -52.79 -56.45 19.53
C5 ECH DF . -51.95 -55.59 18.69
C6 ECH DF . -50.61 -55.74 18.66
C7 ECH DF . -49.88 -55.02 17.61
C8 ECH DF . -49.45 -53.77 17.86
C9 ECH DF . -48.76 -53.00 16.86
C10 ECH DF . -48.61 -51.69 17.05
C11 ECH DF . -47.94 -50.88 16.07
C12 ECH DF . -47.85 -49.57 16.18
C13 ECH DF . -47.20 -48.80 15.16
C14 ECH DF . -47.58 -47.55 14.94
C15 ECH DF . -46.95 -46.77 13.90
C16 ECH DF . -47.43 -45.59 13.55
C17 ECH DF . -46.78 -44.87 12.50
C18 ECH DF . -47.09 -43.61 12.19
C19 ECH DF . -46.39 -42.98 11.10
C20 ECH DF . -46.95 -41.97 10.44
C21 ECH DF . -46.28 -41.33 9.34
C22 ECH DF . -46.78 -40.20 8.85
C23 ECH DF . -46.16 -39.56 7.75
C24 ECH DF . -45.67 -40.24 6.73
C25 ECH DF . -45.07 -39.48 5.67
C26 ECH DF . -45.77 -39.34 4.56
C27 ECH DF . -45.29 -39.95 3.34
O27 ECH DF . -46.03 -40.28 2.46
C28 ECH DF . -43.82 -40.13 3.28
C29 ECH DF . -43.03 -39.31 4.28
C30 ECH DF . -43.58 -39.36 5.72
C31 ECH DF . -49.47 -57.90 18.29
C32 ECH DF . -48.58 -56.30 19.98
C33 ECH DF . -52.63 -54.77 17.65
C34 ECH DF . -48.24 -53.74 15.67
C35 ECH DF . -46.12 -49.46 14.38
C36 ECH DF . -48.13 -42.83 12.91
C37 ECH DF . -47.98 -39.53 9.35
C38 ECH DF . -47.18 -38.88 4.54
C39 ECH DF . -43.25 -38.09 6.46
C40 ECH DF . -42.96 -40.52 6.49
C1 BCR EF . -39.31 -41.00 14.94
C2 BCR EF . -40.63 -41.17 15.68
C3 BCR EF . -40.77 -42.59 16.20
C4 BCR EF . -40.82 -43.52 15.01
C5 BCR EF . -39.73 -43.26 13.99
C6 BCR EF . -39.15 -42.05 13.87
C7 BCR EF . -38.41 -41.62 12.65
C8 BCR EF . -37.23 -41.99 12.16
C9 BCR EF . -36.35 -43.00 12.71
C10 BCR EF . -35.56 -43.85 11.83
C11 BCR EF . -34.30 -44.46 11.69
C33 BCR EF . -39.36 -44.42 13.10
C31 BCR EF . -38.17 -41.11 15.95
C32 BCR EF . -39.27 -39.64 14.28
C34 BCR EF . -36.16 -43.23 14.18
C12 BCR EF . -33.26 -45.06 11.52
C13 BCR EF . -31.88 -45.31 11.30
C14 BCR EF . -31.45 -46.49 11.79
C15 BCR EF . -30.14 -47.07 11.70
C16 BCR EF . -29.47 -48.24 11.69
C17 BCR EF . -28.17 -48.31 11.62
C18 BCR EF . -27.41 -49.36 11.99
C19 BCR EF . -25.95 -49.37 11.88
C20 BCR EF . -24.78 -49.98 11.85
C21 BCR EF . -23.37 -50.05 11.79
C22 BCR EF . -22.56 -50.93 12.40
C23 BCR EF . -21.11 -50.76 12.23
C24 BCR EF . -20.05 -51.65 12.77
C25 BCR EF . -18.67 -51.22 12.46
C26 BCR EF . -18.26 -51.21 11.21
C27 BCR EF . -17.46 -50.03 10.72
C28 BCR EF . -16.47 -49.55 11.78
C29 BCR EF . -16.36 -50.49 12.98
C30 BCR EF . -17.73 -50.74 13.58
C35 BCR EF . -31.02 -44.36 10.53
C36 BCR EF . -28.08 -50.55 12.59
C37 BCR EF . -23.11 -52.02 13.27
C38 BCR EF . -18.57 -52.31 10.24
C39 BCR EF . -18.32 -49.46 14.18
C40 BCR EF . -17.55 -51.80 14.65
C1 BCR FF . -11.64 -61.65 0.06
C2 BCR FF . -12.15 -62.66 -0.95
C3 BCR FF . -12.99 -63.71 -0.25
C4 BCR FF . -12.10 -64.50 0.69
C5 BCR FF . -11.29 -63.60 1.58
C6 BCR FF . -11.00 -62.35 1.24
C7 BCR FF . -10.01 -61.61 2.03
C8 BCR FF . -10.45 -60.76 2.93
C9 BCR FF . -9.64 -59.94 3.80
C10 BCR FF . -10.27 -59.05 4.73
C11 BCR FF . -11.43 -58.81 5.52
C33 BCR FF . -10.79 -64.17 2.87
C31 BCR FF . -12.79 -60.78 0.54
C32 BCR FF . -10.58 -60.77 -0.58
C34 BCR FF . -8.16 -60.01 3.75
C12 BCR FF . -12.36 -58.54 6.22
C13 BCR FF . -13.67 -58.44 6.75
C14 BCR FF . -13.73 -57.98 8.02
C15 BCR FF . -14.90 -57.76 8.80
C16 BCR FF . -15.62 -56.93 9.57
C17 BCR FF . -16.73 -57.26 10.14
C18 BCR FF . -17.23 -56.77 11.29
C19 BCR FF . -18.50 -57.22 11.87
C20 BCR FF . -19.51 -56.99 12.71
C21 BCR FF . -20.73 -57.17 13.43
C22 BCR FF . -21.06 -56.60 14.61
C23 BCR FF . -22.39 -56.91 15.17
C24 BCR FF . -23.69 -56.33 14.70
C25 BCR FF . -25.00 -56.68 15.28
C26 BCR FF . -25.46 -57.91 15.20
C27 BCR FF . -26.49 -58.40 16.20
C28 BCR FF . -27.58 -57.37 16.44
C29 BCR FF . -27.31 -55.99 15.87
C30 BCR FF . -25.84 -55.58 15.92
C35 BCR FF . -14.89 -58.79 5.94
C36 BCR FF . -16.45 -55.70 11.99
C37 BCR FF . -20.11 -55.70 15.31
C38 BCR FF . -25.02 -58.87 14.14
C39 BCR FF . -25.38 -55.34 17.35
C40 BCR FF . -25.70 -54.31 15.10
C1 BCR GF . -33.92 -44.13 0.96
C2 BCR GF . -34.76 -43.13 0.18
C3 BCR GF . -35.37 -43.72 -1.08
C4 BCR GF . -34.30 -44.33 -1.97
C5 BCR GF . -33.41 -45.26 -1.19
C6 BCR GF . -33.03 -44.93 0.05
C7 BCR GF . -31.70 -45.33 0.55
C8 BCR GF . -31.47 -46.48 1.18
C9 BCR GF . -30.20 -46.94 1.69
C10 BCR GF . -29.98 -48.31 2.06
C11 BCR GF . -29.48 -49.57 1.67
C33 BCR GF . -32.98 -46.55 -1.81
C31 BCR GF . -34.81 -45.08 1.75
C32 BCR GF . -33.02 -43.36 1.90
C34 BCR GF . -29.10 -45.95 1.89
C12 BCR GF . -29.15 -50.69 1.42
C13 BCR GF . -28.23 -51.76 1.22
C14 BCR GF . -28.70 -53.01 0.94
C15 BCR GF . -27.89 -54.18 0.76
C16 BCR GF . -27.54 -55.24 -0.02
C17 BCR GF . -26.66 -56.13 0.32
C18 BCR GF . -25.91 -56.89 -0.50
C19 BCR GF . -24.98 -57.91 0.04
C20 BCR GF . -23.99 -58.79 -0.08
C21 BCR GF . -23.07 -59.80 0.33
C22 BCR GF . -22.70 -60.88 -0.36
C23 BCR GF . -21.76 -61.89 0.17
C24 BCR GF . -21.88 -63.37 0.00
C25 BCR GF . -20.94 -64.38 0.55
C26 BCR GF . -20.26 -65.13 -0.29
C27 BCR GF . -19.90 -66.53 0.13
C28 BCR GF . -19.29 -66.48 1.51
C29 BCR GF . -20.28 -65.91 2.51
C30 BCR GF . -20.80 -64.55 2.08
C35 BCR GF . -26.78 -51.47 1.36
C36 BCR GF . -26.01 -56.71 -1.97
C37 BCR GF . -23.27 -61.08 -1.74
C38 BCR GF . -19.87 -64.65 -1.66
C39 BCR GF . -19.97 -63.43 2.68
C40 BCR GF . -22.21 -64.53 2.62
MG CLA HF . -12.17 -78.14 2.55
CHA CLA HF . -14.54 -80.28 3.85
CHB CLA HF . -12.80 -75.84 5.05
CHC CLA HF . -9.80 -76.24 1.29
CHD CLA HF . -11.53 -80.51 0.00
NA CLA HF . -13.52 -78.05 4.30
C1A CLA HF . -14.39 -78.99 4.64
C2A CLA HF . -15.15 -78.62 5.88
C3A CLA HF . -14.60 -77.22 6.22
C4A CLA HF . -13.58 -77.00 5.14
CMA CLA HF . -15.57 -76.11 6.59
CAA CLA HF . -14.69 -79.56 6.98
CBA CLA HF . -13.26 -79.24 7.43
CGA CLA HF . -12.50 -80.45 7.91
O1A CLA HF . -13.06 -81.21 8.67
O2A CLA HF . -11.24 -80.64 7.51
NB CLA HF . -11.40 -76.33 3.09
C1B CLA HF . -11.81 -75.51 4.11
C2B CLA HF . -11.03 -74.30 4.10
C3B CLA HF . -10.19 -74.41 3.03
C4B CLA HF . -10.44 -75.71 2.41
CMB CLA HF . -11.15 -73.15 5.06
CAB CLA HF . -9.18 -73.44 2.57
CBB CLA HF . -8.00 -73.11 3.46
NC CLA HF . -10.86 -78.36 0.94
C1C CLA HF . -9.96 -77.45 0.60
C2C CLA HF . -9.14 -77.86 -0.56
C3C CLA HF . -9.63 -79.10 -0.90
C4C CLA HF . -10.70 -79.39 0.03
CMC CLA HF . -8.02 -77.07 -1.18
CAC CLA HF . -9.17 -80.01 -2.02
CBC CLA HF . -8.29 -81.11 -1.45
ND CLA HF . -12.79 -79.93 1.97
C1D CLA HF . -12.51 -80.80 0.97
C2D CLA HF . -13.32 -82.00 1.04
C3D CLA HF . -14.10 -81.79 2.16
C4D CLA HF . -13.78 -80.55 2.72
CMD CLA HF . -13.42 -83.26 0.20
CAD CLA HF . -15.13 -82.40 2.96
OBD CLA HF . -15.51 -83.55 2.86
CBD CLA HF . -15.47 -81.46 4.08
CGD CLA HF . -16.90 -81.07 3.88
O1D CLA HF . -17.56 -81.63 3.03
O2D CLA HF . -17.46 -80.12 4.61
CED CLA HF . -18.26 -80.58 5.69
C1 CLA HF . -10.68 -80.02 6.32
C2 CLA HF . -10.72 -80.71 4.97
C3 CLA HF . -9.61 -80.76 4.21
C4 CLA HF . -9.62 -81.44 2.87
C5 CLA HF . -8.30 -80.16 4.64
MG CLA IF . -14.17 -65.98 3.02
CHA CLA IF . -13.65 -69.12 1.69
CHB CLA IF . -11.98 -66.63 5.59
CHC CLA IF . -14.73 -62.92 4.17
CHD CLA IF . -16.38 -65.31 0.36
NA CLA IF . -12.92 -67.68 3.60
C1A CLA IF . -12.84 -68.84 2.93
C2A CLA IF . -11.86 -69.77 3.54
C3A CLA IF . -11.37 -68.99 4.77
C4A CLA IF . -12.12 -67.70 4.67
CMA CLA IF . -11.28 -69.70 6.12
CAA CLA IF . -10.68 -69.85 2.57
CBA CLA IF . -10.14 -68.45 2.27
CGA CLA IF . -9.12 -68.39 1.16
O1A CLA IF . -8.19 -69.18 1.18
O2A CLA IF . -9.25 -67.48 0.22
NB CLA IF . -13.46 -64.94 4.63
C1B CLA IF . -12.60 -65.37 5.59
C2B CLA IF . -12.40 -64.33 6.57
C3B CLA IF . -13.18 -63.29 6.15
C4B CLA IF . -13.84 -63.70 4.92
CMB CLA IF . -11.52 -64.40 7.78
CAB CLA IF . -13.38 -61.96 6.78
CBB CLA IF . -13.60 -61.81 8.26
NC CLA IF . -15.32 -64.35 2.34
C1C CLA IF . -15.43 -63.19 2.97
C2C CLA IF . -16.31 -62.24 2.27
C3C CLA IF . -16.74 -62.92 1.17
C4C CLA IF . -16.12 -64.24 1.24
CMC CLA IF . -16.64 -60.83 2.67
CAC CLA IF . -17.67 -62.42 0.11
CBC CLA IF . -16.91 -62.32 -1.20
ND CLA IF . -14.90 -66.88 1.43
C1D CLA IF . -15.75 -66.56 0.42
C2D CLA IF . -15.91 -67.64 -0.53
C3D CLA IF . -15.09 -68.63 -0.02
C4D CLA IF . -14.48 -68.17 1.14
CMD CLA IF . -16.73 -67.77 -1.78
CAD CLA IF . -14.63 -69.97 -0.28
OBD CLA IF . -14.64 -70.51 -1.37
CBD CLA IF . -13.74 -70.37 0.86
CGD CLA IF . -14.46 -71.45 1.63
O1D CLA IF . -15.63 -71.66 1.42
O2D CLA IF . -13.83 -72.17 2.53
CED CLA IF . -14.23 -73.55 2.59
C1 CLA IF . -8.09 -66.87 -0.45
C2 CLA IF . -7.64 -65.45 -0.22
C3 CLA IF . -7.44 -64.63 -1.27
C4 CLA IF . -7.68 -65.11 -2.67
C5 CLA IF . -7.00 -63.18 -1.16
C6 CLA IF . -5.57 -63.08 -0.64
C7 CLA IF . -4.58 -62.68 -1.73
C8 CLA IF . -3.17 -63.17 -1.38
C9 CLA IF . -2.84 -62.81 0.06
C10 CLA IF . -2.13 -62.60 -2.35
C11 CLA IF . -0.83 -62.25 -1.65
C12 CLA IF . 0.22 -63.35 -1.77
C13 CLA IF . 1.62 -62.78 -1.61
C14 CLA IF . 2.68 -63.82 -1.97
C15 CLA IF . 1.81 -62.27 -0.19
MG CLA JF . -10.36 -67.80 15.71
CHA CLA JF . -10.50 -70.83 17.33
CHB CLA JF . -10.78 -66.13 18.70
CHC CLA JF . -10.06 -64.97 14.06
CHD CLA JF . -9.88 -69.53 12.66
NA CLA JF . -10.61 -68.40 17.82
C1A CLA JF . -10.66 -69.65 18.26
C2A CLA JF . -10.92 -69.72 19.74
C3A CLA JF . -11.02 -68.24 20.13
C4A CLA JF . -10.79 -67.53 18.83
CMA CLA JF . -12.19 -67.84 21.01
CAA CLA JF . -9.75 -70.34 20.48
CBA CLA JF . -8.44 -69.72 20.06
CGA CLA JF . -7.34 -70.29 20.94
O1A CLA JF . -7.35 -70.02 22.13
O2A CLA JF . -6.43 -71.06 20.38
NB CLA JF . -10.41 -65.86 16.29
C1B CLA JF . -10.60 -65.35 17.54
C2B CLA JF . -10.60 -63.91 17.49
C3B CLA JF . -10.39 -63.59 16.18
C4B CLA JF . -10.28 -64.84 15.44
CMB CLA JF . -10.78 -63.01 18.68
CAB CLA JF . -10.29 -62.28 15.51
CBB CLA JF . -10.72 -60.97 16.14
NC CLA JF . -9.99 -67.33 13.69
C1C CLA JF . -9.93 -66.10 13.23
C2C CLA JF . -9.68 -66.03 11.78
C3C CLA JF . -9.61 -67.36 11.39
C4C CLA JF . -9.82 -68.14 12.60
CMC CLA JF . -9.54 -64.73 11.02
CAC CLA JF . -9.37 -68.03 10.05
CBC CLA JF . -9.33 -67.16 8.81
ND CLA JF . -10.21 -69.66 15.06
C1D CLA JF . -10.02 -70.27 13.86
C2D CLA JF . -10.04 -71.72 13.97
C3D CLA JF . -10.23 -71.93 15.33
C4D CLA JF . -10.33 -70.69 15.97
CMD CLA JF . -9.90 -72.86 13.00
CAD CLA JF . -10.35 -72.96 16.33
OBD CLA JF . -10.51 -74.14 16.10
CBD CLA JF . -10.50 -72.31 17.67
CGD CLA JF . -11.81 -72.71 18.28
O1D CLA JF . -11.86 -73.62 19.09
O2D CLA JF . -12.93 -72.09 17.96
CED CLA JF . -13.84 -71.86 19.02
C1 BCR KF . -23.98 -80.43 12.27
C2 BCR KF . -25.42 -80.21 12.71
C3 BCR KF . -25.56 -78.85 13.37
C4 BCR KF . -24.78 -78.89 14.66
C5 BCR KF . -23.45 -79.57 14.53
C6 BCR KF . -23.01 -80.04 13.37
C7 BCR KF . -21.57 -80.23 13.16
C8 BCR KF . -20.80 -79.18 12.87
C9 BCR KF . -19.36 -79.21 12.64
C10 BCR KF . -18.69 -77.98 12.29
C11 BCR KF . -17.54 -77.37 11.71
C33 BCR KF . -22.61 -79.74 15.76
C31 BCR KF . -23.71 -79.57 11.04
C32 BCR KF . -23.76 -81.90 11.93
C34 BCR KF . -18.59 -80.49 12.76
C12 BCR KF . -16.62 -76.76 11.22
C13 BCR KF . -15.30 -76.49 10.76
C14 BCR KF . -14.97 -75.18 10.61
C15 BCR KF . -13.70 -74.69 10.16
C16 BCR KF . -12.86 -73.65 10.03
C17 BCR KF . -11.68 -73.74 9.48
C18 BCR KF . -10.85 -72.72 9.19
C19 BCR KF . -9.53 -72.96 8.54
C20 BCR KF . -8.29 -72.56 8.30
C21 BCR KF . -6.96 -72.57 7.78
C22 BCR KF . -6.23 -71.52 7.34
C23 BCR KF . -4.86 -71.72 6.82
C24 BCR KF . -3.94 -70.66 6.31
C25 BCR KF . -2.60 -71.00 5.81
C26 BCR KF . -1.51 -70.77 6.54
C27 BCR KF . -0.29 -71.66 6.38
C28 BCR KF . 0.02 -71.92 4.90
C29 BCR KF . -1.03 -71.40 3.93
C30 BCR KF . -2.45 -71.62 4.42
C35 BCR KF . -14.33 -77.58 10.45
C36 BCR KF . -11.25 -71.33 9.55
C37 BCR KF . -6.81 -70.14 7.37
C38 BCR KF . -1.41 -69.65 7.55
C39 BCR KF . -2.77 -73.11 4.43
C40 BCR KF . -3.40 -70.89 3.47
C1B LMT LF . -63.36 11.43 -7.52
C2B LMT LF . -62.10 12.19 -7.98
C3B LMT LF . -62.04 12.26 -9.51
C4B LMT LF . -62.96 11.17 -10.13
C5B LMT LF . -64.39 11.46 -9.65
C6B LMT LF . -65.29 10.25 -9.91
O1B LMT LF . -63.59 11.66 -6.18
O2B LMT LF . -62.19 13.45 -7.43
O3B LMT LF . -60.76 12.21 -10.00
O4' LMT LF . -62.91 11.22 -11.50
O5B LMT LF . -64.46 11.82 -8.29
O6B LMT LF . -66.31 10.21 -9.00
C1' LMT LF . -63.11 10.18 -2.48
C2' LMT LF . -62.17 9.51 -3.48
C3' LMT LF . -62.18 10.33 -4.79
C4' LMT LF . -63.62 10.56 -5.30
C5' LMT LF . -64.49 10.99 -4.11
C6' LMT LF . -65.93 11.23 -4.44
O1' LMT LF . -63.11 9.51 -1.30
O2' LMT LF . -60.91 9.54 -2.96
O3' LMT LF . -61.42 9.71 -5.74
O5' LMT LF . -64.40 10.09 -3.03
O6' LMT LF . -66.59 11.12 -3.25
C1 LMT LF . -63.02 10.33 -0.15
C2 LMT LF . -61.77 9.87 0.55
C3 LMT LF . -61.58 10.34 1.95
C4 LMT LF . -61.42 11.84 1.94
C5 LMT LF . -61.63 12.39 3.31
C6 LMT LF . -60.47 13.20 3.78
C7 LMT LF . -60.75 13.76 5.14
C8 LMT LF . -59.68 14.73 5.49
C9 LMT LF . -60.08 15.79 6.47
C10 LMT LF . -59.39 15.51 7.77
C11 LMT LF . -59.74 16.52 8.82
C12 LMT LF . -58.89 16.37 10.04
C1 LUT MF . -50.24 37.61 12.34
C2 LUT MF . -49.53 37.35 13.66
C3 LUT MF . -48.35 36.40 13.56
C4 LUT MF . -48.84 35.10 12.95
C5 LUT MF . -49.33 35.42 11.56
C6 LUT MF . -49.98 36.55 11.30
C7 LUT MF . -50.47 36.80 9.93
C8 LUT MF . -51.67 36.38 9.55
C9 LUT MF . -52.18 36.61 8.20
C10 LUT MF . -53.39 36.10 7.90
C11 LUT MF . -54.02 36.25 6.60
C12 LUT MF . -55.27 35.83 6.52
C13 LUT MF . -56.07 35.92 5.29
C14 LUT MF . -57.37 35.66 5.38
C15 LUT MF . -58.26 35.72 4.23
C16 LUT MF . -49.77 38.93 11.76
C17 LUT MF . -51.72 37.71 12.63
C18 LUT MF . -49.04 34.44 10.47
C19 LUT MF . -51.38 37.36 7.19
C20 LUT MF . -55.44 36.26 3.98
O3 LUT MF . -47.86 36.14 14.88
C21 LUT MF . -69.51 36.23 -1.54
C22 LUT MF . -70.06 36.50 -2.92
C23 LUT MF . -70.63 35.23 -3.51
C24 LUT MF . -69.47 34.28 -3.77
C25 LUT MF . -68.76 34.02 -2.46
C26 LUT MF . -68.63 34.98 -1.53
C27 LUT MF . -67.95 34.62 -0.26
C28 LUT MF . -66.69 34.97 -0.07
C29 LUT MF . -65.97 34.67 1.19
C30 LUT MF . -64.86 35.37 1.43
C31 LUT MF . -64.04 35.20 2.61
C32 LUT MF . -62.73 35.43 2.46
C33 LUT MF . -61.81 35.32 3.59
C34 LUT MF . -60.52 35.65 3.39
C35 LUT MF . -59.55 35.58 4.48
C36 LUT MF . -70.66 35.98 -0.57
C37 LUT MF . -68.72 37.45 -1.07
C38 LUT MF . -68.18 32.66 -2.21
C39 LUT MF . -66.47 33.62 2.14
C40 LUT MF . -62.30 34.85 4.93
O23 LUT MF . -71.31 35.50 -4.74
C1 LUT NF . -59.11 24.51 13.94
C2 LUT NF . -58.94 25.06 15.35
C3 LUT NF . -59.73 26.33 15.61
C4 LUT NF . -59.29 27.36 14.60
C5 LUT NF . -59.62 26.84 13.23
C6 LUT NF . -59.34 25.58 12.90
C7 LUT NF . -59.26 25.18 11.48
C8 LUT NF . -58.23 25.54 10.74
C9 LUT NF . -58.12 25.16 9.33
C10 LUT NF . -56.97 25.42 8.71
C11 LUT NF . -56.68 25.09 7.33
C12 LUT NF . -55.38 25.12 7.07
C13 LUT NF . -54.76 24.81 5.78
C14 LUT NF . -53.44 24.92 5.70
C15 LUT NF . -52.69 24.62 4.49
C16 LUT NF . -60.32 23.60 13.89
C17 LUT NF . -57.86 23.73 13.59
C18 LUT NF . -60.28 27.75 12.25
C19 LUT NF . -59.26 24.49 8.62
C20 LUT NF . -55.59 24.36 4.60
O3 LUT NF . -59.39 26.81 16.92
C21 LUT NF . -42.66 23.24 -3.27
C22 LUT NF . -42.31 22.63 -4.63
C23 LUT NF . -42.89 23.41 -5.79
C24 LUT NF . -44.39 23.37 -5.67
C25 LUT NF . -44.79 24.00 -4.37
C26 LUT NF . -44.05 23.84 -3.25
C27 LUT NF . -44.46 24.66 -2.09
C28 LUT NF . -45.21 24.07 -1.16
C29 LUT NF . -45.70 24.76 0.03
C30 LUT NF . -46.70 24.18 0.70
C31 LUT NF . -47.30 24.71 1.90
C32 LUT NF . -48.60 24.52 2.02
C33 LUT NF . -49.35 24.97 3.20
C34 LUT NF . -50.54 24.41 3.41
C35 LUT NF . -51.37 24.72 4.56
C36 LUT NF . -41.65 24.32 -2.94
C37 LUT NF . -42.57 22.15 -2.22
C38 LUT NF . -46.05 24.82 -4.34
C39 LUT NF . -45.10 26.05 0.50
C40 LUT NF . -48.78 25.99 4.13
O23 LUT NF . -42.53 22.80 -7.03
C1 LUT OF . -67.98 28.59 10.11
C2 LUT OF . -68.13 29.63 11.20
C3 LUT OF . -67.55 29.23 12.54
C4 LUT OF . -68.18 27.93 12.99
C5 LUT OF . -68.05 26.88 11.92
C6 LUT OF . -68.13 27.17 10.63
C7 LUT OF . -68.33 26.08 9.67
C8 LUT OF . -69.54 25.61 9.33
C9 LUT OF . -69.65 24.50 8.38
C10 LUT OF . -70.87 24.01 8.10
C11 LUT OF . -71.07 22.90 7.18
C12 LUT OF . -72.31 22.41 7.05
C13 LUT OF . -72.58 21.27 6.16
C14 LUT OF . -73.85 20.84 6.03
C15 LUT OF . -74.17 19.71 5.17
C16 LUT OF . -66.61 28.70 9.48
C17 LUT OF . -69.03 28.87 9.05
C18 LUT OF . -67.82 25.46 12.35
C19 LUT OF . -68.43 23.91 7.74
C20 LUT OF . -71.47 20.58 5.44
O3 LUT OF . -67.87 30.24 13.49
C21 LUT OF . -80.61 12.24 -1.80
C22 LUT OF . -81.23 10.90 -2.20
C23 LUT OF . -82.66 11.11 -2.69
C24 LUT OF . -83.49 11.59 -1.52
C25 LUT OF . -82.88 12.87 -0.98
C26 LUT OF . -81.55 13.01 -0.88
C27 LUT OF . -81.06 14.19 -0.11
C28 LUT OF . -80.30 15.17 -0.60
C29 LUT OF . -79.91 16.28 0.29
C30 LUT OF . -78.71 16.25 0.88
C31 LUT OF . -78.30 17.33 1.76
C32 LUT OF . -77.49 17.09 2.80
C33 LUT OF . -77.09 18.20 3.67
C34 LUT OF . -75.83 18.31 4.09
C35 LUT OF . -75.45 19.42 4.95
C36 LUT OF . -80.35 13.01 -3.08
C37 LUT OF . -79.30 11.97 -1.08
C38 LUT OF . -83.78 13.98 -0.57
C39 LUT OF . -80.84 17.43 0.53
C40 LUT OF . -78.11 19.23 4.07
O23 LUT OF . -83.20 9.89 -3.22
MG CLA PF . -64.44 32.40 -3.34
CHA CLA PF . -66.39 31.50 -6.04
CHB CLA PF . -63.09 35.01 -5.17
CHC CLA PF . -62.77 33.30 -0.66
CHD CLA PF . -65.80 29.69 -1.54
NA CLA PF . -64.71 33.19 -5.38
C1A CLA PF . -65.50 32.68 -6.31
C2A CLA PF . -65.39 33.41 -7.61
C3A CLA PF . -64.31 34.45 -7.32
C4A CLA PF . -64.02 34.24 -5.87
CMA CLA PF . -63.15 34.41 -8.27
CAA CLA PF . -66.67 34.21 -7.86
CBA CLA PF . -67.40 34.61 -6.58
CGA CLA PF . -66.88 35.90 -5.98
O1A CLA PF . -66.31 36.70 -6.72
O2A CLA PF . -67.04 36.16 -4.71
NB CLA PF . -63.15 33.93 -2.97
C1B CLA PF . -62.70 34.89 -3.82
C2B CLA PF . -61.75 35.74 -3.16
C3B CLA PF . -61.65 35.25 -1.89
C4B CLA PF . -62.55 34.10 -1.79
CMB CLA PF . -61.03 36.90 -3.81
CAB CLA PF . -60.83 35.73 -0.75
CBB CLA PF . -60.13 37.07 -0.68
NC CLA PF . -64.36 31.66 -1.38
C1C CLA PF . -63.55 32.15 -0.46
C2C CLA PF . -63.60 31.35 0.79
C3C CLA PF . -64.49 30.35 0.52
C4C CLA PF . -64.96 30.54 -0.83
CMC CLA PF . -62.83 31.59 2.05
CAC CLA PF . -64.91 29.24 1.45
CBC CLA PF . -66.21 29.64 2.10
ND CLA PF . -65.76 30.95 -3.59
C1D CLA PF . -66.21 29.90 -2.87
C2D CLA PF . -67.12 29.06 -3.64
C3D CLA PF . -67.17 29.70 -4.87
C4D CLA PF . -66.36 30.81 -4.83
CMD CLA PF . -67.88 27.80 -3.35
CAD CLA PF . -67.77 29.60 -6.18
OBD CLA PF . -68.21 28.58 -6.68
CBD CLA PF . -67.42 30.85 -6.93
CGD CLA PF . -66.82 30.52 -8.26
O1D CLA PF . -65.89 29.75 -8.35
O2D CLA PF . -67.28 31.12 -9.35
CED CLA PF . -67.37 30.30 -10.52
C1 CLA PF . -66.37 37.32 -4.10
C2 CLA PF . -65.58 37.23 -2.81
C3 CLA PF . -65.46 38.31 -2.02
C4 CLA PF . -66.08 39.61 -2.39
C5 CLA PF . -64.70 38.30 -0.71
C6 CLA PF . -65.65 38.78 0.40
C7 CLA PF . -64.93 39.12 1.69
C8 CLA PF . -65.55 38.42 2.89
C9 CLA PF . -67.07 38.39 2.81
C10 CLA PF . -65.09 39.10 4.18
C11 CLA PF . -65.09 38.11 5.34
C12 CLA PF . -64.81 38.78 6.67
C13 CLA PF . -64.25 37.80 7.70
C14 CLA PF . -65.00 36.47 7.66
C15 CLA PF . -64.32 38.40 9.10
MG CLA QF . -57.28 40.76 1.71
CHA CLA QF . -57.84 41.94 -1.49
CHB CLA QF . -60.58 39.94 2.04
CHC CLA QF . -56.59 39.70 4.71
CHD CLA QF . -53.85 41.66 1.32
NA CLA QF . -59.05 40.91 0.40
C1A CLA QF . -59.09 41.40 -0.83
C2A CLA QF . -60.47 41.36 -1.41
C3A CLA QF . -61.29 40.74 -0.28
C4A CLA QF . -60.27 40.50 0.79
CMA CLA QF . -62.61 41.36 0.18
CAA CLA QF . -60.47 40.49 -2.67
CBA CLA QF . -61.21 41.17 -3.83
CGA CLA QF . -62.47 41.84 -3.39
O1A CLA QF . -63.29 41.21 -2.74
O2A CLA QF . -62.67 43.11 -3.70
NB CLA QF . -58.43 39.93 3.16
C1B CLA QF . -59.75 39.66 3.13
C2B CLA QF . -60.16 39.08 4.38
C3B CLA QF . -59.03 39.01 5.15
C4B CLA QF . -57.92 39.57 4.35
CMB CLA QF . -61.53 38.64 4.77
CAB CLA QF . -58.97 38.47 6.53
CBB CLA QF . -57.82 38.64 7.48
NC CLA QF . -55.50 40.69 2.81
C1C CLA QF . -55.46 40.21 4.04
C2C CLA QF . -54.11 40.28 4.64
C3C CLA QF . -53.34 40.84 3.67
C4C CLA QF . -54.22 41.10 2.53
CMC CLA QF . -53.71 39.82 6.01
CAC CLA QF . -51.87 41.15 3.73
CBC CLA QF . -51.69 42.61 4.10
ND CLA QF . -56.08 41.54 0.35
C1D CLA QF . -54.75 41.89 0.27
C2D CLA QF . -54.43 42.53 -1.00
C3D CLA QF . -55.64 42.54 -1.66
C4D CLA QF . -56.61 41.95 -0.86
CMD CLA QF . -53.18 43.10 -1.59
CAD CLA QF . -56.24 42.94 -2.90
OBD CLA QF . -55.64 43.35 -3.88
CBD CLA QF . -57.67 42.51 -2.87
CGD CLA QF . -58.55 43.71 -3.01
O1D CLA QF . -58.50 44.62 -2.20
O2D CLA QF . -59.39 43.80 -4.02
CED CLA QF . -59.13 44.82 -4.97
MG CLA RF . -44.08 33.46 11.68
CHA CLA RF . -42.61 34.28 14.68
CHB CLA RF . -45.22 36.68 11.32
CHC CLA RF . -45.35 32.60 8.77
CHD CLA RF . -42.86 30.16 12.06
NA CLA RF . -43.94 35.31 12.86
C1A CLA RF . -43.31 35.43 14.03
C2A CLA RF . -43.39 36.82 14.56
C3A CLA RF . -44.22 37.55 13.50
C4A CLA RF . -44.48 36.49 12.49
CMA CLA RF . -45.37 38.41 13.96
CAA CLA RF . -41.98 37.38 14.48
CBA CLA RF . -41.33 37.11 13.13
CGA CLA RF . -40.29 36.01 13.24
O1A CLA RF . -39.21 36.27 13.74
O2A CLA RF . -40.56 34.80 12.81
NB CLA RF . -45.11 34.49 10.25
C1B CLA RF . -45.53 35.78 10.30
C2B CLA RF . -46.30 36.08 9.13
C3B CLA RF . -46.33 34.94 8.40
C4B CLA RF . -45.57 33.92 9.13
CMB CLA RF . -46.94 37.40 8.77
CAB CLA RF . -47.03 34.76 7.12
CBB CLA RF . -46.36 34.14 5.93
NC CLA RF . -44.06 31.68 10.57
C1C CLA RF . -44.65 31.55 9.39
C2C CLA RF . -44.50 30.19 8.84
C3C CLA RF . -43.77 29.53 9.77
C4C CLA RF . -43.50 30.46 10.85
CMC CLA RF . -45.03 29.68 7.53
CAC CLA RF . -43.32 28.10 9.68
CBC CLA RF . -41.91 28.09 9.11
ND CLA RF . -43.01 32.40 12.97
C1D CLA RF . -42.58 31.11 13.07
C2D CLA RF . -41.84 30.88 14.31
C3D CLA RF . -41.85 32.13 14.92
C4D CLA RF . -42.56 33.01 14.12
CMD CLA RF . -41.16 29.69 14.91
CAD CLA RF . -41.41 32.82 16.12
OBD CLA RF . -40.67 32.38 16.97
CBD CLA RF . -41.80 34.25 15.97
CGD CLA RF . -42.64 34.74 17.11
O1D CLA RF . -43.58 34.08 17.53
O2D CLA RF . -42.36 35.91 17.67
CED CLA RF . -41.99 35.87 19.04
C1 CLA RF . -40.08 34.31 11.53
C2 CLA RF . -41.01 33.78 10.47
C3 CLA RF . -40.54 32.96 9.52
C4 CLA RF . -39.09 32.56 9.50
C5 CLA RF . -41.41 32.39 8.45
C6 CLA RF . -40.58 31.99 7.24
C7 CLA RF . -40.78 32.93 6.07
C8 CLA RF . -42.17 33.58 6.09
C9 CLA RF . -43.16 32.74 5.29
C10 CLA RF . -42.07 35.00 5.58
C11 CLA RF . -43.33 35.43 4.86
C12 CLA RF . -43.72 36.84 5.26
C13 CLA RF . -44.83 37.41 4.38
C14 CLA RF . -44.76 36.85 2.96
C15 CLA RF . -44.72 38.93 4.36
C16 CLA RF . -46.08 39.58 4.17
C17 CLA RF . -46.55 40.29 5.43
C18 CLA RF . -48.00 40.72 5.30
C19 CLA RF . -48.93 39.53 5.45
C20 CLA RF . -48.33 41.80 6.31
MG CLA SF . -48.88 26.60 -4.89
CHA CLA SF . -48.03 27.32 -8.15
CHB CLA SF . -50.52 23.76 -5.92
CHC CLA SF . -49.50 25.93 -1.77
CHD CLA SF . -47.16 29.52 -3.89
NA CLA SF . -49.24 25.61 -6.82
C1A CLA SF . -48.83 26.06 -8.00
C2A CLA SF . -49.26 25.16 -9.11
C3A CLA SF . -50.07 24.09 -8.40
C4A CLA SF . -49.95 24.48 -6.96
CMA CLA SF . -51.43 23.81 -8.95
CAA CLA SF . -47.96 24.52 -9.66
CBA CLA SF . -47.95 23.00 -9.62
CGA CLA SF . -47.24 22.46 -8.40
O1A CLA SF . -46.10 22.79 -8.19
O2A CLA SF . -47.90 21.61 -7.63
NB CLA SF . -49.86 25.07 -3.99
C1B CLA SF . -50.48 24.01 -4.54
C2B CLA SF . -51.10 23.20 -3.53
C3B CLA SF . -50.81 23.80 -2.35
C4B CLA SF . -50.02 25.00 -2.66
CMB CLA SF . -51.89 21.93 -3.75
CAB CLA SF . -51.21 23.38 -0.99
CBB CLA SF . -50.88 22.00 -0.52
NC CLA SF . -48.40 27.58 -3.09
C1C CLA SF . -48.74 27.11 -1.90
C2C CLA SF . -48.24 27.99 -0.80
C3C CLA SF . -47.59 29.00 -1.44
C4C CLA SF . -47.67 28.72 -2.87
CMC CLA SF . -48.35 27.84 0.69
CAC CLA SF . -46.87 30.18 -0.85
CBC CLA SF . -47.78 31.08 -0.06
ND CLA SF . -47.82 28.07 -5.70
C1D CLA SF . -47.21 29.19 -5.26
C2D CLA SF . -46.65 29.96 -6.35
C3D CLA SF . -46.98 29.23 -7.48
C4D CLA SF . -47.68 28.10 -7.06
CMD CLA SF . -45.90 31.26 -6.40
CAD CLA SF . -46.86 29.20 -8.91
OBD CLA SF . -46.20 29.96 -9.60
CBD CLA SF . -47.52 27.96 -9.42
CGD CLA SF . -48.65 28.32 -10.32
O1D CLA SF . -48.55 28.18 -11.51
O2D CLA SF . -49.78 28.80 -9.83
CED CLA SF . -50.97 28.37 -10.47
C1 CLA SF . -47.85 21.66 -6.17
C2 CLA SF . -47.01 20.73 -5.34
C3 CLA SF . -47.34 20.45 -4.08
C4 CLA SF . -48.54 21.06 -3.42
C5 CLA SF . -46.55 19.53 -3.18
C6 CLA SF . -46.22 20.29 -1.90
C7 CLA SF . -46.58 19.48 -0.66
C8 CLA SF . -45.35 18.84 -0.06
C9 CLA SF . -45.46 17.32 -0.05
C10 CLA SF . -45.16 19.36 1.37
C11 CLA SF . -44.19 20.55 1.40
C12 CLA SF . -44.73 21.64 2.30
C13 CLA SF . -43.61 22.34 3.07
C14 CLA SF . -42.51 22.81 2.12
C15 CLA SF . -43.06 21.39 4.11
C16 CLA SF . -44.16 20.89 5.04
C17 CLA SF . -44.48 21.92 6.11
C18 CLA SF . -44.61 21.27 7.49
C19 CLA SF . -45.84 20.37 7.56
C20 CLA SF . -43.33 20.49 7.83
MG CLA TF . -53.41 18.53 2.85
CHA CLA TF . -54.40 16.47 0.27
CHB CLA TF . -50.36 19.03 1.34
CHC CLA TF . -52.62 20.60 5.30
CHD CLA TF . -56.57 18.03 4.37
NA CLA TF . -52.46 17.84 0.98
C1A CLA TF . -53.01 17.02 0.10
C2A CLA TF . -52.10 16.75 -1.05
C3A CLA TF . -50.84 17.54 -0.68
C4A CLA TF . -51.22 18.19 0.61
CMA CLA TF . -49.48 16.87 -0.77
CAA CLA TF . -52.78 17.37 -2.26
CBA CLA TF . -51.85 17.41 -3.46
CGA CLA TF . -51.48 16.01 -3.85
O1A CLA TF . -52.30 15.30 -4.43
O2A CLA TF . -50.27 15.59 -3.57
NB CLA TF . -51.76 19.65 3.24
C1B CLA TF . -50.58 19.71 2.55
C2B CLA TF . -49.65 20.56 3.23
C3B CLA TF . -50.30 21.00 4.35
C4B CLA TF . -51.64 20.41 4.33
CMB CLA TF . -48.26 20.86 2.77
CAB CLA TF . -49.85 21.90 5.45
CBB CLA TF . -48.41 22.08 5.82
NC CLA TF . -54.45 19.25 4.53
C1C CLA TF . -53.93 20.08 5.41
C2C CLA TF . -54.85 20.38 6.53
C3C CLA TF . -55.97 19.66 6.22
C4C CLA TF . -55.71 18.96 4.99
CMC CLA TF . -54.60 21.28 7.70
CAC CLA TF . -57.24 19.61 7.02
CBC CLA TF . -58.14 20.70 6.49
ND CLA TF . -55.11 17.58 2.50
C1D CLA TF . -56.29 17.39 3.15
C2D CLA TF . -57.15 16.46 2.43
C3D CLA TF . -56.41 16.11 1.32
C4D CLA TF . -55.20 16.79 1.37
CMD CLA TF . -58.52 15.90 2.69
CAD CLA TF . -56.45 15.31 0.12
OBD CLA TF . -57.49 14.93 -0.38
CBD CLA TF . -55.19 15.55 -0.63
CGD CLA TF . -54.46 14.25 -0.84
O1D CLA TF . -54.39 13.77 -1.96
O2D CLA TF . -53.89 13.61 0.16
CED CLA TF . -52.58 13.12 -0.10
C1 CLA TF . -49.86 14.22 -3.80
C2 CLA TF . -50.52 13.02 -3.18
C3 CLA TF . -49.76 12.14 -2.51
C4 CLA TF . -50.37 10.93 -1.88
C5 CLA TF . -48.27 12.31 -2.36
C6 CLA TF . -47.76 11.46 -1.21
C7 CLA TF . -47.56 12.28 0.06
C8 CLA TF . -46.10 12.72 0.22
C9 CLA TF . -45.14 11.55 0.07
C10 CLA TF . -45.93 13.37 1.58
C11 CLA TF . -46.18 12.37 2.70
C12 CLA TF . -45.15 12.53 3.81
C13 CLA TF . -44.90 11.21 4.53
C14 CLA TF . -46.12 10.81 5.34
C15 CLA TF . -43.68 11.34 5.42
C16 CLA TF . -42.38 11.23 4.63
C17 CLA TF . -41.41 12.33 5.03
C18 CLA TF . -40.09 11.77 5.53
C19 CLA TF . -38.91 12.40 4.79
C20 CLA TF . -39.94 11.94 7.03
MG CLA UF . -64.66 29.65 14.77
CHA CLA UF . -65.38 29.26 18.13
CHB CLA UF . -63.92 26.30 14.50
CHC CLA UF . -64.14 30.09 11.55
CHD CLA UF . -65.40 33.08 15.08
NA CLA UF . -64.65 27.93 16.15
C1A CLA UF . -64.95 27.98 17.44
C2A CLA UF . -64.79 26.66 18.11
C3A CLA UF . -64.29 25.77 16.96
C4A CLA UF . -64.30 26.69 15.80
CMA CLA UF . -62.99 25.05 17.22
CAA CLA UF . -66.15 26.14 18.54
CBA CLA UF . -67.23 26.48 17.52
CGA CLA UF . -68.53 26.56 18.26
O1A CLA UF . -68.59 26.14 19.39
O2A CLA UF . -69.59 27.11 17.69
NB CLA UF . -64.13 28.39 13.25
C1B CLA UF . -63.85 27.06 13.33
C2B CLA UF . -63.48 26.56 12.04
C3B CLA UF . -63.53 27.64 11.20
C4B CLA UF . -63.95 28.79 12.00
CMB CLA UF . -63.10 25.13 11.75
CAB CLA UF . -63.24 27.74 9.75
CBB CLA UF . -63.44 26.60 8.80
NC CLA UF . -64.82 31.31 13.50
C1C CLA UF . -64.51 31.28 12.21
C2C CLA UF . -64.59 32.62 11.58
C3C CLA UF . -64.98 33.44 12.60
C4C CLA UF . -65.12 32.62 13.79
CMC CLA UF . -64.31 32.97 10.15
CAC CLA UF . -65.22 34.93 12.49
CBC CLA UF . -66.70 35.20 12.41
ND CLA UF . -65.26 30.91 16.16
C1D CLA UF . -65.50 32.25 16.22
C2D CLA UF . -65.83 32.66 17.57
C3D CLA UF . -65.79 31.49 18.30
C4D CLA UF . -65.45 30.46 17.45
CMD CLA UF . -66.17 33.96 18.23
CAD CLA UF . -65.97 30.97 19.63
OBD CLA UF . -66.53 31.55 20.54
CBD CLA UF . -65.75 29.49 19.57
CGD CLA UF . -64.61 29.10 20.47
O1D CLA UF . -63.69 29.87 20.66
O2D CLA UF . -64.59 27.91 21.04
CED CLA UF . -64.13 27.86 22.38
C1 CLA UF . -70.57 26.32 16.95
C2 CLA UF . -70.63 26.38 15.45
C3 CLA UF . -71.77 26.77 14.87
C4 CLA UF . -72.98 27.11 15.70
C5 CLA UF . -71.94 26.85 13.38
C6 CLA UF . -71.74 28.29 12.93
C7 CLA UF . -73.08 28.98 12.65
C8 CLA UF . -73.12 29.56 11.25
C9 CLA UF . -73.44 28.49 10.22
C10 CLA UF . -71.80 30.25 10.94
C11 CLA UF . -71.97 31.75 10.75
C12 CLA UF . -72.04 32.47 12.09
MG CLA VF . -49.58 42.74 -3.97
CHA CLA VF . -52.61 41.95 -5.45
CHB CLA VF . -48.97 45.08 -6.40
CHC CLA VF . -46.74 43.36 -2.47
CHD CLA VF . -50.26 40.29 -1.51
NA CLA VF . -50.67 43.46 -5.75
C1A CLA VF . -51.85 43.03 -6.18
C2A CLA VF . -52.31 43.74 -7.41
C3A CLA VF . -51.15 44.71 -7.68
C4A CLA VF . -50.20 44.43 -6.56
CMA CLA VF . -50.62 44.87 -9.09
CAA CLA VF . -53.59 44.52 -7.11
CBA CLA VF . -53.50 45.25 -5.79
CGA CLA VF . -54.78 46.00 -5.55
O1A CLA VF . -55.78 45.66 -6.14
O2A CLA VF . -54.77 47.02 -4.69
NB CLA VF . -48.07 44.04 -4.38
C1B CLA VF . -47.98 44.92 -5.40
C2B CLA VF . -46.75 45.64 -5.29
C3B CLA VF . -46.12 45.15 -4.19
C4B CLA VF . -46.98 44.12 -3.61
CMB CLA VF . -46.25 46.71 -6.23
CAB CLA VF . -44.82 45.56 -3.64
CBB CLA VF . -44.71 46.12 -2.25
NC CLA VF . -48.66 41.95 -2.26
C1C CLA VF . -47.48 42.36 -1.82
C2C CLA VF . -47.05 41.66 -0.59
C3C CLA VF . -48.08 40.80 -0.32
C4C CLA VF . -49.07 40.98 -1.37
CMC CLA VF . -45.77 41.92 0.16
CAC CLA VF . -48.23 39.81 0.81
CBC CLA VF . -47.10 38.79 0.84
ND CLA VF . -50.98 41.43 -3.52
C1D CLA VF . -51.20 40.51 -2.54
C2D CLA VF . -52.47 39.83 -2.69
C3D CLA VF . -53.00 40.40 -3.83
C4D CLA VF . -52.11 41.34 -4.31
CMD CLA VF . -53.18 38.76 -1.90
CAD CLA VF . -54.16 40.37 -4.70
OBD CLA VF . -55.24 39.90 -4.38
CBD CLA VF . -53.96 41.38 -5.78
CGD CLA VF . -53.87 40.69 -7.11
O1D CLA VF . -53.01 39.88 -7.33
O2D CLA VF . -54.74 40.99 -8.07
CED CLA VF . -54.95 39.98 -9.05
C1 CLA VF . -54.30 46.84 -3.33
C2 CLA VF . -55.25 46.87 -2.16
C3 CLA VF . -54.80 46.72 -0.91
C4 CLA VF . -53.36 46.52 -0.57
C5 CLA VF . -55.75 46.75 0.26
C6 CLA VF . -55.30 45.74 1.30
C7 CLA VF . -56.37 45.42 2.33
C8 CLA VF . -57.52 44.56 1.79
C9 CLA VF . -58.59 45.30 1.00
C10 CLA VF . -58.23 43.86 2.94
C11 CLA VF . -57.27 43.50 4.05
C12 CLA VF . -58.05 43.13 5.31
C13 CLA VF . -57.39 43.71 6.55
C14 CLA VF . -58.02 45.05 6.90
C15 CLA VF . -55.89 43.84 6.33
C16 CLA VF . -55.12 43.77 7.64
C17 CLA VF . -53.64 44.07 7.40
C18 CLA VF . -52.91 44.30 8.72
C19 CLA VF . -51.84 43.23 8.93
C20 CLA VF . -52.32 45.70 8.78
MG CLA WF . -40.24 42.09 11.26
CHA CLA WF . -37.93 39.67 10.52
CHB CLA WF . -37.74 44.26 12.20
CHC CLA WF . -42.56 44.37 11.86
CHD CLA WF . -42.80 39.87 10.26
NA CLA WF . -38.04 42.00 11.35
C1A CLA WF . -37.30 40.95 11.02
C2A CLA WF . -35.83 41.20 11.26
C3A CLA WF . -35.82 42.64 11.79
C4A CLA WF . -37.26 43.01 11.79
CMA CLA WF . -34.98 42.96 13.02
CAA CLA WF . -35.01 41.11 10.00
CBA CLA WF . -35.79 41.51 8.76
CGA CLA WF . -34.93 41.17 7.55
O1A CLA WF . -33.91 41.80 7.36
O2A CLA WF . -35.34 40.23 6.73
NB CLA WF . -40.15 44.01 11.91
C1B CLA WF . -39.06 44.73 12.26
C2B CLA WF . -39.45 46.05 12.69
C3B CLA WF . -40.81 46.07 12.60
C4B CLA WF . -41.25 44.77 12.11
CMB CLA WF . -38.55 47.15 13.15
CAB CLA WF . -41.71 47.20 12.91
CBB CLA WF . -42.55 47.16 14.18
NC CLA WF . -42.34 42.12 11.06
C1C CLA WF . -43.10 43.17 11.35
C2C CLA WF . -44.53 42.92 11.09
C3C CLA WF . -44.56 41.65 10.62
C4C CLA WF . -43.20 41.15 10.60
CMC CLA WF . -45.66 43.89 11.31
CAC CLA WF . -45.78 40.89 10.16
CBC CLA WF . -46.63 40.51 11.35
ND CLA WF . -40.44 40.25 10.56
C1D CLA WF . -41.45 39.45 10.19
C2D CLA WF . -40.99 38.14 9.76
C3D CLA WF . -39.60 38.24 9.90
C4D CLA WF . -39.30 39.51 10.37
CMD CLA WF . -41.66 36.90 9.28
CAD CLA WF . -38.38 37.50 9.72
OBD CLA WF . -38.28 36.41 9.18
CBD CLA WF . -37.25 38.40 10.10
CGD CLA WF . -36.54 37.87 11.29
O1D CLA WF . -37.17 37.27 12.14
O2D CLA WF . -35.24 38.05 11.45
CED CLA WF . -34.53 36.97 12.06
C1 CLA WF . -35.09 40.33 5.30
C2 CLA WF . -35.40 41.60 4.55
C3 CLA WF . -35.65 41.57 3.24
C4 CLA WF . -35.64 40.29 2.46
C5 CLA WF . -35.97 42.80 2.42
C6 CLA WF . -36.14 44.00 3.36
C7 CLA WF . -36.92 45.10 2.68
C8 CLA WF . -38.27 45.28 3.34
C9 CLA WF . -39.26 44.26 2.81
C10 CLA WF . -38.78 46.71 3.15
C11 CLA WF . -37.65 47.73 3.08
C12 CLA WF . -37.91 48.75 1.98
C13 CLA WF . -36.59 49.28 1.41
C14 CLA WF . -36.81 50.52 0.55
C15 CLA WF . -35.93 48.17 0.60
MG CLA XF . -58.38 19.43 16.53
CHA CLA XF . -56.75 19.18 19.54
CHB CLA XF . -55.47 20.42 14.99
CHC CLA XF . -60.01 19.45 13.68
CHD CLA XF . -61.37 18.37 18.15
NA CLA XF . -56.30 19.76 17.18
C1A CLA XF . -55.85 19.62 18.42
C2A CLA XF . -54.40 19.96 18.52
C3A CLA XF . -54.03 20.36 17.09
C4A CLA XF . -55.32 20.18 16.35
CMA CLA XF . -53.22 21.63 16.83
CAA CLA XF . -53.60 18.71 18.88
CBA CLA XF . -54.16 17.48 18.17
CGA CLA XF . -53.13 16.91 17.23
O1A CLA XF . -53.34 15.84 16.70
O2A CLA XF . -52.02 17.59 17.01
NB CLA XF . -57.82 19.86 14.63
C1B CLA XF . -56.62 20.28 14.18
C2B CLA XF . -56.69 20.54 12.77
C3B CLA XF . -57.98 20.28 12.41
C4B CLA XF . -58.68 19.84 13.60
CMB CLA XF . -55.55 21.04 11.92
CAB CLA XF . -58.64 20.37 11.09
CBB CLA XF . -58.16 21.25 9.97
NC CLA XF . -60.36 18.97 16.01
C1C CLA XF . -60.81 19.06 14.78
C2C CLA XF . -62.23 18.72 14.67
C3C CLA XF . -62.61 18.40 15.93
C4C CLA XF . -61.44 18.56 16.77
CMC CLA XF . -63.01 18.71 13.38
CAC CLA XF . -63.99 17.97 16.36
CBC CLA XF . -64.03 16.46 16.50
ND CLA XF . -59.00 18.89 18.33
C1D CLA XF . -60.17 18.50 18.90
C2D CLA XF . -60.03 18.25 20.33
C3D CLA XF . -58.70 18.53 20.56
C4D CLA XF . -58.09 18.90 19.37
CMD CLA XF . -61.00 17.82 21.41
CAD CLA XF . -57.70 18.56 21.61
OBD CLA XF . -57.95 18.59 22.80
CBD CLA XF . -56.41 19.04 21.00
CGD CLA XF . -56.08 20.40 21.50
O1D CLA XF . -56.89 21.31 21.41
O2D CLA XF . -54.90 20.65 22.05
CED CLA XF . -54.96 21.54 23.16
MG CLA YF . -70.55 22.59 -1.56
CHA CLA YF . -67.96 24.61 -0.52
CHB CLA YF . -72.03 22.82 1.55
CHC CLA YF . -73.05 20.77 -2.70
CHD CLA YF . -69.04 22.38 -4.74
NA CLA YF . -70.07 23.62 0.34
C1A CLA YF . -68.99 24.37 0.56
C2A CLA YF . -68.91 24.85 1.98
C3A CLA YF . -70.19 24.26 2.60
C4A CLA YF . -70.82 23.52 1.45
CMA CLA YF . -70.11 23.58 3.94
CAA CLA YF . -68.98 26.36 2.05
CBA CLA YF . -70.27 26.85 1.41
CGA CLA YF . -69.93 27.58 0.15
O1A CLA YF . -70.57 27.34 -0.87
O2A CLA YF . -68.97 28.47 0.18
NB CLA YF . -72.28 21.92 -0.71
C1B CLA YF . -72.72 22.09 0.57
C2B CLA YF . -73.96 21.39 0.75
C3B CLA YF . -74.25 20.82 -0.44
C4B CLA YF . -73.16 21.16 -1.37
CMB CLA YF . -74.79 21.33 2.00
CAB CLA YF . -75.43 20.00 -0.77
CBB CLA YF . -76.36 20.39 -1.90
NC CLA YF . -71.00 21.75 -3.43
C1C CLA YF . -72.05 20.99 -3.67
C2C CLA YF . -72.05 20.43 -5.03
C3C CLA YF . -70.90 20.91 -5.60
C4C CLA YF . -70.26 21.73 -4.59
CMC CLA YF . -73.09 19.52 -5.64
CAC CLA YF . -70.39 20.65 -6.99
CBC CLA YF . -70.99 21.66 -7.93
ND CLA YF . -68.97 23.29 -2.49
C1D CLA YF . -68.40 23.14 -3.73
C2D CLA YF . -67.12 23.82 -3.82
C3D CLA YF . -66.97 24.38 -2.57
C4D CLA YF . -68.07 24.06 -1.79
CMD CLA YF . -66.10 23.96 -4.92
CAD CLA YF . -66.06 25.18 -1.79
OBD CLA YF . -64.87 25.28 -2.00
CBD CLA YF . -66.70 25.43 -0.46
CGD CLA YF . -65.83 24.91 0.63
O1D CLA YF . -65.62 23.73 0.76
O2D CLA YF . -65.28 25.77 1.49
CED CLA YF . -63.87 25.69 1.62
C1 CLA YF . -69.31 29.86 0.39
C2 CLA YF . -70.38 30.50 -0.46
C3 CLA YF . -70.84 31.72 -0.18
C4 CLA YF . -70.32 32.52 0.98
C5 CLA YF . -71.92 32.36 -1.02
C6 CLA YF . -73.09 31.40 -1.09
C7 CLA YF . -73.83 31.33 0.23
C8 CLA YF . -74.97 32.35 0.24
C9 CLA YF . -75.17 32.92 1.64
C10 CLA YF . -76.23 31.69 -0.28
MG CLA ZF . -62.37 16.41 2.00
CHA CLA ZF . -60.34 16.95 -0.74
CHB CLA ZF . -63.98 13.85 0.37
CHC CLA ZF . -64.14 15.88 4.74
CHD CLA ZF . -60.77 19.09 3.64
NA CLA ZF . -62.19 15.47 0.02
C1A CLA ZF . -61.35 15.84 -0.94
C2A CLA ZF . -61.51 15.02 -2.18
C3A CLA ZF . -62.68 14.11 -1.81
C4A CLA ZF . -62.98 14.47 -0.40
CMA CLA ZF . -63.84 14.12 -2.78
CAA CLA ZF . -60.23 14.19 -2.33
CBA CLA ZF . -60.49 12.69 -2.38
CGA CLA ZF . -59.53 11.91 -1.51
O1A CLA ZF . -59.83 10.79 -1.16
O2A CLA ZF . -58.37 12.44 -1.16
NB CLA ZF . -63.82 15.06 2.48
C1B CLA ZF . -64.37 14.10 1.69
C2B CLA ZF . -65.40 13.41 2.42
C3B CLA ZF . -65.44 14.01 3.65
C4B CLA ZF . -64.42 15.04 3.66
CMB CLA ZF . -66.27 12.29 1.93
CAB CLA ZF . -66.29 13.70 4.81
CBB CLA ZF . -66.31 12.31 5.39
NC CLA ZF . -62.39 17.30 3.90
C1C CLA ZF . -63.21 16.94 4.88
C2C CLA ZF . -63.04 17.75 6.10
C3C CLA ZF . -62.05 18.63 5.77
C4C CLA ZF . -61.66 18.34 4.40
CMC CLA ZF . -63.79 17.60 7.40
CAC CLA ZF . -61.46 19.69 6.66
CBC CLA ZF . -62.38 20.88 6.71
ND CLA ZF . -60.95 17.73 1.65
C1D CLA ZF . -60.37 18.75 2.32
C2D CLA ZF . -59.33 19.42 1.54
C3D CLA ZF . -59.34 18.71 0.35
C4D CLA ZF . -60.31 17.71 0.43
CMD CLA ZF . -58.41 20.58 1.80
CAD CLA ZF . -58.69 18.64 -0.95
OBD CLA ZF . -57.62 19.16 -1.22
CBD CLA ZF . -59.24 17.44 -1.65
CGD CLA ZF . -59.76 17.81 -3.00
O1D CLA ZF . -60.60 18.67 -3.14
O2D CLA ZF . -59.28 17.18 -4.07
CED CLA ZF . -58.55 17.98 -4.99
C1 CLA ZF . -57.47 11.65 -0.32
C2 CLA ZF . -57.66 11.53 1.17
C3 CLA ZF . -56.63 11.20 1.97
C4 CLA ZF . -55.26 10.95 1.43
C5 CLA ZF . -56.78 11.09 3.46
C6 CLA ZF . -57.03 12.48 4.04
C7 CLA ZF . -56.10 12.80 5.20
C8 CLA ZF . -54.64 12.84 4.75
C9 CLA ZF . -53.72 12.60 5.93
C10 CLA ZF . -54.34 14.19 4.11
C11 CLA ZF . -52.91 14.22 3.59
C12 CLA ZF . -52.25 15.57 3.86
C13 CLA ZF . -51.58 15.59 5.22
C14 CLA ZF . -51.89 16.86 5.99
C15 CLA ZF . -50.08 15.40 5.03
C16 CLA ZF . -49.49 16.47 4.11
C17 CLA ZF . -48.16 16.00 3.51
C18 CLA ZF . -47.01 16.94 3.87
C19 CLA ZF . -47.28 17.70 5.17
C20 CLA ZF . -45.71 16.17 3.97
MG CHL AG . -67.14 22.03 14.42
CHA CHL AG . -70.53 22.36 14.64
CHB CHL AG . -67.44 21.54 11.07
CHC CHL AG . -63.91 21.80 14.28
CHD CHL AG . -67.01 22.44 17.93
NA CHL AG . -68.72 21.97 13.12
C1A CHL AG . -70.07 22.05 13.40
C2A CHL AG . -70.92 21.77 12.16
C3A CHL AG . -69.90 21.47 11.09
C4A CHL AG . -68.57 21.65 11.79
CMA CHL AG . -70.09 20.27 10.17
CAA CHL AG . -71.90 22.89 11.80
CBA CHL AG . -72.75 22.63 10.55
CGA CHL AG . -73.65 21.43 10.61
O1A CHL AG . -73.29 20.30 10.80
O2A CHL AG . -74.90 21.76 10.38
NB CHL AG . -65.86 21.76 12.87
C1B CHL AG . -66.15 21.63 11.57
C2B CHL AG . -64.93 21.56 10.83
C3B CHL AG . -63.88 21.64 11.75
C4B CHL AG . -64.50 21.76 13.04
CMB CHL AG . -64.82 21.43 9.34
CAB CHL AG . -62.44 21.62 11.50
CBB CHL AG . -61.65 21.49 10.22
NC CHL AG . -65.72 22.10 15.89
C1C CHL AG . -64.42 21.92 15.55
C2C CHL AG . -63.65 21.88 16.79
C3C CHL AG . -64.54 22.02 17.81
C4C CHL AG . -65.84 22.17 17.26
CMC CHL AG . -62.23 21.75 17.02
OMC CHL AG . -61.39 21.62 16.16
CAC CHL AG . -64.20 21.95 19.28
CBC CHL AG . -64.41 23.25 19.99
ND CHL AG . -68.39 22.31 16.00
C1D CHL AG . -68.23 22.55 17.31
C2D CHL AG . -69.48 22.86 17.92
C3D CHL AG . -70.40 22.81 16.92
C4D CHL AG . -69.73 22.47 15.74
CMD CHL AG . -69.67 23.18 19.36
CAD CHL AG . -71.80 22.94 16.59
OBD CHL AG . -72.73 23.24 17.33
CBD CHL AG . -71.97 22.64 15.13
CGD CHL AG . -72.93 21.48 14.93
O1D CHL AG . -72.60 20.36 14.63
O2D CHL AG . -74.18 21.86 15.15
CED CHL AG . -75.19 20.83 15.00
C1 CHL AG . -75.98 20.78 10.34
C2 CHL AG . -75.94 20.11 9.02
MG CLA BG . -34.96 25.40 11.82
CHA CLA BG . -38.22 24.92 12.84
CHB CLA BG . -34.07 22.32 13.05
CHC CLA BG . -31.90 25.94 10.68
CHD CLA BG . -35.88 28.57 10.57
NA CLA BG . -36.02 23.76 12.84
C1A CLA BG . -37.32 23.75 13.16
C2A CLA BG . -37.71 22.50 13.87
C3A CLA BG . -36.39 21.72 13.93
C4A CLA BG . -35.42 22.63 13.24
CMA CLA BG . -35.97 21.11 15.26
CAA CLA BG . -38.68 21.70 13.01
CBA CLA BG . -39.18 20.45 13.75
CGA CLA BG . -39.38 19.28 12.81
O1A CLA BG . -40.23 19.33 11.95
O2A CLA BG . -38.60 18.22 12.95
NB CLA BG . -33.26 24.29 11.85
C1B CLA BG . -33.05 23.07 12.42
C2B CLA BG . -31.67 22.68 12.25
C3B CLA BG . -31.08 23.71 11.59
C4B CLA BG . -32.10 24.72 11.34
CMB CLA BG . -31.04 21.41 12.73
CAB CLA BG . -29.68 23.84 11.16
CBB CLA BG . -28.55 23.92 12.18
NC CLA BG . -34.06 26.97 10.75
C1C CLA BG . -32.78 27.00 10.42
C2C CLA BG . -32.39 28.26 9.74
C3C CLA BG . -33.54 28.98 9.70
C4C CLA BG . -34.57 28.17 10.34
CMC CLA BG . -31.03 28.63 9.22
CAC CLA BG . -33.71 30.36 9.12
CBC CLA BG . -34.46 30.25 7.81
ND CLA BG . -36.57 26.53 11.68
C1D CLA BG . -36.86 27.76 11.19
C2D CLA BG . -38.25 28.12 11.37
C3D CLA BG . -38.77 27.00 12.03
C4D CLA BG . -37.76 26.06 12.19
CMD CLA BG . -39.06 29.32 11.03
CAD CLA BG . -39.99 26.46 12.57
OBD CLA BG . -41.10 26.88 12.33
CBD CLA BG . -39.69 25.10 13.12
CGD CLA BG . -39.91 25.09 14.60
O1D CLA BG . -39.45 25.97 15.30
O2D CLA BG . -40.62 24.14 15.17
CED CLA BG . -41.78 24.58 15.87
C1 CLA BG . -38.40 17.61 14.27
O1 LHG CG . -43.36 42.83 -8.92
C1 LHG CG . -44.46 43.68 -9.25
C2 LHG CG . -45.48 43.63 -8.14
O2 LHG CG . -44.80 43.53 -6.89
C3 LHG CG . -46.33 42.37 -8.31
O3 LHG CG . -46.23 41.62 -7.11
P LHG CG . -47.42 40.65 -6.64
O4 LHG CG . -48.71 41.42 -6.56
O5 LHG CG . -47.34 39.40 -7.49
O6 LHG CG . -46.96 40.29 -5.15
C4 LHG CG . -46.56 38.96 -4.84
C5 LHG CG . -46.53 38.79 -3.34
C6 LHG CG . -47.90 38.26 -2.94
O7 LHG CG . -45.53 37.86 -2.95
C7 LHG CG . -44.56 38.42 -2.22
O9 LHG CG . -44.86 39.07 -1.24
C8 LHG CG . -43.11 38.27 -2.60
C9 LHG CG . -42.58 36.97 -2.00
C10 LHG CG . -41.11 36.76 -2.30
O8 LHG CG . -47.79 37.19 -2.00
C23 LHG CG . -48.31 36.01 -2.28
O10 LHG CG . -48.89 35.84 -3.35
C24 LHG CG . -48.16 34.87 -1.30
C11 LHG CG . -40.28 37.99 -1.99
C12 LHG CG . -39.49 37.82 -0.70
C25 LHG CG . -46.82 34.20 -1.57
C26 LHG CG . -45.82 34.54 -0.48
C27 LHG CG . -44.45 33.93 -0.77
C28 LHG CG . -43.75 33.54 0.52
C29 LHG CG . -42.49 32.72 0.27
C30 LHG CG . -41.95 32.15 1.57
C31 LHG CG . -41.79 30.64 1.48
C32 LHG CG . -40.91 30.10 2.61
C33 LHG CG . -41.72 29.71 3.83
C34 LHG CG . -41.98 28.21 3.91
O1 LHG DG . -42.74 29.36 26.03
C1 LHG DG . -42.29 28.47 27.06
C2 LHG DG . -41.27 27.50 26.48
O2 LHG DG . -41.29 27.59 25.05
C3 LHG DG . -41.61 26.07 26.90
O3 LHG DG . -42.74 25.62 26.17
P LHG DG . -42.57 24.67 24.88
O4 LHG DG . -41.71 25.38 23.86
O5 LHG DG . -42.18 23.30 25.38
O6 LHG DG . -44.08 24.57 24.31
C4 LHG DG . -44.32 24.32 22.94
C5 LHG DG . -44.77 22.87 22.76
C6 LHG DG . -46.27 22.76 22.98
O7 LHG DG . -44.47 22.46 21.43
C7 LHG DG . -43.86 21.27 21.41
O9 LHG DG . -44.54 20.26 21.35
C8 LHG DG . -42.35 21.18 21.43
C9 LHG DG . -41.89 19.94 22.18
C10 LHG DG . -42.41 19.91 23.62
O8 LHG DG . -46.86 22.07 21.88
C23 LHG DG . -47.62 22.74 21.03
O10 LHG DG . -48.09 23.82 21.36
C24 LHG DG . -47.92 22.18 19.66
C11 LHG DG . -42.19 18.56 24.29
C12 LHG DG . -42.18 17.41 23.30
C13 LHG DG . -40.93 16.56 23.46
C14 LHG DG . -40.15 16.45 22.14
C15 LHG DG . -41.06 15.96 21.02
C16 LHG DG . -40.84 16.75 19.73
C17 LHG DG . -40.48 15.81 18.59
C18 LHG DG . -39.20 15.04 18.89
C19 LHG DG . -38.54 14.55 17.61
C20 LHG DG . -39.19 13.27 17.11
C21 LHG DG . -38.33 12.60 16.05
C22 LHG DG . -39.02 12.59 14.70
C25 LHG DG . -47.34 20.77 19.56
C26 LHG DG . -46.97 20.47 18.12
C27 LHG DG . -48.11 20.79 17.17
C28 LHG DG . -48.00 19.95 15.90
C29 LHG DG . -48.56 20.68 14.68
C30 LHG DG . -50.03 20.34 14.48
C31 LHG DG . -50.22 19.27 13.40
C1 OLA EG . -74.14 22.02 -12.31
O1 OLA EG . -74.66 21.55 -13.36
O2 OLA EG . -72.92 22.31 -12.30
C2 OLA EG . -74.99 22.25 -11.07
C3 OLA EG . -74.37 21.49 -9.90
C4 OLA EG . -75.29 21.58 -8.68
C5 OLA EG . -74.98 22.84 -7.89
C6 OLA EG . -75.09 22.53 -6.39
C7 OLA EG . -75.64 23.74 -5.65
C8 OLA EG . -76.28 23.28 -4.34
C9 OLA EG . -77.31 24.32 -3.90
C10 OLA EG . -77.46 24.63 -2.63
C11 OLA EG . -76.60 23.95 -1.57
C12 OLA EG . -75.41 24.83 -1.22
C13 OLA EG . -75.64 25.47 0.15
C14 OLA EG . -74.33 26.11 0.62
C15 OLA EG . -74.07 25.69 2.07
C16 OLA EG . -73.47 26.86 2.83
C17 OLA EG . -73.12 26.43 4.26
C18 OLA EG . -72.32 27.54 4.94
MG CHL FG . -39.49 35.74 -5.16
CHA CHL FG . -36.47 37.24 -5.43
CHB CHL FG . -37.98 33.07 -3.71
CHC CHL FG . -42.42 34.33 -4.85
CHD CHL FG . -40.93 38.53 -6.77
NA CHL FG . -37.56 35.27 -4.66
C1A CHL FG . -36.44 36.01 -4.83
C2A CHL FG . -35.20 35.29 -4.32
C3A CHL FG . -35.69 33.96 -3.91
C4A CHL FG . -37.18 34.07 -4.11
CMA CHL FG . -34.98 32.69 -4.36
CAA CHL FG . -34.48 36.03 -3.19
CBA CHL FG . -34.67 35.45 -1.79
CGA CHL FG . -35.38 36.36 -0.85
O1A CHL FG . -36.08 37.28 -1.17
O2A CHL FG . -35.13 36.05 0.41
NB CHL FG . -40.10 33.97 -4.39
C1B CHL FG . -39.34 33.04 -3.84
C2B CHL FG . -40.16 31.97 -3.40
C3B CHL FG . -41.46 32.28 -3.69
C4B CHL FG . -41.41 33.57 -4.34
CMB CHL FG . -39.67 30.72 -2.73
CAB CHL FG . -42.62 31.47 -3.35
CBB CHL FG . -44.07 31.80 -3.57
NC CHL FG . -41.35 36.36 -5.75
C1C CHL FG . -42.42 35.57 -5.48
C2C CHL FG . -43.58 36.24 -5.99
C3C CHL FG . -43.17 37.40 -6.55
C4C CHL FG . -41.75 37.50 -6.40
CMC CHL FG . -44.97 35.84 -5.90
OMC CHL FG . -45.37 34.80 -5.40
CAC CHL FG . -44.05 38.42 -7.24
CBC CHL FG . -43.75 38.54 -8.69
ND CHL FG . -38.94 37.52 -5.96
C1D CHL FG . -39.57 38.55 -6.58
C2D CHL FG . -38.61 39.55 -6.91
C3D CHL FG . -37.41 39.10 -6.46
C4D CHL FG . -37.61 37.84 -5.90
CMD CHL FG . -38.92 40.82 -7.66
CAD CHL FG . -36.00 39.39 -6.35
OBD CHL FG . -35.42 40.41 -6.67
CBD CHL FG . -35.33 38.21 -5.73
CGD CHL FG . -34.41 37.73 -6.85
O1D CHL FG . -34.46 38.08 -7.98
O2D CHL FG . -33.53 36.84 -6.40
CED CHL FG . -32.66 36.31 -7.40
C1 CHL FG . -35.54 36.92 1.50
C2 CHL FG . -36.84 36.45 2.03
C3 CHL FG . -37.06 36.51 3.35
C4 CHL FG . -36.04 37.02 4.32
C5 CHL FG . -38.37 36.05 3.95
C6 CHL FG . -39.31 37.20 4.32
C7 CHL FG . -39.07 37.75 5.72
C8 CHL FG . -39.06 39.27 5.82
C9 CHL FG . -38.61 39.91 4.50
C10 CHL FG . -40.47 39.74 6.20
C11 CHL FG . -40.63 41.25 6.27
C12 CHL FG . -39.66 41.93 7.23
C13 CHL FG . -39.75 43.45 7.28
C14 CHL FG . -38.36 44.09 7.12
C15 CHL FG . -40.49 44.05 8.47
C16 CHL FG . -41.75 44.82 8.13
C17 CHL FG . -42.75 44.00 7.31
C18 CHL FG . -44.10 44.66 7.07
C19 CHL FG . -43.94 46.07 6.53
C20 CHL FG . -44.94 43.83 6.13
C1 LUT GG . -36.24 74.46 10.54
C2 LUT GG . -35.93 73.96 11.94
C3 LUT GG . -34.55 73.33 11.99
C4 LUT GG . -34.52 72.12 11.08
C5 LUT GG . -35.08 72.42 9.72
C6 LUT GG . -35.99 73.37 9.52
C7 LUT GG . -36.77 73.38 8.27
C8 LUT GG . -36.50 74.25 7.31
C9 LUT GG . -37.30 74.24 6.07
C10 LUT GG . -38.60 73.96 6.15
C11 LUT GG . -39.45 73.96 4.96
C12 LUT GG . -40.71 73.62 5.10
C13 LUT GG . -41.62 73.62 3.94
C14 LUT GG . -42.90 73.29 4.12
C15 LUT GG . -43.83 73.32 3.00
C16 LUT GG . -35.36 75.65 10.21
C17 LUT GG . -37.71 74.87 10.48
C18 LUT GG . -34.62 71.60 8.56
C19 LUT GG . -36.67 74.57 4.75
C20 LUT GG . -41.14 74.02 2.58
O3 LUT GG . -34.29 72.92 13.32
C21 LUT GG . -55.49 74.60 -2.39
C22 LUT GG . -55.92 74.77 -3.85
C23 LUT GG . -56.32 73.45 -4.47
C24 LUT GG . -55.09 72.55 -4.50
C25 LUT GG . -54.58 72.40 -3.09
C26 LUT GG . -54.51 73.46 -2.26
C27 LUT GG . -53.77 73.29 -0.99
C28 LUT GG . -52.52 73.74 -0.92
C29 LUT GG . -51.70 73.63 0.31
C30 LUT GG . -50.41 73.91 0.22
C31 LUT GG . -49.54 73.83 1.39
C32 LUT GG . -48.30 73.39 1.23
C33 LUT GG . -47.39 73.32 2.38
C34 LUT GG . -46.07 73.43 2.16
C35 LUT GG . -45.13 73.39 3.26
C36 LUT GG . -56.68 74.24 -1.53
C37 LUT GG . -54.87 75.91 -1.92
C38 LUT GG . -54.20 71.05 -2.58
C39 LUT GG . -52.33 73.24 1.61
C40 LUT GG . -47.93 73.14 3.76
O23 LUT GG . -56.82 73.63 -5.80
C1 LUT HG . -45.18 62.15 12.28
C2 LUT HG . -45.05 62.96 13.54
C3 LUT HG . -46.28 63.83 13.72
C4 LUT HG . -46.26 64.87 12.61
C5 LUT HG . -46.22 64.17 11.29
C6 LUT HG . -45.52 63.02 11.10
C7 LUT HG . -45.09 62.56 9.76
C8 LUT HG . -44.66 63.39 8.81
C9 LUT HG . -44.25 62.94 7.48
C10 LUT HG . -42.98 62.52 7.30
C11 LUT HG . -42.52 62.06 6.00
C12 LUT HG . -41.87 62.92 5.23
C13 LUT HG . -41.35 62.50 3.92
C14 LUT HG . -40.04 62.28 3.78
C15 LUT HG . -39.46 61.87 2.53
C16 LUT HG . -46.28 61.10 12.47
C17 LUT HG . -43.84 61.47 12.00
C18 LUT HG . -47.04 64.81 10.21
C19 LUT HG . -45.22 62.95 6.35
C20 LUT HG . -42.28 62.31 2.76
O3 LUT HG . -46.23 64.49 14.98
C21 LUT HG . -29.83 59.94 -6.11
C22 LUT HG . -29.84 59.17 -7.40
C23 LUT HG . -30.33 60.00 -8.56
C24 LUT HG . -31.80 60.29 -8.30
C25 LUT HG . -31.94 60.96 -6.95
C26 LUT HG . -31.17 60.59 -5.89
C27 LUT HG . -31.43 61.11 -4.53
C28 LUT HG . -32.64 61.04 -4.00
C29 LUT HG . -32.96 61.57 -2.68
C30 LUT HG . -34.03 61.08 -2.04
C31 LUT HG . -34.42 61.57 -0.73
C32 LUT HG . -35.73 61.55 -0.49
C33 LUT HG . -36.30 62.00 0.78
C34 LUT HG . -37.61 61.84 0.98
C35 LUT HG . -38.21 62.26 2.24
C36 LUT HG . -28.75 61.01 -6.17
C37 LUT HG . -29.52 59.00 -4.96
C38 LUT HG . -32.93 62.08 -6.94
C39 LUT HG . -32.13 62.64 -2.07
C40 LUT HG . -35.43 62.63 1.82
O23 LUT HG . -30.18 59.29 -9.81
C1 LUT IG . -54.32 66.90 8.76
C2 LUT IG . -54.44 67.83 9.96
C3 LUT IG . -53.74 67.30 11.20
C4 LUT IG . -54.38 65.97 11.55
C5 LUT IG . -54.19 65.02 10.40
C6 LUT IG . -54.33 65.44 9.14
C7 LUT IG . -54.49 64.46 8.06
C8 LUT IG . -55.65 63.83 7.87
C9 LUT IG . -55.80 62.85 6.78
C10 LUT IG . -56.89 62.09 6.77
C11 LUT IG . -57.14 61.11 5.72
C12 LUT IG . -58.36 60.60 5.66
C13 LUT IG . -58.72 59.61 4.63
C14 LUT IG . -60.00 59.26 4.51
C15 LUT IG . -60.43 58.29 3.50
C16 LUT IG . -53.04 67.19 8.00
C17 LUT IG . -55.49 67.18 7.84
C18 LUT IG . -53.83 63.60 10.70
C19 LUT IG . -54.75 62.72 5.71
C20 LUT IG . -57.66 59.03 3.75
O3 LUT IG . -53.95 68.20 12.28
C21 LUT IG . -68.76 53.84 -4.89
C22 LUT IG . -69.71 53.06 -5.81
C23 LUT IG . -70.85 52.41 -5.07
C24 LUT IG . -70.26 51.37 -4.12
C25 LUT IG . -69.32 52.08 -3.17
C26 LUT IG . -68.72 53.24 -3.48
C27 LUT IG . -68.35 54.13 -2.35
C28 LUT IG . -67.08 54.52 -2.21
C29 LUT IG . -66.69 55.41 -1.10
C30 LUT IG . -65.39 55.54 -0.81
C31 LUT IG . -64.93 56.40 0.26
C32 LUT IG . -63.93 56.04 1.05
C33 LUT IG . -63.49 56.97 2.11
C34 LUT IG . -62.18 57.15 2.31
C35 LUT IG . -61.73 58.08 3.34
C36 LUT IG . -69.23 55.28 -4.80
C37 LUT IG . -67.37 53.80 -5.50
C38 LUT IG . -69.08 51.46 -1.83
C39 LUT IG . -67.72 56.16 -0.31
C40 LUT IG . -64.50 57.70 2.94
O23 LUT IG . -71.74 51.77 -5.98
C01 QTB JG . -49.67 48.61 -3.85
C02 QTB JG . -50.68 47.52 -3.93
C03 QTB JG . -50.90 46.70 -2.92
C04 QTB JG . -50.39 46.57 -1.58
C05 QTB JG . -50.50 45.33 -1.04
C06 QTB JG . -50.05 45.00 0.31
C08 QTB JG . -48.59 45.11 0.70
C09 QTB JG . -51.31 47.53 -5.22
C10 QTB JG . -51.65 48.73 -5.74
C11 QTB JG . -52.27 49.06 -6.99
C12 QTB JG . -51.67 48.55 -8.10
C13 QTB JG . -50.24 48.81 -8.40
C14 QTB JG . -52.49 48.19 -9.26
C15 QTB JG . -53.89 47.65 -8.91
C16 QTB JG . -54.53 48.31 -7.70
C17 QTB JG . -53.71 49.45 -7.04
C18 QTB JG . -54.29 49.68 -5.64
C19 QTB JG . -53.78 50.80 -7.75
O07 QTB JG . -50.85 44.65 1.16
MG CLA KG . -50.78 70.89 -4.88
CHA CLA KG . -52.86 70.07 -7.50
CHB CLA KG . -49.38 73.45 -6.74
CHC CLA KG . -48.98 71.69 -2.26
CHD CLA KG . -52.20 68.22 -3.03
NA CLA KG . -51.08 71.70 -6.90
C1A CLA KG . -51.93 71.22 -7.80
C2A CLA KG . -51.86 71.97 -9.10
C3A CLA KG . -50.73 72.97 -8.85
C4A CLA KG . -50.37 72.72 -7.43
CMA CLA KG . -49.62 72.95 -9.88
CAA CLA KG . -53.13 72.81 -9.23
CBA CLA KG . -53.79 73.20 -7.91
CGA CLA KG . -53.20 74.45 -7.29
O1A CLA KG . -52.63 75.26 -8.02
O2A CLA KG . -53.32 74.69 -5.99
NB CLA KG . -49.41 72.34 -4.55
C1B CLA KG . -48.93 73.28 -5.42
C2B CLA KG . -47.92 74.09 -4.78
C3B CLA KG . -47.81 73.58 -3.51
C4B CLA KG . -48.76 72.48 -3.39
CMB CLA KG . -47.19 75.22 -5.45
CAB CLA KG . -46.93 73.99 -2.39
CBB CLA KG . -45.86 75.05 -2.49
NC CLA KG . -50.68 70.13 -2.93
C1C CLA KG . -49.82 70.57 -2.03
C2C CLA KG . -49.85 69.77 -0.78
C3C CLA KG . -50.80 68.82 -1.01
C4C CLA KG . -51.31 69.05 -2.36
CMC CLA KG . -49.02 69.98 0.45
CAC CLA KG . -51.24 67.72 -0.08
CBC CLA KG . -52.62 68.05 0.45
ND CLA KG . -52.16 69.49 -5.08
C1D CLA KG . -52.66 68.46 -4.35
C2D CLA KG . -53.63 67.67 -5.08
C3D CLA KG . -53.69 68.31 -6.30
C4D CLA KG . -52.82 69.40 -6.29
CMD CLA KG . -54.46 66.46 -4.76
CAD CLA KG . -54.35 68.27 -7.59
OBD CLA KG . -54.89 67.29 -8.05
CBD CLA KG . -53.92 69.47 -8.37
CGD CLA KG . -53.33 69.00 -9.67
O1D CLA KG . -52.69 67.96 -9.71
O2D CLA KG . -53.50 69.71 -10.78
CED CLA KG . -53.71 68.95 -11.97
C1 CLA KG . -52.48 75.71 -5.37
C2 CLA KG . -51.85 75.55 -4.00
C3 CLA KG . -51.26 76.61 -3.42
C4 CLA KG . -51.22 77.95 -4.09
C5 CLA KG . -50.62 76.55 -2.05
C6 CLA KG . -51.53 77.15 -1.00
C7 CLA KG . -50.77 77.76 0.17
C8 CLA KG . -51.25 77.22 1.52
C9 CLA KG . -52.72 77.54 1.76
C10 CLA KG . -50.37 77.77 2.64
C11 CLA KG . -50.61 76.99 3.92
C12 CLA KG . -49.91 77.62 5.12
C13 CLA KG . -49.32 76.56 6.04
C14 CLA KG . -50.39 75.59 6.54
C15 CLA KG . -48.59 77.22 7.20
MG CLA LG . -42.58 78.63 0.35
CHA CLA LG . -43.20 79.75 -2.84
CHB CLA LG . -45.92 77.89 0.78
CHC CLA LG . -41.85 77.47 3.35
CHD CLA LG . -39.16 79.38 -0.11
NA CLA LG . -44.40 78.79 -0.90
C1A CLA LG . -44.44 79.27 -2.13
C2A CLA LG . -45.84 79.28 -2.68
C3A CLA LG . -46.66 78.70 -1.52
C4A CLA LG . -45.63 78.44 -0.48
CMA CLA LG . -47.97 79.37 -1.14
CAA CLA LG . -45.97 78.34 -3.86
CBA CLA LG . -46.21 79.09 -5.16
CGA CLA LG . -47.64 79.53 -5.31
O1A CLA LG . -48.40 79.56 -4.35
O2A CLA LG . -48.04 79.86 -6.52
NB CLA LG . -43.71 77.79 1.83
C1B CLA LG . -45.05 77.59 1.84
C2B CLA LG . -45.46 77.02 3.08
C3B CLA LG . -44.32 76.91 3.84
C4B CLA LG . -43.21 77.41 3.01
CMB CLA LG . -46.85 76.64 3.48
CAB CLA LG . -44.27 76.34 5.21
CBB CLA LG . -43.14 76.56 6.19
NC CLA LG . -40.79 78.39 1.41
C1C CLA LG . -40.72 77.95 2.66
C2C CLA LG . -39.35 78.00 3.22
C3C CLA LG . -38.60 78.52 2.20
C4C CLA LG . -39.49 78.76 1.09
CMC CLA LG . -38.90 77.59 4.59
CAC CLA LG . -37.12 78.81 2.22
CBC CLA LG . -36.89 80.22 2.70
ND CLA LG . -41.39 79.33 -1.04
C1D CLA LG . -40.07 79.65 -1.15
C2D CLA LG . -39.75 80.27 -2.42
C3D CLA LG . -40.98 80.31 -3.06
C4D CLA LG . -41.94 79.75 -2.24
CMD CLA LG . -38.49 80.81 -3.03
CAD CLA LG . -41.61 80.73 -4.30
OBD CLA LG . -41.04 81.22 -5.25
CBD CLA LG . -43.04 80.31 -4.25
CGD CLA LG . -43.91 81.50 -4.46
O1D CLA LG . -44.23 82.24 -3.54
O2D CLA LG . -44.35 81.79 -5.69
CED CLA LG . -43.65 82.82 -6.37
C1 CLA LG . -48.74 81.12 -6.75
C2 CLA LG . -50.15 81.33 -6.26
C3 CLA LG . -51.03 81.96 -7.06
C4 CLA LG . -52.45 82.19 -6.61
C5 CLA LG . -50.65 82.44 -8.44
MG CLA MG . -30.02 70.37 9.85
CHA CLA MG . -28.63 70.83 12.96
CHB CLA MG . -30.88 73.70 9.68
CHC CLA MG . -31.19 69.83 6.81
CHD CLA MG . -29.12 66.95 10.03
NA CLA MG . -29.78 72.11 11.17
C1A CLA MG . -29.23 72.10 12.37
C2A CLA MG . -29.23 73.45 13.03
C3A CLA MG . -29.94 74.31 11.99
C4A CLA MG . -30.23 73.35 10.87
CMA CLA MG . -31.03 75.28 12.44
CAA CLA MG . -27.81 73.95 13.18
CBA CLA MG . -27.06 74.04 11.85
CGA CLA MG . -26.35 72.74 11.56
O1A CLA MG . -25.34 72.46 12.17
O2A CLA MG . -26.89 71.95 10.65
NB CLA MG . -30.88 71.57 8.45
C1B CLA MG . -31.19 72.89 8.56
C2B CLA MG . -31.85 73.34 7.37
C3B CLA MG . -31.92 72.24 6.57
C4B CLA MG . -31.32 71.13 7.28
CMB CLA MG . -32.35 74.72 7.06
CAB CLA MG . -32.53 72.11 5.22
CBB CLA MG . -34.00 72.34 5.02
NC CLA MG . -30.12 68.66 8.61
C1C CLA MG . -30.65 68.66 7.40
C2C CLA MG . -30.61 67.33 6.75
C3C CLA MG . -30.00 66.53 7.67
C4C CLA MG . -29.70 67.37 8.83
CMC CLA MG . -31.10 66.97 5.38
CAC CLA MG . -29.70 65.07 7.49
CBC CLA MG . -28.38 64.86 6.82
ND CLA MG . -29.13 69.12 11.10
C1D CLA MG . -28.80 67.81 11.11
C2D CLA MG . -28.11 67.43 12.34
C3D CLA MG . -28.05 68.61 13.04
C4D CLA MG . -28.66 69.62 12.29
CMD CLA MG . -27.54 66.15 12.86
CAD CLA MG . -27.58 69.18 14.29
OBD CLA MG . -26.74 68.68 15.01
CBD CLA MG . -27.94 70.63 14.29
CGD CLA MG . -28.91 70.89 15.39
O1D CLA MG . -29.90 70.18 15.52
O2D CLA MG . -28.70 71.88 16.26
CED CLA MG . -28.59 71.48 17.63
C1 CLA MG . -26.15 70.86 10.01
C2 CLA MG . -25.50 71.01 8.65
C3 CLA MG . -26.09 70.41 7.62
C4 CLA MG . -27.34 69.64 7.80
C5 CLA MG . -25.58 70.46 6.19
C6 CLA MG . -26.67 71.10 5.34
C7 CLA MG . -27.33 70.12 4.36
C8 CLA MG . -28.59 70.73 3.76
C9 CLA MG . -28.99 70.03 2.47
C10 CLA MG . -28.37 72.21 3.53
C11 CLA MG . -29.54 72.87 2.81
C12 CLA MG . -29.59 74.34 3.17
C13 CLA MG . -29.92 75.20 1.95
C14 CLA MG . -29.00 74.88 0.78
C15 CLA MG . -29.84 76.67 2.33
C16 CLA MG . -30.61 76.96 3.61
C17 CLA MG . -32.05 77.37 3.31
C18 CLA MG . -32.49 78.53 4.20
C19 CLA MG . -32.18 79.88 3.56
C20 CLA MG . -33.97 78.42 4.57
MG CLA NG . -35.79 63.85 -7.22
CHA CLA NG . -35.08 64.84 -10.46
CHB CLA NG . -37.57 61.17 -8.39
CHC CLA NG . -36.36 63.03 -4.10
CHD CLA NG . -33.93 66.67 -6.09
NA CLA NG . -36.29 63.07 -9.22
C1A CLA NG . -35.92 63.59 -10.39
C2A CLA NG . -36.43 62.79 -11.52
C3A CLA NG . -37.23 61.67 -10.87
C4A CLA NG . -37.04 61.97 -9.41
CMA CLA NG . -38.63 61.48 -11.40
CAA CLA NG . -35.24 62.22 -12.31
CBA CLA NG . -34.99 60.71 -12.17
CGA CLA NG . -34.44 60.36 -10.81
O1A CLA NG . -34.27 61.22 -9.98
O2A CLA NG . -34.21 59.09 -10.49
NB CLA NG . -36.82 62.32 -6.36
C1B CLA NG . -37.48 61.32 -6.99
C2B CLA NG . -38.06 60.43 -6.01
C3B CLA NG . -37.71 60.96 -4.80
C4B CLA NG . -36.92 62.17 -5.04
CMB CLA NG . -38.85 59.19 -6.25
CAB CLA NG . -38.08 60.37 -3.50
CBB CLA NG . -38.63 61.17 -2.36
NC CLA NG . -35.24 64.73 -5.39
C1C CLA NG . -35.58 64.22 -4.23
C2C CLA NG . -35.07 65.02 -3.09
C3C CLA NG . -34.39 66.04 -3.68
C4C CLA NG . -34.49 65.85 -5.11
CMC CLA NG . -35.25 64.79 -1.62
CAC CLA NG . -33.68 67.15 -2.95
CBC CLA NG . -32.20 66.81 -2.89
ND CLA NG . -34.75 65.37 -7.97
C1D CLA NG . -34.06 66.44 -7.48
C2D CLA NG . -33.50 67.27 -8.52
C3D CLA NG . -33.90 66.63 -9.68
C4D CLA NG . -34.65 65.51 -9.34
CMD CLA NG . -32.68 68.53 -8.55
CAD CLA NG . -33.84 66.72 -11.12
OBD CLA NG . -33.11 67.44 -11.77
CBD CLA NG . -34.55 65.54 -11.68
CGD CLA NG . -35.68 66.02 -12.53
O1D CLA NG . -35.55 66.11 -13.72
O2D CLA NG . -36.84 66.35 -11.97
CED CLA NG . -37.96 66.27 -12.84
C1 CLA NG . -35.07 58.44 -9.50
C2 CLA NG . -34.87 58.65 -8.02
C3 CLA NG . -35.32 57.78 -7.11
C4 CLA NG . -36.04 56.54 -7.51
C5 CLA NG . -35.13 57.99 -5.63
C6 CLA NG . -34.21 56.91 -5.08
C7 CLA NG . -33.96 57.08 -3.59
C8 CLA NG . -32.65 56.44 -3.18
C9 CLA NG . -32.48 55.07 -3.83
C10 CLA NG . -32.57 56.34 -1.66
C11 CLA NG . -31.18 56.68 -1.15
C12 CLA NG . -30.76 58.07 -1.62
C13 CLA NG . -30.00 58.81 -0.52
C14 CLA NG . -30.85 59.88 0.12
C15 CLA NG . -28.72 59.41 -1.11
C16 CLA NG . -27.49 58.89 -0.38
C17 CLA NG . -26.27 59.73 -0.73
C18 CLA NG . -25.56 60.18 0.54
C19 CLA NG . -24.22 59.48 0.73
C20 CLA NG . -25.39 61.69 0.54
MG CLA OG . -40.30 56.30 0.48
CHA CLA OG . -41.57 54.33 -2.07
CHB CLA OG . -37.32 56.58 -1.19
CHC CLA OG . -39.21 58.11 2.97
CHD CLA OG . -43.39 55.90 2.19
NA CLA OG . -39.52 55.55 -1.44
C1A CLA OG . -40.16 54.79 -2.32
C2A CLA OG . -39.33 54.46 -3.52
C3A CLA OG . -38.01 55.17 -3.21
C4A CLA OG . -38.27 55.81 -1.88
CMA CLA OG . -36.69 54.43 -3.40
CAA CLA OG . -39.98 55.02 -4.78
CBA CLA OG . -39.13 54.73 -6.01
CGA CLA OG . -39.00 53.24 -6.20
O1A CLA OG . -40.00 52.53 -6.15
O2A CLA OG . -37.81 52.70 -6.42
NB CLA OG . -38.53 57.22 0.84
C1B CLA OG . -37.42 57.24 0.05
C2B CLA OG . -36.39 58.01 0.69
C3B CLA OG . -36.94 58.45 1.87
C4B CLA OG . -38.30 57.93 1.94
CMB CLA OG . -35.02 58.26 0.14
CAB CLA OG . -36.33 59.27 2.94
CBB CLA OG . -34.88 59.16 3.33
NC CLA OG . -41.19 56.93 2.27
C1C CLA OG . -40.54 57.67 3.15
C2C CLA OG . -41.36 57.99 4.33
C3C CLA OG . -42.56 57.37 4.08
C4C CLA OG . -42.43 56.71 2.79
CMC CLA OG . -40.97 58.79 5.53
CAC CLA OG . -43.75 57.38 4.98
CBC CLA OG . -44.54 58.63 4.70
ND CLA OG . -42.04 55.39 0.24
C1D CLA OG . -43.21 55.28 0.94
C2D CLA OG . -44.18 54.46 0.25
C3D CLA OG . -43.53 54.10 -0.91
C4D CLA OG . -42.26 54.66 -0.92
CMD CLA OG . -45.57 53.99 0.56
CAD CLA OG . -43.71 53.35 -2.13
OBD CLA OG . -44.81 53.14 -2.62
CBD CLA OG . -42.47 53.49 -2.94
CGD CLA OG . -41.90 52.11 -3.08
O1D CLA OG . -42.04 51.50 -4.12
O2D CLA OG . -41.22 51.54 -2.08
CED CLA OG . -39.98 50.93 -2.42
C1 CLA OG . -37.63 51.26 -6.38
C2 CLA OG . -37.32 50.54 -5.09
C3 CLA OG . -36.04 50.42 -4.69
C4 CLA OG . -34.93 50.99 -5.50
C5 CLA OG . -35.66 49.72 -3.41
C6 CLA OG . -34.21 49.24 -3.51
C7 CLA OG . -33.37 49.75 -2.36
C8 CLA OG . -31.95 50.10 -2.81
C9 CLA OG . -31.92 51.50 -3.39
C10 CLA OG . -31.48 49.07 -3.82
C11 CLA OG . -30.12 49.45 -4.40
C12 CLA OG . -29.02 49.36 -3.34
C13 CLA OG . -27.67 49.78 -3.92
C14 CLA OG . -27.50 49.24 -5.33
C15 CLA OG . -26.55 49.27 -3.02
C16 CLA OG . -26.69 49.79 -1.59
C17 CLA OG . -25.38 49.70 -0.83
C18 CLA OG . -25.57 49.11 0.56
C19 CLA OG . -24.25 49.01 1.30
C20 CLA OG . -26.57 49.92 1.37
MG CHL PG . -50.88 67.08 13.34
CHA CHL PG . -51.38 66.77 16.64
CHB CHL PG . -50.57 63.63 13.11
CHC CHL PG . -50.46 67.40 10.19
CHD CHL PG . -51.20 70.62 13.72
NA CHL PG . -50.95 65.50 14.64
C1A CHL PG . -51.20 65.58 15.98
C2A CHL PG . -51.21 64.20 16.64
C3A CHL PG . -50.87 63.26 15.51
C4A CHL PG . -50.77 64.18 14.32
CMA CHL PG . -49.84 62.16 15.71
CAA CHL PG . -52.59 63.94 17.28
CBA CHL PG . -53.57 63.07 16.48
CGA CHL PG . -54.19 63.76 15.29
O1A CHL PG . -53.59 64.39 14.47
O2A CHL PG . -55.49 63.57 15.25
NB CHL PG . -50.55 65.69 11.90
C1B CHL PG . -50.47 64.35 11.94
C2B CHL PG . -50.27 63.85 10.62
C3B CHL PG . -50.25 64.90 9.77
C4B CHL PG . -50.42 66.09 10.58
CMB CHL PG . -50.13 62.40 10.26
CAB CHL PG . -50.06 64.78 8.32
CBB CHL PG . -50.02 65.87 7.29
NC CHL PG . -50.82 68.78 12.19
C1C CHL PG . -50.62 68.60 10.87
C2C CHL PG . -50.63 69.92 10.26
C3C CHL PG . -50.85 70.83 11.25
C4C CHL PG . -50.97 70.12 12.48
CMC CHL PG . -50.46 70.26 8.86
OMC CHL PG . -50.26 69.46 7.96
CAC CHL PG . -50.98 72.32 11.08
CBC CHL PG . -49.68 72.99 10.75
ND CHL PG . -51.20 68.48 14.79
C1D CHL PG . -51.31 69.82 14.85
C2D CHL PG . -51.55 70.25 16.19
C3D CHL PG . -51.58 69.09 16.94
C4D CHL PG . -51.37 68.01 16.06
CMD CHL PG . -51.73 71.66 16.63
CAD CHL PG . -51.76 68.51 18.27
OBD CHL PG . -51.96 69.09 19.33
CBD CHL PG . -51.64 67.01 18.14
CGD CHL PG . -50.51 66.47 19.01
O1D CHL PG . -49.47 66.08 18.61
O2D CHL PG . -50.85 66.50 20.29
CED CHL PG . -49.83 66.09 21.23
C1 CHL PG . -56.17 63.34 13.99
C2 CHL PG . -56.89 64.59 13.61
C3 CHL PG . -58.19 64.74 13.83
C4 CHL PG . -59.05 63.70 14.49
C5 CHL PG . -58.90 66.00 13.41
C6 CHL PG . -58.95 66.18 11.90
C7 CHL PG . -59.04 67.64 11.51
C8 CHL PG . -58.83 67.90 10.02
C9 CHL PG . -59.83 67.12 9.18
C10 CHL PG . -58.98 69.40 9.83
MG CLA QG . -34.85 80.20 -5.62
CHA CLA QG . -38.00 79.78 -6.97
CHB CLA QG . -34.10 82.55 -8.01
CHC CLA QG . -31.90 80.59 -4.18
CHD CLA QG . -35.65 77.78 -3.19
NA CLA QG . -35.93 81.10 -7.32
C1A CLA QG . -37.18 80.81 -7.69
C2A CLA QG . -37.60 81.60 -8.89
C3A CLA QG . -36.36 82.43 -9.21
C4A CLA QG . -35.40 82.03 -8.13
CMA CLA QG . -35.87 82.51 -10.65
CAA CLA QG . -38.73 82.53 -8.50
CBA CLA QG . -38.55 83.05 -7.08
CGA CLA QG . -39.56 84.12 -6.77
O1A CLA QG . -39.56 85.14 -7.44
O2A CLA QG . -40.44 83.94 -5.79
NB CLA QG . -33.25 81.40 -6.02
C1B CLA QG . -33.11 82.28 -7.05
C2B CLA QG . -31.80 82.87 -6.99
C3B CLA QG . -31.19 82.31 -5.92
C4B CLA QG . -32.13 81.38 -5.31
CMB CLA QG . -31.22 83.90 -7.92
CAB CLA QG . -29.83 82.57 -5.40
CBB CLA QG . -29.58 83.85 -4.63
NC CLA QG . -33.96 79.39 -3.90
C1C CLA QG . -32.72 79.65 -3.52
C2C CLA QG . -32.29 78.83 -2.36
C3C CLA QG . -33.39 78.06 -2.08
C4C CLA QG . -34.42 78.42 -3.04
CMC CLA QG . -30.96 78.87 -1.68
CAC CLA QG . -33.55 77.04 -0.98
CBC CLA QG . -33.18 75.68 -1.53
ND CLA QG . -36.36 79.04 -5.13
C1D CLA QG . -36.61 78.12 -4.15
C2D CLA QG . -37.96 77.57 -4.24
C3D CLA QG . -38.49 78.23 -5.34
C4D CLA QG . -37.53 79.09 -5.86
CMD CLA QG . -38.72 76.56 -3.43
CAD CLA QG . -39.68 78.33 -6.14
OBD CLA QG . -40.75 77.79 -5.90
CBD CLA QG . -39.42 79.31 -7.24
CGD CLA QG . -39.54 78.58 -8.55
O1D CLA QG . -40.38 77.72 -8.68
O2D CLA QG . -38.72 78.82 -9.57
CED CLA QG . -39.33 79.02 -10.84
C1 CLA QG . -40.39 84.75 -4.57
C2 CLA QG . -39.84 84.23 -3.27
C3 CLA QG . -40.45 84.54 -2.12
C4 CLA QG . -41.67 85.41 -2.11
C5 CLA QG . -39.95 84.05 -0.77
C6 CLA QG . -41.13 83.85 0.19
C7 CLA QG . -41.77 82.48 -0.03
C8 CLA QG . -42.55 81.98 1.19
C9 CLA QG . -43.97 82.51 1.19
C10 CLA QG . -41.82 82.33 2.48
C11 CLA QG . -42.50 81.67 3.67
C12 CLA QG . -41.50 81.34 4.76
C13 CLA QG . -42.16 80.57 5.90
MG CLA RG . -26.26 79.23 10.33
CHA CLA RG . -24.00 76.78 9.42
CHB CLA RG . -23.73 81.11 11.69
CHC CLA RG . -28.48 81.56 11.03
CHD CLA RG . -28.85 77.27 8.94
NA CLA RG . -24.07 79.00 10.54
C1A CLA RG . -23.36 77.95 10.13
C2A CLA RG . -21.91 78.08 10.47
C3A CLA RG . -21.86 79.45 11.18
C4A CLA RG . -23.29 79.90 11.14
CMA CLA RG . -21.12 79.57 12.50
CAA CLA RG . -21.06 78.10 9.20
CBA CLA RG . -20.92 79.50 8.63
CGA CLA RG . -21.78 79.59 7.38
O1A CLA RG . -21.89 80.65 6.81
O2A CLA RG . -22.38 78.50 6.96
NB CLA RG . -26.12 81.05 11.21
C1B CLA RG . -25.02 81.66 11.72
C2B CLA RG . -25.38 82.92 12.32
C3B CLA RG . -26.72 83.05 12.13
C4B CLA RG . -27.18 81.85 11.43
CMB CLA RG . -24.46 83.90 13.00
CAB CLA RG . -27.56 84.18 12.57
CBB CLA RG . -28.61 84.82 11.67
NC CLA RG . -28.33 79.40 9.99
C1C CLA RG . -29.05 80.44 10.38
C2C CLA RG . -30.49 80.28 10.08
C3C CLA RG . -30.57 79.07 9.46
C4C CLA RG . -29.21 78.53 9.41
CMC CLA RG . -31.59 81.26 10.38
CAC CLA RG . -31.81 78.39 8.93
CBC CLA RG . -32.66 77.91 10.08
ND CLA RG . -26.49 77.50 9.40
C1D CLA RG . -27.53 76.78 8.89
C2D CLA RG . -27.09 75.51 8.36
C3D CLA RG . -25.71 75.52 8.57
C4D CLA RG . -25.37 76.71 9.19
CMD CLA RG . -27.80 74.35 7.71
CAD CLA RG . -24.52 74.73 8.37
OBD CLA RG . -24.43 73.74 7.67
CBD CLA RG . -23.36 75.54 8.84
CGD CLA RG . -22.59 74.80 9.88
O1D CLA RG . -23.16 74.10 10.71
O2D CLA RG . -21.27 74.91 9.94
CED CLA RG . -20.53 73.85 9.35
C1 CLA RG . -23.65 78.61 6.25
C2 CLA RG . -24.81 79.38 6.84
C3 CLA RG . -26.04 79.21 6.35
C4 CLA RG . -26.30 78.27 5.21
C5 CLA RG . -27.24 79.95 6.89
C6 CLA RG . -27.62 81.09 5.95
C7 CLA RG . -26.69 82.28 6.13
C8 CLA RG . -26.67 82.74 7.58
C9 CLA RG . -27.85 83.66 7.88
C10 CLA RG . -25.35 83.44 7.86
MG CHL SG . -25.40 71.98 -7.38
CHA CHL SG . -22.18 72.87 -7.63
CHB CHL SG . -24.38 68.91 -6.17
CHC CHL SG . -28.49 71.18 -7.05
CHD CHL SG . -26.28 75.16 -8.74
NA CHL SG . -23.61 71.08 -6.98
C1A CHL SG . -22.39 71.64 -7.10
C2A CHL SG . -21.30 70.72 -6.62
C3A CHL SG . -21.98 69.41 -6.49
C4A CHL SG . -23.44 69.80 -6.56
CMA CHL SG . -21.48 68.22 -7.30
CAA CHL SG . -20.71 71.19 -5.28
CBA CHL SG . -21.67 71.15 -4.10
CGA CHL SG . -21.01 71.36 -2.77
O1A CHL SG . -19.86 71.12 -2.53
O2A CHL SG . -21.86 71.84 -1.87
NB CHL SG . -26.27 70.28 -6.68
C1B CHL SG . -25.74 69.16 -6.19
C2B CHL SG . -26.78 68.29 -5.76
C3B CHL SG . -27.97 68.91 -6.01
C4B CHL SG . -27.65 70.20 -6.60
CMB CHL SG . -26.58 66.91 -5.22
CAB CHL SG . -29.28 68.33 -5.70
CBB CHL SG . -30.63 68.96 -5.89
NC CHL SG . -27.09 73.03 -7.86
C1C CHL SG . -28.28 72.42 -7.62
C2C CHL SG . -29.31 73.33 -8.04
C3C CHL SG . -28.70 74.45 -8.52
C4C CHL SG . -27.28 74.28 -8.42
CMC CHL SG . -30.74 73.17 -7.99
OMC CHL SG . -31.33 72.20 -7.57
CAC CHL SG . -29.38 75.67 -9.08
CBC CHL SG . -29.60 75.58 -10.56
ND CHL SG . -24.54 73.68 -8.10
C1D CHL SG . -24.95 74.87 -8.59
C2D CHL SG . -23.82 75.69 -8.89
C3D CHL SG . -22.70 74.95 -8.53
C4D CHL SG . -23.17 73.72 -8.05
CMD CHL SG . -23.89 77.08 -9.44
CAD CHL SG . -21.26 74.93 -8.45
OBD CHL SG . -20.46 75.81 -8.77
CBD CHL SG . -20.84 73.59 -7.87
CGD CHL SG . -19.88 72.84 -8.79
O1D CHL SG . -19.03 72.10 -8.44
O2D CHL SG . -20.15 73.11 -10.07
CED CHL SG . -19.32 72.44 -11.04
C1 CHL SG . -21.47 72.27 -0.54
C2 CHL SG . -21.15 73.72 -0.61
C3 CHL SG . -21.56 74.60 0.29
C4 CHL SG . -22.37 74.23 1.51
C5 CHL SG . -21.28 76.07 0.12
C6 CHL SG . -19.95 76.53 0.69
C7 CHL SG . -19.99 76.79 2.19
MG CHL TG . -44.34 56.01 14.39
CHA CHL TG . -42.55 55.59 17.22
CHB CHL TG . -41.61 57.56 12.95
CHC CHL TG . -46.08 56.38 11.70
CHD CHL TG . -47.07 54.36 16.01
NA CHL TG . -42.44 56.49 14.98
C1A CHL TG . -41.87 56.20 16.20
C2A CHL TG . -40.42 56.67 16.27
C3A CHL TG . -40.18 57.32 14.93
C4A CHL TG . -41.49 57.12 14.22
CMA CHL TG . -39.45 58.66 14.84
CAA CHL TG . -39.47 55.51 16.58
CBA CHL TG . -39.66 54.29 15.69
CGA CHL TG . -38.37 53.63 15.31
O1A CHL TG . -38.19 53.01 14.30
O2A CHL TG . -37.44 53.83 16.23
NB CHL TG . -43.88 56.87 12.60
C1B CHL TG . -42.75 57.45 12.17
C2B CHL TG . -42.93 57.88 10.82
C3B CHL TG . -44.19 57.54 10.44
C4B CHL TG . -44.81 56.90 11.58
CMB CHL TG . -41.90 58.58 10.00
CAB CHL TG . -44.72 57.75 9.09
CBB CHL TG . -46.05 57.32 8.53
NC CHL TG . -46.27 55.46 13.98
C1C CHL TG . -46.75 55.75 12.73
C2C CHL TG . -48.13 55.27 12.68
C3C CHL TG . -48.39 54.70 13.90
C4C CHL TG . -47.23 54.81 14.73
CMC CHL TG . -49.08 55.32 11.59
OMC CHL TG . -48.87 55.82 10.49
CAC CHL TG . -49.70 54.07 14.29
CBC CHL TG . -49.57 52.58 14.57
ND CHL TG . -44.82 55.15 16.18
C1D CHL TG . -45.89 54.52 16.72
C2D CHL TG . -45.59 54.08 18.05
C3D CHL TG . -44.30 54.47 18.29
C4D CHL TG . -43.84 55.12 17.14
CMD CHL TG . -46.54 53.34 18.94
CAD CHL TG . -43.23 54.50 19.26
OBD CHL TG . -43.20 54.03 20.39
CBD CHL TG . -42.06 55.22 18.62
CGD CHL TG . -41.66 56.44 19.44
O1D CHL TG . -42.15 57.52 19.31
O2D CHL TG . -40.70 56.14 20.30
CED CHL TG . -40.72 56.87 21.55
C1 CHL TG . -36.23 53.05 16.32
C2 CHL TG . -36.09 52.57 17.72
MG CLA UG . -57.21 61.22 -3.24
CHA CLA UG . -54.48 63.07 -2.32
CHB CLA UG . -58.53 61.50 -0.06
CHC CLA UG . -59.85 59.54 -4.27
CHD CLA UG . -55.88 61.01 -6.52
NA CLA UG . -56.59 62.20 -1.36
C1A CLA UG . -55.46 62.88 -1.19
C2A CLA UG . -55.31 63.39 0.21
C3A CLA UG . -56.58 62.87 0.89
C4A CLA UG . -57.29 62.15 -0.21
CMA CLA UG . -56.49 62.23 2.27
CAA CLA UG . -55.28 64.92 0.18
CBA CLA UG . -56.66 65.53 0.32
CGA CLA UG . -56.96 66.39 -0.88
O1A CLA UG . -58.04 66.27 -1.43
O2A CLA UG . -56.06 67.27 -1.28
NB CLA UG . -58.92 60.63 -2.32
C1B CLA UG . -59.28 60.80 -1.01
C2B CLA UG . -60.55 60.17 -0.77
C3B CLA UG . -60.92 59.62 -1.97
C4B CLA UG . -59.87 59.92 -2.94
CMB CLA UG . -61.31 60.12 0.52
CAB CLA UG . -62.13 58.85 -2.28
CBB CLA UG . -62.36 57.53 -1.59
NC CLA UG . -57.78 60.44 -5.10
C1C CLA UG . -58.89 59.75 -5.29
C2C CLA UG . -59.03 59.24 -6.67
C3C CLA UG . -57.90 59.68 -7.31
C4C CLA UG . -57.13 60.42 -6.31
CMC CLA UG . -60.16 58.43 -7.24
CAC CLA UG . -57.52 59.41 -8.74
CBC CLA UG . -58.12 60.47 -9.63
ND CLA UG . -55.65 61.86 -4.26
C1D CLA UG . -55.16 61.71 -5.52
C2D CLA UG . -53.83 62.30 -5.67
C3D CLA UG . -53.59 62.83 -4.41
C4D CLA UG . -54.67 62.57 -3.58
CMD CLA UG . -52.84 62.42 -6.79
CAD CLA UG . -52.60 63.55 -3.66
OBD CLA UG . -51.42 63.62 -3.94
CBD CLA UG . -53.16 63.79 -2.29
CGD CLA UG . -52.30 63.12 -1.27
O1D CLA UG . -52.30 61.91 -1.16
O2D CLA UG . -51.54 63.85 -0.47
CED CLA UG . -50.14 63.64 -0.54
C1 CLA UG . -56.06 68.62 -0.73
C2 CLA UG . -57.24 69.17 0.03
C3 CLA UG . -58.01 70.14 -0.48
C4 CLA UG . -57.75 70.72 -1.83
C5 CLA UG . -59.20 70.70 0.26
MG CLA VG . -48.99 54.39 -0.35
CHA CLA VG . -47.22 55.02 -3.24
CHB CLA VG . -50.64 51.81 -1.86
CHC CLA VG . -50.48 53.79 2.52
CHD CLA VG . -47.33 57.12 1.18
NA CLA VG . -48.95 53.47 -2.34
C1A CLA VG . -48.18 53.87 -3.36
C2A CLA VG . -48.42 53.06 -4.61
C3A CLA VG . -49.51 52.08 -4.15
C4A CLA VG . -49.71 52.44 -2.71
CMA CLA VG . -50.74 51.95 -5.03
CAA CLA VG . -47.13 52.34 -5.01
CBA CLA VG . -47.03 50.86 -4.66
CGA CLA VG . -46.46 50.65 -3.28
O1A CLA VG . -46.87 51.33 -2.36
O2A CLA VG . -45.53 49.73 -3.09
NB CLA VG . -50.35 52.99 0.24
C1B CLA VG . -50.96 52.04 -0.52
C2B CLA VG . -51.91 51.32 0.29
C3B CLA VG . -51.86 51.90 1.53
C4B CLA VG . -50.86 52.96 1.48
CMB CLA VG . -52.78 50.19 -0.19
CAB CLA VG . -52.63 51.59 2.75
CBB CLA VG . -53.02 50.19 3.14
NC CLA VG . -48.85 55.26 1.56
C1C CLA VG . -49.56 54.86 2.59
C2C CLA VG . -49.31 55.66 3.82
C3C CLA VG . -48.39 56.57 3.43
C4C CLA VG . -48.11 56.33 2.01
CMC CLA VG . -49.94 55.47 5.17
CAC CLA VG . -47.77 57.61 4.33
CBC CLA VG . -48.69 58.79 4.53
ND CLA VG . -47.65 55.76 -0.81
C1D CLA VG . -47.06 56.80 -0.17
C2D CLA VG . -46.11 57.49 -1.03
C3D CLA VG . -46.19 56.79 -2.23
C4D CLA VG . -47.11 55.77 -2.07
CMD CLA VG . -45.21 58.68 -0.83
CAD CLA VG . -45.65 56.75 -3.57
OBD CLA VG . -44.58 57.25 -3.90
CBD CLA VG . -46.22 55.55 -4.25
CGD CLA VG . -46.92 55.93 -5.52
O1D CLA VG . -47.76 56.81 -5.57
O2D CLA VG . -46.60 55.27 -6.63
CED CLA VG . -45.55 55.84 -7.40
C1 CLA VG . -45.06 49.43 -1.73
C2 CLA VG . -43.75 49.92 -1.19
C3 CLA VG . -43.20 49.39 -0.08
C4 CLA VG . -43.89 48.27 0.65
C5 CLA VG . -41.88 49.84 0.49
C6 CLA VG . -42.05 50.91 1.57
C7 CLA VG . -40.89 51.90 1.52
C8 CLA VG . -40.46 52.38 2.91
C9 CLA VG . -41.67 52.58 3.81
C10 CLA VG . -39.68 53.68 2.78
C11 CLA VG . -38.28 53.44 2.26
C12 CLA VG . -37.28 54.36 2.93
MG CHL WG . -53.68 59.51 12.95
CHA CHL WG . -56.94 60.10 13.37
CHB CHL WG . -54.18 59.55 9.47
CHC CHL WG . -50.58 58.95 12.57
CHD CHL WG . -53.33 59.50 16.53
NA CHL WG . -55.25 59.76 11.66
C1A CHL WG . -56.56 59.96 12.05
C2A CHL WG . -57.51 60.06 10.86
C3A CHL WG . -56.61 59.90 9.66
C4A CHL WG . -55.24 59.72 10.28
CMA CHL WG . -57.02 59.01 8.49
CAA CHL WG . -58.32 61.37 10.85
CBA CHL WG . -59.08 61.69 9.56
CGA CHL WG . -60.54 61.84 9.82
O1A CHL WG . -61.01 62.51 10.70
O2A CHL WG . -61.26 61.15 8.97
NB CHL WG . -52.58 59.31 11.24
C1B CHL WG . -52.89 59.37 9.93
C2B CHL WG . -51.70 59.21 9.17
C3B CHL WG . -50.66 59.05 10.04
C4B CHL WG . -51.23 59.11 11.37
CMB CHL WG . -51.61 59.22 7.67
CAB CHL WG . -49.25 58.91 9.65
CBB CHL WG . -48.07 58.83 10.58
NC CHL WG . -52.23 59.27 14.37
C1C CHL WG . -50.99 58.99 13.89
C2C CHL WG . -50.12 58.77 15.05
C3C CHL WG . -50.90 58.93 16.16
C4C CHL WG . -52.23 59.24 15.75
CMC CHL WG . -48.71 58.44 15.09
OMC CHL WG . -47.99 58.29 14.13
CAC CHL WG . -50.42 58.75 17.58
CBC CHL WG . -50.57 60.01 18.42
ND CHL WG . -54.77 59.73 14.64
C1D CHL WG . -54.57 59.79 15.99
C2D CHL WG . -55.79 60.08 16.66
C3D CHL WG . -56.74 60.21 15.68
C4D CHL WG . -56.11 60.01 14.45
CMD CHL WG . -55.95 60.20 18.14
CAD CHL WG . -58.14 60.46 15.41
OBD CHL WG . -59.03 60.70 16.21
CBD CHL WG . -58.34 60.39 13.93
CGD CHL WG . -59.35 59.31 13.57
O1D CHL WG . -59.23 58.14 13.83
O2D CHL WG . -60.39 59.83 12.92
CED CHL WG . -61.66 59.17 13.12
MG CLA XG . -21.54 62.76 8.96
CHA CLA XG . -24.74 62.04 10.04
CHB CLA XG . -20.48 59.64 9.93
CHC CLA XG . -18.59 63.48 7.72
CHD CLA XG . -22.67 65.96 7.99
NA CLA XG . -22.49 61.00 9.89
C1A CLA XG . -23.77 60.91 10.26
C2A CLA XG . -24.08 59.60 10.93
C3A CLA XG . -22.72 58.89 10.88
C4A CLA XG . -21.83 59.88 10.20
CMA CLA XG . -22.19 58.24 12.16
CAA CLA XG . -25.04 58.80 10.05
CBA CLA XG . -24.58 58.82 8.60
CGA CLA XG . -25.05 57.58 7.87
O1A CLA XG . -24.72 56.49 8.31
O2A CLA XG . -25.78 57.71 6.78
NB CLA XG . -19.81 61.71 8.83
C1B CLA XG . -19.52 60.46 9.31
C2B CLA XG . -18.15 60.15 9.06
C3B CLA XG . -17.62 61.25 8.44
C4B CLA XG . -18.69 62.23 8.30
CMB CLA XG . -17.48 58.85 9.46
CAB CLA XG . -16.25 61.52 7.94
CBB CLA XG . -15.04 60.78 8.46
NC CLA XG . -20.76 64.44 8.00
C1C CLA XG . -19.52 64.52 7.57
C2C CLA XG . -19.24 65.81 6.92
C3C CLA XG . -20.41 66.51 6.99
C4C CLA XG . -21.36 65.64 7.68
CMC CLA XG . -17.96 66.24 6.30
CAC CLA XG . -20.64 67.90 6.46
CBC CLA XG . -21.57 67.85 5.27
ND CLA XG . -23.21 63.81 8.95
C1D CLA XG . -23.58 65.06 8.57
C2D CLA XG . -24.97 65.33 8.86
C3D CLA XG . -25.41 64.16 9.44
C4D CLA XG . -24.35 63.26 9.48
CMD CLA XG . -25.84 66.53 8.67
CAD CLA XG . -26.57 63.52 10.00
OBD CLA XG . -27.61 64.08 10.32
CBD CLA XG . -26.21 62.12 10.36
CGD CLA XG . -26.48 61.95 11.81
O1D CLA XG . -26.03 62.74 12.62
O2D CLA XG . -27.21 60.92 12.24
CED CLA XG . -28.58 61.21 12.46
C1 CLA XG . -25.44 56.98 5.56
O1 LHG YG . -30.32 81.74 -11.43
C1 LHG YG . -30.07 80.57 -10.65
C2 LHG YG . -31.26 80.29 -9.75
O2 LHG YG . -30.81 79.79 -8.49
C3 LHG YG . -32.16 79.25 -10.40
O3 LHG YG . -32.07 78.05 -9.65
P LHG YG . -33.18 77.69 -8.54
O4 LHG YG . -33.98 78.92 -8.21
O5 LHG YG . -33.90 76.45 -8.98
O6 LHG YG . -32.24 77.31 -7.29
C4 LHG YG . -32.76 77.33 -5.98
C5 LHG YG . -32.56 75.97 -5.34
C6 LHG YG . -33.66 75.09 -5.92
O7 LHG YG . -31.28 75.50 -5.73
C7 LHG YG . -30.78 74.60 -4.87
O9 LHG YG . -31.18 73.46 -4.92
C8 LHG YG . -29.76 74.98 -3.84
C9 LHG YG . -28.98 73.73 -3.45
C10 LHG YG . -27.66 73.65 -4.19
O8 LHG YG . -34.47 74.60 -4.86
C23 LHG YG . -34.75 73.30 -4.80
O10 LHG YG . -34.86 72.69 -5.85
C24 LHG YG . -34.89 72.60 -3.49
C11 LHG YG . -26.63 72.85 -3.40
C12 LHG YG . -25.23 73.39 -3.64
C25 LHG YG . -33.92 71.43 -3.48
C26 LHG YG . -32.64 71.76 -2.71
C27 LHG YG . -31.54 70.79 -3.09
C28 LHG YG . -30.47 70.71 -2.02
C29 LHG YG . -29.33 69.79 -2.43
C30 LHG YG . -28.65 69.19 -1.20
C31 LHG YG . -28.69 67.67 -1.25
C32 LHG YG . -27.54 67.03 -0.49
C33 LHG YG . -27.99 66.45 0.85
C34 LHG YG . -26.81 66.29 1.79
O7 LPX ZG . -59.28 48.62 -1.28
C6 LPX ZG . -60.40 48.83 -1.72
O6 LPX ZG . -60.66 48.62 -3.02
C5 LPX ZG . -60.09 49.55 -3.91
C4 LPX ZG . -59.48 48.77 -5.08
O5 LPX ZG . -58.35 48.08 -4.66
C3 LPX ZG . -59.18 49.77 -6.22
O1 LPX ZG . -59.07 49.06 -7.40
P1 LPX ZG . -60.50 48.56 -8.16
O3 LPX ZG . -61.11 47.48 -7.39
O2 LPX ZG . -59.89 47.96 -9.61
C1 LPX ZG . -59.45 46.65 -9.64
C2 LPX ZG . -59.35 46.22 -11.11
N1 LPX ZG . -57.94 46.11 -11.50
O4 LPX ZG . -61.18 49.85 -8.54
C7 LPX ZG . -61.54 49.31 -0.89
C8 LPX ZG . -61.52 48.58 0.43
C9 LPX ZG . -61.04 49.50 1.52
C10 LPX ZG . -59.77 48.94 2.17
C11 LPX ZG . -60.05 47.66 2.99
C12 LPX ZG . -60.49 47.96 4.42
C13 LPX ZG . -61.94 48.43 4.49
C14 LPX ZG . -62.45 48.44 5.89
C15 LPX ZG . -61.70 47.48 6.78
C16 LPX ZG . -61.54 48.07 8.18
C17 LPX ZG . -62.57 47.48 9.15
C18 LPX ZG . -63.45 48.58 9.75
C19 LPX ZG . -63.67 49.73 8.77
C20 LPX ZG . -63.52 51.08 9.44
C21 LPX ZG . -63.70 52.18 8.40
C02 GG0 AH . -50.65 49.33 -12.58
C03 GG0 AH . -49.51 50.37 -12.57
C06 GG0 AH . -47.92 51.70 -11.24
C07 GG0 AH . -47.51 51.98 -9.77
N01 GG0 AH . -50.81 48.75 -13.90
N05 GG0 AH . -49.01 50.72 -11.34
O04 GG0 AH . -49.09 50.85 -13.61
O08 GG0 AH . -47.69 53.15 -9.35
O09 GG0 AH . -47.04 51.04 -9.09
C1 PTY BH . 37.76 -7.11 -18.68
C2 PTY BH . 42.13 -13.33 -20.89
C3 PTY BH . 41.62 -11.90 -20.69
O4 PTY BH . 36.44 -6.80 -18.35
C5 PTY BH . 37.75 -9.59 -18.68
C6 PTY BH . 38.21 -8.35 -17.92
O7 PTY BH . 37.67 -8.31 -16.62
C8 PTY BH . 37.40 -9.53 -15.99
O10 PTY BH . 38.28 -10.28 -15.70
C11 PTY BH . 35.95 -9.91 -15.65
C12 PTY BH . 35.09 -8.64 -15.67
C13 PTY BH . 34.90 -8.10 -14.25
C14 PTY BH . 34.65 -6.59 -14.31
C15 PTY BH . 33.62 -6.19 -13.26
C16 PTY BH . 34.01 -6.75 -11.89
C17 PTY BH . 33.06 -6.21 -10.82
C18 PTY BH . 33.87 -5.78 -9.60
C19 PTY BH . 33.74 -6.81 -8.50
C20 PTY BH . 32.32 -6.79 -7.93
C30 PTY BH . 35.81 -5.89 -19.20
C31 PTY BH . 34.29 -5.95 -19.43
O30 PTY BH . 36.44 -5.07 -19.76
C32 PTY BH . 33.59 -5.91 -18.08
C33 PTY BH . 32.13 -5.48 -18.26
C34 PTY BH . 31.42 -5.61 -16.93
C35 PTY BH . 30.26 -4.63 -16.82
C36 PTY BH . 29.21 -5.20 -15.86
C37 PTY BH . 29.82 -5.52 -14.50
C38 PTY BH . 28.68 -5.74 -13.51
C39 PTY BH . 29.05 -6.80 -12.47
C40 PTY BH . 27.84 -7.08 -11.58
C41 PTY BH . 28.25 -7.97 -10.41
P1 PTY BH . 39.20 -11.45 -19.78
O11 PTY BH . 40.77 -11.89 -19.57
O12 PTY BH . 39.09 -10.59 -21.02
O13 PTY BH . 38.35 -12.69 -19.95
O14 PTY BH . 38.68 -10.61 -18.48
N1 PTY BH . 42.13 -13.63 -22.31
C1 LUT CH . 68.46 -24.19 -0.32
C2 LUT CH . 68.25 -23.88 1.14
C3 LUT CH . 67.09 -24.66 1.73
C4 LUT CH . 65.84 -24.19 1.03
C5 LUT CH . 65.97 -24.38 -0.45
C6 LUT CH . 67.14 -24.21 -1.07
C7 LUT CH . 67.16 -24.04 -2.53
C8 LUT CH . 66.83 -22.87 -3.07
C9 LUT CH . 66.86 -22.69 -4.53
C10 LUT CH . 66.65 -21.46 -5.00
C11 LUT CH . 66.69 -21.12 -6.40
C12 LUT CH . 66.64 -19.83 -6.68
C13 LUT CH . 66.70 -19.30 -8.05
C14 LUT CH . 66.86 -17.98 -8.18
C15 LUT CH . 66.98 -17.32 -9.46
C16 LUT CH . 69.12 -25.54 -0.49
C17 LUT CH . 69.38 -23.14 -0.92
C18 LUT CH . 64.75 -24.78 -1.21
C19 LUT CH . 67.11 -23.85 -5.44
C20 LUT CH . 66.61 -20.20 -9.23
O3 LUT CH . 66.98 -24.36 3.11
C21 LUT CH . 69.49 -7.84 -17.46
C22 LUT CH . 69.66 -7.55 -18.93
C23 LUT CH . 68.42 -6.92 -19.52
C24 LUT CH . 67.32 -7.94 -19.46
C25 LUT CH . 67.10 -8.30 -18.01
C26 LUT CH . 68.11 -8.43 -17.15
C27 LUT CH . 67.75 -8.75 -15.75
C28 LUT CH . 67.96 -9.97 -15.27
C29 LUT CH . 67.61 -10.35 -13.89
C30 LUT CH . 68.11 -11.48 -13.42
C31 LUT CH . 67.87 -11.99 -12.07
C32 LUT CH . 67.67 -13.29 -11.96
C33 LUT CH . 67.44 -13.94 -10.67
C34 LUT CH . 67.48 -15.28 -10.65
C35 LUT CH . 67.31 -16.04 -9.42
C36 LUT CH . 69.62 -6.54 -16.67
C37 LUT CH . 70.58 -8.81 -17.03
C38 LUT CH . 65.70 -8.51 -17.53
C39 LUT CH . 66.73 -9.49 -13.03
C40 LUT CH . 67.19 -13.15 -9.44
O23 LUT CH . 68.63 -6.57 -20.89
C1 LUT DH . 58.31 -11.19 1.08
C2 LUT DH . 59.05 -11.30 2.41
C3 LUT DH . 60.46 -10.77 2.32
C4 LUT DH . 61.24 -11.61 1.32
C5 LUT DH . 60.51 -11.62 0.00
C6 LUT DH . 59.18 -11.63 -0.07
C7 LUT DH . 58.48 -12.04 -1.30
C8 LUT DH . 58.47 -13.29 -1.74
C9 LUT DH . 57.74 -13.67 -2.95
C10 LUT DH . 57.79 -14.94 -3.36
C11 LUT DH . 57.05 -15.41 -4.53
C12 LUT DH . 56.82 -16.71 -4.55
C13 LUT DH . 56.07 -17.39 -5.61
C14 LUT DH . 56.10 -18.72 -5.67
C15 LUT DH . 55.36 -19.47 -6.67
C16 LUT DH . 57.86 -9.78 0.85
C17 LUT DH . 57.09 -12.08 1.16
C18 LUT DH . 61.35 -11.64 -1.24
C19 LUT DH . 56.94 -12.65 -3.71
C20 LUT DH . 55.27 -16.59 -6.60
O3 LUT DH . 61.08 -10.92 3.60
C21 LUT DH . 49.17 -29.07 -12.16
C22 LUT DH . 48.34 -29.49 -13.36
C23 LUT DH . 49.17 -29.89 -14.54
C24 LUT DH . 49.97 -28.69 -14.98
C25 LUT DH . 50.86 -28.27 -13.83
C26 LUT DH . 50.43 -28.32 -12.55
C27 LUT DH . 51.44 -28.01 -11.51
C28 LUT DH . 51.31 -26.89 -10.81
C29 LUT DH . 52.27 -26.52 -9.76
C30 LUT DH . 52.11 -25.33 -9.18
C31 LUT DH . 52.96 -24.81 -8.11
C32 LUT DH . 53.26 -23.52 -8.18
C33 LUT DH . 54.07 -22.82 -7.19
C34 LUT DH . 54.26 -21.50 -7.33
C35 LUT DH . 55.03 -20.71 -6.39
C36 LUT DH . 49.58 -30.31 -11.38
C37 LUT DH . 48.28 -28.19 -11.29
C38 LUT DH . 52.25 -27.80 -14.11
C39 LUT DH . 53.38 -27.44 -9.36
C40 LUT DH . 54.68 -23.55 -6.04
O23 LUT DH . 48.32 -30.31 -15.61
C1 BCR EH . 50.48 11.28 -15.41
C2 BCR EH . 48.98 11.09 -15.50
C3 BCR EH . 48.23 11.96 -14.51
C4 BCR EH . 48.67 11.59 -13.10
C5 BCR EH . 50.16 11.59 -12.97
C6 BCR EH . 50.91 11.15 -13.97
C7 BCR EH . 52.22 10.53 -13.67
C8 BCR EH . 52.31 9.35 -13.08
C9 BCR EH . 53.53 8.67 -12.74
C10 BCR EH . 53.55 7.59 -11.81
C11 BCR EH . 54.31 6.46 -11.45
C33 BCR EH . 50.80 12.10 -11.72
C31 BCR EH . 50.83 12.66 -15.94
C32 BCR EH . 51.25 10.26 -16.22
C34 BCR EH . 54.82 9.09 -13.37
C12 BCR EH . 54.84 5.45 -11.05
C13 BCR EH . 55.87 4.54 -10.73
C14 BCR EH . 55.47 3.47 -10.01
C15 BCR EH . 56.29 2.40 -9.54
C16 BCR EH . 56.37 1.10 -9.26
C17 BCR EH . 57.41 0.54 -8.75
C18 BCR EH . 57.51 -0.73 -8.35
C19 BCR EH . 58.72 -1.29 -7.75
C20 BCR EH . 59.35 -2.35 -7.29
C21 BCR EH . 60.39 -3.07 -6.66
C22 BCR EH . 60.30 -4.26 -6.06
C23 BCR EH . 61.53 -4.77 -5.45
C24 BCR EH . 62.40 -3.98 -4.52
C25 BCR EH . 63.64 -4.45 -3.90
C26 BCR EH . 63.74 -4.38 -2.59
C27 BCR EH . 64.81 -5.12 -1.85
C28 BCR EH . 66.14 -5.18 -2.61
C29 BCR EH . 66.10 -4.74 -4.07
C30 BCR EH . 64.77 -4.99 -4.76
C35 BCR EH . 57.28 4.76 -11.16
C36 BCR EH . 56.32 -1.61 -8.51
C37 BCR EH . 59.01 -5.03 -6.01
C38 BCR EH . 62.77 -3.55 -1.79
C39 BCR EH . 64.55 -6.45 -5.12
C40 BCR EH . 64.81 -4.18 -6.04
C1 BCR FH . 61.06 2.84 -14.28
C2 BCR FH . 61.01 3.56 -15.62
C3 BCR FH . 61.48 2.68 -16.76
C4 BCR FH . 60.60 1.45 -16.88
C5 BCR FH . 60.25 0.83 -15.55
C6 BCR FH . 60.61 1.40 -14.39
C7 BCR FH . 60.54 0.63 -13.14
C8 BCR FH . 61.38 -0.30 -12.74
C9 BCR FH . 61.29 -1.05 -11.50
C10 BCR FH . 61.66 -2.43 -11.39
C11 BCR FH . 62.68 -3.35 -11.06
C33 BCR FH . 59.47 -0.45 -15.55
C31 BCR FH . 60.16 3.54 -13.28
C32 BCR FH . 62.49 2.83 -13.77
C34 BCR FH . 60.78 -0.32 -10.29
C12 BCR FH . 63.54 -4.17 -10.87
C13 BCR FH . 64.19 -5.19 -10.13
C14 BCR FH . 65.46 -5.51 -10.47
C15 BCR FH . 66.24 -6.53 -9.83
C16 BCR FH . 67.44 -7.11 -9.64
C17 BCR FH . 67.62 -8.15 -8.89
C18 BCR FH . 68.76 -8.87 -8.78
C19 BCR FH . 68.91 -10.04 -7.91
C20 BCR FH . 69.81 -10.74 -7.22
C21 BCR FH . 70.48 -11.69 -6.40
C22 BCR FH . 71.79 -11.95 -6.37
C23 BCR FH . 72.35 -12.95 -5.46
C24 BCR FH . 72.83 -12.70 -4.06
C25 BCR FH . 73.41 -13.76 -3.24
C26 BCR FH . 72.62 -14.62 -2.59
C27 BCR FH . 73.20 -15.70 -1.69
C28 BCR FH . 74.64 -16.01 -2.04
C29 BCR FH . 75.43 -14.71 -2.05
C30 BCR FH . 74.93 -13.82 -3.18
C35 BCR FH . 63.48 -5.90 -9.03
C36 BCR FH . 69.93 -8.45 -9.59
C37 BCR FH . 72.71 -11.21 -7.29
C38 BCR FH . 71.13 -14.57 -2.68
C39 BCR FH . 75.44 -14.34 -4.51
C40 BCR FH . 75.48 -12.43 -2.91
C1 BCR GH . 53.49 -32.51 6.28
C2 BCR GH . 53.12 -33.83 5.61
C3 BCR GH . 54.25 -34.36 4.74
C4 BCR GH . 54.57 -33.33 3.67
C5 BCR GH . 54.86 -31.99 4.28
C6 BCR GH . 54.23 -31.57 5.37
C7 BCR GH . 54.30 -30.15 5.72
C8 BCR GH . 53.65 -29.18 5.14
C9 BCR GH . 53.70 -27.78 5.52
C10 BCR GH . 52.70 -26.86 5.02
C11 BCR GH . 52.53 -25.66 4.28
C33 BCR GH . 55.91 -31.14 3.63
C31 BCR GH . 54.39 -32.78 7.47
C32 BCR GH . 52.22 -31.83 6.78
C34 BCR GH . 54.80 -27.28 6.44
C12 BCR GH . 52.22 -24.69 3.62
C13 BCR GH . 52.36 -23.33 3.21
C14 BCR GH . 51.64 -23.03 2.11
C15 BCR GH . 51.55 -21.76 1.49
C16 BCR GH . 51.54 -21.03 0.39
C17 BCR GH . 51.37 -19.74 0.39
C18 BCR GH . 50.84 -19.00 -0.61
C19 BCR GH . 50.67 -17.54 -0.52
C20 BCR GH . 49.93 -16.48 -0.80
C21 BCR GH . 49.48 -15.13 -0.87
C22 BCR GH . 48.72 -14.57 -1.81
C23 BCR GH . 48.35 -13.15 -1.67
C24 BCR GH . 49.22 -11.99 -1.98
C25 BCR GH . 48.74 -10.60 -1.78
C26 BCR GH . 48.68 -9.77 -2.80
C27 BCR GH . 47.83 -8.53 -2.73
C28 BCR GH . 47.91 -7.84 -1.37
C29 BCR GH . 48.61 -8.64 -0.28
C30 BCR GH . 48.34 -10.13 -0.38
C35 BCR GH . 53.21 -22.32 3.92
C36 BCR GH . 50.36 -19.68 -1.84
C37 BCR GH . 48.22 -15.37 -2.97
C38 BCR GH . 49.46 -10.03 -4.07
C39 BCR GH . 46.89 -10.45 -0.07
C40 BCR GH . 49.19 -10.84 0.64
C01 QTB HH . 63.56 -29.10 -8.20
C02 QTB HH . 64.39 -30.08 -8.99
C03 QTB HH . 65.30 -30.87 -8.43
C04 QTB HH . 65.78 -31.11 -7.08
C05 QTB HH . 66.96 -31.77 -7.00
C06 QTB HH . 67.62 -32.11 -5.73
C08 QTB HH . 69.13 -32.16 -5.62
C09 QTB HH . 64.08 -29.99 -10.41
C10 QTB HH . 63.00 -29.27 -10.77
C11 QTB HH . 62.45 -29.00 -12.06
C12 QTB HH . 61.25 -29.58 -12.32
C13 QTB HH . 60.94 -30.97 -11.95
C14 QTB HH . 60.34 -28.97 -13.29
C15 QTB HH . 61.03 -28.28 -14.41
C16 QTB HH . 62.07 -27.33 -13.90
C17 QTB HH . 63.08 -27.98 -12.96
C18 QTB HH . 63.75 -26.87 -12.17
C19 QTB HH . 64.17 -28.72 -13.71
O07 QTB HH . 66.96 -32.36 -4.74
MG CLA IH . 64.21 -11.97 -17.55
CHA CLA IH . 63.47 -10.42 -20.55
CHB CLA IH . 66.24 -14.23 -19.17
CHC CLA IH . 65.00 -13.23 -14.63
CHD CLA IH . 62.07 -9.69 -15.94
NA CLA IH . 64.81 -12.30 -19.64
C1A CLA IH . 64.40 -11.61 -20.70
C2A CLA IH . 64.96 -12.15 -21.97
C3A CLA IH . 65.76 -13.36 -21.51
C4A CLA IH . 65.63 -13.30 -20.03
CMA CLA IH . 65.40 -14.68 -22.18
CAA CLA IH . 65.95 -11.11 -22.47
CBA CLA IH . 67.39 -11.61 -22.57
CGA CLA IH . 68.19 -11.36 -21.31
O1A CLA IH . 68.53 -10.22 -21.04
O2A CLA IH . 68.51 -12.39 -20.55
NB CLA IH . 65.44 -13.48 -16.99
C1B CLA IH . 66.18 -14.31 -17.77
C2B CLA IH . 66.86 -15.28 -16.96
C3B CLA IH . 66.50 -15.00 -15.67
C4B CLA IH . 65.60 -13.85 -15.72
CMB CLA IH . 67.75 -16.36 -17.49
CAB CLA IH . 66.89 -15.67 -14.42
CBB CLA IH . 68.24 -16.32 -14.22
NC CLA IH . 63.67 -11.49 -15.59
C1C CLA IH . 64.07 -12.17 -14.53
C2C CLA IH . 63.46 -11.69 -13.27
C3C CLA IH . 62.67 -10.66 -13.67
C4C CLA IH . 62.80 -10.54 -15.11
CMC CLA IH . 63.68 -12.20 -11.88
CAC CLA IH . 61.82 -9.82 -12.76
CBC CLA IH . 62.60 -8.60 -12.37
ND CLA IH . 63.07 -10.42 -18.01
C1D CLA IH . 62.20 -9.62 -17.34
C2D CLA IH . 61.45 -8.76 -18.23
C3D CLA IH . 61.96 -9.08 -19.48
C4D CLA IH . 62.93 -10.07 -19.33
CMD CLA IH . 60.38 -7.73 -18.02
CAD CLA IH . 61.84 -8.77 -20.88
OBD CLA IH . 61.09 -7.96 -21.38
CBD CLA IH . 63.00 -9.42 -21.57
CGD CLA IH . 62.59 -10.07 -22.85
O1D CLA IH . 61.94 -11.09 -22.86
O2D CLA IH . 62.94 -9.53 -24.01
CED CLA IH . 62.03 -9.71 -25.09
C1 CLA IH . 68.96 -12.19 -19.17
C2 CLA IH . 70.36 -12.54 -18.71
C3 CLA IH . 70.53 -12.98 -17.47
C4 CLA IH . 69.37 -13.14 -16.55
C5 CLA IH . 71.88 -13.35 -16.91
C6 CLA IH . 72.28 -12.34 -15.84
C7 CLA IH . 72.19 -12.91 -14.43
C8 CLA IH . 72.45 -11.84 -13.39
C9 CLA IH . 72.44 -12.41 -11.98
C10 CLA IH . 71.42 -10.73 -13.52
C11 CLA IH . 71.57 -9.74 -12.38
C12 CLA IH . 71.00 -8.38 -12.79
C13 CLA IH . 72.05 -7.29 -12.74
C14 CLA IH . 73.14 -7.57 -11.71
C15 CLA IH . 71.38 -5.95 -12.45
C16 CLA IH . 72.20 -4.80 -13.03
C17 CLA IH . 72.49 -5.01 -14.52
C18 CLA IH . 72.10 -3.82 -15.38
C19 CLA IH . 71.16 -2.86 -14.66
C20 CLA IH . 73.32 -3.09 -15.91
MG CLA JH . 71.07 -20.56 -11.98
CHA CLA JH . 71.79 -21.28 -15.29
CHB CLA JH . 71.32 -17.19 -12.61
CHC CLA JH . 70.21 -20.00 -8.85
CHD CLA JH . 70.84 -24.03 -11.37
NA CLA JH . 71.51 -19.33 -13.77
C1A CLA JH . 71.78 -19.80 -14.98
C2A CLA JH . 72.09 -18.69 -15.95
C3A CLA JH . 71.94 -17.43 -15.07
C4A CLA JH . 71.56 -17.99 -13.74
CMA CLA JH . 73.03 -16.38 -15.11
CAA CLA JH . 71.06 -18.68 -17.06
CBA CLA JH . 71.06 -17.37 -17.84
CGA CLA JH . 72.08 -17.43 -18.95
O1A CLA JH . 72.13 -16.49 -19.72
O2A CLA JH . 72.88 -18.46 -19.05
NB CLA JH . 70.79 -18.86 -10.90
C1B CLA JH . 70.96 -17.57 -11.30
C2B CLA JH . 70.73 -16.68 -10.19
C3B CLA JH . 70.42 -17.49 -9.13
C4B CLA JH . 70.47 -18.87 -9.60
CMB CLA JH . 70.83 -15.18 -10.25
CAB CLA JH . 70.08 -17.16 -7.73
CBB CLA JH . 70.36 -15.82 -7.08
NC CLA JH . 70.51 -21.81 -10.39
C1C CLA JH . 70.30 -21.38 -9.16
C2C CLA JH . 70.17 -22.47 -8.18
C3C CLA JH . 70.31 -23.60 -8.92
C4C CLA JH . 70.53 -23.18 -10.29
CMC CLA JH . 69.93 -22.33 -6.70
CAC CLA JH . 70.28 -25.02 -8.43
CBC CLA JH . 71.70 -25.45 -8.12
ND CLA JH . 71.23 -22.26 -12.97
C1D CLA JH . 71.14 -23.59 -12.67
C2D CLA JH . 71.39 -24.43 -13.82
C3D CLA JH . 71.64 -23.52 -14.82
C4D CLA JH . 71.54 -22.23 -14.32
CMD CLA JH . 71.42 -25.91 -14.05
CAD CLA JH . 71.97 -23.43 -16.23
OBD CLA JH . 72.06 -24.38 -16.98
CBD CLA JH . 72.08 -21.99 -16.59
CGD CLA JH . 73.49 -21.76 -17.04
O1D CLA JH . 73.79 -21.94 -18.21
O2D CLA JH . 74.43 -21.37 -16.19
CED CLA JH . 75.33 -20.37 -16.68
C1 CLA JH . 74.26 -18.27 -19.48
MG CLA KH . 62.54 -29.08 1.47
CHA CLA KH . 63.27 -30.08 4.69
CHB CLA KH . 65.86 -29.17 0.63
CHC CLA KH . 61.68 -28.25 -1.60
CHD CLA KH . 59.12 -28.99 2.37
NA CLA KH . 64.40 -29.58 2.53
C1A CLA KH . 64.49 -29.95 3.81
C2A CLA KH . 65.91 -30.19 4.21
C3A CLA KH . 66.69 -29.89 2.93
C4A CLA KH . 65.61 -29.51 1.96
CMA CLA KH . 67.96 -29.06 2.97
CAA CLA KH . 66.05 -31.67 4.51
CBA CLA KH . 65.41 -32.51 3.40
CGA CLA KH . 64.28 -33.35 3.94
O1A CLA KH . 64.54 -34.30 4.65
O2A CLA KH . 63.03 -33.03 3.65
NB CLA KH . 63.61 -28.77 -0.23
C1B CLA KH . 64.96 -28.81 -0.39
C2B CLA KH . 65.30 -28.48 -1.74
C3B CLA KH . 64.12 -28.21 -2.35
C4B CLA KH . 63.05 -28.40 -1.38
CMB CLA KH . 66.67 -28.42 -2.33
CAB CLA KH . 63.94 -27.83 -3.77
CBB CLA KH . 63.27 -26.54 -4.16
NC CLA KH . 60.68 -28.74 0.53
C1C CLA KH . 60.57 -28.39 -0.74
C2C CLA KH . 59.16 -28.15 -1.12
C3C CLA KH . 58.45 -28.40 0.01
C4C CLA KH . 59.40 -28.76 1.03
CMC CLA KH . 58.64 -27.74 -2.47
CAC CLA KH . 56.95 -28.31 0.18
CBC CLA KH . 56.35 -29.70 0.19
ND CLA KH . 61.39 -29.45 3.04
C1D CLA KH . 60.08 -29.35 3.34
C2D CLA KH . 59.80 -29.64 4.73
C3D CLA KH . 61.06 -29.93 5.25
C4D CLA KH . 62.00 -29.80 4.24
CMD CLA KH . 58.53 -29.66 5.53
CAD CLA KH . 61.74 -30.30 6.47
OBD CLA KH . 61.30 -30.12 7.59
CBD CLA KH . 63.19 -30.51 6.14
CGD CLA KH . 64.05 -29.64 6.98
O1D CLA KH . 63.67 -28.56 7.36
O2D CLA KH . 65.27 -30.03 7.33
CED CLA KH . 65.74 -29.54 8.58
C1 CLA KH . 62.46 -33.42 2.37
C2 CLA KH . 61.51 -32.53 1.62
C3 CLA KH . 60.83 -33.00 0.58
C4 CLA KH . 60.99 -34.42 0.13
C5 CLA KH . 59.85 -32.15 -0.22
C6 CLA KH . 59.78 -32.64 -1.66
C7 CLA KH . 60.38 -31.62 -2.62
C8 CLA KH . 61.42 -32.26 -3.53
C9 CLA KH . 62.77 -32.32 -2.84
C10 CLA KH . 61.54 -31.51 -4.84
C11 CLA KH . 60.19 -30.98 -5.28
C12 CLA KH . 59.99 -31.14 -6.78
C13 CLA KH . 59.07 -32.34 -7.08
C14 CLA KH . 58.87 -32.52 -8.58
C15 CLA KH . 57.74 -32.18 -6.35
C16 CLA KH . 57.00 -30.91 -6.73
C17 CLA KH . 55.59 -30.93 -6.15
C18 CLA KH . 55.04 -29.55 -5.79
C19 CLA KH . 54.50 -29.54 -4.35
C20 CLA KH . 56.06 -28.44 -5.98
MG CLA LH . 53.89 -24.94 -14.94
CHA CLA LH . 53.65 -26.41 -18.05
CHB CLA LH . 51.33 -22.77 -15.75
CHC CLA LH . 54.08 -23.69 -11.90
CHD CLA LH . 56.42 -27.24 -14.12
NA CLA LH . 52.61 -24.61 -16.70
C1A CLA LH . 52.68 -25.29 -17.83
C2A CLA LH . 51.70 -24.80 -18.84
C3A CLA LH . 51.02 -23.65 -18.11
C4A CLA LH . 51.67 -23.65 -16.77
CMA CLA LH . 50.91 -22.34 -18.87
CAA CLA LH . 50.65 -25.88 -19.02
CBA CLA LH . 50.08 -26.36 -17.69
CGA CLA LH . 48.69 -25.82 -17.48
O1A CLA LH . 48.12 -25.32 -18.44
O2A CLA LH . 48.10 -25.90 -16.30
NB CLA LH . 52.86 -23.47 -13.97
C1B CLA LH . 51.88 -22.66 -14.46
C2B CLA LH . 51.48 -21.71 -13.46
C3B CLA LH . 52.27 -21.99 -12.38
C4B CLA LH . 53.13 -23.09 -12.72
CMB CLA LH . 50.42 -20.66 -13.63
CAB CLA LH . 52.29 -21.32 -11.06
CBB CLA LH . 51.05 -20.80 -10.40
NC CLA LH . 55.08 -25.38 -13.28
C1C CLA LH . 55.00 -24.74 -12.13
C2C CLA LH . 55.96 -25.26 -11.14
C3C CLA LH . 56.63 -26.25 -11.78
C4C CLA LH . 56.06 -26.33 -13.12
CMC CLA LH . 56.16 -24.78 -9.73
CAC CLA LH . 57.72 -27.11 -11.22
CBC CLA LH . 57.12 -28.43 -10.78
ND CLA LH . 54.82 -26.48 -15.75
C1D CLA LH . 55.86 -27.29 -15.41
C2D CLA LH . 56.28 -28.13 -16.50
C3D CLA LH . 55.41 -27.78 -17.52
C4D CLA LH . 54.55 -26.80 -17.06
CMD CLA LH . 57.35 -29.17 -16.68
CAD CLA LH . 55.10 -28.08 -18.90
OBD CLA LH . 55.92 -28.45 -19.71
CBD CLA LH . 53.90 -27.26 -19.27
CGD CLA LH . 54.30 -26.42 -20.44
O1D CLA LH . 54.22 -26.88 -21.56
O2D CLA LH . 54.77 -25.20 -20.29
CED CLA LH . 54.40 -24.26 -21.30
C1 CLA LH . 47.88 -24.70 -15.49
C2 CLA LH . 48.44 -24.58 -14.10
C3 CLA LH . 47.79 -23.89 -13.14
C4 CLA LH . 46.48 -23.21 -13.40
C5 CLA LH . 48.34 -23.75 -11.74
C6 CLA LH . 47.25 -24.18 -10.75
C7 CLA LH . 47.85 -24.88 -9.54
C8 CLA LH . 46.75 -25.37 -8.61
C9 CLA LH . 45.70 -24.28 -8.40
C10 CLA LH . 47.31 -25.80 -7.26
C11 CLA LH . 48.61 -26.59 -7.39
C12 CLA LH . 48.93 -27.30 -6.09
C13 CLA LH . 50.21 -26.74 -5.46
C14 CLA LH . 51.41 -27.60 -5.81
C15 CLA LH . 50.03 -26.65 -3.95
MG CLA MH . 49.19 -17.43 -7.29
CHA CLA MH . 47.18 -16.00 -9.69
CHB CLA MH . 48.36 -20.57 -8.41
CHC CLA MH . 51.27 -18.68 -5.06
CHD CLA MH . 50.04 -14.20 -6.16
NA CLA MH . 47.91 -18.23 -8.89
C1A CLA MH . 47.18 -17.50 -9.73
C2A CLA MH . 46.42 -18.35 -10.68
C3A CLA MH . 46.79 -19.77 -10.24
C4A CLA MH . 47.74 -19.54 -9.13
CMA CLA MH . 45.68 -20.77 -10.00
CAA CLA MH . 47.04 -18.07 -12.05
CBA CLA MH . 46.74 -19.13 -13.08
CGA CLA MH . 45.31 -18.94 -13.50
O1A CLA MH . 45.04 -18.03 -14.27
O2A CLA MH . 44.41 -19.75 -13.01
NB CLA MH . 49.74 -19.34 -6.82
C1B CLA MH . 49.28 -20.50 -7.34
C2B CLA MH . 49.89 -21.61 -6.66
C3B CLA MH . 50.70 -21.05 -5.72
C4B CLA MH . 50.60 -19.62 -5.84
CMB CLA MH . 49.67 -23.07 -6.93
CAB CLA MH . 51.57 -21.74 -4.73
CBB CLA MH . 50.96 -22.72 -3.77
NC CLA MH . 50.47 -16.57 -5.88
C1C CLA MH . 51.22 -17.27 -5.05
C2C CLA MH . 52.00 -16.42 -4.12
C3C CLA MH . 51.65 -15.15 -4.47
C4C CLA MH . 50.70 -15.26 -5.56
CMC CLA MH . 52.96 -16.87 -3.06
CAC CLA MH . 52.16 -13.88 -3.85
CBC CLA MH . 53.35 -13.42 -4.66
ND CLA MH . 48.84 -15.55 -7.76
C1D CLA MH . 49.12 -14.34 -7.22
C2D CLA MH . 48.36 -13.28 -7.84
C3D CLA MH . 47.61 -13.93 -8.80
C4D CLA MH . 47.90 -15.29 -8.74
CMD CLA MH . 48.26 -11.79 -7.62
CAD CLA MH . 46.64 -13.72 -9.82
OBD CLA MH . 45.75 -12.91 -9.73
CBD CLA MH . 46.51 -14.98 -10.60
CGD CLA MH . 45.06 -15.27 -10.81
O1D CLA MH . 44.31 -15.42 -9.86
O2D CLA MH . 44.57 -15.37 -12.04
CED CLA MH . 43.58 -14.41 -12.39
C1 CLA MH . 42.98 -19.55 -13.23
C2 CLA MH . 42.19 -18.45 -12.57
C3 CLA MH . 40.93 -18.73 -12.19
C4 CLA MH . 40.33 -20.07 -12.40
C5 CLA MH . 40.03 -17.70 -11.55
C6 CLA MH . 40.23 -17.74 -10.04
C7 CLA MH . 40.88 -16.44 -9.57
C8 CLA MH . 40.04 -15.76 -8.51
C9 CLA MH . 39.82 -16.68 -7.32
C10 CLA MH . 38.72 -15.32 -9.11
C11 CLA MH . 38.32 -13.94 -8.61
C12 CLA MH . 38.75 -12.87 -9.60
C13 CLA MH . 37.71 -11.77 -9.70
C14 CLA MH . 38.12 -10.73 -10.74
C15 CLA MH . 37.54 -11.11 -8.33
C16 CLA MH . 36.11 -10.66 -8.11
C17 CLA MH . 35.47 -11.36 -6.92
C18 CLA MH . 35.03 -10.33 -5.88
C19 CLA MH . 33.72 -9.69 -6.26
C20 CLA MH . 34.93 -10.97 -4.51
MG CLA NH . 64.99 -7.99 0.17
CHA CLA NH . 65.87 -6.67 3.22
CHB CLA NH . 61.69 -7.17 0.73
CHC CLA NH . 64.28 -9.15 -2.81
CHD CLA NH . 68.39 -8.76 -0.40
NA CLA NH . 63.88 -7.02 1.79
C1A CLA NH . 64.40 -6.58 2.93
C2A CLA NH . 63.36 -6.02 3.84
C3A CLA NH . 62.08 -6.22 3.04
C4A CLA NH . 62.55 -6.82 1.77
CMA CLA NH . 60.98 -7.00 3.73
CAA CLA NH . 63.65 -4.53 4.02
CBA CLA NH . 62.91 -3.65 3.03
CGA CLA NH . 63.76 -2.48 2.62
O1A CLA NH . 64.11 -1.67 3.46
O2A CLA NH . 64.12 -2.37 1.35
NB CLA NH . 63.26 -8.13 -0.89
C1B CLA NH . 62.01 -7.76 -0.50
C2B CLA NH . 61.06 -8.07 -1.53
C3B CLA NH . 61.80 -8.64 -2.54
C4B CLA NH . 63.20 -8.66 -2.11
CMB CLA NH . 59.59 -7.81 -1.47
CAB CLA NH . 61.35 -9.15 -3.85
CBB CLA NH . 60.06 -9.91 -4.02
NC CLA NH . 66.16 -8.80 -1.37
C1C CLA NH . 65.66 -9.22 -2.52
C2C CLA NH . 66.69 -9.75 -3.43
C3C CLA NH . 67.85 -9.61 -2.74
C4C CLA NH . 67.51 -9.02 -1.45
CMC CLA NH . 66.47 -10.29 -4.81
CAC CLA NH . 69.22 -10.00 -3.22
CBC CLA NH . 69.97 -8.76 -3.62
ND CLA NH . 66.73 -7.80 1.07
C1D CLA NH . 68.02 -8.15 0.82
C2D CLA NH . 68.90 -7.85 1.93
C3D CLA NH . 68.05 -7.27 2.86
C4D CLA NH . 66.76 -7.25 2.34
CMD CLA NH . 70.36 -8.04 2.19
CAD CLA NH . 68.03 -6.70 4.17
OBD CLA NH . 68.90 -6.84 5.02
CBD CLA NH . 66.64 -6.21 4.43
CGD CLA NH . 66.08 -6.84 5.65
O1D CLA NH . 66.41 -7.96 5.99
O2D CLA NH . 65.20 -6.18 6.39
CED CLA NH . 65.67 -5.73 7.65
C1 CLA NH . 64.77 -1.16 0.85
C2 CLA NH . 64.08 -0.18 -0.07
C3 CLA NH . 64.69 0.18 -1.21
C4 CLA NH . 66.03 -0.37 -1.58
C5 CLA NH . 64.09 1.17 -2.18
C6 CLA NH . 65.06 2.34 -2.35
C7 CLA NH . 64.76 3.13 -3.61
C8 CLA NH . 64.23 4.52 -3.28
C9 CLA NH . 62.72 4.51 -3.06
C10 CLA NH . 64.58 5.49 -4.39
C11 CLA NH . 66.08 5.44 -4.68
C12 CLA NH . 66.51 6.60 -5.56
C13 CLA NH . 68.02 6.61 -5.73
C14 CLA NH . 68.41 7.56 -6.85
C15 CLA NH . 68.52 5.19 -6.01
C16 CLA NH . 69.85 5.21 -6.74
C17 CLA NH . 71.02 4.91 -5.81
C18 CLA NH . 72.15 4.22 -6.54
C19 CLA NH . 72.45 4.92 -7.86
C20 CLA NH . 73.41 4.14 -5.68
MG CLA OH . 69.05 -29.61 -15.71
CHA CLA OH . 69.26 -26.88 -17.79
CHB CLA OH . 70.16 -31.67 -18.23
CHC CLA OH . 68.94 -32.14 -13.59
CHD CLA OH . 67.91 -27.49 -13.13
NA CLA OH . 69.66 -29.32 -17.80
C1A CLA OH . 69.66 -28.16 -18.47
C2A CLA OH . 70.09 -28.34 -19.89
C3A CLA OH . 70.34 -29.84 -20.00
C4A CLA OH . 70.05 -30.33 -18.62
CMA CLA OH . 69.80 -30.61 -21.19
CAA CLA OH . 71.38 -27.61 -20.16
CBA CLA OH . 72.33 -27.68 -18.97
CGA CLA OH . 73.53 -26.82 -19.27
O1A CLA OH . 74.18 -27.07 -20.27
O2A CLA OH . 73.83 -25.83 -18.47
NB CLA OH . 69.49 -31.60 -15.89
C1B CLA OH . 69.91 -32.27 -16.98
C2B CLA OH . 70.07 -33.66 -16.68
C3B CLA OH . 69.71 -33.79 -15.36
C4B CLA OH . 69.35 -32.46 -14.88
CMB CLA OH . 70.52 -34.71 -17.66
CAB CLA OH . 69.67 -34.97 -14.47
CBB CLA OH . 69.62 -36.40 -14.97
NC CLA OH . 68.58 -29.77 -13.67
C1C CLA OH . 68.55 -30.92 -13.01
C2C CLA OH . 68.09 -30.76 -11.61
C3C CLA OH . 67.83 -29.43 -11.50
C4C CLA OH . 68.13 -28.82 -12.78
CMC CLA OH . 67.94 -31.84 -10.58
CAC CLA OH . 67.33 -28.70 -10.28
CBC CLA OH . 68.48 -28.00 -9.61
ND CLA OH . 68.69 -27.70 -15.41
C1D CLA OH . 68.19 -26.94 -14.41
C2D CLA OH . 67.98 -25.56 -14.80
C3D CLA OH . 68.41 -25.55 -16.12
C4D CLA OH . 68.82 -26.83 -16.47
CMD CLA OH . 67.47 -24.33 -14.10
CAD CLA OH . 68.57 -24.68 -17.27
OBD CLA OH . 67.87 -23.71 -17.49
CBD CLA OH . 69.29 -25.46 -18.32
CGD CLA OH . 68.62 -25.35 -19.65
O1D CLA OH . 67.57 -25.90 -19.86
O2D CLA OH . 69.18 -24.65 -20.64
CED CLA OH . 68.27 -24.09 -21.59
C1 CLA OH . 75.02 -25.93 -17.61
C2 CLA OH . 74.92 -26.11 -16.12
C3 CLA OH . 76.02 -25.98 -15.36
C4 CLA OH . 77.35 -25.68 -15.97
C5 CLA OH . 75.98 -26.15 -13.86
C6 CLA OH . 75.14 -25.06 -13.21
C7 CLA OH . 75.63 -23.66 -13.59
C8 CLA OH . 74.89 -22.60 -12.80
C9 CLA OH . 75.44 -21.21 -13.05
C10 CLA OH . 74.96 -22.94 -11.32
C11 CLA OH . 74.20 -21.92 -10.49
C12 CLA OH . 74.29 -22.30 -9.02
C13 CLA OH . 74.17 -21.07 -8.13
C14 CLA OH . 75.47 -20.28 -8.16
C15 CLA OH . 73.79 -21.53 -6.73
C16 CLA OH . 74.27 -20.56 -5.66
C17 CLA OH . 73.10 -19.99 -4.87
C18 CLA OH . 73.14 -18.47 -4.82
C19 CLA OH . 73.39 -17.87 -6.19
C20 CLA OH . 71.86 -17.92 -4.22
MG CHL PH . 70.19 -35.06 1.56
CHA CHL PH . 67.20 -36.62 1.94
CHB CHL PH . 71.69 -37.63 3.24
CHC CHL PH . 73.03 -33.55 1.14
CHD CHL PH . 68.49 -32.47 -0.16
NA CHL PH . 69.53 -36.80 2.42
C1A CHL PH . 68.26 -37.30 2.45
C2A CHL PH . 68.19 -38.65 3.14
C3A CHL PH . 69.58 -38.85 3.66
C4A CHL PH . 70.35 -37.69 3.08
CMA CHL PH . 70.21 -40.23 3.66
CAA CHL PH . 67.78 -39.75 2.16
CBA CHL PH . 66.48 -40.48 2.52
NB CHL PH . 72.09 -35.54 2.11
C1B CHL PH . 72.53 -36.63 2.77
C2B CHL PH . 73.94 -36.54 2.90
C3B CHL PH . 74.35 -35.37 2.32
C4B CHL PH . 73.16 -34.73 1.81
CMB CHL PH . 74.80 -37.56 3.56
CAB CHL PH . 75.74 -34.93 2.23
CBB CHL PH . 76.28 -33.68 1.57
NC CHL PH . 70.64 -33.29 0.64
C1C CHL PH . 71.94 -32.89 0.62
C2C CHL PH . 71.97 -31.61 -0.09
C3C CHL PH . 70.69 -31.32 -0.46
C4C CHL PH . 69.84 -32.38 0.00
CMC CHL PH . 73.10 -30.74 -0.39
OMC CHL PH . 74.24 -30.96 -0.09
CAC CHL PH . 70.25 -30.12 -1.24
CBC CHL PH . 69.55 -29.12 -0.38
ND CHL PH . 68.31 -34.55 0.97
C1D CHL PH . 67.74 -33.51 0.32
C2D CHL PH . 66.33 -33.71 0.20
C3D CHL PH . 66.07 -34.91 0.81
C4D CHL PH . 67.29 -35.41 1.29
CMD CHL PH . 65.38 -32.76 -0.44
CAD CHL PH . 65.04 -35.87 1.17
OBD CHL PH . 63.86 -35.82 0.91
CBD CHL PH . 65.70 -37.00 1.91
CGD CHL PH . 65.09 -37.10 3.31
O1D CHL PH . 65.69 -36.93 4.34
O2D CHL PH . 63.80 -37.40 3.23
CED CHL PH . 63.10 -37.50 4.49
MG CLA QH . 50.36 -10.15 5.78
CHA CLA QH . 51.55 -7.51 3.92
CHB CLA QH . 49.56 -8.02 8.36
CHC CLA QH . 49.16 -12.74 7.45
CHD CLA QH . 51.23 -12.33 3.15
NA CLA QH . 50.52 -7.99 6.13
C1A CLA QH . 51.03 -7.10 5.28
C2A CLA QH . 51.03 -5.71 5.86
C3A CLA QH . 50.43 -5.92 7.25
C4A CLA QH . 50.14 -7.38 7.26
CMA CLA QH . 51.21 -5.36 8.41
CAA CLA QH . 50.05 -4.80 5.12
CBA CLA QH . 48.94 -5.58 4.40
CGA CLA QH . 47.60 -5.05 4.84
O1A CLA QH . 47.49 -3.87 5.13
O2A CLA QH . 46.58 -5.89 4.86
NB CLA QH . 49.49 -10.35 7.61
C1B CLA QH . 49.25 -9.38 8.53
C2B CLA QH . 48.64 -9.95 9.70
C3B CLA QH . 48.54 -11.28 9.43
C4B CLA QH . 49.08 -11.52 8.10
CMB CLA QH . 48.22 -9.19 10.93
CAB CLA QH . 47.97 -12.35 10.27
CBB CLA QH . 46.66 -12.14 10.98
NC CLA QH . 50.14 -12.19 5.33
C1C CLA QH . 49.67 -13.09 6.18
C2C CLA QH . 49.72 -14.46 5.64
C3C CLA QH . 50.26 -14.31 4.40
C4C CLA QH . 50.53 -12.89 4.22
CMC CLA QH . 49.27 -15.73 6.30
CAC CLA QH . 50.54 -15.40 3.41
CBC CLA QH . 49.26 -15.66 2.66
ND CLA QH . 51.15 -10.05 3.98
C1D CLA QH . 51.50 -10.94 3.01
C2D CLA QH . 52.16 -10.30 1.89
C3D CLA QH . 52.18 -8.96 2.25
C4D CLA QH . 51.56 -8.83 3.50
CMD CLA QH . 52.75 -10.78 0.59
CAD CLA QH . 52.59 -7.65 1.81
OBD CLA QH . 53.12 -7.41 0.74
CBD CLA QH . 52.10 -6.65 2.81
CGD CLA QH . 53.24 -5.84 3.36
O1D CLA QH . 54.18 -6.38 3.88
O2D CLA QH . 53.23 -4.52 3.29
CED CLA QH . 54.50 -3.91 3.13
C1 CLA QH . 46.04 -6.44 3.62
C2 CLA QH . 45.11 -5.65 2.74
C3 CLA QH . 44.43 -6.27 1.75
C4 CLA QH . 43.50 -5.50 0.86
C5 CLA QH . 44.57 -7.74 1.48
C6 CLA QH . 43.82 -8.14 0.23
C7 CLA QH . 43.02 -9.43 0.46
C8 CLA QH . 43.32 -10.48 -0.59
C9 CLA QH . 42.26 -10.51 -1.67
C10 CLA QH . 43.45 -11.84 0.08
C11 CLA QH . 44.14 -12.85 -0.84
C12 CLA QH . 43.78 -14.28 -0.43
C13 CLA QH . 44.98 -15.21 -0.52
C14 CLA QH . 44.51 -16.64 -0.78
C15 CLA QH . 45.79 -15.14 0.76
MG CHL RH . 56.39 -3.75 -15.67
CHA CHL RH . 57.80 -6.62 -14.65
CHB CHL RH . 57.44 -2.28 -12.75
CHC CHL RH . 55.13 -0.96 -16.74
CHD CHL RH . 55.36 -5.45 -18.62
NA CHL RH . 57.42 -4.36 -14.01
C1A CHL RH . 58.02 -5.56 -13.83
C2A CHL RH . 58.87 -5.59 -12.59
C3A CHL RH . 58.51 -4.33 -11.87
C4A CHL RH . 57.72 -3.59 -12.92
CMA CHL RH . 57.98 -4.38 -10.45
CAA CHL RH . 60.36 -5.64 -12.95
CBA CHL RH . 60.85 -4.41 -13.72
CGA CHL RH . 61.76 -4.71 -14.87
O1A CHL RH . 61.85 -4.04 -15.86
O2A CHL RH . 62.47 -5.79 -14.65
NB CHL RH . 56.27 -1.91 -14.83
C1B CHL RH . 56.76 -1.49 -13.64
C2B CHL RH . 56.46 -0.11 -13.51
C3B CHL RH . 55.79 0.31 -14.59
C4B CHL RH . 55.66 -0.85 -15.47
CMB CHL RH . 56.86 0.76 -12.36
CAB CHL RH . 55.30 1.68 -14.70
CBB CHL RH . 54.51 2.30 -15.78
NC CHL RH . 55.40 -3.32 -17.41
C1C CHL RH . 55.02 -2.04 -17.62
C2C CHL RH . 54.44 -2.00 -18.95
C3C CHL RH . 54.52 -3.24 -19.47
C4C CHL RH . 55.12 -4.11 -18.50
CMC CHL RH . 53.89 -0.91 -19.70
OMC CHL RH . 53.81 0.23 -19.31
CAC CHL RH . 54.09 -3.64 -20.85
CBC CHL RH . 55.14 -3.34 -21.88
ND CHL RH . 56.48 -5.58 -16.54
C1D CHL RH . 55.98 -6.18 -17.65
C2D CHL RH . 56.27 -7.58 -17.62
C3D CHL RH . 56.97 -7.80 -16.48
C4D CHL RH . 57.11 -6.57 -15.82
CMD CHL RH . 55.84 -8.56 -18.67
CAD CHL RH . 57.65 -8.79 -15.67
OBD CHL RH . 57.71 -9.99 -15.85
CBD CHL RH . 58.25 -8.09 -14.48
CGD CHL RH . 57.76 -8.71 -13.19
O1D CHL RH . 56.62 -8.79 -12.85
O2D CHL RH . 58.78 -9.16 -12.47
CED CHL RH . 58.45 -9.77 -11.21
C1 CHL RH . 63.39 -6.32 -15.65
C2 CHL RH . 64.50 -5.37 -15.80
C3 CHL RH . 65.52 -5.36 -14.95
C4 CHL RH . 65.61 -6.28 -13.77
C5 CHL RH . 66.68 -4.43 -15.12
C6 CHL RH . 66.55 -3.14 -14.33
C7 CHL RH . 67.14 -3.24 -12.93
C8 CHL RH . 67.19 -1.92 -12.16
C9 CHL RH . 65.80 -1.31 -12.03
MG CLA SH . 49.50 -8.82 -9.42
CHA CLA SH . 48.94 -11.19 -11.86
CHB CLA SH . 47.07 -6.80 -10.77
CHC CLA SH . 49.99 -6.67 -6.95
CHD CLA SH . 52.01 -10.86 -8.06
NA CLA SH . 48.13 -8.97 -11.13
C1A CLA SH . 48.06 -9.99 -11.99
C2A CLA SH . 47.05 -9.75 -13.07
C3A CLA SH . 46.50 -8.37 -12.69
C4A CLA SH . 47.26 -8.00 -11.47
CMA CLA SH . 46.38 -7.30 -13.74
CAA CLA SH . 45.92 -10.74 -12.95
CBA CLA SH . 45.18 -10.56 -11.63
CGA CLA SH . 43.69 -10.51 -11.87
O1A CLA SH . 43.23 -9.61 -12.56
O2A CLA SH . 42.91 -11.41 -11.31
NB CLA SH . 48.65 -7.04 -8.93
C1B CLA SH . 47.70 -6.34 -9.62
C2B CLA SH . 47.43 -5.09 -8.98
C3B CLA SH . 48.26 -5.06 -7.89
C4B CLA SH . 49.03 -6.30 -7.88
CMB CLA SH . 46.43 -4.08 -9.47
CAB CLA SH . 48.45 -4.03 -6.85
CBB CLA SH . 47.37 -3.03 -6.49
NC CLA SH . 50.78 -8.78 -7.76
C1C CLA SH . 50.81 -7.80 -6.87
C2C CLA SH . 51.81 -8.04 -5.80
C3C CLA SH . 52.37 -9.24 -6.13
C4C CLA SH . 51.71 -9.70 -7.35
CMC CLA SH . 52.10 -7.15 -4.63
CAC CLA SH . 53.44 -9.99 -5.36
CBC CLA SH . 54.79 -9.37 -5.61
ND CLA SH . 50.34 -10.57 -9.78
C1D CLA SH . 51.30 -11.31 -9.20
C2D CLA SH . 51.51 -12.56 -9.90
C3D CLA SH . 50.59 -12.51 -10.94
C4D CLA SH . 49.89 -11.31 -10.85
CMD CLA SH . 52.45 -13.71 -9.68
CAD CLA SH . 50.08 -13.25 -12.07
OBD CLA SH . 50.19 -14.45 -12.21
CBD CLA SH . 48.99 -12.45 -12.69
CGD CLA SH . 49.37 -12.15 -14.11
O1D CLA SH . 50.47 -11.70 -14.37
O2D CLA SH . 48.53 -12.38 -15.10
CED CLA SH . 49.10 -13.01 -16.25
C1 CLA SH . 42.45 -11.28 -9.92
C2 CLA SH . 43.42 -11.26 -8.77
C3 CLA SH . 43.09 -11.71 -7.56
C4 CLA SH . 41.71 -12.24 -7.26
C5 CLA SH . 44.06 -11.70 -6.40
C6 CLA SH . 44.08 -13.06 -5.72
C7 CLA SH . 44.78 -14.10 -6.56
C8 CLA SH . 44.37 -15.52 -6.19
C9 CLA SH . 42.94 -15.58 -5.72
C10 CLA SH . 45.33 -16.05 -5.13
C11 CLA SH . 46.16 -17.19 -5.68
C12 CLA SH . 46.52 -18.20 -4.60
C13 CLA SH . 46.16 -19.61 -5.07
C14 CLA SH . 44.71 -19.66 -5.47
C15 CLA SH . 46.46 -20.63 -3.98
C16 CLA SH . 46.02 -22.01 -4.44
C17 CLA SH . 46.42 -23.09 -3.43
C18 CLA SH . 45.39 -24.20 -3.35
C19 CLA SH . 44.13 -23.77 -2.62
C20 CLA SH . 45.05 -24.72 -4.74
MG CLA TH . 58.33 -3.27 0.06
CHA CLA TH . 59.81 -0.23 -0.59
CHB CLA TH . 57.23 -3.46 -3.19
CHC CLA TH . 57.14 -6.25 0.73
CHD CLA TH . 59.47 -3.06 3.39
NA CLA TH . 58.50 -2.00 -1.73
C1A CLA TH . 59.11 -0.81 -1.79
C2A CLA TH . 58.95 -0.17 -3.12
C3A CLA TH . 58.13 -1.19 -3.90
C4A CLA TH . 57.94 -2.29 -2.91
CMA CLA TH . 56.88 -0.71 -4.62
CAA CLA TH . 60.30 0.01 -3.81
CBA CLA TH . 60.23 1.17 -4.80
CGA CLA TH . 61.57 1.27 -5.48
O1A CLA TH . 61.69 1.94 -6.48
O2A CLA TH . 62.60 0.64 -4.93
NB CLA TH . 57.35 -4.65 -1.06
C1B CLA TH . 56.96 -4.56 -2.36
C2B CLA TH . 56.23 -5.74 -2.74
C3B CLA TH . 56.21 -6.52 -1.62
C4B CLA TH . 56.92 -5.81 -0.57
CMB CLA TH . 55.64 -6.01 -4.10
CAB CLA TH . 55.60 -7.86 -1.43
CBB CLA TH . 54.25 -8.22 -1.98
NC CLA TH . 58.34 -4.48 1.78
C1C CLA TH . 57.70 -5.63 1.85
C2C CLA TH . 57.66 -6.16 3.23
C3C CLA TH . 58.32 -5.22 3.97
C4C CLA TH . 58.74 -4.18 3.05
CMC CLA TH . 57.03 -7.45 3.67
CAC CLA TH . 58.57 -5.25 5.45
CBC CLA TH . 57.43 -4.52 6.13
ND CLA TH . 59.36 -2.03 1.20
C1D CLA TH . 59.79 -2.01 2.48
C2D CLA TH . 60.56 -0.81 2.77
C3D CLA TH . 60.56 -0.14 1.58
C4D CLA TH . 59.84 -0.87 0.64
CMD CLA TH . 61.25 -0.31 4.00
CAD CLA TH . 61.05 1.06 0.94
OBD CLA TH . 62.01 1.70 1.32
CBD CLA TH . 60.54 1.08 -0.46
CGD CLA TH . 59.54 2.19 -0.62
O1D CLA TH . 58.67 2.37 0.20
O2D CLA TH . 59.60 2.98 -1.69
CED CLA TH . 59.49 4.39 -1.42
C1 CLA TH . 63.79 0.36 -5.71
C2 CLA TH . 63.76 -0.55 -6.92
C3 CLA TH . 64.89 -1.05 -7.41
C4 CLA TH . 64.86 -1.94 -8.61
C5 CLA TH . 66.25 -0.75 -6.84
C6 CLA TH . 67.13 -2.00 -6.85
C7 CLA TH . 68.32 -1.88 -7.79
C8 CLA TH . 69.03 -3.22 -8.01
C9 CLA TH . 68.70 -3.79 -9.37
C10 CLA TH . 68.68 -4.21 -6.90
C11 CLA TH . 69.58 -5.44 -6.98
C12 CLA TH . 70.94 -5.17 -6.35
C13 CLA TH . 72.00 -6.08 -6.92
C14 CLA TH . 71.77 -7.53 -6.49
C15 CLA TH . 73.39 -5.61 -6.47
C16 CLA TH . 74.42 -6.70 -6.61
MG CLA UH . 71.58 -3.34 4.24
CHA CLA UH . 71.44 -1.74 7.27
CHB CLA UH . 68.22 -2.83 3.77
CHC CLA UH . 71.88 -4.76 1.29
CHD CLA UH . 75.06 -3.82 4.75
NA CLA UH . 69.97 -2.37 5.40
C1A CLA UH . 70.11 -1.81 6.59
C2A CLA UH . 68.81 -1.27 7.11
C3A CLA UH . 67.81 -1.64 5.99
C4A CLA UH . 68.69 -2.32 4.98
CMA CLA UH . 66.48 -2.26 6.36
CAA CLA UH . 68.90 0.26 7.17
CBA CLA UH . 69.15 0.87 5.79
CGA CLA UH . 70.62 1.17 5.57
O1A CLA UH . 71.06 2.25 5.90
O2A CLA UH . 71.41 0.26 5.02
NB CLA UH . 70.25 -3.72 2.75
C1B CLA UH . 68.92 -3.47 2.75
C2B CLA UH . 68.35 -3.94 1.52
C3B CLA UH . 69.37 -4.50 0.82
C4B CLA UH . 70.59 -4.34 1.62
CMB CLA UH . 66.91 -3.88 1.10
CAB CLA UH . 69.20 -5.12 -0.53
CBB CLA UH . 70.30 -5.76 -1.34
NC CLA UH . 73.23 -4.09 3.17
C1C CLA UH . 73.08 -4.71 2.02
C2C CLA UH . 74.34 -5.36 1.56
C3C CLA UH . 75.24 -5.06 2.53
C4C CLA UH . 74.54 -4.27 3.54
CMC CLA UH . 74.52 -6.16 0.30
CAC CLA UH . 76.68 -5.50 2.59
CBC CLA UH . 77.57 -4.31 2.34
ND CLA UH . 72.97 -2.93 5.58
C1D CLA UH . 74.31 -3.15 5.73
C2D CLA UH . 74.81 -2.66 7.00
C3D CLA UH . 73.69 -2.11 7.58
C4D CLA UH . 72.60 -2.28 6.74
CMD CLA UH . 76.16 -2.66 7.64
CAD CLA UH . 73.24 -1.43 8.78
OBD CLA UH . 73.94 -1.13 9.73
CBD CLA UH . 71.81 -1.06 8.57
CGD CLA UH . 70.92 -1.56 9.68
O1D CLA UH . 71.04 -2.68 10.12
O2D CLA UH . 70.00 -0.76 10.18
CED CLA UH . 69.92 -0.73 11.61
C1 CLA UH . 72.16 0.50 3.78
C2 CLA UH . 71.63 0.05 2.43
C3 CLA UH . 72.44 -0.54 1.54
C4 CLA UH . 73.89 -0.78 1.86
C5 CLA UH . 71.96 -1.01 0.20
C6 CLA UH . 73.10 -1.09 -0.82
C7 CLA UH . 73.36 -2.52 -1.26
C8 CLA UH . 73.08 -2.77 -2.75
C9 CLA UH . 74.38 -2.72 -3.56
C10 CLA UH . 72.05 -1.79 -3.29
C11 CLA UH . 70.71 -2.48 -3.51
MG CLA VH . 43.14 -1.94 -7.45
CHA CLA VH . 42.14 1.35 -7.84
CHB CLA VH . 44.48 -1.20 -4.38
CHC CLA VH . 43.88 -5.12 -7.13
CHD CLA VH . 41.78 -2.65 -10.64
NA CLA VH . 43.31 -0.11 -6.21
C1A CLA VH . 42.87 1.10 -6.54
C2A CLA VH . 43.21 2.13 -5.49
C3A CLA VH . 43.95 1.29 -4.44
C4A CLA VH . 43.92 -0.09 -5.01
CMA CLA VH . 45.25 1.82 -3.88
CAA CLA VH . 41.98 2.73 -4.84
CBA CLA VH . 40.82 1.77 -4.82
CGA CLA VH . 39.57 2.54 -4.54
O1A CLA VH . 38.57 2.35 -5.23
O2A CLA VH . 39.57 3.41 -3.55
NB CLA VH . 44.04 -3.01 -5.97
C1B CLA VH . 44.55 -2.55 -4.80
C2B CLA VH . 45.15 -3.63 -4.08
C3B CLA VH . 44.98 -4.74 -4.85
C4B CLA VH . 44.27 -4.32 -6.06
CMB CLA VH . 45.81 -3.55 -2.73
CAB CLA VH . 45.46 -6.09 -4.47
CBB CLA VH . 45.29 -7.36 -5.28
NC CLA VH . 42.82 -3.62 -8.66
C1C CLA VH . 43.26 -4.82 -8.36
C2C CLA VH . 43.01 -5.82 -9.43
C3C CLA VH . 42.39 -5.10 -10.40
C4C CLA VH . 42.28 -3.73 -9.91
CMC CLA VH . 43.38 -7.28 -9.41
CAC CLA VH . 41.91 -5.61 -11.73
CBC CLA VH . 43.11 -5.77 -12.64
ND CLA VH . 42.21 -1.00 -8.92
C1D CLA VH . 41.69 -1.33 -10.12
C2D CLA VH . 41.08 -0.20 -10.80
C3D CLA VH . 41.27 0.84 -9.89
C4D CLA VH . 41.94 0.35 -8.78
CMD CLA VH . 40.39 -0.02 -12.11
CAD CLA VH . 41.00 2.24 -9.71
OBD CLA VH . 40.12 2.85 -10.29
CBD CLA VH . 41.52 2.62 -8.36
CGD CLA VH . 42.56 3.68 -8.49
O1D CLA VH . 43.59 3.45 -9.08
O2D CLA VH . 42.35 4.88 -7.97
CED CLA VH . 42.58 5.99 -8.84
C1 CLA VH . 39.58 2.95 -2.17
O1 LHG WH . 67.39 -35.66 -19.64
C1 LHG WH . 67.58 -34.26 -19.94
C2 LHG WH . 67.21 -33.44 -18.71
O2 LHG WH . 66.30 -34.20 -17.91
C3 LHG WH . 66.54 -32.15 -19.14
O3 LHG WH . 65.34 -31.99 -18.39
P LHG WH . 65.32 -31.21 -16.98
O4 LHG WH . 66.72 -31.01 -16.50
O5 LHG WH . 64.41 -30.03 -17.10
O6 LHG WH . 64.62 -32.30 -16.04
C4 LHG WH . 64.51 -32.07 -14.64
C5 LHG WH . 63.97 -33.31 -13.94
C6 LHG WH . 63.02 -34.08 -14.86
O7 LHG WH . 65.09 -34.13 -13.64
C7 LHG WH . 64.96 -34.71 -12.44
O9 LHG WH . 64.98 -35.93 -12.38
C8 LHG WH . 64.82 -33.88 -11.20
C9 LHG WH . 63.73 -34.46 -10.32
C10 LHG WH . 64.32 -35.23 -9.15
O8 LHG WH . 61.69 -33.60 -14.72
C23 LHG WH . 60.84 -34.19 -13.88
O10 LHG WH . 61.26 -34.66 -12.84
C24 LHG WH . 59.37 -34.28 -14.21
C11 LHG WH . 63.42 -35.12 -7.93
C12 LHG WH . 64.24 -34.96 -6.65
C13 LHG WH . 63.34 -35.05 -5.43
C14 LHG WH . 63.95 -35.95 -4.37
C15 LHG WH . 62.91 -36.36 -3.33
C16 LHG WH . 62.86 -37.88 -3.17
C17 LHG WH . 61.79 -38.28 -2.17
C18 LHG WH . 61.81 -39.79 -1.95
C19 LHG WH . 61.91 -40.14 -0.47
C20 LHG WH . 60.76 -39.52 0.31
C21 LHG WH . 60.67 -40.13 1.70
C22 LHG WH . 59.62 -39.42 2.54
C25 LHG WH . 58.53 -33.52 -13.19
C26 LHG WH . 57.26 -32.99 -13.83
C27 LHG WH . 56.53 -31.97 -12.96
C28 LHG WH . 56.68 -32.28 -11.47
C29 LHG WH . 55.39 -32.85 -10.89
C30 LHG WH . 54.83 -31.98 -9.77
C31 LHG WH . 53.33 -32.18 -9.63
C32 LHG WH . 52.83 -31.73 -8.25
C33 LHG WH . 51.65 -32.56 -7.78
C34 LHG WH . 51.97 -33.30 -6.48
C35 LHG WH . 51.96 -32.37 -5.27
C36 LHG WH . 51.94 -33.17 -3.98
C37 LHG WH . 51.17 -32.47 -2.86
C38 LHG WH . 51.66 -31.06 -2.62
C1 PLM XH . -21.19 60.00 -15.46
O2 PLM XH . -20.16 60.57 -15.90
C2 PLM XH . -21.89 60.49 -14.19
C3 PLM XH . -22.11 61.98 -14.28
C4 PLM XH . -21.81 62.67 -12.93
C5 PLM XH . -20.31 62.70 -12.64
C6 PLM XH . -20.01 62.76 -11.13
C7 PLM XH . -20.76 61.70 -10.31
C8 PLM XH . -21.72 62.34 -9.28
C9 PLM XH . -22.33 61.22 -8.45
CA PLM XH . -22.42 61.61 -6.97
CB PLM XH . -23.42 62.75 -6.75
CC PLM XH . -24.58 62.29 -5.88
CD PLM XH . -24.71 63.17 -4.63
CE PLM XH . -26.00 62.87 -3.89
CF PLM XH . -26.21 63.83 -2.73
CG PLM XH . -27.65 64.31 -2.70
C1 LUT YH . 16.01 76.79 4.82
C2 LUT YH . 15.98 76.45 6.31
C3 LUT YH . 16.04 74.96 6.57
C4 LUT YH . 14.80 74.35 5.95
C5 LUT YH . 14.84 74.63 4.47
C6 LUT YH . 15.19 75.82 4.01
C7 LUT YH . 14.81 76.20 2.63
C8 LUT YH . 13.57 76.60 2.35
C9 LUT YH . 13.20 76.97 0.98
C10 LUT YH . 12.01 77.53 0.78
C11 LUT YH . 11.50 77.94 -0.53
C12 LUT YH . 10.25 78.35 -0.56
C13 LUT YH . 9.59 78.82 -1.78
C14 LUT YH . 8.42 79.45 -1.64
C15 LUT YH . 7.66 80.00 -2.75
C16 LUT YH . 17.44 76.76 4.32
C17 LUT YH . 15.46 78.19 4.65
C18 LUT YH . 14.47 73.52 3.53
C19 LUT YH . 14.14 76.70 -0.16
C20 LUT YH . 10.20 78.60 -3.13
O3 LUT YH . 15.99 74.73 7.97
C21 LUT YH . -0.52 87.38 -8.86
C22 LUT YH . -0.67 87.76 -10.31
C23 LUT YH . -1.77 86.98 -11.01
C24 LUT YH . -1.44 85.51 -10.97
C25 LUT YH . -1.37 85.12 -9.52
C26 LUT YH . -0.67 85.87 -8.65
C27 LUT YH . -0.44 85.33 -7.30
C28 LUT YH . 0.74 84.79 -7.05
C29 LUT YH . 1.08 84.23 -5.73
C30 LUT YH . 2.38 83.94 -5.55
C31 LUT YH . 2.95 83.39 -4.33
C32 LUT YH . 4.03 82.63 -4.48
C33 LUT YH . 4.72 82.04 -3.34
C34 LUT YH . 5.85 81.37 -3.56
C35 LUT YH . 6.62 80.77 -2.47
C36 LUT YH . -1.61 88.05 -8.05
C37 LUT YH . 0.84 87.85 -8.39
C38 LUT YH . -2.12 83.92 -9.04
C39 LUT YH . 0.05 84.03 -4.68
C40 LUT YH . 4.16 82.19 -1.96
O23 LUT YH . -1.85 87.41 -12.38
C1 LUT ZH . 0.31 73.75 8.41
C2 LUT ZH . 0.96 74.34 9.66
C3 LUT ZH . 0.81 75.83 9.73
C4 LUT ZH . 1.51 76.45 8.54
C5 LUT ZH . 0.99 75.84 7.26
C6 LUT ZH . 0.57 74.58 7.18
C7 LUT ZH . 0.30 73.98 5.86
C8 LUT ZH . 1.27 73.51 5.07
C9 LUT ZH . 0.95 72.91 3.77
C10 LUT ZH . 1.94 72.30 3.11
C11 LUT ZH . 1.77 71.64 1.83
C12 LUT ZH . 2.79 70.89 1.46
C13 LUT ZH . 2.87 70.10 0.21
C14 LUT ZH . 4.04 69.50 -0.08
C15 LUT ZH . 4.25 68.68 -1.25
C16 LUT ZH . -1.19 73.66 8.62
C17 LUT ZH . 0.89 72.36 8.21
C18 LUT ZH . 0.96 76.72 6.04
C19 LUT ZH . -0.43 73.01 3.22
C20 LUT ZH . 1.67 69.97 -0.68
O3 LUT ZH . 1.46 76.30 10.92
C21 LUT ZH . 10.38 60.05 -8.67
C22 LUT ZH . 10.26 59.22 -9.94
C23 LUT ZH . 10.64 60.02 -11.17
C24 LUT ZH . 9.62 61.14 -11.30
C25 LUT ZH . 9.72 62.01 -10.07
C26 LUT ZH . 9.93 61.48 -8.85
C27 LUT ZH . 10.11 62.42 -7.71
C28 LUT ZH . 9.07 62.68 -6.93
C29 LUT ZH . 9.17 63.58 -5.77
C30 LUT ZH . 8.04 63.95 -5.16
C31 LUT ZH . 7.98 64.82 -3.98
C32 LUT ZH . 6.91 65.59 -3.83
C33 LUT ZH . 6.76 66.45 -2.65
C34 LUT ZH . 5.60 67.09 -2.47
C35 LUT ZH . 5.36 67.95 -1.32
C36 LUT ZH . 11.83 60.08 -8.22
C37 LUT ZH . 9.52 59.39 -7.60
C38 LUT ZH . 9.57 63.49 -10.24
C39 LUT ZH . 10.51 64.03 -5.26
C40 LUT ZH . 7.87 66.60 -1.66
O23 LUT ZH . 10.55 59.18 -12.34
C1 BCR AI . -26.35 79.02 -4.80
C2 BCR AI . -27.30 79.71 -5.77
C3 BCR AI . -26.79 79.64 -7.19
C4 BCR AI . -25.46 80.38 -7.24
C5 BCR AI . -24.49 79.81 -6.26
C6 BCR AI . -24.90 79.38 -5.06
C7 BCR AI . -23.97 79.19 -3.94
C8 BCR AI . -23.28 80.13 -3.33
C9 BCR AI . -22.38 79.98 -2.22
C10 BCR AI . -21.12 80.68 -2.24
C11 BCR AI . -19.72 80.50 -2.13
C33 BCR AI . -23.05 79.73 -6.67
C31 BCR AI . -26.46 77.53 -4.97
C32 BCR AI . -26.69 79.43 -3.38
C34 BCR AI . -22.77 79.14 -1.05
C12 BCR AI . -18.53 80.36 -2.06
C13 BCR AI . -17.23 80.22 -1.52
C14 BCR AI . -16.32 79.41 -2.12
C15 BCR AI . -15.01 79.32 -1.58
C16 BCR AI . -13.87 78.63 -1.39
C17 BCR AI . -12.83 79.10 -0.78
C18 BCR AI . -11.64 78.50 -0.62
C19 BCR AI . -10.55 79.16 0.09
C20 BCR AI . -9.26 79.32 0.38
C21 BCR AI . -8.10 79.89 0.98
C22 BCR AI . -7.10 79.25 1.63
C23 BCR AI . -6.00 80.07 2.17
C24 BCR AI . -6.12 81.11 3.24
C25 BCR AI . -4.98 81.88 3.73
C26 BCR AI . -4.69 81.80 5.02
C27 BCR AI . -3.29 82.08 5.51
C28 BCR AI . -2.58 83.16 4.71
C29 BCR AI . -3.46 83.83 3.65
C30 BCR AI . -4.18 82.80 2.81
C35 BCR AI . -16.90 81.00 -0.30
C36 BCR AI . -11.47 77.13 -1.20
C37 BCR AI . -7.09 77.78 1.85
C38 BCR AI . -5.73 81.43 6.04
C39 BCR AI . -3.19 82.00 1.96
C40 BCR AI . -5.16 83.55 1.91
MG CLA BI . 0.91 81.28 -10.27
CHA CLA BI . -1.01 81.73 -13.08
CHB CLA BI . 3.74 82.22 -12.00
CHC CLA BI . 2.60 81.08 -7.47
CHD CLA BI . -1.98 80.22 -8.54
NA CLA BI . 1.34 81.92 -12.32
C1A CLA BI . 0.46 81.99 -13.32
C2A CLA BI . 1.11 82.35 -14.62
C3A CLA BI . 2.58 82.44 -14.25
C4A CLA BI . 2.58 82.19 -12.78
CMA CLA BI . 3.55 81.65 -15.10
CAA CLA BI . 0.71 83.78 -14.99
CBA CLA BI . 0.56 84.71 -13.79
CGA CLA BI . 1.86 85.36 -13.32
O1A CLA BI . 2.82 85.41 -14.06
O2A CLA BI . 1.92 85.88 -12.11
NB CLA BI . 2.86 81.62 -9.80
C1B CLA BI . 3.87 81.98 -10.63
C2B CLA BI . 5.11 82.06 -9.88
C3B CLA BI . 4.77 81.73 -8.61
C4B CLA BI . 3.35 81.45 -8.58
CMB CLA BI . 6.45 82.45 -10.45
CAB CLA BI . 5.62 81.64 -7.39
CBB CLA BI . 7.08 81.26 -7.44
NC CLA BI . 0.38 80.77 -8.31
C1C CLA BI . 1.24 80.71 -7.32
C2C CLA BI . 0.64 80.22 -6.06
C3C CLA BI . -0.66 79.99 -6.38
C4C CLA BI . -0.81 80.34 -7.78
CMC CLA BI . 1.31 80.03 -4.72
CAC CLA BI . -1.72 79.47 -5.45
CBC CLA BI . -2.48 80.63 -4.84
ND CLA BI . -1.03 81.04 -10.60
C1D CLA BI . -2.09 80.56 -9.90
C2D CLA BI . -3.28 80.45 -10.73
C3D CLA BI . -2.84 80.91 -11.97
C4D CLA BI . -1.50 81.25 -11.88
CMD CLA BI . -4.68 79.98 -10.47
CAD CLA BI . -3.28 81.15 -13.33
OBD CLA BI . -4.41 81.11 -13.74
CBD CLA BI . -2.19 81.95 -13.99
CGD CLA BI . -1.89 81.43 -15.35
O1D CLA BI . -1.52 80.29 -15.49
O2D CLA BI . -2.00 82.22 -16.41
CED CLA BI . -2.35 81.57 -17.63
C1 CLA BI . 3.22 86.24 -11.55
C2 CLA BI . 3.72 85.69 -10.24
C3 CLA BI . 4.55 86.42 -9.49
C4 CLA BI . 4.99 87.78 -9.91
C5 CLA BI . 5.10 85.93 -8.17
C6 CLA BI . 5.15 87.10 -7.18
C7 CLA BI . 4.08 86.95 -6.10
C8 CLA BI . 4.68 87.19 -4.73
C9 CLA BI . 5.98 86.41 -4.55
C10 CLA BI . 3.66 86.79 -3.67
C11 CLA BI . 4.05 87.34 -2.30
C12 CLA BI . 2.92 87.10 -1.30
C13 CLA BI . 2.86 85.63 -0.90
C14 CLA BI . 1.47 85.23 -0.43
C15 CLA BI . 3.92 85.37 0.17
MG CLA CI . 12.47 82.80 -5.47
CHA CLA CI . 12.76 83.90 -8.73
CHB CLA CI . 9.39 84.32 -5.20
CHC CLA CI . 12.26 81.62 -2.42
CHD CLA CI . 15.62 81.23 -5.80
NA CLA CI . 11.19 83.98 -6.82
C1A CLA CI . 11.47 84.32 -8.08
C2A CLA CI . 10.40 85.16 -8.69
C3A CLA CI . 9.35 85.27 -7.57
C4A CLA CI . 9.99 84.49 -6.45
CMA CLA CI . 8.67 86.60 -7.27
CAA CLA CI . 9.81 84.48 -9.91
CBA CLA CI . 8.81 85.38 -10.61
CGA CLA CI . 9.46 86.68 -11.03
O1A CLA CI . 10.62 86.67 -11.40
O2A CLA CI . 8.74 87.78 -11.02
NB CLA CI . 11.04 82.94 -4.03
C1B CLA CI . 9.86 83.62 -4.08
C2B CLA CI . 9.19 83.50 -2.82
C3B CLA CI . 10.00 82.75 -2.03
C4B CLA CI . 11.17 82.38 -2.82
CMB CLA CI . 7.86 84.10 -2.44
CAB CLA CI . 9.69 82.34 -0.63
CBB CLA CI . 10.75 82.14 0.43
NC CLA CI . 13.68 81.52 -4.35
C1C CLA CI . 13.46 81.25 -3.08
C2C CLA CI . 14.58 80.54 -2.43
C3C CLA CI . 15.51 80.39 -3.42
C4C CLA CI . 14.94 81.01 -4.61
CMC CLA CI . 14.67 80.08 -1.00
CAC CLA CI . 16.86 79.73 -3.33
CBC CLA CI . 17.92 80.76 -3.03
ND CLA CI . 13.88 82.54 -6.84
C1D CLA CI . 15.09 81.93 -6.90
C2D CLA CI . 15.74 82.13 -8.18
C3D CLA CI . 14.82 82.89 -8.89
C4D CLA CI . 13.72 83.13 -8.08
CMD CLA CI . 17.05 81.69 -8.77
CAD CLA CI . 14.61 83.52 -10.16
OBD CLA CI . 15.41 83.57 -11.09
CBD CLA CI . 13.30 84.25 -10.10
CGD CLA CI . 13.60 85.71 -10.16
O1D CLA CI . 13.86 86.33 -9.15
O2D CLA CI . 13.58 86.34 -11.33
CED CLA CI . 14.80 86.98 -11.70
C1 CLA CI . 9.35 89.07 -10.71
C2 CLA CI . 9.65 89.50 -9.30
C3 CLA CI . 10.03 90.76 -9.03
C4 CLA CI . 10.32 91.21 -7.63
C5 CLA CI . 10.20 91.79 -10.12
C6 CLA CI . 11.67 92.17 -10.22
C7 CLA CI . 11.88 93.65 -9.92
MG CLA DI . 17.72 69.56 5.04
CHA CLA DI . 19.40 69.30 8.04
CHB CLA DI . 19.08 72.68 4.51
CHC CLA DI . 16.09 69.69 2.19
CHD CLA DI . 16.37 66.35 5.61
NA CLA DI . 19.10 70.88 6.15
C1A CLA DI . 19.66 70.60 7.31
C2A CLA DI . 20.60 71.67 7.76
C3A CLA DI . 20.46 72.71 6.66
C4A CLA DI . 19.50 72.09 5.71
CMA CLA DI . 20.31 74.19 7.06
CAA CLA DI . 22.01 71.09 7.70
CBA CLA DI . 22.33 70.41 6.36
CGA CLA DI . 22.03 68.93 6.42
O1A CLA DI . 22.74 68.19 7.07
O2A CLA DI . 20.96 68.46 5.78
NB CLA DI . 17.61 70.96 3.57
C1B CLA DI . 18.20 72.19 3.53
C2B CLA DI . 17.84 72.86 2.31
C3B CLA DI . 16.99 72.01 1.67
C4B CLA DI . 16.86 70.81 2.48
CMB CLA DI . 18.27 74.22 1.85
CAB CLA DI . 16.34 72.27 0.36
CBB CLA DI . 14.88 72.00 0.12
NC CLA DI . 16.51 68.20 4.02
C1C CLA DI . 15.91 68.47 2.88
C2C CLA DI . 15.03 67.38 2.42
C3C CLA DI . 15.15 66.42 3.39
C4C CLA DI . 16.06 66.95 4.39
CMC CLA DI . 14.20 67.35 1.17
CAC CLA DI . 14.47 65.08 3.44
CBC CLA DI . 15.47 64.01 3.07
ND CLA DI . 17.80 68.13 6.40
C1D CLA DI . 17.24 66.90 6.58
C2D CLA DI . 17.64 66.29 7.83
C3D CLA DI . 18.48 67.23 8.40
C4D CLA DI . 18.56 68.32 7.53
CMD CLA DI . 17.32 64.98 8.50
CAD CLA DI . 19.30 67.49 9.55
OBD CLA DI . 19.36 66.79 10.55
CBD CLA DI . 19.99 68.80 9.35
CGD CLA DI . 19.67 69.73 10.48
O1D CLA DI . 18.68 69.56 11.16
O2D CLA DI . 20.47 70.76 10.74
CED CLA DI . 21.37 70.60 11.84
C1 CLA DI . 21.01 67.35 4.84
C2 CLA DI . 20.46 67.51 3.43
C3 CLA DI . 20.25 66.44 2.65
C4 CLA DI . 20.56 65.06 3.14
C5 CLA DI . 19.71 66.54 1.25
C6 CLA DI . 18.97 67.86 1.08
C7 CLA DI . 18.19 67.89 -0.22
C8 CLA DI . 18.83 68.83 -1.25
C9 CLA DI . 19.95 68.13 -2.00
C10 CLA DI . 19.34 70.09 -0.56
C11 CLA DI . 20.13 70.96 -1.52
MG CLA EI . 8.22 66.40 -10.97
CHA CLA EI . 8.97 65.96 -14.30
CHB CLA EI . 5.05 65.15 -11.49
CHC CLA EI . 7.70 66.65 -7.76
CHD CLA EI . 11.49 67.66 -10.48
NA CLA EI . 7.11 65.62 -12.70
C1A CLA EI . 7.58 65.54 -13.94
C2A CLA EI . 6.55 65.00 -14.90
C3A CLA EI . 5.35 64.79 -14.00
C4A CLA EI . 5.83 65.19 -12.64
CMA CLA EI . 4.05 65.40 -14.49
CAA CLA EI . 7.01 63.64 -15.41
CBA CLA EI . 7.60 62.76 -14.32
CGA CLA EI . 6.59 61.70 -13.96
O1A CLA EI . 5.76 61.39 -14.80
O2A CLA EI . 6.62 61.12 -12.78
NB CLA EI . 6.62 65.95 -9.80
C1B CLA EI . 5.39 65.50 -10.18
C2B CLA EI . 4.53 65.43 -9.03
C3B CLA EI . 5.29 65.87 -7.98
C4B CLA EI . 6.61 66.19 -8.49
CMB CLA EI . 3.10 65.01 -9.03
CAB CLA EI . 4.93 66.02 -6.56
CBB CLA EI . 4.08 65.00 -5.84
NC CLA EI . 9.42 67.06 -9.37
C1C CLA EI . 8.99 67.09 -8.13
C2C CLA EI . 10.02 67.61 -7.19
C3C CLA EI . 11.08 67.88 -7.99
C4C CLA EI . 10.69 67.55 -9.35
CMC CLA EI . 9.93 67.76 -5.70
CAC CLA EI . 12.40 68.44 -7.54
CBC CLA EI . 13.30 67.29 -7.15
ND CLA EI . 9.87 66.75 -12.02
C1D CLA EI . 11.10 67.26 -11.77
C2D CLA EI . 11.90 67.33 -12.98
C3D CLA EI . 11.07 66.82 -13.96
C4D CLA EI . 9.86 66.48 -13.37
CMD CLA EI . 13.30 67.81 -13.27
CAD CLA EI . 10.99 66.52 -15.37
OBD CLA EI . 11.77 66.91 -16.22
CBD CLA EI . 9.65 65.93 -15.64
CGD CLA EI . 8.88 66.83 -16.56
O1D CLA EI . 8.79 66.57 -17.75
O2D CLA EI . 8.31 67.93 -16.09
CED CLA EI . 6.97 68.16 -16.49
C1 CLA EI . 5.62 61.44 -11.76
C2 CLA EI . 6.04 61.80 -10.35
C3 CLA EI . 5.27 61.46 -9.30
C4 CLA EI . 3.96 60.76 -9.48
C5 CLA EI . 5.64 61.80 -7.88
C6 CLA EI . 5.34 60.61 -6.97
C7 CLA EI . 5.63 60.95 -5.52
C8 CLA EI . 6.45 59.88 -4.83
C9 CLA EI . 5.69 59.27 -3.66
C10 CLA EI . 7.75 60.51 -4.35
C11 CLA EI . 8.56 59.54 -3.49
C12 CLA EI . 8.90 60.16 -2.16
C13 CLA EI . 10.21 60.94 -2.23
C14 CLA EI . 11.27 60.18 -3.02
C15 CLA EI . 10.70 61.24 -0.83
MG CLA FI . 0.51 64.84 -1.68
CHA CLA FI . -1.64 63.81 -4.15
CHB CLA FI . 3.07 63.03 -3.09
CHC CLA FI . 2.51 66.00 0.66
CHD CLA FI . -2.13 66.71 -0.25
NA CLA FI . 0.72 63.55 -3.45
C1A CLA FI . -0.26 63.25 -4.31
C2A CLA FI . 0.21 62.31 -5.38
C3A CLA FI . 1.68 62.07 -5.00
C4A CLA FI . 1.86 62.93 -3.79
CMA CLA FI . 2.21 60.66 -4.94
CAA CLA FI . 0.14 63.03 -6.71
CBA CLA FI . 1.03 62.37 -7.75
CGA CLA FI . 0.34 61.13 -8.25
O1A CLA FI . -0.73 61.23 -8.83
O2A CLA FI . 0.90 59.95 -8.04
NB CLA FI . 2.49 64.58 -1.29
C1B CLA FI . 3.38 63.78 -1.94
C2B CLA FI . 4.65 63.83 -1.28
C3B CLA FI . 4.48 64.66 -0.21
C4B CLA FI . 3.10 65.13 -0.24
CMB CLA FI . 5.90 63.10 -1.67
CAB CLA FI . 5.53 65.04 0.77
CBB CLA FI . 5.25 65.09 2.25
NC CLA FI . 0.25 66.20 -0.11
C1C CLA FI . 1.19 66.48 0.78
C2C CLA FI . 0.72 67.34 1.88
C3C CLA FI . -0.59 67.55 1.58
C4C CLA FI . -0.88 66.84 0.35
CMC CLA FI . 1.51 67.85 3.04
CAC CLA FI . -1.56 68.37 2.38
CBC CLA FI . -1.27 69.80 2.01
ND CLA FI . -1.38 65.29 -2.06
C1D CLA FI . -2.37 65.93 -1.40
C2D CLA FI . -3.68 65.67 -2.00
C3D CLA FI . -3.37 64.85 -3.08
C4D CLA FI . -2.01 64.63 -3.09
CMD CLA FI . -5.08 66.09 -1.67
CAD CLA FI . -3.98 64.14 -4.16
OBD CLA FI . -5.03 63.56 -4.03
CBD CLA FI . -2.87 63.63 -5.03
CGD CLA FI . -3.15 62.19 -5.34
O1D CLA FI . -3.67 61.88 -6.40
O2D CLA FI . -2.86 61.21 -4.49
CED CLA FI . -2.60 59.94 -5.08
C1 CLA FI . 0.03 58.77 -7.92
MG CLA GI . -0.48 81.33 7.69
CHA CLA GI . -1.10 82.14 10.98
CHB CLA GI . -2.55 78.59 7.93
CHC CLA GI . 0.07 80.74 4.50
CHD CLA GI . 1.68 84.12 7.47
NA CLA GI . -1.72 80.44 9.28
C1A CLA GI . -1.82 80.89 10.53
C2A CLA GI . -2.70 80.03 11.37
C3A CLA GI . -3.10 78.92 10.39
C4A CLA GI . -2.44 79.31 9.12
CMA CLA GI . -2.92 77.49 10.85
CAA CLA GI . -3.98 80.78 11.74
CBA CLA GI . -4.47 81.62 10.57
CGA CLA GI . -5.90 82.08 10.77
O1A CLA GI . -6.24 82.55 11.84
O2A CLA GI . -6.74 81.95 9.76
NB CLA GI . -1.14 79.89 6.41
C1B CLA GI . -1.97 78.85 6.67
C2B CLA GI . -2.17 78.06 5.48
C3B CLA GI . -1.41 78.68 4.52
C4B CLA GI . -0.77 79.83 5.12
CMB CLA GI . -3.01 76.82 5.36
CAB CLA GI . -1.21 78.32 3.09
CBB CLA GI . -0.85 76.92 2.67
NC CLA GI . 0.61 82.34 6.20
C1C CLA GI . 0.74 81.88 4.96
C2C CLA GI . 1.67 82.70 4.15
C3C CLA GI . 2.07 83.69 5.00
C4C CLA GI . 1.41 83.45 6.28
CMC CLA GI . 2.06 82.48 2.72
CAC CLA GI . 3.03 84.81 4.68
CBC CLA GI . 2.26 85.97 4.11
ND CLA GI . 0.16 82.81 8.83
C1D CLA GI . 1.04 83.85 8.70
C2D CLA GI . 1.21 84.55 9.96
C3D CLA GI . 0.39 83.88 10.83
C4D CLA GI . -0.25 82.84 10.15
CMD CLA GI . 2.05 85.73 10.38
CAD CLA GI . -0.07 83.88 12.19
OBD CLA GI . 0.28 84.65 13.07
CBD CLA GI . -1.14 82.85 12.33
CGD CLA GI . -0.80 81.94 13.46
O1D CLA GI . -1.54 81.85 14.43
O2D CLA GI . 0.31 81.22 13.45
CED CLA GI . 0.13 79.86 13.82
C1 CLA GI . -7.11 83.10 8.94
C2 CLA GI . -8.41 83.84 9.13
C3 CLA GI . -9.13 84.23 8.06
C4 CLA GI . -8.67 83.96 6.66
C5 CLA GI . -10.44 84.97 8.19
MG CLA HI . 18.91 78.81 -10.93
CHA CLA HI . 16.16 80.27 -12.41
CHB CLA HI . 20.93 79.93 -13.49
CHC CLA HI . 21.50 77.44 -9.39
CHD CLA HI . 16.84 77.61 -8.34
NA CLA HI . 18.61 79.98 -12.76
C1A CLA HI . 17.44 80.45 -13.19
C2A CLA HI . 17.57 81.19 -14.49
C3A CLA HI . 19.06 81.05 -14.81
C4A CLA HI . 19.59 80.28 -13.64
CMA CLA HI . 19.46 80.58 -16.20
CAA CLA HI . 17.31 82.67 -14.24
CBA CLA HI . 18.06 83.15 -12.98
CGA CLA HI . 18.56 84.56 -13.16
O1A CLA HI . 17.76 85.48 -13.30
O2A CLA HI . 19.88 84.76 -13.15
NB CLA HI . 20.89 78.71 -11.36
C1B CLA HI . 21.54 79.20 -12.46
C2B CLA HI . 22.95 78.91 -12.38
C3B CLA HI . 23.09 78.20 -11.23
C4B CLA HI . 21.79 78.08 -10.59
CMB CLA HI . 24.01 79.28 -13.37
CAB CLA HI . 24.35 77.65 -10.67
CBB CLA HI . 25.13 78.45 -9.66
NC CLA HI . 19.15 77.77 -9.12
C1C CLA HI . 20.29 77.25 -8.70
C2C CLA HI . 20.14 76.48 -7.44
C3C CLA HI . 18.80 76.59 -7.14
C4C CLA HI . 18.20 77.37 -8.19
CMC CLA HI . 21.22 75.77 -6.68
CAC CLA HI . 18.09 75.99 -5.96
CBC CLA HI . 17.81 74.52 -6.20
ND CLA HI . 17.01 78.84 -10.41
C1D CLA HI . 16.26 78.38 -9.38
C2D CLA HI . 14.86 78.74 -9.52
C3D CLA HI . 14.84 79.49 -10.70
C4D CLA HI . 16.12 79.53 -11.23
CMD CLA HI . 13.64 78.49 -8.68
CAD CLA HI . 13.95 80.21 -11.57
OBD CLA HI . 12.82 80.56 -11.28
CBD CLA HI . 14.77 80.80 -12.68
CGD CLA HI . 14.17 80.34 -13.97
O1D CLA HI . 13.21 79.60 -13.96
O2D CLA HI . 14.64 80.74 -15.16
CED CLA HI . 13.70 81.41 -16.00
C1 CLA HI . 20.76 83.91 -13.94
C2 CLA HI . 21.54 84.39 -15.14
C3 CLA HI . 20.98 84.50 -16.35
C4 CLA HI . 19.53 84.19 -16.58
C5 CLA HI . 21.74 84.97 -17.56
C6 CLA HI . 21.40 84.08 -18.76
C7 CLA HI . 22.09 82.72 -18.66
C8 CLA HI . 23.51 82.86 -18.15
C9 CLA HI . 24.53 82.65 -19.25
C10 CLA HI . 23.72 81.86 -17.01
MG CHL II . 20.93 67.11 -12.14
CHA CHL II . 24.19 66.35 -12.74
CHB CHL II . 20.68 64.26 -10.21
CHC CHL II . 17.86 67.83 -11.60
CHD CHL II . 21.37 69.94 -14.19
NA CHL II . 22.21 65.59 -11.60
C1A CHL II . 23.54 65.45 -11.93
C2A CHL II . 24.17 64.23 -11.30
C3A CHL II . 23.02 63.59 -10.55
C4A CHL II . 21.87 64.54 -10.79
CMA CHL II . 22.77 62.09 -10.61
CAA CHL II . 25.38 64.60 -10.45
CBA CHL II . 25.28 64.26 -8.99
CGA CHL II . 26.38 64.87 -8.15
O1A CHL II . 27.54 64.84 -8.42
O2A CHL II . 25.88 65.45 -7.08
NB CHL II . 19.49 66.15 -11.04
C1B CHL II . 19.54 65.02 -10.33
C2B CHL II . 18.27 64.78 -9.76
C3B CHL II . 17.44 65.79 -10.13
C4B CHL II . 18.23 66.68 -10.97
CMB CHL II . 17.92 63.61 -8.89
CAB CHL II . 16.02 65.89 -9.76
CBB CHL II . 15.04 66.95 -10.17
NC CHL II . 19.82 68.68 -12.82
C1C CHL II . 18.54 68.74 -12.40
C2C CHL II . 17.97 69.93 -12.98
C3C CHL II . 18.92 70.52 -13.74
C4C CHL II . 20.13 69.75 -13.65
CMC CHL II . 16.64 70.48 -12.83
OMC CHL II . 15.74 70.00 -12.18
CAC CHL II . 18.70 71.77 -14.55
CBC CHL II . 19.62 71.95 -15.74
ND CHL II . 22.35 68.01 -13.26
C1D CHL II . 22.44 69.12 -14.03
C2D CHL II . 23.74 69.27 -14.58
C3D CHL II . 24.46 68.21 -14.11
C4D CHL II . 23.61 67.45 -13.30
CMD CHL II . 24.18 70.37 -15.48
CAD CHL II . 25.76 67.57 -14.09
OBD CHL II . 26.78 67.92 -14.64
CBD CHL II . 25.65 66.35 -13.23
CGD CHL II . 26.01 65.10 -14.01
O1D CHL II . 25.23 64.35 -14.49
O2D CHL II . 27.32 64.96 -14.07
CED CHL II . 27.83 63.61 -13.90
C1 CHL II . 26.62 65.66 -5.85
C2 CHL II . 27.44 66.88 -6.02
C3 CHL II . 27.27 67.93 -5.25
C4 CHL II . 28.09 69.19 -5.37
C5 CHL II . 26.23 67.94 -4.16
C6 CHL II . 26.38 69.10 -3.18
C7 CHL II . 25.20 70.06 -3.19
C8 CHL II . 24.62 70.39 -1.82
C9 CHL II . 23.89 69.18 -1.24
C10 CHL II . 25.78 70.79 -0.94
C11 CHL II . 25.49 71.92 0.05
C12 CHL II . 25.40 73.28 -0.61
C13 CHL II . 25.47 74.48 0.34
C14 CHL II . 24.53 75.59 -0.11
C15 CHL II . 26.85 75.05 0.66
C16 CHL II . 27.98 74.02 0.76
C17 CHL II . 29.32 74.59 1.18
C18 CHL II . 29.95 75.61 0.23
C19 CHL II . 29.78 77.04 0.72
C20 CHL II . 31.39 75.29 -0.06
MG CLA JI . -5.02 68.53 10.30
CHA CLA JI . -6.89 69.76 7.68
CHB CLA JI . -4.06 65.84 8.41
CHC CLA JI . -3.11 67.56 12.81
CHD CLA JI . -6.06 71.29 12.25
NA CLA JI . -5.42 67.84 8.24
C1A CLA JI . -6.22 68.45 7.35
C2A CLA JI . -6.34 67.65 6.08
C3A CLA JI . -5.44 66.43 6.35
C4A CLA JI . -4.93 66.70 7.73
CMA CLA JI . -5.94 65.03 6.03
CAA CLA JI . -5.78 68.35 4.86
CBA CLA JI . -6.77 68.33 3.69
CGA CLA JI . -7.24 66.95 3.30
O1A CLA JI . -6.42 66.08 3.06
O2A CLA JI . -8.54 66.74 3.20
NB CLA JI . -3.78 66.95 10.55
C1B CLA JI . -3.51 65.94 9.69
C2B CLA JI . -2.60 65.00 10.29
C3B CLA JI . -2.36 65.50 11.54
C4B CLA JI . -3.10 66.74 11.69
CMB CLA JI . -2.07 63.75 9.67
CAB CLA JI . -1.48 64.95 12.60
CBB CLA JI . -0.05 64.62 12.31
NC CLA JI . -4.61 69.32 12.20
C1C CLA JI . -3.82 68.74 13.08
C2C CLA JI . -3.76 69.48 14.38
C3C CLA JI . -4.59 70.55 14.18
C4C CLA JI . -5.11 70.44 12.83
CMC CLA JI . -2.95 69.10 15.58
CAC CLA JI . -4.90 71.64 15.17
CBC CLA JI . -5.80 71.13 16.26
ND CLA JI . -6.13 70.15 10.12
C1D CLA JI . -6.52 71.17 10.93
C2D CLA JI . -7.47 72.05 10.28
C3D CLA JI . -7.61 71.49 9.01
C4D CLA JI . -6.80 70.36 8.94
CMD CLA JI . -8.22 73.28 10.69
CAD CLA JI . -8.29 71.68 7.77
OBD CLA JI . -9.41 72.17 7.68
CBD CLA JI . -7.77 70.64 6.83
CGD CLA JI . -8.94 69.87 6.39
O1D CLA JI . -9.62 69.36 7.25
O2D CLA JI . -9.21 69.74 5.10
CED CLA JI . -10.14 70.69 4.57
C1 CLA JI . -9.15 66.12 2.02
C2 CLA JI . -8.66 64.81 1.44
C3 CLA JI . -8.68 64.53 0.14
C4 CLA JI . -9.20 65.50 -0.88
C5 CLA JI . -8.18 63.20 -0.40
C6 CLA JI . -7.92 62.25 0.76
C7 CLA JI . -6.44 62.24 1.13
C8 CLA JI . -5.73 61.07 0.47
C9 CLA JI . -5.01 60.21 1.50
C10 CLA JI . -4.77 61.59 -0.58
C11 CLA JI . -3.75 62.51 0.06
C12 CLA JI . -2.34 61.97 -0.13
C13 CLA JI . -1.46 62.25 1.08
C14 CLA JI . -1.98 63.42 1.91
C15 CLA JI . -0.06 62.51 0.57
C16 CLA JI . 0.95 61.58 1.23
C17 CLA JI . 1.34 62.13 2.59
C18 CLA JI . 2.84 62.30 2.69
C19 CLA JI . 3.22 62.81 4.06
C20 CLA JI . 3.56 61.00 2.34
MG CLA KI . -10.18 77.77 -8.42
CHA CLA KI . -6.86 77.35 -7.59
CHB CLA KI . -10.82 79.10 -5.32
CHC CLA KI . -13.28 78.25 -9.37
CHD CLA KI . -9.48 76.41 -11.59
NA CLA KI . -8.97 78.20 -6.62
C1A CLA KI . -7.68 77.95 -6.48
C2A CLA KI . -7.16 78.34 -5.13
C3A CLA KI . -8.43 78.87 -4.44
C4A CLA KI . -9.48 78.73 -5.50
CMA CLA KI . -8.73 78.41 -3.02
CAA CLA KI . -6.21 79.52 -5.22
CBA CLA KI . -6.56 80.42 -6.41
CGA CLA KI . -5.94 81.78 -6.26
O1A CLA KI . -5.26 82.02 -5.28
O2A CLA KI . -6.15 82.68 -7.20
NB CLA KI . -11.80 78.56 -7.49
C1B CLA KI . -11.89 79.02 -6.21
C2B CLA KI . -13.24 79.43 -5.95
C3B CLA KI . -13.94 79.19 -7.09
C4B CLA KI . -13.01 78.64 -8.07
CMB CLA KI . -13.77 80.00 -4.67
CAB CLA KI . -15.39 79.45 -7.26
CBB CLA KI . -15.98 79.92 -8.56
NC CLA KI . -11.20 77.43 -10.22
C1C CLA KI . -12.48 77.70 -10.39
C2C CLA KI . -12.95 77.36 -11.75
C3C CLA KI . -11.85 76.86 -12.37
C4C CLA KI . -10.76 76.91 -11.41
CMC CLA KI . -14.34 77.52 -12.30
CAC CLA KI . -11.75 76.36 -13.78
CBC CLA KI . -11.24 77.46 -14.68
ND CLA KI . -8.64 77.07 -9.44
C1D CLA KI . -8.43 76.52 -10.66
C2D CLA KI . -7.07 76.07 -10.84
C3D CLA KI . -6.46 76.40 -9.63
C4D CLA KI . -7.41 76.99 -8.81
CMD CLA KI . -6.29 75.40 -11.94
CAD CLA KI . -5.20 76.34 -8.94
OBD CLA KI . -4.16 75.89 -9.38
CBD CLA KI . -5.38 77.03 -7.62
CGD CLA KI . -5.04 76.08 -6.51
O1D CLA KI . -5.55 74.98 -6.46
O2D CLA KI . -4.17 76.45 -5.57
CED CLA KI . -3.12 75.53 -5.36
C1 CLA KI . -7.21 83.66 -7.05
C2 CLA KI . -8.57 83.27 -6.51
C3 CLA KI . -9.70 83.83 -6.97
C4 CLA KI . -11.04 83.43 -6.41
C5 CLA KI . -9.71 84.88 -8.05
C6 CLA KI . -10.32 84.32 -9.33
C7 CLA KI . -10.89 85.42 -10.22
C8 CLA KI . -9.86 85.90 -11.24
C9 CLA KI . -9.17 87.19 -10.77
C10 CLA KI . -10.54 86.11 -12.59
C11 CLA KI . -9.61 86.84 -13.56
MG CLA LI . -7.91 68.38 -3.16
CHA CLA LI . -6.11 67.14 -5.84
CHB CLA LI . -10.82 67.12 -4.48
CHC CLA LI . -9.49 69.45 -0.46
CHD CLA LI . -4.94 69.78 -1.89
NA CLA LI . -8.43 67.24 -4.97
C1A CLA LI . -7.58 66.85 -5.93
C2A CLA LI . -8.31 66.13 -7.03
C3A CLA LI . -9.77 66.16 -6.56
C4A CLA LI . -9.70 66.88 -5.26
CMA CLA LI . -10.87 66.54 -7.53
CAA CLA LI . -7.88 64.67 -7.05
CBA CLA LI . -7.55 64.20 -5.65
CGA CLA LI . -8.06 62.80 -5.41
O1A CLA LI . -8.27 62.08 -6.38
O2A CLA LI . -8.27 62.40 -4.17
NB CLA LI . -9.85 68.30 -2.56
C1B CLA LI . -10.92 67.77 -3.23
C2B CLA LI . -12.12 67.97 -2.49
C3B CLA LI . -11.73 68.63 -1.36
C4B CLA LI . -10.29 68.83 -1.43
CMB CLA LI . -13.49 67.54 -2.91
CAB CLA LI . -12.56 69.11 -0.22
CBB CLA LI . -13.73 68.31 0.29
NC CLA LI . -7.30 69.36 -1.42
C1C CLA LI . -8.12 69.74 -0.45
C2C CLA LI . -7.42 70.51 0.61
C3C CLA LI . -6.13 70.55 0.20
C4C CLA LI . -6.06 69.83 -1.06
CMC CLA LI . -7.99 71.09 1.87
CAC CLA LI . -4.99 71.22 0.91
CBC CLA LI . -4.59 70.34 2.06
ND CLA LI . -6.00 68.52 -3.65
C1D CLA LI . -4.89 69.05 -3.09
C2D CLA LI . -3.70 68.78 -3.86
C3D CLA LI . -4.18 68.04 -4.93
C4D CLA LI . -5.55 67.89 -4.80
CMD CLA LI . -2.25 69.13 -3.69
CAD CLA LI . -3.75 67.36 -6.13
OBD CLA LI . -2.60 67.08 -6.40
CBD CLA LI . -4.94 66.65 -6.69
CGD CLA LI . -5.01 66.95 -8.16
O1D CLA LI . -4.14 66.53 -8.89
O2D CLA LI . -6.00 67.64 -8.71
CED CLA LI . -6.41 67.15 -9.98
C1 CLA LI . -7.45 61.34 -3.58
C2 CLA LI . -7.13 60.12 -4.38
C3 CLA LI . -6.88 58.93 -3.82
C4 CLA LI . -6.57 57.77 -4.71
C5 CLA LI . -6.91 58.69 -2.33
C6 CLA LI . -6.66 57.22 -2.02
C7 CLA LI . -5.38 57.01 -1.21
C8 CLA LI . -5.52 55.80 -0.29
C9 CLA LI . -6.48 56.11 0.86
C10 CLA LI . -4.14 55.38 0.23
C11 CLA LI . -3.27 54.78 -0.85
C12 CLA LI . -2.32 53.73 -0.30
C13 CLA LI . -0.89 53.91 -0.80
C14 CLA LI . -0.81 53.94 -2.32
C15 CLA LI . 0.00 52.83 -0.22
C16 CLA LI . -0.17 52.71 1.28
C17 CLA LI . 1.16 52.50 1.98
MG CHL MI . -7.56 76.92 8.29
CHA CHL MI . -9.72 79.51 7.87
CHB CHL MI . -8.02 76.09 5.01
CHC CHL MI . -5.47 74.49 8.67
CHD CHL MI . -7.16 77.93 11.67
NA CHL MI . -8.68 77.67 6.77
C1A CHL MI . -9.46 78.79 6.75
C2A CHL MI . -9.99 79.07 5.37
C3A CHL MI . -9.64 77.80 4.58
C4A CHL MI . -8.72 77.10 5.53
CMA CHL MI . -10.63 76.86 3.91
CAA CHL MI . -9.39 80.34 4.75
CBA CHL MI . -10.34 81.49 4.49
CGA CHL MI . -10.24 81.96 3.08
O1A CHL MI . -10.80 81.43 2.14
O2A CHL MI . -9.49 83.03 2.97
NB CHL MI . -6.88 75.50 7.00
C1B CHL MI . -7.14 75.33 5.70
C2B CHL MI . -6.35 74.25 5.21
C3B CHL MI . -5.63 73.75 6.23
C4B CHL MI . -5.94 74.58 7.39
CMB CHL MI . -6.37 73.75 3.79
CAB CHL MI . -4.74 72.59 6.11
CBB CHL MI . -3.94 71.93 7.20
NC CHL MI . -6.52 76.33 9.94
C1C CHL MI . -5.72 75.25 9.82
C2C CHL MI . -5.14 75.00 11.12
C3C CHL MI . -5.63 75.95 11.97
C4C CHL MI . -6.50 76.81 11.23
CMC CHL MI . -4.18 74.01 11.53
OMC CHL MI . -3.71 73.15 10.81
CAC CHL MI . -5.34 76.06 13.44
CBC CHL MI . -6.46 75.54 14.29
ND CHL MI . -8.24 78.35 9.58
C1D CHL MI . -7.98 78.70 10.87
C2D CHL MI . -8.71 79.87 11.20
C3D CHL MI . -9.41 80.23 10.07
C4D CHL MI . -9.10 79.29 9.08
CMD CHL MI . -8.67 80.57 12.53
CAD CHL MI . -10.35 81.17 9.49
OBD CHL MI . -10.87 82.14 10.02
CBD CHL MI . -10.61 80.74 8.08
CGD CHL MI . -12.10 80.42 7.95
O1D CHL MI . -12.69 79.61 8.62
O2D CHL MI . -12.67 81.16 7.01
CED CHL MI . -14.09 80.94 6.79
C1 CHL MI . -9.22 83.68 1.70
C2 CHL MI . -8.46 84.93 1.97
C3 CHL MI . -8.23 85.80 0.99
C4 CHL MI . -8.69 85.59 -0.42
C5 CHL MI . -7.47 87.07 1.25
C6 CHL MI . -6.77 87.63 0.01
MG CLA NI . 18.02 57.13 6.60
CHA CLA NI . 15.64 59.54 7.20
CHB CLA NI . 16.12 54.79 8.26
CHC CLA NI . 20.30 54.88 5.86
CHD CLA NI . 19.94 59.55 4.87
NA CLA NI . 16.05 57.14 7.62
C1A CLA NI . 15.26 58.20 7.76
C2A CLA NI . 14.01 57.88 8.56
C3A CLA NI . 14.19 56.39 8.86
C4A CLA NI . 15.52 56.07 8.22
CMA CLA NI . 13.84 55.81 10.23
CAA CLA NI . 12.76 58.11 7.72
CBA CLA NI . 11.47 57.67 8.43
CGA CLA NI . 11.16 58.52 9.65
O1A CLA NI . 11.77 58.32 10.68
O2A CLA NI . 10.22 59.45 9.62
NB CLA NI . 18.18 55.14 6.99
C1B CLA NI . 17.33 54.36 7.71
C2B CLA NI . 17.86 53.02 7.79
C3B CLA NI . 19.05 53.05 7.11
C4B CLA NI . 19.23 54.41 6.61
CMB CLA NI . 17.22 51.86 8.49
CAB CLA NI . 20.03 51.97 6.87
CBB CLA NI . 19.58 50.59 6.47
NC CLA NI . 19.81 57.19 5.50
C1C CLA NI . 20.62 56.16 5.36
C2C CLA NI . 21.86 56.49 4.63
C3C CLA NI . 21.72 57.83 4.33
C4C CLA NI . 20.44 58.25 4.89
CMC CLA NI . 22.99 55.57 4.28
CAC CLA NI . 22.70 58.70 3.59
CBC CLA NI . 23.86 59.04 4.50
ND CLA NI . 17.91 59.03 6.09
C1D CLA NI . 18.70 59.93 5.44
C2D CLA NI . 18.13 61.26 5.43
C3D CLA NI . 16.93 61.09 6.12
C4D CLA NI . 16.82 59.76 6.50
CMD CLA NI . 18.55 62.58 4.87
CAD CLA NI . 15.77 61.81 6.56
OBD CLA NI . 15.40 62.88 6.12
CBD CLA NI . 14.89 60.85 7.30
CGD CLA NI . 14.83 61.26 8.73
O1D CLA NI . 15.79 61.75 9.28
O2D CLA NI . 13.71 61.08 9.44
CED CLA NI . 13.21 62.22 10.11
C1 CLA NI . 9.66 60.00 8.38
C2 CLA NI . 10.49 60.69 7.33
C3 CLA NI . 10.06 61.79 6.71
C4 CLA NI . 8.75 62.43 7.05
C5 CLA NI . 10.89 62.47 5.65
C6 CLA NI . 10.98 61.58 4.42
C7 CLA NI . 12.37 61.59 3.83
C8 CLA NI . 12.74 60.24 3.23
C9 CLA NI . 12.59 59.13 4.27
C10 CLA NI . 14.17 60.28 2.70
C11 CLA NI . 14.67 58.87 2.40
C12 CLA NI . 16.17 58.75 2.60
C13 CLA NI . 16.68 57.40 2.14
C14 CLA NI . 16.33 56.31 3.13
C15 CLA NI . 18.20 57.47 1.93
MG CLA OI . -1.00 88.86 12.09
CHA CLA OI . -2.10 89.67 15.25
CHB CLA OI . -3.40 86.41 11.81
CHC CLA OI . 0.07 88.27 9.02
CHD CLA OI . 1.47 91.38 12.38
NA CLA OI . -2.62 88.10 13.38
C1A CLA OI . -2.89 88.54 14.61
C2A CLA OI . -4.02 87.78 15.24
C3A CLA OI . -4.41 86.77 14.13
C4A CLA OI . -3.43 87.09 13.04
CMA CLA OI . -4.66 85.31 14.49
CAA CLA OI . -5.23 88.65 15.55
CBA CLA OI . -5.34 89.91 14.69
CGA CLA OI . -6.19 90.92 15.42
O1A CLA OI . -7.00 90.54 16.23
O2A CLA OI . -6.03 92.21 15.15
NB CLA OI . -1.58 87.55 10.64
C1B CLA OI . -2.57 86.60 10.70
C2B CLA OI . -2.61 85.87 9.46
C3B CLA OI . -1.62 86.39 8.69
C4B CLA OI . -0.98 87.47 9.45
CMB CLA OI . -3.53 84.74 9.11
CAB CLA OI . -1.24 86.01 7.32
CBB CLA OI . -2.22 86.21 6.20
NC CLA OI . 0.48 89.74 10.87
C1C CLA OI . 0.79 89.30 9.66
C2C CLA OI . 1.97 89.98 9.08
C3C CLA OI . 2.34 90.87 10.03
C4C CLA OI . 1.41 90.71 11.16
CMC CLA OI . 2.60 89.73 7.75
CAC CLA OI . 3.50 91.83 9.94
CBC CLA OI . 2.97 93.21 9.64
ND CLA OI . -0.40 90.21 13.39
C1D CLA OI . 0.58 91.16 13.45
C2D CLA OI . 0.57 91.87 14.72
C3D CLA OI . -0.49 91.28 15.41
C4D CLA OI . -1.04 90.29 14.61
CMD CLA OI . 1.39 92.99 15.32
CAD CLA OI . -1.19 91.32 16.66
OBD CLA OI . -1.13 92.24 17.47
CBD CLA OI . -2.27 90.30 16.60
CGD CLA OI . -2.06 89.28 17.69
O1D CLA OI . -0.94 88.99 18.06
O2D CLA OI . -3.11 88.70 18.24
CED CLA OI . -3.36 89.00 19.61
C1 CLA OI . -5.43 93.10 16.14
C2 CLA OI . -4.90 92.58 17.45
C3 CLA OI . -5.47 92.90 18.62
C4 CLA OI . -4.91 92.37 19.91
C5 CLA OI . -6.70 93.77 18.73
MG CLA PI . -17.35 88.33 -10.48
CHA CLA PI . -17.90 85.33 -8.88
CHB CLA PI . -19.08 90.00 -8.02
CHC CLA PI . -16.68 91.15 -12.06
CHD CLA PI . -15.52 86.60 -12.97
NA CLA PI . -18.39 87.75 -8.62
C1A CLA PI . -18.50 86.50 -8.15
C2A CLA PI . -19.29 86.46 -6.86
C3A CLA PI . -19.63 87.94 -6.62
C4A CLA PI . -19.02 88.63 -7.81
CMA CLA PI . -21.00 88.38 -6.10
CAA CLA PI . -18.46 85.92 -5.69
CBA CLA PI . -16.98 86.20 -5.82
CGA CLA PI . -16.20 85.14 -5.08
O1A CLA PI . -16.42 83.97 -5.32
O2A CLA PI . -15.30 85.50 -4.19
NB CLA PI . -17.80 90.27 -10.10
C1B CLA PI . -18.55 90.78 -9.07
C2B CLA PI . -18.67 92.21 -9.20
C3B CLA PI . -17.99 92.54 -10.33
C4B CLA PI . -17.44 91.29 -10.90
CMB CLA PI . -19.40 93.13 -8.27
CAB CLA PI . -17.86 93.92 -10.87
CBB CLA PI . -16.74 94.39 -11.76
NC CLA PI . -16.21 88.80 -12.19
C1C CLA PI . -16.13 90.02 -12.70
C2C CLA PI . -15.41 90.07 -13.98
C3C CLA PI . -15.05 88.76 -14.20
C4C CLA PI . -15.57 87.99 -13.09
CMC CLA PI . -15.14 91.29 -14.81
CAC CLA PI . -14.30 88.25 -15.41
CBC CLA PI . -12.81 88.39 -15.18
ND CLA PI . -16.79 86.49 -10.90
C1D CLA PI . -16.08 85.86 -11.90
C2D CLA PI . -16.04 84.42 -11.71
C3D CLA PI . -16.75 84.24 -10.54
C4D CLA PI . -17.19 85.47 -10.07
CMD CLA PI . -15.43 83.27 -12.47
CAD CLA PI . -17.19 83.19 -9.64
OBD CLA PI . -17.40 82.05 -10.01
CBD CLA PI . -17.92 83.87 -8.51
CGD CLA PI . -19.32 83.36 -8.43
O1D CLA PI . -20.15 83.66 -9.27
O2D CLA PI . -19.67 82.59 -7.41
CED CLA PI . -20.02 81.25 -7.75
MG CHL QI . -17.39 65.38 -1.79
CHA CHL QI . -20.61 66.24 -2.30
CHB CHL QI . -17.74 66.23 1.54
CHC CHL QI . -14.36 64.47 -1.32
CHD CHL QI . -17.11 64.75 -5.29
NA CHL QI . -18.90 66.09 -0.60
C1A CHL QI . -20.19 66.35 -0.98
C2A CHL QI . -21.03 66.78 0.21
C3A CHL QI . -20.04 67.13 1.22
C4A CHL QI . -18.78 66.46 0.71
CMA CHL QI . -19.96 68.57 1.69
CAA CHL QI . -21.95 65.70 0.80
CBA CHL QI . -22.33 64.54 -0.11
CGA CHL QI . -21.58 63.28 0.12
O1A CHL QI . -21.43 62.76 1.19
O2A CHL QI . -21.10 62.78 -1.00
NB CHL QI . -16.27 65.31 -0.10
C1B CHL QI . -16.56 65.64 1.17
C2B CHL QI . -15.42 65.35 1.96
C3B CHL QI . -14.43 64.86 1.18
C4B CHL QI . -14.97 64.83 -0.16
CMB CHL QI . -15.31 65.57 3.44
CAB CHL QI . -13.11 64.50 1.65
CBB CHL QI . -11.93 64.01 0.84
NC CHL QI . -16.00 64.71 -3.13
C1C CHL QI . -14.77 64.40 -2.65
C2C CHL QI . -13.93 64.03 -3.76
C3C CHL QI . -14.69 64.15 -4.88
C4C CHL QI . -16.01 64.56 -4.49
CMC CHL QI . -12.55 63.61 -3.76
OMC CHL QI . -11.84 63.49 -2.78
CAC CHL QI . -14.22 63.97 -6.30
CBC CHL QI . -13.87 62.55 -6.63
ND CHL QI . -18.50 65.46 -3.49
C1D CHL QI . -18.33 65.17 -4.80
C2D CHL QI . -19.55 65.37 -5.51
C3D CHL QI . -20.46 65.81 -4.59
C4D CHL QI . -19.81 65.86 -3.35
CMD CHL QI . -19.75 65.11 -6.98
CAD CHL QI . -21.83 66.22 -4.37
OBD CHL QI . -22.72 66.34 -5.18
CBD CHL QI . -22.00 66.51 -2.89
CGD CHL QI . -22.53 67.92 -2.66
O1D CHL QI . -21.85 68.88 -2.46
O2D CHL QI . -23.86 67.92 -2.69
CED CHL QI . -24.48 69.21 -2.50
C1 CHL QI . -20.50 61.47 -1.00
C2 CHL QI . -19.23 61.51 -1.77
C3 CHL QI . -18.08 61.38 -1.14
C4 CHL QI . -17.95 61.25 0.36
C5 CHL QI . -16.77 61.29 -1.91
C6 CHL QI . -15.70 60.53 -1.14
C7 CHL QI . -14.48 60.23 -2.00
C8 CHL QI . -14.73 59.29 -3.18
C9 CHL QI . -13.45 59.02 -3.96
C10 CHL QI . -15.31 58.01 -2.58
O1 LHG RI . 23.52 73.84 -15.35
C1 LHG RI . 22.78 74.82 -16.06
C2 LHG RI . 22.48 75.99 -15.14
O2 LHG RI . 23.72 76.65 -14.88
C3 LHG RI . 21.92 75.48 -13.82
O3 LHG RI . 20.91 76.37 -13.37
P LHG RI . 19.39 75.90 -13.28
O4 LHG RI . 18.48 76.98 -12.81
O5 LHG RI . 19.07 75.28 -14.62
O6 LHG RI . 19.44 74.75 -12.17
C4 LHG RI . 18.32 73.89 -11.94
C5 LHG RI . 17.84 74.06 -10.50
C6 LHG RI . 16.32 74.08 -10.49
O7 LHG RI . 18.28 72.95 -9.72
C7 LHG RI . 19.57 72.64 -9.95
O9 LHG RI . 20.41 73.53 -9.93
C8 LHG RI . 20.01 71.21 -10.12
C9 LHG RI . 20.33 70.58 -8.77
C10 LHG RI . 20.61 69.10 -8.93
O8 LHG RI . 15.84 73.72 -9.20
C23 LHG RI . 14.96 72.74 -9.09
O10 LHG RI . 14.24 72.48 -10.04
C24 LHG RI . 14.87 71.94 -7.81
C11 LHG RI . 20.71 68.42 -7.58
C12 LHG RI . 21.70 67.25 -7.62
C13 LHG RI . 21.93 66.69 -6.24
C14 LHG RI . 21.63 65.20 -6.19
C15 LHG RI . 22.68 64.45 -5.38
C16 LHG RI . 23.42 63.43 -6.23
C17 LHG RI . 24.20 62.43 -5.39
C18 LHG RI . 24.90 63.11 -4.23
C19 LHG RI . 26.30 62.55 -4.03
C20 LHG RI . 26.25 61.28 -3.22
C21 LHG RI . 26.53 61.57 -1.75
C22 LHG RI . 25.37 61.13 -0.88
C25 LHG RI . 15.40 70.53 -8.04
C26 LHG RI . 16.76 70.35 -7.39
C27 LHG RI . 17.24 68.91 -7.51
C28 LHG RI . 16.74 68.07 -6.34
C29 LHG RI . 17.90 67.48 -5.54
C30 LHG RI . 18.00 65.97 -5.73
C31 LHG RI . 17.70 65.25 -4.42
C32 LHG RI . 18.95 64.60 -3.86
C33 LHG RI . 18.86 64.46 -2.35
C34 LHG RI . 19.08 63.02 -1.92
C35 LHG RI . 18.70 62.80 -0.46
C36 LHG RI . 18.20 61.37 -0.21
C37 LHG RI . 17.79 60.69 -1.50
C38 LHG RI . 16.36 60.19 -1.44
O1 LHG SI . 16.12 57.38 -17.33
C1 LHG SI . 17.55 57.37 -17.33
C2 LHG SI . 18.05 56.47 -16.21
O2 LHG SI . 17.71 57.05 -14.95
C3 LHG SI . 19.56 56.32 -16.32
O3 LHG SI . 20.18 57.46 -15.74
P LHG SI . 21.65 57.30 -15.11
O4 LHG SI . 22.61 58.12 -15.94
O5 LHG SI . 21.89 55.83 -14.92
O6 LHG SI . 21.50 57.99 -13.67
C4 LHG SI . 20.22 58.09 -13.04
C5 LHG SI . 20.33 57.63 -11.60
C6 LHG SI . 18.92 57.46 -11.02
O7 LHG SI . 21.06 56.40 -11.58
C7 LHG SI . 20.91 55.70 -10.44
O9 LHG SI . 20.03 54.87 -10.33
C8 LHG SI . 21.89 55.85 -9.32
C9 LHG SI . 22.27 54.51 -8.74
C10 LHG SI . 23.71 54.53 -8.25
O8 LHG SI . 18.57 58.58 -10.24
C23 LHG SI . 17.53 58.50 -9.41
O10 LHG SI . 16.86 57.48 -9.39
C24 LHG SI . 17.19 59.65 -8.50
C11 LHG SI . 23.90 53.36 -7.29
C12 LHG SI . 24.51 53.76 -5.95
C13 LHG SI . 23.51 54.26 -4.88
C14 LHG SI . 22.33 55.06 -5.44
C15 LHG SI . 21.24 55.51 -4.47
C16 LHG SI . 19.96 55.70 -5.28
C17 LHG SI . 18.74 55.26 -4.47
C25 LHG SI . 16.08 59.24 -7.54
C26 LHG SI . 16.21 59.98 -6.21
MG CLA TI . 26.08 73.71 4.12
CHA CLA TI . 25.96 70.30 3.59
CHB CLA TI . 29.44 73.50 4.87
CHC CLA TI . 26.11 76.98 4.45
CHD CLA TI . 22.64 73.87 3.34
NA CLA TI . 27.56 72.08 4.22
C1A CLA TI . 27.33 70.80 3.99
C2A CLA TI . 28.55 69.94 4.17
C3A CLA TI . 29.61 70.97 4.59
C4A CLA TI . 28.86 72.27 4.56
CMA CLA TI . 30.46 70.65 5.80
CAA CLA TI . 29.00 69.41 2.82
CBA CLA TI . 28.72 70.42 1.71
CGA CLA TI . 29.45 70.03 0.46
O1A CLA TI . 30.61 69.66 0.55
O2A CLA TI . 28.86 70.09 -0.72
NB CLA TI . 27.55 75.03 4.57
C1B CLA TI . 28.85 74.79 4.88
C2B CLA TI . 29.52 76.02 5.20
C3B CLA TI . 28.57 76.99 5.08
C4B CLA TI . 27.32 76.35 4.68
CMB CLA TI . 30.97 76.17 5.58
CAB CLA TI . 28.72 78.45 5.29
CBB CLA TI . 29.40 79.00 6.53
NC CLA TI . 24.62 75.19 3.86
C1C CLA TI . 24.83 76.48 4.12
C2C CLA TI . 23.60 77.29 4.04
C3C CLA TI . 22.63 76.38 3.70
C4C CLA TI . 23.28 75.08 3.60
CMC CLA TI . 23.47 78.76 4.29
CAC CLA TI . 21.16 76.67 3.50
CBC CLA TI . 20.87 76.79 2.02
ND CLA TI . 24.61 72.50 3.59
C1D CLA TI . 23.29 72.63 3.29
C2D CLA TI . 22.68 71.34 2.97
C3D CLA TI . 23.74 70.45 3.09
C4D CLA TI . 24.88 71.15 3.46
CMD CLA TI . 21.30 70.90 2.58
CAD CLA TI . 24.07 69.06 2.95
OBD CLA TI . 23.28 68.15 2.83
CBD CLA TI . 25.53 68.89 3.27
CGD CLA TI . 25.62 68.06 4.51
O1D CLA TI . 24.70 68.05 5.30
O2D CLA TI . 26.69 67.31 4.76
CED CLA TI . 26.46 66.21 5.63
C1 CLA TI . 29.47 70.91 -1.76
C2 CLA TI . 28.83 72.20 -2.21
C3 CLA TI . 29.11 72.70 -3.41
C4 CLA TI . 30.07 72.00 -4.32
C5 CLA TI . 28.51 73.98 -3.94
C6 CLA TI . 28.17 74.95 -2.81
C1 PTY UI . 62.93 9.61 4.67
C2 PTY UI . 65.37 6.56 10.99
C3 PTY UI . 65.83 6.94 9.59
O4 PTY UI . 61.74 9.05 4.18
C5 PTY UI . 64.72 8.82 6.21
C6 PTY UI . 63.92 8.49 4.94
O7 PTY UI . 64.76 8.28 3.83
C8 PTY UI . 65.38 9.41 3.27
O10 PTY UI . 66.30 9.91 3.81
C11 PTY UI . 64.89 10.00 1.94
C12 PTY UI . 65.91 11.01 1.40
C13 PTY UI . 65.60 12.39 1.98
C14 PTY UI . 65.11 13.30 0.86
C15 PTY UI . 66.31 13.86 0.11
C16 PTY UI . 65.81 14.71 -1.06
C17 PTY UI . 65.04 15.91 -0.52
C18 PTY UI . 63.85 16.21 -1.43
C19 PTY UI . 64.33 16.44 -2.86
C20 PTY UI . 63.17 16.90 -3.73
C30 PTY UI . 61.42 9.39 2.87
C31 PTY UI . 60.50 10.57 2.58
O30 PTY UI . 61.87 8.77 1.97
C32 PTY UI . 60.93 11.21 1.27
C33 PTY UI . 59.92 10.91 0.18
C34 PTY UI . 58.55 11.44 0.58
C35 PTY UI . 58.10 12.49 -0.44
C36 PTY UI . 56.71 12.11 -0.93
C37 PTY UI . 55.86 13.36 -1.11
C38 PTY UI . 54.45 12.98 -1.54
C39 PTY UI . 53.59 14.24 -1.56
C40 PTY UI . 54.15 15.25 -2.55
C41 PTY UI . 54.33 16.61 -1.88
P1 PTY UI . 64.32 8.93 8.80
O11 PTY UI . 65.72 8.33 9.41
O12 PTY UI . 63.19 8.58 9.73
O13 PTY UI . 64.43 10.44 8.70
O14 PTY UI . 64.02 8.31 7.31
N1 PTY UI . 65.42 5.11 11.13
C1 LUT VI . 88.65 10.75 -4.63
C2 LUT VI . 88.58 10.96 -3.13
C3 LUT VI . 87.47 10.16 -2.48
C4 LUT VI . 86.14 10.59 -3.06
C5 LUT VI . 86.17 10.55 -4.56
C6 LUT VI . 87.28 10.84 -5.25
C7 LUT VI . 87.16 11.24 -6.67
C8 LUT VI . 86.72 12.44 -7.00
C9 LUT VI . 86.62 12.82 -8.42
C10 LUT VI . 86.37 14.10 -8.72
C11 LUT VI . 86.27 14.59 -10.09
C12 LUT VI . 86.20 15.91 -10.21
C13 LUT VI . 86.12 16.62 -11.49
C14 LUT VI . 86.20 17.95 -11.42
C15 LUT VI . 86.18 18.80 -12.60
C16 LUT VI . 89.22 9.37 -4.95
C17 LUT VI . 89.55 11.81 -5.22
C18 LUT VI . 84.92 10.18 -5.28
C19 LUT VI . 86.80 11.79 -9.49
C20 LUT VI . 86.00 15.88 -12.78
O3 LUT VI . 87.46 10.45 -1.08
C21 LUT VI . 88.24 29.57 -18.92
C22 LUT VI . 88.38 30.18 -20.31
C23 LUT VI . 87.10 30.81 -20.79
C24 LUT VI . 86.05 29.73 -20.90
C25 LUT VI . 85.86 29.11 -19.54
C26 LUT VI . 86.88 28.93 -18.69
C27 LUT VI . 86.58 28.46 -17.32
C28 LUT VI . 86.79 27.18 -17.04
C29 LUT VI . 86.57 26.59 -15.70
C30 LUT VI . 86.85 25.29 -15.57
C31 LUT VI . 86.73 24.53 -14.35
C32 LUT VI . 86.50 23.23 -14.48
C33 LUT VI . 86.39 22.34 -13.32
C34 LUT VI . 86.38 21.02 -13.52
C35 LUT VI . 86.33 20.10 -12.40
C36 LUT VI . 88.41 30.65 -17.87
C37 LUT VI . 89.34 28.54 -18.75
C38 LUT VI . 84.48 28.70 -19.13
C39 LUT VI . 86.07 27.40 -14.55
C40 LUT VI . 86.32 22.91 -11.93
O23 LUT VI . 87.30 31.41 -22.07
C1 LUT WI . 78.33 23.76 -0.81
C2 LUT WI . 79.16 23.55 0.45
C3 LUT WI . 80.48 24.28 0.40
C4 LUT WI . 81.28 23.76 -0.78
C5 LUT WI . 80.48 23.86 -2.05
C6 LUT WI . 79.16 23.69 -2.07
C7 LUT WI . 78.42 23.46 -3.32
C8 LUT WI . 78.48 22.32 -4.00
C9 LUT WI . 77.67 22.17 -5.22
C10 LUT WI . 77.54 20.96 -5.75
C11 LUT WI . 76.74 20.70 -6.93
C12 LUT WI . 76.32 19.45 -7.06
C13 LUT WI . 75.47 18.92 -8.14
C14 LUT WI . 75.49 17.60 -8.35
C15 LUT WI . 74.68 16.96 -9.37
C16 LUT WI . 77.68 25.13 -0.79
C17 LUT WI . 77.27 22.68 -0.84
C18 LUT WI . 81.22 24.18 -3.30
C19 LUT WI . 77.00 23.35 -5.83
C20 LUT WI . 74.61 19.84 -8.94
O3 LUT WI . 81.20 23.97 1.59
C21 LUT WI . 68.97 7.54 -15.95
C22 LUT WI . 67.86 7.62 -16.98
C23 LUT WI . 68.44 7.63 -18.38
C24 LUT WI . 69.24 8.92 -18.55
C25 LUT WI . 70.32 8.93 -17.51
C26 LUT WI . 70.08 8.53 -16.25
C27 LUT WI . 71.16 8.73 -15.26
C28 LUT WI . 71.10 9.81 -14.48
C29 LUT WI . 72.11 10.12 -13.47
C30 LUT WI . 71.97 11.26 -12.78
C31 LUT WI . 72.88 11.72 -11.74
C32 LUT WI . 73.02 13.03 -11.60
C33 LUT WI . 73.90 13.65 -10.59
C34 LUT WI . 73.78 14.97 -10.36
C35 LUT WI . 74.60 15.64 -9.36
C36 LUT WI . 69.58 6.15 -15.99
C37 LUT WI . 68.36 7.80 -14.58
C38 LUT WI . 71.69 9.40 -17.89
C39 LUT WI . 73.27 9.20 -13.23
C40 LUT WI . 74.89 12.84 -9.81
O23 LUT WI . 67.39 7.59 -19.35
C1 BCR XI . 67.70 45.75 -15.29
C2 BCR XI . 66.42 46.35 -15.83
C3 BCR XI . 66.36 47.86 -15.69
C4 BCR XI . 66.49 48.18 -14.21
C5 BCR XI . 67.77 47.65 -13.67
C6 BCR XI . 68.40 46.67 -14.31
C7 BCR XI . 69.83 46.48 -14.05
C8 BCR XI . 70.32 45.51 -13.30
C9 BCR XI . 71.72 45.30 -12.98
C10 BCR XI . 72.09 44.21 -12.15
C11 BCR XI . 72.81 43.00 -12.07
C33 BCR XI . 68.38 48.25 -12.43
C31 BCR XI . 68.68 45.48 -16.43
C32 BCR XI . 67.35 44.47 -14.56
C34 BCR XI . 72.76 46.25 -13.51
C12 BCR XI . 73.36 41.94 -11.96
C13 BCR XI . 74.46 41.09 -11.69
C14 BCR XI . 74.14 39.87 -11.22
C15 BCR XI . 75.06 38.84 -10.84
C16 BCR XI . 75.66 37.66 -11.09
C17 BCR XI . 76.45 37.09 -10.25
C18 BCR XI . 76.50 35.77 -9.98
C19 BCR XI . 77.43 35.19 -9.01
C20 BCR XI . 78.19 34.21 -8.57
C21 BCR XI . 79.08 33.56 -7.66
C22 BCR XI . 79.39 32.26 -7.61
C23 BCR XI . 80.34 31.83 -6.56
C24 BCR XI . 81.30 32.74 -5.85
C25 BCR XI . 82.21 32.24 -4.80
C26 BCR XI . 81.72 32.11 -3.58
C27 BCR XI . 82.33 31.12 -2.63
C28 BCR XI . 83.86 31.03 -2.76
C29 BCR XI . 84.47 31.90 -3.84
C30 BCR XI . 83.65 31.90 -5.12
C35 BCR XI . 75.88 41.52 -11.92
C36 BCR XI . 75.54 34.88 -10.70
C37 BCR XI . 78.80 31.28 -8.57
C38 BCR XI . 80.57 32.94 -3.09
C39 BCR XI . 83.75 30.57 -5.83
C40 BCR XI . 84.25 33.00 -6.01
C1 BCR YI . 67.17 36.69 13.48
C2 BCR YI . 66.17 37.81 13.20
C3 BCR YI . 64.80 37.48 13.77
C4 BCR YI . 64.28 36.17 13.20
C5 BCR YI . 65.32 35.08 13.26
C6 BCR YI . 66.59 35.38 13.03
C7 BCR YI . 67.45 34.44 12.31
C8 BCR YI . 67.24 34.16 11.05
C9 BCR YI . 68.02 33.26 10.24
C10 BCR YI . 67.46 32.81 8.98
C11 BCR YI . 67.71 31.82 8.01
C33 BCR YI . 64.91 33.68 13.58
C31 BCR YI . 67.44 36.57 14.97
C32 BCR YI . 68.48 36.93 12.74
C34 BCR YI . 69.38 32.84 10.68
C12 BCR YI . 67.97 31.08 7.09
C13 BCR YI . 68.50 29.88 6.56
C14 BCR YI . 68.68 29.77 5.22
C15 BCR YI . 69.17 28.56 4.66
C16 BCR YI . 70.00 27.84 3.90
C17 BCR YI . 69.88 26.55 3.73
C18 BCR YI . 70.00 25.89 2.58
C19 BCR YI . 69.86 24.44 2.43
C20 BCR YI . 70.14 23.41 1.63
C21 BCR YI . 70.21 22.06 1.16
C22 BCR YI . 70.27 21.65 -0.12
C23 BCR YI . 70.36 20.20 -0.28
C24 BCR YI . 70.63 19.22 0.82
C25 BCR YI . 70.70 17.78 0.62
C26 BCR YI . 69.61 17.05 0.78
C27 BCR YI . 69.75 15.61 1.12
C28 BCR YI . 71.03 15.44 1.91
C29 BCR YI . 72.26 15.90 1.13
C30 BCR YI . 72.04 17.14 0.27
C35 BCR YI . 68.83 28.75 7.47
C36 BCR YI . 70.27 26.70 1.36
C37 BCR YI . 70.23 22.57 -1.29
C38 BCR YI . 68.23 17.64 0.68
C39 BCR YI . 72.07 16.80 -1.21
C40 BCR YI . 73.17 18.10 0.60
C1 LUT ZI . 61.97 17.44 5.44
C2 LUT ZI . 61.68 16.17 6.24
C3 LUT ZI . 62.81 15.15 6.21
C4 LUT ZI . 63.23 14.83 4.78
C5 LUT ZI . 63.41 16.11 4.00
C6 LUT ZI . 62.49 17.05 4.09
C7 LUT ZI . 61.99 17.67 2.85
C8 LUT ZI . 61.47 16.82 1.96
C9 LUT ZI . 60.94 17.27 0.68
C10 LUT ZI . 60.96 18.57 0.35
C11 LUT ZI . 60.47 18.97 -0.95
C12 LUT ZI . 59.92 20.16 -1.18
C13 LUT ZI . 59.49 20.44 -2.56
C14 LUT ZI . 59.02 21.64 -2.90
C15 LUT ZI . 58.67 21.82 -4.29
C16 LUT ZI . 63.03 18.26 6.15
C17 LUT ZI . 60.70 18.25 5.26
C18 LUT ZI . 64.64 16.33 3.17
C19 LUT ZI . 60.40 16.26 -0.29
C20 LUT ZI . 59.62 19.36 -3.59
O3 LUT ZI . 62.37 13.95 6.82
C21 LUT ZI . 57.71 26.39 -15.44
C22 LUT ZI . 57.54 26.60 -16.93
C23 LUT ZI . 58.19 27.90 -17.37
C24 LUT ZI . 57.35 29.01 -16.76
C25 LUT ZI . 57.30 28.86 -15.26
C26 LUT ZI . 57.46 27.67 -14.64
C27 LUT ZI . 57.73 27.76 -13.18
C28 LUT ZI . 57.87 26.72 -12.37
C29 LUT ZI . 58.13 26.80 -10.93
C30 LUT ZI . 58.55 25.67 -10.33
C31 LUT ZI . 58.85 25.59 -8.91
C32 LUT ZI . 58.34 24.56 -8.24
C33 LUT ZI . 58.62 24.41 -6.80
C34 LUT ZI . 58.59 23.19 -6.27
C35 LUT ZI . 58.91 23.00 -4.86
C36 LUT ZI . 59.13 25.88 -15.24
C37 LUT ZI . 56.71 25.31 -15.04
C38 LUT ZI . 57.10 30.10 -14.44
C39 LUT ZI . 57.91 28.06 -10.15
C40 LUT ZI . 58.95 25.61 -5.96
O23 LUT ZI . 58.24 28.00 -18.79
MG CLA AJ . 83.00 25.41 -20.05
CHA CLA AJ . 82.22 27.31 -22.81
CHB CLA AJ . 85.00 23.38 -21.98
CHC CLA AJ . 83.89 23.84 -17.31
CHD CLA AJ . 80.87 27.46 -18.12
NA CLA AJ . 83.57 25.33 -22.18
C1A CLA AJ . 83.11 26.14 -23.14
C2A CLA AJ . 83.61 25.74 -24.49
C3A CLA AJ . 84.44 24.49 -24.20
C4A CLA AJ . 84.35 24.38 -22.70
CMA CLA AJ . 84.10 23.26 -25.01
CAA CLA AJ . 84.59 26.79 -25.00
CBA CLA AJ . 85.41 27.42 -23.89
CGA CLA AJ . 86.68 26.64 -23.66
O1A CLA AJ . 87.13 25.99 -24.59
O2A CLA AJ . 87.27 26.69 -22.49
NB CLA AJ . 84.26 23.86 -19.70
C1B CLA AJ . 84.98 23.13 -20.60
C2B CLA AJ . 85.69 22.08 -19.92
C3B CLA AJ . 85.37 22.22 -18.61
C4B CLA AJ . 84.46 23.35 -18.48
CMB CLA AJ . 86.59 21.07 -20.57
CAB CLA AJ . 85.83 21.40 -17.46
CBB CLA AJ . 87.25 20.90 -17.35
NC CLA AJ . 82.51 25.67 -18.03
C1C CLA AJ . 82.96 24.88 -17.08
C2C CLA AJ . 82.39 25.21 -15.75
C3C CLA AJ . 81.56 26.26 -16.00
C4C CLA AJ . 81.63 26.53 -17.42
CMC CLA AJ . 82.67 24.54 -14.43
CAC CLA AJ . 80.72 26.98 -14.98
CBC CLA AJ . 81.43 28.25 -14.62
ND CLA AJ . 81.85 27.01 -20.28
C1D CLA AJ . 80.99 27.72 -19.51
C2D CLA AJ . 80.23 28.69 -20.29
C3D CLA AJ . 80.72 28.52 -21.56
C4D CLA AJ . 81.68 27.51 -21.56
CMD CLA AJ . 79.16 29.70 -19.96
CAD CLA AJ . 80.58 29.01 -22.92
OBD CLA AJ . 79.89 29.94 -23.27
CBD CLA AJ . 81.76 28.46 -23.68
CGD CLA AJ . 81.37 28.03 -25.04
O1D CLA AJ . 80.73 27.02 -25.21
O2D CLA AJ . 81.76 28.74 -26.10
CED CLA AJ . 80.79 28.94 -27.12
C1 CLA AJ . 88.17 25.60 -22.08
C2 CLA AJ . 88.10 25.00 -20.70
C3 CLA AJ . 89.24 24.69 -20.06
C4 CLA AJ . 90.58 24.95 -20.69
C5 CLA AJ . 89.28 24.09 -18.68
C6 CLA AJ . 89.73 25.18 -17.72
C7 CLA AJ . 90.47 24.61 -16.50
C8 CLA AJ . 90.33 25.58 -15.33
C9 CLA AJ . 90.52 27.01 -15.78
C10 CLA AJ . 91.34 25.22 -14.25
C11 CLA AJ . 90.61 24.82 -12.96
C12 CLA AJ . 90.38 26.00 -12.03
C13 CLA AJ . 89.26 25.69 -11.04
C14 CLA AJ . 88.34 26.89 -10.86
C15 CLA AJ . 89.86 25.26 -9.71
MG CLA BJ . 90.32 16.60 -16.11
CHA CLA BJ . 90.92 16.73 -19.50
CHB CLA BJ . 90.43 20.04 -15.91
CHC CLA BJ . 89.59 16.34 -12.90
CHD CLA BJ . 90.20 13.07 -16.34
NA CLA BJ . 90.63 18.24 -17.56
C1A CLA BJ . 90.86 18.10 -18.86
C2A CLA BJ . 91.10 19.42 -19.54
C3A CLA BJ . 90.94 20.42 -18.38
C4A CLA BJ . 90.65 19.54 -17.21
CMA CLA BJ . 91.95 21.54 -18.20
CAA CLA BJ . 90.04 19.68 -20.60
CBA CLA BJ . 90.15 21.09 -21.18
CGA CLA BJ . 90.94 21.06 -22.47
O1A CLA BJ . 92.14 20.85 -22.45
O2A CLA BJ . 90.28 21.26 -23.60
NB CLA BJ . 90.04 17.98 -14.64
C1B CLA BJ . 90.15 19.33 -14.72
C2B CLA BJ . 89.93 19.91 -13.42
C3B CLA BJ . 89.70 18.86 -12.59
C4B CLA BJ . 89.77 17.64 -13.38
CMB CLA BJ . 89.96 21.36 -13.06
CAB CLA BJ . 89.43 18.92 -11.14
CBB CLA BJ . 90.40 18.26 -10.20
NC CLA BJ . 89.86 14.97 -14.86
C1C CLA BJ . 89.69 15.08 -13.55
C2C CLA BJ . 89.62 13.78 -12.85
C3C CLA BJ . 89.75 12.87 -13.85
C4C CLA BJ . 89.91 13.62 -15.09
CMC CLA BJ . 89.44 13.56 -11.39
CAC CLA BJ . 89.78 11.37 -13.70
CBC CLA BJ . 91.17 10.92 -13.36
ND CLA BJ . 90.47 15.18 -17.48
C1D CLA BJ . 90.45 13.83 -17.50
C2D CLA BJ . 90.73 13.30 -18.82
C3D CLA BJ . 90.91 14.44 -19.59
C4D CLA BJ . 90.75 15.56 -18.79
CMD CLA BJ . 90.83 11.91 -19.39
CAD CLA BJ . 91.19 14.87 -20.93
OBD CLA BJ . 91.68 14.15 -21.79
CBD CLA BJ . 91.24 16.37 -20.93
CGD CLA BJ . 92.64 16.79 -21.22
O1D CLA BJ . 93.58 16.31 -20.61
O2D CLA BJ . 92.89 17.71 -22.14
CED CLA BJ . 93.85 17.34 -23.13
C1 CLA BJ . 90.96 21.59 -24.84
C2 CLA BJ . 91.39 23.00 -25.20
C3 CLA BJ . 91.08 23.50 -26.40
C4 CLA BJ . 90.30 22.70 -27.40
C5 CLA BJ . 91.47 24.89 -26.83
C6 CLA BJ . 91.49 25.00 -28.35
C7 CLA BJ . 91.96 26.38 -28.79
MG CLA CJ . 83.09 6.02 -2.84
CHA CLA CJ . 84.07 5.01 0.31
CHB CLA CJ . 86.37 6.04 -3.89
CHC CLA CJ . 82.04 6.79 -5.85
CHD CLA CJ . 79.73 6.00 -1.73
NA CLA CJ . 85.04 5.57 -1.91
C1A CLA CJ . 85.22 5.21 -0.64
C2A CLA CJ . 86.66 4.97 -0.33
C3A CLA CJ . 87.36 5.32 -1.65
C4A CLA CJ . 86.21 5.67 -2.55
CMA CLA CJ . 88.58 6.22 -1.63
CAA CLA CJ . 86.82 3.48 -0.08
CBA CLA CJ . 86.40 2.64 -1.28
CGA CLA CJ . 85.04 2.02 -1.08
O1A CLA CJ . 84.96 0.88 -0.65
O2A CLA CJ . 83.95 2.73 -1.37
NB CLA CJ . 84.06 6.35 -4.60
C1B CLA CJ . 85.40 6.38 -4.84
C2B CLA CJ . 85.64 6.73 -6.22
C3B CLA CJ . 84.40 6.95 -6.76
C4B CLA CJ . 83.42 6.70 -5.72
CMB CLA CJ . 87.00 6.85 -6.86
CAB CLA CJ . 84.01 7.35 -8.13
CBB CLA CJ . 84.85 8.27 -8.99
NC CLA CJ . 81.18 6.27 -3.67
C1C CLA CJ . 80.99 6.67 -4.91
C2C CLA CJ . 79.59 7.00 -5.20
C3C CLA CJ . 78.93 6.75 -4.03
C4C CLA CJ . 79.94 6.29 -3.08
CMC CLA CJ . 79.03 7.50 -6.50
CAC CLA CJ . 77.46 6.92 -3.78
CBC CLA CJ . 76.74 5.69 -4.23
ND CLA CJ . 82.07 5.62 -1.20
C1D CLA CJ . 80.76 5.64 -0.83
C2D CLA CJ . 80.59 5.29 0.58
C3D CLA CJ . 81.88 5.05 1.00
C4D CLA CJ . 82.76 5.25 -0.06
CMD CLA CJ . 79.42 5.17 1.51
CAD CLA CJ . 82.66 4.67 2.16
OBD CLA CJ . 82.25 4.63 3.31
CBD CLA CJ . 84.08 4.53 1.74
CGD CLA CJ . 84.95 5.39 2.61
O1D CLA CJ . 84.52 6.43 3.05
O2D CLA CJ . 86.19 5.03 2.88
CED CLA CJ . 86.51 4.96 4.27
C1 CLA CJ . 82.83 2.22 -2.14
C2 CLA CJ . 82.77 2.31 -3.64
C3 CLA CJ . 81.60 2.27 -4.29
C4 CLA CJ . 80.31 2.13 -3.54
C5 CLA CJ . 81.51 2.34 -5.79
C6 CLA CJ . 80.22 3.02 -6.22
C7 CLA CJ . 80.05 2.93 -7.73
C8 CLA CJ . 80.92 3.96 -8.45
C9 CLA CJ . 80.07 4.90 -9.30
C10 CLA CJ . 81.96 3.24 -9.31
C11 CLA CJ . 83.37 3.59 -8.88
MG CLA DJ . 73.16 12.17 -19.02
CHA CLA DJ . 72.75 11.05 -22.27
CHB CLA DJ . 70.43 14.23 -19.35
CHC CLA DJ . 73.55 13.04 -15.88
CHD CLA DJ . 75.92 10.02 -18.72
NA CLA DJ . 71.71 12.61 -20.63
C1A CLA DJ . 71.72 12.06 -21.84
C2A CLA DJ . 70.65 12.62 -22.71
C3A CLA DJ . 69.98 13.64 -21.80
C4A CLA DJ . 70.72 13.50 -20.52
CMA CLA DJ . 69.85 14.99 -22.44
CAA CLA DJ . 69.64 11.52 -23.02
CBA CLA DJ . 69.07 10.87 -21.77
CGA CLA DJ . 67.67 11.40 -21.53
O1A CLA DJ . 67.08 11.92 -22.45
O2A CLA DJ . 67.10 11.28 -20.34
NB CLA DJ . 72.14 13.43 -17.80
C1B CLA DJ . 71.07 14.21 -18.10
C2B CLA DJ . 70.70 14.99 -16.94
C3B CLA DJ . 71.60 14.65 -15.97
C4B CLA DJ . 72.50 13.65 -16.53
CMB CLA DJ . 69.56 15.97 -16.90
CAB CLA DJ . 71.74 15.10 -14.57
CBB CLA DJ . 70.81 16.08 -13.89
NC CLA DJ . 74.51 11.60 -17.53
C1C CLA DJ . 74.50 12.09 -16.31
C2C CLA DJ . 75.58 11.53 -15.46
C3C CLA DJ . 76.22 10.66 -16.29
C4C CLA DJ . 75.55 10.71 -17.57
CMC CLA DJ . 75.86 11.84 -14.02
CAC CLA DJ . 77.41 9.80 -15.92
CBC CLA DJ . 76.90 8.40 -15.67
ND CLA DJ . 74.14 10.84 -20.11
C1D CLA DJ . 75.23 10.05 -19.95
C2D CLA DJ . 75.56 9.33 -21.17
C3D CLA DJ . 74.58 9.73 -22.06
C4D CLA DJ . 73.74 10.62 -21.42
CMD CLA DJ . 76.63 8.36 -21.56
CAD CLA DJ . 74.12 9.55 -23.41
OBD CLA DJ . 74.76 8.97 -24.26
CBD CLA DJ . 72.92 10.42 -23.63
CGD CLA DJ . 73.26 11.60 -24.49
O1D CLA DJ . 74.39 12.03 -24.53
O2D CLA DJ . 72.29 12.25 -25.13
CED CLA DJ . 72.51 12.94 -26.35
C1 CLA DJ . 67.17 12.34 -19.34
C2 CLA DJ . 67.91 12.12 -18.04
C3 CLA DJ . 67.44 12.60 -16.88
C4 CLA DJ . 66.17 13.39 -16.82
C5 CLA DJ . 68.15 12.41 -15.56
C6 CLA DJ . 67.11 12.08 -14.50
C7 CLA DJ . 67.76 11.46 -13.27
C8 CLA DJ . 66.74 10.63 -12.49
C9 CLA DJ . 65.42 11.36 -12.33
C10 CLA DJ . 67.31 10.26 -11.13
C11 CLA DJ . 68.28 9.09 -11.25
C12 CLA DJ . 69.23 9.07 -10.07
C13 CLA DJ . 70.62 8.60 -10.51
C14 CLA DJ . 70.55 7.25 -11.21
C15 CLA DJ . 71.53 8.53 -9.30
C16 CLA DJ . 72.92 9.01 -9.68
C17 CLA DJ . 73.88 8.88 -8.49
C18 CLA DJ . 74.80 7.69 -8.70
C19 CLA DJ . 75.71 7.90 -9.92
C20 CLA DJ . 75.62 7.44 -7.45
MG CLA EJ . 69.49 18.43 -9.66
CHA CLA EJ . 67.28 19.77 -11.94
CHB CLA EJ . 68.89 15.28 -10.89
CHC CLA EJ . 71.71 17.28 -7.53
CHD CLA EJ . 70.08 21.68 -8.42
NA CLA EJ . 68.23 17.59 -11.26
C1A CLA EJ . 67.41 18.27 -12.06
C2A CLA EJ . 66.68 17.40 -13.03
C3A CLA EJ . 67.19 16.01 -12.65
C4A CLA EJ . 68.17 16.28 -11.55
CMA CLA EJ . 66.18 14.89 -12.43
CAA CLA EJ . 67.10 17.73 -14.45
CBA CLA EJ . 66.31 16.92 -15.46
CGA CLA EJ . 64.87 17.37 -15.45
O1A CLA EJ . 64.58 18.46 -15.93
O2A CLA EJ . 63.95 16.59 -14.92
NB CLA EJ . 70.20 16.57 -9.29
C1B CLA EJ . 69.82 15.39 -9.85
C2B CLA EJ . 70.52 14.31 -9.23
C3B CLA EJ . 71.31 14.88 -8.27
C4B CLA EJ . 71.10 16.32 -8.33
CMB CLA EJ . 70.40 12.84 -9.54
CAB CLA EJ . 72.24 14.20 -7.35
CBB CLA EJ . 72.10 14.39 -5.86
NC CLA EJ . 70.77 19.35 -8.29
C1C CLA EJ . 71.55 18.68 -7.45
C2C CLA EJ . 72.21 19.55 -6.46
C3C CLA EJ . 71.78 20.80 -6.78
C4C CLA EJ . 70.87 20.67 -7.90
CMC CLA EJ . 73.16 19.13 -5.38
CAC CLA EJ . 72.14 22.07 -6.07
CBC CLA EJ . 73.47 22.51 -6.64
ND CLA EJ . 68.96 20.27 -10.05
C1D CLA EJ . 69.15 21.48 -9.46
C2D CLA EJ . 68.27 22.50 -10.01
C3D CLA EJ . 67.56 21.82 -10.98
C4D CLA EJ . 67.98 20.49 -11.00
CMD CLA EJ . 68.05 23.95 -9.72
CAD CLA EJ . 66.54 21.99 -11.97
OBD CLA EJ . 65.60 22.76 -11.81
CBD CLA EJ . 66.39 20.71 -12.71
CGD CLA EJ . 64.96 20.32 -12.54
O1D CLA EJ . 64.12 20.68 -13.35
O2D CLA EJ . 64.58 19.60 -11.50
CED CLA EJ . 63.48 18.71 -11.74
C1 CLA EJ . 62.54 16.82 -15.20
MG CLA FJ . 84.68 27.82 -1.73
CHA CLA FJ . 85.25 28.64 1.58
CHB CLA FJ . 81.28 28.18 -1.26
CHC CLA FJ . 84.27 27.19 -4.94
CHD CLA FJ . 88.16 27.45 -2.16
NA CLA FJ . 83.38 28.37 -0.03
C1A CLA FJ . 83.79 28.65 1.20
C2A CLA FJ . 82.66 28.96 2.13
C3A CLA FJ . 81.44 28.79 1.22
C4A CLA FJ . 82.04 28.43 -0.10
CMA CLA FJ . 80.25 27.98 1.71
CAA CLA FJ . 82.71 30.43 2.53
CBA CLA FJ . 83.22 31.29 1.38
CGA CLA FJ . 82.77 32.72 1.54
O1A CLA FJ . 81.62 32.92 1.89
O2A CLA FJ . 83.61 33.71 1.31
NB CLA FJ . 83.03 27.72 -2.91
C1B CLA FJ . 81.72 27.84 -2.56
C2B CLA FJ . 80.88 27.63 -3.71
C3B CLA FJ . 81.72 27.34 -4.73
C4B CLA FJ . 83.10 27.40 -4.21
CMB CLA FJ . 79.38 27.68 -3.74
CAB CLA FJ . 81.37 27.04 -6.13
CBB CLA FJ . 80.53 28.00 -6.92
NC CLA FJ . 86.00 27.43 -3.30
C1C CLA FJ . 85.62 27.17 -4.54
C2C CLA FJ . 86.76 26.85 -5.43
C3C CLA FJ . 87.86 26.94 -4.63
C4C CLA FJ . 87.37 27.30 -3.31
CMC CLA FJ . 86.70 26.51 -6.89
CAC CLA FJ . 89.29 26.70 -5.04
CBC CLA FJ . 90.02 28.02 -5.14
ND CLA FJ . 86.34 27.99 -0.66
C1D CLA FJ . 87.66 27.81 -0.89
C2D CLA FJ . 88.45 28.03 0.31
C3D CLA FJ . 87.50 28.35 1.26
C4D CLA FJ . 86.24 28.32 0.67
CMD CLA FJ . 89.92 27.97 0.62
CAD CLA FJ . 87.35 28.71 2.65
OBD CLA FJ . 88.20 28.55 3.51
CBD CLA FJ . 85.90 28.94 2.91
CGD CLA FJ . 85.43 27.94 3.94
O1D CLA FJ . 85.97 26.86 4.03
O2D CLA FJ . 84.42 28.23 4.75
CED CLA FJ . 84.63 27.90 6.12
C1 CLA FJ . 83.25 34.81 0.40
C2 CLA FJ . 83.37 34.71 -1.10
C3 CLA FJ . 83.49 35.81 -1.85
C4 CLA FJ . 83.51 37.18 -1.25
C5 CLA FJ . 83.61 35.78 -3.36
MG CLA GJ . 89.02 8.30 -21.00
CHA CLA GJ . 88.84 11.35 -22.59
CHB CLA GJ . 90.74 6.98 -23.67
CHC CLA GJ . 89.23 5.47 -19.34
CHD CLA GJ . 87.27 9.70 -18.26
NA CLA GJ . 89.74 9.07 -22.93
C1A CLA GJ . 89.56 10.31 -23.40
C2A CLA GJ . 90.13 10.48 -24.78
C3A CLA GJ . 90.71 9.09 -25.08
C4A CLA GJ . 90.40 8.31 -23.84
CMA CLA GJ . 90.44 8.45 -26.43
CAA CLA GJ . 91.26 11.51 -24.78
CBA CLA GJ . 92.20 11.35 -23.59
CGA CLA GJ . 93.51 10.77 -24.07
O1A CLA GJ . 93.64 10.53 -25.27
O2A CLA GJ . 94.49 10.56 -23.22
NB CLA GJ . 89.86 6.50 -21.43
C1B CLA GJ . 90.51 6.13 -22.57
C2B CLA GJ . 90.93 4.77 -22.48
C3B CLA GJ . 90.50 4.33 -21.26
C4B CLA GJ . 89.82 5.44 -20.60
CMB CLA GJ . 91.67 3.98 -23.53
CAB CLA GJ . 90.72 2.94 -20.76
CBB CLA GJ . 90.33 2.43 -19.40
NC CLA GJ . 88.41 7.70 -19.08
C1C CLA GJ . 88.57 6.48 -18.61
C2C CLA GJ . 87.99 6.29 -17.26
C3C CLA GJ . 87.47 7.52 -16.96
C4C CLA GJ . 87.73 8.39 -18.10
CMC CLA GJ . 88.00 5.04 -16.44
CAC CLA GJ . 86.76 7.92 -15.68
CBC CLA GJ . 85.34 7.39 -15.69
ND CLA GJ . 88.25 10.04 -20.45
C1D CLA GJ . 87.56 10.50 -19.38
C2D CLA GJ . 87.14 11.88 -19.58
C3D CLA GJ . 87.65 12.20 -20.82
C4D CLA GJ . 88.30 11.09 -21.34
CMD CLA GJ . 86.35 12.86 -18.74
CAD CLA GJ . 87.73 13.28 -21.79
OBD CLA GJ . 86.89 14.15 -21.90
CBD CLA GJ . 88.62 12.81 -22.89
CGD CLA GJ . 87.97 12.96 -24.23
O1D CLA GJ . 86.82 12.60 -24.41
O2D CLA GJ . 88.63 13.49 -25.25
CED CLA GJ . 87.91 14.43 -26.02
C1 CLA GJ . 94.60 9.28 -22.51
C2 CLA GJ . 93.45 8.75 -21.69
C3 CLA GJ . 93.68 8.07 -20.56
C4 CLA GJ . 95.07 7.81 -20.07
C5 CLA GJ . 92.57 7.53 -19.71
C6 CLA GJ . 92.85 7.80 -18.24
C7 CLA GJ . 91.56 8.10 -17.48
C8 CLA GJ . 91.25 7.05 -16.40
C9 CLA GJ . 91.71 7.52 -15.03
C10 CLA GJ . 91.85 5.69 -16.75
MG CLA HJ . 90.28 -0.41 -2.47
CHA CLA HJ . 87.15 -1.84 -2.69
CHB CLA HJ . 91.45 -3.14 -0.74
CHC CLA HJ . 93.26 1.00 -2.44
CHD CLA HJ . 89.04 2.40 -4.22
NA CLA HJ . 89.41 -2.32 -1.78
C1A CLA HJ . 88.14 -2.71 -1.95
C2A CLA HJ . 87.88 -4.06 -1.35
C3A CLA HJ . 89.24 -4.42 -0.73
C4A CLA HJ . 90.10 -3.25 -1.09
CMA CLA HJ . 89.29 -4.94 0.69
CAA CLA HJ . 87.48 -5.05 -2.44
CBA CLA HJ . 88.21 -6.39 -2.35
CGA CLA HJ . 88.05 -7.17 -3.64
O1A CLA HJ . 88.82 -8.09 -3.87
O2A CLA HJ . 87.08 -6.83 -4.47
NB CLA HJ . 92.08 -0.99 -1.72
C1B CLA HJ . 92.36 -2.11 -1.01
C2B CLA HJ . 93.74 -2.09 -0.60
C3B CLA HJ . 94.25 -0.91 -1.08
C4B CLA HJ . 93.18 -0.22 -1.79
CMB CLA HJ . 94.44 -3.16 0.19
CAB CLA HJ . 95.62 -0.37 -0.96
CBB CLA HJ . 96.39 -0.46 0.34
NC CLA HJ . 91.04 1.37 -3.30
C1C CLA HJ . 92.29 1.79 -3.10
C2C CLA HJ . 92.51 3.15 -3.64
C3C CLA HJ . 91.31 3.51 -4.18
C4C CLA HJ . 90.40 2.40 -3.95
CMC CLA HJ . 93.79 3.95 -3.60
CAC CLA HJ . 90.97 4.81 -4.85
CBC CLA HJ . 90.79 4.63 -6.35
ND CLA HJ . 88.59 0.22 -3.26
C1D CLA HJ . 88.18 1.32 -3.96
C2D CLA HJ . 86.78 1.23 -4.36
C3D CLA HJ . 86.39 0.00 -3.84
C4D CLA HJ . 87.47 -0.60 -3.20
CMD CLA HJ . 85.86 2.14 -5.11
CAD CLA HJ . 85.25 -0.89 -3.76
OBD CLA HJ . 84.29 -0.84 -4.50
CBD CLA HJ . 85.71 -2.12 -3.02
CGD CLA HJ . 84.84 -2.29 -1.81
O1D CLA HJ . 83.65 -2.41 -1.97
O2D CLA HJ . 85.35 -2.33 -0.59
CED CLA HJ . 84.82 -3.36 0.24
MG CLA IJ . 79.98 0.98 -19.08
CHA CLA IJ . 81.82 3.11 -21.08
CHB CLA IJ . 82.00 -1.65 -19.95
CHC CLA IJ . 78.16 -0.93 -17.12
CHD CLA IJ . 77.97 3.74 -18.14
NA CLA IJ . 81.76 0.73 -20.37
C1A CLA IJ . 82.37 1.70 -21.06
C2A CLA IJ . 83.58 1.20 -21.79
C3A CLA IJ . 83.60 -0.29 -21.40
C4A CLA IJ . 82.38 -0.45 -20.54
CMA CLA IJ . 83.95 -1.37 -22.42
CAA CLA IJ . 84.83 1.93 -21.31
CBA CLA IJ . 85.23 1.51 -19.92
CGA CLA IJ . 86.57 0.84 -20.05
O1A CLA IJ . 86.72 -0.06 -20.87
O2A CLA IJ . 87.55 1.23 -19.27
NB CLA IJ . 80.07 -0.99 -18.61
C1B CLA IJ . 80.93 -1.93 -19.08
C2B CLA IJ . 80.61 -3.22 -18.51
C3B CLA IJ . 79.52 -3.00 -17.70
C4B CLA IJ . 79.19 -1.57 -17.78
CMB CLA IJ . 81.34 -4.50 -18.77
CAB CLA IJ . 78.74 -3.94 -16.87
CBB CLA IJ . 78.60 -5.41 -17.18
NC CLA IJ . 78.36 1.35 -17.80
C1C CLA IJ . 77.73 0.41 -17.12
C2C CLA IJ . 76.55 0.92 -16.37
C3C CLA IJ . 76.53 2.25 -16.66
C4C CLA IJ . 77.65 2.51 -17.55
CMC CLA IJ . 75.61 0.14 -15.50
CAC CLA IJ . 75.53 3.26 -16.15
CBC CLA IJ . 76.12 3.98 -14.97
ND CLA IJ . 79.84 2.92 -19.44
C1D CLA IJ . 79.04 3.93 -19.03
C2D CLA IJ . 79.41 5.20 -19.65
C3D CLA IJ . 80.50 4.86 -20.44
C4D CLA IJ . 80.74 3.50 -20.30
CMD CLA IJ . 78.88 6.60 -19.56
CAD CLA IJ . 81.44 5.43 -21.36
OBD CLA IJ . 81.27 6.48 -21.96
CBD CLA IJ . 82.29 4.30 -21.87
CGD CLA IJ . 82.00 4.09 -23.32
O1D CLA IJ . 80.88 3.83 -23.70
O2D CLA IJ . 82.96 4.22 -24.24
CED CLA IJ . 82.62 5.03 -25.36
C1 CLA IJ . 87.74 0.61 -17.97
C2 CLA IJ . 86.75 0.85 -16.86
C3 CLA IJ . 87.07 0.56 -15.59
C4 CLA IJ . 88.40 -0.02 -15.23
C5 CLA IJ . 86.11 0.77 -14.44
C6 CLA IJ . 85.55 2.19 -14.48
MG CHL JJ . 73.62 24.77 2.50
CHA CHL JJ . 73.57 23.19 5.48
CHB CHL JJ . 74.08 21.74 0.94
CHC CHL JJ . 73.45 26.28 -0.33
CHD CHL JJ . 73.20 27.85 4.24
NA CHL JJ . 73.81 22.83 3.12
C1A CHL JJ . 73.79 22.37 4.40
C2A CHL JJ . 74.05 20.87 4.46
C3A CHL JJ . 74.36 20.50 3.04
C4A CHL JJ . 74.09 21.77 2.29
CMA CHL JJ . 75.63 19.73 2.71
CAA CHL JJ . 72.91 20.03 5.08
CBA CHL JJ . 71.71 19.74 4.17
CGA CHL JJ . 70.67 20.82 4.20
O1A CHL JJ . 70.89 22.00 4.18
O2A CHL JJ . 69.45 20.32 4.28
NB CHL JJ . 73.73 24.08 0.59
C1B CHL JJ . 73.86 22.83 0.12
C2B CHL JJ . 73.78 22.87 -1.30
C3B CHL JJ . 73.57 24.14 -1.68
C4B CHL JJ . 73.56 24.93 -0.47
CMB CHL JJ . 73.90 21.66 -2.19
CAB CHL JJ . 73.31 24.58 -3.05
CBB CHL JJ . 72.88 25.94 -3.50
NC CHL JJ . 73.41 26.75 2.08
C1C CHL JJ . 73.41 27.12 0.77
C2C CHL JJ . 73.32 28.56 0.72
C3C CHL JJ . 73.28 29.01 1.99
C4C CHL JJ . 73.31 27.88 2.88
CMC CHL JJ . 73.25 29.43 -0.43
OMC CHL JJ . 73.28 29.07 -1.59
CAC CHL JJ . 73.20 30.45 2.42
CBC CHL JJ . 71.81 30.86 2.82
ND CHL JJ . 73.47 25.49 4.40
C1D CHL JJ . 73.26 26.70 4.98
C2D CHL JJ . 73.11 26.54 6.38
C3D CHL JJ . 73.22 25.20 6.63
C4D CHL JJ . 73.45 24.56 5.40
CMD CHL JJ . 72.85 27.65 7.35
CAD CHL JJ . 73.20 24.16 7.65
OBD CHL JJ . 73.01 24.28 8.85
CBD CHL JJ . 73.43 22.84 6.97
CGD CHL JJ . 74.67 22.16 7.54
O1D CHL JJ . 75.80 22.42 7.23
O2D CHL JJ . 74.34 21.24 8.42
CED CHL JJ . 75.44 20.53 9.04
C1 CHL JJ . 68.33 21.25 4.33
C2 CHL JJ . 67.05 20.50 4.44
C3 CHL JJ . 66.16 20.58 3.47
C4 CHL JJ . 64.83 19.87 3.51
C5 CHL JJ . 66.43 21.38 2.23
C6 CHL JJ . 65.62 20.94 1.02
C7 CHL JJ . 66.04 21.65 -0.26
C8 CHL JJ . 65.33 21.18 -1.52
C9 CHL JJ . 65.16 19.67 -1.52
C10 CHL JJ . 63.98 21.89 -1.57
C11 CHL JJ . 64.00 23.19 -2.36
C12 CHL JJ . 62.64 23.88 -2.44
C13 CHL JJ . 62.67 25.25 -3.10
C14 CHL JJ . 63.83 26.08 -2.57
C15 CHL JJ . 61.38 26.03 -3.11
C16 CHL JJ . 60.48 25.78 -1.91
C17 CHL JJ . 59.09 26.37 -2.08
C18 CHL JJ . 59.03 27.86 -2.31
C19 CHL JJ . 59.45 28.63 -1.08
C20 CHL JJ . 57.64 28.29 -2.76
MG CHL KJ . 75.01 33.21 -17.79
CHA CHL KJ . 76.39 30.23 -17.04
CHB CHL KJ . 76.46 34.51 -14.95
CHC CHL KJ . 73.81 36.11 -18.60
CHD CHL KJ . 73.59 31.72 -20.67
NA CHL KJ . 76.17 32.49 -16.28
C1A CHL KJ . 76.69 31.22 -16.16
C2A CHL KJ . 77.58 31.09 -14.96
C3A CHL KJ . 77.35 32.33 -14.19
C4A CHL KJ . 76.59 33.18 -15.18
CMA CHL KJ . 76.85 32.23 -12.76
CAA CHL KJ . 79.05 30.92 -15.35
CBA CHL KJ . 79.72 32.20 -15.82
CGA CHL KJ . 80.71 31.99 -16.92
O1A CHL KJ . 80.50 32.18 -18.08
O2A CHL KJ . 81.87 31.58 -16.45
NB CHL KJ . 75.12 35.03 -16.88
C1B CHL KJ . 75.79 35.38 -15.78
C2B CHL KJ . 75.65 36.78 -15.60
C3B CHL KJ . 74.86 37.26 -16.58
C4B CHL KJ . 74.53 36.14 -17.44
CMB CHL KJ . 76.32 37.60 -14.55
CAB CHL KJ . 74.42 38.65 -16.65
CBB CHL KJ . 73.48 39.25 -17.65
NC CHL KJ . 73.85 33.78 -19.38
C1C CHL KJ . 73.47 35.08 -19.47
C2C CHL KJ . 72.70 35.20 -20.70
C3C CHL KJ . 72.67 33.98 -21.28
C4C CHL KJ . 73.39 33.06 -20.46
CMC CHL KJ . 72.02 36.35 -21.25
OMC CHL KJ . 72.00 37.47 -20.77
CAC CHL KJ . 72.02 33.65 -22.60
CBC CHL KJ . 72.93 33.88 -23.76
ND CHL KJ . 74.90 31.41 -18.71
C1D CHL KJ . 74.31 30.91 -19.82
C2D CHL KJ . 74.59 29.52 -19.94
C3D CHL KJ . 75.39 29.20 -18.88
C4D CHL KJ . 75.58 30.36 -18.13
CMD CHL KJ . 74.10 28.63 -21.04
CAD CHL KJ . 76.14 28.15 -18.21
OBD CHL KJ . 76.21 26.97 -18.52
CBD CHL KJ . 76.84 28.76 -17.02
CGD CHL KJ . 76.48 28.02 -15.75
O1D CHL KJ . 75.36 27.71 -15.42
O2D CHL KJ . 77.56 27.75 -15.02
CED CHL KJ . 77.32 27.06 -13.78
C1 CHL KJ . 83.02 31.36 -17.31
C2 CHL KJ . 83.76 32.64 -17.38
C3 CHL KJ . 84.85 32.84 -16.65
C4 CHL KJ . 85.41 31.81 -15.71
C5 CHL KJ . 85.59 34.14 -16.71
MG CLA LJ . 68.43 27.47 -11.45
CHA CLA LJ . 67.90 25.04 -13.85
CHB CLA LJ . 65.68 29.20 -12.56
CHC CLA LJ . 68.89 29.61 -9.00
CHD CLA LJ . 71.28 25.70 -10.38
NA CLA LJ . 66.93 27.17 -13.04
C1A CLA LJ . 66.89 26.15 -13.90
C2A CLA LJ . 65.79 26.31 -14.90
C3A CLA LJ . 65.14 27.62 -14.48
C4A CLA LJ . 65.95 28.04 -13.29
CMA CLA LJ . 64.96 28.66 -15.56
CAA CLA LJ . 64.76 25.21 -14.68
CBA CLA LJ . 64.34 25.17 -13.23
CGA CLA LJ . 62.92 24.70 -13.10
O1A CLA LJ . 62.00 25.48 -13.26
O2A CLA LJ . 62.71 23.43 -12.81
NB CLA LJ . 67.43 29.14 -10.87
C1B CLA LJ . 66.35 29.71 -11.44
C2B CLA LJ . 65.99 30.91 -10.74
C3B CLA LJ . 66.91 31.02 -9.74
C4B CLA LJ . 67.81 29.88 -9.83
CMB CLA LJ . 64.85 31.82 -11.07
CAB CLA LJ . 67.01 32.06 -8.70
CBB CLA LJ . 65.80 32.39 -7.85
NC CLA LJ . 69.83 27.60 -9.90
C1C CLA LJ . 69.87 28.60 -9.04
C2C CLA LJ . 71.05 28.52 -8.15
C3C CLA LJ . 71.70 27.40 -8.55
C4C CLA LJ . 70.94 26.83 -9.64
CMC CLA LJ . 71.43 29.47 -7.05
CAC CLA LJ . 72.98 26.87 -7.97
CBC CLA LJ . 72.62 25.86 -6.93
ND CLA LJ . 69.42 25.82 -11.92
C1D CLA LJ . 70.52 25.18 -11.46
C2D CLA LJ . 70.78 23.94 -12.18
C3D CLA LJ . 69.75 23.90 -13.11
C4D CLA LJ . 68.95 25.03 -12.96
CMD CLA LJ . 71.83 22.88 -12.07
CAD CLA LJ . 69.23 23.12 -14.20
OBD CLA LJ . 69.61 22.01 -14.52
CBD CLA LJ . 67.96 23.77 -14.67
CGD CLA LJ . 67.98 24.07 -16.15
O1D CLA LJ . 68.89 24.69 -16.64
O2D CLA LJ . 66.98 23.66 -16.91
CED CLA LJ . 67.31 23.16 -18.20
C1 CLA LJ . 62.22 23.05 -11.49
C2 CLA LJ . 62.64 23.80 -10.25
C3 CLA LJ . 63.03 23.14 -9.16
C4 CLA LJ . 63.07 21.64 -9.13
C5 CLA LJ . 63.46 23.83 -7.89
C6 CLA LJ . 62.96 25.27 -7.89
C7 CLA LJ . 63.99 26.21 -7.27
C8 CLA LJ . 64.54 27.18 -8.30
C9 CLA LJ . 65.68 26.56 -9.08
C10 CLA LJ . 64.97 28.49 -7.66
C11 CLA LJ . 65.18 28.43 -6.16
C12 CLA LJ . 65.04 29.83 -5.56
C13 CLA LJ . 65.98 30.09 -4.39
C14 CLA LJ . 67.45 30.02 -4.80
C15 CLA LJ . 65.67 29.09 -3.28
C16 CLA LJ . 64.84 29.68 -2.15
C17 CLA LJ . 64.61 31.19 -2.26
C18 CLA LJ . 63.61 31.65 -1.21
C19 CLA LJ . 63.07 33.04 -1.54
C20 CLA LJ . 62.47 30.66 -1.07
MG CHL MJ . 77.38 32.69 -1.76
CHA CHL MJ . 78.35 35.92 -2.09
CHB CHL MJ . 76.28 32.73 -4.98
CHC CHL MJ . 76.62 29.54 -1.45
CHD CHL MJ . 78.52 32.80 1.60
NA CHL MJ . 77.31 34.09 -3.24
C1A CHL MJ . 77.72 35.40 -3.19
C2A CHL MJ . 77.41 36.16 -4.48
C3A CHL MJ . 76.62 35.15 -5.28
C4A CHL MJ . 76.69 33.89 -4.46
CMA CHL MJ . 75.29 35.55 -5.90
CAA CHL MJ . 78.66 36.68 -5.21
CBA CHL MJ . 78.38 37.07 -6.65
CGA CHL MJ . 78.94 38.39 -7.11
O1A CHL MJ . 79.10 39.35 -6.41
O2A CHL MJ . 79.23 38.36 -8.39
NB CHL MJ . 76.57 31.35 -3.04
C1B CHL MJ . 76.26 31.51 -4.34
C2B CHL MJ . 75.88 30.26 -4.89
C3B CHL MJ . 76.00 29.31 -3.89
C4B CHL MJ . 76.42 30.02 -2.71
CMB CHL MJ . 75.46 30.03 -6.31
CAB CHL MJ . 75.82 27.86 -3.96
CBB CHL MJ . 75.41 27.00 -5.13
NC CHL MJ . 77.52 31.42 -0.16
C1C CHL MJ . 77.05 30.15 -0.28
C2C CHL MJ . 77.19 29.52 1.03
C3C CHL MJ . 77.72 30.45 1.85
C4C CHL MJ . 77.95 31.65 1.13
CMC CHL MJ . 76.84 28.19 1.47
OMC CHL MJ . 76.36 27.32 0.79
CAC CHL MJ . 78.01 30.24 3.31
CBC CHL MJ . 76.93 30.79 4.19
ND CHL MJ . 78.22 33.99 -0.44
C1D CHL MJ . 78.69 33.94 0.83
C2D CHL MJ . 79.30 35.16 1.19
C3D CHL MJ . 79.21 35.97 0.08
C4D CHL MJ . 78.54 35.24 -0.91
CMD CHL MJ . 79.88 35.48 2.53
CAD CHL MJ . 79.51 37.27 -0.48
OBD CHL MJ . 80.11 38.19 0.03
CBD CHL MJ . 78.95 37.32 -1.88
CGD CHL MJ . 77.89 38.41 -1.99
O1D CHL MJ . 76.72 38.25 -1.82
O2D CHL MJ . 78.45 39.57 -2.32
CED CHL MJ . 77.55 40.69 -2.48
C1 CHL MJ . 79.80 39.46 -9.16
C2 CHL MJ . 79.74 39.13 -10.60
C3 CHL MJ . 80.50 38.18 -11.16
C4 CHL MJ . 81.48 37.33 -10.39
C5 CHL MJ . 80.45 37.93 -12.64
C6 CHL MJ . 80.75 36.48 -13.01
C7 CHL MJ . 81.54 36.34 -14.31
C8 CHL MJ . 80.83 36.82 -15.57
C9 CHL MJ . 81.74 36.72 -16.79
C10 CHL MJ . 79.60 35.94 -15.74
MG CLA NJ . 82.34 44.86 3.03
CHA CLA NJ . 79.77 43.03 1.64
CHB CLA NJ . 84.66 42.72 1.70
CHC CLA NJ . 84.71 46.77 4.29
CHD CLA NJ . 79.92 47.05 4.41
NA CLA NJ . 82.24 43.05 1.79
C1A CLA NJ . 81.14 42.46 1.33
C2A CLA NJ . 81.44 41.20 0.57
C3A CLA NJ . 82.99 41.15 0.62
C4A CLA NJ . 83.33 42.37 1.40
CMA CLA NJ . 83.70 39.86 0.99
CAA CLA NJ . 81.01 41.30 -0.89
CBA CLA NJ . 81.36 42.65 -1.49
CGA CLA NJ . 81.24 42.56 -2.99
O1A CLA NJ . 81.81 41.65 -3.57
O2A CLA NJ . 80.52 43.46 -3.62
NB CLA NJ . 84.37 44.77 2.99
C1B CLA NJ . 85.15 43.81 2.42
C2B CLA NJ . 86.54 44.10 2.68
C3B CLA NJ . 86.55 45.24 3.42
C4B CLA NJ . 85.16 45.66 3.60
CMB CLA NJ . 87.73 43.30 2.23
CAB CLA NJ . 87.75 45.94 3.91
CBB CLA NJ . 87.88 46.36 5.35
NC CLA NJ . 82.32 46.67 4.11
C1C CLA NJ . 83.41 47.25 4.57
C2C CLA NJ . 83.12 48.44 5.40
C3C CLA NJ . 81.77 48.52 5.41
C4C CLA NJ . 81.27 47.40 4.60
CMC CLA NJ . 84.11 49.33 6.08
CAC CLA NJ . 80.93 49.56 6.11
CBC CLA NJ . 80.59 50.67 5.14
ND CLA NJ . 80.37 45.08 3.08
C1D CLA NJ . 79.49 45.95 3.65
C2D CLA NJ . 78.11 45.58 3.37
C3D CLA NJ . 78.23 44.44 2.59
C4D CLA NJ . 79.58 44.16 2.42
CMD CLA NJ . 76.77 46.15 3.74
CAD CLA NJ . 77.45 43.45 1.89
OBD CLA NJ . 76.29 43.20 2.13
CBD CLA NJ . 78.40 42.53 1.19
CGD CLA NJ . 78.19 41.12 1.63
O1D CLA NJ . 78.70 40.70 2.65
O2D CLA NJ . 77.43 40.31 0.91
CED CLA NJ . 76.41 39.63 1.63
C1 CLA NJ . 80.95 43.96 -4.93
MG CLA OJ . 67.97 7.17 -1.63
CHA CLA OJ . 67.94 4.09 -0.09
CHB CLA OJ . 71.24 6.73 -2.57
CHC CLA OJ . 67.81 10.08 -3.20
CHD CLA OJ . 64.61 7.63 -0.64
NA CLA OJ . 69.46 5.58 -1.38
C1A CLA OJ . 69.27 4.44 -0.72
C2A CLA OJ . 70.51 3.58 -0.70
C3A CLA OJ . 71.52 4.45 -1.47
C4A CLA OJ . 70.72 5.65 -1.84
CMA CLA OJ . 72.93 4.63 -0.94
CAA CLA OJ . 70.24 2.28 -1.44
CBA CLA OJ . 70.51 2.36 -2.93
CGA CLA OJ . 69.34 1.80 -3.70
O1A CLA OJ . 68.21 2.18 -3.46
O2A CLA OJ . 69.57 0.89 -4.64
NB CLA OJ . 69.32 8.23 -2.73
C1B CLA OJ . 70.61 7.92 -2.99
C2B CLA OJ . 71.22 8.96 -3.76
C3B CLA OJ . 70.24 9.89 -3.94
C4B CLA OJ . 69.04 9.42 -3.27
CMB CLA OJ . 72.64 9.01 -4.27
CAB CLA OJ . 70.37 11.18 -4.66
CBB CLA OJ . 69.34 11.58 -5.69
NC CLA OJ . 66.44 8.59 -1.92
C1C CLA OJ . 66.60 9.72 -2.57
C2C CLA OJ . 65.38 10.57 -2.56
C3C CLA OJ . 64.48 9.84 -1.85
C4C CLA OJ . 65.15 8.62 -1.44
CMC CLA OJ . 65.19 11.91 -3.20
CAC CLA OJ . 63.06 10.23 -1.53
CBC CLA OJ . 62.11 9.40 -2.37
ND CLA OJ . 66.56 6.20 -0.65
C1D CLA OJ . 65.28 6.44 -0.28
C2D CLA OJ . 64.71 5.36 0.51
C3D CLA OJ . 65.76 4.45 0.58
C4D CLA OJ . 66.86 4.97 -0.11
CMD CLA OJ . 63.38 5.12 1.15
CAD CLA OJ . 66.12 3.17 1.12
OBD CLA OJ . 65.53 2.57 1.99
CBD CLA OJ . 67.48 2.83 0.60
CGD CLA OJ . 68.37 2.43 1.74
O1D CLA OJ . 68.64 3.18 2.64
O2D CLA OJ . 68.83 1.19 1.76
CED CLA OJ . 67.91 0.24 2.27
C1 CLA OJ . 69.28 1.18 -6.05
MG CLA PJ . 60.30 33.33 -10.47
CHA CLA PJ . 59.02 36.43 -11.27
CHB CLA PJ . 60.05 34.04 -7.12
CHC CLA PJ . 61.50 30.34 -9.87
CHD CLA PJ . 60.55 32.64 -13.95
NA CLA PJ . 59.61 35.06 -9.30
C1A CLA PJ . 59.14 36.20 -9.79
C2A CLA PJ . 58.76 37.16 -8.70
C3A CLA PJ . 59.11 36.38 -7.42
C4A CLA PJ . 59.63 35.08 -7.95
CMA CLA PJ . 59.89 37.10 -6.35
CAA CLA PJ . 57.27 37.45 -8.77
CBA CLA PJ . 56.50 37.04 -7.53
CGA CLA PJ . 55.04 37.35 -7.71
O1A CLA PJ . 54.33 36.57 -8.33
O2A CLA PJ . 54.57 38.47 -7.18
NB CLA PJ . 60.72 32.33 -8.76
C1B CLA PJ . 60.55 32.77 -7.48
C2B CLA PJ . 60.96 31.74 -6.56
C3B CLA PJ . 61.36 30.70 -7.35
C4B CLA PJ . 61.20 31.10 -8.74
CMB CLA PJ . 60.95 31.77 -5.07
CAB CLA PJ . 61.88 29.39 -6.91
CBB CLA PJ . 61.11 28.14 -7.24
NC CLA PJ . 60.93 31.76 -11.72
C1C CLA PJ . 61.38 30.63 -11.25
C2C CLA PJ . 61.77 29.67 -12.29
C3C CLA PJ . 61.52 30.34 -13.47
C4C CLA PJ . 60.99 31.64 -13.09
CMC CLA PJ . 62.32 28.30 -11.98
CAC CLA PJ . 61.68 29.92 -14.92
CBC CLA PJ . 61.44 28.46 -15.19
ND CLA PJ . 59.92 34.21 -12.21
C1D CLA PJ . 60.05 33.89 -13.53
C2D CLA PJ . 59.63 34.98 -14.39
C3D CLA PJ . 59.23 35.96 -13.50
C4D CLA PJ . 59.41 35.49 -12.20
CMD CLA PJ . 59.57 35.19 -15.87
CAD CLA PJ . 58.70 37.29 -13.44
OBD CLA PJ . 58.27 37.93 -14.39
CBD CLA PJ . 58.50 37.64 -12.01
CGD CLA PJ . 59.36 38.83 -11.66
O1D CLA PJ . 60.56 38.74 -11.65
O2D CLA PJ . 58.81 40.02 -11.44
CED CLA PJ . 57.54 40.03 -10.81
C1 CLA PJ . 53.21 38.55 -6.65
C2 CLA PJ . 52.52 37.32 -6.12
C3 CLA PJ . 51.64 37.37 -5.11
C4 CLA PJ . 51.29 38.67 -4.45
C5 CLA PJ . 50.95 36.14 -4.58
MG CLA QJ . 77.40 43.62 -20.69
CHA CLA QJ . 80.35 44.23 -22.37
CHB CLA QJ . 78.12 46.12 -18.45
CHC CLA QJ . 74.50 43.01 -19.24
CHD CLA QJ . 76.65 41.12 -23.08
NA CLA QJ . 79.06 45.06 -20.43
C1A CLA QJ . 80.14 45.14 -21.20
C2A CLA QJ . 81.08 46.23 -20.75
C3A CLA QJ . 80.36 46.79 -19.51
C4A CLA QJ . 79.11 45.97 -19.44
CMA CLA QJ . 81.15 47.05 -18.24
CAA CLA QJ . 81.15 47.27 -21.85
CBA CLA QJ . 81.64 48.63 -21.38
CGA CLA QJ . 81.34 49.68 -22.44
O1A CLA QJ . 80.71 49.35 -23.43
O2A CLA QJ . 81.77 50.90 -22.25
NB CLA QJ . 76.45 44.45 -19.10
C1B CLA QJ . 76.91 45.43 -18.27
C2B CLA QJ . 75.96 45.65 -17.22
C3B CLA QJ . 74.95 44.78 -17.43
C4B CLA QJ . 75.27 44.01 -18.64
CMB CLA QJ . 76.09 46.65 -16.09
CAB CLA QJ . 73.74 44.67 -16.56
CBB CLA QJ . 72.47 43.96 -16.93
NC CLA QJ . 75.83 42.28 -21.10
C1C CLA QJ . 74.73 42.18 -20.38
C2C CLA QJ . 73.80 41.15 -20.88
C3C CLA QJ . 74.45 40.63 -21.97
C4C CLA QJ . 75.70 41.34 -22.08
CMC CLA QJ . 72.46 40.76 -20.34
CAC CLA QJ . 73.94 39.53 -22.87
CBC CLA QJ . 74.60 38.25 -22.44
ND CLA QJ . 78.18 42.83 -22.32
C1D CLA QJ . 77.86 41.85 -23.19
C2D CLA QJ . 78.88 41.64 -24.21
C3D CLA QJ . 79.84 42.58 -23.88
C4D CLA QJ . 79.42 43.28 -22.74
CMD CLA QJ . 79.01 40.71 -25.38
CAD CLA QJ . 81.13 43.08 -24.29
OBD CLA QJ . 81.90 42.49 -25.03
CBD CLA QJ . 81.51 44.17 -23.33
CGD CLA QJ . 82.75 43.79 -22.57
O1D CLA QJ . 82.78 42.80 -21.87
O2D CLA QJ . 83.83 44.56 -22.67
CED CLA QJ . 84.89 44.07 -23.51
C1 CLA QJ . 81.85 51.86 -23.35
C2 CLA QJ . 82.58 51.54 -24.64
C3 CLA QJ . 83.38 52.44 -25.23
C4 CLA QJ . 84.10 52.11 -26.50
C5 CLA QJ . 83.63 53.81 -24.65
C6 CLA QJ . 84.84 53.78 -23.73
C7 CLA QJ . 84.47 54.32 -22.35
O1 LHG RJ . 88.69 2.93 -23.63
C1 LHG RJ . 87.42 3.59 -23.72
C2 LHG RJ . 87.32 4.26 -25.08
O2 LHG RJ . 88.52 4.97 -25.37
C3 LHG RJ . 86.17 5.25 -25.05
O3 LHG RJ . 85.75 5.46 -23.70
P LHG RJ . 86.07 6.86 -23.01
O4 LHG RJ . 87.55 7.09 -23.14
O5 LHG RJ . 85.10 7.89 -23.52
O6 LHG RJ . 85.72 6.60 -21.47
C4 LHG RJ . 85.45 7.71 -20.62
C5 LHG RJ . 84.17 7.45 -19.87
C6 LHG RJ . 84.14 5.98 -19.46
O7 LHG RJ . 84.05 8.27 -18.71
C7 LHG RJ . 82.98 9.08 -18.76
O9 LHG RJ . 82.18 8.95 -19.66
C8 LHG RJ . 82.81 10.16 -17.74
C9 LHG RJ . 82.47 9.57 -16.38
C10 LHG RJ . 81.69 8.26 -16.48
O8 LHG RJ . 83.57 5.83 -18.17
C23 LHG RJ . 83.74 4.68 -17.55
O10 LHG RJ . 84.60 3.92 -17.95
C24 LHG RJ . 82.89 4.32 -16.37
C11 LHG RJ . 80.76 8.10 -15.28
C12 LHG RJ . 81.12 6.86 -14.46
C13 LHG RJ . 82.15 7.20 -13.38
C14 LHG RJ . 82.59 5.98 -12.59
C15 LHG RJ . 84.06 5.62 -12.83
C16 LHG RJ . 84.85 5.63 -11.53
C17 LHG RJ . 86.34 5.40 -11.79
C18 LHG RJ . 87.13 6.71 -11.81
C19 LHG RJ . 88.11 6.79 -10.66
C20 LHG RJ . 89.20 7.82 -10.94
C21 LHG RJ . 90.32 7.77 -9.90
C22 LHG RJ . 90.31 8.99 -9.01
C25 LHG RJ . 81.98 3.15 -16.77
C26 LHG RJ . 81.90 2.08 -15.68
C27 LHG RJ . 80.64 2.29 -14.86
C28 LHG RJ . 80.57 1.34 -13.67
C29 LHG RJ . 80.85 -0.11 -14.08
C30 LHG RJ . 80.08 -1.14 -13.27
C31 LHG RJ . 79.10 -0.50 -12.29
C32 LHG RJ . 77.77 -1.23 -12.20
C33 LHG RJ . 76.69 -0.36 -11.58
C34 LHG RJ . 77.30 0.63 -10.59
C35 LHG RJ . 76.30 1.70 -10.16
C36 LHG RJ . 76.54 2.13 -8.72
C37 LHG RJ . 75.26 1.99 -7.91
C38 LHG RJ . 75.14 0.59 -7.36
CA1 DGA SJ . 60.10 22.53 -21.11
CA2 DGA SJ . 59.93 22.91 -19.62
CA3 DGA SJ . 59.45 21.64 -18.84
CA4 DGA SJ . 59.84 21.75 -17.35
CA5 DGA SJ . 59.86 20.32 -16.74
CA6 DGA SJ . 60.54 20.36 -15.34
CA7 DGA SJ . 59.54 19.93 -14.26
CA8 DGA SJ . 58.66 21.15 -13.86
CA9 DGA SJ . 58.75 21.38 -12.32
OA1 DGA SJ . 59.36 21.74 -21.60
CB1 DGA SJ . 57.83 24.90 -22.99
CB2 DGA SJ . 57.37 24.72 -21.53
CB3 DGA SJ . 56.57 23.39 -21.39
CB4 DGA SJ . 55.44 23.59 -20.34
CB5 DGA SJ . 55.72 22.67 -19.13
CB6 DGA SJ . 55.51 23.46 -17.83
OB1 DGA SJ . 57.14 24.52 -23.89
OG1 DGA SJ . 61.13 23.11 -21.90
CG1 DGA SJ . 60.95 24.49 -22.18
CG2 DGA SJ . 60.14 24.63 -23.46
OG2 DGA SJ . 59.08 25.54 -23.28
CG3 DGA SJ . 61.06 25.09 -24.57
OXT DGA SJ . 61.89 24.01 -24.92
C1 BCR TJ . 29.94 61.38 17.42
C2 BCR TJ . 28.63 62.10 17.06
C3 BCR TJ . 27.47 61.13 17.07
C4 BCR TJ . 27.70 59.95 16.14
C5 BCR TJ . 29.07 59.34 16.38
C6 BCR TJ . 30.09 60.14 16.60
C7 BCR TJ . 31.41 59.74 16.11
C8 BCR TJ . 31.69 59.84 14.82
C9 BCR TJ . 32.94 59.48 14.19
C10 BCR TJ . 33.17 59.51 12.78
C11 BCR TJ . 34.00 58.95 11.79
C33 BCR TJ . 29.42 57.89 16.42
C31 BCR TJ . 29.88 60.91 18.87
C32 BCR TJ . 31.13 62.29 17.22
C34 BCR TJ . 34.07 59.04 15.07
C12 BCR TJ . 34.55 58.65 10.78
C13 BCR TJ . 35.35 57.82 9.97
C14 BCR TJ . 35.68 58.17 8.70
C15 BCR TJ . 36.49 57.31 7.91
C16 BCR TJ . 37.04 56.96 6.73
C17 BCR TJ . 37.82 55.95 6.57
C18 BCR TJ . 38.19 55.39 5.40
C19 BCR TJ . 39.08 54.24 5.34
C20 BCR TJ . 40.03 53.56 4.69
C21 BCR TJ . 40.96 52.53 4.41
C22 BCR TJ . 41.56 52.27 3.23
C23 BCR TJ . 42.50 51.15 3.17
C24 BCR TJ . 43.27 50.59 4.31
C25 BCR TJ . 44.18 49.45 4.14
C26 BCR TJ . 43.79 48.23 4.49
C27 BCR TJ . 44.80 47.27 5.04
C28 BCR TJ . 46.01 47.30 4.13
C29 BCR TJ . 46.58 48.71 4.11
C30 BCR TJ . 45.56 49.70 3.55
C35 BCR TJ . 35.82 56.53 10.53
C36 BCR TJ . 37.68 55.99 4.12
C37 BCR TJ . 41.27 53.12 2.03
C38 BCR TJ . 42.36 47.78 4.39
C39 BCR TJ . 45.48 49.58 2.04
C40 BCR TJ . 46.04 51.10 3.92
O1 LHG UJ . 23.71 52.51 21.68
C1 LHG UJ . 24.74 53.08 20.88
C2 LHG UJ . 25.13 52.06 19.81
O2 LHG UJ . 24.40 50.87 20.04
C3 LHG UJ . 26.62 51.78 19.89
O3 LHG UJ . 27.22 52.07 18.63
P LHG UJ . 28.65 52.80 18.54
O4 LHG UJ . 29.72 51.79 18.89
O5 LHG UJ . 28.57 54.11 19.27
O6 LHG UJ . 28.76 53.10 16.97
C4 LHG UJ . 28.18 52.20 16.03
C5 LHG UJ . 29.28 51.70 15.11
C6 LHG UJ . 29.20 50.18 15.02
O7 LHG UJ . 29.18 52.30 13.81
C7 LHG UJ . 29.86 53.45 13.73
O9 LHG UJ . 30.47 53.87 14.71
C8 LHG UJ . 29.88 54.25 12.45
C9 LHG UJ . 30.82 53.56 11.47
C10 LHG UJ . 31.95 54.48 11.03
O8 LHG UJ . 30.26 49.64 15.81
C23 LHG UJ . 31.08 48.75 15.27
O10 LHG UJ . 30.60 47.77 14.74
C24 LHG UJ . 32.57 48.98 15.28
C11 LHG UJ . 33.29 53.76 11.12
C12 LHG UJ . 33.56 52.92 9.88
C13 LHG UJ . 34.24 53.75 8.79
C14 LHG UJ . 33.27 54.02 7.64
C15 LHG UJ . 33.98 54.71 6.48
C25 LHG UJ . 32.95 49.69 13.98
C26 LHG UJ . 33.53 48.71 12.97
C27 LHG UJ . 32.43 47.98 12.21
C28 LHG UJ . 32.74 47.92 10.72
C29 LHG UJ . 33.34 46.56 10.36
C30 LHG UJ . 33.95 46.57 8.97
C31 LHG UJ . 35.45 46.28 9.04
C32 LHG UJ . 35.77 45.21 10.07
C33 LHG UJ . 36.39 43.99 9.41
MG CLA VJ . 69.38 47.71 -0.89
CHA CLA VJ . 67.78 44.69 -1.36
CHB CLA VJ . 72.23 46.09 0.14
CHC CLA VJ . 70.86 50.65 -0.63
CHD CLA VJ . 66.44 49.37 -1.91
NA CLA VJ . 69.97 45.61 -0.63
C1A CLA VJ . 69.18 44.55 -0.84
C2A CLA VJ . 69.88 43.27 -0.53
C3A CLA VJ . 71.25 43.74 -0.05
C4A CLA VJ . 71.18 45.22 -0.17
CMA CLA VJ . 71.74 43.18 1.28
CAA CLA VJ . 70.13 42.52 -1.83
CBA CLA VJ . 70.63 43.47 -2.91
CGA CLA VJ . 70.79 42.76 -4.22
O1A CLA VJ . 71.21 43.38 -5.19
O2A CLA VJ . 70.47 41.48 -4.29
NB CLA VJ . 71.25 48.28 -0.34
C1B CLA VJ . 72.29 47.49 0.06
C2B CLA VJ . 73.43 48.31 0.39
C3B CLA VJ . 73.03 49.59 0.17
C4B CLA VJ . 71.64 49.55 -0.29
CMB CLA VJ . 74.77 47.83 0.87
CAB CLA VJ . 73.79 50.85 0.35
CBB CLA VJ . 75.14 51.05 -0.29
NC CLA VJ . 68.77 49.68 -1.29
C1C CLA VJ . 69.52 50.74 -1.05
C2C CLA VJ . 68.80 52.02 -1.28
C3C CLA VJ . 67.56 51.63 -1.68
C4C CLA VJ . 67.54 50.18 -1.67
CMC CLA VJ . 69.34 53.41 -1.13
CAC CLA VJ . 66.41 52.52 -2.04
CBC CLA VJ . 66.42 52.72 -3.54
ND CLA VJ . 67.56 47.26 -1.49
C1D CLA VJ . 66.45 47.95 -1.87
C2D CLA VJ . 65.34 47.06 -2.21
C3D CLA VJ . 65.88 45.80 -2.00
C4D CLA VJ . 67.19 45.93 -1.57
CMD CLA VJ . 63.93 47.26 -2.67
CAD CLA VJ . 65.54 44.40 -2.06
OBD CLA VJ . 64.46 43.94 -2.36
CBD CLA VJ . 66.79 43.63 -1.80
CGD CLA VJ . 66.54 42.60 -0.74
O1D CLA VJ . 66.40 42.94 0.41
O2D CLA VJ . 66.47 41.32 -1.06
CED CLA VJ . 65.28 40.65 -0.65
C1 SPH WJ . 53.77 37.13 -23.19
O1 SPH WJ . 54.85 37.84 -23.74
C2 SPH WJ . 54.28 36.31 -22.00
N2 SPH WJ . 53.14 35.94 -21.17
C3 SPH WJ . 54.98 35.05 -22.52
O3 SPH WJ . 56.21 35.40 -23.08
C4 SPH WJ . 55.20 34.09 -21.35
C5 SPH WJ . 55.74 34.51 -20.24
C6 SPH WJ . 55.95 33.54 -19.08
C7 SPH WJ . 56.12 34.31 -17.78
C8 SPH WJ . 54.75 34.86 -17.35
C9 SPH WJ . 54.76 35.08 -15.85
C10 SPH WJ . 54.47 36.55 -15.54
C11 SPH WJ . 54.60 36.79 -14.03
C12 SPH WJ . 53.61 37.87 -13.62
C13 SPH WJ . 54.38 39.03 -12.98
C14 SPH WJ . 54.27 38.91 -11.47
C15 SPH WJ . 53.27 39.94 -10.95
C16 SPH WJ . 53.35 41.20 -11.80
C17 SPH WJ . 54.00 42.34 -11.02
C18 SPH WJ . 53.75 42.16 -9.52
C1 LUT XJ . 61.71 54.71 -0.33
C2 LUT XJ . 61.76 54.26 1.12
C3 LUT XJ . 61.46 52.78 1.30
C4 LUT XJ . 60.04 52.55 0.83
C5 LUT XJ . 59.88 53.02 -0.59
C6 LUT XJ . 60.53 54.07 -1.08
C7 LUT XJ . 60.05 54.58 -2.39
C8 LUT XJ . 60.77 55.22 -3.29
C9 LUT XJ . 60.23 55.69 -4.57
C10 LUT XJ . 59.48 56.79 -4.60
C11 LUT XJ . 58.94 57.29 -5.86
C12 LUT XJ . 57.94 58.17 -5.85
C13 LUT XJ . 57.42 58.72 -7.10
C14 LUT XJ . 56.60 59.78 -7.03
C15 LUT XJ . 56.05 60.43 -8.21
C16 LUT XJ . 63.02 54.33 -1.00
C17 LUT XJ . 61.53 56.22 -0.29
C18 LUT XJ . 58.93 52.29 -1.46
C19 LUT XJ . 60.52 54.94 -5.83
C20 LUT XJ . 57.83 58.15 -8.42
O3 LUT XJ . 61.53 52.47 2.69
C21 LUT XJ . 49.56 69.43 -14.24
C22 LUT XJ . 49.40 70.51 -15.29
C23 LUT XJ . 50.78 71.11 -15.54
C24 LUT XJ . 51.12 71.95 -14.33
C25 LUT XJ . 51.06 71.09 -13.10
C26 LUT XJ . 50.33 69.95 -13.03
C27 LUT XJ . 50.63 69.07 -11.87
C28 LUT XJ . 51.51 68.08 -11.91
C29 LUT XJ . 51.77 67.26 -10.71
C30 LUT XJ . 52.84 66.46 -10.74
C31 LUT XJ . 53.27 65.60 -9.65
C32 LUT XJ . 53.82 64.43 -9.92
C33 LUT XJ . 54.31 63.58 -8.82
C34 LUT XJ . 55.01 62.46 -9.09
C35 LUT XJ . 55.55 61.64 -8.02
C36 LUT XJ . 50.29 68.27 -14.89
C37 LUT XJ . 48.20 68.96 -13.76
C38 LUT XJ . 51.82 71.56 -11.90
C39 LUT XJ . 50.88 67.35 -9.51
C40 LUT XJ . 54.03 63.98 -7.41
O23 LUT XJ . 50.81 71.89 -16.74
C1 LUT YJ . 46.63 58.98 2.88
C2 LUT YJ . 47.50 59.37 4.06
C3 LUT YJ . 47.82 60.84 4.02
C4 LUT YJ . 48.70 61.10 2.83
C5 LUT YJ . 48.05 60.55 1.59
C6 LUT YJ . 47.19 59.54 1.59
C7 LUT YJ . 46.73 58.96 0.30
C8 LUT YJ . 47.40 57.96 -0.30
C9 LUT YJ . 46.92 57.37 -1.57
C10 LUT YJ . 47.62 56.38 -2.14
C11 LUT YJ . 47.21 55.75 -3.38
C12 LUT YJ . 47.52 54.46 -3.54
C13 LUT YJ . 47.16 53.70 -4.75
C14 LUT YJ . 47.83 52.55 -4.99
C15 LUT YJ . 47.55 51.73 -6.17
C16 LUT YJ . 45.22 59.51 3.04
C17 LUT YJ . 46.63 57.46 2.85
C18 LUT YJ . 48.36 61.27 0.33
C19 LUT YJ . 45.68 57.88 -2.24
C20 LUT YJ . 46.11 54.19 -5.67
O3 LUT YJ . 48.49 61.22 5.22
C21 LUT YJ . 48.72 41.77 -13.33
C22 LUT YJ . 47.89 41.08 -14.39
C23 LUT YJ . 48.26 41.57 -15.79
C24 LUT YJ . 48.00 43.06 -15.88
C25 LUT YJ . 48.67 43.78 -14.76
C26 LUT YJ . 48.62 43.28 -13.51
C27 LUT YJ . 48.79 44.22 -12.39
C28 LUT YJ . 49.88 44.17 -11.64
C29 LUT YJ . 50.03 45.09 -10.50
C30 LUT YJ . 48.99 45.79 -10.07
C31 LUT YJ . 49.18 46.70 -8.94
C32 LUT YJ . 48.53 47.84 -8.86
C33 LUT YJ . 48.76 48.71 -7.70
C34 LUT YJ . 47.87 49.67 -7.39
C35 LUT YJ . 48.10 50.53 -6.24
C36 LUT YJ . 50.13 41.24 -13.35
C37 LUT YJ . 48.13 41.38 -11.99
C38 LUT YJ . 49.33 45.10 -15.01
C39 LUT YJ . 51.37 45.21 -9.84
C40 LUT YJ . 49.98 48.53 -6.86
O23 LUT YJ . 47.49 40.89 -16.78
C1 BCR ZJ . 24.27 71.89 -8.94
C2 BCR ZJ . 22.91 72.23 -9.52
C3 BCR ZJ . 22.92 72.20 -11.04
C4 BCR ZJ . 23.90 73.24 -11.54
C5 BCR ZJ . 25.25 73.05 -10.91
C6 BCR ZJ . 25.35 72.68 -9.62
C7 BCR ZJ . 26.56 73.06 -8.87
C8 BCR ZJ . 27.54 72.20 -8.64
C9 BCR ZJ . 28.74 72.48 -7.91
C10 BCR ZJ . 29.74 71.46 -7.70
C11 BCR ZJ . 31.12 71.30 -7.39
C33 BCR ZJ . 26.47 73.31 -11.74
C31 BCR ZJ . 24.55 70.40 -9.13
C32 BCR ZJ . 24.27 72.25 -7.46
C34 BCR ZJ . 28.98 73.86 -7.37
C12 BCR ZJ . 32.29 71.06 -7.18
C13 BCR ZJ . 33.57 71.43 -6.72
C14 BCR ZJ . 34.62 70.59 -6.81
C15 BCR ZJ . 35.88 71.04 -6.31
C16 BCR ZJ . 37.14 70.96 -5.81
C17 BCR ZJ . 37.70 69.84 -5.46
C18 BCR ZJ . 39.03 69.63 -5.32
C19 BCR ZJ . 39.61 68.35 -4.90
C20 BCR ZJ . 40.57 67.77 -4.18
C21 BCR ZJ . 41.68 67.76 -3.28
C22 BCR ZJ . 42.75 66.93 -3.29
C23 BCR ZJ . 43.76 67.12 -2.25
C24 BCR ZJ . 43.84 68.27 -1.30
C25 BCR ZJ . 44.89 68.42 -0.27
C26 BCR ZJ . 44.68 67.85 0.92
C27 BCR ZJ . 45.59 68.17 2.08
C28 BCR ZJ . 46.13 69.58 1.88
C29 BCR ZJ . 46.94 69.64 0.60
C30 BCR ZJ . 46.16 69.20 -0.62
C35 BCR ZJ . 33.78 72.79 -6.12
C36 BCR ZJ . 39.97 70.77 -5.61
C37 BCR ZJ . 42.90 65.87 -4.34
C38 BCR ZJ . 43.54 66.93 1.17
C39 BCR ZJ . 47.02 68.32 -1.52
C40 BCR ZJ . 45.76 70.47 -1.35
MG CLA AK . 49.69 65.00 -15.61
CHA CLA AK . 47.88 66.27 -18.25
CHB CLA AK . 52.46 64.64 -17.62
CHC CLA AK . 51.37 64.01 -12.97
CHD CLA AK . 46.81 65.31 -13.59
NA CLA AK . 50.15 65.41 -17.73
C1A CLA AK . 49.28 65.88 -18.63
C2A CLA AK . 49.88 65.94 -20.00
C3A CLA AK . 51.30 65.40 -19.77
C4A CLA AK . 51.34 65.14 -18.30
CMA CLA AK . 51.79 64.32 -20.72
CAA CLA AK . 50.00 67.36 -20.55
CBA CLA AK . 50.15 68.43 -19.48
CGA CLA AK . 51.56 68.47 -18.96
O1A CLA AK . 52.50 68.42 -19.74
O2A CLA AK . 51.74 68.57 -17.67
NB CLA AK . 51.62 64.43 -15.33
C1B CLA AK . 52.61 64.33 -16.26
C2B CLA AK . 53.82 63.85 -15.63
C3B CLA AK . 53.49 63.66 -14.31
C4B CLA AK . 52.10 64.04 -14.15
CMB CLA AK . 55.14 63.60 -16.30
CAB CLA AK . 54.35 63.19 -13.21
CBB CLA AK . 55.74 63.74 -12.99
NC CLA AK . 49.19 64.77 -13.59
C1C CLA AK . 50.02 64.30 -12.68
C2C CLA AK . 49.38 64.11 -11.36
C3C CLA AK . 48.09 64.51 -11.54
C4C CLA AK . 47.99 64.92 -12.93
CMC CLA AK . 50.02 63.59 -10.11
CAC CLA AK . 47.01 64.52 -10.50
CBC CLA AK . 46.96 65.86 -9.81
ND CLA AK . 47.82 65.64 -15.75
C1D CLA AK . 46.74 65.68 -14.94
C2D CLA AK . 45.54 66.12 -15.64
C3D CLA AK . 46.01 66.35 -16.93
C4D CLA AK . 47.35 66.05 -16.98
CMD CLA AK . 44.11 66.34 -15.25
CAD CLA AK . 45.58 66.78 -18.25
OBD CLA AK . 44.51 67.33 -18.48
CBD CLA AK . 46.81 66.96 -19.06
CGD CLA AK . 46.68 66.35 -20.41
O1D CLA AK . 46.55 65.15 -20.51
O2D CLA AK . 46.73 67.11 -21.50
CED CLA AK . 45.94 66.68 -22.60
C1 CLA AK . 53.04 68.92 -17.13
C2 CLA AK . 54.01 67.91 -16.59
C3 CLA AK . 54.40 68.03 -15.32
C4 CLA AK . 53.87 69.15 -14.47
C5 CLA AK . 55.36 67.08 -14.67
C6 CLA AK . 56.20 67.83 -13.64
C7 CLA AK . 55.96 67.28 -12.24
C8 CLA AK . 55.73 68.40 -11.23
C9 CLA AK . 56.44 69.68 -11.63
C10 CLA AK . 56.21 67.92 -9.86
C11 CLA AK . 55.39 68.56 -8.75
C12 CLA AK . 56.19 69.65 -8.06
C13 CLA AK . 55.83 69.71 -6.58
C14 CLA AK . 56.04 71.10 -6.02
C15 CLA AK . 56.65 68.67 -5.82
MG CLA BK . 61.18 61.19 -11.37
CHA CLA BK . 61.57 62.13 -14.67
CHB CLA BK . 59.06 63.84 -10.83
CHC CLA BK . 60.80 60.13 -8.29
CHD CLA BK . 63.36 58.48 -11.98
NA CLA BK . 60.37 62.82 -12.61
C1A CLA BK . 60.64 63.03 -13.90
C2A CLA BK . 59.98 64.25 -14.42
C3A CLA BK . 59.22 64.77 -13.20
C4A CLA BK . 59.54 63.77 -12.14
CMA CLA BK . 59.33 66.25 -12.85
CAA CLA BK . 59.01 63.86 -15.53
CBA CLA BK . 58.34 65.08 -16.16
CGA CLA BK . 59.37 65.98 -16.80
O1A CLA BK . 60.38 65.51 -17.29
O2A CLA BK . 59.10 67.27 -16.82
NB CLA BK . 60.08 61.87 -9.80
C1B CLA BK . 59.30 62.98 -9.74
C2B CLA BK . 58.75 63.12 -8.43
C3B CLA BK . 59.25 62.08 -7.71
C4B CLA BK . 60.10 61.28 -8.60
CMB CLA BK . 57.83 64.21 -7.94
CAB CLA BK . 58.98 61.78 -6.28
CBB CLA BK . 60.10 61.53 -5.31
NC CLA BK . 61.88 59.51 -10.33
C1C CLA BK . 61.68 59.31 -9.05
C2C CLA BK . 62.46 58.17 -8.51
C3C CLA BK . 63.14 57.70 -9.59
C4C CLA BK . 62.78 58.54 -10.72
CMC CLA BK . 62.48 57.66 -7.10
CAC CLA BK . 64.11 56.54 -9.64
CBC CLA BK . 65.50 57.06 -9.37
ND CLA BK . 62.19 60.39 -12.87
C1D CLA BK . 63.07 59.36 -13.03
C2D CLA BK . 63.65 59.32 -14.36
C3D CLA BK . 63.05 60.41 -15.00
C4D CLA BK . 62.19 61.03 -14.10
CMD CLA BK . 64.66 58.44 -15.04
CAD CLA BK . 63.00 61.12 -16.26
OBD CLA BK . 63.74 60.96 -17.20
CBD CLA BK . 62.07 62.28 -16.08
CGD CLA BK . 62.88 63.53 -16.12
O1D CLA BK . 63.48 63.90 -15.12
O2D CLA BK . 62.98 64.25 -17.23
CED CLA BK . 64.29 64.69 -17.56
C1 CLA BK . 60.15 68.26 -17.05
C2 CLA BK . 61.29 68.47 -16.09
C3 CLA BK . 61.50 69.71 -15.61
C4 CLA BK . 62.63 69.99 -14.66
C5 CLA BK . 60.63 70.87 -16.01
C6 CLA BK . 59.78 71.29 -14.82
C7 CLA BK . 58.51 70.45 -14.73
MG CLA CK . 60.18 47.36 0.06
CHA CLA CK . 61.69 46.51 3.06
CHB CLA CK . 62.61 49.68 -0.57
CHC CLA CK . 58.67 48.03 -2.74
CHD CLA CK . 57.73 44.89 0.71
NA CLA CK . 61.99 48.03 1.09
C1A CLA CK . 62.42 47.55 2.25
C2A CLA CK . 63.70 48.19 2.67
C3A CLA CK . 63.98 49.22 1.55
C4A CLA CK . 62.81 48.98 0.63
CMA CLA CK . 64.54 50.61 1.86
CAA CLA CK . 64.73 47.08 2.66
CBA CLA CK . 64.67 46.31 1.35
CGA CLA CK . 63.95 44.98 1.48
O1A CLA CK . 64.51 44.05 2.02
O2A CLA CK . 62.71 44.83 1.05
NB CLA CK . 60.59 48.65 -1.45
C1B CLA CK . 61.60 49.56 -1.52
C2B CLA CK . 61.50 50.31 -2.73
C3B CLA CK . 60.38 49.83 -3.36
C4B CLA CK . 59.83 48.75 -2.53
CMB CLA CK . 62.42 51.41 -3.20
CAB CLA CK . 59.80 50.24 -4.65
CBB CLA CK . 59.59 51.69 -5.02
NC CLA CK . 58.57 46.47 -0.95
C1C CLA CK . 58.04 47.01 -2.02
C2C CLA CK . 56.74 46.44 -2.39
C3C CLA CK . 56.55 45.43 -1.49
C4C CLA CK . 57.65 45.53 -0.53
CMC CLA CK . 55.90 46.83 -3.54
CAC CLA CK . 55.29 44.60 -1.39
CBC CLA CK . 55.43 43.22 -1.98
ND CLA CK . 59.75 45.99 1.43
C1D CLA CK . 58.78 45.09 1.62
C2D CLA CK . 58.92 44.48 2.95
C3D CLA CK . 60.07 45.02 3.48
C4D CLA CK . 60.55 45.93 2.56
CMD CLA CK . 58.11 43.45 3.66
CAD CLA CK . 60.91 44.96 4.66
OBD CLA CK . 60.49 44.72 5.79
CBD CLA CK . 62.04 45.94 4.41
CGD CLA CK . 62.03 47.05 5.44
O1D CLA CK . 61.02 47.61 5.85
O2D CLA CK . 63.20 47.46 5.97
CED CLA CK . 63.37 47.25 7.36
C1 CLA CK . 62.33 43.87 0.01
C2 CLA CK . 61.64 44.32 -1.26
C3 CLA CK . 60.57 43.64 -1.71
C4 CLA CK . 60.06 42.44 -0.98
C5 CLA CK . 59.83 44.02 -2.96
C6 CLA CK . 60.45 45.26 -3.60
C7 CLA CK . 60.37 45.19 -5.12
C8 CLA CK . 60.39 46.57 -5.74
C9 CLA CK . 59.13 46.80 -6.57
C10 CLA CK . 61.65 46.72 -6.61
C11 CLA CK . 61.57 47.93 -7.52
C12 CLA CK . 62.53 47.80 -8.69
C13 CLA CK . 63.32 49.07 -8.93
C14 CLA CK . 64.50 48.83 -9.86
C15 CLA CK . 63.81 49.65 -7.60
C16 CLA CK . 63.51 51.13 -7.50
C17 CLA CK . 64.51 51.84 -6.60
C18 CLA CK . 65.47 52.70 -7.40
C19 CLA CK . 65.29 54.17 -7.08
C20 CLA CK . 66.92 52.27 -7.16
MG CLA DK . 49.46 48.37 -15.58
CHA CLA DK . 49.95 47.59 -18.89
CHB CLA DK . 46.10 48.67 -16.13
CHC CLA DK . 49.11 49.08 -12.40
CHD CLA DK . 52.95 48.04 -15.09
NA CLA DK . 48.13 48.16 -17.34
C1A CLA DK . 48.51 47.85 -18.56
C2A CLA DK . 47.35 47.79 -19.53
C3A CLA DK . 46.18 48.16 -18.62
C4A CLA DK . 46.81 48.35 -17.29
CMA CLA DK . 45.18 49.15 -19.16
CAA CLA DK . 47.23 46.38 -20.11
CBA CLA DK . 47.24 45.27 -19.06
CGA CLA DK . 45.89 45.10 -18.41
O1A CLA DK . 44.91 45.56 -18.96
O2A CLA DK . 45.78 44.56 -17.23
NB CLA DK . 47.84 48.81 -14.43
C1B CLA DK . 46.55 48.89 -14.81
C2B CLA DK . 45.73 49.21 -13.69
C3B CLA DK . 46.60 49.33 -12.62
C4B CLA DK . 47.92 49.06 -13.13
CMB CLA DK . 44.23 49.38 -13.73
CAB CLA DK . 46.31 49.64 -11.21
CBB CLA DK . 44.95 49.49 -10.56
NC CLA DK . 50.83 48.53 -14.00
C1C CLA DK . 50.45 48.84 -12.78
C2C CLA DK . 51.58 48.90 -11.83
C3C CLA DK . 52.66 48.58 -12.59
C4C CLA DK . 52.19 48.36 -13.96
CMC CLA DK . 51.53 49.21 -10.37
CAC CLA DK . 54.06 48.56 -12.03
CBC CLA DK . 54.66 47.19 -12.17
ND CLA DK . 51.09 47.93 -16.62
C1D CLA DK . 52.42 47.82 -16.37
C2D CLA DK . 53.18 47.51 -17.57
C3D CLA DK . 52.19 47.42 -18.55
C4D CLA DK . 50.96 47.67 -17.97
CMD CLA DK . 54.63 47.29 -17.87
CAD CLA DK . 51.99 47.16 -19.96
OBD CLA DK . 52.87 47.12 -20.80
CBD CLA DK . 50.51 47.21 -20.23
CGD CLA DK . 50.28 48.33 -21.19
O1D CLA DK . 50.94 48.38 -22.19
O2D CLA DK . 49.45 49.34 -20.96
CED CLA DK . 49.00 50.02 -22.11
C1 CLA DK . 44.66 44.93 -16.37
C2 CLA DK . 44.71 44.62 -14.89
C3 CLA DK . 43.91 45.27 -14.03
C4 CLA DK . 42.92 46.28 -14.49
C5 CLA DK . 43.94 44.97 -12.55
C6 CLA DK . 44.65 43.64 -12.32
C7 CLA DK . 45.28 43.60 -10.93
C8 CLA DK . 44.74 42.42 -10.14
C9 CLA DK . 43.23 42.28 -10.27
C10 CLA DK . 45.12 42.56 -8.67
C11 CLA DK . 46.32 41.70 -8.33
C12 CLA DK . 47.60 42.52 -8.34
C13 CLA DK . 48.59 41.98 -7.32
C14 CLA DK . 47.92 41.74 -5.98
C15 CLA DK . 49.77 42.94 -7.22
C16 CLA DK . 49.79 43.67 -5.88
C17 CLA DK . 50.98 44.61 -5.78
C18 CLA DK . 52.17 43.94 -5.08
C19 CLA DK . 51.72 42.84 -4.12
C20 CLA DK . 53.18 43.41 -6.09
MG CLA EK . 41.97 49.80 -6.63
CHA CLA EK . 39.18 49.85 -8.65
CHB CLA EK . 43.22 47.10 -8.34
CHC CLA EK . 44.66 49.95 -4.71
CHD CLA EK . 40.66 52.57 -4.88
NA CLA EK . 41.29 48.59 -8.34
C1A CLA EK . 40.15 48.76 -9.01
C2A CLA EK . 39.99 47.75 -10.11
C3A CLA EK . 41.27 46.90 -9.98
C4A CLA EK . 41.98 47.55 -8.82
CMA CLA EK . 41.20 45.39 -10.03
CAA CLA EK . 40.01 48.45 -11.46
CBA CLA EK . 39.59 47.51 -12.59
CGA CLA EK . 38.07 47.51 -12.70
O1A CLA EK . 37.48 48.57 -12.72
O2A CLA EK . 37.44 46.36 -12.79
NB CLA EK . 43.68 48.70 -6.55
C1B CLA EK . 44.00 47.61 -7.29
C2B CLA EK . 45.27 47.08 -6.85
C3B CLA EK . 45.67 47.89 -5.82
C4B CLA EK . 44.64 48.92 -5.64
CMB CLA EK . 45.97 45.88 -7.42
CAB CLA EK . 46.89 47.80 -5.00
CBB CLA EK . 47.26 46.51 -4.32
NC CLA EK . 42.59 51.09 -5.09
C1C CLA EK . 43.72 50.97 -4.43
C2C CLA EK . 43.89 51.99 -3.38
C3C CLA EK . 42.75 52.75 -3.47
C4C CLA EK . 41.95 52.18 -4.54
CMC CLA EK . 45.05 52.18 -2.45
CAC CLA EK . 42.39 53.95 -2.64
CBC CLA EK . 42.59 55.16 -3.53
ND CLA EK . 40.39 50.97 -6.67
C1D CLA EK . 39.93 52.02 -5.95
C2D CLA EK . 38.63 52.48 -6.40
C3D CLA EK . 38.36 51.62 -7.45
C4D CLA EK . 39.41 50.74 -7.60
CMD CLA EK . 37.68 53.56 -5.97
CAD CLA EK . 37.35 51.34 -8.44
OBD CLA EK . 36.60 52.21 -8.85
CBD CLA EK . 37.85 50.20 -9.26
CGD CLA EK . 36.87 49.07 -9.13
O1D CLA EK . 36.44 48.49 -10.11
O2D CLA EK . 36.46 48.69 -7.93
CED CLA EK . 36.52 47.30 -7.65
C1 CLA EK . 36.97 45.65 -11.60
MG CLA FK . 49.14 66.56 2.71
CHA CLA FK . 49.53 67.75 5.91
CHB CLA FK . 46.28 64.89 3.62
CHC CLA FK . 48.82 65.57 -0.41
CHD CLA FK . 52.08 68.31 1.78
NA CLA FK . 48.00 66.34 4.57
C1A CLA FK . 48.30 66.88 5.75
C2A CLA FK . 47.33 66.51 6.83
C3A CLA FK . 46.34 65.60 6.08
C4A CLA FK . 46.88 65.59 4.68
CMA CLA FK . 45.90 64.29 6.72
CAA CLA FK . 46.57 67.73 7.33
CBA CLA FK . 46.45 68.80 6.25
CGA CLA FK . 45.04 69.30 6.16
O1A CLA FK . 44.18 68.59 5.66
O2A CLA FK . 44.77 70.50 6.61
NB CLA FK . 47.76 65.42 1.76
C1B CLA FK . 46.67 64.80 2.28
C2B CLA FK . 45.98 64.07 1.26
C3B CLA FK . 46.70 64.25 0.12
C4B CLA FK . 47.83 65.12 0.46
CMB CLA FK . 44.72 63.26 1.40
CAB CLA FK . 46.36 63.69 -1.20
CBB CLA FK . 47.38 63.17 -2.18
NC CLA FK . 50.23 66.95 0.96
C1C CLA FK . 49.96 66.38 -0.20
C2C CLA FK . 50.96 66.70 -1.25
C3C CLA FK . 51.86 67.51 -0.61
C4C CLA FK . 51.40 67.65 0.76
CMC CLA FK . 50.95 66.24 -2.68
CAC CLA FK . 53.10 68.11 -1.22
CBC CLA FK . 52.74 69.42 -1.88
ND CLA FK . 50.50 67.75 3.52
C1D CLA FK . 51.63 68.39 3.12
C2D CLA FK . 52.27 69.10 4.21
C3D CLA FK . 51.44 68.85 5.30
C4D CLA FK . 50.39 68.04 4.87
CMD CLA FK . 53.51 69.95 4.31
CAD CLA FK . 51.29 69.13 6.70
OBD CLA FK . 52.15 69.58 7.43
CBD CLA FK . 50.04 68.43 7.16
CGD CLA FK . 50.39 67.39 8.17
O1D CLA FK . 51.47 66.86 8.15
O2D CLA FK . 49.50 67.03 9.08
CED CLA FK . 49.59 67.67 10.35
C1 CLA FK . 43.90 71.41 5.87
C2 CLA FK . 43.97 71.49 4.37
C3 CLA FK . 43.42 72.52 3.71
C4 CLA FK . 42.72 73.62 4.45
C5 CLA FK . 43.48 72.65 2.21
C6 CLA FK . 44.30 73.87 1.83
C7 CLA FK . 43.57 74.68 0.76
MG CLA GK . 65.09 54.74 -16.56
CHA CLA GK . 63.09 57.02 -18.17
CHB CLA GK . 67.32 54.75 -19.19
CHC CLA GK . 67.00 52.66 -14.85
CHD CLA GK . 62.77 54.69 -13.89
NA CLA GK . 65.22 55.77 -18.49
C1A CLA GK . 64.32 56.64 -18.97
C2A CLA GK . 64.68 57.13 -20.34
C3A CLA GK . 66.00 56.39 -20.62
C4A CLA GK . 66.22 55.60 -19.38
CMA CLA GK . 66.19 55.72 -21.97
CAA CLA GK . 64.98 58.63 -20.32
CBA CLA GK . 65.86 58.99 -19.14
CGA CLA GK . 66.14 60.47 -19.18
O1A CLA GK . 65.29 61.23 -19.62
O2A CLA GK . 67.30 60.92 -18.73
NB CLA GK . 66.89 53.86 -16.95
C1B CLA GK . 67.64 53.94 -18.08
C2B CLA GK . 68.81 53.12 -17.96
C3B CLA GK . 68.70 52.52 -16.74
C4B CLA GK . 67.48 53.01 -16.11
CMB CLA GK . 69.89 52.95 -18.99
CAB CLA GK . 69.62 51.57 -16.08
CBB CLA GK . 71.12 51.77 -16.11
NC CLA GK . 64.96 53.88 -14.64
C1C CLA GK . 65.81 53.00 -14.16
C2C CLA GK . 65.40 52.44 -12.86
C3C CLA GK . 64.21 53.06 -12.59
C4C CLA GK . 63.95 53.95 -13.71
CMC CLA GK . 66.12 51.43 -12.03
CAC CLA GK . 63.33 52.88 -11.39
CBC CLA GK . 62.41 51.69 -11.61
ND CLA GK . 63.37 55.56 -16.07
C1D CLA GK . 62.54 55.52 -15.00
C2D CLA GK . 61.40 56.41 -15.16
C3D CLA GK . 61.63 57.00 -16.39
C4D CLA GK . 62.81 56.47 -16.93
CMD CLA GK . 60.22 56.73 -14.28
CAD CLA GK . 61.09 57.94 -17.34
OBD CLA GK . 60.21 58.75 -17.10
CBD CLA GK . 62.01 58.01 -18.51
CGD CLA GK . 61.32 57.52 -19.76
O1D CLA GK . 60.55 56.58 -19.71
O2D CLA GK . 61.56 58.09 -20.92
CED CLA GK . 60.64 57.78 -21.97
C1 CLA GK . 67.61 60.87 -17.29
C2 CLA GK . 66.65 61.41 -16.26
C3 CLA GK . 67.06 61.71 -15.02
C4 CLA GK . 68.49 61.53 -14.60
C5 CLA GK . 66.12 62.26 -13.98
C6 CLA GK . 66.38 61.54 -12.66
C7 CLA GK . 65.97 62.43 -11.50
C8 CLA GK . 64.49 62.23 -11.15
C9 CLA GK . 63.74 63.55 -11.26
C10 CLA GK . 64.38 61.66 -9.74
MG CLA HK . 61.79 43.82 -16.94
CHA CLA HK . 64.60 41.83 -17.25
CHB CLA HK . 60.38 41.57 -14.79
CHC CLA HK . 59.16 45.79 -16.77
CHD CLA HK . 63.26 46.12 -19.19
NA CLA HK . 62.42 41.89 -16.09
C1A CLA HK . 63.56 41.25 -16.31
C2A CLA HK . 63.64 39.96 -15.56
C3A CLA HK . 62.31 39.92 -14.81
C4A CLA HK . 61.65 41.18 -15.24
CMA CLA HK . 61.46 38.65 -14.84
CAA CLA HK . 64.81 40.01 -14.60
CBA CLA HK . 64.52 39.34 -13.26
CGA CLA HK . 65.17 40.15 -12.18
O1A CLA HK . 64.73 41.26 -11.98
O2A CLA HK . 66.16 39.64 -11.47
NB CLA HK . 60.03 43.69 -15.94
C1B CLA HK . 59.64 42.72 -15.10
C2B CLA HK . 58.35 43.01 -14.58
C3B CLA HK . 58.00 44.22 -15.13
C4B CLA HK . 59.09 44.63 -16.00
CMB CLA HK . 57.60 42.13 -13.62
CAB CLA HK . 56.77 45.01 -14.97
CBB CLA HK . 55.85 44.78 -13.81
NC CLA HK . 61.30 45.67 -17.85
C1C CLA HK . 60.17 46.31 -17.62
C2C CLA HK . 60.08 47.59 -18.34
C3C CLA HK . 61.26 47.66 -19.02
C4C CLA HK . 62.02 46.46 -18.71
CMC CLA HK . 58.95 48.57 -18.34
CAC CLA HK . 61.71 48.77 -19.95
CBC CLA HK . 61.35 48.42 -21.37
ND CLA HK . 63.44 44.02 -17.98
C1D CLA HK . 63.96 44.95 -18.84
C2D CLA HK . 65.28 44.59 -19.30
C3D CLA HK . 65.52 43.37 -18.67
C4D CLA HK . 64.42 43.04 -17.90
CMD CLA HK . 66.26 45.25 -20.21
CAD CLA HK . 66.50 42.32 -18.55
OBD CLA HK . 67.45 42.16 -19.31
CBD CLA HK . 65.95 41.27 -17.62
CGD CLA HK . 65.83 39.94 -18.30
O1D CLA HK . 65.57 38.93 -17.67
O2D CLA HK . 66.00 39.78 -19.61
CED CLA HK . 65.24 38.73 -20.20
C1 CLA HK . 66.72 40.32 -10.30
C2 CLA HK . 66.88 41.83 -10.25
C3 CLA HK . 68.08 42.43 -10.29
C4 CLA HK . 69.37 41.66 -10.35
C5 CLA HK . 68.22 43.92 -10.24
C6 CLA HK . 67.47 44.45 -9.03
C7 CLA HK . 68.40 44.57 -7.83
C8 CLA HK . 67.67 45.06 -6.59
C9 CLA HK . 66.19 44.67 -6.61
C10 CLA HK . 67.83 46.57 -6.49
C11 CLA HK . 68.55 46.94 -5.20
C12 CLA HK . 69.09 48.37 -5.28
C13 CLA HK . 70.22 48.60 -4.29
C14 CLA HK . 70.62 50.06 -4.28
C15 CLA HK . 71.41 47.72 -4.64
C16 CLA HK . 72.70 48.28 -4.07
C17 CLA HK . 73.93 47.48 -4.48
C18 CLA HK . 75.14 48.38 -4.66
C19 CLA HK . 75.24 49.42 -3.55
C20 CLA HK . 76.42 47.56 -4.75
MG CHL IK . 41.83 56.95 6.09
CHA CHL IK . 42.65 55.51 9.01
CHB CHL IK . 44.15 54.87 4.51
CHC CHL IK . 40.93 58.20 3.31
CHD CHL IK . 39.52 59.02 7.86
NA CHL IK . 43.17 55.50 6.65
C1A CHL IK . 43.29 54.99 7.91
C2A CHL IK . 44.25 53.83 7.96
C3A CHL IK . 44.85 53.79 6.61
C4A CHL IK . 44.02 54.79 5.84
CMA CHL IK . 46.37 53.81 6.46
CAA CHL IK . 43.42 52.57 8.26
CBA CHL IK . 44.20 51.25 8.29
CGA CHL IK . 43.23 50.11 8.41
O1A CHL IK . 43.56 48.95 8.50
O2A CHL IK . 41.99 50.54 8.41
NB CHL IK . 42.50 56.58 4.21
C1B CHL IK . 43.43 55.74 3.71
C2B CHL IK . 43.50 55.89 2.31
C3B CHL IK . 42.57 56.86 1.96
C4B CHL IK . 41.94 57.29 3.17
CMB CHL IK . 44.39 55.11 1.39
CAB CHL IK . 42.23 57.37 0.63
CBB CHL IK . 42.78 57.03 -0.72
NC CHL IK . 40.44 58.40 5.71
C1C CHL IK . 40.24 58.72 4.40
C2C CHL IK . 39.16 59.69 4.35
C3C CHL IK . 38.78 59.93 5.64
C4C CHL IK . 39.58 59.12 6.50
CMC CHL IK . 38.53 60.33 3.21
OMC CHL IK . 38.84 60.14 2.05
CAC CHL IK . 37.70 60.87 6.09
CBC CHL IK . 38.10 62.31 6.01
ND CHL IK . 41.17 57.32 7.98
C1D CHL IK . 40.32 58.16 8.60
C2D CHL IK . 40.35 57.96 10.00
C3D CHL IK . 41.25 56.94 10.21
C4D CHL IK . 41.75 56.55 8.97
CMD CHL IK . 39.54 58.71 11.01
CAD CHL IK . 41.85 56.08 11.21
OBD CHL IK . 41.75 56.14 12.42
CBD CHL IK . 42.73 55.08 10.48
CGD CHL IK . 44.14 55.03 11.06
O1D CHL IK . 44.83 55.97 11.29
O2D CHL IK . 44.49 53.76 11.29
CED CHL IK . 45.80 53.58 11.89
C1 CHL IK . 40.79 49.72 8.40
C2 CHL IK . 39.73 50.52 7.75
C3 CHL IK . 38.48 50.10 7.56
C4 CHL IK . 38.00 48.75 8.01
C5 CHL IK . 37.45 50.97 6.89
C6 CHL IK . 36.50 50.18 6.01
C7 CHL IK . 35.59 51.08 5.17
C8 CHL IK . 36.31 51.93 4.14
C9 CHL IK . 37.23 51.08 3.27
C10 CHL IK . 35.22 52.59 3.31
MG CHL JK . 38.66 66.36 -13.15
CHA CHL JK . 41.54 64.69 -12.45
CHB CHL JK . 38.99 68.06 -10.22
CHC CHL JK . 35.88 67.94 -13.85
CHD CHL JK . 38.48 64.56 -16.18
NA CHL JK . 40.03 66.36 -11.64
C1A CHL JK . 41.18 65.63 -11.52
C2A CHL JK . 41.95 65.94 -10.25
C3A CHL JK . 41.04 66.89 -9.52
C4A CHL JK . 39.92 67.14 -10.50
CMA CHL JK . 40.73 66.65 -8.05
CAA CHL JK . 43.33 66.54 -10.50
CBA CHL JK . 43.34 68.05 -10.73
CGA CHL JK . 44.23 68.47 -11.85
O1A CHL JK . 44.89 67.73 -12.52
O2A CHL JK . 44.19 69.78 -12.04
NB CHL JK . 37.60 67.79 -12.17
C1B CHL JK . 37.91 68.39 -11.01
C2B CHL JK . 36.91 69.36 -10.73
C3B CHL JK . 35.99 69.34 -11.72
C4B CHL JK . 36.43 68.33 -12.66
CMB CHL JK . 36.90 70.27 -9.54
CAB CHL JK . 34.78 70.17 -11.69
CBB CHL JK . 33.65 70.17 -12.67
NC CHL JK . 37.40 66.23 -14.75
C1C CHL JK . 36.27 67.00 -14.79
C2C CHL JK . 35.58 66.67 -16.03
C3C CHL JK . 36.35 65.76 -16.68
C4C CHL JK . 37.49 65.46 -15.89
CMC CHL JK . 34.32 67.14 -16.55
OMC CHL JK . 33.60 67.95 -16.00
CAC CHL JK . 36.04 65.19 -18.04
CBC CHL JK . 36.99 65.67 -19.10
ND CHL JK . 39.70 64.94 -14.18
C1D CHL JK . 39.56 64.30 -15.36
C2D CHL JK . 40.63 63.38 -15.56
C3D CHL JK . 41.41 63.49 -14.45
C4D CHL JK . 40.85 64.46 -13.61
CMD CHL JK . 40.80 62.50 -16.76
CAD CHL JK . 42.61 63.00 -13.78
OBD CHL JK . 43.39 62.14 -14.16
CBD CHL JK . 42.74 63.74 -12.48
CGD CHL JK . 42.73 62.75 -11.32
O1D CHL JK . 41.76 62.18 -10.92
O2D CHL JK . 43.94 62.61 -10.81
CED CHL JK . 44.05 61.69 -9.69
C1 CHL JK . 44.93 70.43 -13.11
C2 CHL JK . 45.15 71.85 -12.73
C3 CHL JK . 46.10 72.20 -11.89
C4 CHL JK . 47.04 71.24 -11.23
C5 CHL JK . 46.32 73.66 -11.53
MG CLA KK . 36.30 57.02 -7.56
CHA CLA KK . 37.43 55.01 -10.14
CHB CLA KK . 33.17 57.11 -8.94
CHC CLA KK . 35.36 58.86 -5.01
CHD CLA KK . 39.55 56.89 -6.19
NA CLA KK . 35.38 56.16 -9.36
C1A CLA KK . 35.98 55.41 -10.27
C2A CLA KK . 35.05 54.99 -11.36
C3A CLA KK . 33.74 55.68 -10.97
C4A CLA KK . 34.09 56.37 -9.69
CMA CLA KK . 33.03 56.49 -12.02
CAA CLA KK . 34.88 53.48 -11.37
CBA CLA KK . 33.67 53.04 -10.58
CGA CLA KK . 33.88 51.63 -10.09
O1A CLA KK . 33.88 50.70 -10.87
O2A CLA KK . 34.04 51.44 -8.80
NB CLA KK . 34.53 57.88 -7.04
C1B CLA KK . 33.36 57.81 -7.72
C2B CLA KK . 32.35 58.55 -7.00
C3B CLA KK . 32.99 59.04 -5.90
C4B CLA KK . 34.37 58.60 -5.95
CMB CLA KK . 30.91 58.74 -7.41
CAB CLA KK . 32.44 59.87 -4.82
CBB CLA KK . 31.22 59.40 -4.07
NC CLA KK . 37.32 57.78 -5.87
C1C CLA KK . 36.73 58.51 -4.95
C2C CLA KK . 37.65 58.90 -3.87
C3C CLA KK . 38.85 58.36 -4.22
C4C CLA KK . 38.62 57.64 -5.47
CMC CLA KK . 37.32 59.73 -2.67
CAC CLA KK . 40.11 58.47 -3.40
CBC CLA KK . 41.38 58.74 -4.19
ND CLA KK . 38.06 56.21 -7.96
C1D CLA KK . 39.29 56.21 -7.38
C2D CLA KK . 40.26 55.44 -8.13
C3D CLA KK . 39.51 54.98 -9.22
C4D CLA KK . 38.21 55.44 -9.09
CMD CLA KK . 41.72 55.12 -7.95
CAD CLA KK . 39.62 54.19 -10.42
OBD CLA KK . 40.62 53.62 -10.82
CBD CLA KK . 38.26 54.11 -11.02
CGD CLA KK . 38.27 54.67 -12.40
O1D CLA KK . 38.97 55.62 -12.70
O2D CLA KK . 37.56 54.10 -13.36
CED CLA KK . 38.16 54.21 -14.65
C1 CLA KK . 33.42 50.30 -8.14
C2 CLA KK . 32.21 50.47 -7.24
C3 CLA KK . 32.36 50.45 -5.90
C4 CLA KK . 33.71 50.27 -5.27
C5 CLA KK . 31.19 50.63 -4.97
MG CHL LK . 40.90 65.78 2.87
CHA CHL LK . 40.16 69.07 2.88
CHB CHL LK . 40.13 65.69 -0.50
CHC CHL LK . 41.67 62.66 2.85
CHD CHL LK . 41.74 66.06 6.31
NA CHL LK . 40.24 67.14 1.48
C1A CHL LK . 40.03 68.47 1.67
C2A CHL LK . 39.61 69.18 0.40
C3A CHL LK . 39.43 68.06 -0.59
C4A CHL LK . 39.95 66.86 0.16
CMA CHL LK . 38.13 67.93 -1.37
CAA CHL LK . 40.68 70.19 -0.05
CBA CHL LK . 40.63 70.59 -1.52
CGA CHL LK . 39.62 71.64 -1.83
O1A CHL LK . 38.53 71.74 -1.34
O2A CHL LK . 40.08 72.48 -2.76
NB CHL LK . 40.84 64.40 1.38
C1B CHL LK . 40.58 64.52 0.07
C2B CHL LK . 40.80 63.28 -0.57
C3B CHL LK . 41.22 62.39 0.40
C4B CHL LK . 41.26 63.12 1.63
CMB CHL LK . 40.65 63.03 -2.04
CAB CHL LK . 41.62 60.99 0.25
CBB CHL LK . 41.63 60.14 -0.99
NC CHL LK . 41.56 64.58 4.38
C1C CHL LK . 41.78 63.27 4.09
C2C CHL LK . 42.23 62.64 5.32
C3C CHL LK . 42.24 63.59 6.29
C4C CHL LK . 41.83 64.84 5.70
CMC CHL LK . 42.64 61.27 5.54
OMC CHL LK . 42.63 60.40 4.70
CAC CHL LK . 42.61 63.38 7.73
CBC CHL LK . 41.47 62.84 8.53
ND CHL LK . 40.97 67.17 4.36
C1D CHL LK . 41.34 67.21 5.66
C2D CHL LK . 41.19 68.52 6.17
C3D CHL LK . 40.74 69.29 5.13
C4D CHL LK . 40.62 68.45 4.01
CMD CHL LK . 41.51 68.94 7.58
CAD CHL LK . 40.32 70.62 4.72
OBD CHL LK . 40.26 71.63 5.39
CBD CHL LK . 39.89 70.53 3.28
CGD CHL LK . 38.42 70.87 3.17
O1D CHL LK . 37.52 70.13 3.47
O2D CHL LK . 38.24 72.10 2.70
CED CHL LK . 36.87 72.54 2.58
C1 CHL LK . 39.30 73.58 -3.29
C2 CHL LK . 40.09 74.23 -4.37
C3 CHL LK . 39.54 74.59 -5.52
C4 CHL LK . 38.09 74.36 -5.84
C5 CHL LK . 40.34 75.28 -6.60
MG CLA MK . 53.79 36.08 0.24
CHA CLA MK . 54.49 39.28 1.30
CHB CLA MK . 50.42 36.70 0.48
CHC CLA MK . 53.24 33.04 -0.92
CHD CLA MK . 57.26 35.45 0.03
NA CLA MK . 52.55 37.81 0.83
C1A CLA MK . 53.01 38.99 1.24
C2A CLA MK . 51.90 39.93 1.59
C3A CLA MK . 50.65 39.09 1.33
C4A CLA MK . 51.21 37.79 0.85
CMA CLA MK . 49.54 39.03 2.37
CAA CLA MK . 51.93 41.12 0.63
CBA CLA MK . 50.63 41.91 0.65
CGA CLA MK . 50.33 42.32 -0.77
O1A CLA MK . 50.01 41.47 -1.58
O2A CLA MK . 50.43 43.59 -1.10
NB CLA MK . 52.09 35.04 -0.17
C1B CLA MK . 50.80 35.42 0.02
C2B CLA MK . 49.91 34.37 -0.35
C3B CLA MK . 50.71 33.33 -0.74
C4B CLA MK . 52.10 33.78 -0.62
CMB CLA MK . 48.41 34.41 -0.27
CAB CLA MK . 50.33 31.98 -1.21
CBB CLA MK . 49.23 31.79 -2.24
NC CLA MK . 55.05 34.52 -0.42
C1C CLA MK . 54.61 33.34 -0.79
C2C CLA MK . 55.71 32.39 -1.05
C3C CLA MK . 56.85 33.10 -0.81
C4C CLA MK . 56.42 34.43 -0.41
CMC CLA MK . 55.59 30.96 -1.49
CAC CLA MK . 58.27 32.59 -0.93
CBC CLA MK . 58.98 33.23 -2.09
ND CLA MK . 55.49 37.01 0.57
C1D CLA MK . 56.82 36.73 0.43
C2D CLA MK . 57.67 37.87 0.74
C3D CLA MK . 56.74 38.85 1.08
C4D CLA MK . 55.46 38.33 0.98
CMD CLA MK . 59.14 38.10 0.75
CAD CLA MK . 56.67 40.23 1.50
OBD CLA MK . 57.56 41.04 1.42
CBD CLA MK . 55.22 40.56 1.70
CGD CLA MK . 54.98 40.92 3.13
O1D CLA MK . 53.92 41.35 3.51
O2D CLA MK . 55.96 40.77 4.03
CED CLA MK . 55.55 40.40 5.34
C1 CLA MK . 49.49 44.56 -0.55
C2 CLA MK . 48.05 44.59 -0.98
C3 CLA MK . 47.27 45.60 -0.57
C4 CLA MK . 47.81 46.68 0.31
C5 CLA MK . 45.81 45.71 -0.97
C6 CLA MK . 45.06 46.54 0.05
C7 CLA MK . 43.59 46.65 -0.31
C8 CLA MK . 43.37 47.62 -1.46
C9 CLA MK . 44.15 48.91 -1.23
C10 CLA MK . 41.88 47.92 -1.60
C11 CLA MK . 41.40 47.59 -3.01
C12 CLA MK . 40.49 48.69 -3.53
C13 CLA MK . 39.02 48.30 -3.43
C14 CLA MK . 38.60 47.53 -4.68
C15 CLA MK . 38.17 49.55 -3.22
C16 CLA MK . 38.65 50.35 -2.02
C17 CLA MK . 37.72 51.53 -1.74
C18 CLA MK . 38.47 52.73 -1.15
C19 CLA MK . 38.30 53.98 -2.00
C20 CLA MK . 38.03 53.00 0.29
MG CLA NK . 34.58 76.15 -14.97
CHA CLA NK . 36.63 78.64 -16.20
CHB CLA NK . 33.78 78.09 -12.26
CHC CLA NK . 32.50 73.79 -14.00
CHD CLA NK . 35.42 74.17 -17.79
NA CLA NK . 35.12 78.18 -14.28
C1A CLA NK . 35.97 79.01 -14.89
C2A CLA NK . 36.17 80.28 -14.11
C3A CLA NK . 35.27 80.05 -12.88
C4A CLA NK . 34.68 78.71 -13.13
CMA CLA NK . 35.82 80.33 -11.49
CAA CLA NK . 35.70 81.48 -14.91
CBA CLA NK . 34.81 82.43 -14.11
CGA CLA NK . 34.49 83.68 -14.88
O1A CLA NK . 34.30 83.63 -16.08
O2A CLA NK . 34.40 84.82 -14.22
NB CLA NK . 33.32 75.97 -13.38
C1B CLA NK . 33.15 76.84 -12.35
C2B CLA NK . 32.22 76.30 -11.40
C3B CLA NK . 31.86 75.07 -11.88
C4B CLA NK . 32.57 74.88 -13.15
CMB CLA NK . 31.75 76.93 -10.12
CAB CLA NK . 30.91 74.14 -11.22
CBB CLA NK . 30.05 73.15 -11.95
NC CLA NK . 34.02 74.30 -15.79
C1C CLA NK . 33.19 73.46 -15.19
C2C CLA NK . 33.08 72.17 -15.91
C3C CLA NK . 33.90 72.31 -16.98
C4C CLA NK . 34.49 73.64 -16.89
CMC CLA NK . 32.23 70.99 -15.53
CAC CLA NK . 34.18 71.28 -18.03
CBC CLA NK . 35.26 70.39 -17.47
ND CLA NK . 35.68 76.28 -16.61
C1D CLA NK . 35.98 75.47 -17.66
C2D CLA NK . 36.94 76.08 -18.57
C3D CLA NK . 37.18 77.32 -17.99
C4D CLA NK . 36.42 77.42 -16.81
CMD CLA NK . 37.59 75.64 -19.85
CAD CLA NK . 37.94 78.53 -18.17
OBD CLA NK . 38.47 78.88 -19.21
CBD CLA NK . 37.60 79.45 -17.03
CGD CLA NK . 38.84 79.72 -16.25
O1D CLA NK . 39.48 78.80 -15.77
O2D CLA NK . 39.25 80.97 -16.06
CED CLA NK . 40.35 81.39 -16.85
MG CLA OK . 25.91 57.40 -6.93
CHA CLA OK . 27.62 56.36 -9.75
CHB CLA OK . 23.46 58.81 -8.86
CHC CLA OK . 24.41 58.31 -4.17
CHD CLA OK . 28.49 55.95 -4.97
NA CLA OK . 25.55 57.57 -9.09
C1A CLA OK . 26.33 57.10 -10.06
C2A CLA OK . 25.78 57.38 -11.43
C3A CLA OK . 24.49 58.15 -11.10
C4A CLA OK . 24.48 58.20 -9.61
CMA CLA OK . 24.14 59.39 -11.90
CAA CLA OK . 25.45 56.07 -12.15
CBA CLA OK . 25.22 54.89 -11.19
CGA CLA OK . 24.54 53.73 -11.88
O1A CLA OK . 23.38 53.82 -12.24
O2A CLA OK . 25.24 52.63 -12.06
NB CLA OK . 24.19 58.42 -6.57
C1B CLA OK . 23.31 58.93 -7.47
C2B CLA OK . 22.23 59.57 -6.78
C3B CLA OK . 22.49 59.43 -5.45
C4B CLA OK . 23.75 58.69 -5.33
CMB CLA OK . 21.04 60.27 -7.41
CAB CLA OK . 21.65 59.95 -4.34
CBB CLA OK . 21.52 59.25 -3.01
NC CLA OK . 26.38 57.16 -4.90
C1C CLA OK . 25.61 57.62 -3.93
C2C CLA OK . 26.16 57.31 -2.58
C3C CLA OK . 27.33 56.65 -2.83
C4C CLA OK . 27.45 56.55 -4.28
CMC CLA OK . 25.57 57.67 -1.25
CAC CLA OK . 28.29 56.10 -1.82
CBC CLA OK . 29.49 57.02 -1.73
ND CLA OK . 27.61 56.42 -7.17
C1D CLA OK . 28.56 55.88 -6.37
C2D CLA OK . 29.61 55.21 -7.12
C3D CLA OK . 29.23 55.41 -8.44
C4D CLA OK . 28.04 56.14 -8.44
CMD CLA OK . 30.86 54.47 -6.74
CAD CLA OK . 29.64 55.14 -9.79
OBD CLA OK . 30.40 54.26 -10.12
CBD CLA OK . 28.61 55.74 -10.70
CGD CLA OK . 29.24 56.81 -11.54
O1D CLA OK . 30.03 57.60 -11.06
O2D CLA OK . 28.95 56.89 -12.83
CED CLA OK . 30.04 56.94 -13.74
C1 CLA OK . 26.15 52.14 -11.02
MG CHL PK . 60.75 29.16 2.31
CHA CHL PK . 62.71 26.45 1.97
CHB CHL PK . 63.61 31.04 2.84
CHC CHL PK . 58.89 31.73 2.57
CHD CHL PK . 57.91 27.01 1.99
NA CHL PK . 62.77 28.81 2.36
C1A CHL PK . 63.38 27.62 2.14
C2A CHL PK . 64.87 27.74 2.18
C3A CHL PK . 65.10 29.06 2.78
C4A CHL PK . 63.75 29.71 2.68
CMA CHL PK . 66.37 29.83 2.44
CAA CHL PK . 65.44 27.67 0.75
CBA CHL PK . 66.59 26.72 0.56
CGA CHL PK . 67.51 27.08 -0.58
O1A CHL PK . 67.99 28.17 -0.74
O2A CHL PK . 67.78 26.04 -1.33
NB CHL PK . 61.23 31.11 2.61
C1B CHL PK . 62.41 31.72 2.77
C2B CHL PK . 62.19 33.11 2.92
C3B CHL PK . 60.82 33.33 2.85
C4B CHL PK . 60.23 32.04 2.66
CMB CHL PK . 63.27 34.14 3.12
CAB CHL PK . 60.09 34.59 2.97
CBB CHL PK . 60.57 36.00 3.18
NC CHL PK . 58.72 29.29 2.23
C1C CHL PK . 58.20 30.53 2.39
C2C CHL PK . 56.76 30.39 2.36
C3C CHL PK . 56.48 29.07 2.20
C4C CHL PK . 57.72 28.36 2.12
CMC CHL PK . 55.74 31.41 2.50
OMC CHL PK . 55.94 32.60 2.65
CAC CHL PK . 55.11 28.46 2.17
CBC CHL PK . 54.56 28.32 0.79
ND CHL PK . 60.28 27.19 2.01
C1D CHL PK . 59.17 26.43 1.93
C2D CHL PK . 59.52 25.06 1.80
C3D CHL PK . 60.89 25.01 1.80
C4D CHL PK . 61.35 26.33 1.93
CMD CHL PK . 58.53 23.93 1.72
CAD CHL PK . 62.06 24.16 1.73
OBD CHL PK . 62.10 22.95 1.60
CBD CHL PK . 63.28 25.03 1.83
CGD CHL PK . 64.15 24.63 3.00
O1D CHL PK . 63.74 24.32 4.08
O2D CHL PK . 65.44 24.67 2.69
CED CHL PK . 66.36 24.44 3.78
C1 CHL PK . 68.79 26.01 -2.37
C2 CHL PK . 68.14 26.25 -3.68
C3 CHL PK . 67.81 25.27 -4.51
C4 CHL PK . 67.16 25.51 -5.84
C5 CHL PK . 68.06 23.83 -4.16
C6 CHL PK . 67.09 22.87 -4.84
C7 CHL PK . 67.73 21.53 -5.19
C8 CHL PK . 66.82 20.56 -5.92
C9 CHL PK . 65.94 21.27 -6.94
C10 CHL PK . 67.76 19.58 -6.62
C11 CHL PK . 67.43 18.11 -6.39
C12 CHL PK . 67.23 17.76 -4.92
C13 CHL PK . 68.38 17.02 -4.24
C14 CHL PK . 69.75 17.57 -4.62
C15 CHL PK . 68.38 15.49 -4.27
C16 CHL PK . 67.14 14.86 -4.91
C17 CHL PK . 67.35 14.43 -6.35
C18 CHL PK . 66.19 13.69 -6.99
C19 CHL PK . 66.59 13.08 -8.32
C20 CHL PK . 65.00 14.62 -7.18
O1 LHG QK . 68.23 51.40 -21.68
C1 LHG QK . 67.60 50.25 -21.10
C2 LHG QK . 66.53 50.71 -20.12
O2 LHG QK . 66.10 49.61 -19.32
C3 LHG QK . 65.34 51.27 -20.89
O3 LHG QK . 64.13 51.08 -20.15
P LHG QK . 63.78 51.99 -18.89
O4 LHG QK . 64.97 52.83 -18.59
O5 LHG QK . 62.46 52.66 -19.15
O6 LHG QK . 63.59 50.91 -17.71
C4 LHG QK . 63.58 51.32 -16.34
C5 LHG QK . 62.53 50.54 -15.57
C6 LHG QK . 61.15 50.99 -16.03
O7 LHG QK . 62.66 49.16 -15.88
C7 LHG QK . 62.37 48.36 -14.84
O9 LHG QK . 61.43 48.63 -14.11
C8 LHG QK . 63.21 47.16 -14.51
C9 LHG QK . 62.36 46.07 -13.89
C10 LHG QK . 63.28 45.00 -13.31
O8 LHG QK . 60.44 51.45 -14.88
C23 LHG QK . 59.17 51.83 -14.96
O10 LHG QK . 58.72 52.14 -16.03
C24 LHG QK . 58.29 51.95 -13.74
C11 LHG QK . 62.49 43.73 -13.03
C12 LHG QK . 61.80 43.78 -11.67
C13 LHG QK . 62.01 42.49 -10.90
C14 LHG QK . 62.95 42.70 -9.72
C15 LHG QK . 62.16 42.91 -8.44
C16 LHG QK . 62.22 41.68 -7.54
C17 LHG QK . 61.73 41.99 -6.14
C18 LHG QK . 62.41 41.11 -5.11
C19 LHG QK . 61.41 40.60 -4.08
C20 LHG QK . 61.93 39.42 -3.25
C21 LHG QK . 60.79 38.47 -2.92
C22 LHG QK . 61.19 37.02 -3.05
C25 LHG QK . 58.31 50.63 -12.99
C26 LHG QK . 58.55 49.48 -13.95
C27 LHG QK . 58.11 48.14 -13.40
C28 LHG QK . 58.65 48.00 -11.98
C29 LHG QK . 59.14 46.58 -11.72
C30 LHG QK . 58.12 45.84 -10.87
C31 LHG QK . 58.68 44.52 -10.41
C32 LHG QK . 57.55 43.54 -10.10
C33 LHG QK . 57.80 42.79 -8.80
C34 LHG QK . 56.67 43.02 -7.82
C35 LHG QK . 57.12 42.79 -6.39
C36 LHG QK . 57.62 41.36 -6.22
C37 LHG QK . 57.94 41.07 -4.76
C38 LHG QK . 56.76 40.41 -4.07
C1 PLM RK . 54.75 24.34 13.65
O1 PLM RK . 54.14 25.43 13.66
O2 PLM RK . 54.70 23.59 14.65
C2 PLM RK . 55.55 23.92 12.42
C3 PLM RK . 54.91 24.49 11.17
C4 PLM RK . 55.59 25.81 10.79
C5 PLM RK . 55.10 26.26 9.42
C6 PLM RK . 55.41 25.18 8.38
C7 PLM RK . 54.63 25.47 7.11
C8 PLM RK . 55.09 24.52 6.00
C9 PLM RK . 53.92 24.21 5.07
CA PLM RK . 54.46 23.84 3.69
CB PLM RK . 53.28 23.58 2.76
CC PLM RK . 53.68 23.93 1.33
CD PLM RK . 53.09 22.91 0.35
CE PLM RK . 51.62 23.22 0.11
CF PLM RK . 51.23 22.66 -1.26
CG PLM RK . 49.70 22.61 -1.37
C1 PCW SK . 51.44 31.69 11.14
C2 PCW SK . 52.56 30.95 10.38
C3 PCW SK . 52.81 29.58 10.99
C4 PCW SK . 53.68 32.95 14.27
C5 PCW SK . 55.20 32.90 14.63
C6 PCW SK . 56.92 33.78 16.07
C7 PCW SK . 55.00 35.11 15.59
C8 PCW SK . 54.79 33.18 16.99
C11 PCW SK . 51.81 27.56 10.19
C12 PCW SK . 51.91 27.58 8.66
C13 PCW SK . 50.51 27.76 8.01
C14 PCW SK . 50.70 28.04 6.51
C15 PCW SK . 50.13 26.87 5.67
C16 PCW SK . 50.97 26.70 4.39
C17 PCW SK . 50.09 26.91 3.14
C18 PCW SK . 49.12 25.71 2.98
C19 PCW SK . 48.22 25.96 1.74
C20 PCW SK . 48.40 25.25 0.63
C21 PCW SK . 47.48 25.49 -0.59
C31 PCW SK . 53.21 31.17 8.12
C32 PCW SK . 53.58 30.23 6.94
C33 PCW SK . 53.62 31.05 5.62
C34 PCW SK . 52.18 31.43 5.16
C35 PCW SK . 52.19 31.66 3.62
C36 PCW SK . 50.78 31.32 3.04
C37 PCW SK . 50.95 30.42 1.78
N PCW SK . 55.48 33.74 15.82
O2 PCW SK . 52.20 30.82 9.03
O3 PCW SK . 51.63 28.79 10.90
O11 PCW SK . 51.89 26.55 10.79
O31 PCW SK . 53.77 32.21 8.22
O1P PCW SK . 51.50 30.15 14.69
O2P PCW SK . 50.89 32.50 14.36
O3P PCW SK . 51.02 30.96 12.27
O4P PCW SK . 53.26 31.76 13.61
P PCW SK . 51.65 31.33 13.77
MG CLA TK . 43.93 7.83 -14.35
CHA CLA TK . 46.33 5.39 -14.63
CHB CLA TK . 42.05 5.78 -12.32
CHC CLA TK . 41.77 10.27 -14.04
CHD CLA TK . 45.86 9.88 -16.46
NA CLA TK . 44.16 5.80 -13.54
C1A CLA TK . 45.17 4.98 -13.77
C2A CLA TK . 45.00 3.66 -13.11
C3A CLA TK . 43.64 3.81 -12.42
C4A CLA TK . 43.24 5.21 -12.76
CMA CLA TK . 42.62 2.73 -12.66
CAA CLA TK . 46.08 3.46 -12.05
CBA CLA TK . 46.15 4.61 -11.05
CGA CLA TK . 46.42 4.00 -9.69
O1A CLA TK . 46.20 2.82 -9.55
O2A CLA TK . 46.91 4.71 -8.70
NB CLA TK . 42.18 8.01 -13.32
C1B CLA TK . 41.55 7.06 -12.57
C2B CLA TK . 40.31 7.59 -12.08
C3B CLA TK . 40.23 8.86 -12.57
C4B CLA TK . 41.43 9.11 -13.36
CMB CLA TK . 39.32 6.89 -11.21
CAB CLA TK . 39.14 9.82 -12.35
CBB CLA TK . 39.44 11.20 -11.86
NC CLA TK . 43.88 9.80 -15.05
C1C CLA TK . 42.87 10.60 -14.85
C2C CLA TK . 43.01 11.89 -15.57
C3C CLA TK . 44.21 11.77 -16.21
C4C CLA TK . 44.73 10.47 -15.89
CMC CLA TK . 42.05 13.03 -15.56
CAC CLA TK . 44.88 12.78 -17.10
CBC CLA TK . 44.36 12.61 -18.51
ND CLA TK . 45.63 7.77 -15.33
C1D CLA TK . 46.33 8.60 -16.14
C2D CLA TK . 47.57 7.99 -16.61
C3D CLA TK . 47.55 6.75 -16.02
C4D CLA TK . 46.40 6.62 -15.26
CMD CLA TK . 48.69 8.44 -17.50
CAD CLA TK . 48.32 5.54 -15.91
OBD CLA TK . 49.51 5.50 -16.09
CBD CLA TK . 47.59 4.62 -14.98
CGD CLA TK . 47.30 3.33 -15.66
O1D CLA TK . 47.06 2.32 -15.01
O2D CLA TK . 47.32 3.21 -16.97
CED CLA TK . 46.37 2.28 -17.50
C1 CLA TK . 46.11 5.08 -7.54
C2 CLA TK . 46.07 6.50 -7.05
C3 CLA TK . 45.52 6.83 -5.87
C4 CLA TK . 45.50 8.25 -5.41
C5 CLA TK . 44.88 5.84 -4.94
C6 CLA TK . 43.40 6.20 -4.78
C7 CLA TK . 43.06 6.55 -3.34
C8 CLA TK . 41.86 7.50 -3.29
C9 CLA TK . 42.31 8.94 -3.49
C10 CLA TK . 41.12 7.33 -1.98
C11 CLA TK . 39.70 6.82 -2.18
C12 CLA TK . 38.93 7.71 -3.14
C13 CLA TK . 37.85 8.51 -2.43
C14 CLA TK . 37.02 7.62 -1.50
C15 CLA TK . 36.96 9.17 -3.46
C1 PTY UK . 18.74 50.06 -15.67
C2 PTY UK . 16.88 55.22 -20.68
C3 PTY UK . 16.59 54.01 -19.79
O4 PTY UK . 17.89 50.03 -14.56
C5 PTY UK . 17.75 50.49 -17.89
C6 PTY UK . 18.33 51.15 -16.65
O7 PTY UK . 19.38 51.98 -17.07
C8 PTY UK . 20.65 51.40 -17.10
O10 PTY UK . 21.27 51.31 -16.10
C11 PTY UK . 21.26 50.93 -18.42
C12 PTY UK . 22.53 51.72 -18.73
C13 PTY UK . 23.69 50.73 -18.93
C14 PTY UK . 23.70 49.65 -17.84
C15 PTY UK . 24.43 50.13 -16.58
C16 PTY UK . 23.61 49.77 -15.35
C17 PTY UK . 24.44 49.08 -14.28
C18 PTY UK . 23.51 48.68 -13.14
C19 PTY UK . 24.33 47.92 -12.10
C20 PTY UK . 23.57 47.86 -10.78
C30 PTY UK . 18.53 49.62 -13.39
C31 PTY UK . 17.74 48.89 -12.29
O30 PTY UK . 19.68 49.84 -13.23
C32 PTY UK . 18.69 48.02 -11.47
C33 PTY UK . 17.93 47.42 -10.29
C34 PTY UK . 18.91 46.80 -9.30
C35 PTY UK . 18.23 46.66 -7.94
C36 PTY UK . 18.76 45.46 -7.18
P1 PTY UK . 16.47 51.41 -19.96
O11 PTY UK . 17.12 52.87 -20.38
O12 PTY UK . 15.00 51.37 -20.33
O13 PTY UK . 17.21 50.31 -20.68
O14 PTY UK . 16.65 51.20 -18.33
N1 PTY UK . 16.13 56.37 -20.21
C1 LUT VK . 46.00 20.54 2.13
C2 LUT VK . 46.07 20.19 3.60
C3 LUT VK . 45.51 18.83 3.94
C4 LUT VK . 44.07 18.76 3.45
C5 LUT VK . 44.07 18.96 1.97
C6 LUT VK . 44.84 19.88 1.41
C7 LUT VK . 44.58 20.28 0.00
C8 LUT VK . 43.60 21.12 -0.30
C9 LUT VK . 43.38 21.49 -1.71
C10 LUT VK . 42.61 22.56 -1.96
C11 LUT VK . 42.33 23.06 -3.30
C12 LUT VK . 41.57 24.14 -3.39
C13 LUT VK . 41.24 24.79 -4.66
C14 LUT VK . 40.65 25.99 -4.61
C15 LUT VK . 40.31 26.78 -5.78
C16 LUT VK . 47.28 20.11 1.43
C17 LUT VK . 45.86 22.05 2.03
C18 LUT VK . 43.21 18.08 1.13
C19 LUT VK . 43.99 20.68 -2.80
C20 LUT VK . 41.61 24.15 -5.96
O3 LUT VK . 45.49 18.68 5.36
C21 LUT VK . 37.44 36.74 -11.90
C22 LUT VK . 37.46 37.39 -13.26
C23 LUT VK . 36.05 37.79 -13.62
C24 LUT VK . 35.23 36.53 -13.80
C25 LUT VK . 35.29 35.69 -12.54
C26 LUT VK . 36.45 35.58 -11.86
C27 LUT VK . 36.55 34.53 -10.82
C28 LUT VK . 36.50 34.84 -9.53
C29 LUT VK . 36.61 33.85 -8.44
C30 LUT VK . 37.71 33.10 -8.36
C31 LUT VK . 37.92 32.11 -7.29
C32 LUT VK . 38.59 30.99 -7.52
C33 LUT VK . 38.83 30.04 -6.42
C34 LUT VK . 39.65 28.99 -6.62
C35 LUT VK . 39.95 28.04 -5.56
C36 LUT VK . 37.03 37.81 -10.89
C37 LUT VK . 38.84 36.25 -11.58
C38 LUT VK . 34.07 34.98 -12.07
C39 LUT VK . 35.52 33.75 -7.43
C40 LUT VK . 38.17 30.23 -5.09
O23 LUT VK . 36.00 38.57 -14.82
C1 XAT WK . 30.60 25.19 5.86
C2 XAT WK . 30.89 26.03 7.08
C3 XAT WK . 32.32 26.53 7.12
C4 XAT WK . 32.50 27.55 6.02
C5 XAT WK . 32.24 26.90 4.67
C6 XAT WK . 31.26 25.79 4.58
C7 XAT WK . 30.73 25.35 3.25
C8 XAT WK . 31.40 24.49 2.50
C9 XAT WK . 30.83 24.08 1.20
C10 XAT WK . 31.41 23.11 0.50
C11 XAT WK . 30.99 22.57 -0.78
C12 XAT WK . 31.57 21.46 -1.22
C13 XAT WK . 31.12 20.53 -2.23
C14 XAT WK . 31.90 19.48 -2.53
C15 XAT WK . 31.40 18.36 -3.26
C16 XAT WK . 29.10 25.09 5.66
C17 XAT WK . 31.18 23.80 6.06
C18 XAT WK . 32.70 27.61 3.41
C19 XAT WK . 29.60 24.76 0.68
C20 XAT WK . 29.81 20.75 -2.93
O3 XAT WK . 32.59 27.14 8.38
O4 XAT WK . 32.68 25.52 4.65
C21 XAT WK . 32.07 7.69 -10.43
C22 XAT WK . 31.74 6.90 -11.68
C23 XAT WK . 30.81 7.69 -12.59
C24 XAT WK . 31.63 8.84 -13.17
C25 XAT WK . 32.01 9.77 -12.04
C26 XAT WK . 32.31 9.17 -10.72
C27 XAT WK . 33.16 9.98 -9.77
C28 XAT WK . 32.56 10.72 -8.86
C29 XAT WK . 33.14 11.39 -7.69
C30 XAT WK . 32.45 12.36 -7.09
C31 XAT WK . 32.98 13.04 -5.92
C32 XAT WK . 32.30 14.08 -5.42
C33 XAT WK . 32.69 15.08 -4.42
C34 XAT WK . 31.87 16.11 -4.17
C35 XAT WK . 32.13 17.24 -3.30
C36 XAT WK . 33.28 7.06 -9.76
C37 XAT WK . 30.89 7.58 -9.48
C38 XAT WK . 32.67 11.10 -12.36
C39 XAT WK . 34.48 10.99 -7.19
C40 XAT WK . 33.99 14.95 -3.70
O23 XAT WK . 30.35 6.87 -13.66
O24 XAT WK . 31.08 9.84 -10.97
C1 BCR XK . 10.34 39.72 -7.63
C2 BCR XK . 8.84 39.50 -7.42
C3 BCR XK . 8.07 40.63 -8.09
C4 BCR XK . 8.48 41.99 -7.56
C5 BCR XK . 9.81 42.02 -6.88
C6 BCR XK . 10.74 41.06 -7.07
C7 BCR XK . 12.14 41.35 -6.77
C8 BCR XK . 12.65 41.10 -5.58
C9 BCR XK . 14.01 41.36 -5.17
C10 BCR XK . 14.72 40.43 -4.34
C11 BCR XK . 15.82 39.53 -4.27
C33 BCR XK . 10.10 43.18 -5.99
C31 BCR XK . 10.72 39.72 -9.10
C32 BCR XK . 11.04 38.58 -6.92
C34 BCR XK . 14.66 42.65 -5.56
C12 BCR XK . 16.71 38.72 -4.24
C13 BCR XK . 18.03 38.33 -3.94
C14 BCR XK . 18.30 37.02 -3.68
C15 BCR XK . 19.64 36.62 -3.36
C16 BCR XK . 20.74 35.89 -3.61
C17 BCR XK . 21.79 35.91 -2.88
C18 BCR XK . 22.62 34.88 -2.62
C19 BCR XK . 23.78 35.08 -1.75
C20 BCR XK . 25.07 35.03 -1.52
C21 BCR XK . 26.27 35.21 -0.78
C22 BCR XK . 27.13 34.26 -0.39
C23 BCR XK . 28.30 34.70 0.38
C24 BCR XK . 28.91 33.98 1.52
C25 BCR XK . 30.07 34.59 2.17
C26 BCR XK . 31.19 34.84 1.49
C27 BCR XK . 32.12 35.94 1.98
C28 BCR XK . 32.38 35.79 3.48
C29 BCR XK . 31.39 34.88 4.19
C30 BCR XK . 29.97 34.95 3.65
C35 BCR XK . 19.12 39.35 -3.90
C36 BCR XK . 22.38 33.53 -3.20
C37 BCR XK . 26.89 32.82 -0.68
C38 BCR XK . 31.62 34.08 0.28
C39 BCR XK . 29.33 36.33 3.78
C40 BCR XK . 29.11 33.91 4.36
MG CLA YK . 34.73 30.93 -12.61
CHA CLA YK . 33.05 32.28 -15.28
CHB CLA YK . 37.52 30.48 -14.56
CHC CLA YK . 36.30 29.83 -9.96
CHD CLA YK . 31.84 31.40 -10.64
NA CLA YK . 35.26 31.33 -14.70
C1A CLA YK . 34.45 31.84 -15.61
C2A CLA YK . 35.10 31.94 -16.94
C3A CLA YK . 36.44 31.30 -16.70
C4A CLA YK . 36.44 31.02 -15.24
CMA CLA YK . 36.77 30.16 -17.63
CAA CLA YK . 35.39 33.42 -17.22
CBA CLA YK . 36.17 34.15 -16.13
CGA CLA YK . 37.68 34.16 -16.33
O1A CLA YK . 38.15 33.76 -17.38
O2A CLA YK . 38.46 34.61 -15.37
NB CLA YK . 36.62 30.27 -12.30
C1B CLA YK . 37.62 30.14 -13.21
C2B CLA YK . 38.79 29.60 -12.59
C3B CLA YK . 38.44 29.42 -11.29
C4B CLA YK . 37.06 29.85 -11.13
CMB CLA YK . 40.08 29.34 -13.32
CAB CLA YK . 39.23 28.88 -10.15
CBB CLA YK . 40.62 28.29 -10.28
NC CLA YK . 34.17 30.71 -10.60
C1C CLA YK . 34.97 30.21 -9.69
C2C CLA YK . 34.31 30.09 -8.38
C3C CLA YK . 33.05 30.57 -8.58
C4C CLA YK . 32.98 30.95 -9.98
CMC CLA YK . 34.90 29.58 -7.11
CAC CLA YK . 31.94 30.67 -7.57
CBC CLA YK . 31.90 32.08 -7.04
ND CLA YK . 32.91 31.67 -12.78
C1D CLA YK . 31.81 31.77 -12.00
C2D CLA YK . 30.65 32.25 -12.74
C3D CLA YK . 31.15 32.45 -14.01
C4D CLA YK . 32.49 32.10 -14.03
CMD CLA YK . 29.22 32.52 -12.38
CAD CLA YK . 30.78 32.88 -15.34
OBD CLA YK . 29.65 32.80 -15.79
CBD CLA YK . 32.03 32.97 -16.15
CGD CLA YK . 31.89 32.25 -17.45
O1D CLA YK . 31.49 31.11 -17.51
O2D CLA YK . 32.26 32.85 -18.58
CED CLA YK . 31.31 32.78 -19.64
C1 CLA YK . 39.55 33.81 -14.79
C2 CLA YK . 39.53 33.32 -13.36
C3 CLA YK . 40.65 33.30 -12.62
C4 CLA YK . 41.97 33.75 -13.17
C5 CLA YK . 40.66 32.82 -11.19
C6 CLA YK . 41.59 33.67 -10.33
C7 CLA YK . 40.83 34.18 -9.09
C8 CLA YK . 41.75 34.56 -7.94
C9 CLA YK . 42.83 33.52 -7.71
C10 CLA YK . 40.89 34.74 -6.69
C11 CLA YK . 41.56 34.17 -5.44
C12 CLA YK . 40.54 33.46 -4.55
C13 CLA YK . 40.55 34.03 -3.14
C14 CLA YK . 40.97 32.98 -2.13
C15 CLA YK . 39.16 34.59 -2.83
MG CLA ZK . 45.57 26.44 -8.38
CHA CLA ZK . 46.22 27.17 -11.69
CHB CLA ZK . 43.89 29.41 -8.01
CHC CLA ZK . 44.89 25.56 -5.29
CHD CLA ZK . 47.30 23.39 -8.81
NA CLA ZK . 45.08 28.13 -9.71
C1A CLA ZK . 45.42 28.25 -10.99
C2A CLA ZK . 44.98 29.54 -11.59
C3A CLA ZK . 44.27 30.22 -10.41
C4A CLA ZK . 44.40 29.22 -9.30
CMA CLA ZK . 44.63 31.67 -10.13
CAA CLA ZK . 43.96 29.33 -12.68
CBA CLA ZK . 44.42 30.01 -13.96
CGA CLA ZK . 44.90 31.39 -13.64
O1A CLA ZK . 45.69 31.95 -14.40
NB CLA ZK . 44.53 27.34 -6.88
C1B CLA ZK . 43.95 28.56 -6.90
C2B CLA ZK . 43.39 28.85 -5.60
C3B CLA ZK . 43.68 27.77 -4.84
C4B CLA ZK . 44.40 26.81 -5.67
CMB CLA ZK . 42.66 30.09 -5.17
CAB CLA ZK . 43.30 27.59 -3.42
CBB CLA ZK . 44.33 27.20 -2.39
NC CLA ZK . 45.92 24.68 -7.27
C1C CLA ZK . 45.68 24.62 -5.98
C2C CLA ZK . 46.35 23.46 -5.33
C3C CLA ZK . 47.00 22.84 -6.35
C4C CLA ZK . 46.73 23.61 -7.55
CMC CLA ZK . 46.30 23.10 -3.88
CAC CLA ZK . 47.87 21.61 -6.21
CBC CLA ZK . 47.46 20.47 -7.11
ND CLA ZK . 46.51 25.45 -9.80
C1D CLA ZK . 47.18 24.27 -9.90
C2D CLA ZK . 47.74 24.06 -11.23
C3D CLA ZK . 47.35 25.21 -11.91
C4D CLA ZK . 46.62 26.02 -11.05
CMD CLA ZK . 48.55 22.97 -11.88
CAD CLA ZK . 47.45 25.85 -13.20
OBD CLA ZK . 48.33 25.63 -14.01
CBD CLA ZK . 46.71 27.13 -13.11
CGD CLA ZK . 47.70 28.22 -13.36
O1D CLA ZK . 47.62 28.94 -14.35
O2D CLA ZK . 48.72 28.40 -12.54
CED CLA ZK . 48.99 29.75 -12.20
MG CLA AL . 44.32 13.37 3.06
CHA CLA AL . 45.83 12.67 6.09
CHB CLA AL . 46.91 15.48 2.22
CHC CLA AL . 42.84 13.90 0.18
CHD CLA AL . 41.70 11.18 3.94
NA CLA AL . 46.19 14.01 4.03
C1A CLA AL . 46.62 13.64 5.23
C2A CLA AL . 47.91 14.28 5.60
C3A CLA AL . 48.22 15.16 4.39
C4A CLA AL . 47.05 14.89 3.49
CMA CLA AL . 48.70 16.58 4.59
CAA CLA AL . 48.99 13.21 5.70
CBA CLA AL . 48.98 12.32 4.48
CGA CLA AL . 48.39 10.99 4.83
O1A CLA AL . 49.03 10.24 5.53
O2A CLA AL . 47.18 10.68 4.42
NB CLA AL . 44.80 14.50 1.44
C1B CLA AL . 45.88 15.32 1.28
C2B CLA AL . 45.83 15.95 0.00
C3B CLA AL . 44.67 15.52 -0.58
C4B CLA AL . 44.03 14.59 0.35
CMB CLA AL . 46.83 16.91 -0.56
CAB CLA AL . 44.18 15.90 -1.92
CBB CLA AL . 42.75 16.29 -2.18
NC CLA AL . 42.58 12.61 2.17
C1C CLA AL . 42.14 12.99 0.99
C2C CLA AL . 40.85 12.36 0.63
C3C CLA AL . 40.56 11.57 1.70
C4C CLA AL . 41.63 11.73 2.67
CMC CLA AL . 40.07 12.56 -0.64
CAC CLA AL . 39.34 10.70 1.84
CBC CLA AL . 39.72 9.27 1.52
ND CLA AL . 43.80 12.19 4.57
C1D CLA AL . 42.77 11.36 4.85
C2D CLA AL . 42.90 10.75 6.16
C3D CLA AL . 44.11 11.26 6.62
C4D CLA AL . 44.63 12.12 5.67
CMD CLA AL . 42.08 9.80 6.97
CAD CLA AL . 45.01 11.24 7.76
OBD CLA AL . 44.75 10.76 8.84
CBD CLA AL . 46.15 12.15 7.46
CGD CLA AL . 46.15 13.27 8.46
O1D CLA AL . 45.13 13.58 9.04
O2D CLA AL . 47.26 13.95 8.72
CED CLA AL . 47.57 14.10 10.10
C1 CLA AL . 46.93 9.96 3.19
C2 CLA AL . 46.29 10.64 2.00
C3 CLA AL . 45.22 10.09 1.41
C4 CLA AL . 44.64 8.80 1.91
C5 CLA AL . 44.53 10.71 0.23
C6 CLA AL . 45.18 10.24 -1.06
C7 CLA AL . 45.24 11.35 -2.10
C8 CLA AL . 46.68 11.67 -2.47
C9 CLA AL . 46.79 13.02 -3.17
C10 CLA AL . 47.24 10.56 -3.36
C11 CLA AL . 48.39 9.83 -2.70
C12 CLA AL . 49.66 9.95 -3.53
C13 CLA AL . 50.83 10.38 -2.66
C14 CLA AL . 51.34 11.75 -3.09
C15 CLA AL . 51.93 9.32 -2.70
C16 CLA AL . 52.99 9.60 -3.75
C17 CLA AL . 54.38 9.72 -3.11
C18 CLA AL . 55.43 8.98 -3.92
C19 CLA AL . 56.82 9.13 -3.30
C20 CLA AL . 55.06 7.52 -4.08
MG CLA BL . 33.17 14.35 -12.86
CHA CLA BL . 33.56 13.38 -16.13
CHB CLA BL . 29.84 14.96 -13.42
CHC CLA BL . 32.93 15.19 -9.72
CHD CLA BL . 36.63 13.69 -12.37
NA CLA BL . 31.82 14.20 -14.60
C1A CLA BL . 32.16 13.81 -15.80
C2A CLA BL . 31.00 13.83 -16.76
C3A CLA BL . 29.88 14.36 -15.88
C4A CLA BL . 30.52 14.52 -14.56
CMA CLA BL . 29.06 15.50 -16.45
CAA CLA BL . 30.71 12.40 -17.24
CBA CLA BL . 30.55 11.39 -16.11
CGA CLA BL . 29.15 11.34 -15.53
O1A CLA BL . 28.25 11.94 -16.09
O2A CLA BL . 28.91 10.72 -14.40
NB CLA BL . 31.62 14.98 -11.73
C1B CLA BL . 30.32 15.17 -12.11
C2B CLA BL . 29.55 15.61 -10.99
C3B CLA BL . 30.43 15.68 -9.95
C4B CLA BL . 31.74 15.27 -10.44
CMB CLA BL . 28.08 15.92 -11.03
CAB CLA BL . 30.18 16.07 -8.55
CBB CLA BL . 28.89 15.72 -7.84
NC CLA BL . 34.57 14.44 -11.30
C1C CLA BL . 34.24 14.82 -10.08
C2C CLA BL . 35.39 14.79 -9.16
C3C CLA BL . 36.43 14.36 -9.93
C4C CLA BL . 35.92 14.14 -11.26
CMC CLA BL . 35.40 15.14 -7.71
CAC CLA BL . 37.84 14.17 -9.45
CBC CLA BL . 38.09 12.70 -9.21
ND CLA BL . 34.75 13.71 -13.88
C1D CLA BL . 36.07 13.49 -13.64
C2D CLA BL . 36.78 13.07 -14.84
C3D CLA BL . 35.78 13.03 -15.80
C4D CLA BL . 34.58 13.41 -15.21
CMD CLA BL . 38.20 12.71 -15.14
CAD CLA BL . 35.55 12.74 -17.19
OBD CLA BL . 36.40 12.69 -18.06
CBD CLA BL . 34.08 12.89 -17.45
CGD CLA BL . 33.91 13.95 -18.47
O1D CLA BL . 34.28 13.72 -19.59
O2D CLA BL . 33.43 15.14 -18.17
CED CLA BL . 32.80 15.86 -19.22
C1 CLA BL . 28.15 11.42 -13.36
C2 CLA BL . 28.66 11.47 -11.94
C3 CLA BL . 27.81 11.61 -10.91
C4 CLA BL . 26.34 11.76 -11.13
C5 CLA BL . 28.29 11.66 -9.49
C6 CLA BL . 27.72 10.45 -8.79
C7 CLA BL . 28.58 10.09 -7.57
C8 CLA BL . 28.18 8.77 -6.94
C9 CLA BL . 26.67 8.57 -7.00
C10 CLA BL . 28.66 8.71 -5.50
C11 CLA BL . 30.03 8.04 -5.36
C12 CLA BL . 31.17 9.05 -5.51
C13 CLA BL . 31.99 9.23 -4.24
C14 CLA BL . 33.31 8.49 -4.31
C15 CLA BL . 31.18 8.79 -3.02
C16 CLA BL . 31.57 9.53 -1.76
C17 CLA BL . 30.36 9.68 -0.85
C18 CLA BL . 30.71 9.37 0.60
C19 CLA BL . 32.00 8.57 0.72
C20 CLA BL . 30.74 10.64 1.45
MG CLA CL . 26.16 16.43 -3.88
CHA CLA CL . 23.36 16.83 -5.89
CHB CLA CL . 27.09 13.68 -5.66
CHC CLA CL . 28.76 16.20 -1.90
CHD CLA CL . 25.12 19.27 -2.07
NA CLA CL . 25.33 15.35 -5.61
C1A CLA CL . 24.21 15.65 -6.26
C2A CLA CL . 23.95 14.70 -7.40
C3A CLA CL . 25.13 13.72 -7.30
C4A CLA CL . 25.91 14.26 -6.14
CMA CLA CL . 24.89 12.23 -7.35
CAA CLA CL . 23.95 15.46 -8.72
CBA CLA CL . 24.46 14.64 -9.89
CGA CLA CL . 23.27 14.19 -10.69
O1A CLA CL . 23.38 13.18 -11.37
O2A CLA CL . 22.16 14.88 -10.63
NB CLA CL . 27.71 15.13 -3.79
C1B CLA CL . 27.92 14.07 -4.59
C2B CLA CL . 29.13 13.40 -4.19
C3B CLA CL . 29.59 14.12 -3.12
C4B CLA CL . 28.67 15.22 -2.88
CMB CLA CL . 29.71 12.18 -4.81
CAB CLA CL . 30.81 13.86 -2.32
CBB CLA CL . 30.74 13.04 -1.07
NC CLA CL . 26.83 17.59 -2.26
C1C CLA CL . 27.93 17.30 -1.59
C2C CLA CL . 28.18 18.24 -0.49
C3C CLA CL . 27.16 19.15 -0.55
C4C CLA CL . 26.31 18.72 -1.65
CMC CLA CL . 29.33 18.20 0.46
CAC CLA CL . 27.01 20.30 0.43
CBC CLA CL . 26.32 21.55 -0.08
ND CLA CL . 24.71 17.76 -3.89
C1D CLA CL . 24.34 18.81 -3.12
C2D CLA CL . 23.07 19.37 -3.52
C3D CLA CL . 22.69 18.59 -4.60
C4D CLA CL . 23.68 17.64 -4.81
CMD CLA CL . 22.24 20.49 -2.98
CAD CLA CL . 21.65 18.42 -5.56
OBD CLA CL . 20.49 18.74 -5.40
CBD CLA CL . 22.12 17.39 -6.54
CGD CLA CL . 21.09 16.33 -6.69
O1D CLA CL . 20.23 16.43 -7.54
O2D CLA CL . 21.11 15.26 -5.88
MG CLA DL . 33.34 32.57 5.04
CHA CLA DL . 33.45 33.75 8.28
CHB CLA DL . 30.38 30.95 5.69
CHC CLA DL . 33.34 31.56 1.92
CHD CLA DL . 36.40 34.27 4.42
NA CLA DL . 32.03 32.36 6.80
C1A CLA DL . 32.24 32.89 8.01
C2A CLA DL . 31.15 32.53 8.98
C3A CLA DL . 30.23 31.65 8.13
C4A CLA DL . 30.89 31.64 6.80
CMA CLA DL . 29.82 30.31 8.72
CAA CLA DL . 30.41 33.78 9.44
CBA CLA DL . 30.42 34.87 8.39
CGA CLA DL . 29.16 35.68 8.48
O1A CLA DL . 28.13 35.11 8.80
O2A CLA DL . 29.21 36.97 8.22
NB CLA DL . 32.05 31.43 3.96
C1B CLA DL . 30.89 30.85 4.38
C2B CLA DL . 30.29 30.12 3.29
C3B CLA DL . 31.14 30.30 2.23
C4B CLA DL . 32.25 31.13 2.68
CMB CLA DL . 29.01 29.35 3.39
CAB CLA DL . 31.03 29.77 0.85
CBB CLA DL . 29.70 29.51 0.19
NC CLA DL . 34.67 32.88 3.44
C1C CLA DL . 34.46 32.35 2.23
C2C CLA DL . 35.55 32.70 1.29
C3C CLA DL . 36.41 33.47 2.00
C4C CLA DL . 35.85 33.58 3.34
CMC CLA DL . 35.67 32.29 -0.15
CAC CLA DL . 37.69 34.08 1.50
CBC CLA DL . 37.52 35.57 1.34
ND CLA DL . 34.64 33.72 5.99
C1D CLA DL . 35.82 34.33 5.71
C2D CLA DL . 36.37 35.03 6.85
C3D CLA DL . 35.43 34.80 7.84
C4D CLA DL . 34.42 34.02 7.32
CMD CLA DL . 37.60 35.86 7.11
CAD CLA DL . 35.16 35.07 9.23
OBD CLA DL . 35.92 35.63 10.01
CBD CLA DL . 33.82 34.47 9.56
CGD CLA DL . 33.96 33.46 10.65
O1D CLA DL . 34.54 32.41 10.45
O2D CLA DL . 33.45 33.72 11.84
CED CLA DL . 34.19 34.64 12.64
C1 CLA DL . 28.48 37.51 7.07
C2 CLA DL . 28.99 38.72 6.32
C3 CLA DL . 28.17 39.72 5.97
C4 CLA DL . 26.71 39.67 6.30
C5 CLA DL . 28.65 40.94 5.22
C6 CLA DL . 28.99 40.55 3.79
C7 CLA DL . 27.78 40.73 2.88
C8 CLA DL . 27.39 42.20 2.74
C9 CLA DL . 26.15 42.35 1.87
C10 CLA DL . 28.57 42.99 2.16
MG CLA EL . 48.29 19.32 -14.16
CHA CLA EL . 46.78 22.11 -15.49
CHB CLA EL . 50.37 19.09 -16.89
CHC CLA EL . 49.74 16.71 -12.75
CHD CLA EL . 46.13 19.52 -11.39
NA CLA EL . 48.56 20.47 -16.01
C1A CLA EL . 47.86 21.53 -16.38
C2A CLA EL . 48.29 22.06 -17.71
C3A CLA EL . 49.38 21.08 -18.13
C4A CLA EL . 49.47 20.16 -16.97
CMA CLA EL . 49.34 20.50 -19.52
CAA CLA EL . 48.97 23.41 -17.53
CBA CLA EL . 49.71 23.50 -16.21
CGA CLA EL . 50.78 24.54 -16.28
O1A CLA EL . 51.75 24.34 -17.00
O2A CLA EL . 50.65 25.67 -15.59
NB CLA EL . 49.81 18.10 -14.73
C1B CLA EL . 50.55 18.15 -15.88
C2B CLA EL . 51.53 17.10 -15.87
C3B CLA EL . 51.33 16.44 -14.71
C4B CLA EL . 50.24 17.08 -13.99
CMB CLA EL . 52.54 16.81 -16.93
CAB CLA EL . 52.08 15.27 -14.19
CBB CLA EL . 53.57 15.40 -13.95
NC CLA EL . 48.01 18.32 -12.33
C1C CLA EL . 48.72 17.26 -11.96
C2C CLA EL . 48.32 16.76 -10.63
C3C CLA EL . 47.31 17.59 -10.24
C4C CLA EL . 47.12 18.56 -11.31
CMC CLA EL . 48.94 15.59 -9.92
CAC CLA EL . 46.54 17.55 -8.95
CBC CLA EL . 45.73 16.29 -8.78
ND CLA EL . 46.81 20.45 -13.51
C1D CLA EL . 46.01 20.49 -12.42
C2D CLA EL . 45.07 21.59 -12.47
C3D CLA EL . 45.38 22.22 -13.68
C4D CLA EL . 46.42 21.52 -14.29
CMD CLA EL . 43.99 22.07 -11.54
CAD CLA EL . 45.00 23.33 -14.54
OBD CLA EL . 44.34 24.27 -14.16
CBD CLA EL . 46.00 23.39 -15.66
CGD CLA EL . 45.35 23.47 -17.01
O1D CLA EL . 44.32 22.90 -17.27
O2D CLA EL . 45.91 24.19 -17.97
CED CLA EL . 45.03 24.66 -18.99
C1 CLA EL . 51.47 25.92 -14.42
C2 CLA EL . 51.40 25.08 -13.17
C3 CLA EL . 51.56 25.63 -11.96
C5 CLA EL . 51.50 24.80 -10.70
C6 CLA EL . 51.49 25.72 -9.48
C7 CLA EL . 50.18 26.50 -9.38
C8 CLA EL . 49.96 27.02 -7.96
C9 CLA EL . 49.59 25.89 -7.02
C10 CLA EL . 48.89 28.10 -7.98
C11 CLA EL . 48.47 28.48 -6.57
C12 CLA EL . 47.39 29.56 -6.61
C13 CLA EL . 47.33 30.36 -5.32
C14 CLA EL . 46.73 29.54 -4.19
C15 CLA EL . 46.56 31.65 -5.54
MG CLA FL . 53.84 13.76 2.43
CHA CLA FL . 52.44 10.63 2.09
CHB CLA FL . 56.79 12.37 3.51
CHC CLA FL . 55.09 16.80 2.67
CHD CLA FL . 50.81 15.18 1.32
NA CLA FL . 54.58 11.71 2.78
C1A CLA FL . 53.86 10.60 2.60
C2A CLA FL . 54.65 9.38 2.95
C3A CLA FL . 56.00 9.95 3.39
C4A CLA FL . 55.80 11.42 3.23
CMA CLA FL . 56.62 9.44 4.68
CAA CLA FL . 54.81 8.50 1.70
CBA CLA FL . 56.04 8.85 0.87
NB CLA FL . 55.66 14.47 3.00
C1B CLA FL . 56.74 13.76 3.41
C2B CLA FL . 57.82 14.66 3.71
C3B CLA FL . 57.34 15.91 3.48
C4B CLA FL . 55.96 15.77 3.03
CMB CLA FL . 59.20 14.29 4.19
CAB CLA FL . 58.04 17.20 3.63
CBB CLA FL . 58.17 18.15 2.48
NC CLA FL . 53.11 15.67 1.96
C1C CLA FL . 53.77 16.79 2.20
C2C CLA FL . 52.98 17.99 1.91
C3C CLA FL . 51.78 17.52 1.48
C4C CLA FL . 51.87 16.06 1.53
CMC CLA FL . 53.43 19.42 2.05
CAC CLA FL . 50.59 18.33 1.06
CBC CLA FL . 50.55 18.38 -0.46
ND CLA FL . 52.05 13.17 1.85
C1D CLA FL . 50.92 13.77 1.41
C2D CLA FL . 49.89 12.81 1.07
C3D CLA FL . 50.50 11.59 1.33
C4D CLA FL . 51.78 11.82 1.81
CMD CLA FL . 48.49 12.90 0.53
CAD CLA FL . 50.27 10.17 1.30
OBD CLA FL . 49.26 9.62 0.91
CBD CLA FL . 51.51 9.49 1.78
CGD CLA FL . 51.17 8.70 3.01
O1D CLA FL . 50.08 8.83 3.52
O2D CLA FL . 52.01 7.84 3.55
CED CLA FL . 51.47 6.56 3.85
MG CLA GL . 25.88 23.81 9.26
CHA CLA GL . 26.64 22.82 12.46
CHB CLA GL . 27.90 21.35 7.96
CHC CLA GL . 24.94 24.75 6.26
CHD CLA GL . 23.79 26.33 10.61
NA CLA GL . 27.14 22.22 10.10
C1A CLA GL . 27.33 21.99 11.40
C2A CLA GL . 28.28 20.85 11.63
C3A CLA GL . 28.67 20.44 10.21
C4A CLA GL . 27.87 21.38 9.36
CMA CLA GL . 30.13 20.29 9.86
CAA CLA GL . 27.55 19.67 12.26
CBA CLA GL . 26.06 19.63 11.88
CGA CLA GL . 25.39 18.40 12.44
O1A CLA GL . 25.82 17.91 13.46
O2A CLA GL . 24.34 17.88 11.83
NB CLA GL . 26.34 23.14 7.40
C1B CLA GL . 27.20 22.16 7.05
C2B CLA GL . 27.28 22.06 5.62
C3B CLA GL . 26.44 23.03 5.14
C4B CLA GL . 25.85 23.70 6.28
CMB CLA GL . 28.11 21.10 4.81
CAB CLA GL . 26.18 23.32 3.72
CBB CLA GL . 24.78 23.53 3.18
NC CLA GL . 24.55 25.27 8.55
C1C CLA GL . 24.34 25.51 7.28
C2C CLA GL . 23.40 26.63 7.05
C3C CLA GL . 23.07 27.05 8.31
C4C CLA GL . 23.80 26.20 9.23
CMC CLA GL . 22.93 27.15 5.72
CAC CLA GL . 22.14 28.18 8.66
CBC CLA GL . 22.86 29.49 8.48
ND CLA GL . 25.30 24.48 11.02
C1D CLA GL . 24.50 25.47 11.49
C2D CLA GL . 24.47 25.52 12.94
C3D CLA GL . 25.30 24.47 13.30
C4D CLA GL . 25.80 23.87 12.15
CMD CLA GL . 23.76 26.38 13.95
CAD CLA GL . 25.85 23.81 14.46
OBD CLA GL . 25.68 24.11 15.62
CBD CLA GL . 26.72 22.69 13.95
CGD CLA GL . 28.12 22.90 14.43
O1D CLA GL . 28.69 23.96 14.28
O2D CLA GL . 28.75 21.89 15.02
CED CLA GL . 29.18 22.14 16.35
C1 CLA GL . 24.48 17.28 10.50
C2 CLA GL . 24.57 18.14 9.26
C3 CLA GL . 25.17 17.69 8.16
C4 CLA GL . 25.80 16.34 8.09
C5 CLA GL . 25.26 18.56 6.93
C6 CLA GL . 25.00 17.72 5.68
C7 CLA GL . 23.60 17.95 5.16
C8 CLA GL . 23.46 19.33 4.55
C9 CLA GL . 22.02 19.78 4.60
C10 CLA GL . 23.96 19.31 3.10
MG CLA HL . 23.30 33.38 -10.81
CHA CLA HL . 26.11 31.58 -9.90
CHB CLA HL . 23.56 35.31 -8.00
CHC CLA HL . 20.64 35.02 -11.80
CHD CLA HL . 23.09 31.37 -13.72
NA CLA HL . 24.69 33.44 -9.11
C1A CLA HL . 25.74 32.65 -8.92
C2A CLA HL . 26.45 32.97 -7.64
C3A CLA HL . 25.63 34.14 -7.07
C4A CLA HL . 24.56 34.32 -8.09
CMA CLA HL . 25.24 34.11 -5.61
CAA CLA HL . 27.87 33.41 -7.95
CBA CLA HL . 27.90 34.50 -9.02
CGA CLA HL . 29.35 34.76 -9.32
O1A CLA HL . 30.16 34.21 -8.61
O2A CLA HL . 29.67 35.58 -10.31
NB CLA HL . 22.25 34.93 -10.02
C1B CLA HL . 22.49 35.60 -8.87
C2B CLA HL . 21.52 36.64 -8.69
C3B CLA HL . 20.68 36.53 -9.76
C4B CLA HL . 21.18 35.45 -10.61
CMB CLA HL . 21.47 37.58 -7.52
CAB CLA HL . 19.51 37.34 -10.15
CBB CLA HL . 18.69 38.13 -9.15
NC CLA HL . 22.07 33.21 -12.50
C1C CLA HL . 21.03 34.00 -12.70
C2C CLA HL . 20.33 33.71 -13.95
C3C CLA HL . 21.04 32.71 -14.52
C4C CLA HL . 22.12 32.38 -13.59
CMC CLA HL . 19.13 34.44 -14.50
CAC CLA HL . 20.70 32.07 -15.83
CBC CLA HL . 21.87 32.23 -16.77
ND CLA HL . 24.26 31.88 -11.67
C1D CLA HL . 24.12 31.13 -12.81
C2D CLA HL . 25.16 30.13 -12.94
C3D CLA HL . 25.93 30.31 -11.80
C4D CLA HL . 25.38 31.35 -11.05
CMD CLA HL . 25.47 29.08 -13.96
CAD CLA HL . 27.08 29.79 -11.10
OBD CLA HL . 27.81 28.89 -11.48
CBD CLA HL . 27.28 30.62 -9.88
CGD CLA HL . 27.18 29.76 -8.66
O1D CLA HL . 26.10 29.57 -8.12
O2D CLA HL . 28.26 29.19 -8.14
CED CLA HL . 28.04 27.99 -7.42
C1 CLA HL . 31.04 36.02 -10.56
C2 CLA HL . 32.04 36.20 -9.44
C3 CLA HL . 32.42 37.42 -9.05
C4 CLA HL . 31.90 38.64 -9.73
C5 CLA HL . 33.41 37.61 -7.93
C6 CLA HL . 33.41 39.07 -7.47
C7 CLA HL . 32.44 39.27 -6.30
C8 CLA HL . 32.80 40.52 -5.50
C9 CLA HL . 34.04 40.28 -4.66
C10 CLA HL . 31.61 40.91 -4.63
C11 CLA HL . 31.12 42.31 -5.01
C12 CLA HL . 31.80 43.38 -4.16
C13 CLA HL . 31.44 44.79 -4.65
C14 CLA HL . 31.96 45.04 -6.06
C15 CLA HL . 31.99 45.82 -3.68
MG CLA IL . 20.32 24.06 -5.28
CHA CLA IL . 21.41 22.03 -7.84
CHB CLA IL . 17.25 24.34 -6.75
CHC CLA IL . 19.38 25.92 -2.74
CHD CLA IL . 23.50 23.77 -3.80
NA CLA IL . 19.41 23.27 -7.12
C1A CLA IL . 19.99 22.51 -8.03
C2A CLA IL . 19.07 22.16 -9.15
C3A CLA IL . 17.81 22.92 -8.78
C4A CLA IL . 18.15 23.56 -7.49
CMA CLA IL . 17.19 23.79 -9.84
CAA CLA IL . 18.78 20.67 -9.18
CBA CLA IL . 18.80 20.03 -7.80
CGA CLA IL . 17.45 19.45 -7.50
O1A CLA IL . 16.63 20.12 -6.89
O2A CLA IL . 17.20 18.21 -7.86
NB CLA IL . 18.60 24.99 -4.82
C1B CLA IL . 17.46 24.99 -5.53
C2B CLA IL . 16.50 25.76 -4.83
C3B CLA IL . 17.08 26.21 -3.70
C4B CLA IL . 18.43 25.71 -3.71
CMB CLA IL . 15.14 25.98 -5.28
CAB CLA IL . 16.50 27.05 -2.64
CBB CLA IL . 15.12 26.81 -2.08
NC CLA IL . 21.30 24.76 -3.57
C1C CLA IL . 20.71 25.50 -2.65
C2C CLA IL . 21.57 25.80 -1.51
C3C CLA IL . 22.75 25.22 -1.82
C4C CLA IL . 22.57 24.54 -3.11
CMC CLA IL . 21.22 26.61 -0.29
CAC CLA IL . 23.94 25.25 -0.90
CBC CLA IL . 25.11 25.93 -1.55
ND CLA IL . 22.05 23.18 -5.64
C1D CLA IL . 23.25 23.10 -5.02
C2D CLA IL . 24.17 22.26 -5.75
C3D CLA IL . 23.44 21.84 -6.86
C4D CLA IL . 22.19 22.41 -6.78
CMD CLA IL . 25.60 21.85 -5.50
CAD CLA IL . 23.52 21.06 -8.07
OBD CLA IL . 24.37 20.24 -8.30
CBD CLA IL . 22.18 21.09 -8.72
CGD CLA IL . 22.25 21.69 -10.08
O1D CLA IL . 22.63 22.82 -10.25
O2D CLA IL . 21.78 21.02 -11.12
CED CLA IL . 22.63 20.93 -12.25
C1 CLA IL . 16.52 17.29 -6.96
C2 CLA IL . 16.87 17.26 -5.48
C3 CLA IL . 17.50 16.23 -4.92
C4 CLA IL . 17.90 15.02 -5.71
C5 CLA IL . 17.85 16.21 -3.45
C6 CLA IL . 19.21 15.57 -3.24
C7 CLA IL . 19.95 16.09 -2.02
C8 CLA IL . 21.44 15.81 -2.12
C9 CLA IL . 21.65 14.31 -2.36
C10 CLA IL . 22.15 16.36 -0.89
C11 CLA IL . 22.96 15.31 -0.15
C12 CLA IL . 24.42 15.26 -0.62
C13 CLA IL . 25.39 15.60 0.50
C14 CLA IL . 26.20 14.38 0.93
C15 CLA IL . 24.67 16.24 1.68
MG CHL JL . 24.95 32.48 5.33
CHA CHL JL . 24.00 35.71 5.06
CHB CHL JL . 24.10 32.00 2.03
CHC CHL JL . 25.93 29.42 5.59
CHD CHL JL . 25.72 33.11 8.73
NA CHL JL . 24.19 33.65 3.84
C1A CHL JL . 23.84 34.97 3.92
C2A CHL JL . 23.26 35.48 2.63
C3A CHL JL . 23.26 34.27 1.72
C4A CHL JL . 23.88 33.21 2.58
CMA CHL JL . 22.02 33.88 0.92
CAA CHL JL . 23.98 36.70 2.06
CBA CHL JL . 23.40 37.25 0.78
CGA CHL JL . 24.07 38.49 0.29
O1A CHL JL . 23.50 39.47 -0.11
O2A CHL JL . 25.38 38.38 0.36
NB CHL JL . 25.01 30.96 3.98
C1B CHL JL . 24.65 30.94 2.69
C2B CHL JL . 24.93 29.65 2.16
C3B CHL JL . 25.46 28.89 3.15
C4B CHL JL . 25.51 29.73 4.32
CMB CHL JL . 24.67 29.23 0.74
CAB CHL JL . 25.92 27.52 2.97
CBB CHL JL . 26.59 26.66 3.99
NC CHL JL . 25.70 31.46 6.93
C1C CHL JL . 26.01 30.15 6.76
C2C CHL JL . 26.47 29.65 8.04
C3C CHL JL . 26.38 30.69 8.92
C4C CHL JL . 25.91 31.84 8.23
CMC CHL JL . 26.96 28.34 8.43
OMC CHL JL . 27.05 27.39 7.69
CAC CHL JL . 26.70 30.62 10.39
CBC CHL JL . 25.49 30.36 11.21
ND CHL JL . 24.92 33.99 6.69
C1D CHL JL . 25.26 34.16 7.98
C2D CHL JL . 25.02 35.50 8.37
C3D CHL JL . 24.54 36.14 7.28
C4D CHL JL . 24.48 35.21 6.25
CMD CHL JL . 25.26 36.06 9.74
CAD CHL JL . 24.06 37.41 6.76
OBD CHL JL . 23.94 38.46 7.34
CBD CHL JL . 23.69 37.20 5.32
CGD CHL JL . 22.23 37.55 5.09
O1D CHL JL . 21.30 36.85 5.37
O2D CHL JL . 22.13 38.76 4.54
CED CHL JL . 20.82 39.37 4.60
C1 CHL JL . 26.27 39.07 -0.55
C2 CHL JL . 27.65 38.64 -0.24
C3 CHL JL . 28.54 38.36 -1.19
C4 CHL JL . 29.94 37.91 -0.90
C5 CHL JL . 28.16 38.43 -2.66
C6 CHL JL . 27.63 37.13 -3.27
C7 CHL JL . 28.65 36.00 -3.30
C8 CHL JL . 29.18 35.64 -4.68
C9 CHL JL . 30.33 36.56 -5.09
C10 CHL JL . 29.67 34.19 -4.59
C11 CHL JL . 29.10 33.39 -3.44
C12 CHL JL . 29.72 32.01 -3.30
C13 CHL JL . 28.80 30.86 -3.61
C14 CHL JL . 29.38 29.95 -4.68
C15 CHL JL . 27.35 31.21 -3.91
C16 CHL JL . 26.37 30.08 -3.67
C17 CHL JL . 24.92 30.53 -3.78
C18 CHL JL . 23.89 29.45 -3.95
C19 CHL JL . 24.53 28.11 -4.22
C20 CHL JL . 23.04 29.36 -2.72
MG CLA KL . 39.88 2.13 6.41
CHA CLA KL . 38.52 5.28 6.26
CHB CLA KL . 37.17 1.02 8.23
CHC CLA KL . 41.21 -0.89 6.39
CHD CLA KL . 42.65 3.28 4.56
NA CLA KL . 38.01 3.03 7.17
C1A CLA KL . 37.65 4.31 7.02
C2A CLA KL . 36.35 4.61 7.69
C3A CLA KL . 35.96 3.27 8.31
C4A CLA KL . 37.10 2.37 7.89
CMA CLA KL . 35.49 3.22 9.75
CAA CLA KL . 35.33 5.01 6.63
CBA CLA KL . 33.88 4.93 7.13
CGA CLA KL . 33.19 6.25 6.89
O1A CLA KL . 33.53 6.92 5.93
O2A CLA KL . 32.22 6.66 7.69
NB CLA KL . 39.27 0.35 7.18
C1B CLA KL . 38.15 0.08 7.91
C2B CLA KL . 38.14 -1.31 8.29
C3B CLA KL . 39.29 -1.83 7.78
C4B CLA KL . 40.00 -0.77 7.07
CMB CLA KL . 37.09 -2.02 9.10
CAB CLA KL . 39.77 -3.23 7.87
CBB CLA KL . 38.97 -4.33 7.23
NC CLA KL . 41.62 1.32 5.57
C1C CLA KL . 41.98 0.06 5.71
C2C CLA KL . 43.29 -0.24 5.08
C3C CLA KL . 43.69 0.96 4.55
C4C CLA KL . 42.64 1.93 4.86
CMC CLA KL . 43.97 -1.58 5.06
CAC CLA KL . 44.95 1.22 3.77
CBC CLA KL . 46.18 1.08 4.65
ND CLA KL . 40.52 3.80 5.57
C1D CLA KL . 41.60 4.19 4.87
C2D CLA KL . 41.55 5.60 4.53
C3D CLA KL . 40.33 6.01 5.07
C4D CLA KL . 39.73 4.93 5.69
CMD CLA KL . 42.46 6.54 3.79
CAD CLA KL . 39.48 7.16 5.22
OBD CLA KL . 39.78 8.31 4.97
CBD CLA KL . 38.27 6.75 5.98
CGD CLA KL . 38.22 7.52 7.26
O1D CLA KL . 39.24 7.97 7.75
O2D CLA KL . 37.06 7.72 7.88
CED CLA KL . 36.52 9.02 7.79
C1 CLA KL . 32.47 7.12 9.04
C2 CLA KL . 32.92 6.18 10.13
C3 CLA KL . 32.42 6.27 11.37
C4 CLA KL . 31.40 7.32 11.69
C5 CLA KL . 32.84 5.35 12.48
C6 CLA KL . 31.60 4.76 13.17
C7 CLA KL . 31.78 3.27 13.43
C8 CLA KL . 32.64 3.01 14.66
C9 CLA KL . 33.90 2.24 14.29
C10 CLA KL . 31.83 2.26 15.70
MG CLA LL . 16.49 44.76 -13.12
CHA CLA LL . 13.44 45.97 -14.20
CHB CLA LL . 18.04 46.14 -15.85
CHC CLA LL . 19.29 43.58 -11.96
CHD CLA LL . 14.83 43.36 -10.30
NA CLA LL . 15.82 45.94 -14.87
C1A CLA LL . 14.57 46.31 -15.13
C2A CLA LL . 14.48 47.08 -16.41
C3A CLA LL . 15.92 47.11 -16.89
C4A CLA LL . 16.65 46.36 -15.83
CMA CLA LL . 16.20 46.79 -18.36
CAA CLA LL . 13.97 48.49 -16.11
CBA CLA LL . 14.58 49.06 -14.84
CGA CLA LL . 14.77 50.55 -15.00
O1A CLA LL . 15.18 51.00 -16.06
O2A CLA LL . 14.48 51.35 -13.99
NB CLA LL . 18.39 44.85 -13.80
C1B CLA LL . 18.86 45.44 -14.93
C2B CLA LL . 20.28 45.27 -15.03
C3B CLA LL . 20.63 44.55 -13.93
C4B CLA LL . 19.42 44.28 -13.16
CMB CLA LL . 21.19 45.77 -16.11
CAB CLA LL . 22.02 44.12 -13.61
CBB CLA LL . 22.48 43.61 -12.27
NC CLA LL . 16.96 43.65 -11.41
C1C CLA LL . 18.19 43.26 -11.15
C2C CLA LL . 18.30 42.46 -9.92
C3C CLA LL . 17.02 42.40 -9.46
C4C CLA LL . 16.20 43.14 -10.39
CMC CLA LL . 19.54 41.85 -9.34
CAC CLA LL . 16.59 41.67 -8.22
ND CLA LL . 14.66 44.63 -12.35
C1D CLA LL . 14.09 44.08 -11.25
C2D CLA LL . 12.66 44.33 -11.21
C3D CLA LL . 12.42 45.06 -12.36
C4D CLA LL . 13.62 45.24 -13.03
CMD CLA LL . 11.55 43.96 -10.26
CAD CLA LL . 11.37 45.71 -13.11
OBD CLA LL . 10.19 45.62 -12.89
CBD CLA LL . 11.98 46.34 -14.33
CGD CLA LL . 11.33 45.74 -15.53
O1D CLA LL . 11.27 46.36 -16.58
O2D CLA LL . 10.79 44.54 -15.51
CED CLA LL . 10.86 43.84 -16.73
C1 CLA LL . 15.22 52.60 -13.79
C2 CLA LL . 16.25 52.72 -12.71
C3 CLA LL . 15.91 53.10 -11.47
C4 CLA LL . 14.50 53.42 -11.09
C5 CLA LL . 16.93 53.24 -10.35
C6 CLA LL . 16.36 52.63 -9.08
C7 CLA LL . 16.96 51.26 -8.79
C8 CLA LL . 17.19 51.04 -7.30
C9 CLA LL . 16.26 51.86 -6.43
C10 CLA LL . 18.66 51.32 -6.97
O1 LHG ML . 49.87 16.02 -20.43
C1 LHG ML . 49.86 15.72 -19.03
C2 LHG ML . 48.47 15.30 -18.60
O2 LHG ML . 47.56 15.67 -19.63
C3 LHG ML . 48.08 16.08 -17.36
O3 LHG ML . 46.67 16.08 -17.25
P LHG ML . 46.04 16.67 -15.91
O4 LHG ML . 47.18 16.88 -14.96
O5 LHG ML . 45.11 17.78 -16.29
O6 LHG ML . 45.16 15.48 -15.31
C4 LHG ML . 45.58 14.91 -14.07
C5 LHG ML . 44.50 15.02 -13.02
C6 LHG ML . 45.16 14.53 -11.75
O7 LHG ML . 44.09 16.39 -12.92
C7 LHG ML . 43.01 16.64 -12.18
O9 LHG ML . 42.86 17.75 -11.71
C8 LHG ML . 41.92 15.62 -11.93
C9 LHG ML . 41.23 16.01 -10.63
C10 LHG ML . 42.16 15.89 -9.43
O8 LHG ML . 45.41 13.14 -11.88
C23 LHG ML . 44.45 12.25 -11.62
O10 LHG ML . 43.36 12.65 -11.27
C24 LHG ML . 44.73 10.78 -11.77
C11 LHG ML . 41.89 14.60 -8.67
C12 LHG ML . 42.92 14.41 -7.56
C13 LHG ML . 43.14 12.94 -7.22
C14 LHG ML . 42.03 12.05 -7.77
C15 LHG ML . 42.32 10.59 -7.42
C16 LHG ML . 41.29 9.67 -8.07
C17 LHG ML . 39.93 9.77 -7.39
C18 LHG ML . 39.20 8.44 -7.51
C19 LHG ML . 37.69 8.62 -7.50
C20 LHG ML . 37.01 7.34 -7.99
C21 LHG ML . 37.60 6.12 -7.29
C22 LHG ML . 36.84 4.87 -7.64
C25 LHG ML . 43.76 9.97 -10.91
C26 LHG ML . 44.46 9.03 -9.97
C27 LHG ML . 45.93 8.82 -10.32
C28 LHG ML . 46.85 9.34 -9.22
C29 LHG ML . 46.30 10.59 -8.56
C30 LHG ML . 47.01 10.89 -7.25
C31 LHG ML . 47.60 12.28 -7.26
C32 LHG ML . 48.82 12.30 -8.18
C33 LHG ML . 50.11 12.46 -7.38
C34 LHG ML . 50.64 11.12 -6.89
C35 LHG ML . 50.44 10.01 -7.92
C36 LHG ML . 51.78 9.44 -8.35
C37 LHG ML . 52.36 8.50 -7.30
C38 LHG ML . 53.86 8.47 -7.40
O1 LHG NL . 34.29 15.15 19.12
C1 LHG NL . 34.13 15.16 17.70
C2 LHG NL . 34.61 13.84 17.11
O2 LHG NL . 35.35 14.07 15.90
C3 LHG NL . 33.40 12.96 16.83
O3 LHG NL . 33.13 12.83 15.43
P LHG NL . 32.63 14.07 14.53
O4 LHG NL . 31.24 14.44 14.99
O5 LHG NL . 33.71 15.13 14.47
O6 LHG NL . 32.53 13.42 13.06
C4 LHG NL . 32.23 14.25 11.95
C5 LHG NL . 31.34 13.50 10.97
C6 LHG NL . 30.31 14.45 10.37
O7 LHG NL . 32.13 12.92 9.93
C7 LHG NL . 31.42 12.06 9.19
O9 LHG NL . 30.68 11.28 9.76
C8 LHG NL . 31.55 12.07 7.69
C9 LHG NL . 32.61 11.07 7.27
C10 LHG NL . 32.88 11.14 5.77
O8 LHG NL . 30.91 15.16 9.28
C23 LHG NL . 30.87 16.50 9.28
O10 LHG NL . 30.63 17.08 10.32
C24 LHG NL . 31.15 17.26 8.02
C11 LHG NL . 33.86 10.06 5.35
C12 LHG NL . 34.18 10.17 3.87
C13 LHG NL . 34.39 8.79 3.25
C14 LHG NL . 35.86 8.47 3.05
C15 LHG NL . 36.03 7.17 2.27
C25 LHG NL . 29.83 17.52 7.31
C26 LHG NL . 30.04 17.58 5.80
C27 LHG NL . 28.74 17.33 5.06
C28 LHG NL . 28.99 16.80 3.66
C29 LHG NL . 29.67 15.44 3.68
C30 LHG NL . 31.12 15.51 3.19
C31 LHG NL . 31.37 14.54 2.04
C32 LHG NL . 32.41 15.13 1.09
O1 LHG OL . 22.78 18.02 19.73
C1 LHG OL . 24.12 18.48 19.97
C2 LHG OL . 25.10 17.31 19.93
O2 LHG OL . 25.40 16.94 21.27
C3 LHG OL . 26.41 17.68 19.22
O3 LHG OL . 26.15 18.21 17.91
P LHG OL . 26.10 19.80 17.62
O4 LHG OL . 26.48 20.53 18.88
O5 LHG OL . 26.84 20.06 16.33
O6 LHG OL . 24.53 20.02 17.35
C4 LHG OL . 23.93 21.30 17.48
C5 LHG OL . 22.49 21.23 17.02
C6 LHG OL . 22.40 20.22 15.89
O7 LHG OL . 21.69 20.84 18.13
C7 LHG OL . 20.38 21.19 18.05
O9 LHG OL . 19.71 20.76 17.12
C8 LHG OL . 19.72 22.02 19.11
C9 LHG OL . 20.54 23.26 19.43
C10 LHG OL . 20.03 24.56 18.78
O8 LHG OL . 23.22 20.67 14.81
C23 LHG OL . 22.75 20.63 13.58
O10 LHG OL . 22.31 19.59 13.13
C24 LHG OL . 22.77 21.89 12.72
C11 LHG OL . 20.45 24.63 17.31
C12 LHG OL . 19.30 24.41 16.34
C13 LHG OL . 19.63 23.29 15.38
C14 LHG OL . 18.35 22.51 15.07
C15 LHG OL . 18.56 21.55 13.92
C16 LHG OL . 17.33 21.49 13.03
C17 LHG OL . 17.64 20.74 11.74
C18 LHG OL . 16.86 21.34 10.57
C19 LHG OL . 17.80 21.64 9.41
C20 LHG OL . 17.67 20.59 8.31
C21 LHG OL . 16.21 20.17 8.14
C22 LHG OL . 15.92 19.82 6.70
C25 LHG OL . 22.78 21.50 11.25
C26 LHG OL . 21.83 22.39 10.47
C27 LHG OL . 22.43 22.73 9.10
C28 LHG OL . 21.37 22.69 8.01
C29 LHG OL . 22.01 22.80 6.63
C30 LHG OL . 21.17 23.66 5.70
C31 LHG OL . 21.27 23.18 4.26
C32 LHG OL . 20.17 23.79 3.38
O6 SQD PL . 32.80 38.57 13.01
C44 SQD PL . 32.01 38.29 11.88
C45 SQD PL . 32.94 38.16 10.65
C46 SQD PL . 32.21 38.53 9.34
O47 SQD PL . 33.95 39.14 10.79
C7 SQD PL . 35.16 38.73 11.27
O49 SQD PL . 35.29 37.71 11.87
C8 SQD PL . 36.23 39.72 10.92
C9 SQD PL . 37.39 39.00 10.25
C10 SQD PL . 38.48 39.97 9.74
C11 SQD PL . 39.55 39.23 8.93
C12 SQD PL . 40.90 39.95 9.01
C13 SQD PL . 41.22 40.42 10.44
C14 SQD PL . 42.73 40.49 10.71
C15 SQD PL . 43.34 39.09 10.89
C16 SQD PL . 44.84 39.16 11.24
C17 SQD PL . 45.28 37.97 12.08
C18 SQD PL . 45.81 38.43 13.46
O48 SQD PL . 32.48 37.51 8.40
C23 SQD PL . 32.79 37.92 7.13
O10 SQD PL . 31.96 37.88 6.24
C24 SQD PL . 34.21 38.39 7.02
C25 SQD PL . 34.88 37.87 5.74
C26 SQD PL . 34.52 38.70 4.51
C27 SQD PL . 35.15 38.14 3.23
C1 SQD PL . 32.00 39.02 14.08
C2 SQD PL . 32.05 37.91 15.15
O2 SQD PL . 31.40 36.77 14.69
C3 SQD PL . 31.38 38.44 16.44
O3 SQD PL . 31.74 37.53 17.44
C4 SQD PL . 31.89 39.85 16.83
O4 SQD PL . 31.09 40.31 17.87
C5 SQD PL . 31.86 40.79 15.59
C6 SQD PL . 32.48 42.12 15.92
O5 SQD PL . 32.63 40.17 14.59
S SQD PL . 34.27 42.23 15.64
O7 SQD PL . 34.36 42.27 14.20
O8 SQD PL . 34.60 43.46 16.28
O9 SQD PL . 34.84 41.06 16.22
C10 4RF QL . 11.27 18.70 -5.15
C13 4RF QL . 11.90 17.19 -8.47
C15 4RF QL . 13.49 16.64 -10.37
C20 4RF QL . 16.84 15.44 -13.71
C22 4RF QL . 16.18 15.58 -15.97
C24 4RF QL . 15.55 16.46 -17.07
C26 4RF QL . 16.54 18.77 -17.50
C28 4RF QL . 14.50 20.12 -18.14
C07 4RF QL . 9.18 19.47 -2.03
C08 4RF QL . 9.85 19.79 -3.35
C09 4RF QL . 10.08 18.54 -4.20
C11 4RF QL . 10.86 18.58 -6.61
C12 4RF QL . 12.07 18.38 -7.53
C14 4RF QL . 13.23 16.56 -8.86
C16 4RF QL . 14.88 16.14 -10.74
O17 4RF QL . 15.69 15.98 -9.89
O18 4RF QL . 15.21 15.87 -12.07
C19 4RF QL . 16.54 16.13 -12.39
O21 4RF QL . 15.84 15.77 -14.63
O23 4RF QL . 16.95 14.76 -16.33
C25 4RF QL . 16.62 17.28 -17.76
C27 4RF QL . 15.78 19.46 -18.63
C39 4RF QL . 16.91 13.94 -13.53
O40 4RF QL . 18.26 13.61 -13.41
C41 4RF QL . 18.49 12.58 -12.48
O42 4RF QL . 19.39 12.67 -11.72
C43 4RF QL . 17.55 11.37 -12.47
C44 4RF QL . 17.58 10.66 -11.12
C45 4RF QL . 17.85 9.18 -11.23
C46 4RF QL . 17.14 8.39 -10.13
C47 4RF QL . 17.88 7.12 -9.75
C48 4RF QL . 17.91 6.89 -8.24
C6 C7Z RL . 13.96 26.25 16.81
C17 C7Z RL . 12.24 24.60 17.50
C4 C7Z RL . 14.93 27.66 18.85
C3 C7Z RL . 13.36 27.66 19.45
O3 C7Z RL . 12.60 28.87 19.30
C2 C7Z RL . 12.75 26.48 19.09
C1 C7Z RL . 12.67 26.09 17.48
C5 C7Z RL . 15.18 26.83 17.69
C18 C7Z RL . 16.49 26.01 17.73
C16 C7Z RL . 11.60 26.90 16.70
O23 C7Z RL . 19.82 21.12 -4.91
C26 C7Z RL . 17.07 21.22 -1.70
C7 C7Z RL . 14.15 26.06 15.26
C8 C7Z RL . 13.60 25.01 14.58
C9 C7Z RL . 13.81 24.82 13.07
C19 C7Z RL . 14.32 23.49 12.51
C10 C7Z RL . 13.51 25.80 12.24
C11 C7Z RL . 13.68 25.62 10.71
C12 C7Z RL . 12.66 25.86 9.87
C13 C7Z RL . 12.95 25.59 8.34
C20 C7Z RL . 14.31 24.98 7.94
C14 C7Z RL . 12.05 25.81 7.38
C15 C7Z RL . 12.52 25.45 5.95
C35 C7Z RL . 11.73 25.60 4.88
C34 C7Z RL . 12.32 25.18 3.53
C33 C7Z RL . 11.67 25.27 2.36
C40 C7Z RL . 10.22 25.79 2.23
C32 C7Z RL . 12.46 24.78 1.13
C31 C7Z RL . 12.09 24.74 -0.14
C30 C7Z RL . 13.19 24.11 -1.07
C29 C7Z RL . 13.60 22.85 -0.88
C39 C7Z RL . 13.01 21.87 0.13
C28 C7Z RL . 14.73 22.25 -1.75
C27 C7Z RL . 15.81 21.88 -1.04
C21 C7Z RL . 18.39 21.89 -1.53
C36 C7Z RL . 18.16 23.26 -0.86
C37 C7Z RL . 19.30 21.07 -0.58
C22 C7Z RL . 19.21 22.09 -2.96
C23 C7Z RL . 18.74 21.42 -4.06
C24 C7Z RL . 17.98 19.93 -3.72
C25 C7Z RL . 16.87 20.12 -2.86
C38 C7Z RL . 15.50 19.48 -3.23
CA1 DGA SL . -23.32 26.96 -9.35
CA2 DGA SL . -22.40 26.43 -8.23
CA3 DGA SL . -23.03 26.24 -6.82
CA4 DGA SL . -24.34 25.42 -6.86
CA5 DGA SL . -24.78 25.17 -5.40
CA6 DGA SL . -26.12 24.39 -5.45
CA7 DGA SL . -26.31 23.49 -4.21
CA8 DGA SL . -25.27 23.84 -3.10
OA1 DGA SL . -24.46 26.66 -9.49
CB1 DGA SL . -21.51 26.50 -12.51
CB2 DGA SL . -20.74 25.88 -11.30
CB3 DGA SL . -19.61 24.89 -11.69
CB4 DGA SL . -18.25 25.16 -10.96
CB5 DGA SL . -18.12 24.65 -9.50
CB6 DGA SL . -19.11 25.30 -8.52
CB7 DGA SL . -18.74 25.04 -7.05
CB8 DGA SL . -19.74 25.74 -6.12
CB9 DGA SL . -19.67 25.23 -4.67
CAB DGA SL . -21.03 24.78 -4.10
CBB DGA SL . -20.80 23.70 -3.00
CCB DGA SL . -19.33 23.78 -2.52
CDB DGA SL . -19.84 23.78 -1.04
CEB DGA SL . -20.55 22.45 -0.64
OB1 DGA SL . -22.18 25.82 -13.21
OG1 DGA SL . -22.76 27.89 -10.25
CG1 DGA SL . -23.48 28.04 -11.45
CG2 DGA SL . -22.54 28.72 -12.46
OG2 DGA SL . -21.40 27.92 -12.75
CG3 DGA SL . -23.26 28.99 -13.75
OXT DGA SL . -22.34 29.54 -14.65
C10 4RF TL . -3.23 24.87 14.57
C13 4RF TL . -5.21 27.44 16.54
C15 4RF TL . -7.20 28.94 16.95
C20 4RF TL . -8.38 32.48 15.16
C22 4RF TL . -10.43 31.83 14.09
C24 4RF TL . -11.13 32.44 12.87
C26 4RF TL . -12.87 32.01 11.05
C28 4RF TL . -12.24 31.75 8.61
C08 4RF TL . -3.63 22.57 13.60
C09 4RF TL . -3.43 23.39 14.88
C11 4RF TL . -3.44 25.80 15.76
C12 4RF TL . -4.31 27.00 15.38
C14 4RF TL . -6.58 27.88 16.05
C16 4RF TL . -8.57 29.37 16.45
O17 4RF TL . -9.25 28.59 15.88
O18 4RF TL . -9.02 30.69 16.63
C19 4RF TL . -8.04 31.66 16.40
O21 4RF TL . -9.77 32.64 15.02
O23 4RF TL . -10.47 30.65 14.23
C25 4RF TL . -12.29 31.57 12.40
C27 4RF TL . -11.81 32.25 9.99
C29 4RF TL . -11.09 31.68 7.62
C30 4RF TL . -10.88 30.29 7.04
C31 4RF TL . -11.78 30.02 5.84
C32 4RF TL . -11.48 28.68 5.19
C33 4RF TL . -11.80 28.64 3.70
C34 4RF TL . -11.51 27.26 3.11
C35 4RF TL . -10.17 27.22 2.39
C36 4RF TL . -9.56 25.83 2.40
C37 4RF TL . -8.05 25.86 2.61
C39 4RF TL . -7.72 31.99 13.87
O40 4RF TL . -7.68 30.60 13.91
C41 4RF TL . -7.26 29.99 12.73
O42 4RF TL . -7.93 29.17 12.21
C43 4RF TL . -5.91 30.38 12.12
C44 4RF TL . -5.80 30.01 10.65
C45 4RF TL . -4.35 29.81 10.23
C46 4RF TL . -4.21 29.62 8.73
C47 4RF TL . -2.75 29.37 8.34
C48 4RF TL . -2.63 28.85 6.91
C49 4RF TL . -1.33 28.08 6.70
C50 4RF TL . -1.03 27.89 5.22
C1A DGD UL . 7.71 48.07 -15.40
C2A DGD UL . 7.47 47.56 -16.79
C3A DGD UL . 8.43 48.19 -17.79
C4A DGD UL . 8.01 49.61 -18.18
C5A DGD UL . 9.21 50.42 -18.67
C6A DGD UL . 10.46 50.15 -17.84
C7A DGD UL . 10.45 50.92 -16.52
C8A DGD UL . 11.13 50.06 -15.47
C9A DGD UL . 10.94 50.59 -14.08
CAA DGD UL . 11.39 49.87 -13.06
CBA DGD UL . 11.23 50.35 -11.65
CCA DGD UL . 12.14 49.53 -10.78
CDA DGD UL . 13.42 49.38 -11.10
CEA DGD UL . 14.32 48.57 -10.22
CFA DGD UL . 13.66 47.24 -10.00
CGA DGD UL . 13.91 46.52 -8.90
CHA DGD UL . 14.85 47.01 -7.84
CIA DGD UL . 14.82 46.02 -6.69
O1A DGD UL . 7.52 47.36 -14.43
C1B DGD UL . 5.50 52.19 -12.87
C2B DGD UL . 6.62 52.44 -11.89
C3B DGD UL . 6.39 51.68 -10.60
C4B DGD UL . 7.56 51.89 -9.65
C5B DGD UL . 7.11 51.92 -8.20
C6B DGD UL . 6.82 50.53 -7.67
C7B DGD UL . 6.31 50.59 -6.23
C8B DGD UL . 6.13 49.21 -5.64
C9B DGD UL . 5.72 49.32 -4.20
CAB DGD UL . 5.48 48.22 -3.49
CBB DGD UL . 5.08 48.32 -2.05
CCB DGD UL . 6.29 48.63 -1.19
CDB DGD UL . 6.69 49.89 -1.00
CEB DGD UL . 7.91 50.18 -0.16
CFB DGD UL . 9.13 49.56 -0.81
CGB DGD UL . 10.35 49.73 -0.33
CHB DGD UL . 10.60 50.58 0.90
CIB DGD UL . 12.08 50.70 1.14
O1B DGD UL . 4.67 53.05 -13.08
O1G DGD UL . 8.16 49.43 -15.19
C1G DGD UL . 7.55 50.33 -14.27
C2G DGD UL . 6.13 50.74 -14.67
O2G DGD UL . 5.36 51.02 -13.49
C3G DGD UL . 6.13 51.91 -15.65
O3G DGD UL . 4.82 52.45 -15.84
C1D DGD UL . 3.83 51.47 -16.14
C2D DGD UL . 2.44 52.08 -16.02
O2D DGD UL . 2.25 52.56 -14.68
C3D DGD UL . 1.36 51.05 -16.34
O3D DGD UL . 0.08 51.69 -16.44
C4D DGD UL . 1.66 50.32 -17.64
O4D DGD UL . 1.42 51.16 -18.77
C5D DGD UL . 3.12 49.86 -17.65
O5D DGD UL . 2.93 47.76 -18.79
C6D DGD UL . 3.47 49.08 -18.91
O6D DGD UL . 3.99 50.97 -17.47
C1E DGD UL . 3.35 47.11 -17.58
C2E DGD UL . 4.45 46.11 -17.88
O2E DGD UL . 4.99 46.34 -19.18
C3E DGD UL . 3.90 44.71 -17.81
O3E DGD UL . 3.74 44.37 -16.42
C4E DGD UL . 2.56 44.63 -18.52
O4E DGD UL . 2.07 43.29 -18.55
C5E DGD UL . 1.55 45.54 -17.82
O6E DGD UL . 2.24 46.46 -16.96
C6E DGD UL . 0.58 44.68 -17.01
O5E DGD UL . 0.06 45.42 -15.89
MG CLA VL . 6.87 35.21 -9.13
CHA CLA VL . 10.26 34.84 -9.64
CHB CLA VL . 6.78 32.30 -7.31
CHC CLA VL . 3.69 35.78 -8.57
CHD CLA VL . 7.00 38.18 -11.03
NA CLA VL . 8.36 33.71 -8.52
C1A CLA VL . 9.64 33.73 -8.83
C2A CLA VL . 10.36 32.51 -8.32
C3A CLA VL . 9.24 31.74 -7.62
C4A CLA VL . 8.05 32.61 -7.80
CMA CLA VL . 9.08 30.29 -8.04
CAA CLA VL . 11.44 32.89 -7.31
CBA CLA VL . 10.90 33.21 -5.93
CGA CLA VL . 11.81 32.66 -4.84
O1A CLA VL . 11.74 31.50 -4.51
O2A CLA VL . 12.74 33.42 -4.30
NB CLA VL . 5.45 34.20 -8.08
C1B CLA VL . 5.57 33.02 -7.43
C2B CLA VL . 4.31 32.63 -6.89
C3B CLA VL . 3.44 33.60 -7.23
C4B CLA VL . 4.18 34.60 -8.02
CMB CLA VL . 4.00 31.40 -6.08
CAB CLA VL . 2.00 33.63 -6.90
CBB CLA VL . 1.30 34.89 -6.48
NC CLA VL . 5.57 36.77 -9.65
C1C CLA VL . 4.29 36.78 -9.37
C2C CLA VL . 3.58 37.93 -9.93
C3C CLA VL . 4.55 38.63 -10.61
C4C CLA VL . 5.78 37.89 -10.42
CMC CLA VL . 2.12 38.25 -9.78
CAC CLA VL . 4.41 39.90 -11.38
CBC CLA VL . 4.36 39.63 -12.87
ND CLA VL . 8.20 36.31 -10.08
C1D CLA VL . 8.18 37.43 -10.84
C2D CLA VL . 9.47 37.72 -11.44
C3D CLA VL . 10.27 36.70 -10.96
C4D CLA VL . 9.50 35.87 -10.15
CMD CLA VL . 9.99 38.79 -12.36
CAD CLA VL . 11.62 36.20 -11.01
OBD CLA VL . 12.45 36.46 -11.85
CBD CLA VL . 11.71 35.08 -10.03
CGD CLA VL . 12.36 33.89 -10.65
O1D CLA VL . 13.06 33.15 -10.01
O2D CLA VL . 12.21 33.62 -11.94
CED CLA VL . 12.17 32.23 -12.23
C1 CLA VL . 12.40 34.26 -3.16
C2 CLA VL . 11.23 35.20 -3.21
C3 CLA VL . 11.44 36.51 -3.16
C4 CLA VL . 12.82 37.06 -3.04
C5 CLA VL . 10.29 37.50 -3.23
C6 CLA VL . 10.04 38.20 -1.91
C7 CLA VL . 10.65 39.59 -1.91
C8 CLA VL . 9.62 40.71 -1.96
C9 CLA VL . 8.38 40.34 -2.77
C10 CLA VL . 10.31 41.93 -2.55
C11 CLA VL . 10.37 43.07 -1.56
C12 CLA VL . 9.29 44.10 -1.89
C13 CLA VL . 9.74 45.50 -1.50
C14 CLA VL . 8.75 46.12 -0.52
C15 CLA VL . 9.88 46.36 -2.75
C1 LUT WL . 1.58 44.65 7.78
C2 LUT WL . 1.46 44.31 9.25
C3 LUT WL . 1.82 42.86 9.51
C4 LUT WL . 0.79 41.99 8.83
C5 LUT WL . 0.59 42.40 7.40
C6 LUT WL . 0.84 43.63 6.95
C7 LUT WL . 0.42 44.02 5.58
C8 LUT WL . -0.83 44.36 5.30
C9 LUT WL . -1.22 44.74 3.93
C10 LUT WL . -2.51 45.05 3.70
C11 LUT WL . -3.04 45.45 2.41
C12 LUT WL . -4.30 45.86 2.43
C13 LUT WL . -5.03 46.31 1.24
C14 LUT WL . -6.22 46.89 1.44
C15 LUT WL . -7.04 47.43 0.36
C16 LUT WL . 3.04 44.65 7.36
C17 LUT WL . 0.99 46.04 7.58
C18 LUT WL . 0.08 41.34 6.47
C19 LUT WL . -0.21 44.76 2.83
C20 LUT WL . -4.44 46.15 -0.13
O3 LUT WL . 1.74 42.62 10.91
C21 LUT WL . -15.84 54.44 -5.47
C22 LUT WL . -16.02 54.95 -6.89
C23 LUT WL . -17.18 54.22 -7.52
C24 LUT WL . -16.80 52.77 -7.68
C25 LUT WL . -16.45 52.19 -6.33
C26 LUT WL . -15.80 52.93 -5.43
C27 LUT WL . -15.42 52.30 -4.15
C28 LUT WL . -14.19 51.82 -3.98
C29 LUT WL . -13.83 51.23 -2.70
C30 LUT WL . -12.54 50.92 -2.49
C31 LUT WL . -12.04 50.35 -1.25
C32 LUT WL . -10.87 49.75 -1.32
C33 LUT WL . -10.18 49.17 -0.18
C34 LUT WL . -9.00 48.60 -0.39
C35 LUT WL . -8.19 48.02 0.68
C36 LUT WL . -17.04 54.87 -4.64
C37 LUT WL . -14.57 55.05 -4.92
C38 LUT WL . -16.88 50.80 -6.00
C39 LUT WL . -14.86 51.01 -1.64
C40 LUT WL . -10.80 49.22 1.18
O23 LUT WL . -17.50 54.78 -8.79
C1 LUT XL . -14.03 40.54 11.22
C2 LUT XL . -13.60 41.09 12.56
C3 LUT XL . -13.88 42.57 12.71
C4 LUT XL . -13.09 43.28 11.65
C5 LUT XL . -13.49 42.78 10.29
C6 LUT XL . -13.84 41.50 10.08
C7 LUT XL . -14.09 40.99 8.71
C8 LUT XL . -13.11 40.64 7.87
C9 LUT XL . -13.44 40.12 6.53
C10 LUT XL . -12.46 39.50 5.87
C11 LUT XL . -12.60 38.90 4.54
C12 LUT XL . -11.62 38.05 4.24
C13 LUT XL . -11.47 37.28 2.99
C14 LUT XL . -10.31 36.64 2.82
C15 LUT XL . -10.01 35.81 1.66
C16 LUT XL . -15.52 40.21 11.28
C17 LUT XL . -13.23 39.28 10.95
C18 LUT XL . -13.50 43.77 9.16
C19 LUT XL . -14.80 40.26 5.94
C20 LUT XL . -12.56 37.22 1.98
O3 LUT XL . -13.42 42.99 14.00
C21 LUT XL . -3.43 27.76 -5.79
C22 LUT XL . -3.59 26.95 -7.06
C23 LUT XL . -3.38 27.77 -8.31
C24 LUT XL . -4.42 28.87 -8.34
C25 LUT XL . -4.24 29.72 -7.12
C26 LUT XL . -3.94 29.19 -5.92
C27 LUT XL . -3.71 30.13 -4.79
C28 LUT XL . -4.69 30.31 -3.90
C29 LUT XL . -4.55 31.21 -2.76
C30 LUT XL . -5.65 31.44 -2.03
C31 LUT XL . -5.75 32.30 -0.86
C32 LUT XL . -6.90 32.94 -0.69
C33 LUT XL . -7.21 33.82 0.44
C34 LUT XL . -8.46 34.29 0.56
C35 LUT XL . -8.84 35.16 1.66
C36 LUT XL . -1.96 27.84 -5.42
C37 LUT XL . -4.18 27.05 -4.68
C38 LUT XL . -4.38 31.20 -7.24
C39 LUT XL . -3.24 31.83 -2.42
C40 LUT XL . -6.16 34.16 1.43
O23 LUT XL . -3.53 26.96 -9.47
C1 BCR YL . -40.73 43.45 -4.84
C2 BCR YL . -40.91 41.96 -5.12
C3 BCR YL . -41.72 41.25 -4.04
C4 BCR YL . -41.04 41.45 -2.69
C5 BCR YL . -40.78 42.91 -2.44
C6 BCR YL . -40.30 43.67 -3.42
C7 BCR YL . -39.36 44.76 -3.11
C8 BCR YL . -38.17 44.50 -2.63
C9 BCR YL . -37.16 45.49 -2.30
C10 BCR YL . -36.28 45.23 -1.18
C11 BCR YL . -34.93 45.16 -0.75
C33 BCR YL . -41.10 43.51 -1.10
C31 BCR YL . -42.05 44.17 -5.06
C32 BCR YL . -39.67 44.05 -5.76
C34 BCR YL . -37.07 46.76 -3.08
C12 BCR YL . -33.82 45.03 -0.33
C13 BCR YL . -32.59 45.47 0.19
C14 BCR YL . -31.73 44.54 0.65
C15 BCR YL . -30.47 44.83 1.24
C16 BCR YL . -29.26 44.37 1.61
C17 BCR YL . -28.37 45.09 2.20
C18 BCR YL . -27.20 44.66 2.70
C19 BCR YL . -26.24 45.54 3.37
C20 BCR YL . -25.01 45.73 3.80
C21 BCR YL . -23.88 46.30 4.46
C22 BCR YL . -22.68 45.73 4.69
C23 BCR YL . -21.67 46.47 5.44
C24 BCR YL . -21.79 46.86 6.88
C25 BCR YL . -20.78 47.58 7.66
C26 BCR YL . -20.50 47.11 8.87
C27 BCR YL . -19.21 47.46 9.56
C28 BCR YL . -18.75 48.89 9.28
C29 BCR YL . -19.61 49.67 8.30
C30 BCR YL . -20.09 48.83 7.12
C35 BCR YL . -32.26 46.93 0.28
C36 BCR YL . -26.88 43.20 2.59
C37 BCR YL . -22.41 44.35 4.17
C38 BCR YL . -21.45 46.23 9.62
C39 BCR YL . -18.92 48.45 6.21
C40 BCR YL . -21.11 49.68 6.38
MG CHL ZL . -14.16 48.40 -7.50
CHA CHL ZL . -16.22 48.88 -10.19
CHB CHL ZL . -11.57 49.45 -9.39
CHC CHL ZL . -12.23 48.19 -4.83
CHD CHL ZL . -16.92 47.21 -5.74
NA CHL ZL . -13.99 49.00 -9.44
C1A CHL ZL . -14.93 49.20 -10.38
C2A CHL ZL . -14.34 49.79 -11.63
C3A CHL ZL . -12.89 49.53 -11.48
C4A CHL ZL . -12.77 49.28 -10.01
CMA CHL ZL . -12.20 48.56 -12.45
CAA CHL ZL . -14.62 51.29 -11.76
CBA CHL ZL . -14.94 52.07 -10.49
CGA CHL ZL . -13.88 52.13 -9.42
O1A CHL ZL . -13.95 51.54 -8.37
O2A CHL ZL . -12.87 52.89 -9.76
NB CHL ZL . -12.18 48.80 -7.15
C1B CHL ZL . -11.31 49.26 -8.05
C2B CHL ZL . -10.06 49.45 -7.40
C3B CHL ZL . -10.18 49.10 -6.11
C4B CHL ZL . -11.57 48.67 -5.93
CMB CHL ZL . -8.80 49.92 -8.06
CAB CHL ZL . -9.05 49.15 -5.19
CBB CHL ZL . -8.97 48.73 -3.77
NC CHL ZL . -14.54 47.77 -5.60
C1C CHL ZL . -13.56 47.77 -4.66
C2C CHL ZL . -14.17 47.26 -3.44
C3C CHL ZL . -15.48 47.00 -3.71
C4C CHL ZL . -15.72 47.32 -5.08
CMC CHL ZL . -13.57 46.98 -2.16
OMC CHL ZL . -12.41 47.20 -1.88
CAC CHL ZL . -16.51 46.49 -2.75
CBC CHL ZL . -16.77 47.43 -1.61
ND CHL ZL . -16.12 48.02 -7.82
C1D CHL ZL . -17.12 47.51 -7.07
C2D CHL ZL . -18.33 47.46 -7.81
C3D CHL ZL . -18.04 47.99 -9.05
C4D CHL ZL . -16.68 48.31 -9.03
CMD CHL ZL . -19.63 46.93 -7.30
CAD CHL ZL . -18.56 48.41 -10.33
OBD CHL ZL . -19.70 48.31 -10.74
CBD CHL ZL . -17.44 49.02 -11.12
CGD CHL ZL . -17.31 48.33 -12.48
O1D CHL ZL . -16.52 47.47 -12.74
O2D CHL ZL . -18.20 48.83 -13.34
CED CHL ZL . -18.17 48.28 -14.67
C1 CHL ZL . -11.64 52.98 -8.99
C2 CHL ZL . -11.89 53.72 -7.72
C3 CHL ZL . -10.96 53.76 -6.77
C4 CHL ZL . -9.63 53.06 -6.89
C5 CHL ZL . -11.15 54.54 -5.50
C6 CHL ZL . -10.47 53.91 -4.30
C7 CHL ZL . -9.87 54.92 -3.33
C8 CHL ZL . -10.65 55.20 -2.06
C9 CHL ZL . -12.14 55.39 -2.30
C10 CHL ZL . -10.39 54.10 -1.04
C11 CHL ZL . -10.98 54.39 0.34
C12 CHL ZL . -10.59 53.39 1.42
C13 CHL ZL . -11.10 53.74 2.81
C14 CHL ZL . -10.11 53.31 3.89
C15 CHL ZL . -12.51 53.28 3.17
MG CLA AM . -2.90 50.61 -2.71
CHA CLA AM . -2.46 51.61 -5.98
CHB CLA AM . -6.04 51.99 -2.68
CHC CLA AM . -3.23 49.52 0.36
CHD CLA AM . 0.32 49.15 -2.80
NA CLA AM . -4.15 51.68 -4.18
C1A CLA AM . -3.80 51.99 -5.42
C2A CLA AM . -4.87 52.77 -6.14
C3A CLA AM . -5.98 52.84 -5.08
C4A CLA AM . -5.38 52.15 -3.91
CMA CLA AM . -6.73 54.13 -4.86
CAA CLA AM . -5.28 52.07 -7.43
CBA CLA AM . -6.53 52.65 -8.08
CGA CLA AM . -6.37 54.05 -8.64
O1A CLA AM . -5.36 54.68 -8.46
O2A CLA AM . -7.38 54.52 -9.37
NB CLA AM . -4.41 50.73 -1.37
C1B CLA AM . -5.60 51.35 -1.51
C2B CLA AM . -6.36 51.24 -0.29
C3B CLA AM . -5.56 50.55 0.58
C4B CLA AM . -4.33 50.22 -0.13
CMB CLA AM . -7.72 51.80 -0.04
CAB CLA AM . -5.93 50.20 1.96
CBB CLA AM . -4.92 50.03 3.08
NC CLA AM . -1.69 49.42 -1.46
C1C CLA AM . -1.98 49.19 -0.20
C2C CLA AM . -0.88 48.54 0.52
C3C CLA AM . 0.11 48.40 -0.40
C4C CLA AM . -0.41 48.97 -1.63
CMC CLA AM . -0.86 48.14 1.97
CAC CLA AM . 1.47 47.81 -0.20
CBC CLA AM . 2.38 48.82 0.46
ND CLA AM . -1.41 50.34 -3.99
C1D CLA AM . -0.17 49.82 -3.94
C2D CLA AM . 0.57 50.05 -5.17
C3D CLA AM . -0.34 50.75 -5.96
C4D CLA AM . -1.52 50.92 -5.24
CMD CLA AM . 1.95 49.74 -5.66
CAD CLA AM . -0.48 51.37 -7.24
OBD CLA AM . 0.44 51.81 -7.89
CBD CLA AM . -1.87 51.91 -7.33
CGD CLA AM . -1.81 53.40 -7.50
O1D CLA AM . -1.37 54.11 -6.61
O2D CLA AM . -2.21 53.97 -8.62
CED CLA AM . -1.43 55.08 -9.05
C1 CLA AM . -8.11 55.74 -9.01
C2 CLA AM . -8.45 56.77 -10.07
C3 CLA AM . -8.96 57.98 -9.77
C4 CLA AM . -9.27 58.96 -10.87
C5 CLA AM . -9.24 58.45 -8.36
C6 CLA AM . -10.20 59.63 -8.37
C7 CLA AM . -11.25 59.49 -7.26
MG CLA BM . 3.28 37.46 8.20
CHA CLA BM . 4.98 37.32 11.20
CHB CLA BM . 4.54 40.59 7.58
CHC CLA BM . 1.70 37.44 5.31
CHD CLA BM . 1.99 34.24 8.85
NA CLA BM . 4.62 38.84 9.27
C1A CLA BM . 5.18 38.62 10.45
C2A CLA BM . 6.03 39.77 10.90
C3A CLA BM . 5.85 40.77 9.75
C4A CLA BM . 4.96 40.05 8.80
CMA CLA BM . 5.60 42.23 10.06
CAA CLA BM . 7.48 39.33 10.90
CBA CLA BM . 7.80 38.65 9.57
CGA CLA BM . 8.00 37.19 9.77
O1A CLA BM . 9.07 36.81 10.21
O2A CLA BM . 7.02 36.36 9.49
NB CLA BM . 3.15 38.81 6.68
C1B CLA BM . 3.71 40.04 6.59
C2B CLA BM . 3.32 40.66 5.36
C3B CLA BM . 2.52 39.76 4.72
C4B CLA BM . 2.42 38.59 5.58
CMB CLA BM . 3.73 42.03 4.88
CAB CLA BM . 1.84 39.87 3.43
CBB CLA BM . 1.09 41.12 3.03
NC CLA BM . 2.09 36.04 7.21
C1C CLA BM . 1.52 36.25 6.04
C2C CLA BM . 0.67 35.13 5.60
C3C CLA BM . 0.79 34.20 6.61
C4C CLA BM . 1.68 34.79 7.61
CMC CLA BM . -0.12 35.02 4.34
CAC CLA BM . 0.13 32.86 6.67
CBC CLA BM . 1.08 31.84 6.09
ND CLA BM . 3.39 36.07 9.60
C1D CLA BM . 2.86 34.84 9.80
C2D CLA BM . 3.28 34.27 11.07
C3D CLA BM . 4.10 35.24 11.61
C4D CLA BM . 4.16 36.31 10.73
CMD CLA BM . 3.00 32.97 11.78
CAD CLA BM . 4.92 35.54 12.76
OBD CLA BM . 5.07 34.83 13.72
CBD CLA BM . 5.60 36.85 12.51
CGD CLA BM . 5.33 37.80 13.62
O1D CLA BM . 4.29 37.73 14.25
O2D CLA BM . 6.23 38.72 13.96
CED CLA BM . 6.61 38.78 15.32
C1 CLA BM . 7.02 35.52 8.29
C2 CLA BM . 6.02 35.60 7.16
C3 CLA BM . 5.73 34.44 6.53
C4 CLA BM . 6.36 33.13 6.90
C5 CLA BM . 4.75 34.41 5.41
C6 CLA BM . 5.05 35.61 4.51
C7 CLA BM . 4.98 35.21 3.05
C8 CLA BM . 3.91 36.05 2.36
C9 CLA BM . 3.58 35.46 1.00
C10 CLA BM . 4.37 37.50 2.29
C11 CLA BM . 5.07 37.83 0.97
C12 CLA BM . 5.35 39.32 0.85
C13 CLA BM . 4.41 39.98 -0.14
C14 CLA BM . 5.00 39.96 -1.55
C15 CLA BM . 4.14 41.40 0.28
C16 CLA BM . 5.44 42.20 0.37
C17 CLA BM . 5.39 43.16 1.55
C18 CLA BM . 4.85 44.52 1.14
C19 CLA BM . 3.46 44.76 1.72
C20 CLA BM . 5.80 45.62 1.56
MG CHL CM . -6.07 33.89 -7.99
CHA CHL CM . -5.22 33.61 -11.23
CHB CHL CM . -9.15 32.53 -8.76
CHC CHL CM . -6.86 34.13 -4.87
CHD CHL CM . -2.86 35.29 -7.38
NA CHL CM . -6.98 33.19 -9.67
C1A CHL CM . -6.44 33.12 -10.91
C2A CHL CM . -7.37 32.49 -11.91
C3A CHL CM . -8.65 32.37 -11.18
C4A CHL CM . -8.26 32.71 -9.76
CMA CHL CM . -9.89 32.98 -11.78
CAA CHL CM . -6.80 31.15 -12.36
CBA CHL CM . -7.72 29.97 -12.12
CGA CHL CM . -7.32 29.15 -10.95
O1A CHL CM . -6.35 28.45 -10.90
O2A CHL CM . -8.19 29.25 -9.97
NB CHL CM . -7.77 33.38 -6.99
C1B CHL CM . -8.90 32.83 -7.45
C2B CHL CM . -9.80 32.66 -6.35
C3B CHL CM . -9.20 33.10 -5.23
C4B CHL CM . -7.87 33.57 -5.63
CMB CHL CM . -11.18 32.10 -6.44
CAB CHL CM . -9.87 33.10 -3.93
CBB CHL CM . -9.36 33.62 -2.64
NC CHL CM . -5.00 34.62 -6.41
C1C CHL CM . -5.58 34.61 -5.19
C2C CHL CM . -4.61 35.18 -4.26
C3C CHL CM . -3.51 35.49 -4.98
C4C CHL CM . -3.73 35.14 -6.34
CMC CHL CM . -4.66 35.46 -2.85
OMC CHL CM . -5.60 35.22 -2.13
CAC CHL CM . -2.24 36.06 -4.41
CBC CHL CM . -1.29 35.01 -3.93
ND CHL CM . -4.37 34.39 -8.98
C1D CHL CM . -3.17 34.93 -8.67
C2D CHL CM . -2.36 35.05 -9.84
C3D CHL CM . -3.12 34.56 -10.87
C4D CHL CM . -4.34 34.15 -10.33
CMD CHL CM . -0.96 35.59 -9.88
CAD CHL CM . -3.18 34.28 -12.30
OBD CHL CM . -2.35 34.51 -13.15
CBD CHL CM . -4.51 33.65 -12.59
CGD CHL CM . -5.29 34.46 -13.64
O1D CHL CM . -5.10 34.41 -14.81
O2D CHL CM . -6.22 35.19 -13.05
CED CHL CM . -7.07 35.95 -13.94
C1 CHL CM . -8.26 28.25 -8.91
C2 CHL CM . -8.01 28.88 -7.59
C3 CHL CM . -8.98 28.98 -6.71
C4 CHL CM . -10.40 28.59 -7.01
C5 CHL CM . -8.71 29.41 -5.30
C6 CHL CM . -8.32 28.26 -4.39
C7 CHL CM . -8.28 28.63 -2.92
C8 CHL CM . -7.97 27.47 -1.97
C9 CHL CM . -8.60 26.17 -2.45
C10 CHL CM . -6.46 27.36 -1.87
C11 CHL CM . -5.89 27.72 -0.51
C12 CHL CM . -4.37 27.58 -0.48
C13 CHL CM . -3.69 28.14 0.76
C14 CHL CM . -4.67 28.87 1.67
C15 CHL CM . -2.44 28.97 0.52
C16 CHL CM . -1.84 29.61 1.77
MG CLA DM . -13.52 31.89 1.21
CHA CLA DM . -15.66 30.80 -1.25
CHB CLA DM . -10.92 30.20 -0.26
CHC CLA DM . -11.56 33.11 3.53
CHD CLA DM . -16.23 33.58 2.72
NA CLA DM . -13.29 30.63 -0.59
C1A CLA DM . -14.26 30.30 -1.43
C2A CLA DM . -13.77 29.39 -2.52
C3A CLA DM . -12.29 29.22 -2.17
C4A CLA DM . -12.13 30.06 -0.95
CMA CLA DM . -11.72 27.82 -2.14
CAA CLA DM . -13.90 30.11 -3.87
CBA CLA DM . -13.34 29.26 -5.00
CGA CLA DM . -14.32 28.18 -5.37
O1A CLA DM . -15.34 28.48 -5.96
O2A CLA DM . -14.06 26.94 -5.03
NB CLA DM . -11.53 31.70 1.58
C1B CLA DM . -10.62 30.94 0.90
C2B CLA DM . -9.35 31.03 1.55
C3B CLA DM . -9.52 31.84 2.62
C4B CLA DM . -10.93 32.27 2.62
CMB CLA DM . -8.08 30.34 1.12
CAB CLA DM . -8.44 32.20 3.57
CBB CLA DM . -8.66 32.82 4.94
NC CLA DM . -13.82 33.21 2.81
C1C CLA DM . -12.89 33.54 3.67
C2C CLA DM . -13.39 34.40 4.75
C3C CLA DM . -14.71 34.55 4.48
C4C CLA DM . -14.97 33.80 3.26
CMC CLA DM . -12.62 34.97 5.91
CAC CLA DM . -15.73 35.33 5.26
CBC CLA DM . -15.86 36.69 4.59
ND CLA DM . -15.43 32.25 0.87
C1D CLA DM . -16.45 32.82 1.55
C2D CLA DM . -17.74 32.52 0.97
C3D CLA DM . -17.41 31.74 -0.13
C4D CLA DM . -16.04 31.58 -0.17
CMD CLA DM . -19.16 32.86 1.32
CAD CLA DM . -18.00 31.03 -1.23
OBD CLA DM . -19.13 30.58 -1.23
CBD CLA DM . -16.88 30.55 -2.09
CGD CLA DM . -17.09 29.10 -2.32
O1D CLA DM . -17.37 28.34 -1.40
O2D CLA DM . -16.93 28.62 -3.55
CED CLA DM . -18.12 28.41 -4.28
MG CLA EM . -15.67 48.11 10.94
CHA CLA EM . -16.35 48.73 14.27
CHB CLA EM . -17.15 45.02 11.16
CHC CLA EM . -15.10 47.71 7.72
CHD CLA EM . -14.11 51.27 10.74
NA CLA EM . -16.66 46.97 12.54
C1A CLA EM . -16.82 47.37 13.79
C2A CLA EM . -17.47 46.31 14.63
C3A CLA EM . -17.67 45.17 13.64
C4A CLA EM . -17.15 45.73 12.36
CMA CLA EM . -17.12 43.83 14.06
CAA CLA EM . -18.82 46.77 15.16
CBA CLA EM . -19.81 47.06 14.05
CGA CLA EM . -20.97 47.75 14.72
O1A CLA EM . -20.74 48.52 15.62
O2A CLA EM . -22.19 47.48 14.33
NB CLA EM . -16.07 46.61 9.64
C1B CLA EM . -16.66 45.40 9.90
C2B CLA EM . -16.71 44.61 8.70
C3B CLA EM . -16.12 45.38 7.74
C4B CLA EM . -15.72 46.64 8.36
CMB CLA EM . -17.29 43.23 8.57
CAB CLA EM . -15.90 45.09 6.31
CBB CLA EM . -17.00 44.49 5.47
NC CLA EM . -14.82 49.33 9.45
C1C CLA EM . -14.66 48.95 8.20
C2C CLA EM . -13.97 49.97 7.38
C3C CLA EM . -13.74 50.99 8.24
C4C CLA EM . -14.26 50.58 9.53
CMC CLA EM . -13.64 49.86 5.92
CAC CLA EM . -13.08 52.29 7.92
CBC CLA EM . -11.60 52.17 8.16
ND CLA EM . -15.29 49.66 12.10
C1D CLA EM . -14.66 50.86 11.97
C2D CLA EM . -14.64 51.60 13.23
C3D CLA EM . -15.30 50.76 14.11
C4D CLA EM . -15.69 49.61 13.43
CMD CLA EM . -14.07 52.94 13.63
CAD CLA EM . -15.73 50.66 15.49
OBD CLA EM . -15.73 51.56 16.30
CBD CLA EM . -16.47 49.36 15.63
CGD CLA EM . -15.76 48.54 16.66
O1D CLA EM . -14.60 48.75 16.93
O2D CLA EM . -16.39 47.55 17.29
CED CLA EM . -16.31 47.57 18.72
C1 CLA EM . -22.59 47.52 12.93
C2 CLA EM . -22.32 48.70 12.03
C3 CLA EM . -23.34 49.51 11.71
C4 CLA EM . -23.13 50.69 10.81
C5 CLA EM . -24.72 49.30 12.26
C6 CLA EM . -25.76 49.83 11.28
C7 CLA EM . -26.67 50.86 11.94
C8 CLA EM . -27.07 51.96 10.97
C9 CLA EM . -28.30 52.69 11.49
C10 CLA EM . -27.32 51.39 9.58
C11 CLA EM . -26.36 51.95 8.53
C12 CLA EM . -26.41 53.47 8.49
MG CLA FM . 3.70 46.85 -8.07
CHA CLA FM . 0.82 48.20 -9.40
CHB CLA FM . 5.53 48.03 -10.74
CHC CLA FM . 6.42 45.66 -6.65
CHD CLA FM . 1.81 45.63 -5.37
NA CLA FM . 3.25 48.00 -9.89
C1A CLA FM . 2.03 48.43 -10.25
C2A CLA FM . 2.07 49.12 -11.58
C3A CLA FM . 3.53 49.00 -11.97
C4A CLA FM . 4.16 48.32 -10.82
CMA CLA FM . 3.81 48.39 -13.33
CAA CLA FM . 1.79 50.61 -11.36
CBA CLA FM . 2.53 51.12 -10.14
CGA CLA FM . 2.44 52.62 -10.02
O1A CLA FM . 1.94 53.28 -10.92
O2A CLA FM . 2.90 53.19 -8.92
NB CLA FM . 5.67 46.85 -8.61
C1B CLA FM . 6.23 47.37 -9.74
C2B CLA FM . 7.64 47.13 -9.73
C3B CLA FM . 7.89 46.45 -8.58
C4B CLA FM . 6.62 46.29 -7.87
CMB CLA FM . 8.59 47.56 -10.81
CAB CLA FM . 9.17 45.95 -8.05
CBB CLA FM . 10.43 46.79 -8.12
NC CLA FM . 4.06 45.87 -6.26
C1C CLA FM . 5.25 45.40 -5.90
C2C CLA FM . 5.20 44.62 -4.67
C3C CLA FM . 3.88 44.65 -4.30
C4C CLA FM . 3.19 45.43 -5.30
CMC CLA FM . 6.35 43.95 -3.97
CAC CLA FM . 3.26 44.01 -3.09
CBC CLA FM . 3.09 42.54 -3.33
ND CLA FM . 1.83 46.86 -7.45
C1D CLA FM . 1.15 46.36 -6.38
C2D CLA FM . -0.27 46.64 -6.45
C3D CLA FM . -0.38 47.36 -7.64
C4D CLA FM . 0.87 47.48 -8.22
CMD CLA FM . -1.43 46.31 -5.57
CAD CLA FM . -1.35 48.03 -8.48
OBD CLA FM . -2.49 48.28 -8.16
CBD CLA FM . -0.60 48.68 -9.61
CGD CLA FM . -1.13 48.19 -10.92
O1D CLA FM . -1.76 47.16 -10.98
O2D CLA FM . -0.91 48.88 -12.03
CED CLA FM . -1.76 48.60 -13.13
C1 CLA FM . 2.32 54.45 -8.42
MG CLA GM . 11.60 41.83 7.44
CHA CLA GM . 11.75 38.46 6.92
CHB CLA GM . 14.97 41.87 8.18
CHC CLA GM . 11.38 45.09 7.82
CHD CLA GM . 8.15 41.76 6.68
NA CLA GM . 13.21 40.32 7.54
C1A CLA GM . 13.08 39.03 7.31
C2A CLA GM . 14.36 38.27 7.47
C3A CLA GM . 15.33 39.38 7.89
C4A CLA GM . 14.48 40.60 7.87
CMA CLA GM . 16.16 39.11 9.13
CAA CLA GM . 14.83 37.79 6.11
CBA CLA GM . 14.44 38.77 5.02
CGA CLA GM . 15.39 38.65 3.86
O1A CLA GM . 16.45 39.25 3.89
O2A CLA GM . 15.02 37.91 2.84
NB CLA GM . 12.97 43.26 7.92
C1B CLA GM . 14.28 43.09 8.21
C2B CLA GM . 14.87 44.36 8.54
C3B CLA GM . 13.86 45.26 8.44
C4B CLA GM . 12.66 44.55 8.05
CMB CLA GM . 16.30 44.61 8.90
CAB CLA GM . 13.98 46.72 8.68
CBB CLA GM . 13.43 47.73 7.71
NC CLA GM . 10.03 43.20 7.21
C1C CLA GM . 10.15 44.49 7.47
C2C CLA GM . 8.88 45.22 7.34
C3C CLA GM . 7.98 44.27 6.98
C4C CLA GM . 8.70 43.01 6.91
CMC CLA GM . 8.65 46.69 7.54
CAC CLA GM . 6.51 44.47 6.72
CBC CLA GM . 6.28 44.70 5.23
ND CLA GM . 10.21 40.52 6.95
C1D CLA GM . 8.89 40.55 6.64
C2D CLA GM . 8.38 39.24 6.30
C3D CLA GM . 9.50 38.43 6.42
C4D CLA GM . 10.59 39.21 6.80
CMD CLA GM . 7.04 38.70 5.90
CAD CLA GM . 9.94 37.07 6.28
OBD CLA GM . 9.25 36.11 5.96
CBD CLA GM . 11.40 37.05 6.58
CGD CLA GM . 11.58 36.30 7.83
O1D CLA GM . 10.55 35.88 8.26
O2D CLA GM . 12.77 35.97 8.36
CED CLA GM . 12.98 34.67 8.92
C1 CLA GM . 15.52 38.12 1.48
C2 CLA GM . 15.85 39.47 0.92
C3 CLA GM . 15.03 40.01 0.00
C4 CLA GM . 13.80 39.27 -0.42
C5 CLA GM . 15.23 41.35 -0.65
C6 CLA GM . 16.27 42.17 0.11
C7 CLA GM . 16.10 43.64 -0.23
MG CLA HM . -16.74 36.76 14.74
CHA CLA HM . -15.83 36.24 18.01
CHB CLA HM . -13.69 35.60 13.66
CHC CLA HM . -17.78 37.11 11.64
CHD CLA HM . -19.88 37.93 15.85
NA CLA HM . -14.93 35.97 15.72
C1A CLA HM . -14.75 35.85 17.04
C2A CLA HM . -13.38 35.32 17.36
C3A CLA HM . -12.74 35.16 15.97
C4A CLA HM . -13.83 35.59 15.05
CMA CLA HM . -11.34 35.66 15.71
CAA CLA HM . -13.47 33.95 18.04
CBA CLA HM . -13.16 32.80 17.08
CGA CLA HM . -12.95 31.48 17.78
O1A CLA HM . -11.84 30.99 17.78
O2A CLA HM . -13.96 30.88 18.39
NB CLA HM . -15.87 36.40 12.93
C1B CLA HM . -14.61 35.97 12.67
C2B CLA HM . -14.38 35.94 11.26
C3B CLA HM . -15.56 36.37 10.70
C4B CLA HM . -16.48 36.66 11.77
CMB CLA HM . -13.11 35.51 10.59
CAB CLA HM . -15.93 36.56 9.27
CBB CLA HM . -14.94 36.98 8.22
NC CLA HM . -18.54 37.41 13.88
C1C CLA HM . -18.74 37.49 12.59
C2C CLA HM . -20.07 38.01 12.24
C3C CLA HM . -20.67 38.25 13.44
C4C CLA HM . -19.70 37.88 14.47
CMC CLA HM . -20.59 38.19 10.85
CAC CLA HM . -22.05 38.80 13.67
CBC CLA HM . -23.03 37.68 13.90
ND CLA HM . -17.72 37.03 16.43
C1D CLA HM . -18.93 37.52 16.80
C2D CLA HM . -19.08 37.57 18.24
C3D CLA HM . -17.86 37.06 18.70
C4D CLA HM . -17.06 36.74 17.61
CMD CLA HM . -20.18 38.00 19.16
CAD CLA HM . -17.15 36.76 19.90
OBD CLA HM . -17.45 37.14 21.01
CBD CLA HM . -15.82 36.19 19.52
CGD CLA HM . -14.74 37.08 20.05
O1D CLA HM . -14.87 38.29 20.02
O2D CLA HM . -13.64 36.56 20.59
CED CLA HM . -13.48 36.78 21.99
C1 CLA HM . -14.40 29.53 18.02
C2 CLA HM . -14.92 29.20 16.64
C3 CLA HM . -16.16 28.74 16.47
C4 CLA HM . -17.09 28.53 17.63
C5 CLA HM . -16.72 28.39 15.11
C6 CLA HM . -15.69 27.63 14.30
C7 CLA HM . -15.10 28.52 13.21
C8 CLA HM . -15.03 27.80 11.87
C9 CLA HM . -16.27 26.93 11.64
C10 CLA HM . -13.75 26.98 11.78
MG CLA IM . -25.16 43.88 -5.39
CHA CLA IM . -21.88 43.95 -4.33
CHB CLA IM . -26.20 45.31 -2.43
CHC CLA IM . -28.25 43.83 -6.55
CHD CLA IM . -24.07 42.42 -8.42
NA CLA IM . -24.15 44.58 -3.55
C1A CLA IM . -22.85 44.51 -3.32
C2A CLA IM . -22.51 45.00 -1.94
C3A CLA IM . -23.87 45.42 -1.38
C4A CLA IM . -24.81 45.10 -2.50
CMA CLA IM . -24.23 45.00 0.03
CAA CLA IM . -21.51 46.15 -1.95
CBA CLA IM . -21.97 47.43 -2.64
CGA CLA IM . -20.72 48.11 -3.12
O1A CLA IM . -19.73 48.08 -2.41
O2A CLA IM . -20.71 48.70 -4.30
NB CLA IM . -26.95 44.48 -4.61
C1B CLA IM . -27.19 45.04 -3.40
C2B CLA IM . -28.61 45.28 -3.26
C3B CLA IM . -29.17 44.85 -4.43
C4B CLA IM . -28.10 44.35 -5.28
CMB CLA IM . -29.27 45.88 -2.06
CAB CLA IM . -30.58 44.84 -4.90
CBB CLA IM . -31.66 45.74 -4.34
NC CLA IM . -26.00 43.29 -7.22
C1C CLA IM . -27.30 43.34 -7.47
C2C CLA IM . -27.63 42.86 -8.82
C3C CLA IM . -26.42 42.51 -9.36
C4C CLA IM . -25.41 42.77 -8.34
CMC CLA IM . -28.97 42.77 -9.47
CAC CLA IM . -26.20 41.95 -10.73
CBC CLA IM . -25.75 43.04 -11.67
ND CLA IM . -23.47 43.32 -6.25
C1D CLA IM . -23.11 42.74 -7.42
C2D CLA IM . -21.69 42.49 -7.49
C3D CLA IM . -21.22 42.97 -6.27
C4D CLA IM . -22.29 43.45 -5.55
CMD CLA IM . -20.76 41.88 -8.50
CAD CLA IM . -20.02 43.13 -5.51
OBD CLA IM . -18.88 42.93 -5.92
CBD CLA IM . -20.37 43.86 -4.26
CGD CLA IM . -19.94 43.06 -3.07
O1D CLA IM . -20.00 41.85 -3.08
O2D CLA IM . -19.49 43.67 -1.99
CED CLA IM . -18.14 43.39 -1.63
C1 CLA IM . -20.27 50.09 -4.43
C2 CLA IM . -20.09 51.00 -3.24
C3 CLA IM . -20.76 52.15 -3.13
C4 CLA IM . -21.75 52.60 -4.17
C5 CLA IM . -20.59 53.07 -1.95
MG CLA JM . -22.18 34.71 -0.27
CHA CLA JM . -20.08 33.78 -2.83
CHB CLA JM . -24.79 33.04 -1.74
CHC CLA JM . -24.02 35.48 2.33
CHD CLA JM . -19.51 36.51 1.16
NA CLA JM . -22.42 33.52 -2.10
C1A CLA JM . -21.49 33.29 -3.00
C2A CLA JM . -22.02 32.49 -4.15
C3A CLA JM . -23.48 32.34 -3.79
C4A CLA JM . -23.59 32.98 -2.46
CMA CLA JM . -24.45 32.93 -4.77
CAA CLA JM . -21.34 31.14 -4.16
CBA CLA JM . -22.28 29.99 -3.92
CGA CLA JM . -21.92 29.33 -2.61
O1A CLA JM . -20.85 28.76 -2.52
O2A CLA JM . -22.77 29.37 -1.61
NB CLA JM . -24.10 34.31 0.22
C1B CLA JM . -25.03 33.63 -0.51
C2B CLA JM . -26.29 33.64 0.18
C3B CLA JM . -26.07 34.34 1.32
C4B CLA JM . -24.67 34.76 1.34
CMB CLA JM . -27.57 33.02 -0.29
CAB CLA JM . -27.03 34.64 2.40
CBB CLA JM . -27.36 33.54 3.37
NC CLA JM . -21.80 35.75 1.51
C1C CLA JM . -22.72 36.00 2.42
C2C CLA JM . -22.23 36.87 3.50
C3C CLA JM . -20.93 37.11 3.17
C4C CLA JM . -20.68 36.42 1.92
CMC CLA JM . -23.00 37.33 4.71
CAC CLA JM . -19.95 37.95 3.93
CBC CLA JM . -19.30 37.06 4.97
ND CLA JM . -20.29 35.13 -0.65
C1D CLA JM . -19.30 35.82 -0.04
C2D CLA JM . -18.05 35.74 -0.77
C3D CLA JM . -18.36 34.94 -1.87
C4D CLA JM . -19.71 34.59 -1.77
CMD CLA JM . -16.68 36.30 -0.55
CAD CLA JM . -17.80 34.36 -3.06
OBD CLA JM . -16.61 34.16 -3.22
CBD CLA JM . -18.87 33.51 -3.68
CGD CLA JM . -19.12 33.86 -5.12
O1D CLA JM . -19.47 34.97 -5.45
O2D CLA JM . -18.97 32.94 -6.06
CED CLA JM . -18.71 33.43 -7.36
C1 CLA JM . -22.29 29.26 -0.24
MG CHL KM . -22.95 43.32 11.00
CHA CHL KM . -25.77 45.24 11.01
CHB CHL KM . -23.35 42.87 7.66
CHC CHL KM . -20.22 41.54 11.00
CHD CHL KM . -22.70 43.85 14.49
NA CHL KM . -24.32 43.96 9.61
C1A CHL KM . -25.39 44.77 9.80
C2A CHL KM . -26.11 45.06 8.49
C3A CHL KM . -25.46 44.14 7.52
C4A CHL KM . -24.28 43.60 8.29
CMA CHL KM . -26.32 43.20 6.71
CAA CHL KM . -25.97 46.53 8.08
CBA CHL KM . -26.64 46.89 6.76
CGA CHL KM . -27.88 47.72 6.91
O1A CHL KM . -27.96 48.70 7.59
O2A CHL KM . -28.87 47.23 6.20
NB CHL KM . -21.92 42.37 9.52
C1B CHL KM . -22.22 42.31 8.22
C2B CHL KM . -21.22 41.55 7.57
C3B CHL KM . -20.31 41.13 8.48
C4B CHL KM . -20.76 41.67 9.76
CMB CHL KM . -21.18 41.26 6.10
CAB CHL KM . -19.16 40.32 8.12
CBB CHL KM . -18.09 39.76 9.01
NC CHL KM . -21.69 42.80 12.53
C1C CHL KM . -20.61 42.02 12.26
C2C CHL KM . -19.95 41.77 13.52
C3C CHL KM . -20.66 42.39 14.49
C4C CHL KM . -21.76 43.06 13.87
CMC CHL KM . -18.76 41.00 13.85
OMC CHL KM . -18.06 40.43 13.05
CAC CHL KM . -20.39 42.30 15.96
CBC CHL KM . -19.75 43.52 16.49
ND CHL KM . -23.94 44.28 12.49
C1D CHL KM . -23.75 44.45 13.83
C2D CHL KM . -24.76 45.29 14.36
C3D CHL KM . -25.57 45.63 13.31
C4D CHL KM . -25.05 45.00 12.17
CMD CHL KM . -24.87 45.72 15.79
CAD CHL KM . -26.76 46.36 12.90
OBD CHL KM . -27.48 47.05 13.59
CBD CHL KM . -26.96 46.13 11.42
CGD CHL KM . -28.30 45.46 11.17
O1D CHL KM . -28.48 44.50 10.48
O2D CHL KM . -29.26 46.08 11.86
CED CHL KM . -30.59 45.52 11.73
C1 CHL KM . -30.20 47.83 6.22
C2 CHL KM . -30.43 48.51 4.93
C3 CHL KM . -31.66 48.73 4.49
C4 CHL KM . -31.97 49.41 3.19
C5 CHL KM . -32.86 48.30 5.29
MG CLA LM . 4.15 24.96 10.00
CHA CLA LM . 1.60 27.23 10.52
CHB CLA LM . 2.35 22.52 11.57
CHC CLA LM . 6.65 22.93 9.44
CHD CLA LM . 5.98 27.55 8.40
NA CLA LM . 2.17 24.87 10.96
C1A CLA LM . 1.30 25.87 11.06
C2A CLA LM . 0.04 25.45 11.75
C3A CLA LM . 0.31 23.98 12.09
C4A CLA LM . 1.68 23.75 11.52
CMA CLA LM . 0.03 23.45 13.48
CAA CLA LM . -1.13 25.59 10.79
CBA CLA LM . -2.46 25.68 11.52
CGA CLA LM . -3.62 25.48 10.57
O1A CLA LM . -3.42 24.93 9.49
O2A CLA LM . -4.82 25.90 10.92
NB CLA LM . 4.46 23.01 10.45
C1B CLA LM . 3.62 22.15 11.09
C2B CLA LM . 4.23 20.86 11.19
C3B CLA LM . 5.44 20.98 10.57
C4B CLA LM . 5.58 22.36 10.11
CMB CLA LM . 3.65 19.63 11.83
CAB CLA LM . 6.48 19.93 10.41
CBB CLA LM . 6.91 19.48 9.04
NC CLA LM . 6.01 25.21 9.06
C1C CLA LM . 6.89 24.23 8.94
C2C CLA LM . 8.12 24.65 8.23
C3C CLA LM . 7.91 25.96 7.94
C4C CLA LM . 6.59 26.31 8.46
CMC CLA LM . 9.32 23.80 7.92
CAC CLA LM . 8.88 26.85 7.21
CBC CLA LM . 8.33 27.26 5.87
ND CLA LM . 3.96 26.88 9.55
C1D CLA LM . 4.70 27.82 8.90
C2D CLA LM . 3.99 29.09 8.82
C3D CLA LM . 2.80 28.84 9.45
C4D CLA LM . 2.79 27.53 9.87
CMD CLA LM . 4.33 30.43 8.23
CAD CLA LM . 1.55 29.49 9.81
OBD CLA LM . 1.08 30.45 9.25
CBD CLA LM . 0.73 28.46 10.52
CGD CLA LM . 0.50 28.91 11.93
O1D CLA LM . 1.30 29.64 12.47
O2D CLA LM . -0.57 28.51 12.59
CED CLA LM . -1.55 29.49 12.89
C1 CLA LM . -6.01 25.35 10.29
MG CLA MM . -31.37 30.58 1.67
CHA CLA MM . -34.61 31.04 0.60
CHB CLA MM . -32.19 31.71 4.81
CHC CLA MM . -28.29 29.92 2.62
CHD CLA MM . -30.52 29.46 -1.58
NA CLA MM . -33.21 31.30 2.63
C1A CLA MM . -34.39 31.44 2.04
C2A CLA MM . -35.41 32.03 2.96
C3A CLA MM . -34.62 32.22 4.25
C4A CLA MM . -33.26 31.72 3.90
CMA CLA MM . -34.75 33.55 4.95
CAA CLA MM . -36.56 31.05 3.21
CBA CLA MM . -36.14 29.85 4.05
CGA CLA MM . -37.18 29.66 5.12
O1A CLA MM . -37.47 30.59 5.85
O2A CLA MM . -37.77 28.48 5.23
NB CLA MM . -30.40 30.77 3.45
C1B CLA MM . -30.87 31.27 4.62
C2B CLA MM . -29.82 31.27 5.60
C3B CLA MM . -28.73 30.76 4.98
C4B CLA MM . -29.11 30.45 3.61
CMB CLA MM . -29.91 31.74 7.03
CAB CLA MM . -27.39 30.57 5.57
CBB CLA MM . -26.68 29.23 5.50
NC CLA MM . -29.70 29.75 0.69
C1C CLA MM . -28.52 29.63 1.26
C2C CLA MM . -27.48 29.14 0.34
C3C CLA MM . -28.13 28.99 -0.84
C4C CLA MM . -29.52 29.38 -0.62
CMC CLA MM . -26.03 28.87 0.65
CAC CLA MM . -27.47 28.52 -2.11
CBC CLA MM . -27.54 27.02 -2.24
ND CLA MM . -32.24 30.28 -0.07
C1D CLA MM . -31.85 29.86 -1.32
C2D CLA MM . -32.95 29.90 -2.26
C3D CLA MM . -34.02 30.36 -1.50
C4D CLA MM . -33.58 30.59 -0.20
CMD CLA MM . -33.08 29.57 -3.71
CAD CLA MM . -35.42 30.70 -1.58
OBD CLA MM . -36.15 30.41 -2.50
CBD CLA MM . -35.89 30.98 -0.18
CGD CLA MM . -36.64 32.27 -0.09
O1D CLA MM . -36.19 33.28 -0.56
O2D CLA MM . -37.83 32.33 0.53
CED CLA MM . -38.73 33.28 -0.03
C1 CLA MM . -37.76 27.75 6.49
C2 CLA MM . -36.57 26.94 6.93
C3 CLA MM . -36.75 25.65 7.27
C4 CLA MM . -35.62 24.77 7.71
C5 CLA MM . -38.12 25.01 7.20
C6 CLA MM . -38.49 24.38 8.54
C7 CLA MM . -39.88 24.81 8.98
C8 CLA MM . -40.92 23.70 8.87
C9 CLA MM . -41.43 23.59 7.44
C10 CLA MM . -42.08 23.99 9.83
C11 CLA MM . -42.55 22.74 10.56
C12 CLA MM . -43.31 23.11 11.82
C13 CLA MM . -44.43 22.11 12.16
C14 CLA MM . -44.55 21.92 13.67
C15 CLA MM . -44.19 20.77 11.49
MG CLA NM . 0.18 56.84 10.08
CHA CLA NM . 3.54 56.34 10.69
CHB CLA NM . 0.05 59.27 12.52
CHC CLA NM . -3.00 57.28 9.34
CHD CLA NM . 0.34 54.35 7.57
NA CLA NM . 1.63 57.74 11.48
C1A CLA NM . 2.92 57.40 11.58
C2A CLA NM . 3.62 58.18 12.64
C3A CLA NM . 2.52 59.08 13.19
C4A CLA NM . 1.32 58.70 12.37
CMA CLA NM . 2.38 59.28 14.69
CAA CLA NM . 4.62 59.02 11.87
CBA CLA NM . 5.57 59.88 12.68
CGA CLA NM . 6.60 60.38 11.69
O1A CLA NM . 7.59 59.72 11.47
O2A CLA NM . 6.39 61.53 11.04
NB CLA NM . -1.25 58.09 10.82
C1B CLA NM . -1.14 59.00 11.82
C2B CLA NM . -2.42 59.65 12.03
C3B CLA NM . -3.27 59.07 11.13
C4B CLA NM . -2.51 58.09 10.37
CMB CLA NM . -2.67 60.72 13.06
CAB CLA NM . -4.71 59.31 10.86
CBB CLA NM . -5.59 60.26 11.64
NC CLA NM . -1.09 56.03 8.62
C1C CLA NM . -2.38 56.29 8.55
C2C CLA NM . -3.09 55.44 7.58
C3C CLA NM . -2.11 54.65 7.05
C4C CLA NM . -0.87 55.02 7.71
CMC CLA NM . -4.56 55.47 7.26
CAC CLA NM . -2.25 53.57 6.01
CBC CLA NM . -2.58 52.25 6.69
ND CLA NM . 1.51 55.62 9.28
C1D CLA NM . 1.51 54.68 8.29
C2D CLA NM . 2.83 54.08 8.11
C3D CLA NM . 3.60 54.73 9.05
C4D CLA NM . 2.81 55.65 9.73
CMD CLA NM . 3.37 53.02 7.18
CAD CLA NM . 4.95 54.80 9.57
OBD CLA NM . 5.94 54.39 8.98
CBD CLA NM . 4.96 55.84 10.64
CGD CLA NM . 5.34 55.21 11.94
O1D CLA NM . 4.65 54.33 12.43
O2D CLA NM . 6.44 55.62 12.58
CED CLA NM . 7.46 54.65 12.75
C1 CLA NM . 5.68 61.54 9.77
C2 CLA NM . 5.52 60.28 8.95
C3 CLA NM . 5.15 60.28 7.67
C4 CLA NM . 4.86 61.56 6.94
C5 CLA NM . 5.01 59.00 6.89
C6 CLA NM . 3.56 58.71 6.57
C7 CLA NM . 3.48 57.58 5.55
C8 CLA NM . 2.03 57.21 5.21
C9 CLA NM . 1.99 56.16 4.11
C10 CLA NM . 1.28 58.47 4.81
C11 CLA NM . -0.07 58.55 5.51
C12 CLA NM . -0.38 59.97 5.94
C13 CLA NM . -0.38 60.12 7.46
C14 CLA NM . -1.77 60.47 7.94
C15 CLA NM . 0.65 61.17 7.87
C16 CLA NM . 0.70 61.32 9.39
C17 CLA NM . 2.12 61.60 9.86
C18 CLA NM . 2.19 62.86 10.73
C19 CLA NM . 2.79 62.56 12.09
C20 CLA NM . 2.94 63.98 10.03
O1 LHG OM . 7.71 45.06 -14.66
C1 LHG OM . 7.88 43.85 -13.91
C2 LHG OM . 7.42 44.10 -12.47
O2 LHG OM . 8.25 43.35 -11.57
C3 LHG OM . 5.97 43.66 -12.36
O3 LHG OM . 5.68 43.25 -11.03
P LHG OM . 4.24 43.61 -10.45
O4 LHG OM . 3.20 43.00 -11.34
O5 LHG OM . 4.18 45.08 -10.22
O6 LHG OM . 4.23 42.88 -9.03
C4 LHG OM . 3.10 42.06 -8.70
C5 LHG OM . 2.90 42.04 -7.20
C6 LHG OM . 1.46 42.44 -6.91
O7 LHG OM . 3.18 40.75 -6.65
C7 LHG OM . 4.49 40.59 -6.47
O9 LHG OM . 5.15 41.51 -6.05
C8 LHG OM . 5.15 39.29 -6.83
C9 LHG OM . 5.00 38.28 -5.71
C10 LHG OM . 6.05 37.21 -5.85
O8 LHG OM . 1.01 41.79 -5.74
C23 LHG OM . 0.16 40.78 -5.86
O10 LHG OM . -0.19 40.46 -6.98
C24 LHG OM . -0.35 40.07 -4.64
C11 LHG OM . 6.03 36.28 -4.66
C12 LHG OM . 7.33 35.52 -4.48
C13 LHG OM . 7.29 34.74 -3.18
C14 LHG OM . 7.52 33.25 -3.39
C15 LHG OM . 7.22 32.49 -2.10
C25 LHG OM . 0.42 38.75 -4.51
C26 LHG OM . 0.99 38.61 -3.11
C27 LHG OM . 2.40 38.04 -3.18
C28 LHG OM . 2.56 36.82 -2.30
C29 LHG OM . 2.59 35.55 -3.15
C30 LHG OM . 3.51 34.51 -2.56
C31 LHG OM . 2.86 33.13 -2.56
C32 LHG OM . 2.36 32.76 -1.18
C33 LHG OM . 0.91 33.18 -0.98
C P5S PM . -18.57 50.53 23.61
N P5S PM . -19.32 49.03 21.87
O P5S PM . -19.29 51.54 23.38
C1 P5S PM . -20.42 54.44 16.57
C2 P5S PM . -20.24 53.24 17.49
C3 P5S PM . -19.00 53.44 18.35
CA P5S PM . -18.13 49.60 22.49
CB P5S PM . -17.30 50.35 21.45
OG P5S PM . -17.80 50.11 20.14
P12 P5S PM . -18.97 51.10 19.52
O13 P5S PM . -19.98 50.25 18.78
O15 P5S PM . -19.66 51.84 20.63
O16 P5S PM . -18.32 52.20 18.50
C17 P5S PM . -22.17 55.75 15.64
O18 P5S PM . -22.79 56.74 15.86
O19 P5S PM . -21.73 54.96 16.71
C20 P5S PM . -21.86 55.36 14.19
C21 P5S PM . -23.19 55.29 13.36
C22 P5S PM . -23.02 54.30 12.19
C23 P5S PM . -22.26 54.99 11.02
C24 P5S PM . -22.00 53.97 9.88
C25 P5S PM . -21.71 54.72 8.56
O37 P5S PM . -20.06 52.05 16.75
C38 P5S PM . -21.00 51.82 15.70
C39 P5S PM . -20.48 51.70 14.24
C40 P5S PM . -18.95 51.84 14.27
C41 P5S PM . -18.41 51.80 12.84
C42 P5S PM . -17.79 53.15 12.49
C43 P5S PM . -17.79 53.37 10.97
C44 P5S PM . -17.67 52.03 10.25
C45 P5S PM . -17.04 52.20 8.87
C46 P5S PM . -17.69 53.36 8.09
O47 P5S PM . -22.16 51.73 15.95
C48 P5S PM . -16.78 53.71 6.90
C49 P5S PM . -17.13 52.81 5.70
C50 P5S PM . -16.14 53.07 4.56
OXT P5S PM . -18.19 50.29 24.80
C10 4RF QM . -11.88 29.39 20.42
C13 4RF QM . -14.51 29.94 23.15
C15 4RF QM . -16.60 31.16 23.99
C20 4RF QM . -19.32 33.81 21.73
C22 4RF QM . -20.51 33.43 19.69
C24 4RF QM . -20.73 34.36 18.49
C26 4RF QM . -20.04 34.42 15.99
C28 4RF QM . -19.94 34.45 13.41
C02 4RF QM . -10.54 22.32 15.26
C03 4RF QM . -11.37 23.09 14.23
C04 4RF QM . -11.60 24.56 14.60
C05 4RF QM . -11.01 24.95 15.96
C06 4RF QM . -11.51 26.31 16.45
C07 4RF QM . -10.99 26.61 17.85
C08 4RF QM . -11.39 28.01 18.34
C09 4RF QM . -11.11 28.21 19.83
C11 4RF QM . -12.61 29.02 21.72
C12 4RF QM . -13.20 30.24 22.43
C14 4RF QM . -15.07 31.17 23.88
C16 4RF QM . -17.20 32.52 23.71
O17 4RF QM . -16.49 33.43 23.48
O18 4RF QM . -18.59 32.73 23.73
C19 4RF QM . -19.25 32.49 22.50
O21 4RF QM . -20.52 33.91 21.01
O23 4RF QM . -20.32 32.28 19.49
C25 4RF QM . -20.56 33.59 17.17
C27 4RF QM . -20.23 33.66 14.67
C29 4RF QM . -20.50 33.75 12.17
C30 4RF QM . -19.81 34.16 10.88
C31 4RF QM . -20.77 34.16 9.69
C32 4RF QM . -20.08 34.29 8.34
C33 4RF QM . -21.09 34.51 7.22
C34 4RF QM . -20.75 33.73 5.95
C35 4RF QM . -21.99 33.44 5.10
C36 4RF QM . -21.79 32.30 4.12
C37 4RF QM . -23.08 31.82 3.46
C39 4RF QM . -18.14 33.97 20.79
O40 4RF QM . -17.35 32.83 20.83
C41 4RF QM . -17.14 32.20 19.60
O42 4RF QM . -16.78 31.07 19.57
C43 4RF QM . -17.40 32.95 18.30
C44 4RF QM . -16.64 32.34 17.13
C45 4RF QM . -17.35 32.33 15.79
C46 4RF QM . -16.40 32.10 14.61
C47 4RF QM . -16.79 32.94 13.40
C48 4RF QM . -17.02 32.10 12.14
C49 4RF QM . -16.43 32.74 10.90
C50 4RF QM . -16.92 32.10 9.60
C51 4RF QM . -16.00 32.37 8.43
C52 4RF QM . -16.58 31.88 7.10
C53 4RF QM . -15.52 31.26 6.19
C54 4RF QM . -16.13 30.64 4.93
C55 4RF QM . -15.09 29.93 4.07
C56 4RF QM . -15.73 29.14 2.94
C1 OLA RM . -19.59 29.75 25.58
O1 OLA RM . -18.85 29.35 26.51
O2 OLA RM . -19.91 30.97 25.52
C2 OLA RM . -20.09 28.77 24.52
C3 OLA RM . -19.30 28.97 23.23
C4 OLA RM . -20.23 28.79 22.03
C5 OLA RM . -19.56 29.31 20.77
C6 OLA RM . -20.49 29.08 19.57
C7 OLA RM . -21.89 29.56 19.91
C8 OLA RM . -22.77 29.57 18.66
C9 OLA RM . -21.93 29.99 17.45
C10 OLA RM . -22.40 29.74 16.24
C11 OLA RM . -21.59 30.13 15.02
C12 OLA RM . -22.56 30.26 13.84
C13 OLA RM . -21.78 30.26 12.54
C14 OLA RM . -22.76 30.46 11.39
C15 OLA RM . -21.97 30.71 10.11
C16 OLA RM . -22.89 30.52 8.91
C17 OLA RM . -22.13 30.84 7.63
C18 OLA RM . -20.74 30.20 7.67
C1 PTY SM . -33.16 25.72 -5.47
C2 PTY SM . -30.19 29.95 -7.96
C3 PTY SM . -29.02 28.99 -7.80
O4 PTY SM . -33.98 26.48 -4.63
C5 PTY SM . -31.07 26.19 -6.60
C6 PTY SM . -31.69 26.11 -5.21
O7 PTY SM . -30.97 25.21 -4.41
C8 PTY SM . -31.10 25.34 -3.01
O10 PTY SM . -30.14 25.42 -2.33
C11 PTY SM . -32.47 25.30 -2.34
C12 PTY SM . -32.63 26.42 -1.33
C13 PTY SM . -32.77 25.82 0.05
C14 PTY SM . -32.18 26.77 1.08
C15 PTY SM . -33.34 27.55 1.70
C16 PTY SM . -33.32 27.36 3.21
C17 PTY SM . -31.92 27.05 3.70
C18 PTY SM . -31.89 27.10 5.21
C19 PTY SM . -30.84 26.10 5.70
C20 PTY SM . -31.57 25.00 6.48
C21 PTY SM . -30.65 23.78 6.64
C30 PTY SM . -35.32 26.46 -5.02
C31 PTY SM . -36.43 26.24 -3.98
O30 PTY SM . -35.59 26.62 -6.15
C32 PTY SM . -36.75 27.53 -3.21
C33 PTY SM . -36.79 27.28 -1.70
C34 PTY SM . -38.05 26.52 -1.26
C35 PTY SM . -38.82 27.33 -0.22
C36 PTY SM . -40.33 27.27 -0.49
C37 PTY SM . -40.71 28.03 -1.74
P1 PTY SM . -28.96 26.41 -8.05
O11 PTY SM . -29.08 27.91 -8.69
O12 PTY SM . -27.51 26.01 -7.94
O13 PTY SM . -29.62 25.43 -8.99
O14 PTY SM . -29.69 26.35 -6.58
N1 PTY SM . -31.42 29.31 -7.56
#